data_7BVP
#
_entry.id   7BVP
#
_cell.length_a   1.00
_cell.length_b   1.00
_cell.length_c   1.00
_cell.angle_alpha   90.00
_cell.angle_beta   90.00
_cell.angle_gamma   90.00
#
_symmetry.space_group_name_H-M   'P 1'
#
loop_
_entity.id
_entity.type
_entity.pdbx_description
1 polymer 'Aldehyde-alcohol dehydrogenase'
2 non-polymer NICOTINAMIDE-ADENINE-DINUCLEOTIDE
3 non-polymer 'ZINC ION'
#
_entity_poly.entity_id   1
_entity_poly.type   'polypeptide(L)'
_entity_poly.pdbx_seq_one_letter_code
;GSMAVTNVAELNALVERVKKAQREYASFTQEQVDKIFRAAALAAADARIPLAKMAVAESGMGIVEDKVIKNHFASEYIYN
AYKDEKTCGVLSEDDTFGTITIAEPIGIICGIVPTTNPTSTAIFKSLISLKTRNAIIFSPHPRAKDATNKAADIVLQAAI
AAGAPKDLIGWIDQPSVELSNALMHHPDINLILATGGPGMVKAAYSSGKPAIGVGAGNTPVVIDETADIKRAVASVLMSK
TFDNGVICASEQSVVVVDSVYDAVRERFATHGGYLLQGKELKAVQDVILKNGALNAAIVGQPAYKIAELAGFSVPENTKI
LIGEVTVVDESEPFAHEKLSPTLAMYRAKDFEDAVEKAEKLVAMGGIGHTSCLYTDQDNQPARVSYFGQKMKTARILINT
PASQGGIGDLYNFKLAPSLTLGCGSWGGNSISENVGPKHLINKKTVAKRAENMLWHKLPKSIYFRRGSLPIALDEVITDG
HKRALIVTDRFLFNNGYADQITSVLKAAGVETEVFFEVEADPTLSIVRKGAELANSFKPDVIIALGGGSPMDAAKIMWVM
YEHPETHFEELALRFMDIRKRIYKFPKMGVKAKMIAVTTTSGTGSEVTPFAVVTDDATGQKYPLADYALTPDMAIVDANL
VMDMPKSLCAFGGLDAVTHAMEAYVSVLASEFSDGQALQALKLLKEYLPASYHEGSKNPVARERVHSAATIAGIAFANAF
LGVCHSMAHKLGSQFHIPHGLANALLICNVIRYNANDNPTKQTAFSQYDRPQARRRYAEIADHLGLSAPGDRTAAKIEKL
LAWLETLKAELGIPKSIREAGVQEADFLANVDKLSEDAFDDQCTGANPRYPLISELKQILLDTYYGRDYVEGETAAKKEA
APAKAEKKAKKSA
;
_entity_poly.pdbx_strand_id   A,B,C,D,E,F
#
loop_
_chem_comp.id
_chem_comp.type
_chem_comp.name
_chem_comp.formula
NAD non-polymer NICOTINAMIDE-ADENINE-DINUCLEOTIDE 'C21 H27 N7 O14 P2'
ZN non-polymer 'ZINC ION' 'Zn 2'
#
# COMPACT_ATOMS: atom_id res chain seq x y z
N MET A 3 -51.00 -3.20 -20.59
CA MET A 3 -50.15 -4.16 -19.90
C MET A 3 -50.89 -5.47 -19.66
N ALA A 4 -51.96 -5.40 -18.88
CA ALA A 4 -52.74 -6.58 -18.56
C ALA A 4 -53.63 -6.98 -19.74
N VAL A 5 -53.96 -8.26 -19.81
CA VAL A 5 -54.80 -8.81 -20.86
C VAL A 5 -55.87 -9.67 -20.20
N THR A 6 -57.13 -9.34 -20.46
CA THR A 6 -58.24 -10.05 -19.79
C THR A 6 -59.28 -10.51 -20.81
N ASN A 7 -59.40 -9.81 -21.93
CA ASN A 7 -60.38 -10.15 -22.94
C ASN A 7 -59.74 -10.02 -24.33
N VAL A 8 -60.55 -10.27 -25.37
CA VAL A 8 -60.02 -10.39 -26.72
C VAL A 8 -59.67 -9.06 -27.35
N ALA A 9 -60.13 -7.93 -26.79
CA ALA A 9 -59.89 -6.64 -27.42
C ALA A 9 -58.45 -6.18 -27.22
N GLU A 10 -57.87 -6.45 -26.05
CA GLU A 10 -56.48 -6.13 -25.78
C GLU A 10 -55.55 -7.31 -26.01
N LEU A 11 -56.09 -8.49 -26.29
CA LEU A 11 -55.25 -9.61 -26.69
C LEU A 11 -54.62 -9.36 -28.06
N ASN A 12 -55.40 -8.84 -29.00
CA ASN A 12 -54.88 -8.51 -30.32
C ASN A 12 -53.92 -7.32 -30.29
N ALA A 13 -53.98 -6.50 -29.25
CA ALA A 13 -52.98 -5.46 -29.04
C ALA A 13 -51.69 -6.02 -28.44
N LEU A 14 -51.77 -7.18 -27.79
CA LEU A 14 -50.57 -7.81 -27.25
C LEU A 14 -49.78 -8.54 -28.34
N VAL A 15 -50.47 -9.26 -29.21
CA VAL A 15 -49.81 -9.99 -30.28
C VAL A 15 -49.22 -9.02 -31.31
N GLU A 16 -49.89 -7.90 -31.56
CA GLU A 16 -49.36 -6.91 -32.47
C GLU A 16 -48.17 -6.17 -31.89
N ARG A 17 -48.06 -6.10 -30.57
CA ARG A 17 -46.84 -5.60 -29.95
C ARG A 17 -45.70 -6.60 -30.07
N VAL A 18 -46.02 -7.89 -29.95
CA VAL A 18 -44.99 -8.93 -30.03
C VAL A 18 -44.52 -9.12 -31.46
N LYS A 19 -45.46 -9.07 -32.42
CA LYS A 19 -45.12 -9.23 -33.84
C LYS A 19 -44.24 -8.09 -34.35
N LYS A 20 -44.39 -6.88 -33.79
CA LYS A 20 -43.51 -5.79 -34.17
C LYS A 20 -42.11 -5.96 -33.57
N ALA A 21 -42.01 -6.48 -32.36
CA ALA A 21 -40.73 -6.61 -31.68
C ALA A 21 -40.01 -7.92 -32.01
N GLN A 22 -40.70 -8.88 -32.61
CA GLN A 22 -40.05 -10.12 -33.02
C GLN A 22 -39.33 -9.99 -34.36
N ARG A 23 -39.85 -9.17 -35.27
CA ARG A 23 -39.27 -9.05 -36.60
C ARG A 23 -37.98 -8.26 -36.62
N GLU A 24 -37.64 -7.55 -35.54
CA GLU A 24 -36.31 -6.96 -35.40
C GLU A 24 -35.39 -7.81 -34.54
N TYR A 25 -35.93 -8.83 -33.86
CA TYR A 25 -35.12 -9.83 -33.19
C TYR A 25 -34.73 -10.96 -34.13
N ALA A 26 -35.45 -11.14 -35.23
CA ALA A 26 -35.18 -12.19 -36.20
C ALA A 26 -33.99 -11.88 -37.10
N SER A 27 -33.42 -10.68 -37.00
CA SER A 27 -32.24 -10.31 -37.79
C SER A 27 -30.98 -10.24 -36.93
N PHE A 28 -31.02 -10.81 -35.73
CA PHE A 28 -29.86 -10.80 -34.86
C PHE A 28 -28.83 -11.82 -35.33
N THR A 29 -27.59 -11.63 -34.88
CA THR A 29 -26.51 -12.53 -35.24
C THR A 29 -26.41 -13.66 -34.23
N GLN A 30 -25.52 -14.60 -34.51
CA GLN A 30 -25.28 -15.72 -33.60
C GLN A 30 -24.61 -15.26 -32.32
N GLU A 31 -23.75 -14.23 -32.40
CA GLU A 31 -22.97 -13.83 -31.24
C GLU A 31 -23.82 -13.08 -30.22
N GLN A 32 -24.75 -12.25 -30.67
CA GLN A 32 -25.56 -11.45 -29.76
C GLN A 32 -26.86 -12.14 -29.36
N VAL A 33 -27.05 -13.39 -29.75
CA VAL A 33 -28.11 -14.23 -29.21
C VAL A 33 -27.60 -15.08 -28.05
N ASP A 34 -26.37 -15.58 -28.17
CA ASP A 34 -25.71 -16.28 -27.07
C ASP A 34 -25.44 -15.37 -25.88
N LYS A 35 -25.36 -14.06 -26.09
CA LYS A 35 -25.30 -13.12 -24.97
C LYS A 35 -26.65 -13.04 -24.27
N ILE A 36 -27.74 -13.07 -25.04
CA ILE A 36 -29.08 -13.02 -24.48
C ILE A 36 -29.45 -14.36 -23.85
N PHE A 37 -29.12 -15.46 -24.53
CA PHE A 37 -29.48 -16.79 -24.04
C PHE A 37 -28.72 -17.15 -22.77
N ARG A 38 -27.49 -16.64 -22.60
CA ARG A 38 -26.75 -16.89 -21.38
C ARG A 38 -27.29 -16.05 -20.22
N ALA A 39 -27.53 -14.76 -20.47
CA ALA A 39 -28.00 -13.87 -19.42
C ALA A 39 -29.44 -14.16 -19.00
N ALA A 40 -30.24 -14.78 -19.88
CA ALA A 40 -31.58 -15.18 -19.48
C ALA A 40 -31.55 -16.40 -18.58
N ALA A 41 -30.68 -17.37 -18.91
CA ALA A 41 -30.55 -18.55 -18.06
C ALA A 41 -29.80 -18.24 -16.78
N LEU A 42 -28.96 -17.20 -16.78
CA LEU A 42 -28.18 -16.86 -15.60
C LEU A 42 -29.07 -16.28 -14.50
N ALA A 43 -30.14 -15.59 -14.87
CA ALA A 43 -31.07 -15.02 -13.91
C ALA A 43 -32.32 -15.86 -13.72
N ALA A 44 -32.44 -16.97 -14.44
CA ALA A 44 -33.51 -17.93 -14.20
C ALA A 44 -33.12 -19.01 -13.21
N ALA A 45 -31.82 -19.29 -13.10
CA ALA A 45 -31.31 -20.15 -12.04
C ALA A 45 -31.04 -19.39 -10.76
N ASP A 46 -30.96 -18.06 -10.84
CA ASP A 46 -30.78 -17.25 -9.65
C ASP A 46 -32.07 -17.15 -8.85
N ALA A 47 -33.22 -17.29 -9.51
CA ALA A 47 -34.52 -17.19 -8.87
C ALA A 47 -35.21 -18.55 -8.79
N ARG A 48 -34.44 -19.59 -8.53
CA ARG A 48 -35.02 -20.92 -8.37
C ARG A 48 -35.73 -21.07 -7.04
N ILE A 49 -35.28 -20.33 -6.02
CA ILE A 49 -35.88 -20.37 -4.69
C ILE A 49 -37.22 -19.61 -4.63
N PRO A 50 -37.34 -18.33 -5.04
CA PRO A 50 -38.66 -17.69 -4.89
C PRO A 50 -39.71 -18.19 -5.87
N LEU A 51 -39.31 -18.65 -7.05
CA LEU A 51 -40.28 -19.21 -7.99
C LEU A 51 -40.82 -20.55 -7.52
N ALA A 52 -40.04 -21.29 -6.73
CA ALA A 52 -40.53 -22.57 -6.21
C ALA A 52 -41.50 -22.37 -5.06
N LYS A 53 -41.40 -21.26 -4.32
CA LYS A 53 -42.31 -21.03 -3.21
C LYS A 53 -43.63 -20.43 -3.68
N MET A 54 -43.63 -19.77 -4.85
CA MET A 54 -44.87 -19.22 -5.38
C MET A 54 -45.75 -20.30 -6.00
N ALA A 55 -45.15 -21.34 -6.57
CA ALA A 55 -45.92 -22.39 -7.23
C ALA A 55 -46.56 -23.36 -6.25
N VAL A 56 -46.18 -23.33 -4.98
CA VAL A 56 -46.81 -24.17 -3.95
C VAL A 56 -47.82 -23.30 -3.21
N ALA A 57 -47.54 -21.99 -3.14
CA ALA A 57 -48.50 -21.07 -2.55
C ALA A 57 -49.72 -20.86 -3.45
N GLU A 58 -49.56 -21.03 -4.76
CA GLU A 58 -50.66 -20.83 -5.70
C GLU A 58 -51.49 -22.09 -5.88
N SER A 59 -50.86 -23.18 -6.29
CA SER A 59 -51.58 -24.42 -6.60
C SER A 59 -51.76 -25.31 -5.37
N GLY A 60 -50.72 -25.47 -4.56
CA GLY A 60 -50.82 -26.31 -3.38
C GLY A 60 -50.84 -27.79 -3.70
N MET A 61 -49.96 -28.24 -4.61
CA MET A 61 -49.95 -29.63 -5.04
C MET A 61 -48.54 -30.17 -5.18
N GLY A 62 -47.57 -29.61 -4.45
CA GLY A 62 -46.22 -30.10 -4.60
C GLY A 62 -45.37 -29.82 -3.38
N ILE A 63 -44.16 -30.37 -3.41
CA ILE A 63 -43.15 -30.14 -2.39
C ILE A 63 -42.29 -28.97 -2.85
N VAL A 64 -42.03 -28.03 -1.93
CA VAL A 64 -41.30 -26.82 -2.29
C VAL A 64 -39.83 -27.14 -2.56
N GLU A 65 -39.30 -28.20 -1.95
CA GLU A 65 -37.91 -28.55 -2.14
C GLU A 65 -37.66 -29.29 -3.45
N ASP A 66 -38.71 -29.83 -4.09
CA ASP A 66 -38.56 -30.50 -5.36
C ASP A 66 -38.74 -29.57 -6.56
N LYS A 67 -39.44 -28.45 -6.38
CA LYS A 67 -39.52 -27.45 -7.43
C LYS A 67 -38.26 -26.58 -7.51
N VAL A 68 -37.35 -26.71 -6.54
CA VAL A 68 -36.08 -26.01 -6.62
C VAL A 68 -35.18 -26.67 -7.65
N ILE A 69 -35.01 -27.99 -7.56
CA ILE A 69 -34.16 -28.71 -8.50
C ILE A 69 -34.85 -29.01 -9.81
N LYS A 70 -36.13 -28.67 -9.94
CA LYS A 70 -36.80 -28.70 -11.24
C LYS A 70 -36.70 -27.37 -11.97
N ASN A 71 -36.76 -26.26 -11.25
CA ASN A 71 -36.42 -24.97 -11.82
C ASN A 71 -34.93 -24.82 -12.07
N HIS A 72 -34.09 -25.58 -11.35
CA HIS A 72 -32.67 -25.55 -11.62
C HIS A 72 -32.31 -26.42 -12.82
N PHE A 73 -33.04 -27.51 -13.02
CA PHE A 73 -32.85 -28.34 -14.21
C PHE A 73 -33.27 -27.61 -15.48
N ALA A 74 -34.31 -26.79 -15.39
CA ALA A 74 -34.85 -26.07 -16.55
C ALA A 74 -34.06 -24.82 -16.90
N SER A 75 -32.99 -24.51 -16.18
CA SER A 75 -32.23 -23.29 -16.42
C SER A 75 -30.73 -23.48 -16.59
N GLU A 76 -30.15 -24.58 -16.11
CA GLU A 76 -28.73 -24.83 -16.31
C GLU A 76 -28.43 -26.11 -17.08
N TYR A 77 -29.36 -27.05 -17.16
CA TYR A 77 -29.19 -28.20 -18.04
C TYR A 77 -29.68 -27.90 -19.45
N ILE A 78 -30.68 -27.03 -19.57
CA ILE A 78 -31.11 -26.57 -20.88
C ILE A 78 -30.08 -25.62 -21.46
N TYR A 79 -29.37 -24.87 -20.60
CA TYR A 79 -28.29 -24.04 -21.08
C TYR A 79 -27.07 -24.84 -21.49
N ASN A 80 -26.79 -25.95 -20.79
CA ASN A 80 -25.55 -26.67 -21.03
C ASN A 80 -25.58 -27.49 -22.31
N ALA A 81 -26.73 -28.09 -22.63
CA ALA A 81 -26.81 -28.91 -23.84
C ALA A 81 -26.82 -28.05 -25.10
N TYR A 82 -27.51 -26.92 -25.05
CA TYR A 82 -27.63 -26.02 -26.19
C TYR A 82 -26.79 -24.77 -26.01
N LYS A 83 -25.60 -24.93 -25.44
CA LYS A 83 -24.71 -23.80 -25.19
C LYS A 83 -24.13 -23.26 -26.49
N ASP A 84 -23.53 -24.12 -27.29
CA ASP A 84 -22.96 -23.77 -28.59
C ASP A 84 -23.58 -24.69 -29.63
N GLU A 85 -24.75 -24.27 -30.13
CA GLU A 85 -25.45 -24.97 -31.19
C GLU A 85 -25.90 -23.93 -32.20
N LYS A 86 -25.50 -24.12 -33.45
CA LYS A 86 -25.80 -23.14 -34.49
C LYS A 86 -27.28 -23.17 -34.84
N THR A 87 -27.96 -22.04 -34.64
CA THR A 87 -29.39 -21.94 -34.89
C THR A 87 -29.79 -20.64 -35.59
N CYS A 88 -28.86 -19.74 -35.88
CA CYS A 88 -29.20 -18.42 -36.39
C CYS A 88 -28.70 -18.20 -37.82
N GLY A 89 -27.41 -18.36 -38.08
CA GLY A 89 -26.87 -18.07 -39.39
C GLY A 89 -26.75 -19.27 -40.30
N VAL A 90 -25.63 -19.37 -41.01
CA VAL A 90 -25.37 -20.49 -41.90
C VAL A 90 -24.96 -21.70 -41.07
N LEU A 91 -25.75 -22.78 -41.16
CA LEU A 91 -25.47 -23.97 -40.37
C LEU A 91 -24.35 -24.80 -41.00
N SER A 92 -24.55 -25.27 -42.22
CA SER A 92 -23.57 -26.07 -42.92
C SER A 92 -23.37 -25.50 -44.32
N GLU A 93 -22.31 -25.96 -44.99
CA GLU A 93 -22.01 -25.50 -46.33
C GLU A 93 -21.16 -26.55 -47.02
N ASP A 94 -21.54 -26.91 -48.25
CA ASP A 94 -20.80 -27.87 -49.05
C ASP A 94 -20.30 -27.17 -50.32
N ASP A 95 -19.03 -27.37 -50.63
CA ASP A 95 -18.44 -26.79 -51.83
C ASP A 95 -18.38 -27.75 -53.00
N THR A 96 -18.24 -29.05 -52.73
CA THR A 96 -18.22 -30.04 -53.81
C THR A 96 -19.62 -30.26 -54.37
N PHE A 97 -20.65 -30.16 -53.52
CA PHE A 97 -22.03 -30.34 -53.97
C PHE A 97 -22.78 -29.02 -54.14
N GLY A 98 -22.30 -27.94 -53.53
CA GLY A 98 -22.90 -26.63 -53.76
C GLY A 98 -24.18 -26.38 -53.00
N THR A 99 -24.21 -26.70 -51.71
CA THR A 99 -25.39 -26.48 -50.88
C THR A 99 -25.04 -25.65 -49.66
N ILE A 100 -25.90 -24.69 -49.35
CA ILE A 100 -25.79 -23.87 -48.15
C ILE A 100 -27.09 -24.03 -47.37
N THR A 101 -26.97 -24.38 -46.09
CA THR A 101 -28.12 -24.60 -45.21
C THR A 101 -28.22 -23.46 -44.22
N ILE A 102 -29.29 -22.68 -44.32
CA ILE A 102 -29.47 -21.47 -43.52
C ILE A 102 -30.65 -21.69 -42.57
N ALA A 103 -30.46 -21.33 -41.30
CA ALA A 103 -31.52 -21.44 -40.32
C ALA A 103 -32.31 -20.14 -40.23
N GLU A 104 -33.52 -20.25 -39.68
CA GLU A 104 -34.45 -19.14 -39.60
C GLU A 104 -35.17 -19.16 -38.26
N PRO A 105 -36.02 -18.19 -37.96
CA PRO A 105 -37.03 -18.39 -36.91
C PRO A 105 -38.33 -18.91 -37.51
N ILE A 106 -39.26 -19.24 -36.62
CA ILE A 106 -40.61 -19.62 -37.01
C ILE A 106 -41.58 -18.45 -36.84
N GLY A 107 -41.52 -17.76 -35.71
CA GLY A 107 -42.41 -16.65 -35.44
C GLY A 107 -43.00 -16.72 -34.05
N ILE A 108 -44.22 -16.21 -33.88
CA ILE A 108 -44.87 -16.22 -32.58
C ILE A 108 -45.37 -17.63 -32.28
N ILE A 109 -45.16 -18.07 -31.05
CA ILE A 109 -45.46 -19.44 -30.62
C ILE A 109 -46.47 -19.37 -29.49
N CYS A 110 -47.55 -20.13 -29.61
CA CYS A 110 -48.54 -20.23 -28.53
C CYS A 110 -48.04 -21.22 -27.49
N GLY A 111 -47.78 -20.73 -26.28
CA GLY A 111 -47.28 -21.55 -25.21
C GLY A 111 -48.37 -21.91 -24.22
N ILE A 112 -48.61 -23.19 -24.07
CA ILE A 112 -49.65 -23.71 -23.18
C ILE A 112 -48.95 -24.54 -22.11
N VAL A 113 -48.91 -24.03 -20.88
CA VAL A 113 -48.20 -24.68 -19.79
C VAL A 113 -49.21 -25.49 -18.97
N PRO A 114 -48.78 -26.55 -18.25
CA PRO A 114 -49.74 -27.29 -17.42
C PRO A 114 -49.81 -26.74 -16.01
N THR A 115 -50.60 -27.39 -15.16
CA THR A 115 -50.66 -27.04 -13.74
C THR A 115 -49.72 -27.87 -12.89
N THR A 116 -49.25 -29.01 -13.39
CA THR A 116 -48.33 -29.85 -12.64
C THR A 116 -46.93 -29.24 -12.60
N ASN A 117 -46.45 -28.73 -13.74
CA ASN A 117 -45.18 -28.03 -13.83
C ASN A 117 -45.43 -26.59 -14.27
N PRO A 118 -45.92 -25.73 -13.37
CA PRO A 118 -46.38 -24.40 -13.80
C PRO A 118 -45.26 -23.41 -14.05
N THR A 119 -44.12 -23.58 -13.38
CA THR A 119 -43.04 -22.62 -13.46
C THR A 119 -41.78 -23.16 -14.10
N SER A 120 -41.60 -24.48 -14.16
CA SER A 120 -40.40 -25.04 -14.76
C SER A 120 -40.49 -25.08 -16.28
N THR A 121 -41.67 -25.37 -16.82
CA THR A 121 -41.86 -25.31 -18.26
C THR A 121 -41.89 -23.89 -18.79
N ALA A 122 -42.19 -22.91 -17.92
CA ALA A 122 -42.12 -21.51 -18.34
C ALA A 122 -40.69 -21.05 -18.48
N ILE A 123 -39.78 -21.60 -17.68
CA ILE A 123 -38.35 -21.33 -17.87
C ILE A 123 -37.85 -22.03 -19.12
N PHE A 124 -38.29 -23.28 -19.35
CA PHE A 124 -37.77 -24.08 -20.45
C PHE A 124 -38.23 -23.56 -21.80
N LYS A 125 -39.53 -23.26 -21.93
CA LYS A 125 -40.06 -22.79 -23.21
C LYS A 125 -39.62 -21.38 -23.53
N SER A 126 -39.21 -20.59 -22.54
CA SER A 126 -38.70 -19.26 -22.81
C SER A 126 -37.25 -19.29 -23.27
N LEU A 127 -36.44 -20.22 -22.76
CA LEU A 127 -35.03 -20.26 -23.13
C LEU A 127 -34.84 -20.79 -24.54
N ILE A 128 -35.61 -21.81 -24.94
CA ILE A 128 -35.48 -22.36 -26.28
C ILE A 128 -36.18 -21.51 -27.33
N SER A 129 -36.93 -20.48 -26.93
CA SER A 129 -37.60 -19.60 -27.88
C SER A 129 -36.68 -18.47 -28.33
N LEU A 130 -36.03 -17.80 -27.39
CA LEU A 130 -35.08 -16.74 -27.74
C LEU A 130 -33.70 -17.27 -28.10
N LYS A 131 -33.52 -18.59 -28.05
CA LYS A 131 -32.32 -19.19 -28.64
C LYS A 131 -32.44 -19.27 -30.16
N THR A 132 -33.64 -19.57 -30.65
CA THR A 132 -33.90 -19.68 -32.08
C THR A 132 -34.49 -18.40 -32.67
N ARG A 133 -34.34 -17.27 -31.96
CA ARG A 133 -34.69 -15.91 -32.42
C ARG A 133 -36.18 -15.76 -32.74
N ASN A 134 -37.03 -16.33 -31.90
CA ASN A 134 -38.46 -16.18 -32.08
C ASN A 134 -39.13 -15.90 -30.73
N ALA A 135 -40.38 -15.45 -30.80
CA ALA A 135 -41.14 -15.03 -29.64
C ALA A 135 -42.13 -16.11 -29.21
N ILE A 136 -42.76 -15.88 -28.07
CA ILE A 136 -43.68 -16.86 -27.49
C ILE A 136 -44.72 -16.12 -26.65
N ILE A 137 -45.97 -16.58 -26.75
CA ILE A 137 -47.08 -16.07 -25.95
C ILE A 137 -47.56 -17.19 -25.04
N PHE A 138 -47.62 -16.92 -23.74
CA PHE A 138 -48.00 -17.93 -22.76
C PHE A 138 -49.49 -17.83 -22.42
N SER A 139 -50.10 -18.99 -22.17
CA SER A 139 -51.48 -19.09 -21.72
C SER A 139 -51.51 -20.09 -20.58
N PRO A 140 -51.36 -19.64 -19.34
CA PRO A 140 -51.20 -20.58 -18.23
C PRO A 140 -52.50 -21.24 -17.82
N HIS A 141 -52.35 -22.28 -17.00
CA HIS A 141 -53.49 -22.94 -16.39
C HIS A 141 -54.14 -21.99 -15.37
N PRO A 142 -55.47 -21.99 -15.27
CA PRO A 142 -56.13 -21.05 -14.34
C PRO A 142 -55.90 -21.34 -12.87
N ARG A 143 -55.47 -22.55 -12.52
CA ARG A 143 -55.18 -22.86 -11.13
C ARG A 143 -53.86 -22.24 -10.67
N ALA A 144 -52.88 -22.16 -11.57
CA ALA A 144 -51.54 -21.67 -11.26
C ALA A 144 -51.13 -20.57 -12.22
N LYS A 145 -52.00 -19.57 -12.40
CA LYS A 145 -51.75 -18.51 -13.37
C LYS A 145 -50.72 -17.49 -12.91
N ASP A 146 -50.56 -17.30 -11.60
CA ASP A 146 -49.64 -16.28 -11.11
C ASP A 146 -48.20 -16.76 -11.02
N ALA A 147 -47.97 -18.07 -10.90
CA ALA A 147 -46.61 -18.58 -10.84
C ALA A 147 -45.97 -18.61 -12.23
N THR A 148 -46.77 -18.87 -13.26
CA THR A 148 -46.24 -18.93 -14.61
C THR A 148 -45.91 -17.54 -15.15
N ASN A 149 -46.79 -16.57 -14.92
CA ASN A 149 -46.57 -15.21 -15.43
C ASN A 149 -45.42 -14.51 -14.70
N LYS A 150 -45.15 -14.89 -13.46
CA LYS A 150 -43.98 -14.37 -12.78
C LYS A 150 -42.69 -15.04 -13.27
N ALA A 151 -42.78 -16.32 -13.64
CA ALA A 151 -41.59 -17.03 -14.11
C ALA A 151 -41.15 -16.56 -15.49
N ALA A 152 -42.11 -16.22 -16.35
CA ALA A 152 -41.76 -15.67 -17.66
C ALA A 152 -41.30 -14.23 -17.58
N ASP A 153 -41.62 -13.52 -16.49
CA ASP A 153 -41.23 -12.13 -16.36
C ASP A 153 -39.76 -11.99 -15.98
N ILE A 154 -39.21 -12.94 -15.22
CA ILE A 154 -37.81 -12.88 -14.82
C ILE A 154 -36.90 -13.13 -16.01
N VAL A 155 -37.31 -14.04 -16.91
CA VAL A 155 -36.55 -14.30 -18.12
C VAL A 155 -36.64 -13.12 -19.08
N LEU A 156 -37.78 -12.43 -19.11
CA LEU A 156 -37.96 -11.32 -20.04
C LEU A 156 -37.14 -10.11 -19.61
N GLN A 157 -37.22 -9.74 -18.32
CA GLN A 157 -36.50 -8.56 -17.83
C GLN A 157 -34.99 -8.77 -17.80
N ALA A 158 -34.53 -10.02 -17.77
CA ALA A 158 -33.10 -10.28 -17.87
C ALA A 158 -32.62 -10.25 -19.31
N ALA A 159 -33.53 -10.50 -20.27
CA ALA A 159 -33.13 -10.48 -21.68
C ALA A 159 -33.07 -9.06 -22.22
N ILE A 160 -33.99 -8.19 -21.78
CA ILE A 160 -34.01 -6.80 -22.22
C ILE A 160 -32.76 -6.06 -21.73
N ALA A 161 -32.28 -6.42 -20.54
CA ALA A 161 -31.02 -5.87 -20.04
C ALA A 161 -29.81 -6.39 -20.81
N ALA A 162 -29.96 -7.49 -21.57
CA ALA A 162 -28.88 -8.04 -22.36
C ALA A 162 -28.91 -7.60 -23.83
N GLY A 163 -30.03 -7.06 -24.31
CA GLY A 163 -30.08 -6.57 -25.67
C GLY A 163 -31.30 -7.01 -26.47
N ALA A 164 -32.27 -7.65 -25.81
CA ALA A 164 -33.48 -8.09 -26.46
C ALA A 164 -34.37 -6.88 -26.77
N PRO A 165 -35.33 -7.03 -27.68
CA PRO A 165 -36.34 -5.98 -27.87
C PRO A 165 -37.24 -5.78 -26.66
N LYS A 166 -38.08 -4.75 -26.74
CA LYS A 166 -38.74 -4.22 -25.56
C LYS A 166 -39.85 -5.13 -25.05
N ASP A 167 -40.56 -5.80 -25.95
CA ASP A 167 -41.64 -6.72 -25.56
C ASP A 167 -41.52 -7.98 -26.42
N LEU A 168 -40.75 -8.95 -25.93
CA LEU A 168 -40.49 -10.18 -26.67
C LEU A 168 -41.30 -11.36 -26.17
N ILE A 169 -41.56 -11.44 -24.87
CA ILE A 169 -42.31 -12.54 -24.27
C ILE A 169 -43.58 -11.97 -23.67
N GLY A 170 -44.72 -12.38 -24.20
CA GLY A 170 -45.99 -11.96 -23.65
C GLY A 170 -46.72 -13.12 -22.99
N TRP A 171 -47.70 -12.80 -22.14
CA TRP A 171 -48.41 -13.84 -21.42
C TRP A 171 -49.83 -13.36 -21.13
N ILE A 172 -50.77 -14.30 -21.19
CA ILE A 172 -52.15 -14.00 -20.81
C ILE A 172 -52.22 -13.85 -19.30
N ASP A 173 -52.64 -12.68 -18.83
CA ASP A 173 -52.62 -12.39 -17.41
C ASP A 173 -53.76 -13.08 -16.66
N GLN A 174 -54.91 -13.24 -17.31
CA GLN A 174 -56.06 -13.91 -16.71
C GLN A 174 -56.68 -14.84 -17.75
N PRO A 175 -56.35 -16.13 -17.69
CA PRO A 175 -56.77 -17.05 -18.75
C PRO A 175 -58.26 -17.40 -18.66
N SER A 176 -58.74 -17.97 -19.76
CA SER A 176 -60.13 -18.42 -19.87
C SER A 176 -60.21 -19.47 -20.96
N VAL A 177 -61.35 -20.15 -21.02
CA VAL A 177 -61.57 -21.16 -22.06
C VAL A 177 -61.91 -20.53 -23.40
N GLU A 178 -62.22 -19.24 -23.43
CA GLU A 178 -62.48 -18.49 -24.65
C GLU A 178 -61.31 -17.64 -25.08
N LEU A 179 -60.56 -17.09 -24.11
CA LEU A 179 -59.41 -16.26 -24.44
C LEU A 179 -58.25 -17.09 -24.98
N SER A 180 -58.09 -18.32 -24.49
CA SER A 180 -57.03 -19.19 -25.02
C SER A 180 -57.41 -19.72 -26.39
N ASN A 181 -58.69 -19.97 -26.63
CA ASN A 181 -59.13 -20.45 -27.93
C ASN A 181 -59.06 -19.35 -28.98
N ALA A 182 -59.16 -18.08 -28.56
CA ALA A 182 -58.99 -16.97 -29.49
C ALA A 182 -57.52 -16.73 -29.82
N LEU A 183 -56.61 -17.17 -28.95
CA LEU A 183 -55.18 -17.04 -29.23
C LEU A 183 -54.71 -18.09 -30.22
N MET A 184 -55.23 -19.32 -30.11
CA MET A 184 -54.82 -20.39 -30.99
C MET A 184 -55.32 -20.22 -32.42
N HIS A 185 -56.43 -19.50 -32.59
CA HIS A 185 -56.97 -19.22 -33.92
C HIS A 185 -56.56 -17.84 -34.43
N HIS A 186 -55.52 -17.25 -33.84
CA HIS A 186 -55.02 -15.97 -34.33
C HIS A 186 -54.31 -16.17 -35.67
N PRO A 187 -54.48 -15.24 -36.62
CA PRO A 187 -53.91 -15.47 -37.96
C PRO A 187 -52.40 -15.29 -38.04
N ASP A 188 -51.78 -14.57 -37.13
CA ASP A 188 -50.35 -14.30 -37.22
C ASP A 188 -49.57 -14.88 -36.06
N ILE A 189 -49.92 -16.11 -35.66
CA ILE A 189 -49.04 -16.97 -34.90
C ILE A 189 -48.80 -18.21 -35.75
N ASN A 190 -47.65 -18.86 -35.53
CA ASN A 190 -47.20 -19.89 -36.45
C ASN A 190 -47.01 -21.27 -35.83
N LEU A 191 -46.97 -21.39 -34.51
CA LEU A 191 -46.71 -22.67 -33.87
C LEU A 191 -47.41 -22.71 -32.52
N ILE A 192 -47.80 -23.91 -32.10
CA ILE A 192 -48.44 -24.12 -30.81
C ILE A 192 -47.60 -25.13 -30.05
N LEU A 193 -46.84 -24.66 -29.07
CA LEU A 193 -46.16 -25.53 -28.12
C LEU A 193 -47.13 -25.78 -26.97
N ALA A 194 -47.73 -26.97 -26.95
CA ALA A 194 -48.85 -27.27 -26.09
C ALA A 194 -48.58 -28.55 -25.32
N THR A 195 -48.56 -28.45 -24.00
CA THR A 195 -48.34 -29.59 -23.10
C THR A 195 -49.57 -29.76 -22.22
N GLY A 196 -50.07 -30.99 -22.14
CA GLY A 196 -51.23 -31.24 -21.30
C GLY A 196 -51.76 -32.65 -21.52
N GLY A 197 -53.01 -32.85 -21.08
CA GLY A 197 -53.65 -34.14 -21.16
C GLY A 197 -54.20 -34.43 -22.53
N PRO A 198 -54.85 -35.59 -22.66
CA PRO A 198 -55.33 -36.02 -23.98
C PRO A 198 -56.50 -35.21 -24.51
N GLY A 199 -57.24 -34.51 -23.64
CA GLY A 199 -58.27 -33.61 -24.11
C GLY A 199 -57.72 -32.32 -24.70
N MET A 200 -56.46 -32.00 -24.42
CA MET A 200 -55.82 -30.81 -24.93
C MET A 200 -55.10 -31.04 -26.24
N VAL A 201 -54.54 -32.25 -26.44
CA VAL A 201 -53.88 -32.58 -27.70
C VAL A 201 -54.88 -32.62 -28.85
N LYS A 202 -56.10 -33.07 -28.56
CA LYS A 202 -57.16 -33.06 -29.57
C LYS A 202 -57.58 -31.63 -29.91
N ALA A 203 -57.45 -30.70 -28.96
CA ALA A 203 -57.79 -29.30 -29.22
C ALA A 203 -56.62 -28.54 -29.83
N ALA A 204 -55.38 -28.93 -29.52
CA ALA A 204 -54.22 -28.24 -30.08
C ALA A 204 -54.01 -28.56 -31.55
N TYR A 205 -54.40 -29.77 -31.98
CA TYR A 205 -54.35 -30.14 -33.38
C TYR A 205 -55.66 -29.88 -34.11
N SER A 206 -56.61 -29.19 -33.48
CA SER A 206 -57.88 -28.89 -34.11
C SER A 206 -57.92 -27.51 -34.75
N SER A 207 -57.15 -26.56 -34.24
CA SER A 207 -56.99 -25.28 -34.91
C SER A 207 -56.07 -25.46 -36.10
N GLY A 208 -56.32 -24.71 -37.17
CA GLY A 208 -55.55 -24.94 -38.38
C GLY A 208 -54.23 -24.20 -38.32
N LYS A 209 -53.20 -24.90 -37.89
CA LYS A 209 -51.87 -24.40 -37.59
C LYS A 209 -50.96 -25.58 -37.29
N PRO A 210 -49.66 -25.50 -37.60
CA PRO A 210 -48.73 -26.55 -37.17
C PRO A 210 -48.54 -26.49 -35.66
N ALA A 211 -48.78 -27.61 -34.99
CA ALA A 211 -48.74 -27.69 -33.55
C ALA A 211 -47.78 -28.77 -33.09
N ILE A 212 -47.02 -28.47 -32.04
CA ILE A 212 -46.16 -29.46 -31.40
C ILE A 212 -46.75 -29.79 -30.04
N GLY A 213 -47.57 -30.85 -30.00
CA GLY A 213 -48.22 -31.27 -28.78
C GLY A 213 -47.56 -32.49 -28.16
N VAL A 214 -47.69 -32.61 -26.84
CA VAL A 214 -47.29 -33.81 -26.12
C VAL A 214 -48.48 -34.26 -25.28
N GLY A 215 -48.51 -35.56 -24.97
CA GLY A 215 -49.58 -36.15 -24.24
C GLY A 215 -49.20 -36.61 -22.84
N ALA A 216 -50.10 -37.35 -22.23
CA ALA A 216 -49.87 -37.94 -20.92
C ALA A 216 -49.30 -39.34 -21.10
N GLY A 217 -49.17 -40.07 -20.01
CA GLY A 217 -48.66 -41.43 -20.12
C GLY A 217 -48.43 -42.18 -18.82
N ASN A 218 -48.73 -43.47 -18.84
CA ASN A 218 -48.33 -44.36 -17.77
C ASN A 218 -46.86 -44.75 -17.93
N THR A 219 -46.34 -45.49 -16.95
CA THR A 219 -44.97 -45.99 -17.00
C THR A 219 -44.95 -47.38 -16.37
N PRO A 220 -45.22 -48.43 -17.16
CA PRO A 220 -45.13 -49.78 -16.61
C PRO A 220 -43.67 -50.18 -16.40
N VAL A 221 -43.39 -50.73 -15.22
CA VAL A 221 -42.03 -51.10 -14.83
C VAL A 221 -41.96 -52.62 -14.77
N VAL A 222 -40.93 -53.20 -15.37
CA VAL A 222 -40.71 -54.63 -15.39
C VAL A 222 -39.46 -54.93 -14.57
N ILE A 223 -39.63 -55.64 -13.46
CA ILE A 223 -38.52 -56.03 -12.60
C ILE A 223 -38.41 -57.55 -12.65
N ASP A 224 -37.53 -58.07 -13.50
CA ASP A 224 -37.43 -59.52 -13.66
C ASP A 224 -36.52 -60.12 -12.59
N GLU A 225 -36.23 -61.42 -12.73
CA GLU A 225 -35.61 -62.18 -11.65
C GLU A 225 -34.12 -61.91 -11.51
N THR A 226 -33.48 -61.32 -12.52
CA THR A 226 -32.05 -61.04 -12.47
C THR A 226 -31.75 -59.58 -12.20
N ALA A 227 -32.71 -58.83 -11.67
CA ALA A 227 -32.53 -57.42 -11.37
C ALA A 227 -31.84 -57.24 -10.03
N ASP A 228 -31.41 -56.01 -9.78
CA ASP A 228 -30.91 -55.60 -8.47
C ASP A 228 -32.12 -55.13 -7.66
N ILE A 229 -32.52 -55.95 -6.67
CA ILE A 229 -33.72 -55.66 -5.89
C ILE A 229 -33.51 -54.45 -5.00
N LYS A 230 -32.30 -54.26 -4.48
CA LYS A 230 -32.02 -53.09 -3.65
C LYS A 230 -31.96 -51.82 -4.47
N ARG A 231 -31.64 -51.92 -5.77
CA ARG A 231 -31.64 -50.74 -6.62
C ARG A 231 -33.03 -50.43 -7.15
N ALA A 232 -33.80 -51.47 -7.53
CA ALA A 232 -35.09 -51.25 -8.19
C ALA A 232 -36.13 -50.68 -7.23
N VAL A 233 -36.09 -51.10 -5.97
CA VAL A 233 -37.06 -50.58 -5.00
C VAL A 233 -36.69 -49.15 -4.61
N ALA A 234 -35.40 -48.90 -4.37
CA ALA A 234 -34.97 -47.57 -3.91
C ALA A 234 -35.05 -46.51 -5.00
N SER A 235 -35.11 -46.90 -6.27
CA SER A 235 -35.26 -45.95 -7.35
C SER A 235 -36.72 -45.63 -7.66
N VAL A 236 -37.62 -46.58 -7.40
CA VAL A 236 -39.05 -46.30 -7.54
C VAL A 236 -39.51 -45.33 -6.45
N LEU A 237 -39.02 -45.53 -5.22
CA LEU A 237 -39.38 -44.64 -4.12
C LEU A 237 -38.83 -43.23 -4.31
N MET A 238 -37.69 -43.10 -4.99
CA MET A 238 -37.11 -41.78 -5.22
C MET A 238 -37.87 -41.01 -6.29
N SER A 239 -38.26 -41.69 -7.37
CA SER A 239 -38.84 -40.99 -8.52
C SER A 239 -40.35 -40.80 -8.37
N LYS A 240 -41.04 -41.69 -7.67
CA LYS A 240 -42.48 -41.53 -7.50
C LYS A 240 -42.80 -40.49 -6.44
N THR A 241 -41.94 -40.32 -5.45
CA THR A 241 -42.09 -39.27 -4.46
C THR A 241 -41.43 -37.96 -4.89
N PHE A 242 -40.88 -37.90 -6.09
CA PHE A 242 -40.32 -36.66 -6.62
C PHE A 242 -41.46 -35.73 -7.00
N ASP A 243 -41.63 -34.67 -6.20
CA ASP A 243 -42.73 -33.70 -6.29
C ASP A 243 -44.10 -34.37 -6.21
N ASN A 244 -44.18 -35.44 -5.40
CA ASN A 244 -45.40 -36.24 -5.20
C ASN A 244 -45.98 -36.77 -6.51
N GLY A 245 -45.11 -37.11 -7.44
CA GLY A 245 -45.53 -37.77 -8.67
C GLY A 245 -46.28 -36.90 -9.66
N VAL A 246 -46.10 -35.58 -9.61
CA VAL A 246 -46.76 -34.71 -10.60
C VAL A 246 -46.03 -34.71 -11.93
N ILE A 247 -44.84 -35.29 -12.00
CA ILE A 247 -44.05 -35.28 -13.23
C ILE A 247 -44.65 -36.26 -14.22
N CYS A 248 -44.61 -35.90 -15.50
CA CYS A 248 -44.89 -36.87 -16.55
C CYS A 248 -43.81 -37.94 -16.54
N ALA A 249 -44.20 -39.13 -17.01
CA ALA A 249 -43.36 -40.34 -17.01
C ALA A 249 -42.88 -40.69 -15.60
N SER A 250 -43.83 -40.78 -14.67
CA SER A 250 -43.58 -41.31 -13.35
C SER A 250 -44.16 -42.72 -13.26
N GLU A 251 -43.56 -43.54 -12.40
CA GLU A 251 -43.86 -44.98 -12.37
C GLU A 251 -45.24 -45.19 -11.76
N GLN A 252 -46.24 -45.38 -12.63
CA GLN A 252 -47.61 -45.56 -12.19
C GLN A 252 -47.93 -46.99 -11.78
N SER A 253 -47.17 -47.96 -12.27
CA SER A 253 -47.43 -49.37 -12.00
C SER A 253 -46.18 -50.17 -12.28
N VAL A 254 -45.91 -51.14 -11.41
CA VAL A 254 -44.77 -52.05 -11.59
C VAL A 254 -45.31 -53.44 -11.89
N VAL A 255 -44.52 -54.22 -12.62
CA VAL A 255 -44.84 -55.62 -12.95
C VAL A 255 -43.64 -56.45 -12.54
N VAL A 256 -43.80 -57.24 -11.48
CA VAL A 256 -42.73 -58.06 -10.94
C VAL A 256 -42.98 -59.52 -11.30
N VAL A 257 -41.91 -60.24 -11.65
CA VAL A 257 -42.04 -61.67 -11.91
C VAL A 257 -42.25 -62.42 -10.60
N ASP A 258 -42.74 -63.65 -10.72
CA ASP A 258 -43.11 -64.43 -9.54
C ASP A 258 -41.90 -64.99 -8.79
N SER A 259 -40.71 -64.95 -9.38
CA SER A 259 -39.53 -65.50 -8.71
C SER A 259 -39.05 -64.58 -7.59
N VAL A 260 -39.22 -63.27 -7.74
CA VAL A 260 -38.75 -62.31 -6.74
C VAL A 260 -39.88 -61.38 -6.32
N TYR A 261 -41.13 -61.86 -6.43
CA TYR A 261 -42.26 -61.01 -6.07
C TYR A 261 -42.37 -60.81 -4.57
N ASP A 262 -41.96 -61.79 -3.78
CA ASP A 262 -42.06 -61.68 -2.32
C ASP A 262 -40.94 -60.82 -1.75
N ALA A 263 -39.74 -60.89 -2.35
CA ALA A 263 -38.62 -60.10 -1.85
C ALA A 263 -38.78 -58.63 -2.17
N VAL A 264 -39.46 -58.31 -3.28
CA VAL A 264 -39.73 -56.91 -3.62
C VAL A 264 -40.77 -56.32 -2.68
N ARG A 265 -41.77 -57.13 -2.30
CA ARG A 265 -42.80 -56.67 -1.37
C ARG A 265 -42.24 -56.41 0.01
N GLU A 266 -41.30 -57.26 0.47
CA GLU A 266 -40.68 -57.04 1.77
C GLU A 266 -39.72 -55.86 1.74
N ARG A 267 -39.09 -55.59 0.59
CA ARG A 267 -38.23 -54.42 0.48
C ARG A 267 -39.05 -53.15 0.43
N PHE A 268 -40.27 -53.21 -0.11
CA PHE A 268 -41.15 -52.06 -0.09
C PHE A 268 -41.79 -51.84 1.28
N ALA A 269 -42.05 -52.92 2.03
CA ALA A 269 -42.77 -52.79 3.28
C ALA A 269 -41.89 -52.26 4.41
N THR A 270 -40.62 -52.68 4.45
CA THR A 270 -39.72 -52.19 5.49
C THR A 270 -39.35 -50.73 5.27
N HIS A 271 -39.35 -50.28 4.02
CA HIS A 271 -39.11 -48.88 3.70
C HIS A 271 -40.45 -48.15 3.65
N GLY A 272 -40.48 -46.95 3.07
CA GLY A 272 -41.63 -46.06 3.15
C GLY A 272 -42.89 -46.48 2.41
N GLY A 273 -42.91 -47.67 1.80
CA GLY A 273 -44.14 -48.13 1.17
C GLY A 273 -45.13 -48.70 2.17
N TYR A 274 -46.41 -48.61 1.81
CA TYR A 274 -47.50 -49.10 2.66
C TYR A 274 -48.41 -49.98 1.81
N LEU A 275 -48.32 -51.29 2.03
CA LEU A 275 -49.13 -52.24 1.27
C LEU A 275 -50.57 -52.20 1.75
N LEU A 276 -51.49 -51.85 0.84
CA LEU A 276 -52.90 -51.82 1.17
C LEU A 276 -53.49 -53.22 1.15
N GLN A 277 -54.27 -53.55 2.17
CA GLN A 277 -54.80 -54.89 2.35
C GLN A 277 -56.29 -54.83 2.67
N GLY A 278 -57.07 -55.60 1.92
CA GLY A 278 -58.48 -55.80 2.23
C GLY A 278 -59.38 -54.59 2.04
N LYS A 279 -59.86 -54.03 3.16
CA LYS A 279 -60.79 -52.92 3.11
C LYS A 279 -60.14 -51.64 2.60
N GLU A 280 -58.85 -51.45 2.89
CA GLU A 280 -58.16 -50.24 2.48
C GLU A 280 -57.89 -50.19 0.98
N LEU A 281 -57.86 -51.35 0.31
CA LEU A 281 -57.65 -51.36 -1.13
C LEU A 281 -58.86 -50.82 -1.88
N LYS A 282 -60.06 -51.24 -1.47
CA LYS A 282 -61.27 -50.71 -2.11
C LYS A 282 -61.61 -49.31 -1.61
N ALA A 283 -61.11 -48.91 -0.45
CA ALA A 283 -61.39 -47.58 0.09
C ALA A 283 -60.65 -46.48 -0.66
N VAL A 284 -59.61 -46.82 -1.42
CA VAL A 284 -58.86 -45.85 -2.22
C VAL A 284 -59.18 -45.94 -3.70
N GLN A 285 -59.82 -47.00 -4.17
CA GLN A 285 -60.14 -47.12 -5.59
C GLN A 285 -61.34 -46.25 -5.98
N ASP A 286 -62.16 -45.84 -5.02
CA ASP A 286 -63.29 -44.96 -5.30
C ASP A 286 -62.99 -43.51 -4.98
N VAL A 287 -61.74 -43.19 -4.65
CA VAL A 287 -61.32 -41.81 -4.43
C VAL A 287 -60.43 -41.29 -5.56
N ILE A 288 -59.92 -42.16 -6.43
CA ILE A 288 -59.06 -41.73 -7.52
C ILE A 288 -59.88 -41.39 -8.77
N LEU A 289 -60.80 -42.26 -9.16
CA LEU A 289 -61.70 -41.99 -10.28
C LEU A 289 -62.98 -41.38 -9.74
N LYS A 290 -63.20 -40.09 -10.04
CA LYS A 290 -64.38 -39.41 -9.53
C LYS A 290 -65.60 -39.69 -10.39
N ASN A 291 -65.55 -39.29 -11.66
CA ASN A 291 -66.63 -39.50 -12.62
C ASN A 291 -66.09 -40.17 -13.88
N GLY A 292 -65.28 -41.20 -13.69
CA GLY A 292 -64.55 -41.80 -14.78
C GLY A 292 -63.28 -41.07 -15.15
N ALA A 293 -62.89 -40.05 -14.40
CA ALA A 293 -61.67 -39.29 -14.63
C ALA A 293 -60.95 -39.08 -13.31
N LEU A 294 -59.68 -38.72 -13.40
CA LEU A 294 -58.84 -38.47 -12.22
C LEU A 294 -59.28 -37.18 -11.55
N ASN A 295 -59.60 -37.26 -10.27
CA ASN A 295 -60.04 -36.08 -9.53
C ASN A 295 -58.85 -35.21 -9.17
N ALA A 296 -59.07 -33.90 -9.14
CA ALA A 296 -58.02 -32.93 -8.86
C ALA A 296 -57.78 -32.70 -7.38
N ALA A 297 -58.35 -33.54 -6.50
CA ALA A 297 -58.15 -33.39 -5.07
C ALA A 297 -56.99 -34.21 -4.53
N ILE A 298 -56.52 -35.20 -5.28
CA ILE A 298 -55.40 -36.05 -4.87
C ILE A 298 -54.16 -35.81 -5.72
N VAL A 299 -54.24 -34.95 -6.73
CA VAL A 299 -53.13 -34.73 -7.65
C VAL A 299 -52.05 -33.95 -6.91
N GLY A 300 -50.94 -34.62 -6.59
CA GLY A 300 -49.81 -33.99 -5.96
C GLY A 300 -49.87 -33.89 -4.46
N GLN A 301 -50.89 -34.43 -3.83
CA GLN A 301 -50.97 -34.41 -2.38
C GLN A 301 -50.05 -35.50 -1.80
N PRO A 302 -49.58 -35.33 -0.56
CA PRO A 302 -48.77 -36.38 0.06
C PRO A 302 -49.56 -37.66 0.33
N ALA A 303 -48.81 -38.70 0.69
CA ALA A 303 -49.40 -40.04 0.81
C ALA A 303 -50.30 -40.18 2.03
N TYR A 304 -50.14 -39.33 3.04
CA TYR A 304 -50.99 -39.38 4.22
C TYR A 304 -52.27 -38.59 4.06
N LYS A 305 -52.34 -37.68 3.09
CA LYS A 305 -53.57 -36.96 2.81
C LYS A 305 -54.49 -37.69 1.85
N ILE A 306 -53.94 -38.59 1.02
CA ILE A 306 -54.77 -39.43 0.18
C ILE A 306 -55.49 -40.47 1.01
N ALA A 307 -54.79 -41.05 2.00
CA ALA A 307 -55.42 -42.00 2.90
C ALA A 307 -56.40 -41.32 3.84
N GLU A 308 -56.13 -40.06 4.22
CA GLU A 308 -57.07 -39.30 5.03
C GLU A 308 -58.32 -38.96 4.23
N LEU A 309 -58.17 -38.71 2.93
CA LEU A 309 -59.32 -38.50 2.07
C LEU A 309 -60.06 -39.80 1.77
N ALA A 310 -59.43 -40.95 1.97
CA ALA A 310 -60.06 -42.23 1.71
C ALA A 310 -60.87 -42.74 2.90
N GLY A 311 -60.47 -42.42 4.12
CA GLY A 311 -61.25 -42.82 5.28
C GLY A 311 -60.51 -43.66 6.31
N PHE A 312 -59.18 -43.56 6.33
CA PHE A 312 -58.37 -44.18 7.36
C PHE A 312 -57.11 -43.34 7.57
N SER A 313 -56.14 -43.90 8.27
CA SER A 313 -54.92 -43.15 8.60
C SER A 313 -53.71 -44.05 8.50
N VAL A 314 -52.76 -43.65 7.66
CA VAL A 314 -51.45 -44.29 7.57
C VAL A 314 -50.52 -43.51 8.49
N PRO A 315 -49.31 -44.01 8.81
CA PRO A 315 -48.33 -43.17 9.50
C PRO A 315 -47.93 -41.97 8.66
N GLU A 316 -47.49 -40.91 9.34
CA GLU A 316 -47.25 -39.62 8.69
C GLU A 316 -46.00 -39.62 7.82
N ASN A 317 -45.09 -40.58 8.01
CA ASN A 317 -43.85 -40.62 7.24
C ASN A 317 -43.89 -41.65 6.13
N THR A 318 -45.02 -42.30 5.90
CA THR A 318 -45.17 -43.19 4.75
C THR A 318 -45.24 -42.36 3.47
N LYS A 319 -44.72 -42.94 2.39
CA LYS A 319 -44.54 -42.18 1.16
C LYS A 319 -45.23 -42.76 -0.06
N ILE A 320 -45.47 -44.06 -0.12
CA ILE A 320 -46.04 -44.71 -1.30
C ILE A 320 -47.18 -45.62 -0.86
N LEU A 321 -48.35 -45.43 -1.46
CA LEU A 321 -49.51 -46.30 -1.24
C LEU A 321 -49.50 -47.38 -2.31
N ILE A 322 -49.29 -48.63 -1.89
CA ILE A 322 -49.18 -49.76 -2.82
C ILE A 322 -50.47 -50.57 -2.77
N GLY A 323 -51.08 -50.76 -3.93
CA GLY A 323 -52.23 -51.64 -4.04
C GLY A 323 -51.97 -52.80 -4.98
N GLU A 324 -52.01 -54.02 -4.46
CA GLU A 324 -51.73 -55.22 -5.25
C GLU A 324 -53.00 -55.61 -5.99
N VAL A 325 -53.04 -55.34 -7.30
CA VAL A 325 -54.21 -55.60 -8.11
C VAL A 325 -53.89 -56.71 -9.09
N THR A 326 -54.92 -57.17 -9.80
CA THR A 326 -54.82 -58.32 -10.69
C THR A 326 -55.21 -58.03 -12.13
N VAL A 327 -56.25 -57.27 -12.36
CA VAL A 327 -56.80 -57.08 -13.71
C VAL A 327 -56.11 -55.90 -14.38
N VAL A 328 -55.93 -56.02 -15.70
CA VAL A 328 -55.40 -54.94 -16.53
C VAL A 328 -56.53 -54.48 -17.46
N ASP A 329 -57.27 -53.47 -17.04
CA ASP A 329 -58.48 -53.06 -17.74
C ASP A 329 -58.81 -51.63 -17.33
N GLU A 330 -59.83 -51.07 -17.99
CA GLU A 330 -60.36 -49.76 -17.61
C GLU A 330 -61.27 -49.83 -16.39
N SER A 331 -61.67 -51.03 -15.98
CA SER A 331 -62.49 -51.16 -14.77
C SER A 331 -61.66 -50.96 -13.51
N GLU A 332 -60.38 -51.32 -13.55
CA GLU A 332 -59.51 -51.13 -12.39
C GLU A 332 -59.00 -49.70 -12.36
N PRO A 333 -59.24 -48.95 -11.29
CA PRO A 333 -58.76 -47.55 -11.25
C PRO A 333 -57.26 -47.43 -11.03
N PHE A 334 -56.58 -48.48 -10.58
CA PHE A 334 -55.15 -48.42 -10.34
C PHE A 334 -54.32 -48.62 -11.61
N ALA A 335 -54.96 -48.90 -12.74
CA ALA A 335 -54.26 -49.02 -14.01
C ALA A 335 -54.24 -47.72 -14.80
N HIS A 336 -54.60 -46.61 -14.17
CA HIS A 336 -54.66 -45.32 -14.83
C HIS A 336 -53.51 -44.43 -14.37
N GLU A 337 -53.39 -43.27 -15.00
CA GLU A 337 -52.45 -42.25 -14.56
C GLU A 337 -53.01 -41.56 -13.32
N LYS A 338 -52.20 -41.48 -12.27
CA LYS A 338 -52.67 -41.01 -10.98
C LYS A 338 -52.16 -39.64 -10.59
N LEU A 339 -50.94 -39.28 -11.01
CA LEU A 339 -50.26 -38.02 -10.67
C LEU A 339 -50.17 -37.82 -9.15
N SER A 340 -49.91 -38.90 -8.43
CA SER A 340 -49.93 -38.92 -6.98
C SER A 340 -49.06 -40.09 -6.53
N PRO A 341 -48.48 -40.03 -5.31
CA PRO A 341 -47.63 -41.14 -4.85
C PRO A 341 -48.43 -42.40 -4.52
N THR A 342 -48.91 -43.08 -5.57
CA THR A 342 -49.69 -44.30 -5.44
C THR A 342 -49.25 -45.26 -6.53
N LEU A 343 -49.09 -46.53 -6.17
CA LEU A 343 -48.53 -47.52 -7.09
C LEU A 343 -49.56 -48.61 -7.38
N ALA A 344 -49.14 -49.62 -8.13
CA ALA A 344 -49.99 -50.76 -8.47
C ALA A 344 -49.07 -51.91 -8.82
N MET A 345 -49.02 -52.94 -7.97
CA MET A 345 -48.12 -54.07 -8.17
C MET A 345 -48.85 -55.19 -8.88
N TYR A 346 -48.32 -55.60 -10.03
CA TYR A 346 -48.82 -56.77 -10.76
C TYR A 346 -47.81 -57.90 -10.63
N ARG A 347 -48.31 -59.12 -10.80
CA ARG A 347 -47.50 -60.33 -10.70
C ARG A 347 -47.54 -61.06 -12.03
N ALA A 348 -46.37 -61.45 -12.52
CA ALA A 348 -46.24 -62.21 -13.74
C ALA A 348 -45.47 -63.50 -13.46
N LYS A 349 -45.67 -64.50 -14.31
CA LYS A 349 -45.05 -65.80 -14.14
C LYS A 349 -43.73 -65.94 -14.88
N ASP A 350 -43.41 -65.02 -15.78
CA ASP A 350 -42.19 -65.09 -16.56
C ASP A 350 -41.80 -63.69 -17.01
N PHE A 351 -40.61 -63.58 -17.61
CA PHE A 351 -40.19 -62.30 -18.17
C PHE A 351 -41.01 -61.96 -19.42
N GLU A 352 -41.22 -62.94 -20.29
CA GLU A 352 -41.99 -62.71 -21.51
C GLU A 352 -43.48 -62.53 -21.26
N ASP A 353 -43.96 -62.90 -20.07
CA ASP A 353 -45.32 -62.56 -19.65
C ASP A 353 -45.37 -61.17 -19.02
N ALA A 354 -44.26 -60.71 -18.42
CA ALA A 354 -44.23 -59.39 -17.83
C ALA A 354 -44.24 -58.29 -18.88
N VAL A 355 -43.62 -58.53 -20.03
CA VAL A 355 -43.67 -57.56 -21.12
C VAL A 355 -45.06 -57.55 -21.74
N GLU A 356 -45.76 -58.69 -21.71
CA GLU A 356 -47.12 -58.76 -22.24
C GLU A 356 -48.09 -57.95 -21.40
N LYS A 357 -47.95 -57.99 -20.08
CA LYS A 357 -48.77 -57.15 -19.21
C LYS A 357 -48.38 -55.69 -19.33
N ALA A 358 -47.11 -55.41 -19.61
CA ALA A 358 -46.68 -54.03 -19.79
C ALA A 358 -47.16 -53.46 -21.12
N GLU A 359 -47.39 -54.32 -22.12
CA GLU A 359 -47.93 -53.85 -23.39
C GLU A 359 -49.39 -53.44 -23.26
N LYS A 360 -50.13 -54.03 -22.33
CA LYS A 360 -51.50 -53.63 -22.08
C LYS A 360 -51.61 -52.47 -21.11
N LEU A 361 -50.52 -52.11 -20.42
CA LEU A 361 -50.53 -50.97 -19.51
C LEU A 361 -50.17 -49.66 -20.19
N VAL A 362 -49.62 -49.71 -21.41
CA VAL A 362 -49.41 -48.51 -22.21
C VAL A 362 -50.59 -48.35 -23.17
N ALA A 363 -51.64 -49.15 -22.97
CA ALA A 363 -52.82 -49.03 -23.79
C ALA A 363 -53.85 -48.06 -23.23
N MET A 364 -54.01 -48.02 -21.89
CA MET A 364 -55.05 -47.17 -21.31
C MET A 364 -54.64 -45.70 -21.29
N GLY A 365 -53.58 -45.37 -20.55
CA GLY A 365 -53.16 -43.99 -20.47
C GLY A 365 -51.81 -43.72 -21.10
N GLY A 366 -51.82 -43.14 -22.29
CA GLY A 366 -50.58 -42.78 -22.96
C GLY A 366 -50.07 -43.92 -23.81
N ILE A 367 -50.08 -43.76 -25.13
CA ILE A 367 -49.79 -44.88 -26.00
C ILE A 367 -48.29 -45.04 -26.23
N GLY A 368 -47.57 -43.93 -26.38
CA GLY A 368 -46.15 -44.03 -26.66
C GLY A 368 -45.27 -43.16 -25.79
N HIS A 369 -45.59 -43.03 -24.50
CA HIS A 369 -44.88 -42.05 -23.68
C HIS A 369 -43.55 -42.59 -23.16
N THR A 370 -43.59 -43.59 -22.27
CA THR A 370 -42.42 -44.04 -21.53
C THR A 370 -42.69 -45.37 -20.85
N SER A 371 -41.81 -46.36 -21.03
CA SER A 371 -41.79 -47.56 -20.21
C SER A 371 -40.44 -47.63 -19.49
N CYS A 372 -40.27 -48.70 -18.70
CA CYS A 372 -39.05 -48.87 -17.94
C CYS A 372 -38.81 -50.35 -17.69
N LEU A 373 -37.56 -50.68 -17.35
CA LEU A 373 -37.16 -52.07 -17.14
C LEU A 373 -35.94 -52.08 -16.23
N TYR A 374 -35.95 -52.97 -15.23
CA TYR A 374 -34.82 -53.15 -14.31
C TYR A 374 -34.24 -54.54 -14.52
N THR A 375 -33.01 -54.59 -15.02
CA THR A 375 -32.25 -55.83 -15.16
C THR A 375 -30.78 -55.45 -15.28
N ASP A 376 -29.92 -56.46 -15.19
CA ASP A 376 -28.48 -56.25 -15.39
C ASP A 376 -28.24 -56.09 -16.89
N GLN A 377 -27.85 -54.87 -17.31
CA GLN A 377 -27.78 -54.53 -18.72
C GLN A 377 -26.53 -55.05 -19.41
N ASP A 378 -25.62 -55.69 -18.69
CA ASP A 378 -24.41 -56.24 -19.26
C ASP A 378 -24.52 -57.74 -19.51
N ASN A 379 -25.02 -58.49 -18.53
CA ASN A 379 -25.12 -59.94 -18.65
C ASN A 379 -26.32 -60.38 -19.46
N GLN A 380 -27.31 -59.52 -19.66
CA GLN A 380 -28.53 -59.85 -20.40
C GLN A 380 -28.71 -58.87 -21.55
N PRO A 381 -28.01 -59.07 -22.68
CA PRO A 381 -28.25 -58.21 -23.84
C PRO A 381 -29.40 -58.67 -24.72
N ALA A 382 -29.90 -59.90 -24.52
CA ALA A 382 -31.04 -60.38 -25.29
C ALA A 382 -32.37 -59.91 -24.74
N ARG A 383 -32.44 -59.60 -23.44
CA ARG A 383 -33.66 -59.11 -22.84
C ARG A 383 -33.84 -57.61 -23.01
N VAL A 384 -32.74 -56.86 -23.16
CA VAL A 384 -32.85 -55.43 -23.40
C VAL A 384 -33.17 -55.10 -24.85
N SER A 385 -33.05 -56.07 -25.75
CA SER A 385 -33.47 -55.90 -27.14
C SER A 385 -34.86 -56.44 -27.41
N TYR A 386 -35.27 -57.48 -26.67
CA TYR A 386 -36.65 -57.95 -26.76
C TYR A 386 -37.62 -56.97 -26.11
N PHE A 387 -37.18 -56.29 -25.04
CA PHE A 387 -38.03 -55.28 -24.42
C PHE A 387 -38.10 -54.02 -25.26
N GLY A 388 -37.03 -53.70 -25.99
CA GLY A 388 -37.05 -52.54 -26.88
C GLY A 388 -37.82 -52.75 -28.16
N GLN A 389 -38.01 -54.01 -28.56
CA GLN A 389 -38.77 -54.32 -29.77
C GLN A 389 -40.27 -54.44 -29.51
N LYS A 390 -40.66 -54.82 -28.30
CA LYS A 390 -42.06 -55.04 -27.97
C LYS A 390 -42.76 -53.77 -27.50
N MET A 391 -42.13 -52.99 -26.64
CA MET A 391 -42.77 -51.81 -26.08
C MET A 391 -42.83 -50.68 -27.10
N LYS A 392 -44.03 -50.18 -27.34
CA LYS A 392 -44.25 -49.13 -28.34
C LYS A 392 -44.32 -47.76 -27.65
N THR A 393 -43.19 -47.37 -27.07
CA THR A 393 -43.05 -46.06 -26.45
C THR A 393 -42.03 -45.22 -27.22
N ALA A 394 -41.75 -44.03 -26.70
CA ALA A 394 -40.76 -43.14 -27.32
C ALA A 394 -39.38 -43.28 -26.70
N ARG A 395 -39.30 -43.58 -25.41
CA ARG A 395 -38.02 -43.75 -24.74
C ARG A 395 -38.10 -44.99 -23.84
N ILE A 396 -37.05 -45.81 -23.89
CA ILE A 396 -36.96 -47.03 -23.10
C ILE A 396 -35.87 -46.82 -22.06
N LEU A 397 -36.25 -46.76 -20.79
CA LEU A 397 -35.30 -46.55 -19.71
C LEU A 397 -34.93 -47.89 -19.08
N ILE A 398 -33.63 -48.08 -18.85
CA ILE A 398 -33.11 -49.32 -18.27
C ILE A 398 -32.33 -48.97 -17.03
N ASN A 399 -32.74 -49.56 -15.89
CA ASN A 399 -32.15 -49.33 -14.56
C ASN A 399 -32.16 -47.85 -14.19
N THR A 400 -33.27 -47.18 -14.47
CA THR A 400 -33.30 -45.74 -14.32
C THR A 400 -34.59 -45.32 -13.63
N PRO A 401 -34.51 -44.42 -12.65
CA PRO A 401 -35.74 -43.80 -12.12
C PRO A 401 -36.39 -42.94 -13.19
N ALA A 402 -37.68 -43.17 -13.41
CA ALA A 402 -38.34 -42.63 -14.59
C ALA A 402 -38.61 -41.14 -14.51
N SER A 403 -38.66 -40.56 -13.31
CA SER A 403 -38.85 -39.12 -13.20
C SER A 403 -37.58 -38.37 -13.56
N GLN A 404 -36.44 -38.78 -12.99
CA GLN A 404 -35.17 -38.19 -13.35
C GLN A 404 -34.62 -38.72 -14.66
N GLY A 405 -35.13 -39.84 -15.17
CA GLY A 405 -34.60 -40.42 -16.37
C GLY A 405 -35.44 -40.18 -17.59
N GLY A 406 -36.71 -39.82 -17.39
CA GLY A 406 -37.55 -39.41 -18.50
C GLY A 406 -37.08 -38.10 -19.11
N ILE A 407 -36.82 -37.12 -18.26
CA ILE A 407 -36.10 -35.93 -18.70
C ILE A 407 -34.65 -36.29 -18.95
N GLY A 408 -34.00 -35.53 -19.83
CA GLY A 408 -32.68 -35.90 -20.31
C GLY A 408 -31.56 -35.42 -19.40
N ASP A 409 -30.33 -35.80 -19.80
CA ASP A 409 -29.06 -35.39 -19.22
C ASP A 409 -28.84 -35.85 -17.78
N LEU A 410 -29.74 -36.69 -17.26
CA LEU A 410 -29.56 -37.36 -15.98
C LEU A 410 -29.60 -38.86 -16.23
N TYR A 411 -28.62 -39.57 -15.64
CA TYR A 411 -28.41 -41.03 -15.70
C TYR A 411 -28.05 -41.56 -17.09
N ASN A 412 -28.08 -40.73 -18.12
CA ASN A 412 -27.79 -41.23 -19.47
C ASN A 412 -26.79 -40.38 -20.23
N PHE A 413 -26.83 -39.05 -20.08
CA PHE A 413 -25.97 -38.07 -20.76
C PHE A 413 -26.06 -38.12 -22.29
N LYS A 414 -27.13 -38.70 -22.84
CA LYS A 414 -27.33 -38.73 -24.28
C LYS A 414 -28.74 -38.35 -24.70
N LEU A 415 -29.74 -38.49 -23.82
CA LEU A 415 -31.06 -37.94 -24.09
C LEU A 415 -30.99 -36.42 -24.05
N ALA A 416 -31.76 -35.78 -24.93
CA ALA A 416 -31.82 -34.33 -24.93
C ALA A 416 -32.64 -33.86 -23.74
N PRO A 417 -32.13 -32.94 -22.92
CA PRO A 417 -32.88 -32.49 -21.75
C PRO A 417 -34.04 -31.59 -22.14
N SER A 418 -35.24 -31.98 -21.70
CA SER A 418 -36.45 -31.22 -21.96
C SER A 418 -37.50 -31.64 -20.94
N LEU A 419 -38.48 -30.77 -20.73
CA LEU A 419 -39.59 -31.05 -19.82
C LEU A 419 -40.89 -31.28 -20.58
N THR A 420 -40.86 -31.29 -21.91
CA THR A 420 -42.00 -31.62 -22.76
C THR A 420 -41.63 -32.88 -23.53
N LEU A 421 -42.08 -34.04 -23.04
CA LEU A 421 -41.69 -35.32 -23.59
C LEU A 421 -42.70 -35.79 -24.62
N GLY A 422 -42.26 -35.97 -25.87
CA GLY A 422 -43.15 -36.39 -26.93
C GLY A 422 -43.50 -37.87 -26.86
N CYS A 423 -44.59 -38.22 -27.54
CA CYS A 423 -45.05 -39.60 -27.58
C CYS A 423 -45.23 -40.12 -29.00
N GLY A 424 -45.02 -39.29 -30.02
CA GLY A 424 -45.16 -39.75 -31.39
C GLY A 424 -46.61 -39.89 -31.82
N SER A 425 -46.78 -40.46 -33.01
CA SER A 425 -48.10 -40.65 -33.60
C SER A 425 -48.91 -41.76 -32.94
N TRP A 426 -48.31 -42.51 -32.01
CA TRP A 426 -49.08 -43.43 -31.18
C TRP A 426 -50.06 -42.67 -30.30
N GLY A 427 -49.58 -41.63 -29.62
CA GLY A 427 -50.39 -40.77 -28.79
C GLY A 427 -50.94 -39.54 -29.50
N GLY A 428 -50.80 -39.47 -30.81
CA GLY A 428 -51.32 -38.32 -31.55
C GLY A 428 -50.39 -37.13 -31.56
N ASN A 429 -49.08 -37.35 -31.63
CA ASN A 429 -48.10 -36.28 -31.68
C ASN A 429 -47.25 -36.44 -32.94
N SER A 430 -46.38 -35.46 -33.18
CA SER A 430 -45.61 -35.43 -34.41
C SER A 430 -44.11 -35.22 -34.15
N ILE A 431 -43.61 -35.71 -33.03
CA ILE A 431 -42.22 -35.50 -32.67
C ILE A 431 -41.51 -36.82 -32.39
N SER A 432 -42.07 -37.60 -31.46
CA SER A 432 -41.49 -38.86 -30.95
C SER A 432 -40.08 -38.65 -30.40
N GLU A 433 -39.87 -37.53 -29.72
CA GLU A 433 -38.56 -37.17 -29.21
C GLU A 433 -38.75 -36.19 -28.06
N ASN A 434 -37.64 -35.69 -27.53
CA ASN A 434 -37.66 -34.59 -26.58
C ASN A 434 -37.49 -33.29 -27.34
N VAL A 435 -38.38 -32.33 -27.09
CA VAL A 435 -38.41 -31.10 -27.87
C VAL A 435 -37.24 -30.22 -27.47
N GLY A 436 -36.42 -29.84 -28.46
CA GLY A 436 -35.33 -28.93 -28.24
C GLY A 436 -35.40 -27.75 -29.19
N PRO A 437 -34.31 -26.99 -29.30
CA PRO A 437 -34.30 -25.86 -30.24
C PRO A 437 -34.19 -26.26 -31.70
N LYS A 438 -33.98 -27.55 -32.00
CA LYS A 438 -33.88 -28.00 -33.39
C LYS A 438 -35.23 -28.24 -34.03
N HIS A 439 -36.33 -28.11 -33.29
CA HIS A 439 -37.67 -28.30 -33.82
C HIS A 439 -38.34 -26.98 -34.21
N LEU A 440 -37.68 -25.85 -33.96
CA LEU A 440 -38.22 -24.52 -34.20
C LEU A 440 -37.29 -23.71 -35.08
N ILE A 441 -36.87 -24.29 -36.21
CA ILE A 441 -35.77 -23.74 -37.00
C ILE A 441 -36.24 -23.34 -38.40
N ASN A 442 -36.98 -24.22 -39.09
CA ASN A 442 -37.38 -24.05 -40.49
C ASN A 442 -36.15 -23.87 -41.38
N LYS A 443 -35.39 -24.98 -41.50
CA LYS A 443 -34.16 -25.01 -42.30
C LYS A 443 -34.43 -24.64 -43.75
N LYS A 444 -33.59 -23.76 -44.28
CA LYS A 444 -33.70 -23.25 -45.63
C LYS A 444 -32.42 -23.57 -46.38
N THR A 445 -32.53 -24.20 -47.53
CA THR A 445 -31.38 -24.67 -48.28
C THR A 445 -31.18 -23.84 -49.53
N VAL A 446 -29.93 -23.69 -49.94
CA VAL A 446 -29.55 -22.93 -51.13
C VAL A 446 -28.83 -23.91 -52.05
N ALA A 447 -29.50 -24.31 -53.12
CA ALA A 447 -29.00 -25.33 -54.02
C ALA A 447 -28.46 -24.69 -55.29
N LYS A 448 -27.16 -24.80 -55.51
CA LYS A 448 -26.55 -24.33 -56.74
C LYS A 448 -26.49 -25.45 -57.77
N ARG A 449 -26.32 -25.07 -59.03
CA ARG A 449 -26.34 -26.02 -60.13
C ARG A 449 -25.04 -26.81 -60.18
N ALA A 450 -25.17 -28.13 -60.34
CA ALA A 450 -24.03 -29.00 -60.58
C ALA A 450 -24.31 -29.80 -61.84
N GLU A 451 -23.26 -30.42 -62.39
CA GLU A 451 -23.35 -31.15 -63.63
C GLU A 451 -23.22 -32.65 -63.39
N ASN A 452 -23.90 -33.43 -64.23
CA ASN A 452 -23.86 -34.88 -64.13
C ASN A 452 -22.49 -35.41 -64.49
N MET A 453 -22.02 -36.38 -63.70
CA MET A 453 -20.72 -36.99 -63.94
C MET A 453 -20.73 -37.80 -65.22
N LEU A 454 -19.83 -37.46 -66.14
CA LEU A 454 -19.67 -38.20 -67.38
C LEU A 454 -18.51 -39.18 -67.25
N TRP A 455 -18.23 -39.91 -68.31
CA TRP A 455 -17.26 -40.98 -68.27
C TRP A 455 -16.70 -41.23 -69.66
N HIS A 456 -15.70 -42.10 -69.72
CA HIS A 456 -15.15 -42.58 -70.98
C HIS A 456 -14.71 -44.03 -70.74
N LYS A 457 -15.60 -44.97 -71.02
CA LYS A 457 -15.40 -46.37 -70.71
C LYS A 457 -15.24 -47.16 -71.99
N LEU A 458 -14.16 -47.94 -72.06
CA LEU A 458 -13.77 -48.71 -73.23
C LEU A 458 -13.37 -50.11 -72.79
N PRO A 459 -13.18 -51.04 -73.72
CA PRO A 459 -12.52 -52.30 -73.37
C PRO A 459 -11.08 -52.08 -72.94
N LYS A 460 -10.53 -53.10 -72.27
CA LYS A 460 -9.19 -53.00 -71.71
C LYS A 460 -8.12 -53.02 -72.79
N SER A 461 -8.40 -53.63 -73.94
CA SER A 461 -7.44 -53.69 -75.03
C SER A 461 -8.18 -53.73 -76.36
N ILE A 462 -7.87 -52.78 -77.24
CA ILE A 462 -8.48 -52.71 -78.56
C ILE A 462 -7.34 -52.93 -79.56
N TYR A 463 -7.12 -54.18 -79.95
CA TYR A 463 -6.06 -54.53 -80.88
C TYR A 463 -6.55 -54.39 -82.31
N PHE A 464 -5.72 -53.77 -83.15
CA PHE A 464 -6.12 -53.50 -84.53
C PHE A 464 -4.89 -53.34 -85.41
N ARG A 465 -4.84 -54.11 -86.49
CA ARG A 465 -4.09 -53.83 -87.71
C ARG A 465 -4.61 -54.75 -88.81
N ARG A 466 -3.83 -54.87 -89.89
CA ARG A 466 -4.26 -55.63 -91.07
C ARG A 466 -4.40 -57.12 -90.76
N GLY A 467 -3.44 -57.69 -90.05
CA GLY A 467 -3.46 -59.12 -89.82
C GLY A 467 -3.25 -59.56 -88.40
N SER A 468 -3.72 -58.77 -87.43
CA SER A 468 -3.46 -59.08 -86.03
C SER A 468 -4.58 -59.90 -85.40
N LEU A 469 -5.00 -60.97 -86.07
CA LEU A 469 -5.85 -61.96 -85.41
C LEU A 469 -5.05 -63.00 -84.60
N PRO A 470 -4.00 -63.68 -85.13
CA PRO A 470 -3.33 -64.67 -84.27
C PRO A 470 -2.35 -64.06 -83.29
N ILE A 471 -1.88 -62.84 -83.51
CA ILE A 471 -0.99 -62.21 -82.55
C ILE A 471 -1.76 -61.74 -81.33
N ALA A 472 -3.05 -61.40 -81.49
CA ALA A 472 -3.88 -61.04 -80.36
C ALA A 472 -4.44 -62.27 -79.65
N LEU A 473 -4.61 -63.38 -80.38
CA LEU A 473 -5.07 -64.62 -79.77
C LEU A 473 -3.99 -65.33 -78.97
N ASP A 474 -2.73 -64.94 -79.13
CA ASP A 474 -1.67 -65.47 -78.27
C ASP A 474 -1.65 -64.81 -76.90
N GLU A 475 -2.39 -63.72 -76.71
CA GLU A 475 -2.49 -63.11 -75.38
C GLU A 475 -3.44 -63.90 -74.49
N VAL A 476 -4.56 -64.39 -75.05
CA VAL A 476 -5.50 -65.19 -74.26
C VAL A 476 -4.99 -66.60 -74.03
N ILE A 477 -3.94 -67.02 -74.72
CA ILE A 477 -3.29 -68.29 -74.42
C ILE A 477 -2.43 -68.16 -73.17
N THR A 478 -1.63 -67.11 -73.09
CA THR A 478 -0.71 -66.90 -71.97
C THR A 478 -1.41 -66.41 -70.71
N ASP A 479 -2.70 -66.13 -70.76
CA ASP A 479 -3.44 -65.73 -69.57
C ASP A 479 -4.00 -66.91 -68.78
N GLY A 480 -3.69 -68.14 -69.20
CA GLY A 480 -4.14 -69.31 -68.49
C GLY A 480 -5.51 -69.82 -68.86
N HIS A 481 -6.10 -69.33 -69.94
CA HIS A 481 -7.41 -69.79 -70.37
C HIS A 481 -7.29 -71.15 -71.05
N LYS A 482 -8.12 -72.11 -70.60
CA LYS A 482 -8.02 -73.47 -71.08
C LYS A 482 -9.28 -73.99 -71.77
N ARG A 483 -10.43 -73.34 -71.57
CA ARG A 483 -11.68 -73.75 -72.20
C ARG A 483 -12.33 -72.52 -72.81
N ALA A 484 -12.59 -72.56 -74.11
CA ALA A 484 -13.11 -71.41 -74.84
C ALA A 484 -14.38 -71.79 -75.59
N LEU A 485 -15.31 -70.86 -75.66
CA LEU A 485 -16.55 -71.00 -76.42
C LEU A 485 -16.57 -69.92 -77.49
N ILE A 486 -16.89 -70.31 -78.72
CA ILE A 486 -16.85 -69.41 -79.88
C ILE A 486 -18.27 -69.33 -80.43
N VAL A 487 -18.85 -68.13 -80.41
CA VAL A 487 -20.19 -67.88 -80.91
C VAL A 487 -20.05 -67.23 -82.28
N THR A 488 -20.47 -67.93 -83.33
CA THR A 488 -20.36 -67.47 -84.70
C THR A 488 -21.72 -67.44 -85.37
N ASP A 489 -21.74 -66.92 -86.60
CA ASP A 489 -22.90 -67.02 -87.48
C ASP A 489 -22.83 -68.34 -88.26
N ARG A 490 -23.92 -68.66 -88.94
CA ARG A 490 -23.97 -69.90 -89.72
C ARG A 490 -23.15 -69.78 -91.00
N PHE A 491 -23.04 -68.58 -91.56
CA PHE A 491 -22.23 -68.39 -92.76
C PHE A 491 -20.74 -68.43 -92.44
N LEU A 492 -20.34 -67.85 -91.30
CA LEU A 492 -18.92 -67.77 -90.95
C LEU A 492 -18.35 -69.12 -90.54
N PHE A 493 -19.18 -70.08 -90.14
CA PHE A 493 -18.69 -71.40 -89.81
C PHE A 493 -18.50 -72.26 -91.05
N ASN A 494 -19.32 -72.05 -92.09
CA ASN A 494 -19.24 -72.80 -93.33
C ASN A 494 -18.25 -72.22 -94.33
N ASN A 495 -17.56 -71.13 -93.97
CA ASN A 495 -16.61 -70.50 -94.89
C ASN A 495 -15.22 -70.34 -94.28
N GLY A 496 -14.91 -71.11 -93.24
CA GLY A 496 -13.57 -71.11 -92.69
C GLY A 496 -13.20 -69.91 -91.84
N TYR A 497 -14.14 -69.02 -91.54
CA TYR A 497 -13.84 -67.88 -90.68
C TYR A 497 -13.70 -68.33 -89.23
N ALA A 498 -14.50 -69.30 -88.80
CA ALA A 498 -14.38 -69.85 -87.45
C ALA A 498 -13.19 -70.77 -87.31
N ASP A 499 -12.63 -71.25 -88.42
CA ASP A 499 -11.46 -72.12 -88.36
C ASP A 499 -10.15 -71.35 -88.22
N GLN A 500 -10.17 -70.03 -88.44
CA GLN A 500 -8.98 -69.22 -88.20
C GLN A 500 -8.74 -69.00 -86.72
N ILE A 501 -9.75 -69.19 -85.88
CA ILE A 501 -9.61 -69.05 -84.44
C ILE A 501 -9.33 -70.40 -83.77
N THR A 502 -10.01 -71.46 -84.22
CA THR A 502 -9.85 -72.77 -83.61
C THR A 502 -8.48 -73.37 -83.91
N SER A 503 -7.88 -73.01 -85.04
CA SER A 503 -6.57 -73.56 -85.39
C SER A 503 -5.46 -72.96 -84.53
N VAL A 504 -5.59 -71.69 -84.15
CA VAL A 504 -4.61 -71.09 -83.25
C VAL A 504 -4.85 -71.53 -81.81
N LEU A 505 -6.11 -71.73 -81.45
CA LEU A 505 -6.45 -72.08 -80.06
C LEU A 505 -6.09 -73.52 -79.74
N LYS A 506 -6.47 -74.46 -80.62
CA LYS A 506 -6.23 -75.88 -80.35
C LYS A 506 -4.77 -76.28 -80.55
N ALA A 507 -3.98 -75.47 -81.24
CA ALA A 507 -2.55 -75.77 -81.37
C ALA A 507 -1.80 -75.48 -80.08
N ALA A 508 -2.34 -74.64 -79.21
CA ALA A 508 -1.73 -74.35 -77.93
C ALA A 508 -2.30 -75.21 -76.79
N GLY A 509 -3.36 -75.97 -77.05
CA GLY A 509 -3.86 -76.93 -76.08
C GLY A 509 -5.04 -76.47 -75.25
N VAL A 510 -6.04 -75.86 -75.89
CA VAL A 510 -7.28 -75.51 -75.20
C VAL A 510 -8.43 -76.29 -75.82
N GLU A 511 -9.55 -76.33 -75.11
CA GLU A 511 -10.75 -77.02 -75.55
C GLU A 511 -11.73 -76.00 -76.11
N THR A 512 -12.04 -76.12 -77.40
CA THR A 512 -12.93 -75.20 -78.09
C THR A 512 -14.28 -75.85 -78.36
N GLU A 513 -15.28 -75.00 -78.59
CA GLU A 513 -16.63 -75.43 -78.93
C GLU A 513 -17.31 -74.28 -79.66
N VAL A 514 -17.91 -74.57 -80.81
CA VAL A 514 -18.44 -73.55 -81.70
C VAL A 514 -19.96 -73.60 -81.65
N PHE A 515 -20.58 -72.46 -81.31
CA PHE A 515 -22.02 -72.28 -81.40
C PHE A 515 -22.30 -71.39 -82.60
N PHE A 516 -22.85 -71.99 -83.66
CA PHE A 516 -22.98 -71.33 -84.96
C PHE A 516 -24.44 -71.16 -85.36
N GLU A 517 -25.34 -71.11 -84.40
CA GLU A 517 -26.78 -71.13 -84.66
C GLU A 517 -27.47 -69.82 -84.28
N VAL A 518 -26.89 -68.69 -84.69
CA VAL A 518 -27.53 -67.40 -84.53
C VAL A 518 -28.09 -66.98 -85.88
N GLU A 519 -28.95 -65.95 -85.85
CA GLU A 519 -29.63 -65.48 -87.04
C GLU A 519 -29.25 -64.03 -87.32
N ALA A 520 -29.96 -63.41 -88.28
CA ALA A 520 -29.72 -62.00 -88.59
C ALA A 520 -30.15 -61.09 -87.46
N ASP A 521 -31.18 -61.47 -86.71
CA ASP A 521 -31.58 -60.77 -85.51
C ASP A 521 -31.56 -61.75 -84.33
N PRO A 522 -30.86 -61.44 -83.25
CA PRO A 522 -30.67 -62.41 -82.17
C PRO A 522 -31.85 -62.48 -81.22
N THR A 523 -32.85 -63.29 -81.55
CA THR A 523 -34.02 -63.47 -80.68
C THR A 523 -33.63 -64.16 -79.38
N LEU A 524 -34.52 -64.05 -78.39
CA LEU A 524 -34.25 -64.59 -77.06
C LEU A 524 -34.25 -66.11 -77.04
N SER A 525 -34.87 -66.76 -78.03
CA SER A 525 -34.94 -68.22 -78.02
C SER A 525 -33.61 -68.86 -78.37
N ILE A 526 -32.79 -68.20 -79.20
CA ILE A 526 -31.51 -68.77 -79.61
C ILE A 526 -30.41 -68.27 -78.68
N VAL A 527 -30.76 -67.48 -77.68
CA VAL A 527 -29.82 -67.08 -76.64
C VAL A 527 -29.77 -68.10 -75.53
N ARG A 528 -30.93 -68.55 -75.06
CA ARG A 528 -31.00 -69.58 -74.03
C ARG A 528 -30.58 -70.95 -74.54
N LYS A 529 -30.55 -71.15 -75.86
CA LYS A 529 -29.93 -72.35 -76.40
C LYS A 529 -28.41 -72.31 -76.23
N GLY A 530 -27.80 -71.17 -76.51
CA GLY A 530 -26.37 -71.04 -76.32
C GLY A 530 -25.98 -70.95 -74.86
N ALA A 531 -26.88 -70.41 -74.02
CA ALA A 531 -26.61 -70.40 -72.58
C ALA A 531 -26.73 -71.79 -71.98
N GLU A 532 -27.56 -72.65 -72.57
CA GLU A 532 -27.61 -74.05 -72.15
C GLU A 532 -26.34 -74.79 -72.58
N LEU A 533 -25.79 -74.43 -73.74
CA LEU A 533 -24.52 -75.00 -74.16
C LEU A 533 -23.36 -74.49 -73.31
N ALA A 534 -23.50 -73.29 -72.74
CA ALA A 534 -22.42 -72.67 -71.99
C ALA A 534 -22.18 -73.39 -70.66
N ASN A 535 -23.22 -73.53 -69.84
CA ASN A 535 -23.05 -74.14 -68.53
C ASN A 535 -22.95 -75.67 -68.59
N SER A 536 -23.16 -76.28 -69.76
CA SER A 536 -22.84 -77.69 -69.94
C SER A 536 -21.41 -77.91 -70.41
N PHE A 537 -20.77 -76.88 -70.95
CA PHE A 537 -19.38 -76.93 -71.38
C PHE A 537 -18.44 -76.24 -70.40
N LYS A 538 -18.93 -75.23 -69.68
CA LYS A 538 -18.21 -74.41 -68.70
C LYS A 538 -16.94 -73.79 -69.26
N PRO A 539 -17.03 -72.81 -70.14
CA PRO A 539 -15.82 -72.21 -70.72
C PRO A 539 -15.24 -71.14 -69.80
N ASP A 540 -14.06 -70.66 -70.18
CA ASP A 540 -13.40 -69.57 -69.48
C ASP A 540 -13.30 -68.29 -70.32
N VAL A 541 -13.52 -68.38 -71.63
CA VAL A 541 -13.43 -67.23 -72.53
C VAL A 541 -14.51 -67.42 -73.59
N ILE A 542 -15.28 -66.36 -73.85
CA ILE A 542 -16.32 -66.38 -74.88
C ILE A 542 -15.86 -65.48 -76.00
N ILE A 543 -15.57 -66.07 -77.16
CA ILE A 543 -15.13 -65.34 -78.34
C ILE A 543 -16.35 -65.11 -79.23
N ALA A 544 -16.68 -63.83 -79.45
CA ALA A 544 -17.85 -63.45 -80.22
C ALA A 544 -17.41 -63.07 -81.64
N LEU A 545 -17.14 -64.10 -82.45
CA LEU A 545 -16.77 -63.87 -83.84
C LEU A 545 -18.02 -63.54 -84.65
N GLY A 546 -18.00 -62.40 -85.32
CA GLY A 546 -19.14 -61.94 -86.08
C GLY A 546 -19.21 -60.43 -86.07
N GLY A 547 -20.09 -59.90 -86.91
CA GLY A 547 -20.19 -58.47 -87.05
C GLY A 547 -21.23 -57.80 -86.17
N GLY A 548 -22.47 -58.27 -86.25
CA GLY A 548 -23.54 -57.70 -85.46
C GLY A 548 -24.14 -58.68 -84.47
N SER A 549 -25.29 -59.25 -84.85
CA SER A 549 -26.06 -60.25 -84.11
C SER A 549 -25.29 -61.45 -83.53
N PRO A 550 -24.18 -61.95 -84.11
CA PRO A 550 -23.37 -62.91 -83.35
C PRO A 550 -22.72 -62.34 -82.10
N MET A 551 -22.49 -61.02 -82.05
CA MET A 551 -21.90 -60.42 -80.86
C MET A 551 -22.93 -60.03 -79.82
N ASP A 552 -24.14 -59.65 -80.25
CA ASP A 552 -25.18 -59.29 -79.30
C ASP A 552 -25.76 -60.52 -78.62
N ALA A 553 -25.83 -61.64 -79.33
CA ALA A 553 -26.29 -62.89 -78.72
C ALA A 553 -25.25 -63.48 -77.78
N ALA A 554 -23.97 -63.13 -77.97
CA ALA A 554 -22.94 -63.64 -77.08
C ALA A 554 -22.84 -62.84 -75.80
N LYS A 555 -23.19 -61.56 -75.84
CA LYS A 555 -23.18 -60.74 -74.63
C LYS A 555 -24.27 -61.14 -73.66
N ILE A 556 -25.44 -61.55 -74.19
CA ILE A 556 -26.56 -61.90 -73.32
C ILE A 556 -26.42 -63.31 -72.78
N MET A 557 -25.88 -64.22 -73.60
CA MET A 557 -25.54 -65.54 -73.07
C MET A 557 -24.29 -65.52 -72.20
N TRP A 558 -23.56 -64.41 -72.17
CA TRP A 558 -22.55 -64.20 -71.13
C TRP A 558 -23.20 -63.86 -69.81
N VAL A 559 -24.37 -63.20 -69.84
CA VAL A 559 -25.08 -62.89 -68.61
C VAL A 559 -25.73 -64.13 -68.03
N MET A 560 -26.45 -64.89 -68.86
CA MET A 560 -27.19 -66.05 -68.39
C MET A 560 -26.30 -67.25 -68.10
N TYR A 561 -25.02 -67.20 -68.48
CA TYR A 561 -24.06 -68.17 -67.99
C TYR A 561 -23.42 -67.73 -66.68
N GLU A 562 -23.21 -66.44 -66.49
CA GLU A 562 -22.63 -65.91 -65.27
C GLU A 562 -23.65 -65.93 -64.13
N HIS A 563 -24.86 -65.43 -64.39
CA HIS A 563 -25.94 -65.40 -63.42
C HIS A 563 -27.19 -65.97 -64.07
N PRO A 564 -27.47 -67.27 -63.86
CA PRO A 564 -28.52 -67.95 -64.64
C PRO A 564 -29.93 -67.74 -64.13
N GLU A 565 -30.15 -66.82 -63.19
CA GLU A 565 -31.48 -66.57 -62.67
C GLU A 565 -32.00 -65.17 -63.04
N THR A 566 -31.30 -64.48 -63.93
CA THR A 566 -31.72 -63.14 -64.34
C THR A 566 -32.91 -63.21 -65.29
N HIS A 567 -33.80 -62.24 -65.16
CA HIS A 567 -35.00 -62.15 -65.99
C HIS A 567 -34.75 -61.17 -67.13
N PHE A 568 -35.25 -61.51 -68.32
CA PHE A 568 -35.12 -60.61 -69.46
C PHE A 568 -36.05 -59.41 -69.33
N GLU A 569 -37.14 -59.54 -68.58
CA GLU A 569 -38.08 -58.45 -68.38
C GLU A 569 -37.52 -57.34 -67.50
N GLU A 570 -36.44 -57.60 -66.77
CA GLU A 570 -35.78 -56.59 -65.95
C GLU A 570 -34.54 -56.01 -66.63
N LEU A 571 -33.94 -56.73 -67.57
CA LEU A 571 -32.85 -56.17 -68.35
C LEU A 571 -33.35 -55.13 -69.33
N ALA A 572 -34.55 -55.33 -69.87
CA ALA A 572 -35.12 -54.46 -70.89
C ALA A 572 -35.92 -53.30 -70.32
N LEU A 573 -35.81 -53.05 -69.01
CA LEU A 573 -36.52 -51.92 -68.43
C LEU A 573 -35.82 -50.62 -68.78
N ARG A 574 -36.58 -49.66 -69.29
CA ARG A 574 -36.02 -48.40 -69.76
C ARG A 574 -35.71 -47.52 -68.56
N PHE A 575 -34.45 -47.10 -68.42
CA PHE A 575 -34.07 -46.20 -67.35
C PHE A 575 -34.20 -44.75 -67.79
N MET A 576 -34.08 -43.85 -66.82
CA MET A 576 -33.96 -42.43 -67.10
C MET A 576 -32.51 -41.97 -67.11
N ASP A 577 -31.64 -42.65 -66.36
CA ASP A 577 -30.22 -42.34 -66.28
C ASP A 577 -29.49 -43.56 -65.73
N ILE A 578 -28.38 -43.93 -66.37
CA ILE A 578 -27.52 -44.95 -65.78
C ILE A 578 -26.83 -44.38 -64.54
N ARG A 579 -26.38 -45.28 -63.66
CA ARG A 579 -25.95 -45.12 -62.28
C ARG A 579 -27.09 -44.70 -61.36
N LYS A 580 -28.33 -44.66 -61.84
CA LYS A 580 -29.51 -44.43 -61.03
C LYS A 580 -30.65 -45.35 -61.45
N ARG A 581 -30.35 -46.41 -62.21
CA ARG A 581 -31.37 -47.34 -62.65
C ARG A 581 -31.77 -48.28 -61.52
N ILE A 582 -32.88 -48.99 -61.72
CA ILE A 582 -33.43 -49.84 -60.68
C ILE A 582 -32.72 -51.19 -60.64
N TYR A 583 -32.63 -51.86 -61.78
CA TYR A 583 -31.97 -53.16 -61.85
C TYR A 583 -30.49 -52.95 -62.16
N LYS A 584 -29.65 -53.06 -61.13
CA LYS A 584 -28.22 -53.05 -61.34
C LYS A 584 -27.78 -54.37 -61.95
N PHE A 585 -26.96 -54.29 -62.99
CA PHE A 585 -26.36 -55.50 -63.54
C PHE A 585 -25.34 -56.05 -62.56
N PRO A 586 -25.31 -57.37 -62.35
CA PRO A 586 -24.32 -57.95 -61.44
C PRO A 586 -22.93 -57.90 -62.03
N LYS A 587 -21.93 -57.98 -61.15
CA LYS A 587 -20.55 -57.92 -61.57
C LYS A 587 -20.16 -59.19 -62.31
N MET A 588 -19.84 -59.05 -63.60
CA MET A 588 -19.51 -60.19 -64.44
C MET A 588 -18.01 -60.28 -64.65
N GLY A 589 -17.60 -61.35 -65.33
CA GLY A 589 -16.19 -61.63 -65.49
C GLY A 589 -15.58 -62.44 -64.37
N VAL A 590 -16.41 -63.09 -63.54
CA VAL A 590 -15.89 -63.88 -62.43
C VAL A 590 -15.54 -65.30 -62.84
N LYS A 591 -16.06 -65.79 -63.97
CA LYS A 591 -15.66 -67.09 -64.49
C LYS A 591 -15.55 -67.14 -66.00
N ALA A 592 -15.75 -66.03 -66.71
CA ALA A 592 -15.72 -66.04 -68.16
C ALA A 592 -15.37 -64.64 -68.66
N LYS A 593 -14.29 -64.54 -69.43
CA LYS A 593 -13.94 -63.31 -70.13
C LYS A 593 -14.63 -63.26 -71.48
N MET A 594 -14.63 -62.07 -72.08
CA MET A 594 -15.29 -61.84 -73.36
C MET A 594 -14.28 -61.26 -74.35
N ILE A 595 -14.07 -61.96 -75.46
CA ILE A 595 -13.25 -61.49 -76.57
C ILE A 595 -14.19 -61.19 -77.72
N ALA A 596 -13.94 -60.09 -78.45
CA ALA A 596 -14.88 -59.55 -79.42
C ALA A 596 -14.17 -59.34 -80.75
N VAL A 597 -14.16 -60.37 -81.59
CA VAL A 597 -13.59 -60.27 -82.94
C VAL A 597 -14.69 -59.87 -83.91
N THR A 598 -14.50 -58.76 -84.61
CA THR A 598 -15.50 -58.23 -85.51
C THR A 598 -15.17 -58.58 -86.97
N THR A 599 -16.22 -58.76 -87.77
CA THR A 599 -16.08 -59.08 -89.19
C THR A 599 -16.68 -58.04 -90.11
N THR A 600 -17.87 -57.52 -89.81
CA THR A 600 -18.44 -56.47 -90.62
C THR A 600 -17.86 -55.12 -90.23
N SER A 601 -17.84 -54.20 -91.19
CA SER A 601 -17.26 -52.88 -91.01
C SER A 601 -18.31 -51.80 -90.79
N GLY A 602 -19.42 -52.13 -90.14
CA GLY A 602 -20.43 -51.12 -89.88
C GLY A 602 -20.80 -50.92 -88.43
N THR A 603 -20.72 -51.96 -87.62
CA THR A 603 -21.22 -51.93 -86.24
C THR A 603 -20.04 -52.03 -85.28
N GLY A 604 -19.91 -51.04 -84.41
CA GLY A 604 -18.87 -51.06 -83.39
C GLY A 604 -19.34 -51.71 -82.10
N SER A 605 -19.95 -52.90 -82.21
CA SER A 605 -20.46 -53.59 -81.03
C SER A 605 -19.37 -54.22 -80.17
N GLU A 606 -18.12 -54.20 -80.62
CA GLU A 606 -17.01 -54.75 -79.86
C GLU A 606 -16.53 -53.82 -78.75
N VAL A 607 -16.91 -52.55 -78.78
CA VAL A 607 -16.50 -51.59 -77.76
C VAL A 607 -17.67 -50.96 -77.03
N THR A 608 -18.89 -51.20 -77.46
CA THR A 608 -20.05 -50.54 -76.87
C THR A 608 -20.76 -51.46 -75.90
N PRO A 609 -21.37 -50.90 -74.83
CA PRO A 609 -22.17 -51.72 -73.90
C PRO A 609 -23.61 -51.92 -74.35
N PHE A 610 -23.79 -52.32 -75.60
CA PHE A 610 -25.12 -52.54 -76.16
C PHE A 610 -25.28 -53.98 -76.60
N ALA A 611 -26.53 -54.44 -76.59
CA ALA A 611 -26.88 -55.77 -77.07
C ALA A 611 -28.35 -55.73 -77.47
N VAL A 612 -28.61 -55.63 -78.76
CA VAL A 612 -29.97 -55.51 -79.28
C VAL A 612 -30.48 -56.92 -79.54
N VAL A 613 -31.41 -57.39 -78.71
CA VAL A 613 -31.96 -58.73 -78.83
C VAL A 613 -33.48 -58.64 -78.91
N THR A 614 -34.08 -59.58 -79.64
CA THR A 614 -35.51 -59.60 -79.85
C THR A 614 -36.17 -60.48 -78.79
N ASP A 615 -37.36 -60.06 -78.36
CA ASP A 615 -38.05 -60.76 -77.28
C ASP A 615 -38.61 -62.10 -77.72
N ASP A 616 -38.95 -62.23 -79.01
CA ASP A 616 -39.44 -63.42 -79.73
C ASP A 616 -40.83 -63.87 -79.29
N ALA A 617 -41.46 -63.21 -78.32
CA ALA A 617 -42.84 -63.48 -77.94
C ALA A 617 -43.80 -62.41 -78.39
N THR A 618 -43.36 -61.15 -78.42
CA THR A 618 -44.15 -60.05 -78.93
C THR A 618 -43.53 -59.38 -80.15
N GLY A 619 -42.29 -59.71 -80.50
CA GLY A 619 -41.64 -59.12 -81.65
C GLY A 619 -41.19 -57.69 -81.42
N GLN A 620 -40.34 -57.49 -80.41
CA GLN A 620 -39.85 -56.17 -80.06
C GLN A 620 -38.34 -56.21 -79.92
N LYS A 621 -37.67 -55.20 -80.47
CA LYS A 621 -36.22 -55.06 -80.35
C LYS A 621 -35.92 -54.23 -79.10
N TYR A 622 -35.10 -54.77 -78.21
CA TYR A 622 -34.79 -54.12 -76.94
C TYR A 622 -33.30 -53.83 -76.84
N PRO A 623 -32.87 -52.57 -76.92
CA PRO A 623 -31.45 -52.26 -76.72
C PRO A 623 -31.06 -52.32 -75.26
N LEU A 624 -30.31 -53.33 -74.87
CA LEU A 624 -29.92 -53.51 -73.47
C LEU A 624 -28.60 -52.80 -73.24
N ALA A 625 -28.58 -51.83 -72.31
CA ALA A 625 -27.44 -50.94 -72.16
C ALA A 625 -27.02 -50.86 -70.70
N ASP A 626 -25.86 -51.45 -70.39
CA ASP A 626 -25.15 -51.22 -69.15
C ASP A 626 -23.69 -51.61 -69.36
N TYR A 627 -22.80 -50.91 -68.66
CA TYR A 627 -21.37 -51.01 -68.93
C TYR A 627 -20.73 -52.28 -68.39
N ALA A 628 -21.50 -53.23 -67.84
CA ALA A 628 -20.99 -54.55 -67.56
C ALA A 628 -20.94 -55.42 -68.81
N LEU A 629 -21.58 -55.00 -69.90
CA LEU A 629 -21.57 -55.72 -71.16
C LEU A 629 -20.41 -55.36 -72.05
N THR A 630 -19.49 -54.52 -71.58
CA THR A 630 -18.32 -54.18 -72.38
C THR A 630 -17.35 -55.35 -72.40
N PRO A 631 -16.84 -55.72 -73.58
CA PRO A 631 -15.90 -56.84 -73.66
C PRO A 631 -14.55 -56.50 -73.05
N ASP A 632 -13.79 -57.55 -72.74
CA ASP A 632 -12.46 -57.40 -72.17
C ASP A 632 -11.38 -57.20 -73.23
N MET A 633 -11.67 -57.51 -74.49
CA MET A 633 -10.71 -57.36 -75.57
C MET A 633 -11.47 -57.28 -76.88
N ALA A 634 -11.17 -56.26 -77.69
CA ALA A 634 -11.78 -56.08 -79.00
C ALA A 634 -10.69 -56.23 -80.06
N ILE A 635 -10.90 -57.14 -80.99
CA ILE A 635 -9.93 -57.42 -82.06
C ILE A 635 -10.56 -56.96 -83.37
N VAL A 636 -10.03 -55.87 -83.92
CA VAL A 636 -10.54 -55.33 -85.18
C VAL A 636 -9.47 -55.47 -86.26
N ASP A 637 -9.52 -56.57 -87.01
CA ASP A 637 -8.57 -56.79 -88.09
C ASP A 637 -9.32 -56.84 -89.42
N ALA A 638 -8.66 -56.35 -90.46
CA ALA A 638 -9.27 -56.17 -91.77
C ALA A 638 -9.07 -57.36 -92.70
N ASN A 639 -8.53 -58.47 -92.21
CA ASN A 639 -8.42 -59.65 -93.05
C ASN A 639 -9.75 -60.41 -93.16
N LEU A 640 -10.67 -60.16 -92.24
CA LEU A 640 -11.99 -60.79 -92.26
C LEU A 640 -13.01 -59.96 -93.02
N VAL A 641 -12.63 -58.77 -93.49
CA VAL A 641 -13.55 -57.82 -94.10
C VAL A 641 -13.36 -57.69 -95.61
N MET A 642 -12.34 -58.35 -96.17
CA MET A 642 -12.01 -58.16 -97.58
C MET A 642 -13.05 -58.80 -98.50
N ASP A 643 -13.52 -60.00 -98.18
CA ASP A 643 -14.45 -60.72 -99.04
C ASP A 643 -15.92 -60.41 -98.71
N MET A 644 -16.19 -59.24 -98.15
CA MET A 644 -17.54 -58.80 -97.83
C MET A 644 -18.24 -58.33 -99.11
N PRO A 645 -19.50 -58.72 -99.31
CA PRO A 645 -20.22 -58.31 -100.53
C PRO A 645 -20.57 -56.83 -100.52
N LYS A 646 -21.05 -56.36 -101.67
CA LYS A 646 -21.32 -54.94 -101.86
C LYS A 646 -22.58 -54.48 -101.12
N SER A 647 -23.54 -55.39 -100.90
CA SER A 647 -24.74 -55.00 -100.18
C SER A 647 -24.48 -54.82 -98.69
N LEU A 648 -23.54 -55.58 -98.13
CA LEU A 648 -23.20 -55.47 -96.73
C LEU A 648 -22.23 -54.32 -96.47
N CYS A 649 -21.41 -53.97 -97.45
CA CYS A 649 -20.47 -52.86 -97.28
C CYS A 649 -21.19 -51.51 -97.32
N ALA A 650 -22.24 -51.40 -98.12
CA ALA A 650 -22.99 -50.15 -98.21
C ALA A 650 -23.96 -50.00 -97.04
N PHE A 651 -24.51 -51.10 -96.55
CA PHE A 651 -25.41 -51.03 -95.40
C PHE A 651 -24.64 -50.74 -94.13
N GLY A 652 -23.42 -51.27 -94.00
CA GLY A 652 -22.62 -51.05 -92.82
C GLY A 652 -21.99 -49.69 -92.76
N GLY A 653 -21.38 -49.25 -93.87
CA GLY A 653 -20.66 -47.99 -93.88
C GLY A 653 -21.54 -46.78 -93.73
N LEU A 654 -22.79 -46.86 -94.19
CA LEU A 654 -23.73 -45.78 -93.94
C LEU A 654 -24.37 -45.86 -92.56
N ASP A 655 -24.31 -47.02 -91.92
CA ASP A 655 -24.74 -47.13 -90.52
C ASP A 655 -23.74 -46.47 -89.59
N ALA A 656 -22.43 -46.62 -89.89
CA ALA A 656 -21.40 -46.01 -89.07
C ALA A 656 -21.30 -44.50 -89.27
N VAL A 657 -21.87 -43.95 -90.35
CA VAL A 657 -21.98 -42.51 -90.49
C VAL A 657 -23.00 -41.98 -89.48
N THR A 658 -24.14 -42.66 -89.35
CA THR A 658 -25.16 -42.26 -88.39
C THR A 658 -24.74 -42.54 -86.95
N HIS A 659 -23.77 -43.43 -86.73
CA HIS A 659 -23.26 -43.64 -85.38
C HIS A 659 -22.45 -42.45 -84.90
N ALA A 660 -21.60 -41.90 -85.76
CA ALA A 660 -20.76 -40.77 -85.37
C ALA A 660 -21.49 -39.44 -85.49
N MET A 661 -22.63 -39.40 -86.16
CA MET A 661 -23.38 -38.16 -86.33
C MET A 661 -24.39 -37.93 -85.22
N GLU A 662 -24.90 -38.99 -84.60
CA GLU A 662 -25.79 -38.85 -83.46
C GLU A 662 -25.04 -38.77 -82.14
N ALA A 663 -23.83 -39.33 -82.07
CA ALA A 663 -23.01 -39.23 -80.88
C ALA A 663 -22.29 -37.90 -80.74
N TYR A 664 -22.32 -37.06 -81.79
CA TYR A 664 -21.69 -35.75 -81.73
C TYR A 664 -22.66 -34.65 -81.30
N VAL A 665 -23.95 -34.81 -81.60
CA VAL A 665 -24.95 -33.80 -81.26
C VAL A 665 -25.71 -34.15 -80.00
N SER A 666 -25.45 -35.31 -79.39
CA SER A 666 -26.17 -35.76 -78.22
C SER A 666 -25.86 -34.88 -77.01
N VAL A 667 -26.70 -35.02 -75.98
CA VAL A 667 -26.51 -34.23 -74.77
C VAL A 667 -25.40 -34.80 -73.88
N LEU A 668 -25.08 -36.07 -74.03
CA LEU A 668 -23.96 -36.66 -73.30
C LEU A 668 -22.63 -36.52 -74.04
N ALA A 669 -22.61 -35.80 -75.16
CA ALA A 669 -21.40 -35.60 -75.94
C ALA A 669 -20.50 -34.60 -75.23
N SER A 670 -19.38 -35.07 -74.70
CA SER A 670 -18.40 -34.25 -74.03
C SER A 670 -17.21 -34.02 -74.96
N GLU A 671 -16.14 -33.43 -74.42
CA GLU A 671 -14.94 -33.19 -75.21
C GLU A 671 -14.11 -34.45 -75.43
N PHE A 672 -14.40 -35.53 -74.70
CA PHE A 672 -13.65 -36.77 -74.86
C PHE A 672 -14.11 -37.56 -76.07
N SER A 673 -15.40 -37.46 -76.43
CA SER A 673 -15.95 -38.21 -77.55
C SER A 673 -16.36 -37.32 -78.71
N ASP A 674 -15.82 -36.10 -78.78
CA ASP A 674 -16.03 -35.26 -79.95
C ASP A 674 -14.91 -35.39 -80.97
N GLY A 675 -13.71 -35.74 -80.52
CA GLY A 675 -12.63 -36.00 -81.46
C GLY A 675 -12.83 -37.31 -82.20
N GLN A 676 -13.30 -38.34 -81.50
CA GLN A 676 -13.51 -39.63 -82.13
C GLN A 676 -14.76 -39.63 -83.01
N ALA A 677 -15.73 -38.76 -82.72
CA ALA A 677 -16.91 -38.67 -83.56
C ALA A 677 -16.62 -37.94 -84.87
N LEU A 678 -15.65 -37.03 -84.87
CA LEU A 678 -15.27 -36.31 -86.07
C LEU A 678 -14.20 -37.04 -86.86
N GLN A 679 -13.35 -37.83 -86.19
CA GLN A 679 -12.36 -38.63 -86.91
C GLN A 679 -13.02 -39.75 -87.69
N ALA A 680 -14.09 -40.33 -87.14
CA ALA A 680 -14.80 -41.40 -87.84
C ALA A 680 -15.62 -40.88 -89.02
N LEU A 681 -15.93 -39.59 -89.06
CA LEU A 681 -16.60 -39.01 -90.21
C LEU A 681 -15.62 -38.54 -91.28
N LYS A 682 -14.38 -38.22 -90.90
CA LYS A 682 -13.38 -37.86 -91.89
C LYS A 682 -12.94 -39.06 -92.70
N LEU A 683 -12.78 -40.22 -92.04
CA LEU A 683 -12.36 -41.43 -92.74
C LEU A 683 -13.48 -42.01 -93.58
N LEU A 684 -14.73 -41.90 -93.14
CA LEU A 684 -15.87 -42.41 -93.88
C LEU A 684 -16.28 -41.49 -95.02
N LYS A 685 -15.72 -40.29 -95.11
CA LYS A 685 -15.98 -39.43 -96.26
C LYS A 685 -15.04 -39.72 -97.41
N GLU A 686 -13.78 -40.04 -97.11
CA GLU A 686 -12.75 -40.20 -98.12
C GLU A 686 -12.62 -41.61 -98.66
N TYR A 687 -13.00 -42.63 -97.89
CA TYR A 687 -12.72 -44.01 -98.26
C TYR A 687 -13.95 -44.87 -98.49
N LEU A 688 -15.12 -44.47 -98.00
CA LEU A 688 -16.34 -45.28 -98.19
C LEU A 688 -16.84 -45.30 -99.64
N PRO A 689 -16.76 -44.21 -100.44
CA PRO A 689 -16.96 -44.42 -101.89
C PRO A 689 -15.89 -45.28 -102.54
N ALA A 690 -14.65 -45.21 -102.05
CA ALA A 690 -13.60 -46.02 -102.63
C ALA A 690 -13.71 -47.49 -102.22
N SER A 691 -14.20 -47.76 -101.02
CA SER A 691 -14.32 -49.14 -100.55
C SER A 691 -15.54 -49.86 -101.12
N TYR A 692 -16.47 -49.09 -101.68
CA TYR A 692 -17.69 -49.64 -102.25
C TYR A 692 -17.47 -50.05 -103.69
N HIS A 693 -16.89 -49.14 -104.46
CA HIS A 693 -16.61 -49.38 -105.86
C HIS A 693 -15.57 -50.48 -106.02
N GLU A 694 -14.36 -50.19 -105.58
CA GLU A 694 -13.27 -51.14 -105.66
C GLU A 694 -13.52 -52.30 -104.72
N GLY A 695 -13.34 -52.06 -103.43
CA GLY A 695 -13.55 -53.09 -102.44
C GLY A 695 -12.32 -53.94 -102.24
N SER A 696 -12.43 -55.20 -102.65
CA SER A 696 -11.30 -56.13 -102.61
C SER A 696 -10.07 -55.53 -103.28
N LYS A 697 -10.25 -55.03 -104.50
CA LYS A 697 -9.20 -54.41 -105.30
C LYS A 697 -8.30 -53.45 -104.52
N ASN A 698 -8.92 -52.54 -103.77
CA ASN A 698 -8.17 -51.57 -102.98
C ASN A 698 -8.24 -51.91 -101.50
N PRO A 699 -7.23 -52.64 -100.98
CA PRO A 699 -7.22 -53.06 -99.58
C PRO A 699 -6.98 -51.94 -98.59
N VAL A 700 -6.32 -50.86 -98.99
CA VAL A 700 -6.04 -49.77 -98.06
C VAL A 700 -7.27 -48.91 -97.81
N ALA A 701 -8.30 -49.04 -98.64
CA ALA A 701 -9.56 -48.35 -98.40
C ALA A 701 -10.55 -49.21 -97.65
N ARG A 702 -10.49 -50.54 -97.82
CA ARG A 702 -11.31 -51.45 -97.04
C ARG A 702 -10.85 -51.53 -95.60
N GLU A 703 -9.59 -51.18 -95.32
CA GLU A 703 -9.07 -51.23 -93.96
C GLU A 703 -9.46 -49.97 -93.18
N ARG A 704 -9.49 -48.82 -93.83
CA ARG A 704 -9.81 -47.57 -93.14
C ARG A 704 -11.30 -47.49 -92.79
N VAL A 705 -12.17 -48.09 -93.60
CA VAL A 705 -13.59 -48.12 -93.27
C VAL A 705 -13.83 -49.08 -92.10
N HIS A 706 -13.09 -50.18 -92.05
CA HIS A 706 -13.23 -51.12 -90.94
C HIS A 706 -12.69 -50.53 -89.64
N SER A 707 -11.76 -49.59 -89.72
CA SER A 707 -11.30 -48.89 -88.52
C SER A 707 -12.23 -47.75 -88.15
N ALA A 708 -12.84 -47.08 -89.14
CA ALA A 708 -13.71 -45.94 -88.86
C ALA A 708 -15.03 -46.36 -88.23
N ALA A 709 -15.44 -47.62 -88.40
CA ALA A 709 -16.64 -48.09 -87.71
C ALA A 709 -16.38 -48.28 -86.23
N THR A 710 -15.16 -48.69 -85.86
CA THR A 710 -14.82 -48.86 -84.46
C THR A 710 -14.55 -47.53 -83.78
N ILE A 711 -14.00 -46.55 -84.51
CA ILE A 711 -13.77 -45.22 -83.95
C ILE A 711 -15.10 -44.53 -83.68
N ALA A 712 -16.10 -44.76 -84.55
CA ALA A 712 -17.45 -44.32 -84.25
C ALA A 712 -18.05 -45.08 -83.07
N GLY A 713 -17.59 -46.32 -82.86
CA GLY A 713 -18.02 -47.07 -81.69
C GLY A 713 -17.45 -46.54 -80.39
N ILE A 714 -16.30 -45.84 -80.46
CA ILE A 714 -15.80 -45.14 -79.28
C ILE A 714 -16.69 -43.96 -78.94
N ALA A 715 -17.33 -43.37 -79.96
CA ALA A 715 -18.13 -42.16 -79.75
C ALA A 715 -19.44 -42.46 -79.06
N PHE A 716 -20.19 -43.45 -79.55
CA PHE A 716 -21.53 -43.70 -79.01
C PHE A 716 -21.55 -44.77 -77.93
N ALA A 717 -20.38 -45.24 -77.48
CA ALA A 717 -20.34 -46.03 -76.26
C ALA A 717 -20.48 -45.16 -75.02
N ASN A 718 -20.07 -43.90 -75.11
CA ASN A 718 -20.10 -42.99 -73.98
C ASN A 718 -21.10 -41.85 -74.13
N ALA A 719 -21.56 -41.57 -75.35
CA ALA A 719 -22.57 -40.56 -75.62
C ALA A 719 -23.57 -41.19 -76.57
N PHE A 720 -24.71 -41.63 -76.03
CA PHE A 720 -25.59 -42.57 -76.72
C PHE A 720 -26.31 -41.91 -77.89
N LEU A 721 -26.92 -42.75 -78.71
CA LEU A 721 -27.57 -42.33 -79.95
C LEU A 721 -28.85 -41.56 -79.65
N GLY A 722 -29.37 -40.90 -80.68
CA GLY A 722 -30.56 -40.09 -80.59
C GLY A 722 -31.80 -40.83 -81.04
N VAL A 723 -32.73 -40.09 -81.64
CA VAL A 723 -34.05 -40.64 -81.98
C VAL A 723 -34.06 -41.39 -83.30
N CYS A 724 -32.99 -41.30 -84.10
CA CYS A 724 -32.97 -42.00 -85.37
C CYS A 724 -32.82 -43.51 -85.17
N HIS A 725 -32.01 -43.92 -84.21
CA HIS A 725 -31.88 -45.34 -83.90
C HIS A 725 -33.06 -45.86 -83.08
N SER A 726 -33.83 -44.97 -82.45
CA SER A 726 -35.02 -45.40 -81.74
C SER A 726 -36.11 -45.82 -82.70
N MET A 727 -36.24 -45.12 -83.83
CA MET A 727 -37.20 -45.51 -84.86
C MET A 727 -36.66 -46.63 -85.73
N ALA A 728 -35.34 -46.71 -85.92
CA ALA A 728 -34.76 -47.74 -86.77
C ALA A 728 -34.81 -49.12 -86.12
N HIS A 729 -34.88 -49.20 -84.80
CA HIS A 729 -35.04 -50.49 -84.14
C HIS A 729 -36.46 -51.02 -84.30
N LYS A 730 -37.44 -50.12 -84.40
CA LYS A 730 -38.82 -50.55 -84.58
C LYS A 730 -39.15 -50.77 -86.05
N LEU A 731 -38.61 -49.92 -86.93
CA LEU A 731 -38.82 -50.09 -88.36
C LEU A 731 -38.12 -51.35 -88.88
N GLY A 732 -37.00 -51.73 -88.28
CA GLY A 732 -36.29 -52.91 -88.71
C GLY A 732 -36.85 -54.22 -88.17
N SER A 733 -37.53 -54.18 -87.03
CA SER A 733 -38.11 -55.37 -86.44
C SER A 733 -39.52 -55.65 -86.89
N GLN A 734 -40.18 -54.68 -87.53
CA GLN A 734 -41.56 -54.84 -87.97
C GLN A 734 -41.66 -55.35 -89.41
N PHE A 735 -40.85 -54.79 -90.31
CA PHE A 735 -40.90 -55.15 -91.72
C PHE A 735 -39.64 -55.88 -92.18
N HIS A 736 -38.81 -56.34 -91.24
CA HIS A 736 -37.58 -57.11 -91.50
C HIS A 736 -36.58 -56.37 -92.36
N ILE A 737 -36.57 -55.05 -92.26
CA ILE A 737 -35.52 -54.25 -92.92
C ILE A 737 -34.21 -54.42 -92.14
N PRO A 738 -33.09 -54.71 -92.80
CA PRO A 738 -31.84 -54.91 -92.08
C PRO A 738 -31.31 -53.62 -91.48
N HIS A 739 -30.71 -53.74 -90.29
CA HIS A 739 -30.14 -52.58 -89.62
C HIS A 739 -28.94 -52.06 -90.39
N GLY A 740 -28.95 -50.76 -90.68
CA GLY A 740 -27.99 -50.19 -91.60
C GLY A 740 -28.71 -49.63 -92.81
N LEU A 741 -29.74 -50.33 -93.25
CA LEU A 741 -30.64 -49.81 -94.27
C LEU A 741 -31.73 -48.94 -93.67
N ALA A 742 -32.17 -49.26 -92.44
CA ALA A 742 -33.28 -48.56 -91.82
C ALA A 742 -32.87 -47.15 -91.40
N ASN A 743 -31.78 -47.01 -90.67
CA ASN A 743 -31.33 -45.69 -90.22
C ASN A 743 -30.65 -44.89 -91.32
N ALA A 744 -30.36 -45.51 -92.47
CA ALA A 744 -29.86 -44.75 -93.61
C ALA A 744 -30.98 -43.98 -94.30
N LEU A 745 -32.19 -44.55 -94.36
CA LEU A 745 -33.32 -43.82 -94.90
C LEU A 745 -33.76 -42.70 -93.97
N LEU A 746 -33.56 -42.87 -92.67
CA LEU A 746 -34.13 -41.98 -91.67
C LEU A 746 -33.23 -40.79 -91.34
N ILE A 747 -31.94 -40.85 -91.67
CA ILE A 747 -30.98 -39.87 -91.15
C ILE A 747 -31.18 -38.50 -91.80
N CYS A 748 -31.67 -38.45 -93.04
CA CYS A 748 -31.83 -37.16 -93.71
C CYS A 748 -33.02 -36.37 -93.16
N ASN A 749 -33.95 -37.02 -92.48
CA ASN A 749 -35.07 -36.32 -91.87
C ASN A 749 -34.83 -35.97 -90.40
N VAL A 750 -34.06 -36.80 -89.68
CA VAL A 750 -33.73 -36.51 -88.28
C VAL A 750 -32.79 -35.31 -88.19
N ILE A 751 -31.92 -35.12 -89.19
CA ILE A 751 -31.06 -33.94 -89.23
C ILE A 751 -31.89 -32.68 -89.43
N ARG A 752 -32.88 -32.72 -90.30
CA ARG A 752 -33.82 -31.61 -90.42
C ARG A 752 -34.73 -31.49 -89.21
N TYR A 753 -34.92 -32.58 -88.46
CA TYR A 753 -35.75 -32.53 -87.26
C TYR A 753 -35.00 -31.91 -86.09
N ASN A 754 -33.74 -32.28 -85.89
CA ASN A 754 -32.99 -31.81 -84.74
C ASN A 754 -32.45 -30.40 -84.91
N ALA A 755 -32.15 -29.98 -86.14
CA ALA A 755 -31.54 -28.67 -86.38
C ALA A 755 -32.62 -27.60 -86.36
N ASN A 756 -33.07 -27.26 -85.16
CA ASN A 756 -34.04 -26.20 -84.95
C ASN A 756 -33.52 -25.22 -83.91
N ASP A 757 -33.79 -23.94 -84.12
CA ASP A 757 -33.38 -22.93 -83.16
C ASP A 757 -34.24 -22.97 -81.92
N ASN A 758 -35.56 -22.97 -82.08
CA ASN A 758 -36.52 -23.04 -80.97
C ASN A 758 -37.37 -24.28 -81.15
N PRO A 759 -36.90 -25.44 -80.71
CA PRO A 759 -37.70 -26.65 -80.84
C PRO A 759 -38.73 -26.77 -79.74
N THR A 760 -39.81 -27.48 -80.05
CA THR A 760 -40.79 -27.81 -79.03
C THR A 760 -40.24 -28.91 -78.13
N LYS A 761 -40.23 -28.64 -76.83
CA LYS A 761 -39.83 -29.57 -75.77
C LYS A 761 -38.39 -30.05 -75.95
N GLN A 762 -37.47 -29.11 -75.77
CA GLN A 762 -36.05 -29.48 -75.67
C GLN A 762 -35.83 -30.26 -74.37
N THR A 763 -34.81 -31.12 -74.39
CA THR A 763 -34.64 -32.08 -73.30
C THR A 763 -33.95 -31.42 -72.11
N ALA A 764 -33.97 -32.14 -70.99
CA ALA A 764 -33.49 -31.63 -69.71
C ALA A 764 -32.16 -32.30 -69.38
N PHE A 765 -31.10 -31.50 -69.30
CA PHE A 765 -29.79 -31.97 -68.89
C PHE A 765 -29.01 -30.78 -68.33
N SER A 766 -28.22 -31.04 -67.29
CA SER A 766 -27.48 -29.96 -66.64
C SER A 766 -26.30 -29.49 -67.49
N GLN A 767 -25.71 -30.39 -68.28
CA GLN A 767 -24.61 -30.00 -69.16
C GLN A 767 -25.11 -29.24 -70.38
N TYR A 768 -26.30 -29.59 -70.87
CA TYR A 768 -26.85 -28.98 -72.08
C TYR A 768 -27.33 -27.57 -71.75
N ASP A 769 -26.68 -26.57 -72.35
CA ASP A 769 -26.97 -25.17 -72.03
C ASP A 769 -28.30 -24.75 -72.64
N ARG A 770 -28.41 -24.84 -73.96
CA ARG A 770 -29.56 -24.40 -74.72
C ARG A 770 -29.72 -25.37 -75.89
N PRO A 771 -30.85 -25.35 -76.64
CA PRO A 771 -30.86 -26.11 -77.90
C PRO A 771 -29.86 -25.58 -78.90
N GLN A 772 -28.79 -26.35 -79.10
CA GLN A 772 -27.68 -25.95 -79.96
C GLN A 772 -27.27 -27.09 -80.88
N ALA A 773 -28.24 -27.88 -81.34
CA ALA A 773 -27.94 -28.95 -82.28
C ALA A 773 -27.70 -28.43 -83.69
N ARG A 774 -28.14 -27.21 -83.99
CA ARG A 774 -27.90 -26.64 -85.32
C ARG A 774 -26.47 -26.16 -85.47
N ARG A 775 -25.83 -25.74 -84.37
CA ARG A 775 -24.45 -25.30 -84.43
C ARG A 775 -23.50 -26.48 -84.57
N ARG A 776 -23.79 -27.58 -83.87
CA ARG A 776 -22.91 -28.75 -83.92
C ARG A 776 -23.05 -29.50 -85.24
N TYR A 777 -24.19 -29.38 -85.93
CA TYR A 777 -24.31 -29.91 -87.27
C TYR A 777 -23.54 -29.06 -88.27
N ALA A 778 -23.33 -27.78 -87.98
CA ALA A 778 -22.50 -26.92 -88.82
C ALA A 778 -21.01 -27.11 -88.54
N GLU A 779 -20.65 -27.62 -87.36
CA GLU A 779 -19.26 -27.94 -87.07
C GLU A 779 -18.81 -29.22 -87.75
N ILE A 780 -19.75 -30.06 -88.20
CA ILE A 780 -19.42 -31.22 -89.01
C ILE A 780 -19.20 -30.80 -90.46
N ALA A 781 -20.01 -29.86 -90.96
CA ALA A 781 -20.00 -29.48 -92.37
C ALA A 781 -18.77 -28.69 -92.79
N ASP A 782 -17.95 -28.22 -91.86
CA ASP A 782 -16.68 -27.59 -92.21
C ASP A 782 -15.47 -28.37 -91.74
N HIS A 783 -15.67 -29.33 -90.83
CA HIS A 783 -14.59 -30.27 -90.50
C HIS A 783 -14.34 -31.23 -91.66
N LEU A 784 -15.38 -31.60 -92.38
CA LEU A 784 -15.25 -32.43 -93.57
C LEU A 784 -14.90 -31.62 -94.82
N GLY A 785 -14.80 -30.30 -94.72
CA GLY A 785 -14.48 -29.48 -95.86
C GLY A 785 -15.62 -29.31 -96.85
N LEU A 786 -16.86 -29.55 -96.43
CA LEU A 786 -18.00 -29.47 -97.32
C LEU A 786 -18.47 -28.05 -97.57
N SER A 787 -17.98 -27.07 -96.83
CA SER A 787 -18.49 -25.70 -96.88
C SER A 787 -17.48 -24.77 -97.53
N ALA A 788 -18.01 -23.74 -98.20
CA ALA A 788 -17.20 -22.65 -98.70
C ALA A 788 -16.72 -21.79 -97.53
N PRO A 789 -15.62 -21.03 -97.69
CA PRO A 789 -15.13 -20.20 -96.58
C PRO A 789 -16.06 -19.07 -96.15
N GLY A 790 -17.07 -18.72 -96.95
CA GLY A 790 -18.08 -17.79 -96.48
C GLY A 790 -19.47 -18.38 -96.50
N ASP A 791 -20.04 -18.62 -95.32
CA ASP A 791 -21.34 -19.26 -95.19
C ASP A 791 -22.00 -18.86 -93.89
N ARG A 792 -23.32 -18.90 -93.87
CA ARG A 792 -24.10 -18.79 -92.65
C ARG A 792 -24.25 -20.17 -92.03
N THR A 793 -24.93 -20.23 -90.88
CA THR A 793 -25.15 -21.51 -90.22
C THR A 793 -26.21 -22.33 -90.95
N ALA A 794 -27.26 -21.68 -91.46
CA ALA A 794 -28.34 -22.39 -92.13
C ALA A 794 -27.94 -22.91 -93.50
N ALA A 795 -26.89 -22.35 -94.10
CA ALA A 795 -26.42 -22.83 -95.39
C ALA A 795 -25.48 -24.01 -95.26
N LYS A 796 -24.83 -24.19 -94.10
CA LYS A 796 -23.93 -25.32 -93.93
C LYS A 796 -24.70 -26.62 -93.72
N ILE A 797 -25.94 -26.53 -93.22
CA ILE A 797 -26.74 -27.74 -93.03
C ILE A 797 -27.22 -28.25 -94.39
N GLU A 798 -27.41 -27.36 -95.36
CA GLU A 798 -27.82 -27.77 -96.69
C GLU A 798 -26.69 -28.50 -97.42
N LYS A 799 -25.45 -28.06 -97.22
CA LYS A 799 -24.31 -28.76 -97.84
C LYS A 799 -24.02 -30.08 -97.14
N LEU A 800 -24.36 -30.19 -95.86
CA LEU A 800 -24.25 -31.47 -95.17
C LEU A 800 -25.32 -32.45 -95.65
N LEU A 801 -26.54 -31.95 -95.86
CA LEU A 801 -27.62 -32.80 -96.34
C LEU A 801 -27.43 -33.18 -97.80
N ALA A 802 -26.79 -32.30 -98.60
CA ALA A 802 -26.51 -32.62 -99.99
C ALA A 802 -25.36 -33.61 -100.12
N TRP A 803 -24.52 -33.74 -99.09
CA TRP A 803 -23.39 -34.68 -99.17
C TRP A 803 -23.87 -36.12 -99.03
N LEU A 804 -24.63 -36.41 -97.98
CA LEU A 804 -25.14 -37.77 -97.77
C LEU A 804 -26.42 -38.04 -98.54
N GLU A 805 -26.85 -37.13 -99.40
CA GLU A 805 -27.87 -37.46 -100.40
C GLU A 805 -27.25 -38.07 -101.64
N THR A 806 -26.04 -37.61 -102.01
CA THR A 806 -25.30 -38.23 -103.09
C THR A 806 -24.53 -39.45 -102.63
N LEU A 807 -24.21 -39.52 -101.33
CA LEU A 807 -23.52 -40.69 -100.79
C LEU A 807 -24.45 -41.92 -100.78
N LYS A 808 -25.73 -41.71 -100.48
CA LYS A 808 -26.70 -42.79 -100.61
C LYS A 808 -27.08 -43.06 -102.06
N ALA A 809 -26.81 -42.13 -102.96
CA ALA A 809 -27.12 -42.34 -104.36
C ALA A 809 -26.15 -43.33 -104.99
N GLU A 810 -24.85 -43.15 -104.76
CA GLU A 810 -23.82 -44.00 -105.33
C GLU A 810 -23.53 -45.25 -104.50
N LEU A 811 -24.39 -45.57 -103.53
CA LEU A 811 -24.22 -46.78 -102.73
C LEU A 811 -25.40 -47.74 -102.87
N GLY A 812 -26.33 -47.45 -103.78
CA GLY A 812 -27.44 -48.36 -104.02
C GLY A 812 -28.50 -48.35 -102.95
N ILE A 813 -28.78 -47.18 -102.38
CA ILE A 813 -29.81 -47.04 -101.34
C ILE A 813 -31.05 -46.44 -101.99
N PRO A 814 -32.24 -47.01 -101.76
CA PRO A 814 -33.47 -46.42 -102.30
C PRO A 814 -33.80 -45.10 -101.62
N LYS A 815 -34.72 -44.37 -102.24
CA LYS A 815 -35.11 -43.05 -101.75
C LYS A 815 -36.13 -43.09 -100.63
N SER A 816 -36.93 -44.15 -100.54
CA SER A 816 -38.04 -44.20 -99.60
C SER A 816 -38.13 -45.59 -99.00
N ILE A 817 -38.94 -45.70 -97.94
CA ILE A 817 -39.27 -47.01 -97.38
C ILE A 817 -40.22 -47.76 -98.31
N ARG A 818 -41.00 -47.04 -99.12
CA ARG A 818 -41.87 -47.68 -100.10
C ARG A 818 -41.06 -48.36 -101.20
N GLU A 819 -39.95 -47.75 -101.61
CA GLU A 819 -39.07 -48.36 -102.59
C GLU A 819 -38.19 -49.46 -101.99
N ALA A 820 -38.18 -49.62 -100.67
CA ALA A 820 -37.47 -50.69 -100.01
C ALA A 820 -38.30 -51.96 -99.88
N GLY A 821 -39.55 -51.95 -100.33
CA GLY A 821 -40.38 -53.13 -100.30
C GLY A 821 -41.35 -53.20 -99.14
N VAL A 822 -42.03 -52.08 -98.85
CA VAL A 822 -43.02 -51.99 -97.79
C VAL A 822 -44.35 -51.56 -98.39
N GLN A 823 -45.40 -52.34 -98.16
CA GLN A 823 -46.72 -52.05 -98.70
C GLN A 823 -47.40 -50.93 -97.90
N GLU A 824 -48.16 -50.10 -98.61
CA GLU A 824 -48.81 -48.95 -97.98
C GLU A 824 -49.97 -49.37 -97.07
N ALA A 825 -50.64 -50.48 -97.41
CA ALA A 825 -51.70 -50.98 -96.56
C ALA A 825 -51.17 -51.58 -95.27
N ASP A 826 -49.90 -51.99 -95.24
CA ASP A 826 -49.30 -52.54 -94.02
C ASP A 826 -48.57 -51.49 -93.21
N PHE A 827 -47.97 -50.49 -93.86
CA PHE A 827 -47.23 -49.46 -93.13
C PHE A 827 -48.16 -48.48 -92.44
N LEU A 828 -49.24 -48.07 -93.10
CA LEU A 828 -50.16 -47.10 -92.52
C LEU A 828 -51.04 -47.70 -91.44
N ALA A 829 -51.13 -49.03 -91.37
CA ALA A 829 -51.86 -49.69 -90.30
C ALA A 829 -51.00 -49.91 -89.05
N ASN A 830 -49.69 -49.68 -89.15
CA ASN A 830 -48.78 -49.83 -88.02
C ASN A 830 -47.98 -48.57 -87.72
N VAL A 831 -48.28 -47.46 -88.41
CA VAL A 831 -47.52 -46.22 -88.21
C VAL A 831 -47.87 -45.54 -86.89
N ASP A 832 -48.96 -45.93 -86.25
CA ASP A 832 -49.28 -45.41 -84.93
C ASP A 832 -48.69 -46.26 -83.82
N LYS A 833 -48.57 -47.57 -84.04
CA LYS A 833 -47.94 -48.43 -83.04
C LYS A 833 -46.43 -48.22 -83.01
N LEU A 834 -45.81 -48.07 -84.19
CA LEU A 834 -44.37 -47.85 -84.27
C LEU A 834 -43.97 -46.45 -83.82
N SER A 835 -44.88 -45.49 -83.83
CA SER A 835 -44.58 -44.15 -83.33
C SER A 835 -44.59 -44.09 -81.81
N GLU A 836 -45.32 -44.99 -81.16
CA GLU A 836 -45.33 -45.03 -79.71
C GLU A 836 -44.27 -45.98 -79.16
N ASP A 837 -43.91 -47.01 -79.94
CA ASP A 837 -42.84 -47.90 -79.51
C ASP A 837 -41.47 -47.23 -79.60
N ALA A 838 -41.30 -46.36 -80.60
CA ALA A 838 -40.05 -45.62 -80.75
C ALA A 838 -39.90 -44.48 -79.75
N PHE A 839 -40.96 -44.15 -79.01
CA PHE A 839 -40.88 -43.10 -78.01
C PHE A 839 -40.14 -43.57 -76.75
N ASP A 840 -40.17 -44.88 -76.47
CA ASP A 840 -39.58 -45.42 -75.25
C ASP A 840 -38.62 -46.56 -75.57
N ASP A 841 -37.74 -46.34 -76.55
CA ASP A 841 -36.74 -47.34 -76.92
C ASP A 841 -35.34 -46.98 -76.42
N GLN A 842 -35.26 -46.15 -75.37
CA GLN A 842 -34.07 -45.88 -74.54
C GLN A 842 -32.95 -45.13 -75.26
N CYS A 843 -33.11 -44.87 -76.56
CA CYS A 843 -32.25 -43.94 -77.28
C CYS A 843 -32.91 -42.59 -77.44
N THR A 844 -34.16 -42.46 -76.98
CA THR A 844 -34.87 -41.20 -77.02
C THR A 844 -34.31 -40.21 -76.01
N GLY A 845 -33.80 -40.71 -74.88
CA GLY A 845 -33.32 -39.86 -73.80
C GLY A 845 -32.00 -39.16 -74.04
N ALA A 846 -31.35 -39.38 -75.19
CA ALA A 846 -30.11 -38.71 -75.53
C ALA A 846 -30.24 -37.77 -76.71
N ASN A 847 -31.42 -37.67 -77.30
CA ASN A 847 -31.66 -36.74 -78.40
C ASN A 847 -31.64 -35.31 -77.89
N PRO A 848 -31.24 -34.34 -78.73
CA PRO A 848 -31.30 -32.93 -78.30
C PRO A 848 -32.71 -32.43 -78.10
N ARG A 849 -33.68 -32.96 -78.83
CA ARG A 849 -35.08 -32.67 -78.60
C ARG A 849 -35.73 -33.85 -77.89
N TYR A 850 -36.74 -33.55 -77.07
CA TYR A 850 -37.58 -34.60 -76.53
C TYR A 850 -38.79 -34.73 -77.44
N PRO A 851 -38.88 -35.77 -78.27
CA PRO A 851 -39.89 -35.79 -79.32
C PRO A 851 -41.27 -36.19 -78.81
N LEU A 852 -42.28 -35.52 -79.36
CA LEU A 852 -43.66 -35.92 -79.14
C LEU A 852 -43.99 -37.11 -80.03
N ILE A 853 -45.05 -37.83 -79.66
CA ILE A 853 -45.47 -38.99 -80.44
C ILE A 853 -46.11 -38.55 -81.76
N SER A 854 -46.72 -37.36 -81.78
CA SER A 854 -47.25 -36.82 -83.02
C SER A 854 -46.15 -36.40 -83.97
N GLU A 855 -44.98 -36.04 -83.45
CA GLU A 855 -43.86 -35.66 -84.30
C GLU A 855 -43.07 -36.87 -84.79
N LEU A 856 -43.09 -37.97 -84.04
CA LEU A 856 -42.38 -39.17 -84.47
C LEU A 856 -43.09 -39.93 -85.57
N LYS A 857 -44.41 -39.75 -85.71
CA LYS A 857 -45.11 -40.34 -86.84
C LYS A 857 -45.06 -39.44 -88.07
N GLN A 858 -44.69 -38.18 -87.90
CA GLN A 858 -44.50 -37.31 -89.06
C GLN A 858 -43.20 -37.63 -89.78
N ILE A 859 -42.16 -38.04 -89.04
CA ILE A 859 -40.92 -38.47 -89.68
C ILE A 859 -41.13 -39.79 -90.42
N LEU A 860 -41.92 -40.69 -89.84
CA LEU A 860 -42.13 -41.99 -90.47
C LEU A 860 -43.01 -41.89 -91.70
N LEU A 861 -43.93 -40.92 -91.73
CA LEU A 861 -44.76 -40.74 -92.92
C LEU A 861 -44.00 -40.04 -94.03
N ASP A 862 -43.16 -39.05 -93.68
CA ASP A 862 -42.40 -38.33 -94.70
C ASP A 862 -41.25 -39.15 -95.26
N THR A 863 -40.80 -40.18 -94.55
CA THR A 863 -39.77 -41.07 -95.07
C THR A 863 -40.35 -42.16 -95.95
N TYR A 864 -41.61 -42.52 -95.74
CA TYR A 864 -42.24 -43.52 -96.61
C TYR A 864 -42.60 -42.91 -97.96
N TYR A 865 -43.11 -41.68 -97.97
CA TYR A 865 -43.49 -41.00 -99.20
C TYR A 865 -42.34 -40.27 -99.85
N GLY A 866 -41.15 -40.31 -99.27
CA GLY A 866 -39.98 -39.72 -99.88
C GLY A 866 -39.84 -38.22 -99.73
N ARG A 867 -40.71 -37.58 -98.96
CA ARG A 867 -40.64 -36.13 -98.80
C ARG A 867 -39.57 -35.77 -97.77
N ASP A 868 -39.37 -34.47 -97.61
CA ASP A 868 -38.45 -33.92 -96.62
C ASP A 868 -39.26 -33.27 -95.50
N TYR A 869 -38.80 -33.46 -94.27
CA TYR A 869 -39.55 -33.03 -93.10
C TYR A 869 -39.45 -31.51 -92.93
N VAL A 870 -40.60 -30.84 -92.88
CA VAL A 870 -40.68 -29.40 -92.70
C VAL A 870 -41.67 -29.12 -91.58
N GLU A 871 -41.23 -28.39 -90.55
CA GLU A 871 -42.12 -28.00 -89.46
C GLU A 871 -43.01 -26.84 -89.88
N MET B 3 -65.28 -54.41 -52.20
CA MET B 3 -64.18 -53.91 -53.03
C MET B 3 -64.29 -52.40 -53.21
N ALA B 4 -65.38 -51.97 -53.84
CA ALA B 4 -65.59 -50.55 -54.08
C ALA B 4 -66.04 -49.84 -52.80
N VAL B 5 -65.76 -48.55 -52.74
CA VAL B 5 -66.12 -47.71 -51.61
C VAL B 5 -66.78 -46.45 -52.13
N THR B 6 -68.01 -46.18 -51.70
CA THR B 6 -68.77 -45.06 -52.23
C THR B 6 -69.35 -44.21 -51.10
N ASN B 7 -69.61 -44.82 -49.94
CA ASN B 7 -70.19 -44.11 -48.82
C ASN B 7 -69.49 -44.55 -47.54
N VAL B 8 -69.95 -44.01 -46.41
CA VAL B 8 -69.25 -44.16 -45.14
C VAL B 8 -69.44 -45.54 -44.52
N ALA B 9 -70.42 -46.32 -44.98
CA ALA B 9 -70.69 -47.61 -44.34
C ALA B 9 -69.65 -48.66 -44.72
N GLU B 10 -69.18 -48.63 -45.96
CA GLU B 10 -68.12 -49.52 -46.41
C GLU B 10 -66.74 -48.89 -46.35
N LEU B 11 -66.66 -47.59 -46.04
CA LEU B 11 -65.35 -46.97 -45.78
C LEU B 11 -64.73 -47.52 -44.52
N ASN B 12 -65.53 -47.68 -43.46
CA ASN B 12 -65.02 -48.24 -42.21
C ASN B 12 -64.71 -49.72 -42.33
N ALA B 13 -65.28 -50.41 -43.33
CA ALA B 13 -64.86 -51.77 -43.63
C ALA B 13 -63.56 -51.82 -44.42
N LEU B 14 -63.20 -50.72 -45.09
CA LEU B 14 -61.94 -50.67 -45.82
C LEU B 14 -60.77 -50.41 -44.87
N VAL B 15 -60.94 -49.48 -43.93
CA VAL B 15 -59.88 -49.15 -42.99
C VAL B 15 -59.65 -50.30 -42.02
N GLU B 16 -60.71 -51.02 -41.64
CA GLU B 16 -60.54 -52.18 -40.78
C GLU B 16 -59.90 -53.36 -41.50
N ARG B 17 -60.01 -53.43 -42.82
CA ARG B 17 -59.23 -54.39 -43.58
C ARG B 17 -57.78 -54.00 -43.65
N VAL B 18 -57.49 -52.70 -43.76
CA VAL B 18 -56.12 -52.22 -43.87
C VAL B 18 -55.42 -52.31 -42.51
N LYS B 19 -56.14 -51.97 -41.44
CA LYS B 19 -55.59 -52.02 -40.08
C LYS B 19 -55.23 -53.45 -39.66
N LYS B 20 -55.97 -54.44 -40.15
CA LYS B 20 -55.63 -55.83 -39.87
C LYS B 20 -54.39 -56.27 -40.65
N ALA B 21 -54.24 -55.82 -41.88
CA ALA B 21 -53.14 -56.23 -42.74
C ALA B 21 -51.88 -55.40 -42.55
N GLN B 22 -51.97 -54.25 -41.89
CA GLN B 22 -50.81 -53.43 -41.61
C GLN B 22 -50.03 -53.92 -40.39
N ARG B 23 -50.74 -54.44 -39.38
CA ARG B 23 -50.10 -54.85 -38.14
C ARG B 23 -49.28 -56.13 -38.27
N GLU B 24 -49.46 -56.88 -39.36
CA GLU B 24 -48.55 -57.99 -39.66
C GLU B 24 -47.48 -57.61 -40.67
N TYR B 25 -47.61 -56.45 -41.30
CA TYR B 25 -46.54 -55.88 -42.11
C TYR B 25 -45.56 -55.08 -41.27
N ALA B 26 -45.98 -54.62 -40.10
CA ALA B 26 -45.14 -53.83 -39.20
C ALA B 26 -44.10 -54.66 -38.46
N SER B 27 -44.12 -55.99 -38.60
CA SER B 27 -43.14 -56.86 -37.96
C SER B 27 -42.17 -57.45 -38.98
N PHE B 28 -42.12 -56.89 -40.19
CA PHE B 28 -41.22 -57.39 -41.21
C PHE B 28 -39.78 -56.95 -40.91
N THR B 29 -38.83 -57.65 -41.52
CA THR B 29 -37.43 -57.34 -41.34
C THR B 29 -36.98 -56.33 -42.40
N GLN B 30 -35.73 -55.89 -42.27
CA GLN B 30 -35.15 -54.96 -43.24
C GLN B 30 -34.94 -55.64 -44.59
N GLU B 31 -34.62 -56.93 -44.58
CA GLU B 31 -34.26 -57.62 -45.83
C GLU B 31 -35.49 -57.87 -46.70
N GLN B 32 -36.61 -58.22 -46.10
CA GLN B 32 -37.81 -58.56 -46.86
C GLN B 32 -38.72 -57.36 -47.10
N VAL B 33 -38.28 -56.15 -46.73
CA VAL B 33 -38.92 -54.92 -47.15
C VAL B 33 -38.25 -54.34 -48.39
N ASP B 34 -36.93 -54.44 -48.47
CA ASP B 34 -36.18 -54.07 -49.67
C ASP B 34 -36.51 -54.97 -50.85
N LYS B 35 -36.98 -56.19 -50.60
CA LYS B 35 -37.50 -57.01 -51.70
C LYS B 35 -38.83 -56.48 -52.20
N ILE B 36 -39.67 -56.00 -51.29
CA ILE B 36 -40.97 -55.43 -51.67
C ILE B 36 -40.78 -54.05 -52.28
N PHE B 37 -39.92 -53.22 -51.69
CA PHE B 37 -39.71 -51.86 -52.17
C PHE B 37 -39.04 -51.83 -53.54
N ARG B 38 -38.22 -52.82 -53.86
CA ARG B 38 -37.61 -52.89 -55.18
C ARG B 38 -38.62 -53.36 -56.22
N ALA B 39 -39.37 -54.43 -55.90
CA ALA B 39 -40.32 -54.98 -56.85
C ALA B 39 -41.52 -54.08 -57.07
N ALA B 40 -41.85 -53.20 -56.12
CA ALA B 40 -42.91 -52.23 -56.34
C ALA B 40 -42.46 -51.12 -57.27
N ALA B 41 -41.22 -50.64 -57.11
CA ALA B 41 -40.70 -49.62 -58.00
C ALA B 41 -40.34 -50.18 -59.37
N LEU B 42 -40.06 -51.49 -59.44
CA LEU B 42 -39.69 -52.11 -60.71
C LEU B 42 -40.88 -52.20 -61.65
N ALA B 43 -42.09 -52.36 -61.11
CA ALA B 43 -43.29 -52.43 -61.93
C ALA B 43 -44.05 -51.12 -61.97
N ALA B 44 -43.56 -50.09 -61.28
CA ALA B 44 -44.13 -48.76 -61.40
C ALA B 44 -43.44 -47.93 -62.47
N ALA B 45 -42.18 -48.24 -62.76
CA ALA B 45 -41.50 -47.66 -63.91
C ALA B 45 -41.76 -48.43 -65.19
N ASP B 46 -42.28 -49.66 -65.07
CA ASP B 46 -42.64 -50.43 -66.26
C ASP B 46 -43.93 -49.92 -66.87
N ALA B 47 -44.80 -49.31 -66.07
CA ALA B 47 -46.08 -48.81 -66.51
C ALA B 47 -46.11 -47.29 -66.54
N ARG B 48 -44.99 -46.67 -66.95
CA ARG B 48 -44.94 -45.22 -67.06
C ARG B 48 -45.69 -44.74 -68.30
N ILE B 49 -45.76 -45.56 -69.34
CA ILE B 49 -46.45 -45.22 -70.58
C ILE B 49 -47.98 -45.32 -70.44
N PRO B 50 -48.61 -46.42 -69.96
CA PRO B 50 -50.07 -46.41 -69.90
C PRO B 50 -50.65 -45.52 -68.82
N LEU B 51 -49.93 -45.32 -67.72
CA LEU B 51 -50.42 -44.42 -66.67
C LEU B 51 -50.37 -42.97 -67.10
N ALA B 52 -49.46 -42.62 -68.01
CA ALA B 52 -49.40 -41.25 -68.51
C ALA B 52 -50.50 -40.95 -69.51
N LYS B 53 -50.99 -41.97 -70.22
CA LYS B 53 -52.06 -41.74 -71.18
C LYS B 53 -53.43 -41.72 -70.52
N MET B 54 -53.57 -42.34 -69.34
CA MET B 54 -54.84 -42.30 -68.63
C MET B 54 -55.06 -40.96 -67.94
N ALA B 55 -53.98 -40.30 -67.49
CA ALA B 55 -54.11 -39.05 -66.76
C ALA B 55 -54.39 -37.86 -67.67
N VAL B 56 -54.23 -38.02 -68.99
CA VAL B 56 -54.56 -36.96 -69.94
C VAL B 56 -55.94 -37.28 -70.51
N ALA B 57 -56.29 -38.56 -70.57
CA ALA B 57 -57.63 -38.94 -71.00
C ALA B 57 -58.68 -38.62 -69.94
N GLU B 58 -58.28 -38.59 -68.66
CA GLU B 58 -59.21 -38.31 -67.58
C GLU B 58 -59.36 -36.81 -67.33
N SER B 59 -58.26 -36.12 -67.04
CA SER B 59 -58.32 -34.71 -66.68
C SER B 59 -58.25 -33.79 -67.89
N GLY B 60 -57.37 -34.08 -68.85
CA GLY B 60 -57.24 -33.25 -70.03
C GLY B 60 -56.57 -31.92 -69.77
N MET B 61 -55.47 -31.94 -69.01
CA MET B 61 -54.79 -30.71 -68.63
C MET B 61 -53.27 -30.86 -68.69
N GLY B 62 -52.77 -31.76 -69.53
CA GLY B 62 -51.33 -31.93 -69.58
C GLY B 62 -50.87 -32.51 -70.89
N ILE B 63 -49.55 -32.56 -71.04
CA ILE B 63 -48.90 -33.18 -72.18
C ILE B 63 -48.60 -34.62 -71.81
N VAL B 64 -48.90 -35.55 -72.73
CA VAL B 64 -48.73 -36.98 -72.43
C VAL B 64 -47.26 -37.34 -72.37
N GLU B 65 -46.41 -36.61 -73.08
CA GLU B 65 -44.99 -36.91 -73.10
C GLU B 65 -44.26 -36.40 -71.85
N ASP B 66 -44.87 -35.48 -71.10
CA ASP B 66 -44.26 -34.98 -69.88
C ASP B 66 -44.66 -35.77 -68.65
N LYS B 67 -45.80 -36.46 -68.68
CA LYS B 67 -46.17 -37.36 -67.60
C LYS B 67 -45.43 -38.69 -67.66
N VAL B 68 -44.70 -38.94 -68.75
CA VAL B 68 -43.87 -40.14 -68.83
C VAL B 68 -42.64 -39.98 -67.95
N ILE B 69 -41.92 -38.87 -68.10
CA ILE B 69 -40.71 -38.62 -67.32
C ILE B 69 -41.02 -38.09 -65.93
N LYS B 70 -42.29 -37.84 -65.62
CA LYS B 70 -42.69 -37.54 -64.24
C LYS B 70 -43.08 -38.80 -63.49
N ASN B 71 -43.73 -39.76 -64.16
CA ASN B 71 -43.93 -41.09 -63.59
C ASN B 71 -42.63 -41.88 -63.54
N HIS B 72 -41.66 -41.55 -64.39
CA HIS B 72 -40.37 -42.21 -64.32
C HIS B 72 -39.51 -41.64 -63.21
N PHE B 73 -39.63 -40.33 -62.94
CA PHE B 73 -38.94 -39.71 -61.83
C PHE B 73 -39.47 -40.21 -60.49
N ALA B 74 -40.77 -40.50 -60.41
CA ALA B 74 -41.39 -40.92 -59.17
C ALA B 74 -41.20 -42.42 -58.88
N SER B 75 -40.48 -43.15 -59.73
CA SER B 75 -40.32 -44.58 -59.55
C SER B 75 -38.89 -45.08 -59.60
N GLU B 76 -37.95 -44.33 -60.19
CA GLU B 76 -36.55 -44.75 -60.18
C GLU B 76 -35.61 -43.76 -59.51
N TYR B 77 -36.01 -42.50 -59.35
CA TYR B 77 -35.23 -41.57 -58.53
C TYR B 77 -35.61 -41.67 -57.06
N ILE B 78 -36.86 -42.00 -56.77
CA ILE B 78 -37.26 -42.27 -55.40
C ILE B 78 -36.69 -43.60 -54.93
N TYR B 79 -36.51 -44.55 -55.86
CA TYR B 79 -35.87 -45.80 -55.50
C TYR B 79 -34.37 -45.62 -55.30
N ASN B 80 -33.72 -44.74 -56.05
CA ASN B 80 -32.27 -44.64 -56.02
C ASN B 80 -31.76 -43.93 -54.77
N ALA B 81 -32.47 -42.90 -54.31
CA ALA B 81 -32.01 -42.17 -53.14
C ALA B 81 -32.23 -42.97 -51.86
N TYR B 82 -33.35 -43.68 -51.78
CA TYR B 82 -33.69 -44.47 -50.59
C TYR B 82 -33.53 -45.95 -50.85
N LYS B 83 -32.48 -46.32 -51.58
CA LYS B 83 -32.22 -47.72 -51.92
C LYS B 83 -31.78 -48.50 -50.69
N ASP B 84 -30.75 -48.01 -50.01
CA ASP B 84 -30.23 -48.62 -48.79
C ASP B 84 -30.23 -47.56 -47.70
N GLU B 85 -31.37 -47.43 -47.03
CA GLU B 85 -31.55 -46.52 -45.91
C GLU B 85 -32.26 -47.29 -44.81
N LYS B 86 -31.66 -47.34 -43.62
CA LYS B 86 -32.21 -48.11 -42.53
C LYS B 86 -33.46 -47.44 -42.00
N THR B 87 -34.60 -48.15 -42.06
CA THR B 87 -35.87 -47.62 -41.61
C THR B 87 -36.70 -48.62 -40.82
N CYS B 88 -36.23 -49.85 -40.63
CA CYS B 88 -37.04 -50.90 -40.03
C CYS B 88 -36.51 -51.36 -38.68
N GLY B 89 -35.26 -51.80 -38.61
CA GLY B 89 -34.73 -52.33 -37.38
C GLY B 89 -33.97 -51.33 -36.53
N VAL B 90 -32.84 -51.77 -35.98
CA VAL B 90 -31.99 -50.91 -35.17
C VAL B 90 -31.20 -49.97 -36.08
N LEU B 91 -31.41 -48.66 -35.92
CA LEU B 91 -30.75 -47.69 -36.78
C LEU B 91 -29.30 -47.46 -36.35
N SER B 92 -29.10 -46.99 -35.13
CA SER B 92 -27.78 -46.73 -34.59
C SER B 92 -27.67 -47.37 -33.21
N GLU B 93 -26.44 -47.45 -32.71
CA GLU B 93 -26.19 -48.04 -31.41
C GLU B 93 -24.87 -47.49 -30.87
N ASP B 94 -24.88 -47.04 -29.62
CA ASP B 94 -23.69 -46.53 -28.95
C ASP B 94 -23.39 -47.41 -27.75
N ASP B 95 -22.13 -47.81 -27.61
CA ASP B 95 -21.70 -48.63 -26.49
C ASP B 95 -21.06 -47.82 -25.37
N THR B 96 -20.40 -46.72 -25.70
CA THR B 96 -19.81 -45.88 -24.67
C THR B 96 -20.87 -45.06 -23.94
N PHE B 97 -21.94 -44.68 -24.63
CA PHE B 97 -23.03 -43.93 -24.01
C PHE B 97 -24.24 -44.78 -23.68
N GLY B 98 -24.38 -45.94 -24.31
CA GLY B 98 -25.45 -46.85 -23.97
C GLY B 98 -26.81 -46.49 -24.54
N THR B 99 -26.87 -46.16 -25.82
CA THR B 99 -28.12 -45.80 -26.48
C THR B 99 -28.35 -46.66 -27.70
N ILE B 100 -29.58 -47.13 -27.86
CA ILE B 100 -30.02 -47.88 -29.04
C ILE B 100 -31.19 -47.14 -29.65
N THR B 101 -31.12 -46.84 -30.94
CA THR B 101 -32.15 -46.10 -31.65
C THR B 101 -32.89 -47.06 -32.58
N ILE B 102 -34.17 -47.28 -32.31
CA ILE B 102 -34.97 -48.26 -33.04
C ILE B 102 -36.04 -47.52 -33.82
N ALA B 103 -36.21 -47.88 -35.08
CA ALA B 103 -37.24 -47.29 -35.93
C ALA B 103 -38.53 -48.09 -35.86
N GLU B 104 -39.62 -47.45 -36.26
CA GLU B 104 -40.95 -48.03 -36.15
C GLU B 104 -41.76 -47.65 -37.39
N PRO B 105 -42.99 -48.14 -37.55
CA PRO B 105 -43.93 -47.48 -38.45
C PRO B 105 -44.77 -46.45 -37.69
N ILE B 106 -45.57 -45.72 -38.46
CA ILE B 106 -46.55 -44.80 -37.91
C ILE B 106 -47.95 -45.42 -37.90
N GLY B 107 -48.36 -46.02 -39.01
CA GLY B 107 -49.68 -46.60 -39.12
C GLY B 107 -50.36 -46.25 -40.42
N ILE B 108 -51.68 -46.15 -40.40
CA ILE B 108 -52.44 -45.82 -41.59
C ILE B 108 -52.30 -44.33 -41.87
N ILE B 109 -52.08 -43.98 -43.14
CA ILE B 109 -51.81 -42.62 -43.56
C ILE B 109 -52.88 -42.19 -44.55
N CYS B 110 -53.50 -41.05 -44.30
CA CYS B 110 -54.47 -40.48 -45.24
C CYS B 110 -53.73 -39.79 -46.37
N GLY B 111 -53.89 -40.30 -47.58
CA GLY B 111 -53.22 -39.76 -48.75
C GLY B 111 -54.17 -38.93 -49.59
N ILE B 112 -53.84 -37.65 -49.75
CA ILE B 112 -54.65 -36.71 -50.51
C ILE B 112 -53.81 -36.23 -51.68
N VAL B 113 -54.18 -36.68 -52.89
CA VAL B 113 -53.41 -36.37 -54.09
C VAL B 113 -54.05 -35.18 -54.79
N PRO B 114 -53.31 -34.40 -55.60
CA PRO B 114 -53.93 -33.28 -56.31
C PRO B 114 -54.44 -33.69 -57.69
N THR B 115 -54.97 -32.74 -58.44
CA THR B 115 -55.37 -32.99 -59.82
C THR B 115 -54.29 -32.63 -60.82
N THR B 116 -53.29 -31.84 -60.42
CA THR B 116 -52.21 -31.47 -61.33
C THR B 116 -51.24 -32.62 -61.53
N ASN B 117 -50.90 -33.33 -60.45
CA ASN B 117 -50.05 -34.52 -60.51
C ASN B 117 -50.85 -35.72 -59.99
N PRO B 118 -51.79 -36.25 -60.79
CA PRO B 118 -52.73 -37.24 -60.26
C PRO B 118 -52.14 -38.63 -60.13
N THR B 119 -51.16 -38.96 -60.96
CA THR B 119 -50.61 -40.32 -60.99
C THR B 119 -49.16 -40.40 -60.54
N SER B 120 -48.41 -39.30 -60.56
CA SER B 120 -47.01 -39.35 -60.15
C SER B 120 -46.87 -39.32 -58.63
N THR B 121 -47.72 -38.56 -57.94
CA THR B 121 -47.71 -38.56 -56.48
C THR B 121 -48.30 -39.85 -55.92
N ALA B 122 -49.12 -40.56 -56.69
CA ALA B 122 -49.61 -41.85 -56.25
C ALA B 122 -48.53 -42.91 -56.29
N ILE B 123 -47.58 -42.79 -57.22
CA ILE B 123 -46.42 -43.67 -57.22
C ILE B 123 -45.48 -43.31 -56.07
N PHE B 124 -45.30 -42.01 -55.83
CA PHE B 124 -44.32 -41.54 -54.84
C PHE B 124 -44.79 -41.85 -53.42
N LYS B 125 -46.04 -41.55 -53.11
CA LYS B 125 -46.56 -41.76 -51.76
C LYS B 125 -46.74 -43.24 -51.44
N SER B 126 -46.86 -44.10 -52.46
CA SER B 126 -46.96 -45.52 -52.21
C SER B 126 -45.60 -46.16 -51.95
N LEU B 127 -44.55 -45.67 -52.60
CA LEU B 127 -43.22 -46.26 -52.43
C LEU B 127 -42.62 -45.92 -51.08
N ILE B 128 -42.81 -44.68 -50.61
CA ILE B 128 -42.27 -44.28 -49.31
C ILE B 128 -43.11 -44.76 -48.15
N SER B 129 -44.29 -45.33 -48.42
CA SER B 129 -45.14 -45.87 -47.35
C SER B 129 -44.77 -47.30 -47.00
N LEU B 130 -44.61 -48.17 -47.99
CA LEU B 130 -44.20 -49.54 -47.74
C LEU B 130 -42.69 -49.68 -47.59
N LYS B 131 -41.94 -48.58 -47.70
CA LYS B 131 -40.54 -48.59 -47.31
C LYS B 131 -40.40 -48.52 -45.79
N THR B 132 -41.26 -47.73 -45.14
CA THR B 132 -41.25 -47.56 -43.70
C THR B 132 -42.26 -48.46 -42.99
N ARG B 133 -42.72 -49.53 -43.68
CA ARG B 133 -43.57 -50.60 -43.13
C ARG B 133 -44.91 -50.08 -42.60
N ASN B 134 -45.54 -49.17 -43.35
CA ASN B 134 -46.85 -48.67 -42.97
C ASN B 134 -47.75 -48.59 -44.20
N ALA B 135 -49.03 -48.45 -43.94
CA ALA B 135 -50.06 -48.45 -44.99
C ALA B 135 -50.52 -47.04 -45.30
N ILE B 136 -51.34 -46.92 -46.34
CA ILE B 136 -51.80 -45.62 -46.82
C ILE B 136 -53.16 -45.79 -47.49
N ILE B 137 -54.06 -44.84 -47.22
CA ILE B 137 -55.38 -44.78 -47.86
C ILE B 137 -55.43 -43.53 -48.73
N PHE B 138 -55.77 -43.71 -50.00
CA PHE B 138 -55.81 -42.61 -50.95
C PHE B 138 -57.22 -42.03 -51.08
N SER B 139 -57.27 -40.71 -51.29
CA SER B 139 -58.52 -40.00 -51.55
C SER B 139 -58.26 -39.04 -52.70
N PRO B 140 -58.50 -39.48 -53.93
CA PRO B 140 -58.09 -38.68 -55.10
C PRO B 140 -59.00 -37.49 -55.35
N HIS B 141 -58.52 -36.61 -56.21
CA HIS B 141 -59.33 -35.49 -56.68
C HIS B 141 -60.46 -36.02 -57.57
N PRO B 142 -61.66 -35.43 -57.49
CA PRO B 142 -62.78 -35.96 -58.28
C PRO B 142 -62.65 -35.75 -59.78
N ARG B 143 -61.79 -34.84 -60.23
CA ARG B 143 -61.58 -34.65 -61.66
C ARG B 143 -60.75 -35.77 -62.27
N ALA B 144 -59.79 -36.32 -61.51
CA ALA B 144 -58.86 -37.34 -61.98
C ALA B 144 -58.85 -38.54 -61.04
N LYS B 145 -60.04 -39.04 -60.72
CA LYS B 145 -60.15 -40.13 -59.76
C LYS B 145 -59.76 -41.49 -60.33
N ASP B 146 -59.87 -41.69 -61.64
CA ASP B 146 -59.58 -42.99 -62.21
C ASP B 146 -58.11 -43.21 -62.51
N ALA B 147 -57.34 -42.13 -62.71
CA ALA B 147 -55.91 -42.27 -62.96
C ALA B 147 -55.14 -42.57 -61.68
N THR B 148 -55.60 -42.02 -60.55
CA THR B 148 -54.92 -42.24 -59.29
C THR B 148 -55.16 -43.65 -58.75
N ASN B 149 -56.41 -44.13 -58.83
CA ASN B 149 -56.74 -45.45 -58.32
C ASN B 149 -56.12 -46.56 -59.17
N LYS B 150 -55.89 -46.30 -60.45
CA LYS B 150 -55.17 -47.27 -61.27
C LYS B 150 -53.68 -47.25 -60.97
N ALA B 151 -53.13 -46.07 -60.64
CA ALA B 151 -51.70 -45.98 -60.36
C ALA B 151 -51.34 -46.64 -59.05
N ALA B 152 -52.21 -46.55 -58.05
CA ALA B 152 -51.97 -47.22 -56.78
C ALA B 152 -52.21 -48.73 -56.87
N ASP B 153 -52.95 -49.18 -57.88
CA ASP B 153 -53.24 -50.60 -58.02
C ASP B 153 -52.05 -51.37 -58.59
N ILE B 154 -51.24 -50.73 -59.45
CA ILE B 154 -50.09 -51.40 -60.04
C ILE B 154 -49.01 -51.61 -58.98
N VAL B 155 -48.85 -50.64 -58.07
CA VAL B 155 -47.89 -50.78 -56.98
C VAL B 155 -48.36 -51.83 -55.98
N LEU B 156 -49.67 -51.94 -55.78
CA LEU B 156 -50.20 -52.89 -54.79
C LEU B 156 -50.07 -54.32 -55.29
N GLN B 157 -50.47 -54.58 -56.54
CA GLN B 157 -50.43 -55.93 -57.09
C GLN B 157 -49.00 -56.41 -57.33
N ALA B 158 -48.03 -55.50 -57.47
CA ALA B 158 -46.64 -55.89 -57.57
C ALA B 158 -46.04 -56.18 -56.20
N ALA B 159 -46.59 -55.59 -55.14
CA ALA B 159 -46.07 -55.82 -53.80
C ALA B 159 -46.56 -57.15 -53.23
N ILE B 160 -47.82 -57.50 -53.51
CA ILE B 160 -48.39 -58.75 -53.03
C ILE B 160 -47.67 -59.95 -53.65
N ALA B 161 -47.25 -59.81 -54.91
CA ALA B 161 -46.45 -60.84 -55.55
C ALA B 161 -45.04 -60.92 -54.97
N ALA B 162 -44.60 -59.90 -54.24
CA ALA B 162 -43.28 -59.91 -53.62
C ALA B 162 -43.30 -60.34 -52.16
N GLY B 163 -44.46 -60.34 -51.51
CA GLY B 163 -44.54 -60.79 -50.13
C GLY B 163 -45.32 -59.89 -49.19
N ALA B 164 -45.98 -58.87 -49.74
CA ALA B 164 -46.77 -57.96 -48.93
C ALA B 164 -48.05 -58.65 -48.47
N PRO B 165 -48.72 -58.12 -47.43
CA PRO B 165 -50.05 -58.62 -47.08
C PRO B 165 -51.10 -58.37 -48.15
N LYS B 166 -52.28 -58.93 -47.92
CA LYS B 166 -53.28 -59.08 -48.99
C LYS B 166 -53.92 -57.75 -49.37
N ASP B 167 -54.13 -56.86 -48.41
CA ASP B 167 -54.72 -55.55 -48.68
C ASP B 167 -53.95 -54.50 -47.88
N LEU B 168 -52.92 -53.96 -48.50
CA LEU B 168 -52.03 -53.00 -47.85
C LEU B 168 -52.29 -51.56 -48.27
N ILE B 169 -52.67 -51.34 -49.52
CA ILE B 169 -52.93 -50.00 -50.04
C ILE B 169 -54.39 -49.93 -50.44
N GLY B 170 -55.15 -49.07 -49.79
CA GLY B 170 -56.53 -48.87 -50.14
C GLY B 170 -56.76 -47.49 -50.74
N TRP B 171 -57.88 -47.31 -51.43
CA TRP B 171 -58.16 -46.05 -52.09
C TRP B 171 -59.66 -45.84 -52.16
N ILE B 172 -60.09 -44.58 -52.01
CA ILE B 172 -61.48 -44.23 -52.18
C ILE B 172 -61.82 -44.28 -53.67
N ASP B 173 -62.78 -45.14 -54.03
CA ASP B 173 -63.08 -45.36 -55.44
C ASP B 173 -63.89 -44.21 -56.04
N GLN B 174 -64.75 -43.59 -55.24
CA GLN B 174 -65.55 -42.46 -55.71
C GLN B 174 -65.55 -41.38 -54.63
N PRO B 175 -64.69 -40.36 -54.77
CA PRO B 175 -64.52 -39.39 -53.69
C PRO B 175 -65.68 -38.42 -53.59
N SER B 176 -65.72 -37.72 -52.46
CA SER B 176 -66.74 -36.72 -52.17
C SER B 176 -66.19 -35.78 -51.12
N VAL B 177 -66.90 -34.66 -50.93
CA VAL B 177 -66.50 -33.70 -49.90
C VAL B 177 -66.89 -34.15 -48.50
N GLU B 178 -67.74 -35.17 -48.39
CA GLU B 178 -68.13 -35.75 -47.11
C GLU B 178 -67.40 -37.05 -46.83
N LEU B 179 -67.12 -37.84 -47.87
CA LEU B 179 -66.43 -39.11 -47.68
C LEU B 179 -64.95 -38.89 -47.33
N SER B 180 -64.33 -37.85 -47.87
CA SER B 180 -62.95 -37.55 -47.53
C SER B 180 -62.85 -36.95 -46.14
N ASN B 181 -63.85 -36.17 -45.74
CA ASN B 181 -63.86 -35.58 -44.39
C ASN B 181 -64.12 -36.63 -43.33
N ALA B 182 -64.84 -37.71 -43.69
CA ALA B 182 -65.04 -38.81 -42.76
C ALA B 182 -63.81 -39.69 -42.63
N LEU B 183 -62.92 -39.68 -43.62
CA LEU B 183 -61.68 -40.42 -43.54
C LEU B 183 -60.66 -39.72 -42.66
N MET B 184 -60.60 -38.39 -42.73
CA MET B 184 -59.63 -37.63 -41.96
C MET B 184 -59.96 -37.61 -40.47
N HIS B 185 -61.24 -37.77 -40.12
CA HIS B 185 -61.66 -37.83 -38.73
C HIS B 185 -61.83 -39.26 -38.23
N HIS B 186 -61.25 -40.23 -38.93
CA HIS B 186 -61.31 -41.61 -38.47
C HIS B 186 -60.41 -41.79 -37.25
N PRO B 187 -60.83 -42.58 -36.25
CA PRO B 187 -60.04 -42.66 -35.01
C PRO B 187 -58.78 -43.48 -35.13
N ASP B 188 -58.66 -44.38 -36.10
CA ASP B 188 -57.51 -45.27 -36.19
C ASP B 188 -56.71 -45.05 -37.47
N ILE B 189 -56.54 -43.79 -37.86
CA ILE B 189 -55.48 -43.37 -38.77
C ILE B 189 -54.60 -42.39 -37.99
N ASN B 190 -53.33 -42.32 -38.38
CA ASN B 190 -52.35 -41.61 -37.56
C ASN B 190 -51.65 -40.46 -38.26
N LEU B 191 -51.75 -40.32 -39.57
CA LEU B 191 -51.04 -39.27 -40.27
C LEU B 191 -51.82 -38.88 -41.52
N ILE B 192 -51.70 -37.63 -41.93
CA ILE B 192 -52.36 -37.10 -43.12
C ILE B 192 -51.26 -36.55 -44.03
N LEU B 193 -50.93 -37.28 -45.08
CA LEU B 193 -50.07 -36.78 -46.15
C LEU B 193 -50.98 -36.08 -47.16
N ALA B 194 -50.99 -34.75 -47.13
CA ALA B 194 -51.97 -33.96 -47.85
C ALA B 194 -51.27 -32.91 -48.69
N THR B 195 -51.47 -32.97 -50.01
CA THR B 195 -50.90 -32.01 -50.94
C THR B 195 -52.03 -31.29 -51.67
N GLY B 196 -51.95 -29.96 -51.72
CA GLY B 196 -52.98 -29.19 -52.39
C GLY B 196 -52.81 -27.71 -52.16
N GLY B 197 -53.89 -26.96 -52.43
CA GLY B 197 -53.87 -25.53 -52.32
C GLY B 197 -54.04 -25.07 -50.88
N PRO B 198 -54.08 -23.74 -50.70
CA PRO B 198 -54.14 -23.18 -49.35
C PRO B 198 -55.46 -23.41 -48.64
N GLY B 199 -56.54 -23.68 -49.37
CA GLY B 199 -57.79 -24.05 -48.73
C GLY B 199 -57.79 -25.47 -48.18
N MET B 200 -56.86 -26.30 -48.63
CA MET B 200 -56.76 -27.67 -48.16
C MET B 200 -55.82 -27.82 -46.97
N VAL B 201 -54.77 -26.99 -46.88
CA VAL B 201 -53.86 -27.03 -45.74
C VAL B 201 -54.57 -26.58 -44.48
N LYS B 202 -55.49 -25.62 -44.60
CA LYS B 202 -56.30 -25.21 -43.46
C LYS B 202 -57.25 -26.31 -43.03
N ALA B 203 -57.69 -27.17 -43.96
CA ALA B 203 -58.56 -28.28 -43.60
C ALA B 203 -57.78 -29.50 -43.13
N ALA B 204 -56.56 -29.69 -43.62
CA ALA B 204 -55.76 -30.83 -43.20
C ALA B 204 -55.23 -30.68 -41.78
N TYR B 205 -54.98 -29.45 -41.35
CA TYR B 205 -54.57 -29.17 -39.98
C TYR B 205 -55.75 -28.85 -39.06
N SER B 206 -56.98 -29.03 -39.54
CA SER B 206 -58.16 -28.76 -38.73
C SER B 206 -58.72 -30.00 -38.04
N SER B 207 -58.54 -31.18 -38.62
CA SER B 207 -58.87 -32.42 -37.93
C SER B 207 -57.80 -32.70 -36.89
N GLY B 208 -58.20 -33.29 -35.77
CA GLY B 208 -57.26 -33.47 -34.69
C GLY B 208 -56.43 -34.71 -34.90
N LYS B 209 -55.25 -34.52 -35.50
CA LYS B 209 -54.34 -35.56 -35.96
C LYS B 209 -53.05 -34.89 -36.42
N PRO B 210 -51.90 -35.54 -36.28
CA PRO B 210 -50.66 -35.00 -36.87
C PRO B 210 -50.73 -35.08 -38.39
N ALA B 211 -50.53 -33.95 -39.05
CA ALA B 211 -50.67 -33.85 -40.49
C ALA B 211 -49.40 -33.30 -41.12
N ILE B 212 -49.00 -33.87 -42.25
CA ILE B 212 -47.89 -33.35 -43.03
C ILE B 212 -48.45 -32.74 -44.30
N GLY B 213 -48.72 -31.45 -44.28
CA GLY B 213 -49.28 -30.74 -45.41
C GLY B 213 -48.23 -29.91 -46.14
N VAL B 214 -48.48 -29.71 -47.45
CA VAL B 214 -47.70 -28.79 -48.25
C VAL B 214 -48.67 -27.83 -48.94
N GLY B 215 -48.16 -26.65 -49.28
CA GLY B 215 -48.95 -25.61 -49.87
C GLY B 215 -48.60 -25.34 -51.32
N ALA B 216 -49.15 -24.26 -51.84
CA ALA B 216 -48.87 -23.79 -53.18
C ALA B 216 -47.72 -22.79 -53.13
N GLY B 217 -47.43 -22.15 -54.26
CA GLY B 217 -46.36 -21.17 -54.26
C GLY B 217 -46.01 -20.56 -55.60
N ASN B 218 -45.69 -19.27 -55.59
CA ASN B 218 -45.09 -18.61 -56.73
C ASN B 218 -43.59 -18.92 -56.78
N THR B 219 -42.94 -18.46 -57.85
CA THR B 219 -41.50 -18.62 -58.00
C THR B 219 -40.96 -17.36 -58.67
N PRO B 220 -40.62 -16.34 -57.90
CA PRO B 220 -40.01 -15.14 -58.49
C PRO B 220 -38.59 -15.42 -58.91
N VAL B 221 -38.25 -15.01 -60.14
CA VAL B 221 -36.93 -15.26 -60.72
C VAL B 221 -36.22 -13.93 -60.84
N VAL B 222 -34.96 -13.90 -60.40
CA VAL B 222 -34.13 -12.70 -60.47
C VAL B 222 -33.00 -12.97 -61.46
N ILE B 223 -32.98 -12.22 -62.55
CA ILE B 223 -31.94 -12.33 -63.57
C ILE B 223 -31.17 -11.02 -63.59
N ASP B 224 -30.04 -10.97 -62.88
CA ASP B 224 -29.30 -9.73 -62.79
C ASP B 224 -28.38 -9.55 -63.99
N GLU B 225 -27.52 -8.52 -63.93
CA GLU B 225 -26.78 -8.08 -65.12
C GLU B 225 -25.60 -8.97 -65.45
N THR B 226 -25.15 -9.82 -64.51
CA THR B 226 -24.02 -10.70 -64.75
C THR B 226 -24.43 -12.14 -65.00
N ALA B 227 -25.69 -12.36 -65.37
CA ALA B 227 -26.19 -13.69 -65.65
C ALA B 227 -25.83 -14.12 -67.07
N ASP B 228 -26.05 -15.41 -67.33
CA ASP B 228 -25.97 -15.95 -68.69
C ASP B 228 -27.35 -15.82 -69.31
N ILE B 229 -27.49 -14.88 -70.26
CA ILE B 229 -28.78 -14.58 -70.86
C ILE B 229 -29.25 -15.74 -71.73
N LYS B 230 -28.33 -16.42 -72.40
CA LYS B 230 -28.71 -17.56 -73.22
C LYS B 230 -29.10 -18.77 -72.37
N ARG B 231 -28.61 -18.85 -71.14
CA ARG B 231 -29.01 -19.93 -70.26
C ARG B 231 -30.32 -19.61 -69.53
N ALA B 232 -30.48 -18.36 -69.09
CA ALA B 232 -31.61 -18.00 -68.24
C ALA B 232 -32.92 -18.01 -69.03
N VAL B 233 -32.88 -17.62 -70.30
CA VAL B 233 -34.09 -17.64 -71.11
C VAL B 233 -34.46 -19.07 -71.51
N ALA B 234 -33.47 -19.86 -71.90
CA ALA B 234 -33.73 -21.21 -72.37
C ALA B 234 -34.11 -22.17 -71.25
N SER B 235 -33.83 -21.82 -70.00
CA SER B 235 -34.23 -22.65 -68.87
C SER B 235 -35.62 -22.29 -68.36
N VAL B 236 -36.04 -21.04 -68.52
CA VAL B 236 -37.41 -20.65 -68.19
C VAL B 236 -38.39 -21.29 -69.17
N LEU B 237 -38.05 -21.30 -70.45
CA LEU B 237 -38.91 -21.91 -71.47
C LEU B 237 -39.01 -23.42 -71.31
N MET B 238 -37.97 -24.06 -70.78
CA MET B 238 -38.01 -25.50 -70.59
C MET B 238 -38.88 -25.89 -69.41
N SER B 239 -38.77 -25.15 -68.31
CA SER B 239 -39.44 -25.53 -67.07
C SER B 239 -40.89 -25.05 -67.00
N LYS B 240 -41.20 -23.91 -67.63
CA LYS B 240 -42.57 -23.42 -67.60
C LYS B 240 -43.46 -24.19 -68.56
N THR B 241 -42.90 -24.68 -69.67
CA THR B 241 -43.63 -25.53 -70.59
C THR B 241 -43.58 -27.00 -70.21
N PHE B 242 -42.94 -27.33 -69.09
CA PHE B 242 -42.92 -28.71 -68.60
C PHE B 242 -44.29 -29.06 -68.04
N ASP B 243 -45.02 -29.90 -68.79
CA ASP B 243 -46.41 -30.29 -68.51
C ASP B 243 -47.34 -29.09 -68.43
N ASN B 244 -47.05 -28.06 -69.23
CA ASN B 244 -47.81 -26.80 -69.30
C ASN B 244 -47.91 -26.11 -67.95
N GLY B 245 -46.86 -26.22 -67.15
CA GLY B 245 -46.78 -25.49 -65.90
C GLY B 245 -47.68 -25.96 -64.78
N VAL B 246 -48.12 -27.22 -64.82
CA VAL B 246 -48.94 -27.73 -63.72
C VAL B 246 -48.11 -28.10 -62.50
N ILE B 247 -46.79 -28.12 -62.62
CA ILE B 247 -45.94 -28.51 -61.51
C ILE B 247 -45.89 -27.39 -60.48
N CYS B 248 -45.86 -27.77 -59.20
CA CYS B 248 -45.52 -26.82 -58.15
C CYS B 248 -44.09 -26.33 -58.34
N ALA B 249 -43.84 -25.10 -57.87
CA ALA B 249 -42.56 -24.39 -58.02
C ALA B 249 -42.19 -24.24 -59.50
N SER B 250 -43.11 -23.72 -60.29
CA SER B 250 -42.84 -23.31 -61.66
C SER B 250 -42.74 -21.80 -61.71
N GLU B 251 -41.96 -21.29 -62.67
CA GLU B 251 -41.60 -19.87 -62.71
C GLU B 251 -42.81 -19.06 -63.12
N GLN B 252 -43.50 -18.47 -62.13
CA GLN B 252 -44.70 -17.69 -62.40
C GLN B 252 -44.40 -16.25 -62.81
N SER B 253 -43.23 -15.73 -62.45
CA SER B 253 -42.88 -14.35 -62.73
C SER B 253 -41.37 -14.19 -62.65
N VAL B 254 -40.81 -13.41 -63.58
CA VAL B 254 -39.39 -13.11 -63.58
C VAL B 254 -39.21 -11.62 -63.26
N VAL B 255 -38.06 -11.30 -62.67
CA VAL B 255 -37.69 -9.92 -62.35
C VAL B 255 -36.31 -9.69 -62.94
N VAL B 256 -36.24 -8.87 -64.00
CA VAL B 256 -35.01 -8.60 -64.72
C VAL B 256 -34.54 -7.19 -64.37
N VAL B 257 -33.23 -7.04 -64.19
CA VAL B 257 -32.67 -5.70 -63.97
C VAL B 257 -32.70 -4.90 -65.26
N ASP B 258 -32.58 -3.57 -65.12
CA ASP B 258 -32.72 -2.68 -66.25
C ASP B 258 -31.51 -2.69 -67.18
N SER B 259 -30.39 -3.27 -66.75
CA SER B 259 -29.20 -3.28 -67.61
C SER B 259 -29.33 -4.28 -68.75
N VAL B 260 -30.03 -5.39 -68.53
CA VAL B 260 -30.17 -6.42 -69.56
C VAL B 260 -31.64 -6.74 -69.79
N TYR B 261 -32.53 -5.78 -69.52
CA TYR B 261 -33.96 -6.01 -69.69
C TYR B 261 -34.35 -6.11 -71.16
N ASP B 262 -33.65 -5.37 -72.04
CA ASP B 262 -34.00 -5.40 -73.45
C ASP B 262 -33.46 -6.63 -74.15
N ALA B 263 -32.29 -7.12 -73.72
CA ALA B 263 -31.71 -8.31 -74.34
C ALA B 263 -32.46 -9.57 -73.94
N VAL B 264 -33.06 -9.59 -72.75
CA VAL B 264 -33.86 -10.74 -72.33
C VAL B 264 -35.17 -10.77 -73.10
N ARG B 265 -35.75 -9.59 -73.36
CA ARG B 265 -37.00 -9.52 -74.13
C ARG B 265 -36.80 -9.95 -75.58
N GLU B 266 -35.66 -9.60 -76.17
CA GLU B 266 -35.38 -10.03 -77.54
C GLU B 266 -35.05 -11.51 -77.60
N ARG B 267 -34.45 -12.06 -76.54
CA ARG B 267 -34.19 -13.49 -76.50
C ARG B 267 -35.47 -14.29 -76.30
N PHE B 268 -36.45 -13.70 -75.61
CA PHE B 268 -37.76 -14.35 -75.46
C PHE B 268 -38.59 -14.22 -76.73
N ALA B 269 -38.45 -13.11 -77.47
CA ALA B 269 -39.32 -12.86 -78.61
C ALA B 269 -38.93 -13.70 -79.83
N THR B 270 -37.62 -13.89 -80.06
CA THR B 270 -37.19 -14.68 -81.19
C THR B 270 -37.46 -16.17 -80.97
N HIS B 271 -37.49 -16.61 -79.72
CA HIS B 271 -37.85 -17.98 -79.39
C HIS B 271 -39.37 -18.04 -79.14
N GLY B 272 -39.85 -19.12 -78.52
CA GLY B 272 -41.27 -19.42 -78.42
C GLY B 272 -42.10 -18.50 -77.53
N GLY B 273 -41.51 -17.44 -76.96
CA GLY B 273 -42.30 -16.50 -76.17
C GLY B 273 -43.07 -15.53 -77.05
N TYR B 274 -44.19 -15.05 -76.52
CA TYR B 274 -45.07 -14.11 -77.22
C TYR B 274 -45.36 -12.94 -76.29
N LEU B 275 -44.73 -11.80 -76.56
CA LEU B 275 -44.92 -10.61 -75.73
C LEU B 275 -46.29 -10.00 -76.01
N LEU B 276 -47.13 -9.93 -74.98
CA LEU B 276 -48.45 -9.33 -75.10
C LEU B 276 -48.33 -7.81 -75.05
N GLN B 277 -49.02 -7.14 -75.97
CA GLN B 277 -48.92 -5.69 -76.12
C GLN B 277 -50.32 -5.09 -76.22
N GLY B 278 -50.58 -4.07 -75.40
CA GLY B 278 -51.78 -3.26 -75.52
C GLY B 278 -53.08 -3.94 -75.17
N LYS B 279 -53.90 -4.21 -76.20
CA LYS B 279 -55.22 -4.79 -75.98
C LYS B 279 -55.14 -6.24 -75.54
N GLU B 280 -54.11 -6.97 -75.98
CA GLU B 280 -53.98 -8.38 -75.63
C GLU B 280 -53.56 -8.59 -74.19
N LEU B 281 -52.93 -7.58 -73.57
CA LEU B 281 -52.54 -7.71 -72.17
C LEU B 281 -53.75 -7.69 -71.24
N LYS B 282 -54.69 -6.77 -71.49
CA LYS B 282 -55.90 -6.72 -70.69
C LYS B 282 -56.89 -7.81 -71.07
N ALA B 283 -56.78 -8.35 -72.29
CA ALA B 283 -57.69 -9.41 -72.73
C ALA B 283 -57.41 -10.74 -72.05
N VAL B 284 -56.23 -10.91 -71.46
CA VAL B 284 -55.90 -12.14 -70.74
C VAL B 284 -55.94 -11.98 -69.23
N GLN B 285 -55.97 -10.74 -68.72
CA GLN B 285 -56.02 -10.55 -67.28
C GLN B 285 -57.40 -10.80 -66.69
N ASP B 286 -58.45 -10.78 -67.51
CA ASP B 286 -59.80 -11.07 -67.06
C ASP B 286 -60.22 -12.50 -67.36
N VAL B 287 -59.29 -13.33 -67.86
CA VAL B 287 -59.56 -14.74 -68.08
C VAL B 287 -58.85 -15.63 -67.06
N ILE B 288 -57.89 -15.11 -66.31
CA ILE B 288 -57.17 -15.91 -65.32
C ILE B 288 -57.88 -15.90 -63.97
N LEU B 289 -58.25 -14.71 -63.48
CA LEU B 289 -59.01 -14.59 -62.24
C LEU B 289 -60.49 -14.56 -62.59
N LYS B 290 -61.22 -15.62 -62.21
CA LYS B 290 -62.63 -15.71 -62.54
C LYS B 290 -63.47 -14.94 -61.53
N ASN B 291 -63.44 -15.35 -60.26
CA ASN B 291 -64.17 -14.72 -59.17
C ASN B 291 -63.23 -14.41 -58.03
N GLY B 292 -62.08 -13.82 -58.35
CA GLY B 292 -61.01 -13.65 -57.39
C GLY B 292 -60.15 -14.88 -57.17
N ALA B 293 -60.36 -15.94 -57.94
CA ALA B 293 -59.59 -17.16 -57.85
C ALA B 293 -59.23 -17.64 -59.25
N LEU B 294 -58.24 -18.52 -59.32
CA LEU B 294 -57.78 -19.07 -60.59
C LEU B 294 -58.83 -20.03 -61.15
N ASN B 295 -59.26 -19.77 -62.38
CA ASN B 295 -60.26 -20.61 -63.01
C ASN B 295 -59.64 -21.90 -63.51
N ALA B 296 -60.42 -22.98 -63.46
CA ALA B 296 -59.95 -24.31 -63.84
C ALA B 296 -60.05 -24.57 -65.35
N ALA B 297 -60.30 -23.54 -66.16
CA ALA B 297 -60.39 -23.71 -67.60
C ALA B 297 -59.07 -23.48 -68.32
N ILE B 298 -58.11 -22.81 -67.67
CA ILE B 298 -56.81 -22.55 -68.26
C ILE B 298 -55.69 -23.32 -67.58
N VAL B 299 -56.00 -24.09 -66.53
CA VAL B 299 -54.99 -24.82 -65.77
C VAL B 299 -54.48 -25.97 -66.62
N GLY B 300 -53.25 -25.85 -67.11
CA GLY B 300 -52.61 -26.90 -67.88
C GLY B 300 -52.91 -26.91 -69.36
N GLN B 301 -53.67 -25.96 -69.85
CA GLN B 301 -53.93 -25.89 -71.28
C GLN B 301 -52.73 -25.31 -72.01
N PRO B 302 -52.55 -25.62 -73.30
CA PRO B 302 -51.44 -25.02 -74.06
C PRO B 302 -51.62 -23.53 -74.26
N ALA B 303 -50.55 -22.90 -74.75
CA ALA B 303 -50.49 -21.45 -74.84
C ALA B 303 -51.40 -20.88 -75.93
N TYR B 304 -51.77 -21.69 -76.92
CA TYR B 304 -52.66 -21.22 -77.97
C TYR B 304 -54.14 -21.38 -77.61
N LYS B 305 -54.46 -22.19 -76.61
CA LYS B 305 -55.84 -22.30 -76.15
C LYS B 305 -56.19 -21.26 -75.08
N ILE B 306 -55.20 -20.74 -74.37
CA ILE B 306 -55.44 -19.64 -73.45
C ILE B 306 -55.73 -18.36 -74.23
N ALA B 307 -54.99 -18.13 -75.31
CA ALA B 307 -55.25 -16.97 -76.15
C ALA B 307 -56.55 -17.11 -76.92
N GLU B 308 -56.92 -18.34 -77.29
CA GLU B 308 -58.20 -18.58 -77.94
C GLU B 308 -59.35 -18.36 -76.97
N LEU B 309 -59.15 -18.68 -75.70
CA LEU B 309 -60.14 -18.39 -74.67
C LEU B 309 -60.19 -16.92 -74.32
N ALA B 310 -59.14 -16.16 -74.64
CA ALA B 310 -59.10 -14.73 -74.35
C ALA B 310 -59.76 -13.88 -75.42
N GLY B 311 -59.71 -14.31 -76.68
CA GLY B 311 -60.39 -13.57 -77.74
C GLY B 311 -59.50 -13.13 -78.89
N PHE B 312 -58.37 -13.80 -79.08
CA PHE B 312 -57.51 -13.55 -80.24
C PHE B 312 -56.80 -14.86 -80.58
N SER B 313 -55.78 -14.78 -81.43
CA SER B 313 -55.08 -15.97 -81.89
C SER B 313 -53.59 -15.71 -82.00
N VAL B 314 -52.82 -16.51 -81.28
CA VAL B 314 -51.36 -16.52 -81.39
C VAL B 314 -51.00 -17.60 -82.41
N PRO B 315 -49.76 -17.67 -82.90
CA PRO B 315 -49.36 -18.85 -83.69
C PRO B 315 -49.41 -20.13 -82.87
N GLU B 316 -49.59 -21.25 -83.57
CA GLU B 316 -49.86 -22.52 -82.92
C GLU B 316 -48.62 -23.11 -82.23
N ASN B 317 -47.42 -22.66 -82.57
CA ASN B 317 -46.20 -23.17 -81.97
C ASN B 317 -45.62 -22.27 -80.90
N THR B 318 -46.32 -21.19 -80.55
CA THR B 318 -45.89 -20.37 -79.42
C THR B 318 -46.15 -21.11 -78.11
N LYS B 319 -45.29 -20.86 -77.13
CA LYS B 319 -45.29 -21.67 -75.91
C LYS B 319 -45.48 -20.88 -74.63
N ILE B 320 -45.11 -19.60 -74.58
CA ILE B 320 -45.17 -18.80 -73.36
C ILE B 320 -45.83 -17.47 -73.67
N LEU B 321 -46.88 -17.14 -72.90
CA LEU B 321 -47.55 -15.85 -73.00
C LEU B 321 -46.92 -14.91 -71.97
N ILE B 322 -46.24 -13.88 -72.45
CA ILE B 322 -45.51 -12.95 -71.60
C ILE B 322 -46.30 -11.64 -71.49
N GLY B 323 -46.60 -11.23 -70.27
CA GLY B 323 -47.21 -9.95 -70.04
C GLY B 323 -46.35 -9.05 -69.18
N GLU B 324 -45.91 -7.92 -69.73
CA GLU B 324 -45.02 -7.00 -69.01
C GLU B 324 -45.88 -6.10 -68.13
N VAL B 325 -45.84 -6.37 -66.82
CA VAL B 325 -46.66 -5.64 -65.87
C VAL B 325 -45.75 -4.81 -64.96
N THR B 326 -46.37 -3.97 -64.14
CA THR B 326 -45.64 -3.01 -63.32
C THR B 326 -45.91 -3.15 -61.82
N VAL B 327 -47.16 -3.37 -61.43
CA VAL B 327 -47.54 -3.35 -60.02
C VAL B 327 -47.36 -4.73 -59.40
N VAL B 328 -46.97 -4.74 -58.13
CA VAL B 328 -46.86 -5.96 -57.35
C VAL B 328 -47.93 -5.90 -56.26
N ASP B 329 -49.09 -6.48 -56.54
CA ASP B 329 -50.25 -6.33 -55.67
C ASP B 329 -51.23 -7.45 -55.98
N GLU B 330 -52.29 -7.52 -55.17
CA GLU B 330 -53.39 -8.45 -55.43
C GLU B 330 -54.33 -7.95 -56.51
N SER B 331 -54.22 -6.68 -56.91
CA SER B 331 -55.04 -6.16 -57.99
C SER B 331 -54.58 -6.68 -59.35
N GLU B 332 -53.28 -6.92 -59.51
CA GLU B 332 -52.75 -7.43 -60.75
C GLU B 332 -52.93 -8.94 -60.81
N PRO B 333 -53.62 -9.48 -61.82
CA PRO B 333 -53.82 -10.94 -61.88
C PRO B 333 -52.58 -11.71 -62.28
N PHE B 334 -51.57 -11.04 -62.86
CA PHE B 334 -50.36 -11.73 -63.28
C PHE B 334 -49.36 -11.95 -62.16
N ALA B 335 -49.64 -11.45 -60.96
CA ALA B 335 -48.80 -11.69 -59.79
C ALA B 335 -49.26 -12.89 -58.97
N HIS B 336 -50.16 -13.71 -59.51
CA HIS B 336 -50.69 -14.87 -58.81
C HIS B 336 -50.12 -16.16 -59.39
N GLU B 337 -50.44 -17.27 -58.74
CA GLU B 337 -50.13 -18.58 -59.27
C GLU B 337 -51.09 -18.91 -60.40
N LYS B 338 -50.55 -19.32 -61.54
CA LYS B 338 -51.35 -19.48 -62.75
C LYS B 338 -51.56 -20.94 -63.16
N LEU B 339 -50.58 -21.81 -62.90
CA LEU B 339 -50.59 -23.22 -63.28
C LEU B 339 -50.80 -23.40 -64.79
N SER B 340 -50.18 -22.52 -65.58
CA SER B 340 -50.39 -22.45 -67.01
C SER B 340 -49.18 -21.77 -67.63
N PRO B 341 -48.84 -22.05 -68.90
CA PRO B 341 -47.67 -21.40 -69.50
C PRO B 341 -47.87 -19.92 -69.76
N THR B 342 -47.84 -19.13 -68.69
CA THR B 342 -48.02 -17.69 -68.75
C THR B 342 -47.04 -17.07 -67.76
N LEU B 343 -46.40 -15.99 -68.17
CA LEU B 343 -45.35 -15.36 -67.38
C LEU B 343 -45.73 -13.94 -66.99
N ALA B 344 -44.81 -13.25 -66.33
CA ALA B 344 -45.01 -11.86 -65.93
C ALA B 344 -43.63 -11.23 -65.74
N MET B 345 -43.26 -10.32 -66.62
CA MET B 345 -41.94 -9.71 -66.58
C MET B 345 -42.00 -8.40 -65.82
N TYR B 346 -41.18 -8.31 -64.77
CA TYR B 346 -41.00 -7.07 -64.02
C TYR B 346 -39.63 -6.48 -64.32
N ARG B 347 -39.51 -5.17 -64.13
CA ARG B 347 -38.27 -4.45 -64.37
C ARG B 347 -37.80 -3.82 -63.08
N ALA B 348 -36.52 -4.01 -62.77
CA ALA B 348 -35.89 -3.41 -61.59
C ALA B 348 -34.69 -2.60 -62.02
N LYS B 349 -34.31 -1.63 -61.18
CA LYS B 349 -33.21 -0.74 -61.48
C LYS B 349 -31.88 -1.21 -60.94
N ASP B 350 -31.88 -2.21 -60.05
CA ASP B 350 -30.64 -2.71 -59.46
C ASP B 350 -30.86 -4.15 -59.02
N PHE B 351 -29.77 -4.79 -58.58
CA PHE B 351 -29.90 -6.14 -58.04
C PHE B 351 -30.60 -6.12 -56.68
N GLU B 352 -30.24 -5.18 -55.81
CA GLU B 352 -30.85 -5.09 -54.49
C GLU B 352 -32.28 -4.57 -54.55
N ASP B 353 -32.71 -3.99 -55.67
CA ASP B 353 -34.12 -3.69 -55.88
C ASP B 353 -34.87 -4.89 -56.46
N ALA B 354 -34.17 -5.77 -57.18
CA ALA B 354 -34.81 -6.95 -57.74
C ALA B 354 -35.16 -7.97 -56.66
N VAL B 355 -34.35 -8.07 -55.60
CA VAL B 355 -34.68 -8.95 -54.48
C VAL B 355 -35.83 -8.35 -53.67
N GLU B 356 -35.95 -7.02 -53.66
CA GLU B 356 -37.04 -6.39 -52.94
C GLU B 356 -38.38 -6.65 -53.62
N LYS B 357 -38.42 -6.62 -54.95
CA LYS B 357 -39.63 -7.00 -55.66
C LYS B 357 -39.92 -8.49 -55.55
N ALA B 358 -38.87 -9.31 -55.45
CA ALA B 358 -39.08 -10.74 -55.27
C ALA B 358 -39.59 -11.07 -53.87
N GLU B 359 -39.26 -10.23 -52.89
CA GLU B 359 -39.78 -10.45 -51.53
C GLU B 359 -41.27 -10.18 -51.45
N LYS B 360 -41.78 -9.29 -52.29
CA LYS B 360 -43.22 -9.03 -52.34
C LYS B 360 -43.96 -10.00 -53.24
N LEU B 361 -43.25 -10.78 -54.06
CA LEU B 361 -43.89 -11.76 -54.92
C LEU B 361 -44.05 -13.13 -54.26
N VAL B 362 -43.38 -13.36 -53.13
CA VAL B 362 -43.62 -14.56 -52.33
C VAL B 362 -44.59 -14.21 -51.21
N ALA B 363 -45.20 -13.02 -51.30
CA ALA B 363 -46.19 -12.63 -50.31
C ALA B 363 -47.61 -13.02 -50.70
N MET B 364 -47.95 -12.95 -51.99
CA MET B 364 -49.32 -13.23 -52.41
C MET B 364 -49.61 -14.73 -52.44
N GLY B 365 -48.92 -15.47 -53.29
CA GLY B 365 -49.17 -16.89 -53.38
C GLY B 365 -48.01 -17.76 -52.93
N GLY B 366 -48.11 -18.30 -51.73
CA GLY B 366 -47.08 -19.19 -51.23
C GLY B 366 -46.01 -18.42 -50.49
N ILE B 367 -45.91 -18.61 -49.18
CA ILE B 367 -45.03 -17.75 -48.39
C ILE B 367 -43.60 -18.28 -48.38
N GLY B 368 -43.43 -19.59 -48.29
CA GLY B 368 -42.09 -20.15 -48.21
C GLY B 368 -41.81 -21.29 -49.17
N HIS B 369 -42.33 -21.22 -50.39
CA HIS B 369 -42.24 -22.39 -51.27
C HIS B 369 -40.90 -22.49 -51.98
N THR B 370 -40.62 -21.54 -52.89
CA THR B 370 -39.49 -21.63 -53.80
C THR B 370 -39.23 -20.29 -54.48
N SER B 371 -37.98 -19.82 -54.46
CA SER B 371 -37.55 -18.72 -55.31
C SER B 371 -36.42 -19.21 -56.21
N CYS B 372 -35.91 -18.32 -57.06
CA CYS B 372 -34.85 -18.68 -57.98
C CYS B 372 -34.02 -17.44 -58.31
N LEU B 373 -32.81 -17.69 -58.83
CA LEU B 373 -31.87 -16.62 -59.13
C LEU B 373 -30.91 -17.12 -60.20
N TYR B 374 -30.66 -16.29 -61.22
CA TYR B 374 -29.71 -16.61 -62.27
C TYR B 374 -28.55 -15.62 -62.20
N THR B 375 -27.37 -16.13 -61.88
CA THR B 375 -26.13 -15.37 -61.88
C THR B 375 -24.97 -16.35 -61.95
N ASP B 376 -23.77 -15.83 -62.19
CA ASP B 376 -22.57 -16.66 -62.18
C ASP B 376 -22.22 -16.97 -60.73
N GLN B 377 -22.36 -18.23 -60.33
CA GLN B 377 -22.26 -18.62 -58.93
C GLN B 377 -20.82 -18.72 -58.43
N ASP B 378 -19.83 -18.54 -59.30
CA ASP B 378 -18.43 -18.59 -58.91
C ASP B 378 -17.83 -17.20 -58.70
N ASN B 379 -18.08 -16.29 -59.63
CA ASN B 379 -17.51 -14.94 -59.55
C ASN B 379 -18.27 -14.03 -58.58
N GLN B 380 -19.51 -14.38 -58.24
CA GLN B 380 -20.33 -13.56 -57.35
C GLN B 380 -20.77 -14.40 -56.14
N PRO B 381 -19.91 -14.56 -55.12
CA PRO B 381 -20.34 -15.26 -53.92
C PRO B 381 -21.03 -14.37 -52.91
N ALA B 382 -20.97 -13.05 -53.07
CA ALA B 382 -21.65 -12.13 -52.16
C ALA B 382 -23.12 -11.95 -52.53
N ARG B 383 -23.48 -12.16 -53.79
CA ARG B 383 -24.88 -12.03 -54.20
C ARG B 383 -25.67 -13.30 -53.95
N VAL B 384 -25.01 -14.46 -53.94
CA VAL B 384 -25.71 -15.71 -53.63
C VAL B 384 -25.94 -15.91 -52.15
N SER B 385 -25.28 -15.11 -51.29
CA SER B 385 -25.53 -15.13 -49.86
C SER B 385 -26.49 -14.04 -49.42
N TYR B 386 -26.50 -12.90 -50.13
CA TYR B 386 -27.50 -11.87 -49.88
C TYR B 386 -28.88 -12.31 -50.35
N PHE B 387 -28.94 -13.07 -51.45
CA PHE B 387 -30.23 -13.59 -51.91
C PHE B 387 -30.73 -14.72 -51.03
N GLY B 388 -29.83 -15.50 -50.43
CA GLY B 388 -30.23 -16.55 -49.52
C GLY B 388 -30.65 -16.05 -48.15
N GLN B 389 -30.21 -14.85 -47.77
CA GLN B 389 -30.57 -14.28 -46.48
C GLN B 389 -31.88 -13.51 -46.54
N LYS B 390 -32.23 -12.95 -47.70
CA LYS B 390 -33.42 -12.13 -47.84
C LYS B 390 -34.67 -12.93 -48.16
N MET B 391 -34.56 -13.90 -49.08
CA MET B 391 -35.73 -14.65 -49.51
C MET B 391 -36.14 -15.67 -48.45
N LYS B 392 -37.40 -15.60 -48.04
CA LYS B 392 -37.92 -16.47 -46.99
C LYS B 392 -38.68 -17.64 -47.60
N THR B 393 -37.94 -18.48 -48.32
CA THR B 393 -38.48 -19.70 -48.91
C THR B 393 -37.83 -20.92 -48.26
N ALA B 394 -38.18 -22.09 -48.77
CA ALA B 394 -37.62 -23.34 -48.27
C ALA B 394 -36.42 -23.82 -49.07
N ARG B 395 -36.39 -23.54 -50.37
CA ARG B 395 -35.27 -23.93 -51.21
C ARG B 395 -34.91 -22.76 -52.13
N ILE B 396 -33.62 -22.49 -52.26
CA ILE B 396 -33.11 -21.41 -53.09
C ILE B 396 -32.37 -22.05 -54.26
N LEU B 397 -32.91 -21.91 -55.46
CA LEU B 397 -32.32 -22.47 -56.66
C LEU B 397 -31.48 -21.42 -57.36
N ILE B 398 -30.28 -21.80 -57.78
CA ILE B 398 -29.34 -20.91 -58.46
C ILE B 398 -28.97 -21.53 -59.80
N ASN B 399 -29.22 -20.79 -60.89
CA ASN B 399 -28.99 -21.22 -62.28
C ASN B 399 -29.70 -22.53 -62.60
N THR B 400 -30.95 -22.65 -62.14
CA THR B 400 -31.64 -23.92 -62.23
C THR B 400 -33.06 -23.70 -62.73
N PRO B 401 -33.52 -24.51 -63.68
CA PRO B 401 -34.96 -24.51 -64.02
C PRO B 401 -35.77 -25.03 -62.84
N ALA B 402 -36.78 -24.25 -62.46
CA ALA B 402 -37.44 -24.48 -61.18
C ALA B 402 -38.35 -25.70 -61.18
N SER B 403 -38.81 -26.16 -62.34
CA SER B 403 -39.64 -27.36 -62.36
C SER B 403 -38.79 -28.61 -62.16
N GLN B 404 -37.68 -28.73 -62.89
CA GLN B 404 -36.76 -29.84 -62.69
C GLN B 404 -35.85 -29.63 -61.49
N GLY B 405 -35.75 -28.42 -60.97
CA GLY B 405 -34.85 -28.17 -59.85
C GLY B 405 -35.54 -28.06 -58.51
N GLY B 406 -36.86 -27.80 -58.54
CA GLY B 406 -37.62 -27.84 -57.30
C GLY B 406 -37.70 -29.24 -56.73
N ILE B 407 -38.03 -30.22 -57.57
CA ILE B 407 -37.87 -31.61 -57.20
C ILE B 407 -36.37 -31.94 -57.15
N GLY B 408 -36.01 -32.93 -56.34
CA GLY B 408 -34.62 -33.19 -56.06
C GLY B 408 -33.95 -34.09 -57.09
N ASP B 409 -32.65 -34.31 -56.88
CA ASP B 409 -31.77 -35.22 -57.62
C ASP B 409 -31.58 -34.86 -59.10
N LEU B 410 -32.08 -33.70 -59.51
CA LEU B 410 -31.79 -33.13 -60.82
C LEU B 410 -31.13 -31.78 -60.63
N TYR B 411 -30.02 -31.55 -61.35
CA TYR B 411 -29.20 -30.35 -61.39
C TYR B 411 -28.45 -30.07 -60.08
N ASN B 412 -28.70 -30.84 -59.02
CA ASN B 412 -28.04 -30.56 -57.75
C ASN B 412 -27.41 -31.78 -57.09
N PHE B 413 -28.07 -32.95 -57.18
CA PHE B 413 -27.65 -34.23 -56.61
C PHE B 413 -27.49 -34.20 -55.09
N LYS B 414 -28.10 -33.22 -54.41
CA LYS B 414 -28.08 -33.15 -52.96
C LYS B 414 -29.44 -32.88 -52.34
N LEU B 415 -30.37 -32.28 -53.07
CA LEU B 415 -31.75 -32.21 -52.61
C LEU B 415 -32.38 -33.59 -52.60
N ALA B 416 -33.21 -33.85 -51.61
CA ALA B 416 -33.91 -35.12 -51.55
C ALA B 416 -35.01 -35.15 -52.61
N PRO B 417 -35.07 -36.18 -53.45
CA PRO B 417 -36.10 -36.20 -54.50
C PRO B 417 -37.47 -36.51 -53.92
N SER B 418 -38.42 -35.61 -54.21
CA SER B 418 -39.80 -35.77 -53.76
C SER B 418 -40.68 -34.90 -54.64
N LEU B 419 -41.97 -35.24 -54.68
CA LEU B 419 -42.94 -34.46 -55.44
C LEU B 419 -43.90 -33.72 -54.52
N THR B 420 -43.68 -33.76 -53.22
CA THR B 420 -44.43 -32.99 -52.23
C THR B 420 -43.44 -32.04 -51.56
N LEU B 421 -43.40 -30.79 -52.01
CA LEU B 421 -42.40 -29.83 -51.56
C LEU B 421 -42.96 -28.99 -50.42
N GLY B 422 -42.31 -29.07 -49.26
CA GLY B 422 -42.77 -28.33 -48.11
C GLY B 422 -42.44 -26.85 -48.18
N CYS B 423 -43.16 -26.08 -47.37
CA CYS B 423 -42.95 -24.63 -47.29
C CYS B 423 -42.68 -24.13 -45.88
N GLY B 424 -42.73 -24.99 -44.88
CA GLY B 424 -42.46 -24.57 -43.52
C GLY B 424 -43.63 -23.82 -42.90
N SER B 425 -43.36 -23.25 -41.71
CA SER B 425 -44.38 -22.53 -40.97
C SER B 425 -44.68 -21.15 -41.55
N TRP B 426 -43.95 -20.72 -42.58
CA TRP B 426 -44.34 -19.53 -43.31
C TRP B 426 -45.67 -19.75 -44.03
N GLY B 427 -45.79 -20.86 -44.74
CA GLY B 427 -47.00 -21.26 -45.41
C GLY B 427 -47.93 -22.13 -44.60
N GLY B 428 -47.67 -22.30 -43.31
CA GLY B 428 -48.52 -23.13 -42.47
C GLY B 428 -48.24 -24.61 -42.56
N ASN B 429 -46.97 -24.99 -42.68
CA ASN B 429 -46.56 -26.39 -42.72
C ASN B 429 -45.56 -26.66 -41.59
N SER B 430 -45.18 -27.93 -41.44
CA SER B 430 -44.35 -28.33 -40.32
C SER B 430 -43.16 -29.17 -40.78
N ILE B 431 -42.65 -28.92 -41.98
CA ILE B 431 -41.55 -29.72 -42.52
C ILE B 431 -40.38 -28.84 -42.93
N SER B 432 -40.66 -27.86 -43.80
CA SER B 432 -39.66 -26.97 -44.42
C SER B 432 -38.57 -27.77 -45.15
N GLU B 433 -38.98 -28.85 -45.82
CA GLU B 433 -38.05 -29.74 -46.49
C GLU B 433 -38.81 -30.49 -47.57
N ASN B 434 -38.12 -31.41 -48.23
CA ASN B 434 -38.75 -32.35 -49.14
C ASN B 434 -39.07 -33.62 -48.36
N VAL B 435 -40.32 -34.09 -48.45
CA VAL B 435 -40.78 -35.19 -47.64
C VAL B 435 -40.18 -36.50 -48.16
N GLY B 436 -39.49 -37.22 -47.28
CA GLY B 436 -38.96 -38.51 -47.62
C GLY B 436 -39.41 -39.56 -46.62
N PRO B 437 -38.77 -40.74 -46.64
CA PRO B 437 -39.13 -41.79 -45.68
C PRO B 437 -38.65 -41.52 -44.26
N LYS B 438 -37.86 -40.47 -44.03
CA LYS B 438 -37.37 -40.15 -42.69
C LYS B 438 -38.38 -39.34 -41.87
N HIS B 439 -39.51 -38.96 -42.46
CA HIS B 439 -40.54 -38.22 -41.76
C HIS B 439 -41.67 -39.11 -41.24
N LEU B 440 -41.60 -40.41 -41.53
CA LEU B 440 -42.65 -41.36 -41.18
C LEU B 440 -42.07 -42.54 -40.40
N ILE B 441 -41.28 -42.24 -39.36
CA ILE B 441 -40.44 -43.24 -38.71
C ILE B 441 -40.84 -43.44 -37.25
N ASN B 442 -41.02 -42.35 -36.49
CA ASN B 442 -41.25 -42.36 -35.04
C ASN B 442 -40.11 -43.09 -34.32
N LYS B 443 -38.94 -42.44 -34.35
CA LYS B 443 -37.73 -42.97 -33.73
C LYS B 443 -37.94 -43.23 -32.25
N LYS B 444 -37.51 -44.41 -31.80
CA LYS B 444 -37.64 -44.86 -30.42
C LYS B 444 -36.25 -45.16 -29.88
N THR B 445 -35.92 -44.58 -28.74
CA THR B 445 -34.60 -44.69 -28.17
C THR B 445 -34.61 -45.57 -26.93
N VAL B 446 -33.51 -46.27 -26.70
CA VAL B 446 -33.35 -47.15 -25.55
C VAL B 446 -32.16 -46.63 -24.76
N ALA B 447 -32.42 -46.00 -23.62
CA ALA B 447 -31.40 -45.32 -22.84
C ALA B 447 -31.04 -46.18 -21.63
N LYS B 448 -29.81 -46.66 -21.60
CA LYS B 448 -29.30 -47.39 -20.45
C LYS B 448 -28.62 -46.44 -19.47
N ARG B 449 -28.46 -46.91 -18.24
CA ARG B 449 -27.91 -46.08 -17.17
C ARG B 449 -26.40 -45.95 -17.32
N ALA B 450 -25.91 -44.72 -17.20
CA ALA B 450 -24.48 -44.44 -17.14
C ALA B 450 -24.19 -43.64 -15.88
N GLU B 451 -22.93 -43.57 -15.51
CA GLU B 451 -22.51 -42.91 -14.29
C GLU B 451 -21.77 -41.61 -14.59
N ASN B 452 -21.90 -40.65 -13.69
CA ASN B 452 -21.25 -39.35 -13.84
C ASN B 452 -19.75 -39.49 -13.70
N MET B 453 -19.00 -38.81 -14.57
CA MET B 453 -17.55 -38.85 -14.54
C MET B 453 -17.03 -38.16 -13.28
N LEU B 454 -16.25 -38.89 -12.50
CA LEU B 454 -15.62 -38.33 -11.32
C LEU B 454 -14.18 -37.96 -11.64
N TRP B 455 -13.46 -37.46 -10.63
CA TRP B 455 -12.13 -36.93 -10.85
C TRP B 455 -11.34 -37.00 -9.56
N HIS B 456 -10.05 -36.66 -9.66
CA HIS B 456 -9.17 -36.51 -8.50
C HIS B 456 -8.19 -35.41 -8.86
N LYS B 457 -8.52 -34.18 -8.49
CA LYS B 457 -7.76 -33.00 -8.87
C LYS B 457 -7.08 -32.40 -7.65
N LEU B 458 -5.79 -32.19 -7.74
CA LEU B 458 -4.94 -31.70 -6.67
C LEU B 458 -4.03 -30.61 -7.21
N PRO B 459 -3.33 -29.88 -6.34
CA PRO B 459 -2.23 -29.04 -6.82
C PRO B 459 -1.11 -29.86 -7.44
N LYS B 460 -0.26 -29.16 -8.21
CA LYS B 460 0.80 -29.84 -8.94
C LYS B 460 1.91 -30.32 -8.02
N SER B 461 2.09 -29.69 -6.87
CA SER B 461 3.12 -30.09 -5.92
C SER B 461 2.66 -29.77 -4.51
N ILE B 462 2.63 -30.78 -3.65
CA ILE B 462 2.25 -30.62 -2.25
C ILE B 462 3.49 -30.95 -1.42
N TYR B 463 4.29 -29.94 -1.11
CA TYR B 463 5.51 -30.13 -0.35
C TYR B 463 5.22 -30.08 1.14
N PHE B 464 5.79 -31.02 1.89
CA PHE B 464 5.51 -31.12 3.32
C PHE B 464 6.65 -31.85 4.02
N ARG B 465 7.18 -31.21 5.07
CA ARG B 465 7.89 -31.84 6.17
C ARG B 465 7.97 -30.81 7.31
N ARG B 466 8.87 -31.08 8.26
CA ARG B 466 8.98 -30.25 9.46
C ARG B 466 9.48 -28.85 9.13
N GLY B 467 10.50 -28.74 8.28
CA GLY B 467 11.07 -27.43 8.01
C GLY B 467 11.26 -27.09 6.55
N SER B 468 10.36 -27.57 5.69
CA SER B 468 10.54 -27.36 4.25
C SER B 468 9.83 -26.10 3.75
N LEU B 469 10.01 -24.98 4.44
CA LEU B 469 9.61 -23.70 3.85
C LEU B 469 10.67 -23.10 2.92
N PRO B 470 11.96 -22.95 3.28
CA PRO B 470 12.88 -22.34 2.31
C PRO B 470 13.35 -23.29 1.22
N ILE B 471 13.25 -24.61 1.42
CA ILE B 471 13.63 -25.54 0.36
C ILE B 471 12.57 -25.57 -0.72
N ALA B 472 11.32 -25.31 -0.37
CA ALA B 472 10.26 -25.24 -1.37
C ALA B 472 10.21 -23.87 -2.04
N LEU B 473 10.64 -22.82 -1.33
CA LEU B 473 10.69 -21.49 -1.91
C LEU B 473 11.86 -21.30 -2.88
N ASP B 474 12.83 -22.21 -2.88
CA ASP B 474 13.88 -22.18 -3.89
C ASP B 474 13.42 -22.73 -5.24
N GLU B 475 12.25 -23.38 -5.28
CA GLU B 475 11.72 -23.84 -6.55
C GLU B 475 11.11 -22.69 -7.34
N VAL B 476 10.40 -21.78 -6.65
CA VAL B 476 9.82 -20.62 -7.33
C VAL B 476 10.86 -19.56 -7.68
N ILE B 477 12.07 -19.67 -7.15
CA ILE B 477 13.17 -18.81 -7.57
C ILE B 477 13.70 -19.26 -8.92
N THR B 478 13.94 -20.57 -9.08
CA THR B 478 14.50 -21.12 -10.30
C THR B 478 13.50 -21.23 -11.45
N ASP B 479 12.23 -20.91 -11.21
CA ASP B 479 11.23 -20.90 -12.27
C ASP B 479 11.16 -19.57 -13.01
N GLY B 480 12.03 -18.62 -12.68
CA GLY B 480 12.05 -17.34 -13.36
C GLY B 480 11.11 -16.30 -12.83
N HIS B 481 10.52 -16.50 -11.66
CA HIS B 481 9.62 -15.52 -11.08
C HIS B 481 10.42 -14.38 -10.46
N LYS B 482 10.05 -13.15 -10.83
CA LYS B 482 10.80 -11.97 -10.41
C LYS B 482 10.01 -10.98 -9.57
N ARG B 483 8.68 -11.04 -9.59
CA ARG B 483 7.84 -10.15 -8.80
C ARG B 483 6.80 -10.97 -8.07
N ALA B 484 6.77 -10.87 -6.75
CA ALA B 484 5.89 -11.68 -5.93
C ALA B 484 5.04 -10.81 -5.02
N LEU B 485 3.81 -11.24 -4.80
CA LEU B 485 2.89 -10.58 -3.88
C LEU B 485 2.53 -11.57 -2.77
N ILE B 486 2.60 -11.12 -1.53
CA ILE B 486 2.38 -11.98 -0.37
C ILE B 486 1.18 -11.45 0.39
N VAL B 487 0.12 -12.27 0.48
CA VAL B 487 -1.10 -11.91 1.17
C VAL B 487 -1.08 -12.60 2.53
N THR B 488 -1.01 -11.81 3.60
CA THR B 488 -0.91 -12.32 4.96
C THR B 488 -2.05 -11.76 5.81
N ASP B 489 -2.13 -12.26 7.04
CA ASP B 489 -2.98 -11.69 8.07
C ASP B 489 -2.24 -10.56 8.78
N ARG B 490 -2.97 -9.80 9.59
CA ARG B 490 -2.36 -8.70 10.33
C ARG B 490 -1.51 -9.20 11.50
N PHE B 491 -1.87 -10.35 12.07
CA PHE B 491 -1.08 -10.92 13.16
C PHE B 491 0.22 -11.53 12.64
N LEU B 492 0.18 -12.18 11.47
CA LEU B 492 1.34 -12.87 10.94
C LEU B 492 2.40 -11.91 10.41
N PHE B 493 2.02 -10.67 10.10
CA PHE B 493 2.99 -9.69 9.66
C PHE B 493 3.72 -9.04 10.83
N ASN B 494 3.04 -8.91 11.97
CA ASN B 494 3.61 -8.30 13.16
C ASN B 494 4.37 -9.30 14.04
N ASN B 495 4.46 -10.56 13.63
CA ASN B 495 5.14 -11.57 14.44
C ASN B 495 6.21 -12.31 13.64
N GLY B 496 6.69 -11.73 12.55
CA GLY B 496 7.80 -12.31 11.82
C GLY B 496 7.49 -13.52 10.97
N TYR B 497 6.21 -13.88 10.83
CA TYR B 497 5.86 -15.01 9.98
C TYR B 497 5.98 -14.64 8.50
N ALA B 498 5.65 -13.39 8.16
CA ALA B 498 5.81 -12.91 6.79
C ALA B 498 7.26 -12.61 6.45
N ASP B 499 8.13 -12.46 7.45
CA ASP B 499 9.53 -12.20 7.21
C ASP B 499 10.33 -13.47 6.93
N GLN B 500 9.76 -14.64 7.20
CA GLN B 500 10.42 -15.88 6.82
C GLN B 500 10.33 -16.15 5.32
N ILE B 501 9.41 -15.50 4.62
CA ILE B 501 9.27 -15.65 3.18
C ILE B 501 10.03 -14.55 2.44
N THR B 502 9.94 -13.31 2.93
CA THR B 502 10.59 -12.19 2.27
C THR B 502 12.11 -12.26 2.37
N SER B 503 12.64 -12.89 3.42
CA SER B 503 14.09 -12.98 3.56
C SER B 503 14.69 -13.98 2.58
N VAL B 504 13.96 -15.05 2.26
CA VAL B 504 14.45 -16.00 1.26
C VAL B 504 14.23 -15.45 -0.15
N LEU B 505 13.14 -14.70 -0.35
CA LEU B 505 12.81 -14.20 -1.68
C LEU B 505 13.72 -13.05 -2.09
N LYS B 506 13.93 -12.06 -1.21
CA LYS B 506 14.73 -10.90 -1.56
C LYS B 506 16.22 -11.18 -1.56
N ALA B 507 16.67 -12.29 -0.96
CA ALA B 507 18.07 -12.66 -1.04
C ALA B 507 18.44 -13.20 -2.41
N ALA B 508 17.47 -13.69 -3.17
CA ALA B 508 17.71 -14.18 -4.52
C ALA B 508 17.42 -13.12 -5.59
N GLY B 509 16.86 -11.98 -5.22
CA GLY B 509 16.71 -10.88 -6.15
C GLY B 509 15.34 -10.74 -6.79
N VAL B 510 14.27 -10.86 -6.00
CA VAL B 510 12.92 -10.60 -6.50
C VAL B 510 12.34 -9.41 -5.75
N GLU B 511 11.27 -8.87 -6.31
CA GLU B 511 10.57 -7.72 -5.73
C GLU B 511 9.32 -8.22 -5.01
N THR B 512 9.28 -8.02 -3.70
CA THR B 512 8.17 -8.47 -2.86
C THR B 512 7.31 -7.30 -2.42
N GLU B 513 6.07 -7.63 -2.04
CA GLU B 513 5.12 -6.66 -1.53
C GLU B 513 4.11 -7.41 -0.68
N VAL B 514 3.85 -6.91 0.53
CA VAL B 514 3.06 -7.62 1.52
C VAL B 514 1.72 -6.91 1.68
N PHE B 515 0.63 -7.65 1.47
CA PHE B 515 -0.73 -7.17 1.75
C PHE B 515 -1.20 -7.88 3.02
N PHE B 516 -1.27 -7.14 4.12
CA PHE B 516 -1.50 -7.70 5.44
C PHE B 516 -2.82 -7.23 6.05
N GLU B 517 -3.78 -6.84 5.21
CA GLU B 517 -5.00 -6.20 5.67
C GLU B 517 -6.24 -7.05 5.43
N VAL B 518 -6.17 -8.34 5.79
CA VAL B 518 -7.32 -9.21 5.77
C VAL B 518 -7.84 -9.38 7.20
N GLU B 519 -9.04 -9.92 7.32
CA GLU B 519 -9.70 -10.08 8.61
C GLU B 519 -9.98 -11.56 8.88
N ALA B 520 -10.74 -11.83 9.94
CA ALA B 520 -11.10 -13.20 10.27
C ALA B 520 -12.04 -13.80 9.23
N ASP B 521 -12.89 -12.98 8.63
CA ASP B 521 -13.71 -13.39 7.50
C ASP B 521 -13.42 -12.48 6.31
N PRO B 522 -13.09 -13.04 5.16
CA PRO B 522 -12.64 -12.21 4.03
C PRO B 522 -13.79 -11.60 3.25
N THR B 523 -14.28 -10.44 3.68
CA THR B 523 -15.35 -9.75 2.98
C THR B 523 -14.88 -9.26 1.61
N LEU B 524 -15.85 -8.93 0.75
CA LEU B 524 -15.56 -8.52 -0.61
C LEU B 524 -14.88 -7.16 -0.69
N SER B 525 -15.01 -6.34 0.35
CA SER B 525 -14.43 -5.00 0.31
C SER B 525 -12.92 -5.02 0.46
N ILE B 526 -12.37 -6.00 1.18
CA ILE B 526 -10.93 -6.07 1.39
C ILE B 526 -10.29 -6.98 0.34
N VAL B 527 -11.10 -7.49 -0.57
CA VAL B 527 -10.58 -8.24 -1.72
C VAL B 527 -10.24 -7.32 -2.87
N ARG B 528 -11.14 -6.38 -3.18
CA ARG B 528 -10.88 -5.40 -4.23
C ARG B 528 -9.83 -4.36 -3.82
N LYS B 529 -9.54 -4.24 -2.53
CA LYS B 529 -8.38 -3.45 -2.11
C LYS B 529 -7.08 -4.16 -2.50
N GLY B 530 -7.00 -5.47 -2.25
CA GLY B 530 -5.82 -6.21 -2.65
C GLY B 530 -5.72 -6.42 -4.14
N ALA B 531 -6.86 -6.47 -4.82
CA ALA B 531 -6.83 -6.55 -6.29
C ALA B 531 -6.39 -5.24 -6.91
N GLU B 532 -6.68 -4.12 -6.24
CA GLU B 532 -6.15 -2.83 -6.69
C GLU B 532 -4.66 -2.74 -6.47
N LEU B 533 -4.15 -3.35 -5.39
CA LEU B 533 -2.72 -3.40 -5.17
C LEU B 533 -2.04 -4.35 -6.15
N ALA B 534 -2.77 -5.34 -6.66
CA ALA B 534 -2.19 -6.36 -7.53
C ALA B 534 -1.83 -5.78 -8.89
N ASN B 535 -2.81 -5.17 -9.56
CA ASN B 535 -2.57 -4.65 -10.91
C ASN B 535 -1.79 -3.34 -10.92
N SER B 536 -1.55 -2.73 -9.76
CA SER B 536 -0.63 -1.61 -9.65
C SER B 536 0.80 -2.06 -9.39
N PHE B 537 0.99 -3.29 -8.91
CA PHE B 537 2.31 -3.86 -8.68
C PHE B 537 2.71 -4.87 -9.75
N LYS B 538 1.72 -5.54 -10.37
CA LYS B 538 1.85 -6.56 -11.41
C LYS B 538 2.80 -7.70 -11.01
N PRO B 539 2.40 -8.57 -10.08
CA PRO B 539 3.28 -9.65 -9.66
C PRO B 539 3.20 -10.83 -10.62
N ASP B 540 4.08 -11.81 -10.38
CA ASP B 540 4.09 -13.05 -11.12
C ASP B 540 3.73 -14.27 -10.27
N VAL B 541 3.75 -14.13 -8.95
CA VAL B 541 3.45 -15.22 -8.03
C VAL B 541 2.72 -14.62 -6.84
N ILE B 542 1.60 -15.22 -6.44
CA ILE B 542 0.83 -14.78 -5.29
C ILE B 542 1.00 -15.83 -4.19
N ILE B 543 1.67 -15.46 -3.11
CA ILE B 543 1.90 -16.34 -1.98
C ILE B 543 0.84 -16.05 -0.93
N ALA B 544 0.01 -17.04 -0.62
CA ALA B 544 -1.09 -16.89 0.32
C ALA B 544 -0.66 -17.48 1.67
N LEU B 545 0.13 -16.70 2.40
CA LEU B 545 0.55 -17.10 3.73
C LEU B 545 -0.58 -16.88 4.72
N GLY B 546 -0.98 -17.93 5.42
CA GLY B 546 -2.09 -17.86 6.35
C GLY B 546 -2.82 -19.18 6.39
N GLY B 547 -3.72 -19.29 7.36
CA GLY B 547 -4.43 -20.54 7.57
C GLY B 547 -5.77 -20.65 6.86
N GLY B 548 -6.65 -19.68 7.10
CA GLY B 548 -7.96 -19.69 6.47
C GLY B 548 -8.19 -18.52 5.54
N SER B 549 -8.89 -17.51 6.04
CA SER B 549 -9.24 -16.25 5.38
C SER B 549 -8.11 -15.50 4.66
N PRO B 550 -6.83 -15.56 5.08
CA PRO B 550 -5.79 -15.03 4.18
C PRO B 550 -5.64 -15.80 2.88
N MET B 551 -6.02 -17.08 2.84
CA MET B 551 -5.92 -17.84 1.59
C MET B 551 -7.16 -17.70 0.73
N ASP B 552 -8.33 -17.52 1.33
CA ASP B 552 -9.55 -17.35 0.54
C ASP B 552 -9.62 -15.98 -0.09
N ALA B 553 -9.08 -14.96 0.58
CA ALA B 553 -9.03 -13.63 0.00
C ALA B 553 -7.97 -13.52 -1.09
N ALA B 554 -6.97 -14.40 -1.07
CA ALA B 554 -5.94 -14.37 -2.10
C ALA B 554 -6.38 -15.10 -3.36
N LYS B 555 -7.26 -16.10 -3.24
CA LYS B 555 -7.77 -16.80 -4.41
C LYS B 555 -8.70 -15.92 -5.22
N ILE B 556 -9.48 -15.06 -4.57
CA ILE B 556 -10.45 -14.23 -5.28
C ILE B 556 -9.76 -13.01 -5.87
N MET B 557 -8.78 -12.45 -5.18
CA MET B 557 -7.96 -11.41 -5.78
C MET B 557 -6.98 -11.95 -6.82
N TRP B 558 -6.82 -13.27 -6.91
CA TRP B 558 -6.16 -13.87 -8.07
C TRP B 558 -7.08 -13.84 -9.28
N VAL B 559 -8.40 -13.91 -9.07
CA VAL B 559 -9.34 -13.85 -10.18
C VAL B 559 -9.44 -12.43 -10.71
N MET B 560 -9.62 -11.46 -9.81
CA MET B 560 -9.83 -10.07 -10.21
C MET B 560 -8.56 -9.39 -10.67
N TYR B 561 -7.39 -10.00 -10.46
CA TYR B 561 -6.17 -9.55 -11.11
C TYR B 561 -5.98 -10.17 -12.47
N GLU B 562 -6.40 -11.44 -12.64
CA GLU B 562 -6.28 -12.10 -13.93
C GLU B 562 -7.34 -11.62 -14.91
N HIS B 563 -8.59 -11.53 -14.46
CA HIS B 563 -9.70 -11.06 -15.29
C HIS B 563 -10.46 -10.01 -14.49
N PRO B 564 -10.17 -8.72 -14.69
CA PRO B 564 -10.69 -7.67 -13.81
C PRO B 564 -12.10 -7.21 -14.10
N GLU B 565 -12.82 -7.91 -14.98
CA GLU B 565 -14.20 -7.54 -15.31
C GLU B 565 -15.21 -8.56 -14.82
N THR B 566 -14.79 -9.53 -14.01
CA THR B 566 -15.70 -10.55 -13.51
C THR B 566 -16.58 -9.99 -12.41
N HIS B 567 -17.83 -10.46 -12.38
CA HIS B 567 -18.81 -10.05 -11.40
C HIS B 567 -18.88 -11.06 -10.27
N PHE B 568 -19.00 -10.58 -9.03
CA PHE B 568 -19.12 -11.48 -7.89
C PHE B 568 -20.49 -12.14 -7.85
N GLU B 569 -21.51 -11.51 -8.45
CA GLU B 569 -22.85 -12.07 -8.48
C GLU B 569 -22.96 -13.28 -9.40
N GLU B 570 -21.98 -13.50 -10.28
CA GLU B 570 -21.96 -14.68 -11.14
C GLU B 570 -21.03 -15.77 -10.62
N LEU B 571 -20.05 -15.41 -9.79
CA LEU B 571 -19.22 -16.42 -9.14
C LEU B 571 -20.01 -17.17 -8.08
N ALA B 572 -20.90 -16.47 -7.38
CA ALA B 572 -21.65 -17.04 -6.27
C ALA B 572 -22.94 -17.70 -6.70
N LEU B 573 -23.15 -17.94 -7.99
CA LEU B 573 -24.35 -18.61 -8.43
C LEU B 573 -24.25 -20.10 -8.13
N ARG B 574 -25.28 -20.63 -7.49
CA ARG B 574 -25.27 -22.03 -7.07
C ARG B 574 -25.56 -22.93 -8.28
N PHE B 575 -24.64 -23.85 -8.56
CA PHE B 575 -24.85 -24.79 -9.64
C PHE B 575 -25.54 -26.05 -9.14
N MET B 576 -25.98 -26.88 -10.09
CA MET B 576 -26.45 -28.21 -9.77
C MET B 576 -25.37 -29.27 -9.95
N ASP B 577 -24.41 -29.02 -10.84
CA ASP B 577 -23.30 -29.93 -11.10
C ASP B 577 -22.19 -29.14 -11.78
N ILE B 578 -20.94 -29.32 -11.32
CA ILE B 578 -19.81 -28.76 -12.05
C ILE B 578 -19.62 -29.54 -13.35
N ARG B 579 -18.94 -28.89 -14.31
CA ARG B 579 -18.82 -29.20 -15.74
C ARG B 579 -20.15 -29.04 -16.49
N LYS B 580 -21.20 -28.55 -15.81
CA LYS B 580 -22.46 -28.20 -16.46
C LYS B 580 -23.00 -26.88 -15.92
N ARG B 581 -22.17 -26.09 -15.25
CA ARG B 581 -22.60 -24.82 -14.70
C ARG B 581 -22.69 -23.76 -15.80
N ILE B 582 -23.33 -22.64 -15.47
CA ILE B 582 -23.59 -21.61 -16.45
C ILE B 582 -22.37 -20.71 -16.63
N TYR B 583 -21.83 -20.18 -15.54
CA TYR B 583 -20.66 -19.31 -15.61
C TYR B 583 -19.41 -20.17 -15.50
N LYS B 584 -18.77 -20.41 -16.63
CA LYS B 584 -17.46 -21.05 -16.63
C LYS B 584 -16.40 -20.08 -16.12
N PHE B 585 -15.57 -20.54 -15.19
CA PHE B 585 -14.43 -19.74 -14.77
C PHE B 585 -13.41 -19.67 -15.90
N PRO B 586 -12.84 -18.49 -16.16
CA PRO B 586 -11.83 -18.39 -17.21
C PRO B 586 -10.53 -19.07 -16.81
N LYS B 587 -9.73 -19.39 -17.83
CA LYS B 587 -8.47 -20.09 -17.59
C LYS B 587 -7.47 -19.14 -16.97
N MET B 588 -7.07 -19.45 -15.73
CA MET B 588 -6.16 -18.60 -14.97
C MET B 588 -4.77 -19.19 -14.97
N GLY B 589 -3.83 -18.43 -14.40
CA GLY B 589 -2.44 -18.80 -14.44
C GLY B 589 -1.69 -18.31 -15.66
N VAL B 590 -2.25 -17.34 -16.38
CA VAL B 590 -1.59 -16.84 -17.59
C VAL B 590 -0.60 -15.73 -17.27
N LYS B 591 -0.68 -15.10 -16.10
CA LYS B 591 0.31 -14.13 -15.68
C LYS B 591 0.64 -14.17 -14.20
N ALA B 592 0.06 -15.10 -13.43
CA ALA B 592 0.29 -15.15 -12.00
C ALA B 592 0.06 -16.57 -11.50
N LYS B 593 1.08 -17.15 -10.88
CA LYS B 593 0.94 -18.43 -10.21
C LYS B 593 0.48 -18.23 -8.76
N MET B 594 0.04 -19.31 -8.13
CA MET B 594 -0.46 -19.26 -6.77
C MET B 594 0.30 -20.26 -5.90
N ILE B 595 0.96 -19.76 -4.86
CA ILE B 595 1.62 -20.58 -3.86
C ILE B 595 0.81 -20.46 -2.57
N ALA B 596 0.65 -21.58 -1.87
CA ALA B 596 -0.28 -21.67 -0.75
C ALA B 596 0.43 -22.23 0.48
N VAL B 597 1.01 -21.33 1.27
CA VAL B 597 1.66 -21.71 2.53
C VAL B 597 0.63 -21.61 3.66
N THR B 598 0.42 -22.71 4.36
CA THR B 598 -0.59 -22.77 5.41
C THR B 598 0.06 -22.65 6.79
N THR B 599 -0.68 -22.06 7.72
CA THR B 599 -0.22 -21.87 9.10
C THR B 599 -1.09 -22.57 10.12
N THR B 600 -2.41 -22.49 10.01
CA THR B 600 -3.27 -23.21 10.93
C THR B 600 -3.41 -24.66 10.50
N SER B 601 -3.67 -25.53 11.49
CA SER B 601 -3.75 -26.96 11.26
C SER B 601 -5.20 -27.46 11.22
N GLY B 602 -6.13 -26.65 10.73
CA GLY B 602 -7.50 -27.09 10.64
C GLY B 602 -8.12 -27.08 9.26
N THR B 603 -7.70 -26.15 8.41
CA THR B 603 -8.33 -25.92 7.12
C THR B 603 -7.37 -26.32 6.01
N GLY B 604 -7.82 -27.24 5.16
CA GLY B 604 -7.04 -27.64 4.00
C GLY B 604 -7.33 -26.82 2.77
N SER B 605 -7.34 -25.48 2.92
CA SER B 605 -7.66 -24.60 1.79
C SER B 605 -6.52 -24.49 0.79
N GLU B 606 -5.36 -25.08 1.06
CA GLU B 606 -4.24 -25.06 0.13
C GLU B 606 -4.37 -26.07 -1.00
N VAL B 607 -5.27 -27.04 -0.87
CA VAL B 607 -5.46 -28.04 -1.91
C VAL B 607 -6.88 -28.08 -2.45
N THR B 608 -7.81 -27.33 -1.87
CA THR B 608 -9.20 -27.39 -2.26
C THR B 608 -9.55 -26.22 -3.17
N PRO B 609 -10.49 -26.42 -4.12
CA PRO B 609 -10.96 -25.31 -4.97
C PRO B 609 -12.09 -24.50 -4.33
N PHE B 610 -11.91 -24.11 -3.07
CA PHE B 610 -12.91 -23.34 -2.35
C PHE B 610 -12.35 -21.99 -1.94
N ALA B 611 -13.26 -21.03 -1.81
CA ALA B 611 -12.92 -19.69 -1.32
C ALA B 611 -14.18 -19.09 -0.72
N VAL B 612 -14.28 -19.10 0.60
CA VAL B 612 -15.47 -18.62 1.29
C VAL B 612 -15.26 -17.13 1.59
N VAL B 613 -15.99 -16.29 0.87
CA VAL B 613 -15.87 -14.84 1.02
C VAL B 613 -17.24 -14.26 1.30
N THR B 614 -17.26 -13.17 2.08
CA THR B 614 -18.49 -12.52 2.49
C THR B 614 -18.83 -11.42 1.49
N ASP B 615 -20.14 -11.24 1.25
CA ASP B 615 -20.58 -10.27 0.24
C ASP B 615 -20.43 -8.84 0.71
N ASP B 616 -20.50 -8.62 2.04
CA ASP B 616 -20.31 -7.36 2.77
C ASP B 616 -21.40 -6.33 2.52
N ALA B 617 -22.38 -6.61 1.66
CA ALA B 617 -23.53 -5.74 1.47
C ALA B 617 -24.80 -6.31 2.08
N THR B 618 -24.97 -7.62 2.08
CA THR B 618 -26.08 -8.28 2.73
C THR B 618 -25.66 -9.17 3.88
N GLY B 619 -24.37 -9.44 4.04
CA GLY B 619 -23.89 -10.30 5.12
C GLY B 619 -24.15 -11.77 4.87
N GLN B 620 -23.64 -12.29 3.77
CA GLN B 620 -23.82 -13.69 3.39
C GLN B 620 -22.48 -14.32 3.05
N LYS B 621 -22.27 -15.54 3.55
CA LYS B 621 -21.07 -16.30 3.22
C LYS B 621 -21.33 -17.14 1.98
N TYR B 622 -20.48 -16.99 0.97
CA TYR B 622 -20.67 -17.66 -0.31
C TYR B 622 -19.50 -18.58 -0.60
N PRO B 623 -19.66 -19.90 -0.54
CA PRO B 623 -18.57 -20.80 -0.92
C PRO B 623 -18.40 -20.88 -2.43
N LEU B 624 -17.33 -20.30 -2.95
CA LEU B 624 -17.11 -20.27 -4.40
C LEU B 624 -16.27 -21.47 -4.78
N ALA B 625 -16.81 -22.31 -5.67
CA ALA B 625 -16.22 -23.62 -5.94
C ALA B 625 -16.08 -23.84 -7.44
N ASP B 626 -14.83 -23.80 -7.92
CA ASP B 626 -14.48 -24.30 -9.24
C ASP B 626 -12.99 -24.59 -9.24
N TYR B 627 -12.60 -25.60 -10.04
CA TYR B 627 -11.25 -26.15 -9.98
C TYR B 627 -10.19 -25.27 -10.63
N ALA B 628 -10.54 -24.08 -11.10
CA ALA B 628 -9.53 -23.10 -11.49
C ALA B 628 -8.94 -22.38 -10.30
N LEU B 629 -9.53 -22.51 -9.11
CA LEU B 629 -9.04 -21.89 -7.89
C LEU B 629 -8.04 -22.77 -7.15
N THR B 630 -7.67 -23.91 -7.72
CA THR B 630 -6.68 -24.76 -7.07
C THR B 630 -5.29 -24.15 -7.22
N PRO B 631 -4.52 -24.06 -6.14
CA PRO B 631 -3.17 -23.48 -6.23
C PRO B 631 -2.21 -24.36 -7.00
N ASP B 632 -1.12 -23.75 -7.45
CA ASP B 632 -0.09 -24.45 -8.19
C ASP B 632 0.93 -25.15 -7.28
N MET B 633 0.98 -24.77 -6.00
CA MET B 633 1.92 -25.38 -5.06
C MET B 633 1.39 -25.14 -3.65
N ALA B 634 1.31 -26.22 -2.86
CA ALA B 634 0.87 -26.14 -1.48
C ALA B 634 2.04 -26.52 -0.58
N ILE B 635 2.40 -25.65 0.35
CA ILE B 635 3.52 -25.86 1.25
C ILE B 635 2.94 -26.04 2.65
N VAL B 636 3.00 -27.26 3.17
CA VAL B 636 2.48 -27.57 4.50
C VAL B 636 3.64 -27.94 5.42
N ASP B 637 4.18 -26.96 6.13
CA ASP B 637 5.27 -27.20 7.07
C ASP B 637 4.81 -26.87 8.48
N ALA B 638 5.33 -27.64 9.44
CA ALA B 638 4.88 -27.56 10.83
C ALA B 638 5.71 -26.62 11.68
N ASN B 639 6.62 -25.85 11.08
CA ASN B 639 7.35 -24.86 11.85
C ASN B 639 6.52 -23.61 12.12
N LEU B 640 5.47 -23.38 11.34
CA LEU B 640 4.58 -22.24 11.53
C LEU B 640 3.41 -22.56 12.44
N VAL B 641 3.29 -23.80 12.90
CA VAL B 641 2.14 -24.27 13.66
C VAL B 641 2.46 -24.52 15.13
N MET B 642 3.73 -24.39 15.52
CA MET B 642 4.13 -24.75 16.88
C MET B 642 3.62 -23.75 17.91
N ASP B 643 3.69 -22.45 17.61
CA ASP B 643 3.30 -21.42 18.57
C ASP B 643 1.82 -21.05 18.45
N MET B 644 0.98 -21.95 17.97
CA MET B 644 -0.46 -21.74 17.87
C MET B 644 -1.11 -21.89 19.24
N PRO B 645 -2.03 -20.99 19.60
CA PRO B 645 -2.68 -21.08 20.92
C PRO B 645 -3.64 -22.26 21.00
N LYS B 646 -4.12 -22.49 22.22
CA LYS B 646 -4.97 -23.65 22.49
C LYS B 646 -6.38 -23.48 21.95
N SER B 647 -6.86 -22.25 21.83
CA SER B 647 -8.21 -22.03 21.30
C SER B 647 -8.26 -22.27 19.80
N LEU B 648 -7.16 -21.98 19.09
CA LEU B 648 -7.10 -22.20 17.65
C LEU B 648 -6.78 -23.64 17.30
N CYS B 649 -6.07 -24.36 18.17
CA CYS B 649 -5.76 -25.75 17.91
C CYS B 649 -6.98 -26.64 18.09
N ALA B 650 -7.85 -26.30 19.04
CA ALA B 650 -9.05 -27.10 19.26
C ALA B 650 -10.13 -26.77 18.25
N PHE B 651 -10.20 -25.51 17.80
CA PHE B 651 -11.20 -25.16 16.78
C PHE B 651 -10.81 -25.72 15.43
N GLY B 652 -9.52 -25.77 15.13
CA GLY B 652 -9.06 -26.29 13.86
C GLY B 652 -9.13 -27.80 13.76
N GLY B 653 -8.62 -28.48 14.79
CA GLY B 653 -8.53 -29.93 14.74
C GLY B 653 -9.88 -30.62 14.75
N LEU B 654 -10.89 -30.01 15.37
CA LEU B 654 -12.24 -30.55 15.29
C LEU B 654 -12.95 -30.17 14.01
N ASP B 655 -12.47 -29.13 13.32
CA ASP B 655 -13.00 -28.80 12.00
C ASP B 655 -12.52 -29.80 10.96
N ALA B 656 -11.27 -30.26 11.07
CA ALA B 656 -10.74 -31.23 10.15
C ALA B 656 -11.28 -32.64 10.39
N VAL B 657 -11.87 -32.90 11.55
CA VAL B 657 -12.60 -34.15 11.73
C VAL B 657 -13.87 -34.15 10.90
N THR B 658 -14.60 -33.03 10.90
CA THR B 658 -15.80 -32.90 10.11
C THR B 658 -15.51 -32.80 8.61
N HIS B 659 -14.29 -32.42 8.24
CA HIS B 659 -13.94 -32.41 6.82
C HIS B 659 -13.81 -33.83 6.27
N ALA B 660 -13.17 -34.73 7.03
CA ALA B 660 -12.99 -36.10 6.57
C ALA B 660 -14.20 -36.97 6.82
N MET B 661 -15.14 -36.52 7.65
CA MET B 661 -16.33 -37.31 7.96
C MET B 661 -17.48 -37.04 7.00
N GLU B 662 -17.55 -35.83 6.43
CA GLU B 662 -18.55 -35.53 5.43
C GLU B 662 -18.11 -35.90 4.02
N ALA B 663 -16.80 -35.93 3.78
CA ALA B 663 -16.27 -36.34 2.48
C ALA B 663 -16.25 -37.85 2.29
N TYR B 664 -16.50 -38.62 3.35
CA TYR B 664 -16.53 -40.07 3.25
C TYR B 664 -17.92 -40.61 3.00
N VAL B 665 -18.96 -39.91 3.47
CA VAL B 665 -20.34 -40.36 3.30
C VAL B 665 -21.04 -39.67 2.14
N SER B 666 -20.37 -38.73 1.47
CA SER B 666 -20.98 -37.97 0.39
C SER B 666 -21.25 -38.86 -0.82
N VAL B 667 -22.08 -38.33 -1.73
CA VAL B 667 -22.42 -39.09 -2.93
C VAL B 667 -21.32 -39.05 -3.97
N LEU B 668 -20.44 -38.05 -3.92
CA LEU B 668 -19.29 -37.99 -4.81
C LEU B 668 -18.08 -38.74 -4.26
N ALA B 669 -18.23 -39.42 -3.12
CA ALA B 669 -17.13 -40.16 -2.52
C ALA B 669 -16.86 -41.44 -3.30
N SER B 670 -15.74 -41.48 -4.00
CA SER B 670 -15.33 -42.63 -4.76
C SER B 670 -14.25 -43.40 -4.00
N GLU B 671 -13.63 -44.38 -4.65
CA GLU B 671 -12.57 -45.16 -4.04
C GLU B 671 -11.24 -44.40 -3.97
N PHE B 672 -11.12 -43.28 -4.69
CA PHE B 672 -9.89 -42.51 -4.68
C PHE B 672 -9.79 -41.63 -3.43
N SER B 673 -10.92 -41.16 -2.90
CA SER B 673 -10.93 -40.28 -1.75
C SER B 673 -11.53 -40.94 -0.51
N ASP B 674 -11.57 -42.27 -0.48
CA ASP B 674 -11.97 -42.97 0.74
C ASP B 674 -10.78 -43.37 1.59
N GLY B 675 -9.62 -43.58 0.97
CA GLY B 675 -8.43 -43.84 1.75
C GLY B 675 -7.92 -42.61 2.46
N GLN B 676 -7.97 -41.45 1.80
CA GLN B 676 -7.51 -40.22 2.41
C GLN B 676 -8.49 -39.71 3.45
N ALA B 677 -9.78 -40.05 3.32
CA ALA B 677 -10.75 -39.62 4.32
C ALA B 677 -10.63 -40.44 5.60
N LEU B 678 -10.18 -41.69 5.50
CA LEU B 678 -9.99 -42.54 6.66
C LEU B 678 -8.61 -42.39 7.28
N GLN B 679 -7.61 -42.03 6.47
CA GLN B 679 -6.28 -41.77 7.02
C GLN B 679 -6.26 -40.50 7.85
N ALA B 680 -7.02 -39.49 7.43
CA ALA B 680 -7.09 -38.24 8.18
C ALA B 680 -7.88 -38.38 9.48
N LEU B 681 -8.72 -39.41 9.60
CA LEU B 681 -9.41 -39.67 10.85
C LEU B 681 -8.61 -40.55 11.79
N LYS B 682 -7.70 -41.36 11.26
CA LYS B 682 -6.83 -42.17 12.10
C LYS B 682 -5.80 -41.31 12.81
N LEU B 683 -5.24 -40.33 12.11
CA LEU B 683 -4.24 -39.44 12.70
C LEU B 683 -4.86 -38.45 13.67
N LEU B 684 -6.08 -37.98 13.39
CA LEU B 684 -6.76 -37.05 14.27
C LEU B 684 -7.38 -37.73 15.49
N LYS B 685 -7.40 -39.05 15.54
CA LYS B 685 -7.85 -39.75 16.74
C LYS B 685 -6.72 -39.93 17.74
N GLU B 686 -5.51 -40.19 17.26
CA GLU B 686 -4.38 -40.54 18.13
C GLU B 686 -3.57 -39.34 18.59
N TYR B 687 -3.57 -38.24 17.84
CA TYR B 687 -2.66 -37.14 18.12
C TYR B 687 -3.34 -35.83 18.49
N LEU B 688 -4.63 -35.65 18.19
CA LEU B 688 -5.32 -34.41 18.51
C LEU B 688 -5.56 -34.20 20.01
N PRO B 689 -5.85 -35.24 20.83
CA PRO B 689 -5.74 -35.02 22.28
C PRO B 689 -4.32 -34.73 22.75
N ALA B 690 -3.32 -35.33 22.10
CA ALA B 690 -1.93 -35.09 22.51
C ALA B 690 -1.46 -33.72 22.07
N SER B 691 -1.93 -33.22 20.93
CA SER B 691 -1.51 -31.91 20.44
C SER B 691 -2.18 -30.75 21.14
N TYR B 692 -3.24 -30.98 21.90
CA TYR B 692 -3.94 -29.92 22.60
C TYR B 692 -3.39 -29.73 24.00
N HIS B 693 -3.24 -30.83 24.72
CA HIS B 693 -2.73 -30.79 26.09
C HIS B 693 -1.31 -30.25 26.12
N GLU B 694 -0.35 -31.02 25.63
CA GLU B 694 1.03 -30.55 25.63
C GLU B 694 1.16 -29.32 24.75
N GLY B 695 0.91 -29.49 23.46
CA GLY B 695 1.01 -28.39 22.53
C GLY B 695 2.34 -28.47 21.80
N SER B 696 3.26 -27.58 22.15
CA SER B 696 4.57 -27.60 21.51
C SER B 696 5.58 -28.37 22.37
N LYS B 697 5.08 -28.98 23.44
CA LYS B 697 5.89 -29.79 24.35
C LYS B 697 6.17 -31.12 23.66
N ASN B 698 5.22 -31.55 22.85
CA ASN B 698 5.35 -32.78 22.08
C ASN B 698 5.12 -32.35 20.66
N PRO B 699 6.20 -32.10 19.92
CA PRO B 699 6.18 -31.65 18.52
C PRO B 699 5.86 -32.74 17.53
N VAL B 700 6.08 -34.00 17.87
CA VAL B 700 5.76 -35.06 16.93
C VAL B 700 4.26 -35.23 16.81
N ALA B 701 3.53 -34.61 17.73
CA ALA B 701 2.08 -34.66 17.69
C ALA B 701 1.47 -33.42 17.06
N ARG B 702 2.15 -32.27 17.17
CA ARG B 702 1.71 -31.06 16.48
C ARG B 702 1.96 -31.15 14.98
N GLU B 703 2.89 -32.01 14.55
CA GLU B 703 3.17 -32.16 13.13
C GLU B 703 2.17 -33.08 12.45
N ARG B 704 1.72 -34.13 13.14
CA ARG B 704 0.79 -35.08 12.53
C ARG B 704 -0.61 -34.49 12.39
N VAL B 705 -1.01 -33.59 13.30
CA VAL B 705 -2.29 -32.92 13.16
C VAL B 705 -2.26 -31.92 12.01
N HIS B 706 -1.11 -31.26 11.81
CA HIS B 706 -0.97 -30.32 10.71
C HIS B 706 -0.93 -31.05 9.36
N SER B 707 -0.51 -32.31 9.35
CA SER B 707 -0.59 -33.09 8.13
C SER B 707 -1.96 -33.70 7.92
N ALA B 708 -2.66 -34.06 9.00
CA ALA B 708 -3.97 -34.68 8.89
C ALA B 708 -5.05 -33.71 8.43
N ALA B 709 -4.84 -32.41 8.61
CA ALA B 709 -5.78 -31.43 8.08
C ALA B 709 -5.66 -31.33 6.56
N THR B 710 -4.45 -31.48 6.03
CA THR B 710 -4.27 -31.45 4.58
C THR B 710 -4.71 -32.73 3.91
N ILE B 711 -4.55 -33.88 4.60
CA ILE B 711 -5.02 -35.16 4.06
C ILE B 711 -6.54 -35.18 4.00
N ALA B 712 -7.20 -34.56 4.99
CA ALA B 712 -8.64 -34.34 4.89
C ALA B 712 -8.98 -33.36 3.78
N GLY B 713 -8.06 -32.44 3.46
CA GLY B 713 -8.27 -31.55 2.33
C GLY B 713 -8.18 -32.24 1.00
N ILE B 714 -7.47 -33.37 0.93
CA ILE B 714 -7.49 -34.18 -0.29
C ILE B 714 -8.85 -34.84 -0.46
N ALA B 715 -9.53 -35.12 0.66
CA ALA B 715 -10.80 -35.84 0.60
C ALA B 715 -11.93 -34.97 0.09
N PHE B 716 -12.09 -33.77 0.65
CA PHE B 716 -13.24 -32.94 0.28
C PHE B 716 -12.94 -31.95 -0.83
N ALA B 717 -11.75 -32.02 -1.45
CA ALA B 717 -11.53 -31.28 -2.69
C ALA B 717 -12.22 -31.96 -3.86
N ASN B 718 -12.40 -33.28 -3.79
CA ASN B 718 -12.98 -34.05 -4.88
C ASN B 718 -14.34 -34.64 -4.54
N ALA B 719 -14.71 -34.72 -3.27
CA ALA B 719 -16.02 -35.19 -2.84
C ALA B 719 -16.50 -34.21 -1.78
N PHE B 720 -17.38 -33.30 -2.17
CA PHE B 720 -17.66 -32.09 -1.40
C PHE B 720 -18.42 -32.39 -0.12
N LEU B 721 -18.49 -31.39 0.75
CA LEU B 721 -19.08 -31.53 2.07
C LEU B 721 -20.59 -31.64 1.98
N GLY B 722 -21.20 -32.04 3.09
CA GLY B 722 -22.63 -32.23 3.19
C GLY B 722 -23.34 -31.02 3.79
N VAL B 723 -24.41 -31.30 4.53
CA VAL B 723 -25.28 -30.24 5.02
C VAL B 723 -24.79 -29.59 6.31
N CYS B 724 -23.77 -30.17 6.96
CA CYS B 724 -23.26 -29.59 8.20
C CYS B 724 -22.49 -28.30 7.93
N HIS B 725 -21.71 -28.27 6.84
CA HIS B 725 -21.02 -27.03 6.47
C HIS B 725 -21.95 -26.02 5.81
N SER B 726 -23.11 -26.46 5.32
CA SER B 726 -24.08 -25.52 4.75
C SER B 726 -24.73 -24.69 5.86
N MET B 727 -25.00 -25.30 7.01
CA MET B 727 -25.53 -24.57 8.14
C MET B 727 -24.44 -23.83 8.90
N ALA B 728 -23.21 -24.35 8.90
CA ALA B 728 -22.12 -23.71 9.62
C ALA B 728 -21.65 -22.42 8.95
N HIS B 729 -21.86 -22.29 7.64
CA HIS B 729 -21.51 -21.03 6.98
C HIS B 729 -22.51 -19.93 7.30
N LYS B 730 -23.77 -20.30 7.56
CA LYS B 730 -24.78 -19.32 7.92
C LYS B 730 -24.78 -19.02 9.40
N LEU B 731 -24.55 -20.05 10.24
CA LEU B 731 -24.46 -19.84 11.68
C LEU B 731 -23.22 -19.04 12.06
N GLY B 732 -22.15 -19.18 11.29
CA GLY B 732 -20.92 -18.44 11.59
C GLY B 732 -20.93 -17.02 11.09
N SER B 733 -21.70 -16.72 10.05
CA SER B 733 -21.75 -15.37 9.50
C SER B 733 -22.84 -14.51 10.14
N GLN B 734 -23.76 -15.11 10.89
CA GLN B 734 -24.85 -14.37 11.51
C GLN B 734 -24.51 -13.91 12.93
N PHE B 735 -23.92 -14.79 13.73
CA PHE B 735 -23.61 -14.49 15.12
C PHE B 735 -22.11 -14.41 15.38
N HIS B 736 -21.30 -14.33 14.32
CA HIS B 736 -19.83 -14.19 14.38
C HIS B 736 -19.16 -15.34 15.13
N ILE B 737 -19.74 -16.52 15.07
CA ILE B 737 -19.07 -17.71 15.60
C ILE B 737 -17.95 -18.11 14.65
N PRO B 738 -16.74 -18.37 15.15
CA PRO B 738 -15.64 -18.73 14.24
C PRO B 738 -15.83 -20.11 13.62
N HIS B 739 -15.40 -20.23 12.36
CA HIS B 739 -15.50 -21.50 11.65
C HIS B 739 -14.56 -22.52 12.28
N GLY B 740 -15.10 -23.68 12.61
CA GLY B 740 -14.37 -24.65 13.40
C GLY B 740 -15.08 -24.87 14.72
N LEU B 741 -15.64 -23.79 15.27
CA LEU B 741 -16.53 -23.90 16.42
C LEU B 741 -17.97 -24.17 16.00
N ALA B 742 -18.36 -23.66 14.83
CA ALA B 742 -19.76 -23.79 14.40
C ALA B 742 -20.09 -25.21 13.97
N ASN B 743 -19.27 -25.79 13.11
CA ASN B 743 -19.52 -27.16 12.65
C ASN B 743 -19.11 -28.21 13.67
N ALA B 744 -18.42 -27.83 14.75
CA ALA B 744 -18.16 -28.76 15.83
C ALA B 744 -19.40 -28.98 16.69
N LEU B 745 -20.21 -27.93 16.89
CA LEU B 745 -21.47 -28.10 17.62
C LEU B 745 -22.48 -28.89 16.79
N LEU B 746 -22.41 -28.78 15.47
CA LEU B 746 -23.43 -29.30 14.58
C LEU B 746 -23.22 -30.74 14.18
N ILE B 747 -22.00 -31.27 14.32
CA ILE B 747 -21.66 -32.55 13.71
C ILE B 747 -22.34 -33.73 14.42
N CYS B 748 -22.63 -33.59 15.73
CA CYS B 748 -23.25 -34.68 16.45
C CYS B 748 -24.73 -34.86 16.10
N ASN B 749 -25.37 -33.85 15.52
CA ASN B 749 -26.75 -33.97 15.09
C ASN B 749 -26.88 -34.34 13.62
N VAL B 750 -25.94 -33.91 12.78
CA VAL B 750 -25.97 -34.27 11.37
C VAL B 750 -25.68 -35.77 11.18
N ILE B 751 -24.86 -36.34 12.06
CA ILE B 751 -24.60 -37.78 12.02
C ILE B 751 -25.87 -38.56 12.36
N ARG B 752 -26.62 -38.10 13.38
CA ARG B 752 -27.92 -38.69 13.66
C ARG B 752 -28.94 -38.35 12.58
N TYR B 753 -28.74 -37.27 11.83
CA TYR B 753 -29.66 -36.91 10.76
C TYR B 753 -29.43 -37.77 9.52
N ASN B 754 -28.17 -37.98 9.14
CA ASN B 754 -27.88 -38.69 7.91
C ASN B 754 -28.00 -40.20 8.05
N ALA B 755 -27.74 -40.75 9.24
CA ALA B 755 -27.75 -42.20 9.44
C ALA B 755 -29.19 -42.69 9.61
N ASN B 756 -29.89 -42.75 8.49
CA ASN B 756 -31.26 -43.27 8.44
C ASN B 756 -31.37 -44.35 7.38
N ASP B 757 -32.16 -45.38 7.67
CA ASP B 757 -32.36 -46.45 6.70
C ASP B 757 -33.28 -45.99 5.57
N ASN B 758 -34.43 -45.41 5.92
CA ASN B 758 -35.39 -44.90 4.95
C ASN B 758 -35.58 -43.40 5.20
N PRO B 759 -34.71 -42.56 4.66
CA PRO B 759 -34.86 -41.12 4.86
C PRO B 759 -35.87 -40.52 3.90
N THR B 760 -36.48 -39.42 4.34
CA THR B 760 -37.34 -38.66 3.45
C THR B 760 -36.49 -37.90 2.45
N LYS B 761 -36.78 -38.10 1.17
CA LYS B 761 -36.16 -37.41 0.04
C LYS B 761 -34.64 -37.62 0.00
N GLN B 762 -34.26 -38.87 -0.28
CA GLN B 762 -32.87 -39.16 -0.58
C GLN B 762 -32.49 -38.51 -1.92
N THR B 763 -31.21 -38.19 -2.07
CA THR B 763 -30.78 -37.39 -3.20
C THR B 763 -30.63 -38.24 -4.46
N ALA B 764 -30.49 -37.55 -5.59
CA ALA B 764 -30.45 -38.18 -6.90
C ALA B 764 -29.02 -38.16 -7.43
N PHE B 765 -28.45 -39.35 -7.62
CA PHE B 765 -27.14 -39.49 -8.23
C PHE B 765 -27.04 -40.87 -8.85
N SER B 766 -26.38 -40.97 -10.00
CA SER B 766 -26.28 -42.25 -10.70
C SER B 766 -25.33 -43.21 -10.01
N GLN B 767 -24.30 -42.69 -9.33
CA GLN B 767 -23.38 -43.55 -8.61
C GLN B 767 -23.99 -44.05 -7.31
N TYR B 768 -24.82 -43.23 -6.65
CA TYR B 768 -25.41 -43.57 -5.37
C TYR B 768 -26.50 -44.61 -5.58
N ASP B 769 -26.29 -45.81 -5.04
CA ASP B 769 -27.21 -46.91 -5.27
C ASP B 769 -28.49 -46.73 -4.47
N ARG B 770 -28.38 -46.65 -3.16
CA ARG B 770 -29.48 -46.55 -2.23
C ARG B 770 -29.04 -45.65 -1.08
N PRO B 771 -29.93 -45.19 -0.19
CA PRO B 771 -29.44 -44.53 1.03
C PRO B 771 -28.65 -45.50 1.90
N GLN B 772 -27.34 -45.28 1.94
CA GLN B 772 -26.41 -46.16 2.64
C GLN B 772 -25.41 -45.35 3.46
N ALA B 773 -25.86 -44.22 4.02
CA ALA B 773 -25.00 -43.42 4.88
C ALA B 773 -24.82 -44.04 6.26
N ARG B 774 -25.71 -44.95 6.66
CA ARG B 774 -25.56 -45.60 7.95
C ARG B 774 -24.49 -46.67 7.92
N ARG B 775 -24.27 -47.29 6.76
CA ARG B 775 -23.22 -48.31 6.66
C ARG B 775 -21.84 -47.67 6.62
N ARG B 776 -21.70 -46.54 5.93
CA ARG B 776 -20.41 -45.88 5.83
C ARG B 776 -20.01 -45.19 7.13
N TYR B 777 -20.99 -44.81 7.96
CA TYR B 777 -20.67 -44.33 9.30
C TYR B 777 -20.23 -45.46 10.21
N ALA B 778 -20.64 -46.69 9.93
CA ALA B 778 -20.18 -47.85 10.67
C ALA B 778 -18.82 -48.32 10.19
N GLU B 779 -18.43 -47.99 8.96
CA GLU B 779 -17.09 -48.31 8.48
C GLU B 779 -16.03 -47.38 9.05
N ILE B 780 -16.44 -46.23 9.58
CA ILE B 780 -15.52 -45.37 10.31
C ILE B 780 -15.31 -45.89 11.72
N ALA B 781 -16.38 -46.39 12.35
CA ALA B 781 -16.34 -46.76 13.76
C ALA B 781 -15.55 -48.04 14.04
N ASP B 782 -15.16 -48.79 13.02
CA ASP B 782 -14.27 -49.92 13.23
C ASP B 782 -12.91 -49.74 12.57
N HIS B 783 -12.77 -48.76 11.66
CA HIS B 783 -11.45 -48.40 11.16
C HIS B 783 -10.65 -47.68 12.23
N LEU B 784 -11.31 -46.91 13.08
CA LEU B 784 -10.67 -46.26 14.22
C LEU B 784 -10.54 -47.18 15.42
N GLY B 785 -11.06 -48.40 15.35
CA GLY B 785 -10.98 -49.31 16.48
C GLY B 785 -11.92 -49.00 17.61
N LEU B 786 -12.97 -48.22 17.36
CA LEU B 786 -13.90 -47.81 18.40
C LEU B 786 -14.91 -48.89 18.76
N SER B 787 -15.01 -49.96 17.98
CA SER B 787 -16.06 -50.96 18.16
C SER B 787 -15.49 -52.27 18.69
N ALA B 788 -16.32 -52.98 19.46
CA ALA B 788 -16.02 -54.33 19.88
C ALA B 788 -16.12 -55.27 18.68
N PRO B 789 -15.47 -56.44 18.73
CA PRO B 789 -15.55 -57.37 17.59
C PRO B 789 -16.94 -57.96 17.32
N GLY B 790 -17.88 -57.85 18.26
CA GLY B 790 -19.25 -58.23 17.97
C GLY B 790 -20.22 -57.08 18.15
N ASP B 791 -20.77 -56.57 17.05
CA ASP B 791 -21.66 -55.42 17.09
C ASP B 791 -22.60 -55.45 15.89
N ARG B 792 -23.76 -54.83 16.06
CA ARG B 792 -24.66 -54.55 14.95
C ARG B 792 -24.27 -53.22 14.32
N THR B 793 -25.00 -52.84 13.27
CA THR B 793 -24.72 -51.56 12.60
C THR B 793 -25.20 -50.39 13.45
N ALA B 794 -26.35 -50.52 14.10
CA ALA B 794 -26.90 -49.44 14.90
C ALA B 794 -26.13 -49.19 16.19
N ALA B 795 -25.37 -50.17 16.66
CA ALA B 795 -24.56 -49.99 17.86
C ALA B 795 -23.22 -49.33 17.57
N LYS B 796 -22.72 -49.43 16.32
CA LYS B 796 -21.46 -48.80 15.98
C LYS B 796 -21.60 -47.29 15.84
N ILE B 797 -22.79 -46.80 15.52
CA ILE B 797 -23.00 -45.37 15.41
C ILE B 797 -23.01 -44.74 16.79
N GLU B 798 -23.44 -45.49 17.81
CA GLU B 798 -23.44 -44.98 19.17
C GLU B 798 -22.02 -44.84 19.71
N LYS B 799 -21.13 -45.78 19.37
CA LYS B 799 -19.74 -45.68 19.79
C LYS B 799 -19.00 -44.60 19.03
N LEU B 800 -19.42 -44.32 17.80
CA LEU B 800 -18.85 -43.19 17.06
C LEU B 800 -19.30 -41.86 17.65
N LEU B 801 -20.58 -41.77 18.04
CA LEU B 801 -21.09 -40.54 18.63
C LEU B 801 -20.56 -40.33 20.05
N ALA B 802 -20.27 -41.43 20.76
CA ALA B 802 -19.68 -41.30 22.09
C ALA B 802 -18.20 -40.93 22.04
N TRP B 803 -17.54 -41.16 20.90
CA TRP B 803 -16.13 -40.82 20.79
C TRP B 803 -15.93 -39.31 20.68
N LEU B 804 -16.61 -38.68 19.73
CA LEU B 804 -16.49 -37.24 19.54
C LEU B 804 -17.41 -36.44 20.47
N GLU B 805 -18.08 -37.09 21.41
CA GLU B 805 -18.69 -36.39 22.52
C GLU B 805 -17.70 -36.15 23.65
N THR B 806 -16.78 -37.11 23.86
CA THR B 806 -15.70 -36.92 24.81
C THR B 806 -14.54 -36.15 24.20
N LEU B 807 -14.41 -36.18 22.87
CA LEU B 807 -13.35 -35.41 22.22
C LEU B 807 -13.63 -33.92 22.29
N LYS B 808 -14.91 -33.52 22.18
CA LYS B 808 -15.27 -32.12 22.39
C LYS B 808 -15.29 -31.76 23.86
N ALA B 809 -15.34 -32.75 24.76
CA ALA B 809 -15.33 -32.46 26.19
C ALA B 809 -13.94 -32.02 26.65
N GLU B 810 -12.91 -32.75 26.24
CA GLU B 810 -11.53 -32.47 26.64
C GLU B 810 -10.84 -31.44 25.74
N LEU B 811 -11.60 -30.75 24.87
CA LEU B 811 -11.03 -29.71 24.03
C LEU B 811 -11.62 -28.33 24.30
N GLY B 812 -12.45 -28.21 25.33
CA GLY B 812 -13.00 -26.91 25.69
C GLY B 812 -14.09 -26.42 24.77
N ILE B 813 -14.94 -27.32 24.28
CA ILE B 813 -16.05 -26.98 23.40
C ILE B 813 -17.33 -26.97 24.23
N PRO B 814 -18.16 -25.93 24.15
CA PRO B 814 -19.43 -25.93 24.87
C PRO B 814 -20.41 -26.95 24.28
N LYS B 815 -21.47 -27.21 25.05
CA LYS B 815 -22.46 -28.21 24.67
C LYS B 815 -23.50 -27.69 23.69
N SER B 816 -23.75 -26.38 23.68
CA SER B 816 -24.83 -25.83 22.89
C SER B 816 -24.39 -24.51 22.26
N ILE B 817 -25.20 -24.02 21.33
CA ILE B 817 -25.00 -22.69 20.78
C ILE B 817 -25.38 -21.62 21.80
N ARG B 818 -26.27 -21.95 22.73
CA ARG B 818 -26.62 -21.01 23.80
C ARG B 818 -25.46 -20.79 24.76
N GLU B 819 -24.70 -21.85 25.03
CA GLU B 819 -23.50 -21.73 25.85
C GLU B 819 -22.33 -21.11 25.11
N ALA B 820 -22.43 -20.94 23.80
CA ALA B 820 -21.41 -20.26 23.01
C ALA B 820 -21.60 -18.76 22.95
N GLY B 821 -22.65 -18.23 23.57
CA GLY B 821 -22.88 -16.79 23.61
C GLY B 821 -23.86 -16.28 22.59
N VAL B 822 -25.00 -16.97 22.44
CA VAL B 822 -26.06 -16.57 21.52
C VAL B 822 -27.35 -16.39 22.32
N GLN B 823 -27.97 -15.22 22.19
CA GLN B 823 -29.19 -14.93 22.92
C GLN B 823 -30.39 -15.59 22.26
N GLU B 824 -31.34 -16.02 23.10
CA GLU B 824 -32.51 -16.75 22.59
C GLU B 824 -33.47 -15.83 21.86
N ALA B 825 -33.53 -14.56 22.24
CA ALA B 825 -34.37 -13.60 21.51
C ALA B 825 -33.81 -13.26 20.15
N ASP B 826 -32.51 -13.46 19.93
CA ASP B 826 -31.89 -13.20 18.64
C ASP B 826 -31.82 -14.43 17.75
N PHE B 827 -31.64 -15.62 18.35
CA PHE B 827 -31.55 -16.84 17.57
C PHE B 827 -32.90 -17.29 17.04
N LEU B 828 -33.95 -17.20 17.87
CA LEU B 828 -35.28 -17.65 17.44
C LEU B 828 -35.92 -16.68 16.46
N ALA B 829 -35.43 -15.45 16.38
CA ALA B 829 -35.93 -14.50 15.39
C ALA B 829 -35.25 -14.65 14.03
N ASN B 830 -34.18 -15.44 13.96
CA ASN B 830 -33.45 -15.66 12.71
C ASN B 830 -33.35 -17.14 12.35
N VAL B 831 -34.01 -18.03 13.11
CA VAL B 831 -33.91 -19.46 12.84
C VAL B 831 -34.70 -19.89 11.61
N ASP B 832 -35.59 -19.02 11.10
CA ASP B 832 -36.29 -19.32 9.86
C ASP B 832 -35.54 -18.78 8.65
N LYS B 833 -34.82 -17.67 8.81
CA LYS B 833 -34.01 -17.14 7.70
C LYS B 833 -32.78 -17.99 7.48
N LEU B 834 -32.12 -18.44 8.57
CA LEU B 834 -30.94 -19.27 8.46
C LEU B 834 -31.25 -20.69 8.00
N SER B 835 -32.49 -21.16 8.17
CA SER B 835 -32.87 -22.47 7.68
C SER B 835 -33.13 -22.49 6.18
N GLU B 836 -33.47 -21.33 5.60
CA GLU B 836 -33.65 -21.24 4.17
C GLU B 836 -32.37 -20.84 3.45
N ASP B 837 -31.49 -20.10 4.13
CA ASP B 837 -30.20 -19.76 3.54
C ASP B 837 -29.28 -20.97 3.47
N ALA B 838 -29.38 -21.86 4.46
CA ALA B 838 -28.57 -23.08 4.46
C ALA B 838 -29.08 -24.13 3.48
N PHE B 839 -30.28 -23.94 2.91
CA PHE B 839 -30.80 -24.88 1.94
C PHE B 839 -30.11 -24.75 0.58
N ASP B 840 -29.60 -23.57 0.26
CA ASP B 840 -28.99 -23.30 -1.04
C ASP B 840 -27.60 -22.70 -0.89
N ASP B 841 -26.78 -23.32 -0.04
CA ASP B 841 -25.41 -22.88 0.16
C ASP B 841 -24.40 -23.81 -0.52
N GLN B 842 -24.83 -24.56 -1.54
CA GLN B 842 -24.01 -25.29 -2.51
C GLN B 842 -23.26 -26.49 -1.92
N CYS B 843 -23.33 -26.69 -0.61
CA CYS B 843 -22.87 -27.91 0.03
C CYS B 843 -24.04 -28.85 0.31
N THR B 844 -25.26 -28.40 0.04
CA THR B 844 -26.46 -29.22 0.21
C THR B 844 -26.52 -30.33 -0.84
N GLY B 845 -26.01 -30.06 -2.04
CA GLY B 845 -26.10 -31.01 -3.15
C GLY B 845 -25.21 -32.22 -3.06
N ALA B 846 -24.39 -32.34 -2.02
CA ALA B 846 -23.53 -33.51 -1.84
C ALA B 846 -23.90 -34.34 -0.61
N ASN B 847 -24.92 -33.92 0.14
CA ASN B 847 -25.37 -34.67 1.29
C ASN B 847 -26.06 -35.95 0.83
N PRO B 848 -26.02 -37.03 1.64
CA PRO B 848 -26.76 -38.25 1.26
C PRO B 848 -28.26 -38.07 1.27
N ARG B 849 -28.79 -37.19 2.11
CA ARG B 849 -30.19 -36.82 2.10
C ARG B 849 -30.34 -35.46 1.43
N TYR B 850 -31.47 -35.25 0.77
CA TYR B 850 -31.83 -33.92 0.31
C TYR B 850 -32.73 -33.29 1.37
N PRO B 851 -32.22 -32.35 2.17
CA PRO B 851 -32.98 -31.92 3.35
C PRO B 851 -34.09 -30.94 3.03
N LEU B 852 -35.21 -31.10 3.72
CA LEU B 852 -36.27 -30.13 3.68
C LEU B 852 -35.93 -28.93 4.57
N ILE B 853 -36.60 -27.82 4.32
CA ILE B 853 -36.35 -26.61 5.11
C ILE B 853 -36.93 -26.77 6.51
N SER B 854 -37.99 -27.57 6.66
CA SER B 854 -38.54 -27.84 7.98
C SER B 854 -37.62 -28.75 8.79
N GLU B 855 -36.81 -29.57 8.11
CA GLU B 855 -35.87 -30.43 8.82
C GLU B 855 -34.57 -29.71 9.16
N LEU B 856 -34.21 -28.69 8.39
CA LEU B 856 -32.98 -27.95 8.67
C LEU B 856 -33.13 -26.99 9.83
N LYS B 857 -34.35 -26.56 10.15
CA LYS B 857 -34.56 -25.76 11.35
C LYS B 857 -34.74 -26.63 12.60
N GLN B 858 -34.99 -27.92 12.42
CA GLN B 858 -35.05 -28.81 13.57
C GLN B 858 -33.65 -29.13 14.09
N ILE B 859 -32.66 -29.19 13.21
CA ILE B 859 -31.28 -29.37 13.65
C ILE B 859 -30.78 -28.13 14.37
N LEU B 860 -31.16 -26.95 13.87
CA LEU B 860 -30.70 -25.70 14.48
C LEU B 860 -31.35 -25.45 15.83
N LEU B 861 -32.58 -25.91 16.02
CA LEU B 861 -33.23 -25.74 17.31
C LEU B 861 -32.73 -26.74 18.34
N ASP B 862 -32.47 -27.99 17.91
CA ASP B 862 -31.97 -29.01 18.84
C ASP B 862 -30.51 -28.79 19.21
N THR B 863 -29.76 -28.05 18.40
CA THR B 863 -28.38 -27.72 18.75
C THR B 863 -28.29 -26.51 19.67
N TYR B 864 -29.28 -25.62 19.62
CA TYR B 864 -29.27 -24.48 20.53
C TYR B 864 -29.68 -24.91 21.94
N TYR B 865 -30.67 -25.79 22.05
CA TYR B 865 -31.14 -26.26 23.35
C TYR B 865 -30.35 -27.45 23.87
N GLY B 866 -29.36 -27.92 23.12
CA GLY B 866 -28.50 -28.99 23.58
C GLY B 866 -29.07 -30.39 23.47
N ARG B 867 -30.22 -30.55 22.84
CA ARG B 867 -30.82 -31.87 22.72
C ARG B 867 -30.18 -32.64 21.58
N ASP B 868 -30.59 -33.90 21.43
CA ASP B 868 -30.15 -34.76 20.34
C ASP B 868 -31.30 -34.95 19.37
N TYR B 869 -30.98 -34.95 18.08
CA TYR B 869 -32.01 -34.97 17.03
C TYR B 869 -32.61 -36.36 16.90
N VAL B 870 -33.93 -36.45 17.04
CA VAL B 870 -34.67 -37.71 16.92
C VAL B 870 -35.83 -37.48 15.94
N GLU B 871 -35.89 -38.30 14.91
CA GLU B 871 -37.00 -38.23 13.96
C GLU B 871 -38.25 -38.88 14.54
N MET C 3 60.88 -12.55 35.33
CA MET C 3 60.39 -11.46 34.51
C MET C 3 61.08 -11.45 33.15
N ALA C 4 62.39 -11.28 33.16
CA ALA C 4 63.16 -11.24 31.92
C ALA C 4 63.34 -12.64 31.36
N VAL C 5 63.52 -12.72 30.04
CA VAL C 5 63.71 -13.99 29.34
C VAL C 5 64.92 -13.82 28.42
N THR C 6 65.92 -14.68 28.58
CA THR C 6 67.15 -14.54 27.82
C THR C 6 67.56 -15.86 27.18
N ASN C 7 67.18 -16.98 27.80
CA ASN C 7 67.52 -18.29 27.28
C ASN C 7 66.31 -19.22 27.39
N VAL C 8 66.51 -20.48 27.00
CA VAL C 8 65.39 -21.40 26.84
C VAL C 8 64.86 -21.94 28.16
N ALA C 9 65.60 -21.78 29.27
CA ALA C 9 65.18 -22.35 30.53
C ALA C 9 64.04 -21.55 31.16
N GLU C 10 64.08 -20.23 31.02
CA GLU C 10 63.00 -19.37 31.51
C GLU C 10 62.00 -19.01 30.42
N LEU C 11 62.26 -19.38 29.17
CA LEU C 11 61.26 -19.22 28.12
C LEU C 11 60.08 -20.15 28.36
N ASN C 12 60.35 -21.40 28.74
CA ASN C 12 59.28 -22.34 29.03
C ASN C 12 58.53 -21.99 30.31
N ALA C 13 59.14 -21.20 31.19
CA ALA C 13 58.42 -20.65 32.33
C ALA C 13 57.55 -19.46 31.96
N LEU C 14 57.85 -18.80 30.84
CA LEU C 14 57.02 -17.70 30.37
C LEU C 14 55.76 -18.20 29.67
N VAL C 15 55.90 -19.22 28.83
CA VAL C 15 54.76 -19.76 28.10
C VAL C 15 53.82 -20.48 29.05
N GLU C 16 54.36 -21.14 30.08
CA GLU C 16 53.52 -21.80 31.08
C GLU C 16 52.80 -20.80 31.97
N ARG C 17 53.34 -19.60 32.13
CA ARG C 17 52.60 -18.54 32.80
C ARG C 17 51.49 -18.00 31.92
N VAL C 18 51.73 -17.91 30.62
CA VAL C 18 50.74 -17.39 29.69
C VAL C 18 49.62 -18.41 29.46
N LYS C 19 49.99 -19.68 29.34
CA LYS C 19 49.01 -20.75 29.14
C LYS C 19 48.06 -20.89 30.32
N LYS C 20 48.54 -20.62 31.54
CA LYS C 20 47.66 -20.64 32.70
C LYS C 20 46.70 -19.46 32.71
N ALA C 21 47.16 -18.28 32.28
CA ALA C 21 46.35 -17.07 32.33
C ALA C 21 45.49 -16.87 31.09
N GLN C 22 45.74 -17.63 30.02
CA GLN C 22 44.90 -17.56 28.83
C GLN C 22 43.63 -18.39 28.96
N ARG C 23 43.71 -19.53 29.66
CA ARG C 23 42.58 -20.43 29.75
C ARG C 23 41.48 -19.92 30.67
N GLU C 24 41.75 -18.90 31.48
CA GLU C 24 40.69 -18.21 32.22
C GLU C 24 40.24 -16.94 31.53
N TYR C 25 40.98 -16.48 30.51
CA TYR C 25 40.52 -15.41 29.64
C TYR C 25 39.66 -15.92 28.50
N ALA C 26 39.76 -17.21 28.17
CA ALA C 26 38.99 -17.83 27.10
C ALA C 26 37.53 -18.08 27.48
N SER C 27 37.15 -17.86 28.73
CA SER C 27 35.77 -18.03 29.18
C SER C 27 35.08 -16.70 29.44
N PHE C 28 35.66 -15.60 28.94
CA PHE C 28 35.06 -14.29 29.13
C PHE C 28 33.86 -14.12 28.20
N THR C 29 33.00 -13.16 28.55
CA THR C 29 31.82 -12.86 27.75
C THR C 29 32.15 -11.81 26.70
N GLN C 30 31.17 -11.53 25.84
CA GLN C 30 31.34 -10.50 24.82
C GLN C 30 31.39 -9.11 25.43
N GLU C 31 30.66 -8.89 26.52
CA GLU C 31 30.55 -7.55 27.09
C GLU C 31 31.84 -7.14 27.80
N GLN C 32 32.49 -8.06 28.50
CA GLN C 32 33.68 -7.73 29.27
C GLN C 32 34.97 -7.92 28.48
N VAL C 33 34.87 -8.22 27.18
CA VAL C 33 36.00 -8.16 26.28
C VAL C 33 36.06 -6.81 25.56
N ASP C 34 34.89 -6.28 25.18
CA ASP C 34 34.80 -4.93 24.63
C ASP C 34 35.19 -3.86 25.64
N LYS C 35 35.10 -4.14 26.94
CA LYS C 35 35.64 -3.23 27.93
C LYS C 35 37.17 -3.27 27.93
N ILE C 36 37.74 -4.46 27.73
CA ILE C 36 39.20 -4.59 27.68
C ILE C 36 39.74 -4.08 26.35
N PHE C 37 39.05 -4.40 25.24
CA PHE C 37 39.52 -3.99 23.92
C PHE C 37 39.43 -2.48 23.72
N ARG C 38 38.47 -1.82 24.37
CA ARG C 38 38.39 -0.37 24.28
C ARG C 38 39.48 0.29 25.12
N ALA C 39 39.65 -0.16 26.36
CA ALA C 39 40.62 0.44 27.26
C ALA C 39 42.06 0.16 26.85
N ALA C 40 42.30 -0.92 26.09
CA ALA C 40 43.64 -1.17 25.58
C ALA C 40 43.97 -0.24 24.42
N ALA C 41 42.99 -0.01 23.55
CA ALA C 41 43.20 0.92 22.44
C ALA C 41 43.18 2.37 22.90
N LEU C 42 42.51 2.65 24.02
CA LEU C 42 42.42 4.02 24.52
C LEU C 42 43.76 4.50 25.07
N ALA C 43 44.56 3.60 25.62
CA ALA C 43 45.87 3.94 26.16
C ALA C 43 47.00 3.60 25.19
N ALA C 44 46.69 3.04 24.03
CA ALA C 44 47.69 2.84 22.99
C ALA C 44 47.75 4.01 22.02
N ALA C 45 46.64 4.74 21.88
CA ALA C 45 46.65 6.00 21.14
C ALA C 45 47.07 7.17 22.02
N ASP C 46 47.05 6.99 23.34
CA ASP C 46 47.52 8.04 24.24
C ASP C 46 49.04 8.13 24.25
N ALA C 47 49.71 7.02 23.95
CA ALA C 47 51.18 6.96 23.96
C ALA C 47 51.72 6.84 22.54
N ARG C 48 51.11 7.55 21.59
CA ARG C 48 51.60 7.55 20.23
C ARG C 48 52.86 8.41 20.10
N ILE C 49 53.00 9.43 20.93
CA ILE C 49 54.16 10.32 20.91
C ILE C 49 55.40 9.67 21.54
N PRO C 50 55.40 9.10 22.76
CA PRO C 50 56.67 8.55 23.28
C PRO C 50 57.08 7.26 22.60
N LEU C 51 56.14 6.46 22.10
CA LEU C 51 56.51 5.23 21.39
C LEU C 51 57.12 5.53 20.03
N ALA C 52 56.78 6.66 19.43
CA ALA C 52 57.37 7.03 18.15
C ALA C 52 58.78 7.56 18.31
N LYS C 53 59.11 8.14 19.46
CA LYS C 53 60.45 8.66 19.68
C LYS C 53 61.42 7.56 20.10
N MET C 54 60.90 6.47 20.67
CA MET C 54 61.77 5.36 21.05
C MET C 54 62.18 4.51 19.85
N ALA C 55 61.32 4.41 18.84
CA ALA C 55 61.61 3.58 17.68
C ALA C 55 62.57 4.24 16.70
N VAL C 56 62.85 5.53 16.86
CA VAL C 56 63.84 6.22 16.04
C VAL C 56 65.14 6.31 16.83
N ALA C 57 65.01 6.34 18.16
CA ALA C 57 66.19 6.32 19.01
C ALA C 57 66.84 4.94 19.03
N GLU C 58 66.06 3.89 18.80
CA GLU C 58 66.59 2.53 18.83
C GLU C 58 67.15 2.11 17.47
N SER C 59 66.32 2.16 16.42
CA SER C 59 66.74 1.68 15.11
C SER C 59 67.43 2.76 14.28
N GLY C 60 66.90 3.99 14.28
CA GLY C 60 67.48 5.07 13.51
C GLY C 60 67.26 4.93 12.02
N MET C 61 66.04 4.60 11.62
CA MET C 61 65.73 4.38 10.21
C MET C 61 64.39 4.97 9.82
N GLY C 62 63.93 6.00 10.52
CA GLY C 62 62.63 6.57 10.17
C GLY C 62 62.50 8.01 10.61
N ILE C 63 61.39 8.61 10.19
CA ILE C 63 61.00 9.95 10.59
C ILE C 63 60.12 9.83 11.82
N VAL C 64 60.38 10.65 12.84
CA VAL C 64 59.64 10.56 14.09
C VAL C 64 58.21 11.05 13.92
N GLU C 65 57.97 11.94 12.96
CA GLU C 65 56.63 12.47 12.73
C GLU C 65 55.75 11.51 11.95
N ASP C 66 56.33 10.52 11.27
CA ASP C 66 55.54 9.55 10.54
C ASP C 66 55.18 8.32 11.36
N LYS C 67 55.95 8.02 12.41
CA LYS C 67 55.59 6.96 13.33
C LYS C 67 54.50 7.39 14.32
N VAL C 68 54.16 8.68 14.35
CA VAL C 68 53.05 9.13 15.18
C VAL C 68 51.72 8.73 14.55
N ILE C 69 51.55 9.03 13.27
CA ILE C 69 50.30 8.68 12.58
C ILE C 69 50.26 7.24 12.12
N LYS C 70 51.34 6.48 12.32
CA LYS C 70 51.30 5.04 12.13
C LYS C 70 50.95 4.30 13.41
N ASN C 71 51.41 4.79 14.56
CA ASN C 71 50.93 4.30 15.85
C ASN C 71 49.51 4.77 16.13
N HIS C 72 49.08 5.88 15.52
CA HIS C 72 47.69 6.31 15.67
C HIS C 72 46.76 5.52 14.78
N PHE C 73 47.23 5.12 13.59
CA PHE C 73 46.45 4.26 12.73
C PHE C 73 46.25 2.87 13.32
N ALA C 74 47.26 2.37 14.03
CA ALA C 74 47.22 1.03 14.61
C ALA C 74 46.44 0.95 15.91
N SER C 75 45.86 2.06 16.38
CA SER C 75 45.16 2.08 17.66
C SER C 75 43.76 2.65 17.62
N GLU C 76 43.41 3.46 16.62
CA GLU C 76 42.05 3.97 16.52
C GLU C 76 41.34 3.58 15.23
N TYR C 77 42.06 3.18 14.18
CA TYR C 77 41.41 2.61 13.01
C TYR C 77 41.19 1.11 13.16
N ILE C 78 42.06 0.44 13.90
CA ILE C 78 41.84 -0.96 14.23
C ILE C 78 40.72 -1.08 15.26
N TYR C 79 40.55 -0.06 16.12
CA TYR C 79 39.43 -0.07 17.05
C TYR C 79 38.12 0.23 16.34
N ASN C 80 38.14 1.09 15.33
CA ASN C 80 36.90 1.55 14.72
C ASN C 80 36.26 0.50 13.82
N ALA C 81 37.07 -0.27 13.09
CA ALA C 81 36.51 -1.27 12.18
C ALA C 81 35.97 -2.47 12.96
N TYR C 82 36.67 -2.87 14.01
CA TYR C 82 36.29 -4.03 14.82
C TYR C 82 35.72 -3.61 16.16
N LYS C 83 34.93 -2.53 16.17
CA LYS C 83 34.34 -2.01 17.39
C LYS C 83 33.25 -2.93 17.91
N ASP C 84 32.29 -3.26 17.05
CA ASP C 84 31.19 -4.16 17.39
C ASP C 84 31.18 -5.28 16.36
N GLU C 85 31.99 -6.30 16.61
CA GLU C 85 32.05 -7.49 15.77
C GLU C 85 32.03 -8.70 16.69
N LYS C 86 31.07 -9.59 16.47
CA LYS C 86 30.89 -10.74 17.34
C LYS C 86 32.03 -11.73 17.13
N THR C 87 32.78 -12.00 18.19
CA THR C 87 33.92 -12.91 18.13
C THR C 87 34.02 -13.84 19.32
N CYS C 88 33.12 -13.76 20.30
CA CYS C 88 33.25 -14.51 21.53
C CYS C 88 32.15 -15.55 21.72
N GLY C 89 30.89 -15.14 21.68
CA GLY C 89 29.80 -16.07 21.94
C GLY C 89 29.19 -16.68 20.71
N VAL C 90 27.86 -16.76 20.68
CA VAL C 90 27.14 -17.31 19.54
C VAL C 90 27.11 -16.26 18.44
N LEU C 91 27.68 -16.60 17.28
CA LEU C 91 27.74 -15.65 16.18
C LEU C 91 26.40 -15.57 15.44
N SER C 92 25.97 -16.69 14.86
CA SER C 92 24.71 -16.76 14.13
C SER C 92 23.92 -17.96 14.63
N GLU C 93 22.64 -17.99 14.25
CA GLU C 93 21.75 -19.08 14.65
C GLU C 93 20.61 -19.16 13.66
N ASP C 94 20.34 -20.38 13.17
CA ASP C 94 19.24 -20.63 12.26
C ASP C 94 18.25 -21.58 12.91
N ASP C 95 16.97 -21.24 12.84
CA ASP C 95 15.92 -22.07 13.40
C ASP C 95 15.24 -22.96 12.38
N THR C 96 15.16 -22.52 11.12
CA THR C 96 14.58 -23.35 10.08
C THR C 96 15.52 -24.47 9.66
N PHE C 97 16.84 -24.23 9.70
CA PHE C 97 17.82 -25.25 9.37
C PHE C 97 18.46 -25.90 10.58
N GLY C 98 18.41 -25.26 11.73
CA GLY C 98 18.90 -25.87 12.95
C GLY C 98 20.41 -25.84 13.12
N THR C 99 21.04 -24.69 12.88
CA THR C 99 22.48 -24.54 13.02
C THR C 99 22.82 -23.40 13.96
N ILE C 100 23.77 -23.64 14.85
CA ILE C 100 24.31 -22.62 15.75
C ILE C 100 25.81 -22.52 15.50
N THR C 101 26.29 -21.31 15.25
CA THR C 101 27.70 -21.07 14.96
C THR C 101 28.33 -20.37 16.15
N ILE C 102 29.28 -21.04 16.80
CA ILE C 102 29.90 -20.55 18.03
C ILE C 102 31.35 -20.25 17.75
N ALA C 103 31.83 -19.10 18.20
CA ALA C 103 33.22 -18.72 18.05
C ALA C 103 34.03 -19.15 19.25
N GLU C 104 35.35 -19.22 19.05
CA GLU C 104 36.27 -19.73 20.06
C GLU C 104 37.55 -18.87 20.05
N PRO C 105 38.50 -19.12 20.94
CA PRO C 105 39.87 -18.66 20.70
C PRO C 105 40.68 -19.74 20.01
N ILE C 106 41.91 -19.37 19.64
CA ILE C 106 42.89 -20.29 19.10
C ILE C 106 43.88 -20.73 20.17
N GLY C 107 44.41 -19.78 20.92
CA GLY C 107 45.40 -20.08 21.94
C GLY C 107 46.58 -19.13 21.91
N ILE C 108 47.75 -19.62 22.28
CA ILE C 108 48.96 -18.79 22.29
C ILE C 108 49.44 -18.61 20.86
N ILE C 109 49.82 -17.37 20.52
CA ILE C 109 50.20 -16.99 19.17
C ILE C 109 51.64 -16.49 19.20
N CYS C 110 52.48 -17.03 18.32
CA CYS C 110 53.84 -16.54 18.18
C CYS C 110 53.84 -15.29 17.33
N GLY C 111 54.22 -14.15 17.92
CA GLY C 111 54.25 -12.89 17.22
C GLY C 111 55.65 -12.51 16.82
N ILE C 112 55.86 -12.34 15.52
CA ILE C 112 57.16 -12.00 14.96
C ILE C 112 57.00 -10.65 14.27
N VAL C 113 57.59 -9.61 14.86
CA VAL C 113 57.45 -8.24 14.36
C VAL C 113 58.67 -7.91 13.50
N PRO C 114 58.58 -6.98 12.55
CA PRO C 114 59.76 -6.61 11.77
C PRO C 114 60.54 -5.47 12.39
N THR C 115 61.60 -5.03 11.72
CA THR C 115 62.35 -3.86 12.15
C THR C 115 61.88 -2.58 11.48
N THR C 116 61.15 -2.68 10.36
CA THR C 116 60.66 -1.50 9.68
C THR C 116 59.48 -0.87 10.43
N ASN C 117 58.57 -1.70 10.92
CA ASN C 117 57.44 -1.25 11.73
C ASN C 117 57.54 -1.90 13.11
N PRO C 118 58.46 -1.43 13.97
CA PRO C 118 58.73 -2.18 15.20
C PRO C 118 57.70 -1.97 16.30
N THR C 119 57.02 -0.83 16.29
CA THR C 119 56.09 -0.49 17.36
C THR C 119 54.64 -0.40 16.92
N SER C 120 54.38 -0.23 15.63
CA SER C 120 53.00 -0.13 15.16
C SER C 120 52.35 -1.50 15.01
N THR C 121 53.11 -2.50 14.57
CA THR C 121 52.59 -3.85 14.51
C THR C 121 52.45 -4.48 15.89
N ALA C 122 53.20 -3.98 16.88
CA ALA C 122 53.02 -4.46 18.24
C ALA C 122 51.72 -3.95 18.86
N ILE C 123 51.27 -2.77 18.45
CA ILE C 123 49.96 -2.29 18.85
C ILE C 123 48.87 -3.06 18.14
N PHE C 124 49.07 -3.34 16.84
CA PHE C 124 48.04 -3.98 16.03
C PHE C 124 47.83 -5.43 16.42
N LYS C 125 48.92 -6.19 16.55
CA LYS C 125 48.80 -7.61 16.88
C LYS C 125 48.35 -7.84 18.32
N SER C 126 48.52 -6.85 19.20
CA SER C 126 48.02 -7.00 20.57
C SER C 126 46.53 -6.73 20.66
N LEU C 127 46.02 -5.79 19.86
CA LEU C 127 44.60 -5.44 19.94
C LEU C 127 43.72 -6.53 19.34
N ILE C 128 44.14 -7.14 18.23
CA ILE C 128 43.35 -8.19 17.61
C ILE C 128 43.51 -9.54 18.31
N SER C 129 44.43 -9.64 19.27
CA SER C 129 44.61 -10.88 20.02
C SER C 129 43.66 -10.97 21.21
N LEU C 130 43.58 -9.91 22.02
CA LEU C 130 42.66 -9.88 23.14
C LEU C 130 41.24 -9.49 22.73
N LYS C 131 41.02 -9.23 21.45
CA LYS C 131 39.65 -9.11 20.94
C LYS C 131 39.02 -10.49 20.75
N THR C 132 39.82 -11.45 20.30
CA THR C 132 39.36 -12.81 20.07
C THR C 132 39.68 -13.74 21.24
N ARG C 133 39.95 -13.16 22.42
CA ARG C 133 40.12 -13.89 23.70
C ARG C 133 41.28 -14.88 23.66
N ASN C 134 42.40 -14.49 23.07
CA ASN C 134 43.59 -15.33 23.06
C ASN C 134 44.82 -14.50 23.35
N ALA C 135 45.91 -15.20 23.65
CA ALA C 135 47.16 -14.58 24.07
C ALA C 135 48.16 -14.56 22.92
N ILE C 136 49.28 -13.88 23.14
CA ILE C 136 50.30 -13.69 22.11
C ILE C 136 51.65 -13.53 22.79
N ILE C 137 52.68 -14.16 22.20
CA ILE C 137 54.06 -14.03 22.63
C ILE C 137 54.85 -13.35 21.53
N PHE C 138 55.54 -12.26 21.88
CA PHE C 138 56.28 -11.47 20.90
C PHE C 138 57.74 -11.89 20.87
N SER C 139 58.33 -11.83 19.66
CA SER C 139 59.75 -12.07 19.45
C SER C 139 60.26 -10.99 18.52
N PRO C 140 60.75 -9.89 19.06
CA PRO C 140 61.08 -8.73 18.22
C PRO C 140 62.38 -8.91 17.44
N HIS C 141 62.58 -8.01 16.48
CA HIS C 141 63.82 -7.94 15.75
C HIS C 141 64.93 -7.46 16.68
N PRO C 142 66.15 -8.00 16.56
CA PRO C 142 67.23 -7.60 17.48
C PRO C 142 67.71 -6.16 17.31
N ARG C 143 67.44 -5.52 16.17
CA ARG C 143 67.82 -4.14 15.98
C ARG C 143 66.92 -3.19 16.76
N ALA C 144 65.64 -3.52 16.89
CA ALA C 144 64.65 -2.67 17.54
C ALA C 144 63.90 -3.44 18.62
N LYS C 145 64.64 -4.11 19.50
CA LYS C 145 64.03 -4.96 20.52
C LYS C 145 63.41 -4.17 21.67
N ASP C 146 63.90 -2.97 21.96
CA ASP C 146 63.40 -2.21 23.10
C ASP C 146 62.14 -1.41 22.78
N ALA C 147 61.92 -1.05 21.52
CA ALA C 147 60.72 -0.31 21.16
C ALA C 147 59.50 -1.23 21.11
N THR C 148 59.69 -2.48 20.71
CA THR C 148 58.57 -3.40 20.61
C THR C 148 58.11 -3.88 21.99
N ASN C 149 59.06 -4.19 22.88
CA ASN C 149 58.71 -4.67 24.21
C ASN C 149 58.09 -3.57 25.07
N LYS C 150 58.42 -2.31 24.80
CA LYS C 150 57.76 -1.21 25.49
C LYS C 150 56.36 -0.98 24.94
N ALA C 151 56.17 -1.20 23.63
CA ALA C 151 54.86 -0.98 23.01
C ALA C 151 53.85 -2.02 23.45
N ALA C 152 54.30 -3.26 23.63
CA ALA C 152 53.40 -4.31 24.12
C ALA C 152 53.13 -4.18 25.61
N ASP C 153 53.97 -3.45 26.34
CA ASP C 153 53.77 -3.29 27.78
C ASP C 153 52.68 -2.28 28.10
N ILE C 154 52.51 -1.26 27.26
CA ILE C 154 51.47 -0.26 27.51
C ILE C 154 50.09 -0.85 27.26
N VAL C 155 49.97 -1.72 26.27
CA VAL C 155 48.69 -2.41 26.02
C VAL C 155 48.39 -3.42 27.11
N LEU C 156 49.42 -4.06 27.67
CA LEU C 156 49.21 -5.06 28.70
C LEU C 156 48.77 -4.43 30.02
N GLN C 157 49.48 -3.39 30.45
CA GLN C 157 49.16 -2.75 31.73
C GLN C 157 47.84 -1.98 31.68
N ALA C 158 47.37 -1.60 30.50
CA ALA C 158 46.05 -0.99 30.39
C ALA C 158 44.94 -2.04 30.37
N ALA C 159 45.26 -3.27 29.97
CA ALA C 159 44.26 -4.32 29.94
C ALA C 159 44.02 -4.92 31.32
N ILE C 160 45.09 -5.06 32.11
CA ILE C 160 44.99 -5.60 33.47
C ILE C 160 44.17 -4.67 34.36
N ALA C 161 44.31 -3.36 34.13
CA ALA C 161 43.48 -2.38 34.84
C ALA C 161 42.01 -2.44 34.40
N ALA C 162 41.71 -3.06 33.26
CA ALA C 162 40.35 -3.18 32.77
C ALA C 162 39.70 -4.52 33.11
N GLY C 163 40.48 -5.53 33.50
CA GLY C 163 39.91 -6.80 33.88
C GLY C 163 40.57 -8.02 33.26
N ALA C 164 41.69 -7.82 32.57
CA ALA C 164 42.41 -8.94 31.97
C ALA C 164 43.12 -9.76 33.05
N PRO C 165 43.52 -10.99 32.74
CA PRO C 165 44.38 -11.75 33.66
C PRO C 165 45.76 -11.11 33.84
N LYS C 166 46.51 -11.70 34.78
CA LYS C 166 47.70 -11.03 35.31
C LYS C 166 48.85 -11.00 34.32
N ASP C 167 49.00 -12.05 33.51
CA ASP C 167 50.07 -12.12 32.51
C ASP C 167 49.48 -12.69 31.23
N LEU C 168 48.98 -11.80 30.38
CA LEU C 168 48.32 -12.18 29.14
C LEU C 168 49.19 -12.00 27.91
N ILE C 169 50.03 -10.98 27.88
CA ILE C 169 50.91 -10.70 26.75
C ILE C 169 52.35 -10.83 27.22
N GLY C 170 53.07 -11.78 26.66
CA GLY C 170 54.48 -11.95 26.98
C GLY C 170 55.34 -11.58 25.79
N TRP C 171 56.62 -11.34 26.05
CA TRP C 171 57.55 -10.93 24.99
C TRP C 171 58.95 -11.39 25.33
N ILE C 172 59.69 -11.79 24.30
CA ILE C 172 61.09 -12.15 24.48
C ILE C 172 61.89 -10.87 24.71
N ASP C 173 62.56 -10.78 25.85
CA ASP C 173 63.24 -9.55 26.24
C ASP C 173 64.55 -9.37 25.48
N GLN C 174 65.24 -10.46 25.16
CA GLN C 174 66.49 -10.40 24.42
C GLN C 174 66.47 -11.49 23.35
N PRO C 175 66.14 -11.16 22.11
CA PRO C 175 65.93 -12.18 21.09
C PRO C 175 67.25 -12.78 20.59
N SER C 176 67.12 -13.90 19.90
CA SER C 176 68.26 -14.60 19.31
C SER C 176 67.73 -15.48 18.19
N VAL C 177 68.67 -16.00 17.37
CA VAL C 177 68.29 -16.91 16.29
C VAL C 177 67.98 -18.31 16.80
N GLU C 178 68.33 -18.62 18.04
CA GLU C 178 68.02 -19.89 18.67
C GLU C 178 66.83 -19.80 19.61
N LEU C 179 66.69 -18.67 20.30
CA LEU C 179 65.57 -18.50 21.23
C LEU C 179 64.24 -18.34 20.49
N SER C 180 64.25 -17.69 19.32
CA SER C 180 63.04 -17.57 18.54
C SER C 180 62.66 -18.89 17.88
N ASN C 181 63.67 -19.68 17.49
CA ASN C 181 63.40 -20.98 16.88
C ASN C 181 62.89 -21.98 17.91
N ALA C 182 63.27 -21.80 19.18
CA ALA C 182 62.74 -22.64 20.25
C ALA C 182 61.31 -22.26 20.63
N LEU C 183 60.90 -21.03 20.34
CA LEU C 183 59.53 -20.61 20.60
C LEU C 183 58.57 -21.15 19.55
N MET C 184 59.02 -21.17 18.28
CA MET C 184 58.15 -21.63 17.20
C MET C 184 57.93 -23.13 17.24
N HIS C 185 58.86 -23.89 17.80
CA HIS C 185 58.72 -25.33 17.95
C HIS C 185 58.19 -25.73 19.32
N HIS C 186 57.60 -24.79 20.06
CA HIS C 186 57.01 -25.13 21.35
C HIS C 186 55.74 -25.95 21.15
N PRO C 187 55.48 -26.95 21.99
CA PRO C 187 54.33 -27.83 21.73
C PRO C 187 52.98 -27.22 22.07
N ASP C 188 52.92 -26.19 22.91
CA ASP C 188 51.64 -25.63 23.33
C ASP C 188 51.47 -24.18 22.90
N ILE C 189 51.90 -23.87 21.68
CA ILE C 189 51.43 -22.69 20.96
C ILE C 189 50.74 -23.19 19.70
N ASN C 190 49.80 -22.40 19.19
CA ASN C 190 48.90 -22.88 18.16
C ASN C 190 48.94 -22.10 16.85
N LEU C 191 49.54 -20.92 16.83
CA LEU C 191 49.53 -20.09 15.62
C LEU C 191 50.79 -19.24 15.59
N ILE C 192 51.25 -18.93 14.39
CA ILE C 192 52.42 -18.08 14.19
C ILE C 192 51.98 -16.90 13.32
N LEU C 193 51.82 -15.73 13.94
CA LEU C 193 51.62 -14.48 13.21
C LEU C 193 53.00 -13.92 12.92
N ALA C 194 53.45 -14.06 11.69
CA ALA C 194 54.84 -13.79 11.33
C ALA C 194 54.89 -12.85 10.13
N THR C 195 55.51 -11.69 10.32
CA THR C 195 55.67 -10.69 9.26
C THR C 195 57.15 -10.47 9.02
N GLY C 196 57.56 -10.52 7.75
CA GLY C 196 58.96 -10.30 7.43
C GLY C 196 59.24 -10.59 5.97
N GLY C 197 60.54 -10.77 5.67
CA GLY C 197 60.97 -11.00 4.32
C GLY C 197 60.78 -12.42 3.88
N PRO C 198 61.22 -12.72 2.65
CA PRO C 198 60.97 -14.07 2.08
C PRO C 198 61.79 -15.16 2.73
N GLY C 199 62.90 -14.83 3.40
CA GLY C 199 63.63 -15.82 4.16
C GLY C 199 62.95 -16.21 5.46
N MET C 200 62.01 -15.40 5.93
CA MET C 200 61.28 -15.69 7.15
C MET C 200 60.00 -16.47 6.90
N VAL C 201 59.35 -16.25 5.75
CA VAL C 201 58.13 -17.00 5.42
C VAL C 201 58.46 -18.47 5.20
N LYS C 202 59.64 -18.76 4.63
CA LYS C 202 60.08 -20.14 4.48
C LYS C 202 60.38 -20.79 5.83
N ALA C 203 60.78 -19.99 6.82
CA ALA C 203 61.04 -20.52 8.15
C ALA C 203 59.77 -20.59 9.01
N ALA C 204 58.81 -19.70 8.76
CA ALA C 204 57.58 -19.71 9.54
C ALA C 204 56.67 -20.87 9.13
N TYR C 205 56.72 -21.29 7.89
CA TYR C 205 55.98 -22.46 7.42
C TYR C 205 56.79 -23.75 7.50
N SER C 206 57.97 -23.71 8.12
CA SER C 206 58.80 -24.90 8.25
C SER C 206 58.62 -25.63 9.57
N SER C 207 58.27 -24.92 10.63
CA SER C 207 57.88 -25.57 11.87
C SER C 207 56.48 -26.16 11.72
N GLY C 208 56.24 -27.29 12.36
CA GLY C 208 54.97 -27.96 12.15
C GLY C 208 53.90 -27.37 13.03
N LYS C 209 53.15 -26.43 12.45
CA LYS C 209 52.16 -25.59 13.12
C LYS C 209 51.43 -24.77 12.07
N PRO C 210 50.15 -24.44 12.26
CA PRO C 210 49.47 -23.51 11.35
C PRO C 210 50.04 -22.11 11.52
N ALA C 211 50.49 -21.52 10.42
CA ALA C 211 51.16 -20.23 10.44
C ALA C 211 50.46 -19.27 9.50
N ILE C 212 50.31 -18.01 9.95
CA ILE C 212 49.80 -16.95 9.09
C ILE C 212 50.95 -16.01 8.80
N GLY C 213 51.62 -16.23 7.66
CA GLY C 213 52.75 -15.42 7.25
C GLY C 213 52.38 -14.44 6.15
N VAL C 214 53.13 -13.34 6.10
CA VAL C 214 53.05 -12.39 5.01
C VAL C 214 54.46 -12.16 4.48
N GLY C 215 54.55 -11.76 3.21
CA GLY C 215 55.81 -11.57 2.54
C GLY C 215 56.10 -10.11 2.23
N ALA C 216 57.14 -9.92 1.44
CA ALA C 216 57.54 -8.61 0.96
C ALA C 216 56.86 -8.35 -0.38
N GLY C 217 57.22 -7.24 -1.03
CA GLY C 217 56.64 -6.97 -2.32
C GLY C 217 57.01 -5.64 -2.96
N ASN C 218 57.18 -5.66 -4.27
CA ASN C 218 57.28 -4.43 -5.05
C ASN C 218 55.89 -3.85 -5.28
N THR C 219 55.86 -2.66 -5.90
CA THR C 219 54.61 -2.01 -6.26
C THR C 219 54.80 -1.30 -7.59
N PRO C 220 54.60 -2.00 -8.70
CA PRO C 220 54.69 -1.34 -10.01
C PRO C 220 53.49 -0.42 -10.24
N VAL C 221 53.78 0.80 -10.68
CA VAL C 221 52.76 1.82 -10.89
C VAL C 221 52.63 2.07 -12.38
N VAL C 222 51.39 2.08 -12.87
CA VAL C 222 51.11 2.33 -14.28
C VAL C 222 50.38 3.66 -14.38
N ILE C 223 51.01 4.63 -15.04
CA ILE C 223 50.43 5.95 -15.26
C ILE C 223 50.22 6.13 -16.75
N ASP C 224 49.00 5.85 -17.23
CA ASP C 224 48.75 5.91 -18.66
C ASP C 224 48.43 7.34 -19.10
N GLU C 225 48.02 7.49 -20.36
CA GLU C 225 47.95 8.80 -20.98
C GLU C 225 46.73 9.61 -20.55
N THR C 226 45.72 8.96 -19.96
CA THR C 226 44.51 9.65 -19.53
C THR C 226 44.47 9.87 -18.03
N ALA C 227 45.61 9.80 -17.36
CA ALA C 227 45.69 10.00 -15.93
C ALA C 227 45.73 11.48 -15.58
N ASP C 228 45.56 11.77 -14.29
CA ASP C 228 45.78 13.11 -13.76
C ASP C 228 47.25 13.20 -13.36
N ILE C 229 48.02 13.96 -14.15
CA ILE C 229 49.47 14.04 -13.95
C ILE C 229 49.79 14.80 -12.66
N LYS C 230 48.98 15.81 -12.32
CA LYS C 230 49.20 16.54 -11.08
C LYS C 230 48.84 15.71 -9.86
N ARG C 231 47.93 14.74 -10.01
CA ARG C 231 47.61 13.86 -8.89
C ARG C 231 48.59 12.71 -8.76
N ALA C 232 49.01 12.13 -9.90
CA ALA C 232 49.84 10.92 -9.87
C ALA C 232 51.24 11.21 -9.35
N VAL C 233 51.78 12.38 -9.69
CA VAL C 233 53.13 12.72 -9.21
C VAL C 233 53.09 13.09 -7.73
N ALA C 234 52.09 13.86 -7.31
CA ALA C 234 52.01 14.33 -5.93
C ALA C 234 51.62 13.23 -4.95
N SER C 235 51.05 12.13 -5.44
CA SER C 235 50.73 11.01 -4.57
C SER C 235 51.87 10.01 -4.44
N VAL C 236 52.73 9.92 -5.45
CA VAL C 236 53.93 9.10 -5.34
C VAL C 236 54.91 9.73 -4.35
N LEU C 237 55.07 11.06 -4.41
CA LEU C 237 55.96 11.75 -3.50
C LEU C 237 55.48 11.70 -2.06
N MET C 238 54.16 11.63 -1.85
CA MET C 238 53.63 11.56 -0.49
C MET C 238 53.83 10.18 0.12
N SER C 239 53.61 9.12 -0.66
CA SER C 239 53.63 7.77 -0.11
C SER C 239 55.02 7.17 -0.06
N LYS C 240 55.91 7.55 -0.98
CA LYS C 240 57.26 7.00 -0.96
C LYS C 240 58.11 7.66 0.11
N THR C 241 57.84 8.93 0.43
CA THR C 241 58.51 9.62 1.52
C THR C 241 57.82 9.41 2.86
N PHE C 242 56.76 8.61 2.90
CA PHE C 242 56.08 8.28 4.15
C PHE C 242 56.97 7.31 4.94
N ASP C 243 57.57 7.83 6.01
CA ASP C 243 58.55 7.12 6.85
C ASP C 243 59.74 6.61 6.05
N ASN C 244 60.14 7.39 5.03
CA ASN C 244 61.25 7.09 4.12
C ASN C 244 61.10 5.72 3.45
N GLY C 245 59.86 5.35 3.14
CA GLY C 245 59.61 4.14 2.37
C GLY C 245 59.84 2.83 3.09
N VAL C 246 59.80 2.82 4.43
CA VAL C 246 59.95 1.55 5.15
C VAL C 246 58.68 0.73 5.14
N ILE C 247 57.56 1.30 4.69
CA ILE C 247 56.28 0.58 4.71
C ILE C 247 56.27 -0.47 3.61
N CYS C 248 55.66 -1.61 3.89
CA CYS C 248 55.32 -2.55 2.84
C CYS C 248 54.32 -1.92 1.88
N ALA C 249 54.36 -2.39 0.62
CA ALA C 249 53.55 -1.86 -0.48
C ALA C 249 53.78 -0.37 -0.69
N SER C 250 55.05 0.01 -0.82
CA SER C 250 55.44 1.35 -1.23
C SER C 250 55.89 1.30 -2.68
N GLU C 251 55.72 2.42 -3.39
CA GLU C 251 55.92 2.46 -4.84
C GLU C 251 57.40 2.36 -5.16
N GLN C 252 57.85 1.16 -5.50
CA GLN C 252 59.26 0.92 -5.80
C GLN C 252 59.64 1.27 -7.23
N SER C 253 58.67 1.31 -8.15
CA SER C 253 58.95 1.57 -9.56
C SER C 253 57.66 2.00 -10.23
N VAL C 254 57.78 2.99 -11.12
CA VAL C 254 56.64 3.47 -11.91
C VAL C 254 56.88 3.09 -13.37
N VAL C 255 55.79 2.92 -14.10
CA VAL C 255 55.83 2.62 -15.54
C VAL C 255 54.92 3.64 -16.22
N VAL C 256 55.51 4.57 -16.95
CA VAL C 256 54.79 5.65 -17.61
C VAL C 256 54.74 5.36 -19.11
N VAL C 257 53.60 5.64 -19.73
CA VAL C 257 53.49 5.51 -21.18
C VAL C 257 54.25 6.64 -21.86
N ASP C 258 54.55 6.43 -23.15
CA ASP C 258 55.38 7.37 -23.88
C ASP C 258 54.66 8.65 -24.26
N SER C 259 53.32 8.70 -24.13
CA SER C 259 52.58 9.89 -24.51
C SER C 259 52.76 11.00 -23.48
N VAL C 260 52.91 10.66 -22.20
CA VAL C 260 53.04 11.65 -21.14
C VAL C 260 54.28 11.38 -20.31
N TYR C 261 55.29 10.75 -20.92
CA TYR C 261 56.52 10.44 -20.18
C TYR C 261 57.34 11.69 -19.89
N ASP C 262 57.30 12.67 -20.78
CA ASP C 262 58.09 13.88 -20.58
C ASP C 262 57.43 14.83 -19.57
N ALA C 263 56.10 14.87 -19.56
CA ALA C 263 55.41 15.76 -18.63
C ALA C 263 55.48 15.23 -17.19
N VAL C 264 55.57 13.91 -17.02
CA VAL C 264 55.72 13.34 -15.68
C VAL C 264 57.13 13.61 -15.15
N ARG C 265 58.13 13.56 -16.04
CA ARG C 265 59.51 13.84 -15.63
C ARG C 265 59.70 15.30 -15.23
N GLU C 266 59.05 16.22 -15.94
CA GLU C 266 59.13 17.63 -15.57
C GLU C 266 58.36 17.93 -14.30
N ARG C 267 57.27 17.20 -14.05
CA ARG C 267 56.54 17.37 -12.80
C ARG C 267 57.31 16.80 -11.62
N PHE C 268 58.12 15.76 -11.85
CA PHE C 268 58.98 15.24 -10.80
C PHE C 268 60.19 16.12 -10.55
N ALA C 269 60.71 16.77 -11.61
CA ALA C 269 61.96 17.52 -11.48
C ALA C 269 61.76 18.86 -10.79
N THR C 270 60.64 19.53 -11.06
CA THR C 270 60.38 20.82 -10.42
C THR C 270 60.04 20.65 -8.95
N HIS C 271 59.48 19.50 -8.58
CA HIS C 271 59.19 19.18 -7.19
C HIS C 271 60.40 18.44 -6.61
N GLY C 272 60.22 17.78 -5.46
CA GLY C 272 61.32 17.22 -4.69
C GLY C 272 62.04 16.03 -5.29
N GLY C 273 61.70 15.60 -6.50
CA GLY C 273 62.44 14.53 -7.14
C GLY C 273 63.74 15.00 -7.73
N TYR C 274 64.70 14.06 -7.82
CA TYR C 274 66.04 14.34 -8.36
C TYR C 274 66.37 13.27 -9.39
N LEU C 275 66.31 13.64 -10.67
CA LEU C 275 66.60 12.70 -11.74
C LEU C 275 68.09 12.43 -11.82
N LEU C 276 68.48 11.18 -11.64
CA LEU C 276 69.88 10.79 -11.73
C LEU C 276 70.29 10.65 -13.19
N GLN C 277 71.45 11.21 -13.53
CA GLN C 277 71.91 11.26 -14.91
C GLN C 277 73.37 10.83 -14.99
N GLY C 278 73.66 9.88 -15.88
CA GLY C 278 75.03 9.51 -16.21
C GLY C 278 75.80 8.79 -15.12
N LYS C 279 76.78 9.50 -14.54
CA LYS C 279 77.65 8.89 -13.54
C LYS C 279 76.92 8.63 -12.23
N GLU C 280 75.93 9.45 -11.89
CA GLU C 280 75.21 9.30 -10.63
C GLU C 280 74.26 8.11 -10.66
N LEU C 281 73.84 7.66 -11.84
CA LEU C 281 72.96 6.49 -11.93
C LEU C 281 73.71 5.21 -11.57
N LYS C 282 74.93 5.03 -12.08
CA LYS C 282 75.72 3.86 -11.73
C LYS C 282 76.34 3.98 -10.35
N ALA C 283 76.48 5.20 -9.82
CA ALA C 283 77.06 5.39 -8.49
C ALA C 283 76.12 4.96 -7.37
N VAL C 284 74.83 4.84 -7.65
CA VAL C 284 73.86 4.38 -6.66
C VAL C 284 73.42 2.94 -6.87
N GLN C 285 73.69 2.34 -8.03
CA GLN C 285 73.29 0.96 -8.26
C GLN C 285 74.19 -0.04 -7.56
N ASP C 286 75.40 0.36 -7.17
CA ASP C 286 76.32 -0.49 -6.44
C ASP C 286 76.30 -0.24 -4.95
N VAL C 287 75.38 0.61 -4.48
CA VAL C 287 75.20 0.86 -3.06
C VAL C 287 73.92 0.23 -2.52
N ILE C 288 73.00 -0.20 -3.38
CA ILE C 288 71.75 -0.79 -2.93
C ILE C 288 71.89 -2.30 -2.76
N LEU C 289 72.46 -2.99 -3.75
CA LEU C 289 72.72 -4.42 -3.65
C LEU C 289 74.14 -4.62 -3.14
N LYS C 290 74.27 -5.13 -1.91
CA LYS C 290 75.60 -5.30 -1.32
C LYS C 290 76.23 -6.60 -1.78
N ASN C 291 75.61 -7.73 -1.46
CA ASN C 291 76.09 -9.06 -1.85
C ASN C 291 74.97 -9.83 -2.52
N GLY C 292 74.28 -9.19 -3.45
CA GLY C 292 73.08 -9.74 -4.04
C GLY C 292 71.83 -9.54 -3.20
N ALA C 293 71.92 -8.80 -2.10
CA ALA C 293 70.79 -8.51 -1.24
C ALA C 293 70.81 -7.03 -0.87
N LEU C 294 69.66 -6.56 -0.38
CA LEU C 294 69.52 -5.17 0.03
C LEU C 294 70.30 -4.91 1.31
N ASN C 295 71.20 -3.94 1.28
CA ASN C 295 72.00 -3.61 2.45
C ASN C 295 71.19 -2.83 3.46
N ALA C 296 71.48 -3.06 4.74
CA ALA C 296 70.75 -2.41 5.84
C ALA C 296 71.27 -1.02 6.18
N ALA C 297 72.13 -0.44 5.34
CA ALA C 297 72.66 0.89 5.60
C ALA C 297 71.85 2.00 4.95
N ILE C 298 71.02 1.66 3.96
CA ILE C 298 70.18 2.65 3.27
C ILE C 298 68.70 2.45 3.58
N VAL C 299 68.34 1.44 4.36
CA VAL C 299 66.94 1.13 4.65
C VAL C 299 66.40 2.21 5.58
N GLY C 300 65.54 3.08 5.05
CA GLY C 300 64.89 4.10 5.84
C GLY C 300 65.67 5.38 6.02
N GLN C 301 66.84 5.50 5.42
CA GLN C 301 67.59 6.75 5.52
C GLN C 301 66.99 7.79 4.59
N PRO C 302 67.19 9.07 4.87
CA PRO C 302 66.71 10.12 3.96
C PRO C 302 67.44 10.12 2.63
N ALA C 303 66.90 10.89 1.69
CA ALA C 303 67.38 10.87 0.31
C ALA C 303 68.74 11.53 0.15
N TYR C 304 69.15 12.39 1.08
CA TYR C 304 70.46 13.03 1.01
C TYR C 304 71.55 12.21 1.65
N LYS C 305 71.20 11.23 2.49
CA LYS C 305 72.20 10.32 3.05
C LYS C 305 72.49 9.12 2.17
N ILE C 306 71.55 8.75 1.28
CA ILE C 306 71.83 7.72 0.31
C ILE C 306 72.79 8.23 -0.76
N ALA C 307 72.60 9.48 -1.19
CA ALA C 307 73.53 10.08 -2.15
C ALA C 307 74.89 10.36 -1.51
N GLU C 308 74.91 10.69 -0.22
CA GLU C 308 76.17 10.87 0.49
C GLU C 308 76.91 9.55 0.65
N LEU C 309 76.17 8.45 0.82
CA LEU C 309 76.78 7.13 0.86
C LEU C 309 77.20 6.65 -0.52
N ALA C 310 76.67 7.26 -1.58
CA ALA C 310 77.02 6.87 -2.94
C ALA C 310 78.26 7.57 -3.46
N GLY C 311 78.52 8.80 -3.02
CA GLY C 311 79.73 9.50 -3.43
C GLY C 311 79.52 10.83 -4.10
N PHE C 312 78.37 11.47 -3.87
CA PHE C 312 78.12 12.83 -4.35
C PHE C 312 77.16 13.50 -3.36
N SER C 313 76.62 14.64 -3.76
CA SER C 313 75.76 15.42 -2.87
C SER C 313 74.59 16.01 -3.63
N VAL C 314 73.38 15.67 -3.19
CA VAL C 314 72.15 16.27 -3.70
C VAL C 314 71.83 17.44 -2.77
N PRO C 315 70.89 18.33 -3.11
CA PRO C 315 70.42 19.31 -2.12
C PRO C 315 69.73 18.64 -0.95
N GLU C 316 69.75 19.33 0.19
CA GLU C 316 69.30 18.74 1.46
C GLU C 316 67.78 18.57 1.53
N ASN C 317 67.02 19.26 0.70
CA ASN C 317 65.57 19.17 0.73
C ASN C 317 65.00 18.29 -0.37
N THR C 318 65.84 17.62 -1.15
CA THR C 318 65.37 16.65 -2.11
C THR C 318 64.87 15.40 -1.38
N LYS C 319 63.87 14.76 -1.97
CA LYS C 319 63.16 13.70 -1.27
C LYS C 319 63.15 12.35 -2.00
N ILE C 320 63.25 12.33 -3.33
CA ILE C 320 63.14 11.10 -4.10
C ILE C 320 64.29 11.05 -5.10
N LEU C 321 65.04 9.94 -5.07
CA LEU C 321 66.10 9.69 -6.05
C LEU C 321 65.52 8.86 -7.19
N ILE C 322 65.46 9.46 -8.38
CA ILE C 322 64.84 8.83 -9.54
C ILE C 322 65.93 8.36 -10.48
N GLY C 323 65.91 7.06 -10.81
CA GLY C 323 66.81 6.53 -11.81
C GLY C 323 66.06 5.95 -12.99
N GLU C 324 66.27 6.52 -14.17
CA GLU C 324 65.57 6.08 -15.38
C GLU C 324 66.30 4.88 -15.96
N VAL C 325 65.73 3.69 -15.78
CA VAL C 325 66.35 2.45 -16.20
C VAL C 325 65.52 1.85 -17.35
N THR C 326 66.07 0.80 -17.96
CA THR C 326 65.47 0.19 -19.14
C THR C 326 65.13 -1.27 -18.98
N VAL C 327 66.00 -2.06 -18.35
CA VAL C 327 65.84 -3.51 -18.31
C VAL C 327 64.99 -3.91 -17.11
N VAL C 328 64.20 -4.96 -17.29
CA VAL C 328 63.41 -5.56 -16.22
C VAL C 328 63.97 -6.95 -15.94
N ASP C 329 64.89 -7.03 -14.99
CA ASP C 329 65.63 -8.26 -14.76
C ASP C 329 66.22 -8.21 -13.35
N GLU C 330 66.82 -9.33 -12.94
CA GLU C 330 67.55 -9.39 -11.68
C GLU C 330 68.92 -8.74 -11.77
N SER C 331 69.41 -8.44 -12.97
CA SER C 331 70.69 -7.75 -13.11
C SER C 331 70.58 -6.28 -12.74
N GLU C 332 69.43 -5.67 -12.96
CA GLU C 332 69.23 -4.27 -12.62
C GLU C 332 68.88 -4.16 -11.14
N PRO C 333 69.65 -3.41 -10.35
CA PRO C 333 69.33 -3.30 -8.91
C PRO C 333 68.14 -2.42 -8.61
N PHE C 334 67.69 -1.59 -9.56
CA PHE C 334 66.56 -0.71 -9.32
C PHE C 334 65.22 -1.40 -9.52
N ALA C 335 65.20 -2.67 -9.94
CA ALA C 335 63.98 -3.44 -10.06
C ALA C 335 63.67 -4.27 -8.83
N HIS C 336 64.37 -4.00 -7.72
CA HIS C 336 64.17 -4.74 -6.49
C HIS C 336 63.44 -3.89 -5.46
N GLU C 337 63.12 -4.51 -4.33
CA GLU C 337 62.57 -3.80 -3.19
C GLU C 337 63.69 -3.05 -2.49
N LYS C 338 63.49 -1.76 -2.25
CA LYS C 338 64.55 -0.88 -1.76
C LYS C 338 64.38 -0.46 -0.31
N LEU C 339 63.12 -0.29 0.15
CA LEU C 339 62.78 0.19 1.50
C LEU C 339 63.44 1.54 1.79
N SER C 340 63.48 2.42 0.79
CA SER C 340 64.19 3.68 0.87
C SER C 340 63.59 4.61 -0.17
N PRO C 341 63.65 5.94 0.03
CA PRO C 341 63.07 6.86 -0.96
C PRO C 341 63.84 6.90 -2.26
N THR C 342 63.71 5.84 -3.06
CA THR C 342 64.38 5.72 -4.34
C THR C 342 63.41 5.07 -5.32
N LEU C 343 63.36 5.59 -6.54
CA LEU C 343 62.38 5.16 -7.52
C LEU C 343 63.08 4.53 -8.74
N ALA C 344 62.27 4.18 -9.74
CA ALA C 344 62.78 3.61 -10.98
C ALA C 344 61.73 3.86 -12.06
N MET C 345 62.03 4.74 -13.01
CA MET C 345 61.08 5.11 -14.05
C MET C 345 61.32 4.24 -15.28
N TYR C 346 60.27 3.55 -15.71
CA TYR C 346 60.28 2.80 -16.95
C TYR C 346 59.39 3.50 -17.97
N ARG C 347 59.67 3.25 -19.24
CA ARG C 347 58.94 3.84 -20.35
C ARG C 347 58.28 2.74 -21.16
N ALA C 348 56.99 2.91 -21.46
CA ALA C 348 56.25 1.98 -22.29
C ALA C 348 55.63 2.73 -23.46
N LYS C 349 55.34 1.99 -24.52
CA LYS C 349 54.80 2.57 -25.74
C LYS C 349 53.28 2.55 -25.79
N ASP C 350 52.63 1.81 -24.90
CA ASP C 350 51.17 1.73 -24.90
C ASP C 350 50.71 1.37 -23.49
N PHE C 351 49.39 1.38 -23.29
CA PHE C 351 48.83 0.96 -22.01
C PHE C 351 48.97 -0.55 -21.84
N GLU C 352 48.68 -1.32 -22.88
CA GLU C 352 48.78 -2.77 -22.82
C GLU C 352 50.22 -3.26 -22.79
N ASP C 353 51.19 -2.41 -23.12
CA ASP C 353 52.59 -2.72 -22.90
C ASP C 353 53.03 -2.34 -21.50
N ALA C 354 52.38 -1.35 -20.89
CA ALA C 354 52.72 -0.95 -19.53
C ALA C 354 52.30 -1.99 -18.50
N VAL C 355 51.18 -2.69 -18.75
CA VAL C 355 50.77 -3.77 -17.86
C VAL C 355 51.69 -4.98 -18.04
N GLU C 356 52.25 -5.15 -19.25
CA GLU C 356 53.17 -6.25 -19.49
C GLU C 356 54.48 -6.05 -18.73
N LYS C 357 54.99 -4.82 -18.69
CA LYS C 357 56.17 -4.55 -17.89
C LYS C 357 55.86 -4.62 -16.39
N ALA C 358 54.64 -4.29 -16.00
CA ALA C 358 54.26 -4.40 -14.59
C ALA C 358 54.09 -5.85 -14.17
N GLU C 359 53.75 -6.74 -15.10
CA GLU C 359 53.65 -8.16 -14.78
C GLU C 359 55.01 -8.77 -14.51
N LYS C 360 56.07 -8.24 -15.13
CA LYS C 360 57.41 -8.71 -14.86
C LYS C 360 58.05 -8.05 -13.66
N LEU C 361 57.45 -6.97 -13.14
CA LEU C 361 57.96 -6.29 -11.95
C LEU C 361 57.39 -6.85 -10.66
N VAL C 362 56.33 -7.66 -10.73
CA VAL C 362 55.84 -8.40 -9.56
C VAL C 362 56.42 -9.80 -9.59
N ALA C 363 57.39 -10.04 -10.47
CA ALA C 363 58.05 -11.33 -10.54
C ALA C 363 59.28 -11.42 -9.65
N MET C 364 60.05 -10.33 -9.54
CA MET C 364 61.30 -10.40 -8.78
C MET C 364 61.04 -10.34 -7.27
N GLY C 365 60.48 -9.24 -6.79
CA GLY C 365 60.25 -9.12 -5.36
C GLY C 365 58.78 -9.06 -4.99
N GLY C 366 58.25 -10.17 -4.50
CA GLY C 366 56.88 -10.21 -4.04
C GLY C 366 55.95 -10.59 -5.18
N ILE C 367 55.33 -11.77 -5.10
CA ILE C 367 54.59 -12.28 -6.25
C ILE C 367 53.16 -11.76 -6.26
N GLY C 368 52.53 -11.67 -5.10
CA GLY C 368 51.15 -11.24 -5.05
C GLY C 368 50.84 -10.14 -4.05
N HIS C 369 51.75 -9.19 -3.86
CA HIS C 369 51.58 -8.23 -2.77
C HIS C 369 50.63 -7.10 -3.12
N THR C 370 51.03 -6.24 -4.07
CA THR C 370 50.33 -4.98 -4.34
C THR C 370 50.81 -4.37 -5.65
N SER C 371 49.88 -4.01 -6.54
CA SER C 371 50.19 -3.15 -7.67
C SER C 371 49.35 -1.88 -7.57
N CYS C 372 49.51 -1.00 -8.55
CA CYS C 372 48.79 0.27 -8.54
C CYS C 372 48.60 0.76 -9.98
N LEU C 373 47.66 1.68 -10.15
CA LEU C 373 47.32 2.19 -11.47
C LEU C 373 46.68 3.57 -11.30
N TYR C 374 47.12 4.54 -12.11
CA TYR C 374 46.55 5.88 -12.11
C TYR C 374 45.85 6.12 -13.44
N THR C 375 44.54 6.28 -13.40
CA THR C 375 43.72 6.64 -14.55
C THR C 375 42.40 7.19 -14.03
N ASP C 376 41.63 7.78 -14.93
CA ASP C 376 40.29 8.25 -14.58
C ASP C 376 39.36 7.04 -14.49
N GLN C 377 38.91 6.73 -13.27
CA GLN C 377 38.20 5.49 -13.01
C GLN C 377 36.73 5.53 -13.44
N ASP C 378 36.24 6.67 -13.93
CA ASP C 378 34.87 6.78 -14.39
C ASP C 378 34.75 6.68 -15.91
N ASN C 379 35.62 7.39 -16.64
CA ASN C 379 35.55 7.39 -18.09
C ASN C 379 36.19 6.15 -18.72
N GLN C 380 37.02 5.43 -17.97
CA GLN C 380 37.70 4.24 -18.48
C GLN C 380 37.37 3.03 -17.60
N PRO C 381 36.21 2.40 -17.79
CA PRO C 381 35.91 1.18 -17.04
C PRO C 381 36.49 -0.08 -17.68
N ALA C 382 36.93 -0.02 -18.93
CA ALA C 382 37.53 -1.18 -19.58
C ALA C 382 38.99 -1.37 -19.23
N ARG C 383 39.68 -0.29 -18.84
CA ARG C 383 41.08 -0.39 -18.45
C ARG C 383 41.25 -0.79 -16.99
N VAL C 384 40.26 -0.49 -16.14
CA VAL C 384 40.33 -0.90 -14.73
C VAL C 384 39.95 -2.35 -14.54
N SER C 385 39.35 -2.99 -15.55
CA SER C 385 39.06 -4.42 -15.52
C SER C 385 40.11 -5.25 -16.22
N TYR C 386 40.76 -4.69 -17.24
CA TYR C 386 41.90 -5.36 -17.87
C TYR C 386 43.11 -5.35 -16.94
N PHE C 387 43.29 -4.29 -16.17
CA PHE C 387 44.39 -4.24 -15.21
C PHE C 387 44.13 -5.16 -14.01
N GLY C 388 42.86 -5.33 -13.63
CA GLY C 388 42.53 -6.23 -12.55
C GLY C 388 42.58 -7.69 -12.92
N GLN C 389 42.48 -8.00 -14.22
CA GLN C 389 42.54 -9.39 -14.68
C GLN C 389 43.97 -9.84 -14.94
N LYS C 390 44.87 -8.93 -15.29
CA LYS C 390 46.24 -9.28 -15.63
C LYS C 390 47.16 -9.35 -14.42
N MET C 391 47.06 -8.36 -13.52
CA MET C 391 47.97 -8.30 -12.38
C MET C 391 47.60 -9.34 -11.34
N LYS C 392 48.57 -10.17 -10.98
CA LYS C 392 48.35 -11.27 -10.02
C LYS C 392 48.82 -10.84 -8.63
N THR C 393 48.15 -9.84 -8.08
CA THR C 393 48.40 -9.37 -6.72
C THR C 393 47.19 -9.65 -5.84
N ALA C 394 47.27 -9.20 -4.58
CA ALA C 394 46.17 -9.37 -3.65
C ALA C 394 45.25 -8.16 -3.59
N ARG C 395 45.77 -6.96 -3.80
CA ARG C 395 44.96 -5.75 -3.80
C ARG C 395 45.38 -4.87 -4.96
N ILE C 396 44.38 -4.33 -5.68
CA ILE C 396 44.61 -3.46 -6.83
C ILE C 396 44.17 -2.07 -6.43
N LEU C 397 45.11 -1.14 -6.34
CA LEU C 397 44.81 0.23 -5.95
C LEU C 397 44.70 1.10 -7.21
N ILE C 398 43.66 1.93 -7.25
CA ILE C 398 43.40 2.81 -8.38
C ILE C 398 43.34 4.24 -7.87
N ASN C 399 44.20 5.11 -8.43
CA ASN C 399 44.33 6.53 -8.05
C ASN C 399 44.62 6.69 -6.56
N THR C 400 45.49 5.85 -6.03
CA THR C 400 45.69 5.80 -4.59
C THR C 400 47.17 5.76 -4.28
N PRO C 401 47.63 6.56 -3.31
CA PRO C 401 48.99 6.38 -2.80
C PRO C 401 49.11 5.05 -2.08
N ALA C 402 50.13 4.27 -2.46
CA ALA C 402 50.17 2.87 -2.07
C ALA C 402 50.53 2.65 -0.60
N SER C 403 51.18 3.62 0.03
CA SER C 403 51.50 3.47 1.45
C SER C 403 50.27 3.67 2.31
N GLN C 404 49.52 4.75 2.06
CA GLN C 404 48.26 4.98 2.76
C GLN C 404 47.12 4.15 2.20
N GLY C 405 47.27 3.58 1.01
CA GLY C 405 46.18 2.83 0.41
C GLY C 405 46.35 1.33 0.48
N GLY C 406 47.58 0.89 0.71
CA GLY C 406 47.80 -0.53 0.96
C GLY C 406 47.18 -0.98 2.27
N ILE C 407 47.43 -0.22 3.34
CA ILE C 407 46.67 -0.39 4.58
C ILE C 407 45.25 0.11 4.34
N GLY C 408 44.31 -0.45 5.10
CA GLY C 408 42.90 -0.20 4.86
C GLY C 408 42.38 1.07 5.50
N ASP C 409 41.09 1.33 5.23
CA ASP C 409 40.27 2.41 5.81
C ASP C 409 40.76 3.81 5.48
N LEU C 410 41.73 3.94 4.58
CA LEU C 410 42.15 5.22 4.01
C LEU C 410 41.97 5.15 2.51
N TYR C 411 41.34 6.19 1.94
CA TYR C 411 41.04 6.40 0.52
C TYR C 411 40.03 5.41 -0.08
N ASN C 412 39.61 4.40 0.69
CA ASN C 412 38.68 3.41 0.14
C ASN C 412 37.49 3.12 1.03
N PHE C 413 37.69 3.09 2.36
CA PHE C 413 36.67 2.80 3.39
C PHE C 413 36.02 1.43 3.23
N LYS C 414 36.64 0.50 2.50
CA LYS C 414 36.13 -0.86 2.36
C LYS C 414 37.19 -1.93 2.56
N LEU C 415 38.47 -1.61 2.37
CA LEU C 415 39.54 -2.52 2.76
C LEU C 415 39.60 -2.63 4.27
N ALA C 416 39.89 -3.82 4.77
CA ALA C 416 40.03 -4.01 6.21
C ALA C 416 41.35 -3.41 6.66
N PRO C 417 41.35 -2.54 7.68
CA PRO C 417 42.60 -1.91 8.11
C PRO C 417 43.50 -2.90 8.86
N SER C 418 44.72 -3.04 8.38
CA SER C 418 45.71 -3.92 8.99
C SER C 418 47.08 -3.47 8.52
N LEU C 419 48.10 -3.85 9.30
CA LEU C 419 49.48 -3.55 8.95
C LEU C 419 50.26 -4.80 8.54
N THR C 420 49.58 -5.94 8.45
CA THR C 420 50.16 -7.18 7.95
C THR C 420 49.39 -7.55 6.69
N LEU C 421 49.94 -7.22 5.53
CA LEU C 421 49.25 -7.38 4.25
C LEU C 421 49.62 -8.71 3.62
N GLY C 422 48.62 -9.57 3.41
CA GLY C 422 48.87 -10.86 2.83
C GLY C 422 49.11 -10.82 1.33
N CYS C 423 49.72 -11.88 0.82
CA CYS C 423 50.02 -12.00 -0.59
C CYS C 423 49.45 -13.26 -1.23
N GLY C 424 48.84 -14.16 -0.45
CA GLY C 424 48.28 -15.36 -1.00
C GLY C 424 49.34 -16.41 -1.32
N SER C 425 48.88 -17.47 -1.99
CA SER C 425 49.75 -18.59 -2.34
C SER C 425 50.70 -18.27 -3.49
N TRP C 426 50.57 -17.09 -4.12
CA TRP C 426 51.59 -16.64 -5.05
C TRP C 426 52.92 -16.41 -4.35
N GLY C 427 52.88 -15.69 -3.23
CA GLY C 427 54.04 -15.44 -2.40
C GLY C 427 54.26 -16.45 -1.29
N GLY C 428 53.52 -17.55 -1.29
CA GLY C 428 53.68 -18.56 -0.26
C GLY C 428 52.95 -18.26 1.03
N ASN C 429 51.76 -17.67 0.94
CA ASN C 429 50.93 -17.37 2.11
C ASN C 429 49.58 -18.06 1.96
N SER C 430 48.76 -17.96 3.01
CA SER C 430 47.50 -18.69 3.04
C SER C 430 46.34 -17.77 3.43
N ILE C 431 46.40 -16.50 3.06
CA ILE C 431 45.36 -15.55 3.45
C ILE C 431 44.80 -14.83 2.23
N SER C 432 45.68 -14.20 1.45
CA SER C 432 45.34 -13.34 0.30
C SER C 432 44.37 -12.22 0.69
N GLU C 433 44.59 -11.65 1.87
CA GLU C 433 43.71 -10.62 2.40
C GLU C 433 44.49 -9.81 3.43
N ASN C 434 43.81 -8.88 4.07
CA ASN C 434 44.35 -8.18 5.22
C ASN C 434 43.91 -8.90 6.48
N VAL C 435 44.88 -9.21 7.35
CA VAL C 435 44.59 -10.03 8.52
C VAL C 435 43.82 -9.23 9.56
N GLY C 436 42.66 -9.74 9.94
CA GLY C 436 41.86 -9.14 10.98
C GLY C 436 41.54 -10.13 12.07
N PRO C 437 40.58 -9.79 12.94
CA PRO C 437 40.19 -10.73 14.01
C PRO C 437 39.38 -11.91 13.53
N LYS C 438 38.97 -11.94 12.26
CA LYS C 438 38.18 -13.05 11.73
C LYS C 438 39.05 -14.23 11.29
N HIS C 439 40.37 -14.11 11.36
CA HIS C 439 41.28 -15.19 11.00
C HIS C 439 41.76 -15.98 12.21
N LEU C 440 41.38 -15.57 13.42
CA LEU C 440 41.83 -16.19 14.66
C LEU C 440 40.63 -16.61 15.52
N ILE C 441 39.69 -17.32 14.91
CA ILE C 441 38.39 -17.57 15.52
C ILE C 441 38.15 -19.06 15.79
N ASN C 442 38.42 -19.92 14.80
CA ASN C 442 38.10 -21.35 14.82
C ASN C 442 36.61 -21.56 15.07
N LYS C 443 35.82 -21.19 14.05
CA LYS C 443 34.37 -21.31 14.10
C LYS C 443 33.93 -22.75 14.35
N LYS C 444 32.99 -22.91 15.27
CA LYS C 444 32.47 -24.20 15.67
C LYS C 444 30.97 -24.21 15.45
N THR C 445 30.49 -25.21 14.73
CA THR C 445 29.09 -25.27 14.34
C THR C 445 28.37 -26.37 15.12
N VAL C 446 27.08 -26.15 15.38
CA VAL C 446 26.22 -27.09 16.08
C VAL C 446 25.10 -27.46 15.14
N ALA C 447 25.15 -28.67 14.60
CA ALA C 447 24.21 -29.11 13.57
C ALA C 447 23.17 -30.04 14.19
N LYS C 448 21.92 -29.61 14.21
CA LYS C 448 20.82 -30.44 14.66
C LYS C 448 20.22 -31.21 13.48
N ARG C 449 19.49 -32.26 13.81
CA ARG C 449 18.91 -33.14 12.79
C ARG C 449 17.70 -32.50 12.14
N ALA C 450 17.65 -32.53 10.81
CA ALA C 450 16.49 -32.12 10.05
C ALA C 450 16.07 -33.29 9.15
N GLU C 451 14.86 -33.19 8.62
CA GLU C 451 14.30 -34.25 7.79
C GLU C 451 14.20 -33.82 6.34
N ASN C 452 14.34 -34.79 5.45
CA ASN C 452 14.28 -34.53 4.01
C ASN C 452 12.86 -34.14 3.60
N MET C 453 12.77 -33.12 2.74
CA MET C 453 11.47 -32.64 2.27
C MET C 453 10.82 -33.70 1.38
N LEU C 454 9.61 -34.10 1.74
CA LEU C 454 8.84 -35.04 0.96
C LEU C 454 7.82 -34.28 0.11
N TRP C 455 7.02 -35.01 -0.65
CA TRP C 455 6.12 -34.39 -1.61
C TRP C 455 4.95 -35.33 -1.87
N HIS C 456 3.99 -34.82 -2.65
CA HIS C 456 2.86 -35.61 -3.15
C HIS C 456 2.52 -35.02 -4.51
N LYS C 457 3.10 -35.59 -5.56
CA LYS C 457 2.98 -35.07 -6.91
C LYS C 457 2.17 -36.04 -7.76
N LEU C 458 1.15 -35.52 -8.42
CA LEU C 458 0.20 -36.28 -9.22
C LEU C 458 -0.02 -35.54 -10.53
N PRO C 459 -0.69 -36.18 -11.50
CA PRO C 459 -1.19 -35.42 -12.66
C PRO C 459 -2.23 -34.39 -12.26
N LYS C 460 -2.46 -33.44 -13.17
CA LYS C 460 -3.36 -32.33 -12.89
C LYS C 460 -4.80 -32.77 -12.87
N SER C 461 -5.15 -33.84 -13.58
CA SER C 461 -6.52 -34.34 -13.60
C SER C 461 -6.51 -35.84 -13.81
N ILE C 462 -7.14 -36.56 -12.89
CA ILE C 462 -7.24 -38.03 -12.96
C ILE C 462 -8.72 -38.34 -13.13
N TYR C 463 -9.18 -38.43 -14.37
CA TYR C 463 -10.58 -38.72 -14.66
C TYR C 463 -10.83 -40.21 -14.67
N PHE C 464 -11.91 -40.63 -14.02
CA PHE C 464 -12.21 -42.06 -13.89
C PHE C 464 -13.70 -42.26 -13.65
N ARG C 465 -14.31 -43.10 -14.47
CA ARG C 465 -15.53 -43.85 -14.19
C ARG C 465 -15.65 -44.95 -15.23
N ARG C 466 -16.86 -45.52 -15.33
CA ARG C 466 -17.09 -46.67 -16.20
C ARG C 466 -16.93 -46.31 -17.68
N GLY C 467 -17.47 -45.18 -18.11
CA GLY C 467 -17.43 -44.83 -19.52
C GLY C 467 -16.96 -43.44 -19.84
N SER C 468 -16.04 -42.90 -19.04
CA SER C 468 -15.61 -41.52 -19.23
C SER C 468 -14.38 -41.40 -20.13
N LEU C 469 -14.40 -42.08 -21.27
CA LEU C 469 -13.41 -41.78 -22.30
C LEU C 469 -13.79 -40.60 -23.20
N PRO C 470 -14.99 -40.49 -23.80
CA PRO C 470 -15.24 -39.33 -24.66
C PRO C 470 -15.58 -38.06 -23.89
N ILE C 471 -16.02 -38.17 -22.63
CA ILE C 471 -16.31 -36.98 -21.85
C ILE C 471 -15.01 -36.32 -21.39
N ALA C 472 -13.96 -37.10 -21.20
CA ALA C 472 -12.65 -36.54 -20.86
C ALA C 472 -11.90 -36.05 -22.09
N LEU C 473 -12.16 -36.66 -23.25
CA LEU C 473 -11.55 -36.22 -24.50
C LEU C 473 -12.16 -34.92 -25.04
N ASP C 474 -13.31 -34.50 -24.53
CA ASP C 474 -13.86 -33.20 -24.89
C ASP C 474 -13.18 -32.06 -24.14
N GLU C 475 -12.38 -32.35 -23.12
CA GLU C 475 -11.62 -31.31 -22.45
C GLU C 475 -10.41 -30.89 -23.28
N VAL C 476 -9.72 -31.85 -23.91
CA VAL C 476 -8.58 -31.52 -24.75
C VAL C 476 -8.99 -30.92 -26.10
N ILE C 477 -10.28 -30.99 -26.44
CA ILE C 477 -10.79 -30.29 -27.62
C ILE C 477 -10.93 -28.80 -27.32
N THR C 478 -11.52 -28.47 -26.18
CA THR C 478 -11.78 -27.07 -25.81
C THR C 478 -10.54 -26.35 -25.31
N ASP C 479 -9.40 -27.03 -25.17
CA ASP C 479 -8.17 -26.38 -24.77
C ASP C 479 -7.38 -25.83 -25.95
N GLY C 480 -7.92 -25.93 -27.17
CA GLY C 480 -7.26 -25.39 -28.34
C GLY C 480 -6.28 -26.30 -29.01
N HIS C 481 -6.25 -27.58 -28.66
CA HIS C 481 -5.33 -28.53 -29.28
C HIS C 481 -5.84 -28.91 -30.66
N LYS C 482 -4.98 -28.81 -31.66
CA LYS C 482 -5.37 -29.04 -33.05
C LYS C 482 -4.63 -30.19 -33.73
N ARG C 483 -3.48 -30.61 -33.21
CA ARG C 483 -2.72 -31.72 -33.78
C ARG C 483 -2.35 -32.69 -32.67
N ALA C 484 -2.77 -33.94 -32.81
CA ALA C 484 -2.58 -34.95 -31.78
C ALA C 484 -1.85 -36.16 -32.34
N LEU C 485 -1.01 -36.76 -31.51
CA LEU C 485 -0.30 -38.00 -31.84
C LEU C 485 -0.73 -39.06 -30.84
N ILE C 486 -1.07 -40.25 -31.34
CA ILE C 486 -1.58 -41.33 -30.51
C ILE C 486 -0.61 -42.50 -30.61
N VAL C 487 -0.01 -42.87 -29.49
CA VAL C 487 0.94 -43.97 -29.42
C VAL C 487 0.21 -45.18 -28.84
N THR C 488 0.03 -46.22 -29.64
CA THR C 488 -0.70 -47.42 -29.26
C THR C 488 0.17 -48.65 -29.43
N ASP C 489 -0.37 -49.79 -29.00
CA ASP C 489 0.21 -51.09 -29.27
C ASP C 489 -0.29 -51.60 -30.62
N ARG C 490 0.32 -52.68 -31.10
CA ARG C 490 -0.10 -53.25 -32.38
C ARG C 490 -1.42 -54.00 -32.26
N PHE C 491 -1.70 -54.56 -31.09
CA PHE C 491 -2.98 -55.25 -30.88
C PHE C 491 -4.13 -54.27 -30.75
N LEU C 492 -3.90 -53.14 -30.07
CA LEU C 492 -4.97 -52.17 -29.82
C LEU C 492 -5.36 -51.40 -31.07
N PHE C 493 -4.50 -51.34 -32.08
CA PHE C 493 -4.85 -50.68 -33.32
C PHE C 493 -5.67 -51.59 -34.23
N ASN C 494 -5.45 -52.90 -34.17
CA ASN C 494 -6.15 -53.88 -34.99
C ASN C 494 -7.46 -54.34 -34.37
N ASN C 495 -7.83 -53.83 -33.20
CA ASN C 495 -9.04 -54.25 -32.52
C ASN C 495 -9.96 -53.08 -32.17
N GLY C 496 -9.79 -51.94 -32.84
CA GLY C 496 -10.70 -50.82 -32.67
C GLY C 496 -10.54 -50.04 -31.38
N TYR C 497 -9.51 -50.32 -30.58
CA TYR C 497 -9.30 -49.54 -29.37
C TYR C 497 -8.76 -48.15 -29.70
N ALA C 498 -7.91 -48.06 -30.73
CA ALA C 498 -7.41 -46.76 -31.16
C ALA C 498 -8.44 -45.97 -31.95
N ASP C 499 -9.50 -46.62 -32.44
CA ASP C 499 -10.55 -45.94 -33.17
C ASP C 499 -11.58 -45.28 -32.25
N GLN C 500 -11.58 -45.63 -30.97
CA GLN C 500 -12.45 -44.94 -30.01
C GLN C 500 -11.95 -43.54 -29.67
N ILE C 501 -10.66 -43.27 -29.92
CA ILE C 501 -10.09 -41.95 -29.68
C ILE C 501 -10.10 -41.10 -30.93
N THR C 502 -9.78 -41.70 -32.09
CA THR C 502 -9.72 -40.94 -33.34
C THR C 502 -11.11 -40.50 -33.82
N SER C 503 -12.16 -41.25 -33.46
CA SER C 503 -13.50 -40.87 -33.88
C SER C 503 -14.02 -39.67 -33.12
N VAL C 504 -13.64 -39.53 -31.85
CA VAL C 504 -14.03 -38.34 -31.09
C VAL C 504 -13.16 -37.15 -31.46
N LEU C 505 -11.88 -37.40 -31.77
CA LEU C 505 -10.95 -36.32 -32.07
C LEU C 505 -11.21 -35.71 -33.45
N LYS C 506 -11.36 -36.56 -34.47
CA LYS C 506 -11.52 -36.04 -35.83
C LYS C 506 -12.93 -35.51 -36.08
N ALA C 507 -13.90 -35.82 -35.24
CA ALA C 507 -15.23 -35.23 -35.39
C ALA C 507 -15.26 -33.78 -34.95
N ALA C 508 -14.31 -33.36 -34.12
CA ALA C 508 -14.21 -31.98 -33.69
C ALA C 508 -13.22 -31.16 -34.52
N GLY C 509 -12.46 -31.80 -35.41
CA GLY C 509 -11.63 -31.09 -36.35
C GLY C 509 -10.16 -30.96 -35.96
N VAL C 510 -9.55 -32.05 -35.51
CA VAL C 510 -8.12 -32.08 -35.25
C VAL C 510 -7.45 -33.08 -36.18
N GLU C 511 -6.14 -32.98 -36.30
CA GLU C 511 -5.34 -33.86 -37.15
C GLU C 511 -4.69 -34.92 -36.27
N THR C 512 -5.03 -36.18 -36.50
CA THR C 512 -4.53 -37.30 -35.72
C THR C 512 -3.52 -38.11 -36.53
N GLU C 513 -2.70 -38.87 -35.81
CA GLU C 513 -1.71 -39.76 -36.40
C GLU C 513 -1.39 -40.83 -35.38
N VAL C 514 -1.43 -42.10 -35.81
CA VAL C 514 -1.33 -43.23 -34.91
C VAL C 514 0.02 -43.91 -35.11
N PHE C 515 0.79 -44.02 -34.03
CA PHE C 515 2.03 -44.79 -34.01
C PHE C 515 1.76 -46.08 -33.24
N PHE C 516 1.68 -47.19 -33.95
CA PHE C 516 1.22 -48.46 -33.40
C PHE C 516 2.32 -49.53 -33.41
N GLU C 517 3.58 -49.11 -33.39
CA GLU C 517 4.71 -50.02 -33.58
C GLU C 517 5.57 -50.15 -32.33
N VAL C 518 4.94 -50.35 -31.17
CA VAL C 518 5.66 -50.65 -29.95
C VAL C 518 5.54 -52.14 -29.67
N GLU C 519 6.36 -52.64 -28.75
CA GLU C 519 6.43 -54.05 -28.43
C GLU C 519 6.06 -54.26 -26.96
N ALA C 520 6.26 -55.50 -26.49
CA ALA C 520 5.98 -55.81 -25.09
C ALA C 520 6.95 -55.11 -24.15
N ASP C 521 8.19 -54.91 -24.59
CA ASP C 521 9.15 -54.12 -23.87
C ASP C 521 9.64 -52.98 -24.77
N PRO C 522 9.56 -51.74 -24.31
CA PRO C 522 9.86 -50.60 -25.19
C PRO C 522 11.35 -50.31 -25.32
N THR C 523 12.02 -50.99 -26.25
CA THR C 523 13.43 -50.75 -26.50
C THR C 523 13.67 -49.36 -27.05
N LEU C 524 14.93 -48.93 -26.98
CA LEU C 524 15.30 -47.58 -27.40
C LEU C 524 15.21 -47.39 -28.91
N SER C 525 15.25 -48.48 -29.68
CA SER C 525 15.22 -48.35 -31.14
C SER C 525 13.84 -47.96 -31.65
N ILE C 526 12.77 -48.38 -30.97
CA ILE C 526 11.42 -48.07 -31.42
C ILE C 526 10.92 -46.79 -30.75
N VAL C 527 11.77 -46.17 -29.94
CA VAL C 527 11.46 -44.86 -29.37
C VAL C 527 11.89 -43.74 -30.31
N ARG C 528 13.11 -43.84 -30.86
CA ARG C 528 13.59 -42.86 -31.81
C ARG C 528 12.90 -42.96 -33.16
N LYS C 529 12.22 -44.08 -33.44
CA LYS C 529 11.34 -44.13 -34.60
C LYS C 529 10.10 -43.27 -34.40
N GLY C 530 9.49 -43.36 -33.20
CA GLY C 530 8.34 -42.52 -32.91
C GLY C 530 8.71 -41.07 -32.69
N ALA C 531 9.93 -40.82 -32.20
CA ALA C 531 10.39 -39.43 -32.06
C ALA C 531 10.69 -38.81 -33.42
N GLU C 532 11.09 -39.63 -34.41
CA GLU C 532 11.23 -39.14 -35.76
C GLU C 532 9.88 -38.84 -36.40
N LEU C 533 8.85 -39.62 -36.06
CA LEU C 533 7.50 -39.34 -36.52
C LEU C 533 6.94 -38.10 -35.82
N ALA C 534 7.41 -37.80 -34.62
CA ALA C 534 6.86 -36.69 -33.84
C ALA C 534 7.23 -35.34 -34.45
N ASN C 535 8.53 -35.11 -34.64
CA ASN C 535 8.97 -33.81 -35.15
C ASN C 535 8.76 -33.65 -36.66
N SER C 536 8.34 -34.70 -37.35
CA SER C 536 7.89 -34.58 -38.73
C SER C 536 6.40 -34.29 -38.82
N PHE C 537 5.64 -34.56 -37.77
CA PHE C 537 4.22 -34.27 -37.70
C PHE C 537 3.90 -33.05 -36.86
N LYS C 538 4.73 -32.76 -35.86
CA LYS C 538 4.65 -31.66 -34.90
C LYS C 538 3.29 -31.61 -34.19
N PRO C 539 3.00 -32.53 -33.28
CA PRO C 539 1.71 -32.53 -32.59
C PRO C 539 1.71 -31.56 -31.43
N ASP C 540 0.53 -31.40 -30.83
CA ASP C 540 0.35 -30.59 -29.64
C ASP C 540 -0.05 -31.41 -28.42
N VAL C 541 -0.49 -32.65 -28.61
CA VAL C 541 -0.93 -33.53 -27.53
C VAL C 541 -0.50 -34.94 -27.88
N ILE C 542 0.12 -35.64 -26.94
CA ILE C 542 0.54 -37.02 -27.13
C ILE C 542 -0.36 -37.89 -26.26
N ILE C 543 -1.20 -38.71 -26.89
CA ILE C 543 -2.10 -39.61 -26.19
C ILE C 543 -1.45 -40.99 -26.14
N ALA C 544 -1.19 -41.47 -24.94
CA ALA C 544 -0.51 -42.75 -24.72
C ALA C 544 -1.55 -43.82 -24.40
N LEU C 545 -2.22 -44.29 -25.44
CA LEU C 545 -3.20 -45.35 -25.26
C LEU C 545 -2.49 -46.69 -25.11
N GLY C 546 -2.75 -47.38 -24.02
CA GLY C 546 -2.08 -48.64 -23.74
C GLY C 546 -1.92 -48.83 -22.25
N GLY C 547 -1.52 -50.03 -21.87
CA GLY C 547 -1.41 -50.35 -20.47
C GLY C 547 -0.03 -50.15 -19.86
N GLY C 548 0.98 -50.76 -20.46
CA GLY C 548 2.34 -50.63 -19.97
C GLY C 548 3.27 -49.93 -20.94
N SER C 549 4.06 -50.74 -21.66
CA SER C 549 5.03 -50.35 -22.67
C SER C 549 4.56 -49.35 -23.75
N PRO C 550 3.28 -49.29 -24.16
CA PRO C 550 2.87 -48.14 -24.98
C PRO C 550 2.93 -46.80 -24.26
N MET C 551 2.84 -46.79 -22.93
CA MET C 551 2.93 -45.53 -22.20
C MET C 551 4.36 -45.15 -21.85
N ASP C 552 5.23 -46.14 -21.62
CA ASP C 552 6.62 -45.83 -21.32
C ASP C 552 7.39 -45.38 -22.55
N ALA C 553 7.02 -45.91 -23.73
CA ALA C 553 7.64 -45.46 -24.96
C ALA C 553 7.15 -44.09 -25.38
N ALA C 554 5.96 -43.69 -24.92
CA ALA C 554 5.44 -42.37 -25.26
C ALA C 554 6.02 -41.28 -24.38
N LYS C 555 6.40 -41.62 -23.14
CA LYS C 555 7.00 -40.63 -22.25
C LYS C 555 8.41 -40.27 -22.69
N ILE C 556 9.14 -41.23 -23.26
CA ILE C 556 10.52 -40.96 -23.66
C ILE C 556 10.57 -40.28 -25.02
N MET C 557 9.65 -40.64 -25.92
CA MET C 557 9.52 -39.88 -27.16
C MET C 557 8.86 -38.53 -26.95
N TRP C 558 8.29 -38.27 -25.77
CA TRP C 558 7.92 -36.92 -25.39
C TRP C 558 9.15 -36.10 -25.04
N VAL C 559 10.19 -36.74 -24.52
CA VAL C 559 11.43 -36.04 -24.20
C VAL C 559 12.19 -35.69 -25.47
N MET C 560 12.37 -36.69 -26.35
CA MET C 560 13.17 -36.50 -27.55
C MET C 560 12.46 -35.69 -28.63
N TYR C 561 11.16 -35.43 -28.46
CA TYR C 561 10.49 -34.44 -29.30
C TYR C 561 10.58 -33.05 -28.71
N GLU C 562 10.58 -32.93 -27.38
CA GLU C 562 10.69 -31.63 -26.73
C GLU C 562 12.12 -31.12 -26.78
N HIS C 563 13.09 -31.97 -26.44
CA HIS C 563 14.51 -31.62 -26.45
C HIS C 563 15.25 -32.72 -27.20
N PRO C 564 15.51 -32.54 -28.50
CA PRO C 564 16.01 -33.63 -29.33
C PRO C 564 17.51 -33.88 -29.24
N GLU C 565 18.20 -33.25 -28.30
CA GLU C 565 19.63 -33.45 -28.15
C GLU C 565 20.00 -34.17 -26.85
N THR C 566 19.01 -34.70 -26.15
CA THR C 566 19.27 -35.39 -24.88
C THR C 566 19.84 -36.78 -25.13
N HIS C 567 20.76 -37.20 -24.26
CA HIS C 567 21.41 -38.49 -24.35
C HIS C 567 20.72 -39.48 -23.43
N PHE C 568 20.56 -40.71 -23.90
CA PHE C 568 19.95 -41.75 -23.06
C PHE C 568 20.90 -42.20 -21.95
N GLU C 569 22.20 -42.04 -22.16
CA GLU C 569 23.20 -42.43 -21.16
C GLU C 569 23.19 -41.51 -19.95
N GLU C 570 22.58 -40.34 -20.05
CA GLU C 570 22.45 -39.41 -18.92
C GLU C 570 21.09 -39.49 -18.26
N LEU C 571 20.07 -39.96 -18.97
CA LEU C 571 18.77 -40.19 -18.34
C LEU C 571 18.82 -41.39 -17.42
N ALA C 572 19.59 -42.41 -17.79
CA ALA C 572 19.66 -43.66 -17.05
C ALA C 572 20.70 -43.66 -15.94
N LEU C 573 21.25 -42.49 -15.60
CA LEU C 573 22.22 -42.43 -14.52
C LEU C 573 21.52 -42.55 -13.18
N ARG C 574 22.00 -43.46 -12.34
CA ARG C 574 21.37 -43.73 -11.06
C ARG C 574 21.73 -42.63 -10.07
N PHE C 575 20.71 -41.97 -9.52
CA PHE C 575 20.95 -40.94 -8.52
C PHE C 575 20.95 -41.54 -7.12
N MET C 576 21.36 -40.74 -6.14
CA MET C 576 21.21 -41.08 -4.74
C MET C 576 19.97 -40.45 -4.14
N ASP C 577 19.52 -39.31 -4.67
CA ASP C 577 18.34 -38.61 -4.21
C ASP C 577 17.88 -37.66 -5.30
N ILE C 578 16.58 -37.65 -5.59
CA ILE C 578 16.05 -36.62 -6.48
C ILE C 578 16.07 -35.27 -5.76
N ARG C 579 16.04 -34.20 -6.56
CA ARG C 579 16.34 -32.79 -6.25
C ARG C 579 17.80 -32.57 -5.90
N LYS C 580 18.66 -33.59 -6.02
CA LYS C 580 20.09 -33.45 -5.87
C LYS C 580 20.84 -34.26 -6.93
N ARG C 581 20.15 -34.66 -7.99
CA ARG C 581 20.77 -35.44 -9.06
C ARG C 581 21.60 -34.54 -9.97
N ILE C 582 22.42 -35.16 -10.80
CA ILE C 582 23.35 -34.42 -11.63
C ILE C 582 22.66 -33.90 -12.89
N TYR C 583 21.99 -34.79 -13.63
CA TYR C 583 21.30 -34.40 -14.85
C TYR C 583 19.88 -34.00 -14.50
N LYS C 584 19.63 -32.69 -14.45
CA LYS C 584 18.28 -32.19 -14.30
C LYS C 584 17.51 -32.37 -15.61
N PHE C 585 16.31 -32.92 -15.51
CA PHE C 585 15.44 -33.00 -16.68
C PHE C 585 14.98 -31.59 -17.06
N PRO C 586 14.97 -31.25 -18.35
CA PRO C 586 14.51 -29.93 -18.76
C PRO C 586 13.00 -29.79 -18.59
N LYS C 587 12.55 -28.55 -18.52
CA LYS C 587 11.13 -28.27 -18.34
C LYS C 587 10.36 -28.60 -19.60
N MET C 588 9.48 -29.58 -19.52
CA MET C 588 8.71 -30.06 -20.66
C MET C 588 7.29 -29.52 -20.60
N GLY C 589 6.54 -29.80 -21.66
CA GLY C 589 5.22 -29.25 -21.81
C GLY C 589 5.16 -27.90 -22.48
N VAL C 590 6.24 -27.50 -23.16
CA VAL C 590 6.27 -26.19 -23.81
C VAL C 590 5.67 -26.23 -25.20
N LYS C 591 5.55 -27.41 -25.82
CA LYS C 591 4.88 -27.54 -27.10
C LYS C 591 4.06 -28.82 -27.24
N ALA C 592 3.96 -29.65 -26.20
CA ALA C 592 3.24 -30.90 -26.30
C ALA C 592 2.79 -31.33 -24.91
N LYS C 593 1.47 -31.51 -24.75
CA LYS C 593 0.92 -32.07 -23.53
C LYS C 593 0.87 -33.60 -23.63
N MET C 594 0.66 -34.25 -22.49
CA MET C 594 0.63 -35.70 -22.42
C MET C 594 -0.68 -36.16 -21.79
N ILE C 595 -1.44 -36.95 -22.55
CA ILE C 595 -2.66 -37.59 -22.05
C ILE C 595 -2.37 -39.08 -21.94
N ALA C 596 -2.86 -39.70 -20.86
CA ALA C 596 -2.48 -41.06 -20.50
C ALA C 596 -3.72 -41.91 -20.29
N VAL C 597 -4.20 -42.54 -21.36
CA VAL C 597 -5.33 -43.46 -21.30
C VAL C 597 -4.80 -44.87 -21.08
N THR C 598 -5.24 -45.51 -20.00
CA THR C 598 -4.76 -46.83 -19.64
C THR C 598 -5.76 -47.90 -20.04
N THR C 599 -5.24 -49.08 -20.37
CA THR C 599 -6.06 -50.22 -20.77
C THR C 599 -5.92 -51.42 -19.86
N THR C 600 -4.70 -51.78 -19.47
CA THR C 600 -4.52 -52.88 -18.53
C THR C 600 -4.76 -52.40 -17.10
N SER C 601 -5.17 -53.33 -16.24
CA SER C 601 -5.51 -53.03 -14.86
C SER C 601 -4.42 -53.45 -13.89
N GLY C 602 -3.16 -53.38 -14.30
CA GLY C 602 -2.09 -53.72 -13.39
C GLY C 602 -1.05 -52.65 -13.12
N THR C 603 -0.80 -51.80 -14.10
CA THR C 603 0.29 -50.82 -14.03
C THR C 603 -0.29 -49.43 -13.95
N GLY C 604 0.07 -48.70 -12.89
CA GLY C 604 -0.33 -47.32 -12.74
C GLY C 604 0.64 -46.34 -13.36
N SER C 605 1.06 -46.59 -14.61
CA SER C 605 2.03 -45.72 -15.27
C SER C 605 1.43 -44.40 -15.73
N GLU C 606 0.12 -44.20 -15.60
CA GLU C 606 -0.51 -42.95 -15.98
C GLU C 606 -0.35 -41.87 -14.94
N VAL C 607 0.05 -42.20 -13.72
CA VAL C 607 0.24 -41.22 -12.66
C VAL C 607 1.66 -41.19 -12.11
N THR C 608 2.51 -42.13 -12.50
CA THR C 608 3.84 -42.22 -11.93
C THR C 608 4.88 -41.60 -12.87
N PRO C 609 5.95 -41.02 -12.31
CA PRO C 609 7.05 -40.48 -13.14
C PRO C 609 8.07 -41.54 -13.53
N PHE C 610 7.61 -42.68 -14.02
CA PHE C 610 8.49 -43.77 -14.41
C PHE C 610 8.34 -44.08 -15.89
N ALA C 611 9.40 -44.60 -16.47
CA ALA C 611 9.40 -45.05 -17.87
C ALA C 611 10.50 -46.09 -18.00
N VAL C 612 10.12 -47.37 -18.02
CA VAL C 612 11.07 -48.47 -18.08
C VAL C 612 11.30 -48.80 -19.55
N VAL C 613 12.48 -48.45 -20.06
CA VAL C 613 12.82 -48.67 -21.45
C VAL C 613 14.12 -49.46 -21.53
N THR C 614 14.23 -50.28 -22.57
CA THR C 614 15.38 -51.15 -22.77
C THR C 614 16.41 -50.43 -23.63
N ASP C 615 17.70 -50.66 -23.33
CA ASP C 615 18.77 -49.95 -24.02
C ASP C 615 18.96 -50.48 -25.44
N ASP C 616 18.64 -51.75 -25.68
CA ASP C 616 18.64 -52.47 -26.97
C ASP C 616 20.04 -52.70 -27.53
N ALA C 617 21.10 -52.22 -26.89
CA ALA C 617 22.47 -52.51 -27.27
C ALA C 617 23.16 -53.48 -26.34
N THR C 618 22.85 -53.41 -25.04
CA THR C 618 23.37 -54.36 -24.07
C THR C 618 22.28 -55.21 -23.42
N GLY C 619 21.01 -54.88 -23.64
CA GLY C 619 19.92 -55.66 -23.06
C GLY C 619 19.72 -55.39 -21.58
N GLN C 620 19.48 -54.14 -21.22
CA GLN C 620 19.30 -53.73 -19.83
C GLN C 620 18.04 -52.90 -19.70
N LYS C 621 17.25 -53.17 -18.67
CA LYS C 621 16.06 -52.39 -18.36
C LYS C 621 16.43 -51.25 -17.43
N TYR C 622 16.11 -50.03 -17.83
CA TYR C 622 16.49 -48.84 -17.07
C TYR C 622 15.25 -48.08 -16.61
N PRO C 623 14.92 -48.08 -15.32
CA PRO C 623 13.79 -47.28 -14.85
C PRO C 623 14.15 -45.80 -14.77
N LEU C 624 13.61 -44.99 -15.68
CA LEU C 624 13.93 -43.57 -15.71
C LEU C 624 12.92 -42.81 -14.86
N ALA C 625 13.41 -42.11 -13.85
CA ALA C 625 12.55 -41.53 -12.82
C ALA C 625 12.88 -40.06 -12.60
N ASP C 626 11.98 -39.19 -13.05
CA ASP C 626 11.97 -37.79 -12.66
C ASP C 626 10.56 -37.25 -12.90
N TYR C 627 10.16 -36.29 -12.07
CA TYR C 627 8.77 -35.83 -12.04
C TYR C 627 8.39 -34.92 -13.20
N ALA C 628 9.26 -34.71 -14.18
CA ALA C 628 8.86 -34.09 -15.42
C ALA C 628 8.17 -35.05 -16.37
N LEU C 629 8.23 -36.35 -16.08
CA LEU C 629 7.58 -37.39 -16.88
C LEU C 629 6.15 -37.66 -16.45
N THR C 630 5.63 -36.89 -15.49
CA THR C 630 4.25 -37.08 -15.07
C THR C 630 3.31 -36.53 -16.13
N PRO C 631 2.28 -37.28 -16.52
CA PRO C 631 1.35 -36.79 -17.54
C PRO C 631 0.47 -35.65 -17.03
N ASP C 632 -0.11 -34.91 -17.96
CA ASP C 632 -0.99 -33.80 -17.63
C ASP C 632 -2.43 -34.24 -17.39
N MET C 633 -2.80 -35.45 -17.81
CA MET C 633 -4.15 -35.96 -17.63
C MET C 633 -4.11 -37.48 -17.71
N ALA C 634 -4.68 -38.14 -16.72
CA ALA C 634 -4.77 -39.60 -16.70
C ALA C 634 -6.23 -39.99 -16.79
N ILE C 635 -6.56 -40.82 -17.78
CA ILE C 635 -7.93 -41.26 -18.02
C ILE C 635 -7.98 -42.75 -17.71
N VAL C 636 -8.65 -43.11 -16.61
CA VAL C 636 -8.77 -44.51 -16.20
C VAL C 636 -10.22 -44.93 -16.31
N ASP C 637 -10.61 -45.50 -17.44
CA ASP C 637 -11.97 -45.99 -17.63
C ASP C 637 -11.96 -47.48 -17.84
N ALA C 638 -13.01 -48.14 -17.36
CA ALA C 638 -13.08 -49.60 -17.33
C ALA C 638 -13.78 -50.18 -18.54
N ASN C 639 -14.09 -49.37 -19.56
CA ASN C 639 -14.66 -49.94 -20.77
C ASN C 639 -13.60 -50.58 -21.67
N LEU C 640 -12.34 -50.24 -21.46
CA LEU C 640 -11.23 -50.81 -22.22
C LEU C 640 -10.64 -52.04 -21.56
N VAL C 641 -11.13 -52.41 -20.38
CA VAL C 641 -10.55 -53.48 -19.57
C VAL C 641 -11.44 -54.72 -19.51
N MET C 642 -12.63 -54.65 -20.10
CA MET C 642 -13.59 -55.75 -19.96
C MET C 642 -13.17 -56.98 -20.76
N ASP C 643 -12.67 -56.79 -21.99
CA ASP C 643 -12.31 -57.91 -22.85
C ASP C 643 -10.86 -58.35 -22.68
N MET C 644 -10.27 -58.11 -21.51
CA MET C 644 -8.91 -58.51 -21.20
C MET C 644 -8.87 -60.02 -20.90
N PRO C 645 -7.89 -60.75 -21.42
CA PRO C 645 -7.82 -62.19 -21.17
C PRO C 645 -7.42 -62.50 -19.73
N LYS C 646 -7.51 -63.79 -19.40
CA LYS C 646 -7.28 -64.23 -18.03
C LYS C 646 -5.80 -64.23 -17.66
N SER C 647 -4.90 -64.39 -18.65
CA SER C 647 -3.47 -64.37 -18.35
C SER C 647 -2.99 -62.96 -18.05
N LEU C 648 -3.59 -61.95 -18.67
CA LEU C 648 -3.21 -60.57 -18.42
C LEU C 648 -3.86 -60.00 -17.17
N CYS C 649 -5.04 -60.51 -16.79
CA CYS C 649 -5.69 -60.04 -15.58
C CYS C 649 -5.01 -60.55 -14.33
N ALA C 650 -4.46 -61.77 -14.38
CA ALA C 650 -3.77 -62.33 -13.22
C ALA C 650 -2.36 -61.78 -13.09
N PHE C 651 -1.71 -61.49 -14.22
CA PHE C 651 -0.37 -60.91 -14.17
C PHE C 651 -0.41 -59.47 -13.72
N GLY C 652 -1.45 -58.74 -14.11
CA GLY C 652 -1.58 -57.34 -13.74
C GLY C 652 -2.01 -57.14 -12.30
N GLY C 653 -3.05 -57.88 -11.88
CA GLY C 653 -3.61 -57.67 -10.56
C GLY C 653 -2.68 -58.09 -9.43
N LEU C 654 -1.81 -59.06 -9.68
CA LEU C 654 -0.80 -59.42 -8.70
C LEU C 654 0.41 -58.49 -8.75
N ASP C 655 0.60 -57.77 -9.85
CA ASP C 655 1.63 -56.75 -9.92
C ASP C 655 1.24 -55.53 -9.10
N ALA C 656 -0.04 -55.17 -9.13
CA ALA C 656 -0.53 -54.03 -8.35
C ALA C 656 -0.62 -54.31 -6.87
N VAL C 657 -0.60 -55.59 -6.46
CA VAL C 657 -0.47 -55.91 -5.04
C VAL C 657 0.93 -55.57 -4.56
N THR C 658 1.95 -55.91 -5.35
CA THR C 658 3.32 -55.60 -5.00
C THR C 658 3.63 -54.11 -5.14
N HIS C 659 2.83 -53.37 -5.90
CA HIS C 659 3.02 -51.92 -5.97
C HIS C 659 2.62 -51.25 -4.67
N ALA C 660 1.49 -51.65 -4.09
CA ALA C 660 1.01 -51.04 -2.86
C ALA C 660 1.68 -51.63 -1.63
N MET C 661 2.36 -52.76 -1.76
CA MET C 661 3.01 -53.39 -0.61
C MET C 661 4.44 -52.91 -0.42
N GLU C 662 5.12 -52.51 -1.49
CA GLU C 662 6.45 -51.94 -1.37
C GLU C 662 6.44 -50.44 -1.12
N ALA C 663 5.37 -49.75 -1.54
CA ALA C 663 5.23 -48.33 -1.29
C ALA C 663 4.75 -48.02 0.13
N TYR C 664 4.34 -49.03 0.89
CA TYR C 664 3.89 -48.82 2.25
C TYR C 664 5.01 -49.03 3.27
N VAL C 665 5.99 -49.88 2.95
CA VAL C 665 7.09 -50.16 3.87
C VAL C 665 8.34 -49.38 3.52
N SER C 666 8.32 -48.61 2.44
CA SER C 666 9.50 -47.86 1.99
C SER C 666 9.86 -46.75 2.97
N VAL C 667 11.08 -46.23 2.81
CA VAL C 667 11.54 -45.16 3.68
C VAL C 667 10.96 -43.81 3.31
N LEU C 668 10.52 -43.64 2.07
CA LEU C 668 9.85 -42.41 1.64
C LEU C 668 8.35 -42.45 1.89
N ALA C 669 7.85 -43.51 2.53
CA ALA C 669 6.42 -43.63 2.80
C ALA C 669 6.03 -42.70 3.94
N SER C 670 5.28 -41.65 3.61
CA SER C 670 4.78 -40.69 4.58
C SER C 670 3.32 -40.98 4.88
N GLU C 671 2.67 -40.06 5.61
CA GLU C 671 1.26 -40.22 5.93
C GLU C 671 0.35 -39.88 4.75
N PHE C 672 0.88 -39.27 3.70
CA PHE C 672 0.08 -38.91 2.54
C PHE C 672 -0.15 -40.12 1.63
N SER C 673 0.80 -41.04 1.57
CA SER C 673 0.71 -42.20 0.69
C SER C 673 0.56 -43.51 1.47
N ASP C 674 0.13 -43.44 2.72
CA ASP C 674 -0.18 -44.65 3.46
C ASP C 674 -1.66 -45.01 3.38
N GLY C 675 -2.52 -44.01 3.19
CA GLY C 675 -3.93 -44.30 2.99
C GLY C 675 -4.19 -44.90 1.62
N GLN C 676 -3.51 -44.39 0.59
CA GLN C 676 -3.71 -44.92 -0.76
C GLN C 676 -3.04 -46.28 -0.93
N ALA C 677 -2.00 -46.56 -0.16
CA ALA C 677 -1.35 -47.87 -0.24
C ALA C 677 -2.20 -48.95 0.41
N LEU C 678 -2.98 -48.59 1.43
CA LEU C 678 -3.84 -49.54 2.11
C LEU C 678 -5.21 -49.66 1.45
N GLN C 679 -5.69 -48.59 0.80
CA GLN C 679 -6.94 -48.66 0.06
C GLN C 679 -6.80 -49.55 -1.18
N ALA C 680 -5.65 -49.50 -1.82
CA ALA C 680 -5.42 -50.33 -3.02
C ALA C 680 -5.23 -51.80 -2.66
N LEU C 681 -4.90 -52.12 -1.41
CA LEU C 681 -4.84 -53.51 -0.97
C LEU C 681 -6.16 -54.03 -0.47
N LYS C 682 -7.05 -53.14 -0.01
CA LYS C 682 -8.38 -53.58 0.40
C LYS C 682 -9.23 -53.95 -0.80
N LEU C 683 -9.13 -53.19 -1.89
CA LEU C 683 -9.91 -53.48 -3.09
C LEU C 683 -9.37 -54.69 -3.84
N LEU C 684 -8.05 -54.88 -3.84
CA LEU C 684 -7.44 -56.02 -4.51
C LEU C 684 -7.57 -57.31 -3.72
N LYS C 685 -8.03 -57.25 -2.47
CA LYS C 685 -8.30 -58.47 -1.71
C LYS C 685 -9.69 -59.00 -1.98
N GLU C 686 -10.67 -58.11 -2.15
CA GLU C 686 -12.07 -58.50 -2.25
C GLU C 686 -12.53 -58.76 -3.68
N TYR C 687 -11.88 -58.15 -4.68
CA TYR C 687 -12.39 -58.19 -6.04
C TYR C 687 -11.49 -58.89 -7.04
N LEU C 688 -10.20 -59.06 -6.74
CA LEU C 688 -9.28 -59.70 -7.68
C LEU C 688 -9.53 -61.21 -7.84
N PRO C 689 -9.92 -61.98 -6.81
CA PRO C 689 -10.45 -63.33 -7.13
C PRO C 689 -11.74 -63.30 -7.92
N ALA C 690 -12.59 -62.30 -7.68
CA ALA C 690 -13.87 -62.22 -8.41
C ALA C 690 -13.66 -61.77 -9.84
N SER C 691 -12.66 -60.91 -10.09
CA SER C 691 -12.41 -60.41 -11.44
C SER C 691 -11.67 -61.40 -12.33
N TYR C 692 -11.09 -62.45 -11.75
CA TYR C 692 -10.37 -63.44 -12.54
C TYR C 692 -11.27 -64.58 -12.98
N HIS C 693 -12.07 -65.11 -12.05
CA HIS C 693 -12.96 -66.21 -12.37
C HIS C 693 -14.12 -65.79 -13.24
N GLU C 694 -15.00 -64.94 -12.72
CA GLU C 694 -16.13 -64.47 -13.49
C GLU C 694 -15.64 -63.80 -14.76
N GLY C 695 -14.68 -62.90 -14.62
CA GLY C 695 -14.11 -62.23 -15.76
C GLY C 695 -14.89 -61.00 -16.16
N SER C 696 -15.49 -61.03 -17.35
CA SER C 696 -16.19 -59.87 -17.84
C SER C 696 -17.67 -59.94 -17.53
N LYS C 697 -18.07 -60.96 -16.79
CA LYS C 697 -19.47 -61.14 -16.40
C LYS C 697 -19.78 -60.39 -15.12
N ASN C 698 -18.73 -59.89 -14.46
CA ASN C 698 -18.86 -59.13 -13.24
C ASN C 698 -18.28 -57.75 -13.49
N PRO C 699 -18.98 -56.93 -14.27
CA PRO C 699 -18.43 -55.62 -14.57
C PRO C 699 -18.18 -54.78 -13.33
N VAL C 700 -18.79 -55.10 -12.20
CA VAL C 700 -18.51 -54.26 -11.04
C VAL C 700 -17.27 -54.71 -10.29
N ALA C 701 -16.77 -55.91 -10.59
CA ALA C 701 -15.51 -56.37 -10.01
C ALA C 701 -14.33 -56.09 -10.94
N ARG C 702 -14.56 -56.06 -12.25
CA ARG C 702 -13.52 -55.68 -13.20
C ARG C 702 -13.24 -54.18 -13.14
N GLU C 703 -14.19 -53.39 -12.63
CA GLU C 703 -13.99 -51.94 -12.53
C GLU C 703 -13.20 -51.57 -11.29
N ARG C 704 -13.41 -52.29 -10.18
CA ARG C 704 -12.72 -51.96 -8.94
C ARG C 704 -11.25 -52.36 -8.99
N VAL C 705 -10.92 -53.41 -9.73
CA VAL C 705 -9.51 -53.80 -9.91
C VAL C 705 -8.80 -52.79 -10.79
N HIS C 706 -9.50 -52.27 -11.81
CA HIS C 706 -8.90 -51.27 -12.68
C HIS C 706 -8.71 -49.93 -11.96
N SER C 707 -9.50 -49.67 -10.93
CA SER C 707 -9.28 -48.48 -10.11
C SER C 707 -8.22 -48.71 -9.05
N ALA C 708 -8.12 -49.93 -8.52
CA ALA C 708 -7.15 -50.22 -7.47
C ALA C 708 -5.72 -50.26 -7.98
N ALA C 709 -5.52 -50.46 -9.28
CA ALA C 709 -4.17 -50.36 -9.83
C ALA C 709 -3.71 -48.92 -9.90
N THR C 710 -4.63 -47.99 -10.16
CA THR C 710 -4.26 -46.58 -10.20
C THR C 710 -4.08 -46.00 -8.80
N ILE C 711 -4.86 -46.48 -7.82
CA ILE C 711 -4.71 -46.03 -6.44
C ILE C 711 -3.37 -46.51 -5.88
N ALA C 712 -2.93 -47.70 -6.27
CA ALA C 712 -1.57 -48.13 -5.96
C ALA C 712 -0.54 -47.29 -6.70
N GLY C 713 -0.91 -46.76 -7.87
CA GLY C 713 -0.02 -45.85 -8.59
C GLY C 713 0.13 -44.50 -7.91
N ILE C 714 -0.85 -44.10 -7.10
CA ILE C 714 -0.69 -42.90 -6.28
C ILE C 714 0.33 -43.17 -5.18
N ALA C 715 0.44 -44.41 -4.73
CA ALA C 715 1.31 -44.74 -3.61
C ALA C 715 2.77 -44.72 -4.00
N PHE C 716 3.14 -45.40 -5.09
CA PHE C 716 4.54 -45.52 -5.44
C PHE C 716 5.01 -44.47 -6.43
N ALA C 717 4.17 -43.47 -6.75
CA ALA C 717 4.67 -42.30 -7.46
C ALA C 717 5.46 -41.38 -6.53
N ASN C 718 5.13 -41.40 -5.23
CA ASN C 718 5.75 -40.52 -4.26
C ASN C 718 6.62 -41.24 -3.25
N ALA C 719 6.45 -42.56 -3.10
CA ALA C 719 7.28 -43.37 -2.22
C ALA C 719 7.66 -44.62 -3.01
N PHE C 720 8.89 -44.62 -3.54
CA PHE C 720 9.27 -45.54 -4.60
C PHE C 720 9.38 -46.98 -4.11
N LEU C 721 9.48 -47.90 -5.06
CA LEU C 721 9.48 -49.33 -4.78
C LEU C 721 10.79 -49.76 -4.14
N GLY C 722 10.79 -50.97 -3.60
CA GLY C 722 11.93 -51.54 -2.93
C GLY C 722 12.75 -52.44 -3.82
N VAL C 723 13.33 -53.48 -3.22
CA VAL C 723 14.28 -54.35 -3.92
C VAL C 723 13.61 -55.42 -4.76
N CYS C 724 12.31 -55.63 -4.61
CA CYS C 724 11.62 -56.66 -5.39
C CYS C 724 11.50 -56.26 -6.85
N HIS C 725 11.22 -54.98 -7.11
CA HIS C 725 11.17 -54.50 -8.49
C HIS C 725 12.56 -54.28 -9.08
N SER C 726 13.59 -54.18 -8.24
CA SER C 726 14.95 -54.08 -8.74
C SER C 726 15.41 -55.40 -9.35
N MET C 727 15.03 -56.52 -8.72
CA MET C 727 15.36 -57.83 -9.28
C MET C 727 14.40 -58.22 -10.39
N ALA C 728 13.15 -57.75 -10.33
CA ALA C 728 12.16 -58.11 -11.36
C ALA C 728 12.43 -57.43 -12.69
N HIS C 729 13.13 -56.29 -12.69
CA HIS C 729 13.49 -55.65 -13.95
C HIS C 729 14.63 -56.40 -14.64
N LYS C 730 15.50 -57.04 -13.86
CA LYS C 730 16.60 -57.81 -14.43
C LYS C 730 16.17 -59.23 -14.78
N LEU C 731 15.33 -59.83 -13.94
CA LEU C 731 14.81 -61.17 -14.22
C LEU C 731 13.88 -61.17 -15.43
N GLY C 732 13.15 -60.07 -15.64
CA GLY C 732 12.25 -59.98 -16.78
C GLY C 732 12.91 -59.64 -18.09
N SER C 733 14.05 -58.96 -18.05
CA SER C 733 14.77 -58.59 -19.27
C SER C 733 15.78 -59.62 -19.71
N GLN C 734 16.11 -60.60 -18.86
CA GLN C 734 17.10 -61.61 -19.20
C GLN C 734 16.46 -62.86 -19.81
N PHE C 735 15.36 -63.33 -19.23
CA PHE C 735 14.70 -64.55 -19.68
C PHE C 735 13.34 -64.28 -20.30
N HIS C 736 13.03 -63.02 -20.61
CA HIS C 736 11.79 -62.58 -21.26
C HIS C 736 10.53 -62.95 -20.47
N ILE C 737 10.65 -62.99 -19.14
CA ILE C 737 9.48 -63.16 -18.29
C ILE C 737 8.69 -61.85 -18.28
N PRO C 738 7.38 -61.87 -18.48
CA PRO C 738 6.61 -60.62 -18.50
C PRO C 738 6.53 -59.98 -17.11
N HIS C 739 6.55 -58.66 -17.09
CA HIS C 739 6.45 -57.91 -15.84
C HIS C 739 5.06 -58.08 -15.25
N GLY C 740 5.01 -58.48 -13.98
CA GLY C 740 3.77 -58.90 -13.38
C GLY C 740 3.85 -60.35 -12.97
N LEU C 741 4.50 -61.15 -13.81
CA LEU C 741 4.83 -62.52 -13.44
C LEU C 741 6.14 -62.59 -12.67
N ALA C 742 7.08 -61.69 -12.95
CA ALA C 742 8.40 -61.75 -12.32
C ALA C 742 8.34 -61.35 -10.86
N ASN C 743 7.74 -60.20 -10.56
CA ASN C 743 7.63 -59.74 -9.18
C ASN C 743 6.56 -60.46 -8.38
N ALA C 744 5.72 -61.27 -9.04
CA ALA C 744 4.79 -62.12 -8.30
C ALA C 744 5.49 -63.33 -7.69
N LEU C 745 6.49 -63.88 -8.39
CA LEU C 745 7.26 -64.98 -7.84
C LEU C 745 8.16 -64.49 -6.70
N LEU C 746 8.59 -63.24 -6.77
CA LEU C 746 9.62 -62.72 -5.89
C LEU C 746 9.08 -62.15 -4.59
N ILE C 747 7.79 -61.81 -4.53
CA ILE C 747 7.26 -61.01 -3.43
C ILE C 747 7.20 -61.82 -2.13
N CYS C 748 7.04 -63.14 -2.21
CA CYS C 748 6.95 -63.94 -0.99
C CYS C 748 8.30 -64.10 -0.30
N ASN C 749 9.41 -63.87 -0.99
CA ASN C 749 10.72 -63.94 -0.38
C ASN C 749 11.23 -62.58 0.09
N VAL C 750 10.85 -61.51 -0.60
CA VAL C 750 11.25 -60.15 -0.20
C VAL C 750 10.55 -59.76 1.11
N ILE C 751 9.32 -60.25 1.32
CA ILE C 751 8.62 -60.00 2.57
C ILE C 751 9.33 -60.69 3.73
N ARG C 752 9.79 -61.93 3.52
CA ARG C 752 10.61 -62.59 4.52
C ARG C 752 12.00 -61.97 4.62
N TYR C 753 12.46 -61.29 3.56
CA TYR C 753 13.76 -60.64 3.61
C TYR C 753 13.71 -59.32 4.38
N ASN C 754 12.67 -58.52 4.15
CA ASN C 754 12.60 -57.20 4.76
C ASN C 754 12.13 -57.25 6.21
N ALA C 755 11.30 -58.22 6.58
CA ALA C 755 10.73 -58.30 7.93
C ALA C 755 11.76 -58.90 8.88
N ASN C 756 12.76 -58.09 9.24
CA ASN C 756 13.77 -58.48 10.21
C ASN C 756 13.87 -57.43 11.30
N ASP C 757 14.09 -57.88 12.53
CA ASP C 757 14.25 -56.96 13.65
C ASP C 757 15.61 -56.26 13.59
N ASN C 758 16.68 -57.03 13.45
CA ASN C 758 18.04 -56.50 13.35
C ASN C 758 18.63 -56.93 12.01
N PRO C 759 18.35 -56.20 10.94
CA PRO C 759 18.91 -56.57 9.63
C PRO C 759 20.33 -56.06 9.47
N THR C 760 21.08 -56.77 8.64
CA THR C 760 22.41 -56.31 8.27
C THR C 760 22.29 -55.15 7.30
N LYS C 761 22.92 -54.03 7.65
CA LYS C 761 23.02 -52.81 6.83
C LYS C 761 21.64 -52.23 6.50
N GLN C 762 20.97 -51.74 7.54
CA GLN C 762 19.77 -50.95 7.33
C GLN C 762 20.14 -49.63 6.67
N THR C 763 19.18 -49.07 5.92
CA THR C 763 19.49 -47.93 5.07
C THR C 763 19.51 -46.63 5.86
N ALA C 764 20.02 -45.58 5.22
CA ALA C 764 20.24 -44.29 5.84
C ALA C 764 19.18 -43.31 5.35
N PHE C 765 18.35 -42.83 6.27
CA PHE C 765 17.36 -41.80 5.96
C PHE C 765 17.02 -41.06 7.26
N SER C 766 16.81 -39.75 7.16
CA SER C 766 16.54 -38.95 8.34
C SER C 766 15.13 -39.20 8.88
N GLN C 767 14.18 -39.51 8.01
CA GLN C 767 12.83 -39.80 8.46
C GLN C 767 12.73 -41.20 9.08
N TYR C 768 13.51 -42.14 8.57
CA TYR C 768 13.45 -43.53 9.04
C TYR C 768 14.11 -43.61 10.41
N ASP C 769 13.32 -43.95 11.43
CA ASP C 769 13.82 -43.96 12.80
C ASP C 769 14.73 -45.15 13.05
N ARG C 770 14.18 -46.35 12.87
CA ARG C 770 14.85 -47.61 13.13
C ARG C 770 14.37 -48.60 12.07
N PRO C 771 15.00 -49.80 11.92
CA PRO C 771 14.37 -50.82 11.08
C PRO C 771 13.04 -51.27 11.65
N GLN C 772 11.95 -50.87 11.00
CA GLN C 772 10.60 -51.14 11.45
C GLN C 772 9.72 -51.63 10.32
N ALA C 773 10.31 -52.40 9.40
CA ALA C 773 9.53 -52.98 8.31
C ALA C 773 8.68 -54.15 8.76
N ARG C 774 8.99 -54.75 9.91
CA ARG C 774 8.19 -55.86 10.41
C ARG C 774 6.89 -55.37 11.03
N ARG C 775 6.89 -54.16 11.58
CA ARG C 775 5.68 -53.61 12.16
C ARG C 775 4.70 -53.16 11.08
N ARG C 776 5.21 -52.56 10.00
CA ARG C 776 4.35 -52.07 8.93
C ARG C 776 3.79 -53.21 8.09
N TYR C 777 4.48 -54.35 8.04
CA TYR C 777 3.90 -55.54 7.42
C TYR C 777 2.80 -56.15 8.28
N ALA C 778 2.84 -55.92 9.59
CA ALA C 778 1.77 -56.36 10.47
C ALA C 778 0.59 -55.40 10.47
N GLU C 779 0.80 -54.14 10.08
CA GLU C 779 -0.29 -53.19 9.92
C GLU C 779 -1.10 -53.44 8.66
N ILE C 780 -0.54 -54.18 7.70
CA ILE C 780 -1.30 -54.62 6.53
C ILE C 780 -2.16 -55.82 6.88
N ALA C 781 -1.63 -56.74 7.69
CA ALA C 781 -2.28 -58.01 7.97
C ALA C 781 -3.51 -57.90 8.87
N ASP C 782 -3.76 -56.74 9.48
CA ASP C 782 -4.99 -56.52 10.22
C ASP C 782 -5.87 -55.45 9.60
N HIS C 783 -5.34 -54.64 8.68
CA HIS C 783 -6.18 -53.75 7.89
C HIS C 783 -7.01 -54.53 6.89
N LEU C 784 -6.47 -55.63 6.37
CA LEU C 784 -7.21 -56.52 5.48
C LEU C 784 -8.06 -57.53 6.24
N GLY C 785 -8.01 -57.53 7.57
CA GLY C 785 -8.79 -58.48 8.34
C GLY C 785 -8.26 -59.90 8.33
N LEU C 786 -6.99 -60.09 7.98
CA LEU C 786 -6.41 -61.42 7.88
C LEU C 786 -6.01 -62.00 9.24
N SER C 787 -6.03 -61.23 10.30
CA SER C 787 -5.52 -61.66 11.59
C SER C 787 -6.66 -61.85 12.59
N ALA C 788 -6.45 -62.79 13.51
CA ALA C 788 -7.33 -62.97 14.66
C ALA C 788 -7.14 -61.80 15.62
N PRO C 789 -8.13 -61.52 16.49
CA PRO C 789 -7.99 -60.40 17.44
C PRO C 789 -6.88 -60.58 18.49
N GLY C 790 -6.36 -61.80 18.67
CA GLY C 790 -5.20 -61.96 19.53
C GLY C 790 -4.02 -62.57 18.79
N ASP C 791 -2.98 -61.77 18.56
CA ASP C 791 -1.82 -62.21 17.80
C ASP C 791 -0.59 -61.41 18.21
N ARG C 792 0.58 -62.03 18.03
CA ARG C 792 1.85 -61.33 18.13
C ARG C 792 2.19 -60.71 16.78
N THR C 793 3.33 -60.01 16.73
CA THR C 793 3.76 -59.41 15.47
C THR C 793 4.28 -60.46 14.50
N ALA C 794 5.00 -61.47 15.01
CA ALA C 794 5.58 -62.49 14.15
C ALA C 794 4.54 -63.44 13.58
N ALA C 795 3.37 -63.54 14.21
CA ALA C 795 2.31 -64.39 13.70
C ALA C 795 1.47 -63.71 12.63
N LYS C 796 1.44 -62.39 12.61
CA LYS C 796 0.69 -61.68 11.59
C LYS C 796 1.38 -61.72 10.23
N ILE C 797 2.69 -61.87 10.21
CA ILE C 797 3.41 -61.96 8.95
C ILE C 797 3.15 -63.32 8.30
N GLU C 798 2.90 -64.35 9.10
CA GLU C 798 2.60 -65.67 8.56
C GLU C 798 1.22 -65.69 7.92
N LYS C 799 0.25 -64.98 8.49
CA LYS C 799 -1.08 -64.92 7.89
C LYS C 799 -1.08 -64.03 6.65
N LEU C 800 -0.18 -63.05 6.59
CA LEU C 800 -0.04 -62.26 5.37
C LEU C 800 0.61 -63.08 4.26
N LEU C 801 1.61 -63.89 4.61
CA LEU C 801 2.27 -64.73 3.61
C LEU C 801 1.39 -65.89 3.18
N ALA C 802 0.50 -66.36 4.06
CA ALA C 802 -0.43 -67.42 3.68
C ALA C 802 -1.57 -66.90 2.81
N TRP C 803 -1.82 -65.57 2.84
CA TRP C 803 -2.90 -65.01 2.03
C TRP C 803 -2.51 -64.97 0.56
N LEU C 804 -1.36 -64.38 0.25
CA LEU C 804 -0.90 -64.28 -1.14
C LEU C 804 -0.16 -65.53 -1.60
N GLU C 805 -0.13 -66.59 -0.79
CA GLU C 805 0.26 -67.90 -1.29
C GLU C 805 -0.92 -68.63 -1.90
N THR C 806 -2.12 -68.43 -1.35
CA THR C 806 -3.33 -68.96 -1.95
C THR C 806 -3.86 -68.06 -3.05
N LEU C 807 -3.52 -66.78 -3.01
CA LEU C 807 -3.93 -65.86 -4.07
C LEU C 807 -3.20 -66.15 -5.37
N LYS C 808 -1.93 -66.51 -5.28
CA LYS C 808 -1.21 -66.97 -6.47
C LYS C 808 -1.58 -68.38 -6.87
N ALA C 809 -2.18 -69.15 -5.97
CA ALA C 809 -2.61 -70.50 -6.31
C ALA C 809 -3.82 -70.49 -7.23
N GLU C 810 -4.83 -69.69 -6.89
CA GLU C 810 -6.07 -69.62 -7.66
C GLU C 810 -5.99 -68.63 -8.82
N LEU C 811 -4.80 -68.14 -9.16
CA LEU C 811 -4.64 -67.23 -10.30
C LEU C 811 -3.74 -67.82 -11.38
N GLY C 812 -3.35 -69.08 -11.26
CA GLY C 812 -2.54 -69.71 -12.29
C GLY C 812 -1.09 -69.27 -12.32
N ILE C 813 -0.50 -69.03 -11.16
CA ILE C 813 0.90 -68.62 -11.05
C ILE C 813 1.72 -69.84 -10.64
N PRO C 814 2.83 -70.12 -11.32
CA PRO C 814 3.68 -71.25 -10.89
C PRO C 814 4.38 -70.95 -9.58
N LYS C 815 4.95 -72.00 -8.99
CA LYS C 815 5.59 -71.90 -7.69
C LYS C 815 7.02 -71.40 -7.76
N SER C 816 7.70 -71.58 -8.90
CA SER C 816 9.12 -71.27 -9.01
C SER C 816 9.41 -70.64 -10.37
N ILE C 817 10.61 -70.08 -10.48
CA ILE C 817 11.08 -69.62 -11.78
C ILE C 817 11.43 -70.79 -12.70
N ARG C 818 11.75 -71.95 -12.11
CA ARG C 818 12.02 -73.14 -12.91
C ARG C 818 10.74 -73.65 -13.56
N GLU C 819 9.62 -73.55 -12.86
CA GLU C 819 8.33 -73.93 -13.43
C GLU C 819 7.78 -72.88 -14.39
N ALA C 820 8.39 -71.70 -14.47
CA ALA C 820 8.02 -70.67 -15.42
C ALA C 820 8.73 -70.81 -16.76
N GLY C 821 9.60 -71.80 -16.90
CA GLY C 821 10.27 -72.03 -18.17
C GLY C 821 11.67 -71.47 -18.25
N VAL C 822 12.48 -71.66 -17.20
CA VAL C 822 13.86 -71.20 -17.16
C VAL C 822 14.76 -72.41 -16.90
N GLN C 823 15.74 -72.60 -17.77
CA GLN C 823 16.66 -73.73 -17.65
C GLN C 823 17.70 -73.47 -16.57
N GLU C 824 18.09 -74.54 -15.88
CA GLU C 824 19.03 -74.41 -14.77
C GLU C 824 20.45 -74.13 -15.25
N ALA C 825 20.80 -74.62 -16.43
CA ALA C 825 22.12 -74.31 -17.00
C ALA C 825 22.23 -72.87 -17.45
N ASP C 826 21.11 -72.20 -17.72
CA ASP C 826 21.12 -70.81 -18.13
C ASP C 826 20.94 -69.86 -16.95
N PHE C 827 20.17 -70.25 -15.94
CA PHE C 827 19.94 -69.38 -14.80
C PHE C 827 21.14 -69.31 -13.87
N LEU C 828 21.79 -70.45 -13.62
CA LEU C 828 22.94 -70.46 -12.72
C LEU C 828 24.19 -69.86 -13.35
N ALA C 829 24.22 -69.72 -14.67
CA ALA C 829 25.33 -69.04 -15.34
C ALA C 829 25.16 -67.53 -15.37
N ASN C 830 23.97 -67.02 -15.02
CA ASN C 830 23.71 -65.59 -15.00
C ASN C 830 23.23 -65.09 -13.64
N VAL C 831 23.24 -65.95 -12.62
CA VAL C 831 22.75 -65.54 -11.30
C VAL C 831 23.72 -64.63 -10.57
N ASP C 832 24.96 -64.53 -11.03
CA ASP C 832 25.92 -63.59 -10.47
C ASP C 832 25.88 -62.24 -11.17
N LYS C 833 25.59 -62.24 -12.48
CA LYS C 833 25.45 -60.98 -13.20
C LYS C 833 24.15 -60.27 -12.83
N LEU C 834 23.06 -61.03 -12.70
CA LEU C 834 21.78 -60.44 -12.33
C LEU C 834 21.72 -60.01 -10.87
N SER C 835 22.58 -60.55 -10.01
CA SER C 835 22.63 -60.11 -8.62
C SER C 835 23.38 -58.79 -8.46
N GLU C 836 24.27 -58.46 -9.39
CA GLU C 836 24.97 -57.19 -9.33
C GLU C 836 24.25 -56.12 -10.13
N ASP C 837 23.50 -56.51 -11.17
CA ASP C 837 22.70 -55.54 -11.92
C ASP C 837 21.51 -55.06 -11.10
N ALA C 838 20.93 -55.94 -10.28
CA ALA C 838 19.81 -55.56 -9.42
C ALA C 838 20.24 -54.73 -8.22
N PHE C 839 21.54 -54.62 -7.96
CA PHE C 839 22.01 -53.81 -6.84
C PHE C 839 21.93 -52.32 -7.16
N ASP C 840 22.01 -51.95 -8.43
CA ASP C 840 22.05 -50.54 -8.84
C ASP C 840 20.98 -50.26 -9.89
N ASP C 841 19.75 -50.71 -9.64
CA ASP C 841 18.64 -50.47 -10.54
C ASP C 841 17.68 -49.41 -10.00
N GLN C 842 18.16 -48.53 -9.10
CA GLN C 842 17.53 -47.28 -8.67
C GLN C 842 16.26 -47.47 -7.83
N CYS C 843 15.79 -48.71 -7.69
CA CYS C 843 14.75 -49.04 -6.72
C CYS C 843 15.33 -49.62 -5.45
N THR C 844 16.65 -49.82 -5.43
CA THR C 844 17.34 -50.33 -4.25
C THR C 844 17.40 -49.28 -3.15
N GLY C 845 17.45 -48.00 -3.51
CA GLY C 845 17.60 -46.92 -2.56
C GLY C 845 16.37 -46.59 -1.74
N ALA C 846 15.25 -47.27 -1.96
CA ALA C 846 14.05 -47.04 -1.18
C ALA C 846 13.66 -48.25 -0.34
N ASN C 847 14.41 -49.33 -0.40
CA ASN C 847 14.15 -50.50 0.42
C ASN C 847 14.47 -50.20 1.88
N PRO C 848 13.77 -50.85 2.83
CA PRO C 848 14.12 -50.65 4.25
C PRO C 848 15.49 -51.19 4.61
N ARG C 849 15.95 -52.24 3.94
CA ARG C 849 17.31 -52.73 4.09
C ARG C 849 18.14 -52.28 2.90
N TYR C 850 19.43 -52.07 3.13
CA TYR C 850 20.36 -51.87 2.04
C TYR C 850 20.99 -53.23 1.71
N PRO C 851 20.59 -53.88 0.63
CA PRO C 851 20.98 -55.28 0.43
C PRO C 851 22.41 -55.44 -0.07
N LEU C 852 23.06 -56.47 0.44
CA LEU C 852 24.35 -56.88 -0.09
C LEU C 852 24.15 -57.69 -1.37
N ILE C 853 25.21 -57.79 -2.17
CA ILE C 853 25.13 -58.54 -3.41
C ILE C 853 25.08 -60.04 -3.12
N SER C 854 25.69 -60.48 -2.00
CA SER C 854 25.60 -61.88 -1.61
C SER C 854 24.19 -62.24 -1.14
N GLU C 855 23.44 -61.26 -0.62
CA GLU C 855 22.08 -61.52 -0.17
C GLU C 855 21.08 -61.46 -1.33
N LEU C 856 21.38 -60.69 -2.37
CA LEU C 856 20.48 -60.59 -3.51
C LEU C 856 20.53 -61.83 -4.41
N LYS C 857 21.63 -62.58 -4.38
CA LYS C 857 21.67 -63.84 -5.12
C LYS C 857 21.09 -64.99 -4.31
N GLN C 858 20.92 -64.80 -2.99
CA GLN C 858 20.25 -65.81 -2.19
C GLN C 858 18.76 -65.80 -2.40
N ILE C 859 18.17 -64.62 -2.67
CA ILE C 859 16.75 -64.55 -2.99
C ILE C 859 16.50 -65.15 -4.37
N LEU C 860 17.41 -64.93 -5.32
CA LEU C 860 17.22 -65.43 -6.67
C LEU C 860 17.41 -66.94 -6.74
N LEU C 861 18.26 -67.51 -5.88
CA LEU C 861 18.42 -68.96 -5.87
C LEU C 861 17.26 -69.65 -5.16
N ASP C 862 16.76 -69.05 -4.07
CA ASP C 862 15.66 -69.67 -3.34
C ASP C 862 14.33 -69.52 -4.06
N THR C 863 14.21 -68.57 -4.99
CA THR C 863 13.00 -68.45 -5.80
C THR C 863 13.02 -69.38 -6.99
N TYR C 864 14.20 -69.76 -7.48
CA TYR C 864 14.28 -70.71 -8.58
C TYR C 864 13.98 -72.12 -8.11
N TYR C 865 14.50 -72.49 -6.94
CA TYR C 865 14.29 -73.83 -6.40
C TYR C 865 13.01 -73.94 -5.58
N GLY C 866 12.25 -72.86 -5.45
CA GLY C 866 10.96 -72.90 -4.78
C GLY C 866 11.02 -72.88 -3.28
N ARG C 867 12.19 -72.68 -2.69
CA ARG C 867 12.30 -72.66 -1.23
C ARG C 867 11.87 -71.29 -0.69
N ASP C 868 11.85 -71.19 0.64
CA ASP C 868 11.56 -69.95 1.34
C ASP C 868 12.84 -69.42 1.96
N TYR C 869 13.01 -68.11 1.91
CA TYR C 869 14.26 -67.48 2.33
C TYR C 869 14.34 -67.44 3.85
N VAL C 870 15.42 -68.02 4.40
CA VAL C 870 15.68 -68.05 5.83
C VAL C 870 17.10 -67.56 6.08
N GLU C 871 17.24 -66.55 6.92
CA GLU C 871 18.57 -66.05 7.28
C GLU C 871 19.22 -66.96 8.31
N MET D 3 55.06 -41.52 -18.98
CA MET D 3 53.73 -41.77 -18.42
C MET D 3 53.83 -42.16 -16.94
N ALA D 4 54.52 -43.26 -16.67
CA ALA D 4 54.67 -43.73 -15.30
C ALA D 4 55.72 -42.90 -14.57
N VAL D 5 55.58 -42.85 -13.24
CA VAL D 5 56.49 -42.10 -12.38
C VAL D 5 56.89 -43.01 -11.23
N THR D 6 58.20 -43.24 -11.07
CA THR D 6 58.68 -44.18 -10.06
C THR D 6 59.78 -43.57 -9.21
N ASN D 7 60.53 -42.62 -9.76
CA ASN D 7 61.62 -41.96 -9.05
C ASN D 7 61.58 -40.48 -9.33
N VAL D 8 62.57 -39.77 -8.77
CA VAL D 8 62.55 -38.30 -8.78
C VAL D 8 62.93 -37.71 -10.13
N ALA D 9 63.53 -38.49 -11.02
CA ALA D 9 63.98 -37.93 -12.29
C ALA D 9 62.83 -37.65 -13.24
N GLU D 10 61.82 -38.52 -13.25
CA GLU D 10 60.63 -38.32 -14.06
C GLU D 10 59.49 -37.68 -13.28
N LEU D 11 59.64 -37.50 -11.96
CA LEU D 11 58.66 -36.74 -11.19
C LEU D 11 58.68 -35.27 -11.59
N ASN D 12 59.88 -34.71 -11.76
CA ASN D 12 60.01 -33.31 -12.19
C ASN D 12 59.58 -33.12 -13.64
N ALA D 13 59.55 -34.18 -14.44
CA ALA D 13 58.97 -34.11 -15.77
C ALA D 13 57.45 -34.18 -15.73
N LEU D 14 56.88 -34.71 -14.65
CA LEU D 14 55.42 -34.75 -14.50
C LEU D 14 54.87 -33.41 -14.07
N VAL D 15 55.53 -32.76 -13.10
CA VAL D 15 55.08 -31.47 -12.60
C VAL D 15 55.27 -30.39 -13.66
N GLU D 16 56.34 -30.49 -14.46
CA GLU D 16 56.54 -29.53 -15.54
C GLU D 16 55.56 -29.73 -16.69
N ARG D 17 55.01 -30.93 -16.85
CA ARG D 17 53.91 -31.13 -17.78
C ARG D 17 52.62 -30.54 -17.24
N VAL D 18 52.40 -30.64 -15.93
CA VAL D 18 51.18 -30.14 -15.32
C VAL D 18 51.21 -28.61 -15.23
N LYS D 19 52.38 -28.05 -14.91
CA LYS D 19 52.54 -26.59 -14.81
C LYS D 19 52.34 -25.90 -16.16
N LYS D 20 52.69 -26.58 -17.26
CA LYS D 20 52.44 -26.02 -18.58
C LYS D 20 50.96 -26.07 -18.94
N ALA D 21 50.26 -27.13 -18.55
CA ALA D 21 48.87 -27.31 -18.91
C ALA D 21 47.90 -26.65 -17.93
N GLN D 22 48.37 -26.23 -16.76
CA GLN D 22 47.53 -25.52 -15.81
C GLN D 22 47.42 -24.04 -16.14
N ARG D 23 48.48 -23.43 -16.67
CA ARG D 23 48.49 -21.99 -16.92
C ARG D 23 47.64 -21.60 -18.12
N GLU D 24 47.22 -22.55 -18.96
CA GLU D 24 46.23 -22.27 -19.98
C GLU D 24 44.82 -22.68 -19.55
N TYR D 25 44.70 -23.42 -18.45
CA TYR D 25 43.41 -23.69 -17.83
C TYR D 25 43.01 -22.58 -16.87
N ALA D 26 43.97 -21.79 -16.39
CA ALA D 26 43.71 -20.69 -15.47
C ALA D 26 43.10 -19.47 -16.13
N SER D 27 42.98 -19.46 -17.45
CA SER D 27 42.37 -18.35 -18.18
C SER D 27 41.00 -18.72 -18.74
N PHE D 28 40.40 -19.81 -18.25
CA PHE D 28 39.09 -20.22 -18.71
C PHE D 28 38.01 -19.33 -18.11
N THR D 29 36.85 -19.34 -18.74
CA THR D 29 35.72 -18.56 -18.27
C THR D 29 34.87 -19.37 -17.29
N GLN D 30 33.87 -18.72 -16.72
CA GLN D 30 32.95 -19.40 -15.79
C GLN D 30 32.08 -20.40 -16.54
N GLU D 31 31.72 -20.11 -17.78
CA GLU D 31 30.77 -20.96 -18.51
C GLU D 31 31.41 -22.27 -18.94
N GLN D 32 32.67 -22.24 -19.37
CA GLN D 32 33.32 -23.44 -19.88
C GLN D 32 34.08 -24.21 -18.79
N VAL D 33 33.94 -23.80 -17.54
CA VAL D 33 34.39 -24.60 -16.39
C VAL D 33 33.23 -25.43 -15.84
N ASP D 34 32.03 -24.86 -15.80
CA ASP D 34 30.83 -25.60 -15.43
C ASP D 34 30.49 -26.69 -16.43
N LYS D 35 30.95 -26.58 -17.69
CA LYS D 35 30.83 -27.69 -18.62
C LYS D 35 31.78 -28.82 -18.26
N ILE D 36 32.99 -28.46 -17.80
CA ILE D 36 33.97 -29.46 -17.41
C ILE D 36 33.61 -30.06 -16.05
N PHE D 37 33.17 -29.22 -15.11
CA PHE D 37 32.85 -29.69 -13.76
C PHE D 37 31.61 -30.59 -13.76
N ARG D 38 30.68 -30.36 -14.67
CA ARG D 38 29.50 -31.22 -14.76
C ARG D 38 29.86 -32.56 -15.40
N ALA D 39 30.60 -32.52 -16.52
CA ALA D 39 30.96 -33.75 -17.23
C ALA D 39 31.95 -34.61 -16.47
N ALA D 40 32.73 -34.01 -15.57
CA ALA D 40 33.63 -34.81 -14.74
C ALA D 40 32.85 -35.53 -13.64
N ALA D 41 31.88 -34.86 -13.03
CA ALA D 41 31.06 -35.49 -12.02
C ALA D 41 30.06 -36.47 -12.64
N LEU D 42 29.70 -36.26 -13.90
CA LEU D 42 28.72 -37.13 -14.55
C LEU D 42 29.30 -38.50 -14.83
N ALA D 43 30.60 -38.59 -15.09
CA ALA D 43 31.27 -39.86 -15.33
C ALA D 43 31.99 -40.39 -14.10
N ALA D 44 31.96 -39.67 -12.99
CA ALA D 44 32.48 -40.18 -11.74
C ALA D 44 31.41 -40.88 -10.92
N ALA D 45 30.14 -40.50 -11.11
CA ALA D 45 29.04 -41.25 -10.54
C ALA D 45 28.62 -42.42 -11.41
N ASP D 46 29.03 -42.43 -12.68
CA ASP D 46 28.74 -43.55 -13.55
C ASP D 46 29.61 -44.76 -13.23
N ALA D 47 30.79 -44.52 -12.66
CA ALA D 47 31.73 -45.58 -12.32
C ALA D 47 31.84 -45.78 -10.81
N ARG D 48 30.70 -45.66 -10.12
CA ARG D 48 30.70 -45.89 -8.68
C ARG D 48 30.78 -47.39 -8.36
N ILE D 49 30.29 -48.23 -9.25
CA ILE D 49 30.33 -49.69 -9.06
C ILE D 49 31.73 -50.28 -9.31
N PRO D 50 32.43 -50.04 -10.43
CA PRO D 50 33.75 -50.69 -10.57
C PRO D 50 34.83 -50.10 -9.68
N LEU D 51 34.74 -48.81 -9.34
CA LEU D 51 35.72 -48.22 -8.43
C LEU D 51 35.56 -48.73 -7.01
N ALA D 52 34.34 -49.14 -6.63
CA ALA D 52 34.14 -49.69 -5.30
C ALA D 52 34.65 -51.12 -5.18
N LYS D 53 34.68 -51.86 -6.28
CA LYS D 53 35.16 -53.23 -6.24
C LYS D 53 36.68 -53.30 -6.31
N MET D 54 37.33 -52.27 -6.86
CA MET D 54 38.78 -52.25 -6.92
C MET D 54 39.39 -51.89 -5.56
N ALA D 55 38.70 -51.06 -4.77
CA ALA D 55 39.24 -50.62 -3.50
C ALA D 55 39.12 -51.67 -2.40
N VAL D 56 38.35 -52.73 -2.63
CA VAL D 56 38.24 -53.84 -1.67
C VAL D 56 39.15 -54.96 -2.17
N ALA D 57 39.36 -55.03 -3.49
CA ALA D 57 40.29 -55.99 -4.03
C ALA D 57 41.73 -55.60 -3.75
N GLU D 58 42.01 -54.30 -3.59
CA GLU D 58 43.36 -53.82 -3.35
C GLU D 58 43.71 -53.83 -1.86
N SER D 59 42.92 -53.13 -1.04
CA SER D 59 43.24 -53.00 0.38
C SER D 59 42.64 -54.13 1.22
N GLY D 60 41.40 -54.51 0.96
CA GLY D 60 40.77 -55.58 1.72
C GLY D 60 40.40 -55.17 3.13
N MET D 61 39.80 -53.98 3.27
CA MET D 61 39.45 -53.45 4.59
C MET D 61 38.08 -52.78 4.60
N GLY D 62 37.19 -53.17 3.70
CA GLY D 62 35.89 -52.53 3.69
C GLY D 62 34.82 -53.40 3.06
N ILE D 63 33.59 -52.91 3.16
CA ILE D 63 32.44 -53.52 2.53
C ILE D 63 32.26 -52.90 1.16
N VAL D 64 32.03 -53.75 0.15
CA VAL D 64 31.94 -53.26 -1.23
C VAL D 64 30.66 -52.47 -1.44
N GLU D 65 29.62 -52.77 -0.67
CA GLU D 65 28.34 -52.08 -0.82
C GLU D 65 28.35 -50.70 -0.16
N ASP D 66 29.28 -50.43 0.74
CA ASP D 66 29.37 -49.12 1.37
C ASP D 66 30.27 -48.15 0.63
N LYS D 67 31.21 -48.65 -0.17
CA LYS D 67 31.99 -47.78 -1.04
C LYS D 67 31.23 -47.35 -2.28
N VAL D 68 30.06 -47.93 -2.53
CA VAL D 68 29.22 -47.48 -3.64
C VAL D 68 28.57 -46.15 -3.30
N ILE D 69 27.93 -46.07 -2.12
CA ILE D 69 27.27 -44.82 -1.71
C ILE D 69 28.24 -43.81 -1.12
N LYS D 70 29.52 -44.16 -0.97
CA LYS D 70 30.55 -43.19 -0.65
C LYS D 70 31.17 -42.57 -1.88
N ASN D 71 31.36 -43.37 -2.94
CA ASN D 71 31.72 -42.82 -4.24
C ASN D 71 30.57 -42.08 -4.90
N HIS D 72 29.33 -42.40 -4.52
CA HIS D 72 28.19 -41.65 -5.04
C HIS D 72 28.00 -40.34 -4.30
N PHE D 73 28.33 -40.31 -3.01
CA PHE D 73 28.29 -39.07 -2.25
C PHE D 73 29.37 -38.10 -2.71
N ALA D 74 30.52 -38.60 -3.12
CA ALA D 74 31.63 -37.76 -3.54
C ALA D 74 31.52 -37.28 -4.98
N SER D 75 30.43 -37.60 -5.69
CA SER D 75 30.29 -37.22 -7.08
C SER D 75 28.99 -36.52 -7.43
N GLU D 76 27.92 -36.68 -6.62
CA GLU D 76 26.68 -35.96 -6.89
C GLU D 76 26.24 -35.03 -5.76
N TYR D 77 26.75 -35.21 -4.55
CA TYR D 77 26.52 -34.23 -3.50
C TYR D 77 27.54 -33.12 -3.53
N ILE D 78 28.76 -33.42 -3.98
CA ILE D 78 29.76 -32.38 -4.20
C ILE D 78 29.40 -31.57 -5.44
N TYR D 79 28.73 -32.19 -6.41
CA TYR D 79 28.26 -31.43 -7.56
C TYR D 79 27.07 -30.56 -7.21
N ASN D 80 26.19 -31.02 -6.32
CA ASN D 80 24.94 -30.31 -6.07
C ASN D 80 25.14 -29.06 -5.23
N ALA D 81 26.04 -29.09 -4.26
CA ALA D 81 26.25 -27.93 -3.40
C ALA D 81 27.00 -26.83 -4.13
N TYR D 82 27.98 -27.21 -4.96
CA TYR D 82 28.80 -26.26 -5.70
C TYR D 82 28.44 -26.25 -7.18
N LYS D 83 27.15 -26.35 -7.47
CA LYS D 83 26.67 -26.37 -8.86
C LYS D 83 26.82 -25.00 -9.50
N ASP D 84 26.29 -23.97 -8.87
CA ASP D 84 26.37 -22.60 -9.35
C ASP D 84 26.97 -21.75 -8.22
N GLU D 85 28.29 -21.73 -8.17
CA GLU D 85 29.04 -20.92 -7.22
C GLU D 85 30.15 -20.22 -7.98
N LYS D 86 30.19 -18.90 -7.89
CA LYS D 86 31.15 -18.11 -8.64
C LYS D 86 32.54 -18.31 -8.08
N THR D 87 33.45 -18.82 -8.90
CA THR D 87 34.81 -19.09 -8.48
C THR D 87 35.87 -18.69 -9.51
N CYS D 88 35.47 -18.16 -10.67
CA CYS D 88 36.41 -17.91 -11.76
C CYS D 88 36.56 -16.43 -12.07
N GLY D 89 35.47 -15.72 -12.37
CA GLY D 89 35.56 -14.34 -12.77
C GLY D 89 35.36 -13.35 -11.64
N VAL D 90 34.60 -12.29 -11.92
CA VAL D 90 34.31 -11.26 -10.92
C VAL D 90 33.24 -11.80 -9.97
N LEU D 91 33.58 -11.90 -8.69
CA LEU D 91 32.65 -12.43 -7.71
C LEU D 91 31.60 -11.40 -7.30
N SER D 92 32.04 -10.29 -6.73
CA SER D 92 31.17 -9.22 -6.31
C SER D 92 31.69 -7.89 -6.84
N GLU D 93 30.84 -6.86 -6.76
CA GLU D 93 31.22 -5.54 -7.23
C GLU D 93 30.36 -4.50 -6.52
N ASP D 94 30.99 -3.47 -5.99
CA ASP D 94 30.30 -2.38 -5.32
C ASP D 94 30.57 -1.09 -6.08
N ASP D 95 29.50 -0.33 -6.34
CA ASP D 95 29.61 0.95 -7.04
C ASP D 95 29.63 2.14 -6.10
N THR D 96 28.97 2.05 -4.96
CA THR D 96 28.99 3.14 -3.99
C THR D 96 30.32 3.19 -3.24
N PHE D 97 30.96 2.04 -3.02
CA PHE D 97 32.25 2.00 -2.35
C PHE D 97 33.42 1.80 -3.30
N GLY D 98 33.17 1.30 -4.50
CA GLY D 98 34.21 1.19 -5.50
C GLY D 98 35.15 0.01 -5.32
N THR D 99 34.61 -1.17 -5.08
CA THR D 99 35.42 -2.38 -4.89
C THR D 99 34.97 -3.47 -5.85
N ILE D 100 35.94 -4.14 -6.46
CA ILE D 100 35.71 -5.30 -7.33
C ILE D 100 36.50 -6.47 -6.75
N THR D 101 35.83 -7.59 -6.53
CA THR D 101 36.44 -8.78 -5.95
C THR D 101 36.57 -9.84 -7.03
N ILE D 102 37.81 -10.18 -7.37
CA ILE D 102 38.10 -11.09 -8.48
C ILE D 102 38.71 -12.37 -7.90
N ALA D 103 38.23 -13.51 -8.36
CA ALA D 103 38.76 -14.79 -7.93
C ALA D 103 39.87 -15.26 -8.86
N GLU D 104 40.68 -16.19 -8.36
CA GLU D 104 41.86 -16.67 -9.07
C GLU D 104 41.99 -18.18 -8.86
N PRO D 105 42.97 -18.84 -9.49
CA PRO D 105 43.40 -20.14 -8.98
C PRO D 105 44.56 -19.99 -8.01
N ILE D 106 44.94 -21.11 -7.41
CA ILE D 106 46.13 -21.20 -6.56
C ILE D 106 47.31 -21.78 -7.32
N GLY D 107 47.10 -22.88 -8.03
CA GLY D 107 48.16 -23.54 -8.75
C GLY D 107 48.16 -25.03 -8.55
N ILE D 108 49.33 -25.65 -8.60
CA ILE D 108 49.44 -27.09 -8.43
C ILE D 108 49.27 -27.43 -6.95
N ILE D 109 48.49 -28.47 -6.67
CA ILE D 109 48.14 -28.85 -5.31
C ILE D 109 48.63 -30.27 -5.06
N CYS D 110 49.36 -30.47 -3.97
CA CYS D 110 49.80 -31.80 -3.57
C CYS D 110 48.64 -32.52 -2.88
N GLY D 111 48.16 -33.61 -3.50
CA GLY D 111 47.07 -34.37 -2.96
C GLY D 111 47.55 -35.63 -2.28
N ILE D 112 47.25 -35.75 -0.99
CA ILE D 112 47.66 -36.90 -0.18
C ILE D 112 46.38 -37.59 0.29
N VAL D 113 46.10 -38.76 -0.26
CA VAL D 113 44.87 -39.49 0.05
C VAL D 113 45.17 -40.53 1.12
N PRO D 114 44.18 -40.97 1.93
CA PRO D 114 44.46 -42.01 2.92
C PRO D 114 44.21 -43.40 2.36
N THR D 115 44.37 -44.41 3.21
CA THR D 115 44.04 -45.78 2.83
C THR D 115 42.64 -46.19 3.24
N THR D 116 42.01 -45.46 4.16
CA THR D 116 40.66 -45.77 4.58
C THR D 116 39.64 -45.37 3.52
N ASN D 117 39.80 -44.19 2.92
CA ASN D 117 38.97 -43.71 1.82
C ASN D 117 39.84 -43.51 0.58
N PRO D 118 40.25 -44.60 -0.09
CA PRO D 118 41.26 -44.47 -1.13
C PRO D 118 40.73 -43.93 -2.45
N THR D 119 39.44 -44.16 -2.73
CA THR D 119 38.87 -43.78 -4.01
C THR D 119 37.81 -42.70 -3.92
N SER D 120 37.22 -42.47 -2.75
CA SER D 120 36.19 -41.45 -2.62
C SER D 120 36.79 -40.06 -2.48
N THR D 121 37.91 -39.94 -1.77
CA THR D 121 38.60 -38.66 -1.68
C THR D 121 39.30 -38.29 -2.98
N ALA D 122 39.61 -39.29 -3.82
CA ALA D 122 40.18 -39.00 -5.13
C ALA D 122 39.14 -38.41 -6.07
N ILE D 123 37.88 -38.79 -5.91
CA ILE D 123 36.80 -38.15 -6.66
C ILE D 123 36.56 -36.74 -6.13
N PHE D 124 36.59 -36.58 -4.80
CA PHE D 124 36.25 -35.30 -4.19
C PHE D 124 37.31 -34.25 -4.44
N LYS D 125 38.58 -34.60 -4.25
CA LYS D 125 39.66 -33.63 -4.44
C LYS D 125 39.88 -33.28 -5.91
N SER D 126 39.45 -34.14 -6.82
CA SER D 126 39.56 -33.82 -8.24
C SER D 126 38.47 -32.88 -8.71
N LEU D 127 37.26 -33.01 -8.15
CA LEU D 127 36.14 -32.17 -8.60
C LEU D 127 36.29 -30.74 -8.10
N ILE D 128 36.75 -30.55 -6.85
CA ILE D 128 36.93 -29.20 -6.33
C ILE D 128 38.19 -28.54 -6.82
N SER D 129 39.07 -29.26 -7.53
CA SER D 129 40.28 -28.68 -8.07
C SER D 129 40.04 -28.03 -9.44
N LEU D 130 39.38 -28.74 -10.35
CA LEU D 130 39.05 -28.17 -11.65
C LEU D 130 37.79 -27.32 -11.63
N LYS D 131 37.15 -27.18 -10.46
CA LYS D 131 36.11 -26.17 -10.29
C LYS D 131 36.72 -24.80 -10.11
N THR D 132 37.84 -24.72 -9.38
CA THR D 132 38.53 -23.46 -9.12
C THR D 132 39.70 -23.23 -10.09
N ARG D 133 39.71 -23.94 -11.22
CA ARG D 133 40.65 -23.73 -12.33
C ARG D 133 42.10 -23.96 -11.94
N ASN D 134 42.34 -25.00 -11.14
CA ASN D 134 43.72 -25.35 -10.77
C ASN D 134 43.92 -26.86 -10.86
N ALA D 135 45.18 -27.26 -10.83
CA ALA D 135 45.57 -28.65 -11.01
C ALA D 135 45.90 -29.29 -9.67
N ILE D 136 46.12 -30.60 -9.71
CA ILE D 136 46.38 -31.38 -8.50
C ILE D 136 47.24 -32.59 -8.86
N ILE D 137 48.21 -32.89 -7.98
CA ILE D 137 49.07 -34.07 -8.11
C ILE D 137 48.77 -34.98 -6.93
N PHE D 138 48.45 -36.25 -7.22
CA PHE D 138 48.10 -37.21 -6.19
C PHE D 138 49.29 -38.05 -5.78
N SER D 139 49.33 -38.39 -4.49
CA SER D 139 50.34 -39.29 -3.93
C SER D 139 49.62 -40.28 -3.02
N PRO D 140 49.21 -41.42 -3.55
CA PRO D 140 48.34 -42.32 -2.80
C PRO D 140 49.10 -43.10 -1.73
N HIS D 141 48.32 -43.73 -0.85
CA HIS D 141 48.87 -44.65 0.13
C HIS D 141 49.40 -45.89 -0.57
N PRO D 142 50.52 -46.46 -0.11
CA PRO D 142 51.10 -47.62 -0.79
C PRO D 142 50.27 -48.90 -0.67
N ARG D 143 49.35 -48.98 0.30
CA ARG D 143 48.49 -50.15 0.41
C ARG D 143 47.41 -50.16 -0.65
N ALA D 144 46.90 -49.00 -1.04
CA ALA D 144 45.80 -48.86 -1.99
C ALA D 144 46.17 -47.90 -3.11
N LYS D 145 47.33 -48.13 -3.72
CA LYS D 145 47.83 -47.23 -4.76
C LYS D 145 47.12 -47.39 -6.09
N ASP D 146 46.58 -48.57 -6.40
CA ASP D 146 45.97 -48.81 -7.69
C ASP D 146 44.52 -48.34 -7.77
N ALA D 147 43.82 -48.27 -6.63
CA ALA D 147 42.45 -47.80 -6.64
C ALA D 147 42.37 -46.28 -6.77
N THR D 148 43.34 -45.57 -6.20
CA THR D 148 43.33 -44.12 -6.26
C THR D 148 43.72 -43.62 -7.65
N ASN D 149 44.74 -44.23 -8.26
CA ASN D 149 45.19 -43.79 -9.58
C ASN D 149 44.19 -44.12 -10.67
N LYS D 150 43.38 -45.16 -10.47
CA LYS D 150 42.30 -45.44 -11.41
C LYS D 150 41.14 -44.47 -11.22
N ALA D 151 40.88 -44.05 -9.98
CA ALA D 151 39.78 -43.15 -9.70
C ALA D 151 40.05 -41.75 -10.24
N ALA D 152 41.30 -41.30 -10.18
CA ALA D 152 41.65 -40.00 -10.74
C ALA D 152 41.73 -40.03 -12.27
N ASP D 153 41.86 -41.22 -12.86
CA ASP D 153 41.96 -41.33 -14.31
C ASP D 153 40.60 -41.19 -14.98
N ILE D 154 39.52 -41.63 -14.31
CA ILE D 154 38.19 -41.52 -14.90
C ILE D 154 37.73 -40.07 -14.92
N VAL D 155 38.09 -39.30 -13.89
CA VAL D 155 37.76 -37.88 -13.86
C VAL D 155 38.59 -37.11 -14.89
N LEU D 156 39.84 -37.54 -15.12
CA LEU D 156 40.70 -36.83 -16.05
C LEU D 156 40.27 -37.05 -17.50
N GLN D 157 40.01 -38.31 -17.87
CA GLN D 157 39.62 -38.61 -19.24
C GLN D 157 38.22 -38.11 -19.58
N ALA D 158 37.38 -37.88 -18.59
CA ALA D 158 36.08 -37.26 -18.85
C ALA D 158 36.19 -35.74 -18.97
N ALA D 159 37.22 -35.14 -18.39
CA ALA D 159 37.39 -33.70 -18.47
C ALA D 159 38.01 -33.29 -19.79
N ILE D 160 38.96 -34.09 -20.30
CA ILE D 160 39.62 -33.80 -21.58
C ILE D 160 38.62 -33.89 -22.73
N ALA D 161 37.66 -34.81 -22.61
CA ALA D 161 36.58 -34.88 -23.60
C ALA D 161 35.62 -33.70 -23.50
N ALA D 162 35.64 -32.95 -22.40
CA ALA D 162 34.78 -31.79 -22.23
C ALA D 162 35.48 -30.47 -22.56
N GLY D 163 36.81 -30.45 -22.64
CA GLY D 163 37.52 -29.24 -23.01
C GLY D 163 38.70 -28.88 -22.13
N ALA D 164 39.07 -29.78 -21.22
CA ALA D 164 40.21 -29.54 -20.36
C ALA D 164 41.52 -29.67 -21.14
N PRO D 165 42.62 -29.14 -20.62
CA PRO D 165 43.93 -29.39 -21.23
C PRO D 165 44.34 -30.86 -21.16
N LYS D 166 45.46 -31.16 -21.83
CA LYS D 166 45.81 -32.55 -22.15
C LYS D 166 46.28 -33.33 -20.93
N ASP D 167 46.97 -32.67 -20.00
CA ASP D 167 47.45 -33.34 -18.78
C ASP D 167 47.21 -32.39 -17.60
N LEU D 168 46.04 -32.49 -17.00
CA LEU D 168 45.64 -31.61 -15.91
C LEU D 168 45.76 -32.25 -14.54
N ILE D 169 45.49 -33.55 -14.43
CA ILE D 169 45.56 -34.27 -13.17
C ILE D 169 46.64 -35.32 -13.28
N GLY D 170 47.68 -35.20 -12.46
CA GLY D 170 48.73 -36.18 -12.43
C GLY D 170 48.73 -36.96 -11.13
N TRP D 171 49.38 -38.11 -11.11
CA TRP D 171 49.39 -38.95 -9.92
C TRP D 171 50.69 -39.74 -9.87
N ILE D 172 51.21 -39.95 -8.67
CA ILE D 172 52.38 -40.79 -8.48
C ILE D 172 51.95 -42.25 -8.66
N ASP D 173 52.56 -42.93 -9.63
CA ASP D 173 52.14 -44.28 -9.98
C ASP D 173 52.62 -45.30 -8.96
N GLN D 174 53.80 -45.09 -8.38
CA GLN D 174 54.36 -45.99 -7.37
C GLN D 174 54.93 -45.16 -6.23
N PRO D 175 54.18 -44.98 -5.14
CA PRO D 175 54.59 -44.07 -4.08
C PRO D 175 55.73 -44.63 -3.24
N SER D 176 56.35 -43.73 -2.47
CA SER D 176 57.44 -44.07 -1.57
C SER D 176 57.53 -42.98 -0.51
N VAL D 177 58.30 -43.27 0.54
CA VAL D 177 58.50 -42.28 1.61
C VAL D 177 59.49 -41.20 1.20
N GLU D 178 60.23 -41.40 0.11
CA GLU D 178 61.15 -40.40 -0.43
C GLU D 178 60.56 -39.67 -1.63
N LEU D 179 59.77 -40.36 -2.45
CA LEU D 179 59.17 -39.73 -3.62
C LEU D 179 58.06 -38.75 -3.23
N SER D 180 57.32 -39.05 -2.16
CA SER D 180 56.30 -38.12 -1.70
C SER D 180 56.91 -36.93 -1.00
N ASN D 181 58.03 -37.12 -0.31
CA ASN D 181 58.71 -36.02 0.36
C ASN D 181 59.40 -35.10 -0.65
N ALA D 182 59.78 -35.63 -1.81
CA ALA D 182 60.34 -34.80 -2.86
C ALA D 182 59.27 -34.01 -3.60
N LEU D 183 58.01 -34.46 -3.55
CA LEU D 183 56.92 -33.73 -4.17
C LEU D 183 56.49 -32.54 -3.31
N MET D 184 56.49 -32.72 -1.98
CA MET D 184 56.06 -31.66 -1.08
C MET D 184 57.07 -30.53 -1.00
N HIS D 185 58.34 -30.80 -1.27
CA HIS D 185 59.38 -29.78 -1.28
C HIS D 185 59.68 -29.28 -2.68
N HIS D 186 58.77 -29.51 -3.63
CA HIS D 186 58.96 -29.00 -4.98
C HIS D 186 58.74 -27.48 -4.98
N PRO D 187 59.55 -26.72 -5.75
CA PRO D 187 59.45 -25.26 -5.67
C PRO D 187 58.23 -24.67 -6.37
N ASP D 188 57.61 -25.38 -7.30
CA ASP D 188 56.51 -24.81 -8.07
C ASP D 188 55.20 -25.58 -7.85
N ILE D 189 54.95 -25.97 -6.60
CA ILE D 189 53.61 -26.30 -6.13
C ILE D 189 53.27 -25.32 -5.03
N ASN D 190 51.97 -25.07 -4.84
CA ASN D 190 51.54 -23.97 -3.99
C ASN D 190 50.68 -24.37 -2.80
N LEU D 191 50.14 -25.59 -2.78
CA LEU D 191 49.25 -25.98 -1.70
C LEU D 191 49.37 -27.47 -1.48
N ILE D 192 49.13 -27.90 -0.24
CA ILE D 192 49.16 -29.31 0.12
C ILE D 192 47.81 -29.65 0.74
N LEU D 193 46.96 -30.34 -0.02
CA LEU D 193 45.74 -30.92 0.51
C LEU D 193 46.09 -32.31 1.03
N ALA D 194 46.19 -32.42 2.36
CA ALA D 194 46.75 -33.61 2.99
C ALA D 194 45.80 -34.12 4.05
N THR D 195 45.34 -35.36 3.89
CA THR D 195 44.45 -36.02 4.84
C THR D 195 45.14 -37.25 5.39
N GLY D 196 45.13 -37.40 6.72
CA GLY D 196 45.75 -38.56 7.32
C GLY D 196 45.81 -38.43 8.84
N GLY D 197 46.66 -39.25 9.43
CA GLY D 197 46.79 -39.30 10.87
C GLY D 197 47.65 -38.17 11.41
N PRO D 198 47.86 -38.19 12.73
CA PRO D 198 48.60 -37.08 13.36
C PRO D 198 50.08 -37.06 13.04
N GLY D 199 50.65 -38.18 12.62
CA GLY D 199 52.04 -38.18 12.15
C GLY D 199 52.21 -37.55 10.79
N MET D 200 51.13 -37.40 10.03
CA MET D 200 51.17 -36.80 8.71
C MET D 200 50.92 -35.30 8.74
N VAL D 201 50.10 -34.82 9.68
CA VAL D 201 49.84 -33.39 9.81
C VAL D 201 51.10 -32.67 10.25
N LYS D 202 51.91 -33.31 11.10
CA LYS D 202 53.19 -32.74 11.50
C LYS D 202 54.17 -32.68 10.33
N ALA D 203 54.05 -33.62 9.38
CA ALA D 203 54.91 -33.60 8.20
C ALA D 203 54.38 -32.70 7.10
N ALA D 204 53.07 -32.51 7.02
CA ALA D 204 52.49 -31.66 5.99
C ALA D 204 52.72 -30.18 6.29
N TYR D 205 52.78 -29.81 7.57
CA TYR D 205 53.11 -28.44 7.97
C TYR D 205 54.59 -28.23 8.22
N SER D 206 55.43 -29.22 7.88
CA SER D 206 56.87 -29.09 8.08
C SER D 206 57.61 -28.62 6.84
N SER D 207 57.10 -28.93 5.66
CA SER D 207 57.64 -28.35 4.43
C SER D 207 57.19 -26.90 4.33
N GLY D 208 58.05 -26.05 3.77
CA GLY D 208 57.72 -24.64 3.77
C GLY D 208 56.82 -24.30 2.61
N LYS D 209 55.52 -24.28 2.88
CA LYS D 209 54.44 -24.15 1.92
C LYS D 209 53.13 -24.00 2.69
N PRO D 210 52.15 -23.27 2.17
CA PRO D 210 50.82 -23.27 2.80
C PRO D 210 50.14 -24.62 2.61
N ALA D 211 49.72 -25.22 3.71
CA ALA D 211 49.16 -26.56 3.70
C ALA D 211 47.78 -26.56 4.35
N ILE D 212 46.84 -27.30 3.74
CA ILE D 212 45.53 -27.52 4.33
C ILE D 212 45.46 -28.97 4.79
N GLY D 213 45.77 -29.20 6.06
CA GLY D 213 45.77 -30.53 6.62
C GLY D 213 44.55 -30.78 7.50
N VAL D 214 44.16 -32.04 7.60
CA VAL D 214 43.14 -32.48 8.54
C VAL D 214 43.72 -33.64 9.35
N GLY D 215 43.17 -33.83 10.56
CA GLY D 215 43.66 -34.84 11.46
C GLY D 215 42.66 -35.96 11.68
N ALA D 216 42.97 -36.79 12.67
CA ALA D 216 42.11 -37.89 13.07
C ALA D 216 41.19 -37.41 14.19
N GLY D 217 40.43 -38.32 14.78
CA GLY D 217 39.56 -37.93 15.86
C GLY D 217 38.65 -38.99 16.42
N ASN D 218 38.45 -38.97 17.73
CA ASN D 218 37.42 -39.75 18.37
C ASN D 218 36.07 -39.06 18.21
N THR D 219 35.01 -39.73 18.68
CA THR D 219 33.66 -39.17 18.67
C THR D 219 32.94 -39.63 19.93
N PRO D 220 33.09 -38.91 21.03
CA PRO D 220 32.34 -39.27 22.25
C PRO D 220 30.87 -38.93 22.10
N VAL D 221 30.02 -39.88 22.45
CA VAL D 221 28.58 -39.75 22.30
C VAL D 221 27.96 -39.66 23.69
N VAL D 222 27.08 -38.68 23.88
CA VAL D 222 26.39 -38.48 25.15
C VAL D 222 24.92 -38.78 24.94
N ILE D 223 24.42 -39.81 25.62
CA ILE D 223 23.01 -40.19 25.56
C ILE D 223 22.41 -39.98 26.93
N ASP D 224 21.76 -38.85 27.15
CA ASP D 224 21.24 -38.53 28.46
C ASP D 224 19.86 -39.18 28.65
N GLU D 225 19.20 -38.83 29.77
CA GLU D 225 18.02 -39.57 30.21
C GLU D 225 16.76 -39.20 29.42
N THR D 226 16.77 -38.08 28.69
CA THR D 226 15.61 -37.65 27.92
C THR D 226 15.76 -37.93 26.43
N ALA D 227 16.67 -38.82 26.06
CA ALA D 227 16.90 -39.15 24.66
C ALA D 227 15.88 -40.18 24.18
N ASP D 228 15.85 -40.38 22.87
CA ASP D 228 15.10 -41.47 22.26
C ASP D 228 16.02 -42.68 22.21
N ILE D 229 15.74 -43.67 23.06
CA ILE D 229 16.61 -44.84 23.18
C ILE D 229 16.53 -45.70 21.92
N LYS D 230 15.36 -45.78 21.30
CA LYS D 230 15.23 -46.56 20.08
C LYS D 230 15.91 -45.88 18.90
N ARG D 231 16.06 -44.55 18.94
CA ARG D 231 16.78 -43.85 17.88
C ARG D 231 18.28 -43.86 18.11
N ALA D 232 18.70 -43.68 19.37
CA ALA D 232 20.13 -43.53 19.66
C ALA D 232 20.90 -44.83 19.45
N VAL D 233 20.28 -45.97 19.77
CA VAL D 233 20.95 -47.25 19.57
C VAL D 233 20.99 -47.61 18.10
N ALA D 234 19.88 -47.41 17.38
CA ALA D 234 19.81 -47.80 15.99
C ALA D 234 20.62 -46.90 15.06
N SER D 235 21.00 -45.71 15.52
CA SER D 235 21.84 -44.82 14.72
C SER D 235 23.32 -45.06 14.97
N VAL D 236 23.69 -45.54 16.16
CA VAL D 236 25.07 -45.93 16.42
C VAL D 236 25.42 -47.18 15.62
N LEU D 237 24.50 -48.16 15.57
CA LEU D 237 24.74 -49.38 14.81
C LEU D 237 24.80 -49.13 13.31
N MET D 238 24.11 -48.10 12.82
CA MET D 238 24.14 -47.80 11.39
C MET D 238 25.45 -47.14 11.00
N SER D 239 25.92 -46.20 11.81
CA SER D 239 27.09 -45.40 11.43
C SER D 239 28.40 -46.07 11.77
N LYS D 240 28.45 -46.89 12.82
CA LYS D 240 29.70 -47.55 13.17
C LYS D 240 29.97 -48.75 12.26
N THR D 241 28.92 -49.39 11.76
CA THR D 241 29.07 -50.46 10.77
C THR D 241 29.11 -49.94 9.35
N PHE D 242 29.07 -48.62 9.15
CA PHE D 242 29.20 -48.04 7.82
C PHE D 242 30.64 -48.17 7.37
N ASP D 243 30.89 -49.07 6.41
CA ASP D 243 32.21 -49.44 5.89
C ASP D 243 33.13 -49.93 7.00
N ASN D 244 32.56 -50.61 8.00
CA ASN D 244 33.25 -51.18 9.16
C ASN D 244 34.04 -50.11 9.92
N GLY D 245 33.49 -48.89 9.98
CA GLY D 245 34.06 -47.84 10.80
C GLY D 245 35.36 -47.24 10.29
N VAL D 246 35.66 -47.35 8.99
CA VAL D 246 36.87 -46.72 8.47
C VAL D 246 36.72 -45.22 8.27
N ILE D 247 35.49 -44.70 8.39
CA ILE D 247 35.26 -43.28 8.16
C ILE D 247 35.79 -42.47 9.34
N CYS D 248 36.34 -41.31 9.05
CA CYS D 248 36.60 -40.33 10.09
C CYS D 248 35.29 -39.87 10.72
N ALA D 249 35.38 -39.46 11.99
CA ALA D 249 34.23 -39.08 12.83
C ALA D 249 33.20 -40.20 12.91
N SER D 250 33.66 -41.39 13.29
CA SER D 250 32.79 -42.50 13.63
C SER D 250 32.77 -42.66 15.15
N GLU D 251 31.66 -43.18 15.66
CA GLU D 251 31.41 -43.20 17.10
C GLU D 251 32.33 -44.23 17.77
N GLN D 252 33.44 -43.74 18.34
CA GLN D 252 34.41 -44.62 18.98
C GLN D 252 34.05 -44.99 20.40
N SER D 253 33.21 -44.18 21.06
CA SER D 253 32.86 -44.41 22.46
C SER D 253 31.59 -43.65 22.78
N VAL D 254 30.71 -44.27 23.55
CA VAL D 254 29.47 -43.65 24.00
C VAL D 254 29.56 -43.42 25.51
N VAL D 255 28.86 -42.40 25.99
CA VAL D 255 28.77 -42.09 27.42
C VAL D 255 27.30 -42.00 27.76
N VAL D 256 26.78 -42.97 28.50
CA VAL D 256 25.37 -43.04 28.87
C VAL D 256 25.22 -42.66 30.32
N VAL D 257 24.16 -41.91 30.63
CA VAL D 257 23.87 -41.59 32.02
C VAL D 257 23.33 -42.82 32.74
N ASP D 258 23.36 -42.77 34.07
CA ASP D 258 22.99 -43.93 34.88
C ASP D 258 21.49 -44.18 34.93
N SER D 259 20.67 -43.21 34.50
CA SER D 259 19.23 -43.38 34.56
C SER D 259 18.73 -44.35 33.48
N VAL D 260 19.38 -44.38 32.32
CA VAL D 260 18.95 -45.23 31.22
C VAL D 260 20.11 -46.08 30.73
N TYR D 261 21.07 -46.38 31.62
CA TYR D 261 22.23 -47.17 31.22
C TYR D 261 21.86 -48.63 30.99
N ASP D 262 20.88 -49.15 31.73
CA ASP D 262 20.50 -50.55 31.59
C ASP D 262 19.62 -50.77 30.37
N ALA D 263 18.76 -49.79 30.04
CA ALA D 263 17.89 -49.94 28.88
C ALA D 263 18.65 -49.81 27.57
N VAL D 264 19.74 -49.04 27.56
CA VAL D 264 20.57 -48.93 26.37
C VAL D 264 21.36 -50.22 26.15
N ARG D 265 21.82 -50.85 27.24
CA ARG D 265 22.55 -52.12 27.14
C ARG D 265 21.65 -53.24 26.63
N GLU D 266 20.38 -53.27 27.06
CA GLU D 266 19.46 -54.29 26.58
C GLU D 266 19.05 -54.03 25.13
N ARG D 267 19.00 -52.76 24.73
CA ARG D 267 18.70 -52.45 23.33
C ARG D 267 19.88 -52.79 22.42
N PHE D 268 21.10 -52.72 22.95
CA PHE D 268 22.27 -53.13 22.18
C PHE D 268 22.40 -54.65 22.13
N ALA D 269 21.99 -55.34 23.19
CA ALA D 269 22.21 -56.79 23.28
C ALA D 269 21.25 -57.57 22.42
N THR D 270 19.98 -57.14 22.36
CA THR D 270 19.00 -57.84 21.53
C THR D 270 19.26 -57.63 20.04
N HIS D 271 19.86 -56.50 19.69
CA HIS D 271 20.25 -56.23 18.31
C HIS D 271 21.69 -56.71 18.10
N GLY D 272 22.34 -56.29 17.03
CA GLY D 272 23.62 -56.83 16.59
C GLY D 272 24.83 -56.55 17.47
N GLY D 273 24.65 -55.88 18.62
CA GLY D 273 25.77 -55.67 19.51
C GLY D 273 26.08 -56.90 20.34
N TYR D 274 27.36 -57.02 20.74
CA TYR D 274 27.83 -58.15 21.53
C TYR D 274 28.62 -57.59 22.73
N LEU D 275 28.00 -57.65 23.91
CA LEU D 275 28.64 -57.15 25.12
C LEU D 275 29.74 -58.10 25.57
N LEU D 276 30.98 -57.60 25.61
CA LEU D 276 32.10 -58.40 26.07
C LEU D 276 32.12 -58.46 27.59
N GLN D 277 32.34 -59.67 28.12
CA GLN D 277 32.27 -59.91 29.56
C GLN D 277 33.47 -60.72 30.01
N GLY D 278 34.15 -60.23 31.05
CA GLY D 278 35.20 -60.99 31.72
C GLY D 278 36.46 -61.22 30.92
N LYS D 279 36.67 -62.48 30.51
CA LYS D 279 37.89 -62.85 29.80
C LYS D 279 37.94 -62.27 28.40
N GLU D 280 36.78 -62.10 27.75
CA GLU D 280 36.75 -61.58 26.40
C GLU D 280 37.07 -60.10 26.32
N LEU D 281 36.88 -59.35 27.42
CA LEU D 281 37.20 -57.93 27.43
C LEU D 281 38.70 -57.70 27.39
N LYS D 282 39.46 -58.45 28.18
CA LYS D 282 40.92 -58.34 28.15
C LYS D 282 41.52 -59.03 26.94
N ALA D 283 40.82 -59.98 26.34
CA ALA D 283 41.33 -60.68 25.16
C ALA D 283 41.33 -59.81 23.92
N VAL D 284 40.57 -58.72 23.91
CA VAL D 284 40.55 -57.80 22.77
C VAL D 284 41.32 -56.52 23.02
N GLN D 285 41.67 -56.22 24.28
CA GLN D 285 42.41 -54.99 24.56
C GLN D 285 43.89 -55.11 24.21
N ASP D 286 44.41 -56.33 24.06
CA ASP D 286 45.80 -56.54 23.66
C ASP D 286 45.93 -56.85 22.17
N VAL D 287 44.83 -56.76 21.42
CA VAL D 287 44.88 -56.93 19.97
C VAL D 287 44.69 -55.61 19.22
N ILE D 288 44.24 -54.55 19.89
CA ILE D 288 44.03 -53.26 19.24
C ILE D 288 45.30 -52.42 19.27
N LEU D 289 45.94 -52.29 20.44
CA LEU D 289 47.20 -51.58 20.55
C LEU D 289 48.34 -52.58 20.41
N LYS D 290 49.08 -52.49 19.30
CA LYS D 290 50.16 -53.43 19.05
C LYS D 290 51.43 -53.02 19.79
N ASN D 291 51.98 -51.86 19.46
CA ASN D 291 53.19 -51.32 20.08
C ASN D 291 52.94 -49.90 20.57
N GLY D 292 51.80 -49.71 21.25
CA GLY D 292 51.34 -48.37 21.59
C GLY D 292 50.62 -47.65 20.48
N ALA D 293 50.37 -48.31 19.35
CA ALA D 293 49.66 -47.73 18.23
C ALA D 293 48.64 -48.74 17.70
N LEU D 294 47.69 -48.24 16.92
CA LEU D 294 46.64 -49.07 16.35
C LEU D 294 47.23 -49.95 15.25
N ASN D 295 47.03 -51.26 15.38
CA ASN D 295 47.56 -52.21 14.40
C ASN D 295 46.70 -52.21 13.15
N ALA D 296 47.33 -52.41 12.00
CA ALA D 296 46.66 -52.40 10.71
C ALA D 296 46.00 -53.73 10.35
N ALA D 297 45.90 -54.66 11.29
CA ALA D 297 45.27 -55.95 11.02
C ALA D 297 43.79 -55.98 11.35
N ILE D 298 43.30 -55.03 12.14
CA ILE D 298 41.90 -54.96 12.51
C ILE D 298 41.20 -53.75 11.90
N VAL D 299 41.92 -52.90 11.17
CA VAL D 299 41.36 -51.68 10.60
C VAL D 299 40.43 -52.07 9.46
N GLY D 300 39.13 -51.93 9.68
CA GLY D 300 38.14 -52.18 8.65
C GLY D 300 37.69 -53.61 8.51
N GLN D 301 38.18 -54.50 9.35
CA GLN D 301 37.73 -55.88 9.29
C GLN D 301 36.36 -56.01 9.95
N PRO D 302 35.57 -57.03 9.58
CA PRO D 302 34.27 -57.24 10.24
C PRO D 302 34.42 -57.65 11.69
N ALA D 303 33.28 -57.64 12.39
CA ALA D 303 33.29 -57.84 13.84
C ALA D 303 33.59 -59.29 14.24
N TYR D 304 33.39 -60.25 13.33
CA TYR D 304 33.69 -61.64 13.64
C TYR D 304 35.14 -62.01 13.35
N LYS D 305 35.86 -61.19 12.58
CA LYS D 305 37.27 -61.43 12.34
C LYS D 305 38.16 -60.77 13.40
N ILE D 306 37.66 -59.73 14.08
CA ILE D 306 38.39 -59.17 15.21
C ILE D 306 38.35 -60.12 16.39
N ALA D 307 37.19 -60.73 16.63
CA ALA D 307 37.08 -61.72 17.71
C ALA D 307 37.85 -63.00 17.38
N GLU D 308 37.92 -63.36 16.09
CA GLU D 308 38.71 -64.51 15.68
C GLU D 308 40.20 -64.23 15.84
N LEU D 309 40.61 -62.98 15.62
CA LEU D 309 41.99 -62.59 15.86
C LEU D 309 42.30 -62.46 17.36
N ALA D 310 41.27 -62.33 18.19
CA ALA D 310 41.46 -62.19 19.63
C ALA D 310 41.58 -63.54 20.34
N GLY D 311 40.91 -64.57 19.84
CA GLY D 311 41.03 -65.89 20.43
C GLY D 311 39.74 -66.53 20.89
N PHE D 312 38.61 -66.09 20.34
CA PHE D 312 37.32 -66.73 20.59
C PHE D 312 36.45 -66.56 19.35
N SER D 313 35.16 -66.83 19.48
CA SER D 313 34.26 -66.78 18.34
C SER D 313 32.91 -66.19 18.74
N VAL D 314 32.53 -65.10 18.08
CA VAL D 314 31.21 -64.52 18.22
C VAL D 314 30.33 -65.12 17.12
N PRO D 315 29.00 -64.96 17.15
CA PRO D 315 28.20 -65.33 15.97
C PRO D 315 28.56 -64.51 14.75
N GLU D 316 28.31 -65.08 13.57
CA GLU D 316 28.77 -64.50 12.32
C GLU D 316 28.00 -63.25 11.92
N ASN D 317 26.81 -63.04 12.47
CA ASN D 317 25.99 -61.88 12.11
C ASN D 317 26.06 -60.77 13.15
N THR D 318 26.91 -60.89 14.16
CA THR D 318 27.12 -59.80 15.09
C THR D 318 27.93 -58.69 14.42
N LYS D 319 27.66 -57.46 14.81
CA LYS D 319 28.20 -56.31 14.09
C LYS D 319 29.03 -55.35 14.94
N ILE D 320 28.80 -55.27 16.26
CA ILE D 320 29.49 -54.32 17.11
C ILE D 320 30.01 -55.05 18.34
N LEU D 321 31.31 -54.91 18.61
CA LEU D 321 31.93 -55.44 19.82
C LEU D 321 31.92 -54.35 20.88
N ILE D 322 31.16 -54.56 21.95
CA ILE D 322 31.00 -53.56 23.00
C ILE D 322 31.81 -53.98 24.22
N GLY D 323 32.69 -53.10 24.67
CA GLY D 323 33.42 -53.31 25.91
C GLY D 323 33.13 -52.25 26.94
N GLU D 324 32.55 -52.65 28.07
CA GLU D 324 32.18 -51.71 29.12
C GLU D 324 33.40 -51.43 29.98
N VAL D 325 33.99 -50.25 29.80
CA VAL D 325 35.21 -49.87 30.50
C VAL D 325 34.90 -48.74 31.47
N THR D 326 35.87 -48.40 32.30
CA THR D 326 35.69 -47.43 33.38
C THR D 326 36.64 -46.25 33.31
N VAL D 327 37.91 -46.46 32.98
CA VAL D 327 38.91 -45.41 33.05
C VAL D 327 38.97 -44.64 31.75
N VAL D 328 39.25 -43.34 31.86
CA VAL D 328 39.45 -42.47 30.71
C VAL D 328 40.90 -42.03 30.72
N ASP D 329 41.75 -42.76 30.01
CA ASP D 329 43.20 -42.57 30.10
C ASP D 329 43.85 -43.19 28.86
N GLU D 330 45.15 -42.97 28.72
CA GLU D 330 45.92 -43.61 27.67
C GLU D 330 46.26 -45.06 28.00
N SER D 331 46.05 -45.49 29.25
CA SER D 331 46.29 -46.88 29.60
C SER D 331 45.19 -47.80 29.06
N GLU D 332 43.97 -47.29 28.95
CA GLU D 332 42.88 -48.08 28.41
C GLU D 332 42.92 -48.05 26.89
N PRO D 333 43.01 -49.20 26.22
CA PRO D 333 43.07 -49.19 24.75
C PRO D 333 41.73 -48.88 24.09
N PHE D 334 40.62 -48.97 24.81
CA PHE D 334 39.31 -48.70 24.23
C PHE D 334 38.96 -47.23 24.20
N ALA D 335 39.81 -46.36 24.73
CA ALA D 335 39.62 -44.92 24.66
C ALA D 335 40.34 -44.29 23.47
N HIS D 336 40.81 -45.10 22.53
CA HIS D 336 41.55 -44.61 21.37
C HIS D 336 40.69 -44.71 20.11
N GLU D 337 41.22 -44.18 19.02
CA GLU D 337 40.60 -44.36 17.72
C GLU D 337 40.89 -45.76 17.21
N LYS D 338 39.84 -46.47 16.79
CA LYS D 338 39.95 -47.89 16.47
C LYS D 338 39.85 -48.19 14.98
N LEU D 339 39.07 -47.40 14.24
CA LEU D 339 38.79 -47.60 12.80
C LEU D 339 38.25 -49.00 12.51
N SER D 340 37.39 -49.48 13.40
CA SER D 340 36.88 -50.84 13.35
C SER D 340 35.57 -50.87 14.11
N PRO D 341 34.65 -51.81 13.79
CA PRO D 341 33.37 -51.86 14.52
C PRO D 341 33.52 -52.33 15.95
N THR D 342 34.05 -51.46 16.81
CA THR D 342 34.27 -51.75 18.22
C THR D 342 33.93 -50.50 19.00
N LEU D 343 33.23 -50.66 20.12
CA LEU D 343 32.72 -49.54 20.89
C LEU D 343 33.35 -49.53 22.29
N ALA D 344 32.89 -48.59 23.12
CA ALA D 344 33.34 -48.48 24.50
C ALA D 344 32.27 -47.73 25.27
N MET D 345 31.57 -48.42 26.16
CA MET D 345 30.47 -47.83 26.91
C MET D 345 30.97 -47.32 28.26
N TYR D 346 30.77 -46.04 28.51
CA TYR D 346 31.05 -45.43 29.79
C TYR D 346 29.74 -45.10 30.50
N ARG D 347 29.81 -45.02 31.82
CA ARG D 347 28.66 -44.73 32.65
C ARG D 347 28.89 -43.43 33.41
N ALA D 348 27.91 -42.54 33.38
CA ALA D 348 27.97 -41.28 34.11
C ALA D 348 26.75 -41.17 35.02
N LYS D 349 26.89 -40.37 36.06
CA LYS D 349 25.83 -40.20 37.05
C LYS D 349 24.90 -39.04 36.75
N ASP D 350 25.27 -38.16 35.83
CA ASP D 350 24.44 -37.00 35.50
C ASP D 350 24.76 -36.58 34.08
N PHE D 351 23.98 -35.61 33.58
CA PHE D 351 24.25 -35.05 32.26
C PHE D 351 25.52 -34.20 32.28
N GLU D 352 25.68 -33.36 33.32
CA GLU D 352 26.86 -32.51 33.44
C GLU D 352 28.12 -33.28 33.79
N ASP D 353 27.99 -34.53 34.24
CA ASP D 353 29.14 -35.41 34.38
C ASP D 353 29.44 -36.15 33.08
N ALA D 354 28.44 -36.35 32.24
CA ALA D 354 28.65 -37.01 30.95
C ALA D 354 29.42 -36.13 29.97
N VAL D 355 29.20 -34.81 30.03
CA VAL D 355 29.97 -33.89 29.21
C VAL D 355 31.40 -33.79 29.72
N GLU D 356 31.60 -33.98 31.03
CA GLU D 356 32.95 -33.94 31.60
C GLU D 356 33.78 -35.13 31.15
N LYS D 357 33.16 -36.31 31.08
CA LYS D 357 33.87 -37.48 30.55
C LYS D 357 34.08 -37.36 29.04
N ALA D 358 33.16 -36.68 28.34
CA ALA D 358 33.34 -36.48 26.91
C ALA D 358 34.43 -35.46 26.61
N GLU D 359 34.67 -34.52 27.54
CA GLU D 359 35.76 -33.56 27.35
C GLU D 359 37.13 -34.22 27.48
N LYS D 360 37.23 -35.30 28.26
CA LYS D 360 38.47 -36.04 28.36
C LYS D 360 38.63 -37.09 27.26
N LEU D 361 37.57 -37.37 26.51
CA LEU D 361 37.66 -38.33 25.41
C LEU D 361 38.03 -37.68 24.09
N VAL D 362 37.97 -36.35 24.00
CA VAL D 362 38.48 -35.63 22.84
C VAL D 362 39.90 -35.16 23.15
N ALA D 363 40.46 -35.64 24.25
CA ALA D 363 41.83 -35.29 24.61
C ALA D 363 42.85 -36.26 24.05
N MET D 364 42.54 -37.55 23.99
CA MET D 364 43.53 -38.54 23.55
C MET D 364 43.68 -38.54 22.03
N GLY D 365 42.61 -38.88 21.32
CA GLY D 365 42.69 -38.94 19.87
C GLY D 365 41.84 -37.90 19.17
N GLY D 366 42.47 -36.83 18.68
CA GLY D 366 41.77 -35.82 17.93
C GLY D 366 41.22 -34.75 18.86
N ILE D 367 41.75 -33.53 18.77
CA ILE D 367 41.41 -32.52 19.77
C ILE D 367 40.14 -31.77 19.39
N GLY D 368 39.95 -31.48 18.12
CA GLY D 368 38.79 -30.72 17.70
C GLY D 368 38.00 -31.30 16.55
N HIS D 369 37.89 -32.63 16.48
CA HIS D 369 37.31 -33.22 15.27
C HIS D 369 35.78 -33.21 15.28
N THR D 370 35.17 -33.97 16.18
CA THR D 370 33.73 -34.22 16.15
C THR D 370 33.26 -34.84 17.47
N SER D 371 32.22 -34.27 18.07
CA SER D 371 31.49 -34.94 19.15
C SER D 371 30.04 -35.14 18.72
N CYS D 372 29.25 -35.73 19.61
CA CYS D 372 27.85 -36.00 19.30
C CYS D 372 27.04 -36.03 20.59
N LEU D 373 25.72 -35.89 20.44
CA LEU D 373 24.82 -35.81 21.58
C LEU D 373 23.42 -36.25 21.12
N TYR D 374 22.78 -37.11 21.90
CA TYR D 374 21.42 -37.56 21.62
C TYR D 374 20.50 -37.04 22.72
N THR D 375 19.59 -36.15 22.36
CA THR D 375 18.55 -35.65 23.25
C THR D 375 17.44 -35.05 22.39
N ASP D 376 16.31 -34.75 23.02
CA ASP D 376 15.22 -34.10 22.32
C ASP D 376 15.58 -32.62 22.15
N GLN D 377 15.82 -32.21 20.91
CA GLN D 377 16.37 -30.89 20.62
C GLN D 377 15.35 -29.77 20.70
N ASP D 378 14.08 -30.08 20.94
CA ASP D 378 13.04 -29.07 21.05
C ASP D 378 12.70 -28.75 22.50
N ASN D 379 12.52 -29.78 23.33
CA ASN D 379 12.16 -29.58 24.72
C ASN D 379 13.33 -29.19 25.61
N GLN D 380 14.57 -29.43 25.16
CA GLN D 380 15.76 -29.13 25.94
C GLN D 380 16.67 -28.20 25.14
N PRO D 381 16.39 -26.89 25.14
CA PRO D 381 17.31 -25.95 24.47
C PRO D 381 18.46 -25.51 25.35
N ALA D 382 18.41 -25.75 26.66
CA ALA D 382 19.50 -25.38 27.55
C ALA D 382 20.61 -26.41 27.56
N ARG D 383 20.31 -27.66 27.23
CA ARG D 383 21.34 -28.69 27.18
C ARG D 383 22.08 -28.72 25.85
N VAL D 384 21.44 -28.27 24.77
CA VAL D 384 22.12 -28.20 23.47
C VAL D 384 23.03 -26.98 23.36
N SER D 385 22.90 -26.01 24.27
CA SER D 385 23.81 -24.87 24.32
C SER D 385 24.92 -25.06 25.33
N TYR D 386 24.67 -25.80 26.41
CA TYR D 386 25.73 -26.17 27.35
C TYR D 386 26.68 -27.19 26.74
N PHE D 387 26.16 -28.09 25.90
CA PHE D 387 27.02 -29.05 25.22
C PHE D 387 27.82 -28.40 24.11
N GLY D 388 27.26 -27.37 23.46
CA GLY D 388 27.99 -26.64 22.44
C GLY D 388 29.05 -25.69 22.98
N GLN D 389 28.93 -25.28 24.24
CA GLN D 389 29.90 -24.38 24.85
C GLN D 389 31.07 -25.14 25.48
N LYS D 390 30.84 -26.37 25.92
CA LYS D 390 31.87 -27.14 26.61
C LYS D 390 32.75 -27.93 25.65
N MET D 391 32.17 -28.58 24.65
CA MET D 391 32.93 -29.44 23.75
C MET D 391 33.74 -28.60 22.77
N LYS D 392 35.04 -28.83 22.73
CA LYS D 392 35.95 -28.06 21.88
C LYS D 392 36.25 -28.84 20.59
N THR D 393 35.20 -29.03 19.80
CA THR D 393 35.31 -29.67 18.49
C THR D 393 34.99 -28.67 17.39
N ALA D 394 34.97 -29.16 16.15
CA ALA D 394 34.64 -28.32 15.01
C ALA D 394 33.18 -28.40 14.61
N ARG D 395 32.56 -29.55 14.80
CA ARG D 395 31.14 -29.72 14.48
C ARG D 395 30.46 -30.48 15.61
N ILE D 396 29.29 -30.01 16.01
CA ILE D 396 28.50 -30.61 17.09
C ILE D 396 27.26 -31.21 16.45
N LEU D 397 27.16 -32.54 16.47
CA LEU D 397 26.04 -33.24 15.89
C LEU D 397 25.02 -33.58 16.97
N ILE D 398 23.75 -33.34 16.68
CA ILE D 398 22.66 -33.59 17.63
C ILE D 398 21.66 -34.51 16.96
N ASN D 399 21.41 -35.67 17.61
CA ASN D 399 20.50 -36.72 17.11
C ASN D 399 20.90 -37.21 15.73
N THR D 400 22.19 -37.38 15.50
CA THR D 400 22.68 -37.65 14.17
C THR D 400 23.69 -38.78 14.20
N PRO D 401 23.60 -39.75 13.29
CA PRO D 401 24.68 -40.71 13.12
C PRO D 401 25.92 -40.02 12.60
N ALA D 402 27.05 -40.24 13.28
CA ALA D 402 28.23 -39.41 13.07
C ALA D 402 28.95 -39.70 11.76
N SER D 403 28.77 -40.89 11.19
CA SER D 403 29.40 -41.18 9.90
C SER D 403 28.68 -40.47 8.76
N GLN D 404 27.35 -40.57 8.72
CA GLN D 404 26.58 -39.84 7.73
C GLN D 404 26.37 -38.38 8.10
N GLY D 405 26.61 -38.00 9.35
CA GLY D 405 26.37 -36.63 9.76
C GLY D 405 27.62 -35.81 9.89
N GLY D 406 28.77 -36.47 10.00
CA GLY D 406 30.04 -35.75 9.95
C GLY D 406 30.29 -35.13 8.60
N ILE D 407 30.12 -35.92 7.55
CA ILE D 407 30.07 -35.37 6.20
C ILE D 407 28.77 -34.59 6.03
N GLY D 408 28.77 -33.60 5.14
CA GLY D 408 27.68 -32.67 5.04
C GLY D 408 26.53 -33.17 4.16
N ASP D 409 25.49 -32.34 4.09
CA ASP D 409 24.31 -32.47 3.23
C ASP D 409 23.46 -33.72 3.51
N LEU D 410 23.76 -34.44 4.59
CA LEU D 410 22.92 -35.51 5.09
C LEU D 410 22.52 -35.17 6.51
N TYR D 411 21.22 -35.31 6.81
CA TYR D 411 20.55 -35.07 8.09
C TYR D 411 20.54 -33.60 8.54
N ASN D 412 21.22 -32.71 7.82
CA ASN D 412 21.27 -31.32 8.24
C ASN D 412 20.96 -30.32 7.13
N PHE D 413 21.41 -30.59 5.90
CA PHE D 413 21.25 -29.75 4.71
C PHE D 413 21.85 -28.34 4.86
N LYS D 414 22.77 -28.15 5.81
CA LYS D 414 23.45 -26.87 5.97
C LYS D 414 24.95 -26.99 6.13
N LEU D 415 25.45 -28.15 6.58
CA LEU D 415 26.89 -28.41 6.55
C LEU D 415 27.35 -28.55 5.11
N ALA D 416 28.55 -28.05 4.82
CA ALA D 416 29.10 -28.19 3.49
C ALA D 416 29.56 -29.62 3.28
N PRO D 417 29.14 -30.29 2.21
CA PRO D 417 29.53 -31.68 2.00
C PRO D 417 31.00 -31.80 1.59
N SER D 418 31.75 -32.59 2.36
CA SER D 418 33.15 -32.83 2.10
C SER D 418 33.56 -34.11 2.81
N LEU D 419 34.64 -34.72 2.34
CA LEU D 419 35.18 -35.92 2.95
C LEU D 419 36.51 -35.66 3.65
N THR D 420 36.94 -34.39 3.71
CA THR D 420 38.12 -33.98 4.47
C THR D 420 37.62 -33.02 5.55
N LEU D 421 37.45 -33.53 6.76
CA LEU D 421 36.84 -32.78 7.85
C LEU D 421 37.94 -32.12 8.70
N GLY D 422 37.92 -30.79 8.77
CA GLY D 422 38.93 -30.08 9.53
C GLY D 422 38.70 -30.13 11.02
N CYS D 423 39.76 -29.85 11.77
CA CYS D 423 39.70 -29.85 13.23
C CYS D 423 40.16 -28.54 13.84
N GLY D 424 40.64 -27.58 13.06
CA GLY D 424 41.08 -26.32 13.58
C GLY D 424 42.44 -26.40 14.25
N SER D 425 42.82 -25.30 14.90
CA SER D 425 44.11 -25.20 15.57
C SER D 425 44.19 -26.00 16.87
N TRP D 426 43.08 -26.60 17.31
CA TRP D 426 43.14 -27.57 18.40
C TRP D 426 43.94 -28.79 18.00
N GLY D 427 43.63 -29.35 16.83
CA GLY D 427 44.35 -30.47 16.27
C GLY D 427 45.50 -30.11 15.36
N GLY D 428 45.88 -28.83 15.30
CA GLY D 428 46.98 -28.42 14.45
C GLY D 428 46.61 -28.19 13.01
N ASN D 429 45.41 -27.67 12.74
CA ASN D 429 44.94 -27.36 11.40
C ASN D 429 44.60 -25.87 11.31
N SER D 430 44.26 -25.42 10.10
CA SER D 430 44.04 -24.01 9.85
C SER D 430 42.73 -23.76 9.11
N ILE D 431 41.72 -24.60 9.35
CA ILE D 431 40.46 -24.46 8.63
C ILE D 431 39.28 -24.37 9.60
N SER D 432 39.18 -25.37 10.50
CA SER D 432 38.05 -25.54 11.43
C SER D 432 36.70 -25.57 10.71
N GLU D 433 36.67 -26.23 9.56
CA GLU D 433 35.48 -26.29 8.73
C GLU D 433 35.58 -27.51 7.83
N ASN D 434 34.60 -27.66 6.95
CA ASN D 434 34.67 -28.66 5.88
C ASN D 434 35.24 -27.99 4.64
N VAL D 435 36.26 -28.61 4.05
CA VAL D 435 36.99 -28.00 2.94
C VAL D 435 36.14 -28.03 1.68
N GLY D 436 35.91 -26.87 1.10
CA GLY D 436 35.20 -26.77 -0.16
C GLY D 436 36.00 -26.00 -1.18
N PRO D 437 35.37 -25.59 -2.28
CA PRO D 437 36.07 -24.80 -3.29
C PRO D 437 36.35 -23.36 -2.88
N LYS D 438 35.84 -22.90 -1.75
CA LYS D 438 36.07 -21.54 -1.30
C LYS D 438 37.39 -21.38 -0.54
N HIS D 439 38.13 -22.47 -0.32
CA HIS D 439 39.43 -22.42 0.35
C HIS D 439 40.59 -22.40 -0.63
N LEU D 440 40.33 -22.50 -1.93
CA LEU D 440 41.35 -22.57 -2.96
C LEU D 440 41.14 -21.50 -4.01
N ILE D 441 40.96 -20.24 -3.56
CA ILE D 441 40.48 -19.17 -4.42
C ILE D 441 41.52 -18.06 -4.58
N ASN D 442 42.10 -17.60 -3.46
CA ASN D 442 43.00 -16.44 -3.40
C ASN D 442 42.30 -15.19 -3.97
N LYS D 443 41.31 -14.74 -3.20
CA LYS D 443 40.52 -13.57 -3.56
C LYS D 443 41.39 -12.34 -3.75
N LYS D 444 41.15 -11.62 -4.84
CA LYS D 444 41.91 -10.43 -5.21
C LYS D 444 40.93 -9.27 -5.33
N THR D 445 41.22 -8.17 -4.64
CA THR D 445 40.33 -7.04 -4.58
C THR D 445 40.90 -5.87 -5.38
N VAL D 446 40.00 -5.07 -5.94
CA VAL D 446 40.34 -3.89 -6.73
C VAL D 446 39.71 -2.69 -6.03
N ALA D 447 40.54 -1.89 -5.36
CA ALA D 447 40.06 -0.79 -4.53
C ALA D 447 40.27 0.53 -5.27
N LYS D 448 39.18 1.19 -5.62
CA LYS D 448 39.24 2.51 -6.22
C LYS D 448 39.17 3.58 -5.14
N ARG D 449 39.60 4.79 -5.50
CA ARG D 449 39.68 5.89 -4.56
C ARG D 449 38.29 6.46 -4.28
N ALA D 450 37.99 6.67 -2.99
CA ALA D 450 36.79 7.36 -2.57
C ALA D 450 37.19 8.52 -1.66
N GLU D 451 36.26 9.44 -1.43
CA GLU D 451 36.53 10.64 -0.66
C GLU D 451 35.81 10.58 0.68
N ASN D 452 36.43 11.20 1.69
CA ASN D 452 35.85 11.23 3.03
C ASN D 452 34.59 12.09 3.05
N MET D 453 33.58 11.60 3.76
CA MET D 453 32.31 12.32 3.87
C MET D 453 32.51 13.59 4.69
N LEU D 454 32.15 14.73 4.11
CA LEU D 454 32.21 16.00 4.79
C LEU D 454 30.81 16.36 5.30
N TRP D 455 30.70 17.52 5.92
CA TRP D 455 29.46 17.91 6.58
C TRP D 455 29.38 19.42 6.67
N HIS D 456 28.23 19.90 7.14
CA HIS D 456 28.03 21.31 7.46
C HIS D 456 27.05 21.35 8.63
N LYS D 457 27.60 21.39 9.84
CA LYS D 457 26.82 21.29 11.06
C LYS D 457 26.86 22.61 11.80
N LEU D 458 25.69 23.12 12.15
CA LEU D 458 25.49 24.41 12.79
C LEU D 458 24.50 24.24 13.93
N PRO D 459 24.35 25.26 14.78
CA PRO D 459 23.21 25.27 15.71
C PRO D 459 21.88 25.35 14.97
N LYS D 460 20.82 25.00 15.70
CA LYS D 460 19.49 24.93 15.10
C LYS D 460 18.94 26.32 14.79
N SER D 461 19.37 27.34 15.52
CA SER D 461 18.90 28.69 15.28
C SER D 461 20.00 29.68 15.65
N ILE D 462 20.37 30.53 14.69
CA ILE D 462 21.39 31.56 14.90
C ILE D 462 20.68 32.90 14.75
N TYR D 463 20.19 33.44 15.86
CA TYR D 463 19.47 34.71 15.84
C TYR D 463 20.46 35.87 15.96
N PHE D 464 20.25 36.88 15.13
CA PHE D 464 21.18 38.01 15.10
C PHE D 464 20.47 39.24 14.55
N ARG D 465 20.55 40.34 15.30
CA ARG D 465 20.42 41.72 14.82
C ARG D 465 20.95 42.63 15.91
N ARG D 466 20.61 43.92 15.81
CA ARG D 466 21.13 44.94 16.71
C ARG D 466 20.63 44.74 18.15
N GLY D 467 19.33 44.45 18.30
CA GLY D 467 18.78 44.36 19.65
C GLY D 467 17.94 43.14 19.91
N SER D 468 18.28 42.01 19.29
CA SER D 468 17.45 40.80 19.42
C SER D 468 17.92 39.90 20.56
N LEU D 469 18.16 40.47 21.74
CA LEU D 469 18.30 39.64 22.92
C LEU D 469 16.97 39.26 23.58
N PRO D 470 16.01 40.16 23.87
CA PRO D 470 14.78 39.69 24.51
C PRO D 470 13.78 39.05 23.56
N ILE D 471 13.89 39.31 22.26
CA ILE D 471 12.99 38.67 21.30
C ILE D 471 13.40 37.22 21.08
N ALA D 472 14.68 36.90 21.23
CA ALA D 472 15.14 35.53 21.13
C ALA D 472 14.94 34.78 22.45
N LEU D 473 14.96 35.49 23.58
CA LEU D 473 14.73 34.87 24.87
C LEU D 473 13.25 34.55 25.11
N ASP D 474 12.35 35.10 24.31
CA ASP D 474 10.94 34.71 24.39
C ASP D 474 10.66 33.38 23.71
N GLU D 475 11.62 32.85 22.94
CA GLU D 475 11.45 31.54 22.34
C GLU D 475 11.68 30.44 23.38
N VAL D 476 12.68 30.61 24.25
CA VAL D 476 12.94 29.62 25.29
C VAL D 476 11.93 29.69 26.43
N ILE D 477 11.11 30.74 26.47
CA ILE D 477 10.01 30.80 27.41
C ILE D 477 8.86 29.92 26.94
N THR D 478 8.50 30.03 25.66
CA THR D 478 7.39 29.28 25.09
C THR D 478 7.70 27.82 24.82
N ASP D 479 8.94 27.39 25.01
CA ASP D 479 9.31 25.99 24.85
C ASP D 479 9.11 25.17 26.11
N GLY D 480 8.57 25.77 27.17
CA GLY D 480 8.29 25.05 28.39
C GLY D 480 9.44 24.96 29.37
N HIS D 481 10.50 25.73 29.17
CA HIS D 481 11.63 25.71 30.09
C HIS D 481 11.29 26.49 31.34
N LYS D 482 11.52 25.89 32.51
CA LYS D 482 11.13 26.48 33.78
C LYS D 482 12.30 26.73 34.74
N ARG D 483 13.44 26.09 34.54
CA ARG D 483 14.61 26.28 35.38
C ARG D 483 15.82 26.51 34.50
N ALA D 484 16.49 27.65 34.68
CA ALA D 484 17.59 28.04 33.83
C ALA D 484 18.83 28.34 34.68
N LEU D 485 20.00 28.00 34.13
CA LEU D 485 21.28 28.30 34.74
C LEU D 485 22.05 29.20 33.80
N ILE D 486 22.63 30.28 34.33
CA ILE D 486 23.32 31.28 33.54
C ILE D 486 24.77 31.32 33.98
N VAL D 487 25.68 30.99 33.07
CA VAL D 487 27.11 30.97 33.33
C VAL D 487 27.70 32.25 32.74
N THR D 488 28.21 33.13 33.59
CA THR D 488 28.74 34.42 33.19
C THR D 488 30.17 34.58 33.68
N ASP D 489 30.80 35.66 33.26
CA ASP D 489 32.09 36.10 33.80
C ASP D 489 31.85 36.97 35.04
N ARG D 490 32.92 37.24 35.77
CA ARG D 490 32.81 38.06 36.97
C ARG D 490 32.59 39.53 36.63
N PHE D 491 33.11 39.99 35.50
CA PHE D 491 32.89 41.38 35.09
C PHE D 491 31.48 41.60 34.58
N LEU D 492 30.92 40.62 33.85
CA LEU D 492 29.60 40.78 33.27
C LEU D 492 28.48 40.71 34.29
N PHE D 493 28.74 40.13 35.46
CA PHE D 493 27.74 40.10 36.51
C PHE D 493 27.71 41.40 37.30
N ASN D 494 28.85 42.06 37.44
CA ASN D 494 28.97 43.32 38.18
C ASN D 494 28.66 44.54 37.33
N ASN D 495 28.31 44.36 36.05
CA ASN D 495 28.04 45.49 35.17
C ASN D 495 26.68 45.38 34.50
N GLY D 496 25.77 44.59 35.06
CA GLY D 496 24.40 44.54 34.56
C GLY D 496 24.20 43.78 33.27
N TYR D 497 25.23 43.10 32.76
CA TYR D 497 25.05 42.30 31.55
C TYR D 497 24.26 41.02 31.84
N ALA D 498 24.47 40.43 33.02
CA ALA D 498 23.69 39.26 33.41
C ALA D 498 22.29 39.62 33.86
N ASP D 499 22.02 40.89 34.16
CA ASP D 499 20.68 41.32 34.55
C ASP D 499 19.78 41.57 33.35
N GLN D 500 20.33 41.67 32.14
CA GLN D 500 19.50 41.78 30.95
C GLN D 500 18.84 40.46 30.59
N ILE D 501 19.35 39.34 31.09
CA ILE D 501 18.78 38.03 30.84
C ILE D 501 17.82 37.62 31.96
N THR D 502 18.21 37.89 33.21
CA THR D 502 17.38 37.49 34.36
C THR D 502 16.10 38.29 34.45
N SER D 503 16.10 39.54 33.95
CA SER D 503 14.90 40.36 34.01
C SER D 503 13.84 39.88 33.02
N VAL D 504 14.25 39.37 31.87
CA VAL D 504 13.30 38.82 30.91
C VAL D 504 12.85 37.44 31.35
N LEU D 505 13.74 36.67 31.96
CA LEU D 505 13.43 35.29 32.34
C LEU D 505 12.50 35.24 33.55
N LYS D 506 12.81 36.01 34.59
CA LYS D 506 12.00 35.95 35.82
C LYS D 506 10.68 36.68 35.69
N ALA D 507 10.52 37.54 34.68
CA ALA D 507 9.22 38.18 34.46
C ALA D 507 8.21 37.21 33.88
N ALA D 508 8.66 36.14 33.23
CA ALA D 508 7.78 35.11 32.69
C ALA D 508 7.58 33.94 33.63
N GLY D 509 8.32 33.88 34.73
CA GLY D 509 8.08 32.87 35.76
C GLY D 509 8.97 31.65 35.70
N VAL D 510 10.28 31.84 35.53
CA VAL D 510 11.24 30.76 35.61
C VAL D 510 12.18 31.00 36.78
N GLU D 511 12.88 29.95 37.17
CA GLU D 511 13.85 30.00 38.27
C GLU D 511 15.25 30.10 37.70
N THR D 512 15.93 31.21 37.98
CA THR D 512 17.27 31.46 37.46
C THR D 512 18.31 31.31 38.56
N GLU D 513 19.56 31.10 38.13
CA GLU D 513 20.69 30.99 39.03
C GLU D 513 21.94 31.34 38.23
N VAL D 514 22.77 32.23 38.77
CA VAL D 514 23.91 32.79 38.05
C VAL D 514 25.19 32.22 38.63
N PHE D 515 26.00 31.61 37.77
CA PHE D 515 27.35 31.16 38.11
C PHE D 515 28.34 32.12 37.45
N PHE D 516 28.97 32.97 38.24
CA PHE D 516 29.77 34.08 37.74
C PHE D 516 31.25 33.94 38.11
N GLU D 517 31.71 32.71 38.34
CA GLU D 517 33.04 32.47 38.89
C GLU D 517 33.95 31.76 37.89
N VAL D 518 33.98 32.25 36.65
CA VAL D 518 34.94 31.77 35.66
C VAL D 518 36.05 32.80 35.52
N GLU D 519 37.14 32.40 34.88
CA GLU D 519 38.33 33.22 34.73
C GLU D 519 38.59 33.48 33.25
N ALA D 520 39.76 34.08 32.97
CA ALA D 520 40.15 34.36 31.58
C ALA D 520 40.44 33.07 30.83
N ASP D 521 40.94 32.05 31.53
CA ASP D 521 41.10 30.72 30.96
C ASP D 521 40.33 29.72 31.80
N PRO D 522 39.45 28.92 31.21
CA PRO D 522 38.57 28.06 32.01
C PRO D 522 39.23 26.76 32.44
N THR D 523 39.94 26.79 33.58
CA THR D 523 40.58 25.60 34.11
C THR D 523 39.55 24.57 34.55
N LEU D 524 40.01 23.33 34.73
CA LEU D 524 39.12 22.23 35.07
C LEU D 524 38.57 22.34 36.49
N SER D 525 39.24 23.09 37.36
CA SER D 525 38.79 23.20 38.75
C SER D 525 37.53 24.03 38.89
N ILE D 526 37.34 25.03 38.02
CA ILE D 526 36.17 25.91 38.12
C ILE D 526 35.06 25.39 37.21
N VAL D 527 35.30 24.26 36.57
CA VAL D 527 34.25 23.59 35.79
C VAL D 527 33.45 22.64 36.68
N ARG D 528 34.15 21.84 37.50
CA ARG D 528 33.49 20.94 38.43
C ARG D 528 32.82 21.68 39.59
N LYS D 529 33.19 22.94 39.82
CA LYS D 529 32.42 23.76 40.76
C LYS D 529 31.06 24.12 40.17
N GLY D 530 31.03 24.51 38.89
CA GLY D 530 29.76 24.80 38.25
C GLY D 530 28.94 23.56 37.97
N ALA D 531 29.61 22.43 37.75
CA ALA D 531 28.88 21.17 37.57
C ALA D 531 28.28 20.69 38.89
N GLU D 532 28.91 21.03 40.01
CA GLU D 532 28.33 20.74 41.31
C GLU D 532 27.12 21.63 41.58
N LEU D 533 27.17 22.88 41.10
CA LEU D 533 26.01 23.77 41.20
C LEU D 533 24.89 23.33 40.27
N ALA D 534 25.22 22.64 39.17
CA ALA D 534 24.24 22.27 38.18
C ALA D 534 23.31 21.18 38.70
N ASN D 535 23.87 20.05 39.16
CA ASN D 535 23.04 18.94 39.61
C ASN D 535 22.45 19.16 41.00
N SER D 536 22.82 20.23 41.70
CA SER D 536 22.14 20.63 42.91
C SER D 536 20.98 21.59 42.64
N PHE D 537 20.97 22.22 41.47
CA PHE D 537 19.89 23.11 41.05
C PHE D 537 18.96 22.47 40.03
N LYS D 538 19.50 21.54 39.22
CA LYS D 538 18.82 20.79 38.15
C LYS D 538 18.12 21.71 37.14
N PRO D 539 18.86 22.42 36.30
CA PRO D 539 18.22 23.33 35.34
C PRO D 539 17.75 22.58 34.10
N ASP D 540 17.04 23.31 33.24
CA ASP D 540 16.60 22.79 31.96
C ASP D 540 17.25 23.49 30.77
N VAL D 541 17.87 24.65 30.99
CA VAL D 541 18.52 25.43 29.94
C VAL D 541 19.76 26.06 30.54
N ILE D 542 20.88 25.94 29.85
CA ILE D 542 22.14 26.54 30.27
C ILE D 542 22.45 27.69 29.32
N ILE D 543 22.41 28.91 29.83
CA ILE D 543 22.70 30.11 29.05
C ILE D 543 24.15 30.50 29.30
N ALA D 544 24.96 30.48 28.24
CA ALA D 544 26.38 30.77 28.33
C ALA D 544 26.63 32.21 27.89
N LEU D 545 26.33 33.14 28.79
CA LEU D 545 26.58 34.56 28.52
C LEU D 545 28.06 34.86 28.68
N GLY D 546 28.67 35.38 27.65
CA GLY D 546 30.09 35.67 27.66
C GLY D 546 30.68 35.50 26.28
N GLY D 547 31.92 35.94 26.14
CA GLY D 547 32.56 35.92 24.84
C GLY D 547 33.39 34.68 24.54
N GLY D 548 34.33 34.37 25.41
CA GLY D 548 35.18 33.21 25.24
C GLY D 548 35.00 32.16 26.31
N SER D 549 35.93 32.16 27.28
CA SER D 549 35.99 31.28 28.45
C SER D 549 34.71 31.11 29.27
N PRO D 550 33.78 32.08 29.36
CA PRO D 550 32.47 31.72 29.94
C PRO D 550 31.66 30.74 29.11
N MET D 551 31.90 30.66 27.80
CA MET D 551 31.17 29.70 26.97
C MET D 551 31.85 28.33 26.93
N ASP D 552 33.18 28.29 27.01
CA ASP D 552 33.87 27.01 27.00
C ASP D 552 33.71 26.28 28.33
N ALA D 553 33.62 27.02 29.43
CA ALA D 553 33.38 26.40 30.73
C ALA D 553 31.94 25.92 30.86
N ALA D 554 31.01 26.51 30.10
CA ALA D 554 29.62 26.09 30.17
C ALA D 554 29.36 24.85 29.32
N LYS D 555 30.13 24.65 28.26
CA LYS D 555 29.97 23.47 27.42
C LYS D 555 30.45 22.21 28.15
N ILE D 556 31.49 22.34 28.96
CA ILE D 556 32.04 21.16 29.64
C ILE D 556 31.24 20.84 30.88
N MET D 557 30.74 21.86 31.59
CA MET D 557 29.80 21.60 32.67
C MET D 557 28.42 21.20 32.17
N TRP D 558 28.16 21.36 30.87
CA TRP D 558 26.99 20.71 30.27
C TRP D 558 27.21 19.21 30.12
N VAL D 559 28.46 18.78 29.93
CA VAL D 559 28.76 17.36 29.82
C VAL D 559 28.68 16.70 31.19
N MET D 560 29.33 17.29 32.19
CA MET D 560 29.40 16.69 33.52
C MET D 560 28.10 16.83 34.30
N TYR D 561 27.15 17.62 33.82
CA TYR D 561 25.80 17.58 34.37
C TYR D 561 24.94 16.54 33.68
N GLU D 562 25.15 16.33 32.37
CA GLU D 562 24.39 15.33 31.63
C GLU D 562 24.87 13.93 31.94
N HIS D 563 26.19 13.72 31.92
CA HIS D 563 26.80 12.42 32.23
C HIS D 563 27.90 12.65 33.25
N PRO D 564 27.62 12.48 34.53
CA PRO D 564 28.57 12.89 35.58
C PRO D 564 29.70 11.91 35.87
N GLU D 565 29.87 10.88 35.04
CA GLU D 565 30.93 9.91 35.25
C GLU D 565 31.99 9.97 34.16
N THR D 566 31.95 10.98 33.30
CA THR D 566 32.92 11.09 32.21
C THR D 566 34.26 11.57 32.75
N HIS D 567 35.34 11.06 32.16
CA HIS D 567 36.70 11.42 32.53
C HIS D 567 37.23 12.48 31.58
N PHE D 568 37.96 13.45 32.13
CA PHE D 568 38.56 14.48 31.30
C PHE D 568 39.74 13.94 30.49
N GLU D 569 40.38 12.88 30.98
CA GLU D 569 41.50 12.27 30.28
C GLU D 569 41.09 11.55 29.00
N GLU D 570 39.80 11.26 28.83
CA GLU D 570 39.29 10.65 27.62
C GLU D 570 38.66 11.66 26.67
N LEU D 571 38.22 12.81 27.17
CA LEU D 571 37.74 13.87 26.30
C LEU D 571 38.90 14.52 25.55
N ALA D 572 40.06 14.63 26.19
CA ALA D 572 41.22 15.31 25.63
C ALA D 572 42.10 14.40 24.79
N LEU D 573 41.64 13.19 24.47
CA LEU D 573 42.44 12.30 23.64
C LEU D 573 42.40 12.77 22.19
N ARG D 574 43.58 12.91 21.59
CA ARG D 574 43.69 13.42 20.23
C ARG D 574 43.31 12.33 19.24
N PHE D 575 42.32 12.61 18.40
CA PHE D 575 41.91 11.66 17.37
C PHE D 575 42.70 11.91 16.09
N MET D 576 42.56 10.97 15.15
CA MET D 576 43.04 11.16 13.79
C MET D 576 41.95 11.62 12.85
N ASP D 577 40.69 11.28 13.15
CA ASP D 577 39.54 11.67 12.35
C ASP D 577 38.29 11.51 13.20
N ILE D 578 37.42 12.52 13.18
CA ILE D 578 36.10 12.36 13.80
C ILE D 578 35.26 11.39 12.97
N ARG D 579 34.26 10.81 13.62
CA ARG D 579 33.45 9.65 13.24
C ARG D 579 34.25 8.36 13.21
N LYS D 580 35.53 8.38 13.64
CA LYS D 580 36.34 7.19 13.81
C LYS D 580 37.16 7.27 15.09
N ARG D 581 36.80 8.16 16.01
CA ARG D 581 37.52 8.30 17.25
C ARG D 581 37.13 7.19 18.22
N ILE D 582 37.92 7.06 19.29
CA ILE D 582 37.74 5.96 20.23
C ILE D 582 36.64 6.28 21.23
N TYR D 583 36.72 7.44 21.89
CA TYR D 583 35.73 7.84 22.87
C TYR D 583 34.63 8.62 22.16
N LYS D 584 33.50 7.96 21.91
CA LYS D 584 32.33 8.66 21.41
C LYS D 584 31.69 9.48 22.52
N PHE D 585 31.39 10.74 22.21
CA PHE D 585 30.65 11.56 23.15
C PHE D 585 29.22 11.05 23.26
N PRO D 586 28.66 10.97 24.46
CA PRO D 586 27.28 10.51 24.60
C PRO D 586 26.30 11.55 24.08
N LYS D 587 25.09 11.07 23.79
CA LYS D 587 24.05 11.93 23.24
C LYS D 587 23.54 12.88 24.33
N MET D 588 23.76 14.17 24.14
CA MET D 588 23.39 15.17 25.12
C MET D 588 22.12 15.90 24.69
N GLY D 589 21.63 16.76 25.58
CA GLY D 589 20.37 17.42 25.36
C GLY D 589 19.16 16.65 25.84
N VAL D 590 19.36 15.66 26.70
CA VAL D 590 18.24 14.85 27.19
C VAL D 590 17.58 15.48 28.42
N LYS D 591 18.27 16.39 29.11
CA LYS D 591 17.65 17.13 30.21
C LYS D 591 18.08 18.58 30.30
N ALA D 592 18.89 19.08 29.36
CA ALA D 592 19.38 20.46 29.43
C ALA D 592 19.73 20.93 28.02
N LYS D 593 19.11 22.01 27.58
CA LYS D 593 19.47 22.67 26.34
C LYS D 593 20.56 23.70 26.60
N MET D 594 21.19 24.16 25.52
CA MET D 594 22.29 25.11 25.59
C MET D 594 21.97 26.33 24.75
N ILE D 595 21.93 27.51 25.38
CA ILE D 595 21.78 28.78 24.70
C ILE D 595 23.11 29.51 24.81
N ALA D 596 23.52 30.17 23.73
CA ALA D 596 24.88 30.72 23.61
C ALA D 596 24.80 32.19 23.22
N VAL D 597 24.74 33.07 24.21
CA VAL D 597 24.74 34.51 23.99
C VAL D 597 26.19 35.00 24.04
N THR D 598 26.65 35.63 22.97
CA THR D 598 28.03 36.09 22.88
C THR D 598 28.13 37.58 23.15
N THR D 599 29.27 37.98 23.73
CA THR D 599 29.53 39.39 24.05
C THR D 599 30.74 39.95 23.32
N THR D 600 31.85 39.22 23.25
CA THR D 600 33.00 39.69 22.51
C THR D 600 32.82 39.41 21.03
N SER D 601 33.47 40.24 20.21
CA SER D 601 33.35 40.16 18.76
C SER D 601 34.56 39.49 18.11
N GLY D 602 35.19 38.53 18.79
CA GLY D 602 36.31 37.85 18.20
C GLY D 602 36.21 36.35 18.06
N THR D 603 35.48 35.71 18.98
CA THR D 603 35.44 34.25 19.05
C THR D 603 34.04 33.78 18.69
N GLY D 604 33.96 32.92 17.67
CA GLY D 604 32.70 32.32 17.28
C GLY D 604 32.42 31.02 18.00
N SER D 605 32.57 31.00 19.32
CA SER D 605 32.37 29.78 20.09
C SER D 605 30.89 29.42 20.25
N GLU D 606 29.97 30.27 19.81
CA GLU D 606 28.55 29.98 19.89
C GLU D 606 28.06 29.04 18.80
N VAL D 607 28.84 28.82 17.76
CA VAL D 607 28.46 27.93 16.67
C VAL D 607 29.45 26.79 16.46
N THR D 608 30.58 26.79 17.13
CA THR D 608 31.60 25.79 16.90
C THR D 608 31.54 24.71 17.97
N PRO D 609 31.90 23.45 17.62
CA PRO D 609 31.98 22.37 18.61
C PRO D 609 33.32 22.31 19.34
N PHE D 610 33.78 23.45 19.83
CA PHE D 610 35.05 23.54 20.53
C PHE D 610 34.85 24.01 21.95
N ALA D 611 35.77 23.60 22.83
CA ALA D 611 35.78 24.04 24.22
C ALA D 611 37.21 23.91 24.72
N VAL D 612 37.93 25.02 24.78
CA VAL D 612 39.34 25.01 25.18
C VAL D 612 39.38 25.21 26.69
N VAL D 613 39.73 24.15 27.41
CA VAL D 613 39.78 24.18 28.87
C VAL D 613 41.16 23.72 29.32
N THR D 614 41.62 24.28 30.45
CA THR D 614 42.92 23.98 31.00
C THR D 614 42.81 22.83 31.99
N ASP D 615 43.85 21.98 32.01
CA ASP D 615 43.82 20.79 32.85
C ASP D 615 44.00 21.13 34.33
N ASP D 616 44.71 22.22 34.62
CA ASP D 616 44.96 22.82 35.94
C ASP D 616 45.87 21.98 36.84
N ALA D 617 46.30 20.79 36.40
CA ALA D 617 47.27 19.99 37.12
C ALA D 617 48.64 19.98 36.48
N THR D 618 48.70 20.04 35.15
CA THR D 618 49.95 20.16 34.43
C THR D 618 50.07 21.46 33.64
N GLY D 619 49.00 22.24 33.53
CA GLY D 619 49.04 23.49 32.80
C GLY D 619 49.07 23.32 31.30
N GLN D 620 48.05 22.65 30.76
CA GLN D 620 47.96 22.38 29.33
C GLN D 620 46.58 22.78 28.82
N LYS D 621 46.55 23.44 27.67
CA LYS D 621 45.30 23.81 27.03
C LYS D 621 44.89 22.69 26.08
N TYR D 622 43.67 22.18 26.25
CA TYR D 622 43.17 21.04 25.47
C TYR D 622 41.94 21.44 24.67
N PRO D 623 42.04 21.56 23.35
CA PRO D 623 40.84 21.85 22.54
C PRO D 623 39.98 20.62 22.39
N LEU D 624 38.82 20.59 23.06
CA LEU D 624 37.94 19.44 23.01
C LEU D 624 36.95 19.62 21.87
N ALA D 625 36.94 18.68 20.93
CA ALA D 625 36.21 18.86 19.67
C ALA D 625 35.36 17.64 19.38
N ASP D 626 34.04 17.79 19.51
CA ASP D 626 33.07 16.86 18.98
C ASP D 626 31.74 17.60 18.84
N TYR D 627 30.96 17.20 17.83
CA TYR D 627 29.78 17.94 17.43
C TYR D 627 28.58 17.77 18.37
N ALA D 628 28.73 17.07 19.49
CA ALA D 628 27.73 17.11 20.54
C ALA D 628 27.82 18.36 21.40
N LEU D 629 28.91 19.12 21.27
CA LEU D 629 29.10 20.36 22.02
C LEU D 629 28.52 21.57 21.30
N THR D 630 27.85 21.37 20.17
CA THR D 630 27.25 22.49 19.47
C THR D 630 26.01 22.96 20.22
N PRO D 631 25.85 24.26 20.44
CA PRO D 631 24.67 24.76 21.16
C PRO D 631 23.40 24.62 20.34
N ASP D 632 22.27 24.69 21.03
CA ASP D 632 20.97 24.60 20.39
C ASP D 632 20.47 25.95 19.87
N MET D 633 21.06 27.05 20.32
CA MET D 633 20.65 28.38 19.89
C MET D 633 21.81 29.34 20.15
N ALA D 634 22.19 30.10 19.13
CA ALA D 634 23.23 31.10 19.25
C ALA D 634 22.62 32.48 19.04
N ILE D 635 22.81 33.36 20.02
CA ILE D 635 22.25 34.71 19.99
C ILE D 635 23.42 35.69 19.83
N VAL D 636 23.53 36.29 18.65
CA VAL D 636 24.61 37.24 18.39
C VAL D 636 24.01 38.63 18.20
N ASP D 637 23.94 39.41 19.27
CA ASP D 637 23.43 40.77 19.20
C ASP D 637 24.53 41.76 19.57
N ALA D 638 24.49 42.92 18.93
CA ALA D 638 25.55 43.91 19.04
C ALA D 638 25.28 44.95 20.12
N ASN D 639 24.25 44.77 20.94
CA ASN D 639 24.04 45.69 22.06
C ASN D 639 24.97 45.41 23.22
N LEU D 640 25.53 44.20 23.29
CA LEU D 640 26.47 43.82 24.34
C LEU D 640 27.92 44.10 23.96
N VAL D 641 28.17 44.57 22.75
CA VAL D 641 29.52 44.75 22.20
C VAL D 641 29.92 46.21 22.09
N MET D 642 29.01 47.14 22.37
CA MET D 642 29.28 48.56 22.15
C MET D 642 30.28 49.11 23.15
N ASP D 643 30.16 48.75 24.42
CA ASP D 643 31.03 49.28 25.47
C ASP D 643 32.29 48.46 25.68
N MET D 644 32.73 47.73 24.66
CA MET D 644 33.95 46.93 24.71
C MET D 644 35.18 47.84 24.59
N PRO D 645 36.21 47.63 25.40
CA PRO D 645 37.41 48.48 25.33
C PRO D 645 38.22 48.22 24.07
N LYS D 646 39.21 49.10 23.86
CA LYS D 646 40.00 49.06 22.64
C LYS D 646 41.00 47.89 22.62
N SER D 647 41.43 47.43 23.80
CA SER D 647 42.36 46.30 23.83
C SER D 647 41.67 44.99 23.50
N LEU D 648 40.40 44.87 23.85
CA LEU D 648 39.64 43.65 23.55
C LEU D 648 39.10 43.65 22.13
N CYS D 649 38.85 44.83 21.56
CA CYS D 649 38.37 44.89 20.18
C CYS D 649 39.47 44.57 19.19
N ALA D 650 40.71 44.96 19.48
CA ALA D 650 41.82 44.67 18.58
C ALA D 650 42.30 43.23 18.73
N PHE D 651 42.22 42.67 19.94
CA PHE D 651 42.62 41.28 20.13
C PHE D 651 41.61 40.33 19.52
N GLY D 652 40.32 40.68 19.59
CA GLY D 652 39.29 39.85 19.04
C GLY D 652 39.20 39.89 17.53
N GLY D 653 39.20 41.10 16.97
CA GLY D 653 39.02 41.25 15.54
C GLY D 653 40.15 40.69 14.71
N LEU D 654 41.37 40.70 15.25
CA LEU D 654 42.49 40.05 14.58
C LEU D 654 42.51 38.55 14.80
N ASP D 655 41.83 38.06 15.84
CA ASP D 655 41.68 36.63 16.02
C ASP D 655 40.71 36.05 15.01
N ALA D 656 39.64 36.79 14.70
CA ALA D 656 38.66 36.34 13.72
C ALA D 656 39.17 36.43 12.28
N VAL D 657 40.23 37.19 12.03
CA VAL D 657 40.88 37.15 10.73
C VAL D 657 41.60 35.82 10.55
N THR D 658 42.29 35.36 11.60
CA THR D 658 42.97 34.08 11.53
C THR D 658 42.01 32.90 11.57
N HIS D 659 40.79 33.11 12.04
CA HIS D 659 39.79 32.04 12.00
C HIS D 659 39.34 31.77 10.58
N ALA D 660 39.08 32.83 9.80
CA ALA D 660 38.62 32.66 8.43
C ALA D 660 39.75 32.40 7.45
N MET D 661 41.00 32.63 7.86
CA MET D 661 42.14 32.43 6.98
C MET D 661 42.69 31.01 7.06
N GLU D 662 42.56 30.35 8.21
CA GLU D 662 42.97 28.96 8.34
C GLU D 662 41.89 27.99 7.92
N ALA D 663 40.63 28.39 8.02
CA ALA D 663 39.52 27.55 7.58
C ALA D 663 39.32 27.56 6.08
N TYR D 664 39.99 28.45 5.35
CA TYR D 664 39.88 28.50 3.89
C TYR D 664 40.95 27.68 3.20
N VAL D 665 42.12 27.53 3.82
CA VAL D 665 43.22 26.78 3.22
C VAL D 665 43.32 25.36 3.75
N SER D 666 42.48 24.98 4.71
CA SER D 666 42.53 23.67 5.34
C SER D 666 42.14 22.58 4.35
N VAL D 667 42.46 21.34 4.73
CA VAL D 667 42.14 20.20 3.86
C VAL D 667 40.67 19.81 3.96
N LEU D 668 39.99 20.17 5.04
CA LEU D 668 38.56 19.92 5.16
C LEU D 668 37.72 21.05 4.59
N ALA D 669 38.35 22.05 3.97
CA ALA D 669 37.64 23.18 3.39
C ALA D 669 36.95 22.76 2.10
N SER D 670 35.63 22.68 2.12
CA SER D 670 34.83 22.33 0.97
C SER D 670 34.20 23.59 0.38
N GLU D 671 33.29 23.41 -0.58
CA GLU D 671 32.61 24.54 -1.19
C GLU D 671 31.52 25.13 -0.30
N PHE D 672 31.15 24.45 0.77
CA PHE D 672 30.12 24.96 1.68
C PHE D 672 30.68 26.01 2.63
N SER D 673 31.94 25.89 3.01
CA SER D 673 32.57 26.79 3.97
C SER D 673 33.64 27.67 3.33
N ASP D 674 33.62 27.82 2.01
CA ASP D 674 34.51 28.75 1.34
C ASP D 674 33.86 30.12 1.12
N GLY D 675 32.53 30.14 1.01
CA GLY D 675 31.84 31.41 0.91
C GLY D 675 31.82 32.15 2.23
N GLN D 676 31.61 31.42 3.34
CA GLN D 676 31.57 32.05 4.65
C GLN D 676 32.97 32.44 5.13
N ALA D 677 34.01 31.75 4.64
CA ALA D 677 35.36 32.11 5.02
C ALA D 677 35.82 33.39 4.30
N LEU D 678 35.30 33.63 3.10
CA LEU D 678 35.65 34.83 2.35
C LEU D 678 34.74 36.01 2.69
N GLN D 679 33.50 35.74 3.10
CA GLN D 679 32.62 36.82 3.53
C GLN D 679 33.07 37.42 4.84
N ALA D 680 33.61 36.59 5.75
CA ALA D 680 34.10 37.08 7.02
C ALA D 680 35.40 37.85 6.89
N LEU D 681 36.13 37.68 5.79
CA LEU D 681 37.32 38.47 5.54
C LEU D 681 37.02 39.76 4.80
N LYS D 682 35.91 39.81 4.05
CA LYS D 682 35.51 41.05 3.39
C LYS D 682 35.01 42.06 4.41
N LEU D 683 34.24 41.60 5.40
CA LEU D 683 33.70 42.51 6.41
C LEU D 683 34.77 42.96 7.40
N LEU D 684 35.73 42.09 7.71
CA LEU D 684 36.81 42.44 8.63
C LEU D 684 37.89 43.29 7.97
N LYS D 685 37.85 43.46 6.66
CA LYS D 685 38.78 44.36 5.99
C LYS D 685 38.27 45.80 5.99
N GLU D 686 36.95 45.97 5.83
CA GLU D 686 36.37 47.30 5.66
C GLU D 686 35.95 47.96 6.96
N TYR D 687 35.65 47.19 8.00
CA TYR D 687 35.06 47.75 9.22
C TYR D 687 35.92 47.61 10.46
N LEU D 688 36.90 46.72 10.48
CA LEU D 688 37.74 46.54 11.67
C LEU D 688 38.68 47.73 11.94
N PRO D 689 39.27 48.40 10.94
CA PRO D 689 39.89 49.71 11.27
C PRO D 689 38.88 50.75 11.73
N ALA D 690 37.66 50.73 11.20
CA ALA D 690 36.66 51.71 11.61
C ALA D 690 36.11 51.42 13.00
N SER D 691 36.01 50.14 13.37
CA SER D 691 35.48 49.77 14.67
C SER D 691 36.48 49.94 15.80
N TYR D 692 37.76 50.12 15.50
CA TYR D 692 38.78 50.30 16.53
C TYR D 692 38.98 51.77 16.87
N HIS D 693 39.15 52.59 15.84
CA HIS D 693 39.37 54.01 16.04
C HIS D 693 38.08 54.69 16.45
N GLU D 694 37.04 54.54 15.63
CA GLU D 694 35.75 55.15 15.91
C GLU D 694 35.05 54.57 17.13
N GLY D 695 35.31 53.30 17.42
CA GLY D 695 34.74 52.65 18.58
C GLY D 695 33.24 52.73 18.60
N SER D 696 32.70 53.19 19.72
CA SER D 696 31.25 53.10 19.96
C SER D 696 30.47 54.28 19.40
N LYS D 697 31.15 55.20 18.73
CA LYS D 697 30.54 56.35 18.10
C LYS D 697 30.12 56.02 16.66
N ASN D 698 30.48 54.83 16.21
CA ASN D 698 30.16 54.35 14.88
C ASN D 698 29.60 52.95 15.02
N PRO D 699 28.37 52.85 15.53
CA PRO D 699 27.67 51.59 15.79
C PRO D 699 27.48 50.69 14.58
N VAL D 700 27.38 51.23 13.37
CA VAL D 700 27.18 50.37 12.22
C VAL D 700 28.46 49.64 11.83
N ALA D 701 29.60 50.07 12.36
CA ALA D 701 30.86 49.35 12.15
C ALA D 701 31.15 48.37 13.27
N ARG D 702 30.70 48.67 14.49
CA ARG D 702 30.82 47.73 15.60
C ARG D 702 29.87 46.55 15.45
N GLU D 703 28.81 46.70 14.66
CA GLU D 703 27.86 45.61 14.45
C GLU D 703 28.37 44.64 13.39
N ARG D 704 29.02 45.14 12.34
CA ARG D 704 29.49 44.27 11.27
C ARG D 704 30.68 43.42 11.71
N VAL D 705 31.52 43.94 12.61
CA VAL D 705 32.62 43.14 13.13
C VAL D 705 32.08 42.04 14.05
N HIS D 706 31.04 42.34 14.81
CA HIS D 706 30.43 41.34 15.68
C HIS D 706 29.71 40.26 14.89
N SER D 707 29.27 40.57 13.68
CA SER D 707 28.69 39.56 12.82
C SER D 707 29.76 38.79 12.05
N ALA D 708 30.87 39.45 11.69
CA ALA D 708 31.93 38.79 10.93
C ALA D 708 32.71 37.78 11.76
N ALA D 709 32.70 37.91 13.08
CA ALA D 709 33.31 36.88 13.91
C ALA D 709 32.50 35.60 13.93
N THR D 710 31.17 35.72 13.87
CA THR D 710 30.32 34.54 13.84
C THR D 710 30.31 33.89 12.46
N ILE D 711 30.42 34.68 11.39
CA ILE D 711 30.50 34.13 10.04
C ILE D 711 31.80 33.35 9.86
N ALA D 712 32.89 33.84 10.46
CA ALA D 712 34.11 33.05 10.52
C ALA D 712 33.95 31.81 11.39
N GLY D 713 33.05 31.87 12.37
CA GLY D 713 32.74 30.70 13.16
C GLY D 713 31.97 29.64 12.40
N ILE D 714 31.25 30.04 11.35
CA ILE D 714 30.63 29.05 10.47
C ILE D 714 31.71 28.34 9.66
N ALA D 715 32.82 29.01 9.38
CA ALA D 715 33.85 28.44 8.53
C ALA D 715 34.66 27.37 9.25
N PHE D 716 35.14 27.64 10.46
CA PHE D 716 36.01 26.70 11.13
C PHE D 716 35.28 25.77 12.08
N ALA D 717 33.94 25.79 12.10
CA ALA D 717 33.19 24.73 12.77
C ALA D 717 33.19 23.45 11.94
N ASN D 718 33.31 23.57 10.63
CA ASN D 718 33.25 22.42 9.73
C ASN D 718 34.56 22.13 9.02
N ALA D 719 35.48 23.09 8.98
CA ALA D 719 36.82 22.89 8.41
C ALA D 719 37.80 23.50 9.40
N PHE D 720 38.44 22.64 10.20
CA PHE D 720 39.13 23.04 11.41
C PHE D 720 40.39 23.84 11.11
N LEU D 721 40.93 24.46 12.16
CA LEU D 721 42.07 25.35 12.04
C LEU D 721 43.35 24.57 11.77
N GLY D 722 44.38 25.30 11.38
CA GLY D 722 45.67 24.73 11.06
C GLY D 722 46.65 24.79 12.21
N VAL D 723 47.93 24.97 11.86
CA VAL D 723 49.00 24.87 12.86
C VAL D 723 49.21 26.17 13.63
N CYS D 724 48.60 27.27 13.21
CA CYS D 724 48.79 28.54 13.92
C CYS D 724 48.07 28.52 15.26
N HIS D 725 46.87 27.94 15.31
CA HIS D 725 46.16 27.81 16.58
C HIS D 725 46.72 26.68 17.44
N SER D 726 47.46 25.76 16.85
CA SER D 726 48.11 24.71 17.64
C SER D 726 49.25 25.27 18.48
N MET D 727 50.00 26.22 17.91
CA MET D 727 51.06 26.88 18.67
C MET D 727 50.52 27.98 19.56
N ALA D 728 49.40 28.61 19.17
CA ALA D 728 48.85 29.69 19.97
C ALA D 728 48.18 29.20 21.25
N HIS D 729 47.74 27.94 21.28
CA HIS D 729 47.20 27.39 22.52
C HIS D 729 48.30 27.08 23.52
N LYS D 730 49.50 26.76 23.04
CA LYS D 730 50.62 26.48 23.94
C LYS D 730 51.35 27.76 24.32
N LEU D 731 51.49 28.70 23.38
CA LEU D 731 52.11 29.97 23.68
C LEU D 731 51.26 30.81 24.63
N GLY D 732 49.94 30.67 24.56
CA GLY D 732 49.06 31.42 25.44
C GLY D 732 48.90 30.83 26.82
N SER D 733 49.10 29.53 26.97
CA SER D 733 48.98 28.88 28.27
C SER D 733 50.28 28.83 29.05
N GLN D 734 51.41 29.12 28.40
CA GLN D 734 52.71 29.07 29.07
C GLN D 734 53.11 30.41 29.65
N PHE D 735 52.93 31.49 28.88
CA PHE D 735 53.35 32.83 29.30
C PHE D 735 52.16 33.75 29.57
N HIS D 736 50.95 33.20 29.65
CA HIS D 736 49.70 33.92 29.95
C HIS D 736 49.40 35.02 28.94
N ILE D 737 49.81 34.82 27.69
CA ILE D 737 49.41 35.73 26.61
C ILE D 737 47.94 35.47 26.28
N PRO D 738 47.11 36.50 26.17
CA PRO D 738 45.69 36.27 25.88
C PRO D 738 45.47 35.78 24.45
N HIS D 739 44.49 34.91 24.30
CA HIS D 739 44.15 34.37 22.98
C HIS D 739 43.56 35.47 22.11
N GLY D 740 44.13 35.63 20.92
CA GLY D 740 43.82 36.77 20.08
C GLY D 740 45.05 37.61 19.88
N LEU D 741 45.88 37.70 20.92
CA LEU D 741 47.19 38.31 20.79
C LEU D 741 48.24 37.29 20.35
N ALA D 742 48.06 36.03 20.74
CA ALA D 742 49.05 34.99 20.45
C ALA D 742 49.06 34.63 18.97
N ASN D 743 47.88 34.32 18.42
CA ASN D 743 47.80 33.94 17.01
C ASN D 743 47.87 35.14 16.07
N ALA D 744 47.81 36.37 16.59
CA ALA D 744 48.04 37.54 15.76
C ALA D 744 49.53 37.73 15.48
N LEU D 745 50.40 37.41 16.43
CA LEU D 745 51.83 37.46 16.19
C LEU D 745 52.28 36.35 15.25
N LEU D 746 51.58 35.22 15.28
CA LEU D 746 52.02 34.01 14.60
C LEU D 746 51.56 33.91 13.15
N ILE D 747 50.52 34.67 12.77
CA ILE D 747 49.85 34.44 11.50
C ILE D 747 50.71 34.86 10.31
N CYS D 748 51.61 35.85 10.49
CA CYS D 748 52.43 36.30 9.38
C CYS D 748 53.54 35.32 9.04
N ASN D 749 53.88 34.40 9.94
CA ASN D 749 54.89 33.38 9.65
C ASN D 749 54.27 32.07 9.17
N VAL D 750 53.06 31.74 9.64
CA VAL D 750 52.39 30.53 9.19
C VAL D 750 51.96 30.66 7.73
N ILE D 751 51.63 31.88 7.30
CA ILE D 751 51.30 32.12 5.89
C ILE D 751 52.52 31.91 5.01
N ARG D 752 53.69 32.39 5.45
CA ARG D 752 54.93 32.08 4.74
C ARG D 752 55.33 30.62 4.91
N TYR D 753 54.85 29.94 5.95
CA TYR D 753 55.17 28.54 6.14
C TYR D 753 54.32 27.64 5.24
N ASN D 754 53.02 27.94 5.13
CA ASN D 754 52.13 27.07 4.38
C ASN D 754 52.21 27.30 2.87
N ALA D 755 52.53 28.52 2.44
CA ALA D 755 52.54 28.84 1.01
C ALA D 755 53.85 28.36 0.39
N ASN D 756 53.93 27.05 0.17
CA ASN D 756 55.07 26.43 -0.48
C ASN D 756 54.59 25.56 -1.63
N ASP D 757 55.35 25.56 -2.72
CA ASP D 757 55.00 24.72 -3.87
C ASP D 757 55.29 23.25 -3.57
N ASN D 758 56.50 22.95 -3.10
CA ASN D 758 56.91 21.59 -2.75
C ASN D 758 57.29 21.56 -1.27
N PRO D 759 56.32 21.41 -0.38
CA PRO D 759 56.64 21.37 1.05
C PRO D 759 57.10 19.98 1.47
N THR D 760 57.90 19.96 2.53
CA THR D 760 58.28 18.70 3.14
C THR D 760 57.10 18.15 3.93
N LYS D 761 56.72 16.90 3.61
CA LYS D 761 55.68 16.13 4.29
C LYS D 761 54.32 16.84 4.24
N GLN D 762 53.78 16.92 3.02
CA GLN D 762 52.39 17.33 2.86
C GLN D 762 51.47 16.27 3.44
N THR D 763 50.29 16.71 3.89
CA THR D 763 49.42 15.83 4.67
C THR D 763 48.63 14.89 3.75
N ALA D 764 48.01 13.90 4.39
CA ALA D 764 47.31 12.84 3.67
C ALA D 764 45.80 13.06 3.81
N PHE D 765 45.14 13.28 2.68
CA PHE D 765 43.69 13.38 2.63
C PHE D 765 43.23 13.04 1.23
N SER D 766 42.09 12.35 1.14
CA SER D 766 41.58 11.92 -0.17
C SER D 766 41.03 13.08 -0.98
N GLN D 767 40.48 14.10 -0.31
CA GLN D 767 39.97 15.26 -1.03
C GLN D 767 41.11 16.17 -1.50
N TYR D 768 42.19 16.24 -0.73
CA TYR D 768 43.30 17.13 -1.05
C TYR D 768 44.09 16.55 -2.21
N ASP D 769 44.09 17.24 -3.35
CA ASP D 769 44.72 16.73 -4.55
C ASP D 769 46.24 16.80 -4.46
N ARG D 770 46.77 18.00 -4.27
CA ARG D 770 48.19 18.28 -4.23
C ARG D 770 48.40 19.39 -3.22
N PRO D 771 49.65 19.70 -2.79
CA PRO D 771 49.85 20.93 -2.02
C PRO D 771 49.52 22.17 -2.83
N GLN D 772 48.39 22.80 -2.49
CA GLN D 772 47.86 23.94 -3.21
C GLN D 772 47.44 25.05 -2.25
N ALA D 773 48.17 25.21 -1.15
CA ALA D 773 47.87 26.28 -0.20
C ALA D 773 48.34 27.64 -0.71
N ARG D 774 49.25 27.66 -1.68
CA ARG D 774 49.70 28.93 -2.22
C ARG D 774 48.69 29.53 -3.19
N ARG D 775 47.90 28.68 -3.85
CA ARG D 775 46.87 29.20 -4.75
C ARG D 775 45.68 29.76 -3.98
N ARG D 776 45.30 29.09 -2.89
CA ARG D 776 44.16 29.54 -2.10
C ARG D 776 44.48 30.79 -1.29
N TYR D 777 45.75 31.01 -0.96
CA TYR D 777 46.15 32.29 -0.37
C TYR D 777 46.13 33.42 -1.39
N ALA D 778 46.28 33.10 -2.67
CA ALA D 778 46.16 34.10 -3.72
C ALA D 778 44.71 34.37 -4.09
N GLU D 779 43.80 33.44 -3.79
CA GLU D 779 42.38 33.68 -4.00
C GLU D 779 41.78 34.59 -2.93
N ILE D 780 42.46 34.74 -1.79
CA ILE D 780 42.06 35.72 -0.79
C ILE D 780 42.52 37.11 -1.20
N ALA D 781 43.72 37.21 -1.76
CA ALA D 781 44.35 38.50 -2.04
C ALA D 781 43.72 39.26 -3.21
N ASP D 782 42.83 38.63 -3.99
CA ASP D 782 42.07 39.35 -5.00
C ASP D 782 40.58 39.39 -4.72
N HIS D 783 40.10 38.56 -3.80
CA HIS D 783 38.72 38.70 -3.33
C HIS D 783 38.57 39.95 -2.46
N LEU D 784 39.62 40.30 -1.71
CA LEU D 784 39.63 41.52 -0.93
C LEU D 784 40.04 42.74 -1.74
N GLY D 785 40.39 42.56 -3.02
CA GLY D 785 40.80 43.68 -3.84
C GLY D 785 42.18 44.20 -3.56
N LEU D 786 43.03 43.40 -2.90
CA LEU D 786 44.37 43.83 -2.54
C LEU D 786 45.37 43.77 -3.69
N SER D 787 45.01 43.16 -4.81
CA SER D 787 45.95 42.93 -5.90
C SER D 787 45.63 43.80 -7.11
N ALA D 788 46.69 44.15 -7.84
CA ALA D 788 46.54 44.81 -9.12
C ALA D 788 46.00 43.80 -10.15
N PRO D 789 45.38 44.29 -11.24
CA PRO D 789 44.84 43.34 -12.24
C PRO D 789 45.90 42.52 -12.98
N GLY D 790 47.17 42.89 -12.92
CA GLY D 790 48.21 42.02 -13.45
C GLY D 790 49.22 41.60 -12.41
N ASP D 791 49.21 40.33 -12.04
CA ASP D 791 50.07 39.82 -10.99
C ASP D 791 50.32 38.33 -11.19
N ARG D 792 51.46 37.86 -10.67
CA ARG D 792 51.72 36.44 -10.57
C ARG D 792 51.17 35.92 -9.24
N THR D 793 51.32 34.61 -9.01
CA THR D 793 50.83 34.04 -7.76
C THR D 793 51.73 34.42 -6.59
N ALA D 794 53.05 34.47 -6.80
CA ALA D 794 53.98 34.79 -5.73
C ALA D 794 53.93 36.25 -5.33
N ALA D 795 53.43 37.13 -6.18
CA ALA D 795 53.31 38.55 -5.84
C ALA D 795 52.04 38.85 -5.07
N LYS D 796 51.00 38.01 -5.20
CA LYS D 796 49.77 38.24 -4.46
C LYS D 796 49.92 37.89 -2.99
N ILE D 797 50.84 36.98 -2.65
CA ILE D 797 51.06 36.64 -1.25
C ILE D 797 51.76 37.78 -0.54
N GLU D 798 52.58 38.55 -1.26
CA GLU D 798 53.26 39.70 -0.67
C GLU D 798 52.29 40.81 -0.34
N LYS D 799 51.29 41.03 -1.22
CA LYS D 799 50.29 42.06 -0.94
C LYS D 799 49.33 41.61 0.16
N LEU D 800 49.13 40.31 0.32
CA LEU D 800 48.34 39.81 1.45
C LEU D 800 49.11 39.98 2.76
N LEU D 801 50.41 39.70 2.74
CA LEU D 801 51.21 39.86 3.94
C LEU D 801 51.45 41.32 4.29
N ALA D 802 51.48 42.20 3.28
CA ALA D 802 51.60 43.63 3.56
C ALA D 802 50.31 44.24 4.08
N TRP D 803 49.17 43.59 3.85
CA TRP D 803 47.90 44.12 4.32
C TRP D 803 47.76 43.95 5.83
N LEU D 804 47.95 42.73 6.33
CA LEU D 804 47.84 42.47 7.77
C LEU D 804 49.13 42.77 8.52
N GLU D 805 50.13 43.34 7.86
CA GLU D 805 51.25 43.95 8.57
C GLU D 805 50.93 45.38 8.97
N THR D 806 50.17 46.10 8.13
CA THR D 806 49.70 47.43 8.49
C THR D 806 48.44 47.36 9.35
N LEU D 807 47.69 46.26 9.25
CA LEU D 807 46.50 46.10 10.07
C LEU D 807 46.86 45.87 11.53
N LYS D 808 47.94 45.13 11.78
CA LYS D 808 48.45 45.00 13.14
C LYS D 808 49.20 46.25 13.60
N ALA D 809 49.61 47.11 12.67
CA ALA D 809 50.30 48.33 13.05
C ALA D 809 49.34 49.34 13.66
N GLU D 810 48.20 49.55 13.02
CA GLU D 810 47.20 50.52 13.47
C GLU D 810 46.23 49.95 14.50
N LEU D 811 46.51 48.77 15.06
CA LEU D 811 45.67 48.17 16.08
C LEU D 811 46.41 47.99 17.41
N GLY D 812 47.63 48.49 17.52
CA GLY D 812 48.36 48.41 18.77
C GLY D 812 48.92 47.04 19.08
N ILE D 813 49.36 46.30 18.07
CA ILE D 813 49.93 44.98 18.24
C ILE D 813 51.45 45.10 18.16
N PRO D 814 52.20 44.51 19.11
CA PRO D 814 53.67 44.55 19.01
C PRO D 814 54.18 43.67 17.87
N LYS D 815 55.45 43.87 17.54
CA LYS D 815 56.08 43.19 16.43
C LYS D 815 56.56 41.78 16.76
N SER D 816 56.84 41.51 18.03
CA SER D 816 57.45 40.25 18.43
C SER D 816 56.84 39.77 19.74
N ILE D 817 57.13 38.51 20.08
CA ILE D 817 56.77 37.99 21.39
C ILE D 817 57.67 38.59 22.48
N ARG D 818 58.87 39.03 22.11
CA ARG D 818 59.75 39.69 23.08
C ARG D 818 59.21 41.04 23.47
N GLU D 819 58.60 41.77 22.53
CA GLU D 819 57.96 43.04 22.82
C GLU D 819 56.61 42.88 23.51
N ALA D 820 56.08 41.66 23.60
CA ALA D 820 54.85 41.38 24.32
C ALA D 820 55.09 41.07 25.79
N GLY D 821 56.33 41.07 26.24
CA GLY D 821 56.63 40.84 27.64
C GLY D 821 57.05 39.43 27.98
N VAL D 822 57.93 38.84 27.18
CA VAL D 822 58.44 37.49 27.39
C VAL D 822 59.95 37.56 27.49
N GLN D 823 60.51 37.04 28.58
CA GLN D 823 61.94 37.07 28.79
C GLN D 823 62.64 35.99 27.96
N GLU D 824 63.85 36.31 27.49
CA GLU D 824 64.59 35.41 26.61
C GLU D 824 65.12 34.20 27.37
N ALA D 825 65.44 34.37 28.66
CA ALA D 825 65.88 33.25 29.47
C ALA D 825 64.76 32.27 29.78
N ASP D 826 63.51 32.72 29.71
CA ASP D 826 62.37 31.85 29.95
C ASP D 826 61.81 31.24 28.67
N PHE D 827 61.87 31.98 27.56
CA PHE D 827 61.32 31.47 26.30
C PHE D 827 62.23 30.42 25.68
N LEU D 828 63.54 30.63 25.71
CA LEU D 828 64.47 29.69 25.11
C LEU D 828 64.64 28.42 25.93
N ALA D 829 64.24 28.44 27.20
CA ALA D 829 64.26 27.24 28.02
C ALA D 829 63.01 26.39 27.85
N ASN D 830 61.98 26.91 27.18
CA ASN D 830 60.74 26.18 26.96
C ASN D 830 60.38 26.09 25.48
N VAL D 831 61.25 26.53 24.58
CA VAL D 831 60.97 26.49 23.15
C VAL D 831 61.03 25.09 22.57
N ASP D 832 61.62 24.14 23.29
CA ASP D 832 61.62 22.75 22.86
C ASP D 832 60.41 21.98 23.39
N LYS D 833 59.93 22.34 24.58
CA LYS D 833 58.73 21.71 25.12
C LYS D 833 57.49 22.19 24.38
N LEU D 834 57.42 23.49 24.08
CA LEU D 834 56.27 24.04 23.36
C LEU D 834 56.24 23.65 21.90
N SER D 835 57.38 23.25 21.32
CA SER D 835 57.40 22.79 19.94
C SER D 835 56.91 21.35 19.81
N GLU D 836 56.98 20.57 20.88
CA GLU D 836 56.47 19.20 20.86
C GLU D 836 55.02 19.15 21.34
N ASP D 837 54.62 20.08 22.21
CA ASP D 837 53.23 20.13 22.65
C ASP D 837 52.32 20.64 21.53
N ALA D 838 52.82 21.56 20.71
CA ALA D 838 52.05 22.06 19.58
C ALA D 838 51.96 21.08 18.42
N PHE D 839 52.74 20.00 18.45
CA PHE D 839 52.67 19.00 17.40
C PHE D 839 51.43 18.13 17.51
N ASP D 840 50.90 17.96 18.73
CA ASP D 840 49.76 17.07 18.97
C ASP D 840 48.65 17.81 19.71
N ASP D 841 48.30 19.00 19.24
CA ASP D 841 47.22 19.79 19.83
C ASP D 841 45.96 19.77 18.98
N GLN D 842 45.80 18.74 18.13
CA GLN D 842 44.57 18.36 17.42
C GLN D 842 44.13 19.36 16.35
N CYS D 843 44.80 20.49 16.23
CA CYS D 843 44.64 21.39 15.10
C CYS D 843 45.73 21.18 14.06
N THR D 844 46.69 20.32 14.36
CA THR D 844 47.77 19.99 13.44
C THR D 844 47.26 19.17 12.27
N GLY D 845 46.26 18.33 12.50
CA GLY D 845 45.75 17.42 11.49
C GLY D 845 44.94 18.05 10.38
N ALA D 846 44.71 19.36 10.42
CA ALA D 846 43.97 20.04 9.36
C ALA D 846 44.83 21.03 8.58
N ASN D 847 46.10 21.16 8.94
CA ASN D 847 47.01 22.03 8.21
C ASN D 847 47.32 21.44 6.83
N PRO D 848 47.60 22.28 5.83
CA PRO D 848 47.99 21.74 4.52
C PRO D 848 49.32 21.01 4.54
N ARG D 849 50.24 21.41 5.41
CA ARG D 849 51.49 20.69 5.63
C ARG D 849 51.38 19.90 6.92
N TYR D 850 52.06 18.76 6.97
CA TYR D 850 52.24 18.04 8.22
C TYR D 850 53.57 18.49 8.82
N PRO D 851 53.57 19.32 9.85
CA PRO D 851 54.82 19.95 10.28
C PRO D 851 55.70 19.04 11.11
N LEU D 852 57.00 19.14 10.88
CA LEU D 852 57.98 18.49 11.73
C LEU D 852 58.17 19.31 13.00
N ILE D 853 58.72 18.66 14.04
CA ILE D 853 58.95 19.34 15.31
C ILE D 853 60.13 20.31 15.18
N SER D 854 61.06 20.01 14.28
CA SER D 854 62.17 20.95 14.04
C SER D 854 61.69 22.18 13.29
N GLU D 855 60.61 22.06 12.51
CA GLU D 855 60.07 23.22 11.80
C GLU D 855 59.14 24.05 12.68
N LEU D 856 58.52 23.44 13.67
CA LEU D 856 57.62 24.18 14.55
C LEU D 856 58.37 25.04 15.57
N LYS D 857 59.62 24.69 15.88
CA LYS D 857 60.43 25.55 16.73
C LYS D 857 61.13 26.64 15.94
N GLN D 858 61.19 26.51 14.62
CA GLN D 858 61.74 27.59 13.79
C GLN D 858 60.75 28.73 13.65
N ILE D 859 59.45 28.44 13.64
CA ILE D 859 58.44 29.49 13.64
C ILE D 859 58.43 30.23 14.97
N LEU D 860 58.59 29.50 16.08
CA LEU D 860 58.55 30.11 17.39
C LEU D 860 59.79 30.96 17.66
N LEU D 861 60.93 30.58 17.09
CA LEU D 861 62.14 31.39 17.28
C LEU D 861 62.11 32.64 16.40
N ASP D 862 61.61 32.52 15.17
CA ASP D 862 61.55 33.67 14.27
C ASP D 862 60.46 34.66 14.65
N THR D 863 59.47 34.23 15.42
CA THR D 863 58.45 35.14 15.91
C THR D 863 58.88 35.87 17.17
N TYR D 864 59.78 35.27 17.96
CA TYR D 864 60.28 35.94 19.14
C TYR D 864 61.29 37.04 18.77
N TYR D 865 62.16 36.76 17.81
CA TYR D 865 63.16 37.71 17.37
C TYR D 865 62.65 38.67 16.30
N GLY D 866 61.39 38.53 15.89
CA GLY D 866 60.79 39.46 14.95
C GLY D 866 61.16 39.24 13.50
N ARG D 867 61.86 38.17 13.17
CA ARG D 867 62.24 37.92 11.80
C ARG D 867 61.08 37.30 11.02
N ASP D 868 61.29 37.11 9.72
CA ASP D 868 60.34 36.45 8.84
C ASP D 868 60.87 35.07 8.47
N TYR D 869 59.96 34.10 8.42
CA TYR D 869 60.35 32.71 8.23
C TYR D 869 60.73 32.46 6.78
N VAL D 870 61.95 31.96 6.56
CA VAL D 870 62.46 31.64 5.23
C VAL D 870 63.02 30.22 5.27
N GLU D 871 62.53 29.37 4.37
CA GLU D 871 63.05 28.01 4.28
C GLU D 871 64.38 27.98 3.53
N MET E 3 -11.06 90.00 41.42
CA MET E 3 -10.96 88.95 42.41
C MET E 3 -12.21 88.07 42.40
N ALA E 4 -13.35 88.69 42.71
CA ALA E 4 -14.60 87.95 42.74
C ALA E 4 -15.12 87.70 41.32
N VAL E 5 -15.90 86.63 41.18
CA VAL E 5 -16.49 86.24 39.91
C VAL E 5 -17.98 85.98 40.14
N THR E 6 -18.82 86.69 39.41
CA THR E 6 -20.26 86.58 39.61
C THR E 6 -21.01 86.36 38.30
N ASN E 7 -20.44 86.83 37.19
CA ASN E 7 -21.07 86.68 35.88
C ASN E 7 -20.01 86.30 34.86
N VAL E 8 -20.45 86.19 33.60
CA VAL E 8 -19.60 85.63 32.55
C VAL E 8 -18.53 86.60 32.06
N ALA E 9 -18.65 87.89 32.36
CA ALA E 9 -17.71 88.86 31.82
C ALA E 9 -16.36 88.78 32.54
N GLU E 10 -16.38 88.55 33.86
CA GLU E 10 -15.15 88.38 34.62
C GLU E 10 -14.77 86.92 34.81
N LEU E 11 -15.62 85.98 34.40
CA LEU E 11 -15.23 84.57 34.38
C LEU E 11 -14.14 84.33 33.36
N ASN E 12 -14.27 84.92 32.16
CA ASN E 12 -13.25 84.76 31.13
C ASN E 12 -11.96 85.50 31.49
N ALA E 13 -12.02 86.48 32.40
CA ALA E 13 -10.81 87.08 32.94
C ALA E 13 -10.16 86.22 34.00
N LEU E 14 -10.92 85.31 34.62
CA LEU E 14 -10.36 84.39 35.59
C LEU E 14 -9.61 83.24 34.93
N VAL E 15 -10.20 82.67 33.88
CA VAL E 15 -9.58 81.56 33.16
C VAL E 15 -8.34 82.03 32.42
N GLU E 16 -8.37 83.25 31.88
CA GLU E 16 -7.19 83.79 31.21
C GLU E 16 -6.08 84.13 32.19
N ARG E 17 -6.40 84.41 33.45
CA ARG E 17 -5.36 84.53 34.47
C ARG E 17 -4.78 83.18 34.83
N VAL E 18 -5.61 82.14 34.85
CA VAL E 18 -5.15 80.81 35.21
C VAL E 18 -4.35 80.19 34.08
N LYS E 19 -4.80 80.40 32.83
CA LYS E 19 -4.10 79.87 31.66
C LYS E 19 -2.72 80.48 31.50
N LYS E 20 -2.53 81.73 31.90
CA LYS E 20 -1.22 82.34 31.85
C LYS E 20 -0.30 81.78 32.94
N ALA E 21 -0.83 81.50 34.12
CA ALA E 21 -0.03 81.02 35.24
C ALA E 21 0.15 79.52 35.27
N GLN E 22 -0.62 78.77 34.47
CA GLN E 22 -0.46 77.33 34.39
C GLN E 22 0.67 76.94 33.44
N ARG E 23 0.86 77.71 32.36
CA ARG E 23 1.85 77.35 31.35
C ARG E 23 3.28 77.59 31.81
N GLU E 24 3.50 78.31 32.90
CA GLU E 24 4.81 78.39 33.52
C GLU E 24 4.96 77.44 34.69
N TYR E 25 3.85 76.85 35.15
CA TYR E 25 3.90 75.75 36.12
C TYR E 25 4.08 74.41 35.45
N ALA E 26 3.77 74.30 34.16
CA ALA E 26 3.89 73.07 33.40
C ALA E 26 5.33 72.74 33.02
N SER E 27 6.28 73.63 33.28
CA SER E 27 7.68 73.39 33.00
C SER E 27 8.49 73.15 34.27
N PHE E 28 7.82 72.87 35.38
CA PHE E 28 8.52 72.63 36.63
C PHE E 28 9.13 71.22 36.62
N THR E 29 10.11 71.02 37.50
CA THR E 29 10.77 69.74 37.63
C THR E 29 10.04 68.86 38.64
N GLN E 30 10.51 67.61 38.75
CA GLN E 30 9.95 66.68 39.72
C GLN E 30 10.27 67.11 41.15
N GLU E 31 11.45 67.70 41.37
CA GLU E 31 11.90 68.01 42.72
C GLU E 31 11.14 69.19 43.31
N GLN E 32 10.85 70.21 42.50
CA GLN E 32 10.18 71.40 43.00
C GLN E 32 8.67 71.34 42.90
N VAL E 33 8.11 70.19 42.51
CA VAL E 33 6.69 69.91 42.64
C VAL E 33 6.39 69.17 43.93
N ASP E 34 7.26 68.24 44.32
CA ASP E 34 7.15 67.57 45.60
C ASP E 34 7.36 68.52 46.78
N LYS E 35 8.05 69.65 46.57
CA LYS E 35 8.10 70.68 47.59
C LYS E 35 6.76 71.40 47.71
N ILE E 36 6.08 71.62 46.58
CA ILE E 36 4.78 72.27 46.58
C ILE E 36 3.70 71.30 47.07
N PHE E 37 3.75 70.04 46.61
CA PHE E 37 2.74 69.06 46.98
C PHE E 37 2.80 68.69 48.45
N ARG E 38 3.99 68.74 49.05
CA ARG E 38 4.11 68.47 50.48
C ARG E 38 3.61 69.65 51.30
N ALA E 39 4.02 70.86 50.95
CA ALA E 39 3.64 72.04 51.70
C ALA E 39 2.16 72.39 51.55
N ALA E 40 1.53 71.96 50.46
CA ALA E 40 0.09 72.16 50.32
C ALA E 40 -0.69 71.19 51.20
N ALA E 41 -0.25 69.94 51.27
CA ALA E 41 -0.91 68.97 52.14
C ALA E 41 -0.57 69.22 53.61
N LEU E 42 0.56 69.85 53.88
CA LEU E 42 0.96 70.11 55.26
C LEU E 42 0.09 71.17 55.92
N ALA E 43 -0.41 72.13 55.14
CA ALA E 43 -1.29 73.17 55.66
C ALA E 43 -2.75 72.89 55.38
N ALA E 44 -3.07 71.78 54.70
CA ALA E 44 -4.45 71.36 54.55
C ALA E 44 -4.90 70.42 55.65
N ALA E 45 -3.95 69.70 56.26
CA ALA E 45 -4.24 68.93 57.46
C ALA E 45 -4.11 69.77 58.72
N ASP E 46 -3.47 70.93 58.62
CA ASP E 46 -3.40 71.83 59.77
C ASP E 46 -4.72 72.54 60.01
N ALA E 47 -5.52 72.72 58.97
CA ALA E 47 -6.80 73.41 59.05
C ALA E 47 -7.96 72.45 58.91
N ARG E 48 -7.83 71.25 59.48
CA ARG E 48 -8.92 70.29 59.45
C ARG E 48 -10.03 70.67 60.42
N ILE E 49 -9.70 71.36 61.50
CA ILE E 49 -10.66 71.80 62.51
C ILE E 49 -11.50 72.99 62.02
N PRO E 50 -10.94 74.13 61.55
CA PRO E 50 -11.84 75.23 61.15
C PRO E 50 -12.62 74.98 59.88
N LEU E 51 -12.07 74.18 58.95
CA LEU E 51 -12.80 73.86 57.73
C LEU E 51 -13.97 72.92 57.99
N ALA E 52 -13.89 72.11 59.06
CA ALA E 52 -14.99 71.22 59.40
C ALA E 52 -16.13 71.97 60.07
N LYS E 53 -15.83 73.08 60.76
CA LYS E 53 -16.88 73.85 61.43
C LYS E 53 -17.58 74.79 60.46
N MET E 54 -16.92 75.16 59.36
CA MET E 54 -17.57 76.02 58.38
C MET E 54 -18.55 75.25 57.51
N ALA E 55 -18.29 73.97 57.25
CA ALA E 55 -19.15 73.17 56.38
C ALA E 55 -20.42 72.70 57.07
N VAL E 56 -20.51 72.83 58.40
CA VAL E 56 -21.73 72.50 59.12
C VAL E 56 -22.47 73.81 59.39
N ALA E 57 -21.74 74.91 59.51
CA ALA E 57 -22.36 76.22 59.66
C ALA E 57 -23.01 76.67 58.36
N GLU E 58 -22.50 76.22 57.21
CA GLU E 58 -23.03 76.63 55.92
C GLU E 58 -24.20 75.75 55.47
N SER E 59 -23.96 74.44 55.38
CA SER E 59 -24.99 73.53 54.87
C SER E 59 -25.92 73.01 55.95
N GLY E 60 -25.38 72.64 57.10
CA GLY E 60 -26.20 72.13 58.18
C GLY E 60 -26.73 70.73 57.95
N MET E 61 -25.87 69.84 57.45
CA MET E 61 -26.28 68.48 57.11
C MET E 61 -25.25 67.44 57.54
N GLY E 62 -24.45 67.73 58.56
CA GLY E 62 -23.46 66.75 58.97
C GLY E 62 -23.03 66.93 60.41
N ILE E 63 -22.23 65.98 60.85
CA ILE E 63 -21.62 66.02 62.18
C ILE E 63 -20.26 66.68 62.04
N VAL E 64 -19.96 67.61 62.96
CA VAL E 64 -18.72 68.37 62.87
C VAL E 64 -17.51 67.49 63.19
N GLU E 65 -17.71 66.45 63.99
CA GLU E 65 -16.61 65.57 64.36
C GLU E 65 -16.26 64.57 63.27
N ASP E 66 -17.16 64.34 62.31
CA ASP E 66 -16.88 63.43 61.21
C ASP E 66 -16.25 64.12 60.01
N LYS E 67 -16.44 65.43 59.86
CA LYS E 67 -15.74 66.18 58.84
C LYS E 67 -14.29 66.49 59.21
N VAL E 68 -13.90 66.22 60.46
CA VAL E 68 -12.50 66.38 60.85
C VAL E 68 -11.66 65.25 60.27
N ILE E 69 -12.10 64.00 60.46
CA ILE E 69 -11.36 62.86 59.94
C ILE E 69 -11.63 62.59 58.48
N LYS E 70 -12.52 63.35 57.85
CA LYS E 70 -12.68 63.32 56.40
C LYS E 70 -11.79 64.34 55.72
N ASN E 71 -11.63 65.52 56.33
CA ASN E 71 -10.62 66.47 55.87
C ASN E 71 -9.21 66.00 56.21
N HIS E 72 -9.06 65.15 57.22
CA HIS E 72 -7.74 64.60 57.52
C HIS E 72 -7.40 63.46 56.58
N PHE E 73 -8.40 62.68 56.16
CA PHE E 73 -8.18 61.64 55.16
C PHE E 73 -7.82 62.22 53.81
N ALA E 74 -8.38 63.36 53.46
CA ALA E 74 -8.15 63.99 52.16
C ALA E 74 -6.85 64.77 52.09
N SER E 75 -6.05 64.80 53.15
CA SER E 75 -4.83 65.60 53.18
C SER E 75 -3.58 64.84 53.61
N GLU E 76 -3.70 63.70 54.31
CA GLU E 76 -2.54 62.92 54.67
C GLU E 76 -2.55 61.50 54.12
N TYR E 77 -3.71 60.96 53.74
CA TYR E 77 -3.74 59.70 53.02
C TYR E 77 -3.55 59.88 51.53
N ILE E 78 -4.01 61.02 51.00
CA ILE E 78 -3.73 61.35 49.61
C ILE E 78 -2.27 61.74 49.43
N TYR E 79 -1.66 62.30 50.48
CA TYR E 79 -0.23 62.59 50.42
C TYR E 79 0.60 61.32 50.53
N ASN E 80 0.15 60.34 51.33
CA ASN E 80 0.98 59.18 51.62
C ASN E 80 1.04 58.21 50.45
N ALA E 81 -0.06 58.02 49.72
CA ALA E 81 -0.06 57.08 48.61
C ALA E 81 0.70 57.63 47.42
N TYR E 82 0.58 58.93 47.16
CA TYR E 82 1.22 59.57 46.02
C TYR E 82 2.39 60.44 46.46
N LYS E 83 3.15 59.96 47.46
CA LYS E 83 4.28 60.71 47.99
C LYS E 83 5.43 60.74 47.00
N ASP E 84 5.85 59.58 46.52
CA ASP E 84 6.92 59.45 45.53
C ASP E 84 6.36 58.66 44.36
N GLU E 85 5.71 59.36 43.43
CA GLU E 85 5.18 58.78 42.21
C GLU E 85 5.58 59.71 41.06
N LYS E 86 6.25 59.15 40.07
CA LYS E 86 6.76 59.96 38.96
C LYS E 86 5.59 60.41 38.08
N THR E 87 5.42 61.73 37.97
CA THR E 87 4.34 62.30 37.18
C THR E 87 4.77 63.49 36.33
N CYS E 88 6.04 63.91 36.39
CA CYS E 88 6.45 65.14 35.73
C CYS E 88 7.45 64.90 34.60
N GLY E 89 8.56 64.23 34.87
CA GLY E 89 9.59 64.05 33.86
C GLY E 89 9.49 62.73 33.11
N VAL E 90 10.63 62.10 32.89
CA VAL E 90 10.69 60.81 32.20
C VAL E 90 10.26 59.72 33.16
N LEU E 91 9.19 59.01 32.82
CA LEU E 91 8.67 57.97 33.69
C LEU E 91 9.49 56.69 33.58
N SER E 92 9.53 56.10 32.40
CA SER E 92 10.27 54.88 32.15
C SER E 92 11.13 55.07 30.91
N GLU E 93 12.07 54.13 30.71
CA GLU E 93 12.98 54.19 29.58
C GLU E 93 13.50 52.78 29.30
N ASP E 94 13.43 52.36 28.04
CA ASP E 94 13.94 51.07 27.61
C ASP E 94 15.07 51.28 26.61
N ASP E 95 16.17 50.58 26.82
CA ASP E 95 17.32 50.67 25.92
C ASP E 95 17.36 49.54 24.89
N THR E 96 16.85 48.36 25.25
CA THR E 96 16.82 47.26 24.29
C THR E 96 15.73 47.46 23.25
N PHE E 97 14.61 48.08 23.63
CA PHE E 97 13.53 48.35 22.69
C PHE E 97 13.50 49.79 22.20
N GLY E 98 14.14 50.71 22.90
CA GLY E 98 14.25 52.08 22.43
C GLY E 98 13.01 52.93 22.62
N THR E 99 12.42 52.90 23.81
CA THR E 99 11.23 53.67 24.12
C THR E 99 11.46 54.54 25.35
N ILE E 100 11.02 55.79 25.28
CA ILE E 100 11.04 56.72 26.40
C ILE E 100 9.62 57.20 26.62
N THR E 101 9.14 57.08 27.86
CA THR E 101 7.79 57.47 28.23
C THR E 101 7.85 58.72 29.07
N ILE E 102 7.30 59.82 28.55
CA ILE E 102 7.36 61.14 29.16
C ILE E 102 5.96 61.54 29.59
N ALA E 103 5.85 62.04 30.83
CA ALA E 103 4.57 62.51 31.33
C ALA E 103 4.40 64.00 31.05
N GLU E 104 3.15 64.45 31.12
CA GLU E 104 2.79 65.83 30.78
C GLU E 104 1.73 66.32 31.75
N PRO E 105 1.30 67.58 31.67
CA PRO E 105 0.01 67.96 32.25
C PRO E 105 -1.10 67.85 31.22
N ILE E 106 -2.32 68.06 31.69
CA ILE E 106 -3.50 68.15 30.84
C ILE E 106 -3.88 69.60 30.57
N GLY E 107 -3.95 70.40 31.62
CA GLY E 107 -4.33 71.80 31.49
C GLY E 107 -5.32 72.22 32.55
N ILE E 108 -6.21 73.16 32.21
CA ILE E 108 -7.20 73.64 33.16
C ILE E 108 -8.30 72.60 33.30
N ILE E 109 -8.72 72.34 34.54
CA ILE E 109 -9.68 71.29 34.86
C ILE E 109 -10.89 71.94 35.52
N CYS E 110 -12.08 71.63 35.02
CA CYS E 110 -13.31 72.09 35.63
C CYS E 110 -13.64 71.20 36.83
N GLY E 111 -13.63 71.79 38.03
CA GLY E 111 -13.91 71.06 39.24
C GLY E 111 -15.30 71.32 39.74
N ILE E 112 -16.10 70.26 39.84
CA ILE E 112 -17.49 70.34 40.28
C ILE E 112 -17.59 69.53 41.56
N VAL E 113 -17.77 70.22 42.69
CA VAL E 113 -17.80 69.57 44.00
C VAL E 113 -19.26 69.36 44.39
N PRO E 114 -19.58 68.37 45.25
CA PRO E 114 -20.97 68.21 45.69
C PRO E 114 -21.28 69.00 46.95
N THR E 115 -22.51 68.85 47.44
CA THR E 115 -22.89 69.47 48.72
C THR E 115 -22.72 68.52 49.89
N THR E 116 -22.62 67.21 49.64
CA THR E 116 -22.44 66.25 50.73
C THR E 116 -21.02 66.30 51.28
N ASN E 117 -20.03 66.38 50.39
CA ASN E 117 -18.62 66.52 50.77
C ASN E 117 -18.09 67.84 50.22
N PRO E 118 -18.46 68.97 50.83
CA PRO E 118 -18.15 70.27 50.20
C PRO E 118 -16.71 70.72 50.37
N THR E 119 -16.05 70.28 51.44
CA THR E 119 -14.70 70.74 51.74
C THR E 119 -13.65 69.66 51.65
N SER E 120 -14.02 68.38 51.72
CA SER E 120 -13.03 67.31 51.64
C SER E 120 -12.61 67.03 50.21
N THR E 121 -13.55 67.11 49.26
CA THR E 121 -13.21 66.94 47.85
C THR E 121 -12.46 68.16 47.31
N ALA E 122 -12.61 69.32 47.95
CA ALA E 122 -11.84 70.48 47.54
C ALA E 122 -10.38 70.35 47.95
N ILE E 123 -10.10 69.66 49.06
CA ILE E 123 -8.73 69.35 49.43
C ILE E 123 -8.16 68.29 48.49
N PHE E 124 -8.98 67.28 48.16
CA PHE E 124 -8.50 66.15 47.37
C PHE E 124 -8.22 66.54 45.93
N LYS E 125 -9.15 67.26 45.29
CA LYS E 125 -8.98 67.64 43.90
C LYS E 125 -7.91 68.71 43.71
N SER E 126 -7.57 69.46 44.77
CA SER E 126 -6.50 70.44 44.66
C SER E 126 -5.13 69.79 44.78
N LEU E 127 -5.00 68.75 45.61
CA LEU E 127 -3.70 68.12 45.81
C LEU E 127 -3.28 67.29 44.60
N ILE E 128 -4.22 66.58 43.98
CA ILE E 128 -3.88 65.78 42.80
C ILE E 128 -3.78 66.61 41.52
N SER E 129 -4.12 67.90 41.58
CA SER E 129 -4.00 68.76 40.42
C SER E 129 -2.61 69.38 40.32
N LEU E 130 -2.09 69.92 41.41
CA LEU E 130 -0.74 70.48 41.41
C LEU E 130 0.32 69.42 41.63
N LYS E 131 -0.07 68.15 41.78
CA LYS E 131 0.89 67.06 41.72
C LYS E 131 1.27 66.75 40.28
N THR E 132 0.29 66.82 39.37
CA THR E 132 0.51 66.55 37.96
C THR E 132 0.73 67.82 37.14
N ARG E 133 1.09 68.92 37.82
CA ARG E 133 1.51 70.19 37.20
C ARG E 133 0.41 70.82 36.34
N ASN E 134 -0.83 70.79 36.81
CA ASN E 134 -1.92 71.41 36.08
C ASN E 134 -2.82 72.16 37.06
N ALA E 135 -3.67 73.02 36.50
CA ALA E 135 -4.53 73.91 37.27
C ALA E 135 -5.95 73.37 37.32
N ILE E 136 -6.78 74.02 38.13
CA ILE E 136 -8.15 73.57 38.35
C ILE E 136 -9.02 74.79 38.69
N ILE E 137 -10.24 74.82 38.14
CA ILE E 137 -11.23 75.84 38.43
C ILE E 137 -12.41 75.17 39.13
N PHE E 138 -12.78 75.67 40.30
CA PHE E 138 -13.85 75.09 41.08
C PHE E 138 -15.18 75.78 40.83
N SER E 139 -16.25 75.00 40.87
CA SER E 139 -17.62 75.51 40.76
C SER E 139 -18.45 74.81 41.83
N PRO E 140 -18.56 75.40 43.01
CA PRO E 140 -19.17 74.70 44.14
C PRO E 140 -20.69 74.65 44.05
N HIS E 141 -21.27 73.80 44.89
CA HIS E 141 -22.71 73.75 45.05
C HIS E 141 -23.20 75.03 45.70
N PRO E 142 -24.37 75.55 45.28
CA PRO E 142 -24.86 76.82 45.85
C PRO E 142 -25.27 76.75 47.31
N ARG E 143 -25.53 75.55 47.84
CA ARG E 143 -25.88 75.42 49.25
C ARG E 143 -24.65 75.58 50.15
N ALA E 144 -23.48 75.14 49.69
CA ALA E 144 -22.26 75.15 50.48
C ALA E 144 -21.12 75.81 49.70
N LYS E 145 -21.39 77.01 49.17
CA LYS E 145 -20.43 77.70 48.34
C LYS E 145 -19.29 78.34 49.12
N ASP E 146 -19.51 78.69 50.39
CA ASP E 146 -18.48 79.37 51.16
C ASP E 146 -17.48 78.43 51.81
N ALA E 147 -17.86 77.18 52.06
CA ALA E 147 -16.94 76.23 52.65
C ALA E 147 -15.95 75.70 51.62
N THR E 148 -16.38 75.57 50.36
CA THR E 148 -15.50 75.06 49.32
C THR E 148 -14.47 76.10 48.89
N ASN E 149 -14.90 77.36 48.74
CA ASN E 149 -13.99 78.40 48.31
C ASN E 149 -12.97 78.75 49.39
N LYS E 150 -13.31 78.55 50.66
CA LYS E 150 -12.33 78.72 51.72
C LYS E 150 -11.35 77.55 51.77
N ALA E 151 -11.83 76.34 51.45
CA ALA E 151 -10.96 75.16 51.51
C ALA E 151 -9.93 75.17 50.38
N ALA E 152 -10.31 75.68 49.20
CA ALA E 152 -9.35 75.80 48.11
C ALA E 152 -8.39 76.95 48.31
N ASP E 153 -8.74 77.92 49.16
CA ASP E 153 -7.88 79.07 49.39
C ASP E 153 -6.71 78.73 50.30
N ILE E 154 -6.89 77.80 51.24
CA ILE E 154 -5.80 77.43 52.15
C ILE E 154 -4.74 76.63 51.41
N VAL E 155 -5.16 75.79 50.45
CA VAL E 155 -4.21 75.05 49.63
C VAL E 155 -3.48 75.97 48.67
N LEU E 156 -4.15 77.02 48.19
CA LEU E 156 -3.54 77.92 47.23
C LEU E 156 -2.49 78.80 47.89
N GLN E 157 -2.83 79.41 49.03
CA GLN E 157 -1.91 80.30 49.71
C GLN E 157 -0.73 79.56 50.33
N ALA E 158 -0.86 78.27 50.59
CA ALA E 158 0.28 77.48 51.04
C ALA E 158 1.18 77.06 49.90
N ALA E 159 0.64 76.99 48.68
CA ALA E 159 1.44 76.60 47.52
C ALA E 159 2.27 77.76 47.00
N ILE E 160 1.70 78.98 47.03
CA ILE E 160 2.40 80.17 46.56
C ILE E 160 3.60 80.47 47.46
N ALA E 161 3.46 80.19 48.77
CA ALA E 161 4.58 80.32 49.68
C ALA E 161 5.65 79.26 49.45
N ALA E 162 5.33 78.18 48.73
CA ALA E 162 6.28 77.12 48.44
C ALA E 162 6.93 77.26 47.07
N GLY E 163 6.37 78.07 46.17
CA GLY E 163 6.97 78.28 44.87
C GLY E 163 6.03 78.18 43.69
N ALA E 164 4.73 78.07 43.96
CA ALA E 164 3.75 78.00 42.89
C ALA E 164 3.59 79.37 42.23
N PRO E 165 3.02 79.42 41.01
CA PRO E 165 2.66 80.70 40.41
C PRO E 165 1.58 81.44 41.19
N LYS E 166 1.33 82.68 40.75
CA LYS E 166 0.58 83.64 41.57
C LYS E 166 -0.90 83.31 41.64
N ASP E 167 -1.48 82.78 40.57
CA ASP E 167 -2.90 82.41 40.55
C ASP E 167 -3.03 81.07 39.84
N LEU E 168 -2.95 79.99 40.63
CA LEU E 168 -2.98 78.64 40.10
C LEU E 168 -4.32 77.95 40.28
N ILE E 169 -5.01 78.22 41.38
CA ILE E 169 -6.29 77.60 41.67
C ILE E 169 -7.34 78.70 41.73
N GLY E 170 -8.30 78.65 40.82
CA GLY E 170 -9.40 79.61 40.83
C GLY E 170 -10.71 78.95 41.20
N TRP E 171 -11.70 79.74 41.59
CA TRP E 171 -12.96 79.21 42.03
C TRP E 171 -14.07 80.22 41.73
N ILE E 172 -15.23 79.71 41.35
CA ILE E 172 -16.40 80.55 41.16
C ILE E 172 -16.91 81.00 42.52
N ASP E 173 -16.94 82.31 42.74
CA ASP E 173 -17.28 82.84 44.06
C ASP E 173 -18.77 82.76 44.33
N GLN E 174 -19.60 82.92 43.30
CA GLN E 174 -21.05 82.85 43.43
C GLN E 174 -21.61 82.03 42.29
N PRO E 175 -21.89 80.75 42.49
CA PRO E 175 -22.26 79.87 41.39
C PRO E 175 -23.70 80.10 40.92
N SER E 176 -23.98 79.56 39.74
CA SER E 176 -25.29 79.65 39.13
C SER E 176 -25.42 78.52 38.12
N VAL E 177 -26.66 78.30 37.65
CA VAL E 177 -26.90 77.27 36.65
C VAL E 177 -26.48 77.71 35.25
N GLU E 178 -26.21 79.00 35.06
CA GLU E 178 -25.72 79.54 33.80
C GLU E 178 -24.22 79.80 33.83
N LEU E 179 -23.69 80.21 34.99
CA LEU E 179 -22.25 80.48 35.10
C LEU E 179 -21.44 79.20 35.08
N SER E 180 -21.97 78.12 35.64
CA SER E 180 -21.26 76.84 35.58
C SER E 180 -21.33 76.23 34.20
N ASN E 181 -22.44 76.43 33.49
CA ASN E 181 -22.58 75.91 32.14
C ASN E 181 -21.71 76.69 31.16
N ALA E 182 -21.41 77.96 31.46
CA ALA E 182 -20.49 78.73 30.63
C ALA E 182 -19.04 78.35 30.89
N LEU E 183 -18.74 77.78 32.04
CA LEU E 183 -17.39 77.32 32.34
C LEU E 183 -17.08 76.00 31.63
N MET E 184 -18.07 75.10 31.58
CA MET E 184 -17.86 73.79 30.97
C MET E 184 -17.75 73.88 29.46
N HIS E 185 -18.34 74.90 28.84
CA HIS E 185 -18.23 75.11 27.40
C HIS E 185 -17.14 76.12 27.04
N HIS E 186 -16.21 76.38 27.95
CA HIS E 186 -15.10 77.27 27.64
C HIS E 186 -14.13 76.59 26.69
N PRO E 187 -13.56 77.30 25.72
CA PRO E 187 -12.73 76.64 24.71
C PRO E 187 -11.35 76.23 25.20
N ASP E 188 -10.83 76.82 26.27
CA ASP E 188 -9.47 76.53 26.70
C ASP E 188 -9.45 75.93 28.11
N ILE E 189 -10.39 75.02 28.39
CA ILE E 189 -10.25 74.05 29.46
C ILE E 189 -10.28 72.67 28.81
N ASN E 190 -9.64 71.69 29.47
CA ASN E 190 -9.37 70.42 28.83
C ASN E 190 -9.98 69.21 29.53
N LEU E 191 -10.45 69.35 30.77
CA LEU E 191 -10.97 68.20 31.50
C LEU E 191 -12.03 68.67 32.47
N ILE E 192 -13.00 67.80 32.75
CA ILE E 192 -14.07 68.09 33.71
C ILE E 192 -14.02 67.00 34.77
N LEU E 193 -13.52 67.34 35.95
CA LEU E 193 -13.62 66.47 37.13
C LEU E 193 -14.92 66.82 37.82
N ALA E 194 -15.93 65.96 37.64
CA ALA E 194 -17.29 66.26 38.02
C ALA E 194 -17.85 65.15 38.88
N THR E 195 -18.24 65.47 40.12
CA THR E 195 -18.82 64.52 41.05
C THR E 195 -20.23 64.98 41.41
N GLY E 196 -21.19 64.07 41.33
CA GLY E 196 -22.56 64.41 41.67
C GLY E 196 -23.52 63.30 41.31
N GLY E 197 -24.80 63.66 41.24
CA GLY E 197 -25.85 62.71 40.98
C GLY E 197 -25.98 62.38 39.51
N PRO E 198 -26.96 61.54 39.19
CA PRO E 198 -27.10 61.08 37.80
C PRO E 198 -27.58 62.14 36.84
N GLY E 199 -28.21 63.21 37.32
CA GLY E 199 -28.55 64.33 36.46
C GLY E 199 -27.36 65.19 36.08
N MET E 200 -26.26 65.07 36.82
CA MET E 200 -25.05 65.83 36.54
C MET E 200 -24.09 65.10 35.61
N VAL E 201 -24.05 63.76 35.69
CA VAL E 201 -23.19 62.98 34.80
C VAL E 201 -23.68 63.09 33.36
N LYS E 202 -25.00 63.18 33.15
CA LYS E 202 -25.55 63.40 31.82
C LYS E 202 -25.19 64.79 31.31
N ALA E 203 -25.03 65.77 32.20
CA ALA E 203 -24.65 67.11 31.78
C ALA E 203 -23.14 67.27 31.63
N ALA E 204 -22.36 66.51 32.41
CA ALA E 204 -20.90 66.60 32.32
C ALA E 204 -20.37 65.95 31.05
N TYR E 205 -21.04 64.92 30.55
CA TYR E 205 -20.68 64.30 29.29
C TYR E 205 -21.43 64.89 28.10
N SER E 206 -22.17 65.98 28.30
CA SER E 206 -22.91 66.61 27.21
C SER E 206 -22.16 67.75 26.56
N SER E 207 -21.30 68.44 27.29
CA SER E 207 -20.41 69.42 26.69
C SER E 207 -19.29 68.69 25.95
N GLY E 208 -18.84 69.26 24.84
CA GLY E 208 -17.88 68.54 24.03
C GLY E 208 -16.48 68.74 24.56
N LYS E 209 -16.04 67.80 25.38
CA LYS E 209 -14.80 67.83 26.15
C LYS E 209 -14.62 66.47 26.82
N PRO E 210 -13.38 66.01 27.03
CA PRO E 210 -13.18 64.79 27.82
C PRO E 210 -13.50 65.06 29.29
N ALA E 211 -14.38 64.24 29.84
CA ALA E 211 -14.87 64.43 31.20
C ALA E 211 -14.66 63.18 32.03
N ILE E 212 -14.24 63.37 33.27
CA ILE E 212 -14.14 62.28 34.23
C ILE E 212 -15.24 62.45 35.27
N GLY E 213 -16.37 61.79 35.04
CA GLY E 213 -17.51 61.89 35.93
C GLY E 213 -17.65 60.65 36.79
N VAL E 214 -18.26 60.83 37.97
CA VAL E 214 -18.66 59.73 38.83
C VAL E 214 -20.14 59.91 39.16
N GLY E 215 -20.79 58.81 39.48
CA GLY E 215 -22.20 58.79 39.76
C GLY E 215 -22.52 58.50 41.22
N ALA E 216 -23.81 58.27 41.47
CA ALA E 216 -24.29 57.90 42.78
C ALA E 216 -24.33 56.38 42.88
N GLY E 217 -24.88 55.86 43.97
CA GLY E 217 -24.98 54.43 44.11
C GLY E 217 -25.52 53.91 45.42
N ASN E 218 -26.30 52.83 45.34
CA ASN E 218 -26.69 52.07 46.51
C ASN E 218 -25.55 51.15 46.94
N THR E 219 -25.74 50.47 48.06
CA THR E 219 -24.77 49.50 48.57
C THR E 219 -25.53 48.35 49.20
N PRO E 220 -25.94 47.35 48.41
CA PRO E 220 -26.60 46.18 49.00
C PRO E 220 -25.61 45.32 49.77
N VAL E 221 -25.99 44.94 50.98
CA VAL E 221 -25.13 44.18 51.88
C VAL E 221 -25.72 42.77 52.02
N VAL E 222 -24.87 41.76 51.87
CA VAL E 222 -25.28 40.37 52.00
C VAL E 222 -24.61 39.80 53.24
N ILE E 223 -25.42 39.41 54.22
CA ILE E 223 -24.93 38.81 55.46
C ILE E 223 -25.44 37.37 55.51
N ASP E 224 -24.62 36.42 55.08
CA ASP E 224 -25.08 35.04 55.02
C ASP E 224 -24.92 34.36 56.38
N GLU E 225 -25.17 33.04 56.41
CA GLU E 225 -25.32 32.32 57.67
C GLU E 225 -23.99 32.05 58.36
N THR E 226 -22.86 32.15 57.65
CA THR E 226 -21.56 31.89 58.24
C THR E 226 -20.78 33.16 58.55
N ALA E 227 -21.48 34.30 58.64
CA ALA E 227 -20.84 35.56 58.94
C ALA E 227 -20.63 35.74 60.44
N ASP E 228 -19.85 36.75 60.80
CA ASP E 228 -19.70 37.18 62.17
C ASP E 228 -20.80 38.20 62.45
N ILE E 229 -21.80 37.80 63.23
CA ILE E 229 -22.97 38.65 63.48
C ILE E 229 -22.59 39.84 64.34
N LYS E 230 -21.66 39.66 65.27
CA LYS E 230 -21.22 40.77 66.11
C LYS E 230 -20.36 41.77 65.33
N ARG E 231 -19.71 41.31 64.26
CA ARG E 231 -18.93 42.22 63.43
C ARG E 231 -19.81 42.92 62.39
N ALA E 232 -20.75 42.19 61.78
CA ALA E 232 -21.53 42.73 60.68
C ALA E 232 -22.50 43.80 61.14
N VAL E 233 -23.07 43.65 62.34
CA VAL E 233 -23.99 44.66 62.84
C VAL E 233 -23.23 45.90 63.30
N ALA E 234 -22.11 45.71 63.99
CA ALA E 234 -21.36 46.84 64.54
C ALA E 234 -20.62 47.63 63.47
N SER E 235 -20.42 47.06 62.28
CA SER E 235 -19.78 47.78 61.19
C SER E 235 -20.78 48.54 60.33
N VAL E 236 -22.02 48.06 60.26
CA VAL E 236 -23.07 48.81 59.58
C VAL E 236 -23.42 50.07 60.37
N LEU E 237 -23.52 49.95 61.70
CA LEU E 237 -23.82 51.10 62.56
C LEU E 237 -22.70 52.14 62.54
N MET E 238 -21.46 51.71 62.33
CA MET E 238 -20.34 52.66 62.30
C MET E 238 -20.32 53.43 60.99
N SER E 239 -20.56 52.76 59.87
CA SER E 239 -20.39 53.39 58.57
C SER E 239 -21.63 54.15 58.12
N LYS E 240 -22.81 53.72 58.53
CA LYS E 240 -24.03 54.44 58.12
C LYS E 240 -24.22 55.70 58.94
N THR E 241 -23.75 55.72 60.18
CA THR E 241 -23.78 56.92 61.01
C THR E 241 -22.55 57.79 60.82
N PHE E 242 -21.65 57.41 59.91
CA PHE E 242 -20.49 58.23 59.59
C PHE E 242 -20.94 59.44 58.78
N ASP E 243 -20.92 60.61 59.42
CA ASP E 243 -21.42 61.88 58.87
C ASP E 243 -22.88 61.79 58.45
N ASN E 244 -23.67 60.99 59.19
CA ASN E 244 -25.10 60.76 58.94
C ASN E 244 -25.37 60.24 57.53
N GLY E 245 -24.45 59.43 57.02
CA GLY E 245 -24.66 58.76 55.75
C GLY E 245 -24.60 59.64 54.52
N VAL E 246 -23.93 60.79 54.58
CA VAL E 246 -23.79 61.63 53.39
C VAL E 246 -22.73 61.11 52.43
N ILE E 247 -21.93 60.13 52.85
CA ILE E 247 -20.85 59.63 52.02
C ILE E 247 -21.43 58.76 50.92
N CYS E 248 -20.83 58.84 49.73
CA CYS E 248 -21.10 57.86 48.69
C CYS E 248 -20.63 56.49 49.15
N ALA E 249 -21.29 55.46 48.61
CA ALA E 249 -21.09 54.04 48.97
C ALA E 249 -21.30 53.82 50.47
N SER E 250 -22.45 54.26 50.96
CA SER E 250 -22.90 53.94 52.31
C SER E 250 -24.00 52.89 52.22
N GLU E 251 -24.12 52.08 53.27
CA GLU E 251 -24.98 50.89 53.24
C GLU E 251 -26.44 51.31 53.27
N GLN E 252 -27.07 51.35 52.09
CA GLN E 252 -28.46 51.78 51.99
C GLN E 252 -29.44 50.67 52.29
N SER E 253 -29.04 49.41 52.16
CA SER E 253 -29.94 48.28 52.36
C SER E 253 -29.11 47.03 52.60
N VAL E 254 -29.57 46.20 53.54
CA VAL E 254 -28.93 44.93 53.85
C VAL E 254 -29.85 43.80 53.41
N VAL E 255 -29.25 42.66 53.08
CA VAL E 255 -29.99 41.45 52.69
C VAL E 255 -29.46 40.32 53.57
N VAL E 256 -30.28 39.87 54.51
CA VAL E 256 -29.89 38.83 55.46
C VAL E 256 -30.59 37.52 55.07
N VAL E 257 -29.86 36.41 55.18
CA VAL E 257 -30.46 35.11 54.95
C VAL E 257 -31.39 34.74 56.11
N ASP E 258 -32.27 33.78 55.85
CA ASP E 258 -33.31 33.42 56.83
C ASP E 258 -32.77 32.61 58.00
N SER E 259 -31.54 32.10 57.91
CA SER E 259 -31.00 31.31 59.00
C SER E 259 -30.59 32.17 60.19
N VAL E 260 -30.13 33.39 59.94
CA VAL E 260 -29.68 34.28 61.00
C VAL E 260 -30.39 35.62 60.93
N TYR E 261 -31.61 35.63 60.36
CA TYR E 261 -32.34 36.88 60.22
C TYR E 261 -32.85 37.39 61.56
N ASP E 262 -33.18 36.49 62.48
CA ASP E 262 -33.71 36.91 63.78
C ASP E 262 -32.60 37.38 64.71
N ALA E 263 -31.41 36.76 64.63
CA ALA E 263 -30.30 37.16 65.49
C ALA E 263 -29.73 38.51 65.07
N VAL E 264 -29.80 38.84 63.78
CA VAL E 264 -29.32 40.15 63.32
C VAL E 264 -30.29 41.23 63.76
N ARG E 265 -31.59 40.94 63.75
CA ARG E 265 -32.59 41.91 64.20
C ARG E 265 -32.48 42.20 65.69
N GLU E 266 -32.19 41.17 66.50
CA GLU E 266 -32.00 41.39 67.92
C GLU E 266 -30.70 42.11 68.23
N ARG E 267 -29.67 41.90 67.40
CA ARG E 267 -28.42 42.63 67.58
C ARG E 267 -28.57 44.09 67.17
N PHE E 268 -29.45 44.37 66.21
CA PHE E 268 -29.73 45.75 65.84
C PHE E 268 -30.63 46.44 66.87
N ALA E 269 -31.55 45.70 67.49
CA ALA E 269 -32.54 46.31 68.37
C ALA E 269 -31.95 46.68 69.73
N THR E 270 -31.06 45.85 70.27
CA THR E 270 -30.44 46.15 71.56
C THR E 270 -29.45 47.31 71.44
N HIS E 271 -28.85 47.48 70.27
CA HIS E 271 -27.96 48.60 70.01
C HIS E 271 -28.78 49.75 69.44
N GLY E 272 -28.12 50.75 68.85
CA GLY E 272 -28.75 52.00 68.45
C GLY E 272 -29.74 51.94 67.30
N GLY E 273 -30.04 50.75 66.76
CA GLY E 273 -31.06 50.66 65.73
C GLY E 273 -32.47 50.70 66.30
N TYR E 274 -33.40 51.18 65.47
CA TYR E 274 -34.81 51.30 65.84
C TYR E 274 -35.66 50.67 64.75
N LEU E 275 -36.20 49.48 65.03
CA LEU E 275 -37.01 48.77 64.05
C LEU E 275 -38.38 49.43 63.94
N LEU E 276 -38.71 49.92 62.74
CA LEU E 276 -40.00 50.54 62.50
C LEU E 276 -41.07 49.46 62.31
N GLN E 277 -42.21 49.65 62.96
CA GLN E 277 -43.28 48.65 62.97
C GLN E 277 -44.62 49.32 62.68
N GLY E 278 -45.36 48.77 61.72
CA GLY E 278 -46.73 49.16 61.47
C GLY E 278 -46.93 50.55 60.92
N LYS E 279 -47.47 51.44 61.74
CA LYS E 279 -47.79 52.80 61.31
C LYS E 279 -46.54 53.62 61.04
N GLU E 280 -45.47 53.37 61.78
CA GLU E 280 -44.24 54.15 61.64
C GLU E 280 -43.50 53.81 60.36
N LEU E 281 -43.72 52.62 59.79
CA LEU E 281 -43.06 52.26 58.54
C LEU E 281 -43.62 53.06 57.37
N LYS E 282 -44.94 53.20 57.28
CA LYS E 282 -45.54 54.00 56.23
C LYS E 282 -45.41 55.50 56.50
N ALA E 283 -45.22 55.90 57.75
CA ALA E 283 -45.07 57.31 58.09
C ALA E 283 -43.74 57.89 57.64
N VAL E 284 -42.75 57.05 57.36
CA VAL E 284 -41.46 57.52 56.87
C VAL E 284 -41.25 57.28 55.39
N GLN E 285 -42.09 56.46 54.75
CA GLN E 285 -41.93 56.21 53.32
C GLN E 285 -42.45 57.36 52.46
N ASP E 286 -43.29 58.22 53.02
CA ASP E 286 -43.80 59.38 52.31
C ASP E 286 -43.05 60.65 52.66
N VAL E 287 -41.98 60.55 53.44
CA VAL E 287 -41.13 61.69 53.75
C VAL E 287 -39.78 61.62 53.03
N ILE E 288 -39.42 60.48 52.45
CA ILE E 288 -38.14 60.35 51.76
C ILE E 288 -38.27 60.72 50.28
N LEU E 289 -39.29 60.19 49.59
CA LEU E 289 -39.56 60.56 48.21
C LEU E 289 -40.57 61.69 48.19
N LYS E 290 -40.13 62.89 47.79
CA LYS E 290 -41.01 64.04 47.78
C LYS E 290 -41.88 64.07 46.53
N ASN E 291 -41.24 64.17 45.36
CA ASN E 291 -41.92 64.21 44.07
C ASN E 291 -41.31 63.17 43.14
N GLY E 292 -41.12 61.96 43.65
CA GLY E 292 -40.37 60.94 42.95
C GLY E 292 -38.88 61.06 43.07
N ALA E 293 -38.39 61.99 43.88
CA ALA E 293 -36.95 62.19 44.11
C ALA E 293 -36.70 62.37 45.59
N LEU E 294 -35.44 62.21 45.99
CA LEU E 294 -35.04 62.35 47.38
C LEU E 294 -35.09 63.81 47.80
N ASN E 295 -35.84 64.11 48.86
CA ASN E 295 -35.97 65.48 49.32
C ASN E 295 -34.72 65.90 50.09
N ALA E 296 -34.38 67.18 49.98
CA ALA E 296 -33.18 67.72 50.61
C ALA E 296 -33.39 68.12 52.06
N ALA E 297 -34.51 67.74 52.68
CA ALA E 297 -34.76 68.07 54.08
C ALA E 297 -34.30 67.00 55.04
N ILE E 298 -34.06 65.78 54.57
CA ILE E 298 -33.59 64.68 55.40
C ILE E 298 -32.17 64.27 55.09
N VAL E 299 -31.54 64.90 54.09
CA VAL E 299 -30.19 64.52 53.66
C VAL E 299 -29.20 64.96 54.73
N GLY E 300 -28.65 64.01 55.47
CA GLY E 300 -27.64 64.29 56.47
C GLY E 300 -28.16 64.68 57.83
N GLN E 301 -29.45 64.69 58.04
CA GLN E 301 -30.00 64.99 59.35
C GLN E 301 -29.86 63.78 60.27
N PRO E 302 -29.82 63.99 61.59
CA PRO E 302 -29.77 62.86 62.52
C PRO E 302 -31.05 62.04 62.50
N ALA E 303 -30.97 60.87 63.15
CA ALA E 303 -32.06 59.91 63.09
C ALA E 303 -33.30 60.33 63.88
N TYR E 304 -33.15 61.24 64.84
CA TYR E 304 -34.29 61.72 65.60
C TYR E 304 -35.00 62.90 64.94
N LYS E 305 -34.36 63.56 63.98
CA LYS E 305 -35.00 64.62 63.22
C LYS E 305 -35.75 64.11 62.01
N ILE E 306 -35.38 62.93 61.49
CA ILE E 306 -36.15 62.31 60.42
C ILE E 306 -37.47 61.78 60.96
N ALA E 307 -37.44 61.19 62.15
CA ALA E 307 -38.67 60.72 62.79
C ALA E 307 -39.54 61.88 63.25
N GLU E 308 -38.93 62.99 63.66
CA GLU E 308 -39.68 64.19 64.02
C GLU E 308 -40.34 64.80 62.79
N LEU E 309 -39.66 64.73 61.64
CA LEU E 309 -40.26 65.19 60.39
C LEU E 309 -41.33 64.23 59.87
N ALA E 310 -41.32 62.99 60.34
CA ALA E 310 -42.30 62.00 59.92
C ALA E 310 -43.60 62.06 60.71
N GLY E 311 -43.54 62.42 61.98
CA GLY E 311 -44.75 62.57 62.77
C GLY E 311 -44.81 61.73 64.03
N PHE E 312 -43.65 61.33 64.55
CA PHE E 312 -43.57 60.66 65.85
C PHE E 312 -42.23 61.00 66.48
N SER E 313 -41.87 60.27 67.54
CA SER E 313 -40.65 60.57 68.27
C SER E 313 -39.95 59.28 68.68
N VAL E 314 -38.70 59.14 68.25
CA VAL E 314 -37.82 58.06 68.69
C VAL E 314 -37.04 58.59 69.87
N PRO E 315 -36.32 57.76 70.64
CA PRO E 315 -35.37 58.30 71.63
C PRO E 315 -34.25 59.08 70.96
N GLU E 316 -33.68 60.02 71.73
CA GLU E 316 -32.72 60.97 71.18
C GLU E 316 -31.37 60.34 70.85
N ASN E 317 -31.06 59.18 71.41
CA ASN E 317 -29.77 58.54 71.17
C ASN E 317 -29.85 57.39 70.17
N THR E 318 -31.00 57.19 69.54
CA THR E 318 -31.10 56.22 68.46
C THR E 318 -30.40 56.75 67.22
N LYS E 319 -29.82 55.83 66.44
CA LYS E 319 -28.94 56.23 65.36
C LYS E 319 -29.36 55.73 63.98
N ILE E 320 -30.09 54.61 63.88
CA ILE E 320 -30.43 54.01 62.60
C ILE E 320 -31.93 53.69 62.60
N LEU E 321 -32.64 54.18 61.58
CA LEU E 321 -34.05 53.86 61.38
C LEU E 321 -34.12 52.66 60.44
N ILE E 322 -34.61 51.54 60.94
CA ILE E 322 -34.66 50.29 60.18
C ILE E 322 -36.09 50.03 59.75
N GLY E 323 -36.31 49.86 58.45
CA GLY E 323 -37.61 49.46 57.95
C GLY E 323 -37.55 48.13 57.22
N GLU E 324 -38.26 47.14 57.73
CA GLU E 324 -38.25 45.80 57.14
C GLU E 324 -39.24 45.76 55.99
N VAL E 325 -38.72 45.78 54.76
CA VAL E 325 -39.55 45.83 53.57
C VAL E 325 -39.41 44.51 52.81
N THR E 326 -40.24 44.34 51.78
CA THR E 326 -40.32 43.08 51.04
C THR E 326 -40.04 43.22 49.56
N VAL E 327 -40.53 44.26 48.92
CA VAL E 327 -40.46 44.37 47.46
C VAL E 327 -39.17 45.08 47.06
N VAL E 328 -38.63 44.65 45.91
CA VAL E 328 -37.47 45.28 45.32
C VAL E 328 -37.90 45.93 44.02
N ASP E 329 -38.25 47.21 44.08
CA ASP E 329 -38.88 47.90 42.96
C ASP E 329 -38.72 49.40 43.15
N GLU E 330 -39.12 50.16 42.14
CA GLU E 330 -39.15 51.61 42.24
C GLU E 330 -40.36 52.11 43.02
N SER E 331 -41.34 51.25 43.29
CA SER E 331 -42.49 51.66 44.09
C SER E 331 -42.13 51.77 45.56
N GLU E 332 -41.19 50.98 46.03
CA GLU E 332 -40.76 51.04 47.42
C GLU E 332 -39.74 52.16 47.60
N PRO E 333 -39.99 53.14 48.47
CA PRO E 333 -39.03 54.23 48.64
C PRO E 333 -37.79 53.84 49.41
N PHE E 334 -37.80 52.71 50.12
CA PHE E 334 -36.64 52.29 50.89
C PHE E 334 -35.59 51.56 50.04
N ALA E 335 -35.87 51.33 48.77
CA ALA E 335 -34.89 50.72 47.87
C ALA E 335 -34.09 51.75 47.10
N HIS E 336 -34.15 53.02 47.50
CA HIS E 336 -33.43 54.09 46.82
C HIS E 336 -32.25 54.56 47.67
N GLU E 337 -31.46 55.46 47.08
CA GLU E 337 -30.39 56.12 47.81
C GLU E 337 -30.99 57.19 48.72
N LYS E 338 -30.64 57.16 49.99
CA LYS E 338 -31.28 57.99 51.00
C LYS E 338 -30.40 59.14 51.50
N LEU E 339 -29.08 58.94 51.56
CA LEU E 339 -28.11 59.90 52.09
C LEU E 339 -28.46 60.33 53.52
N SER E 340 -28.92 59.38 54.33
CA SER E 340 -29.44 59.65 55.66
C SER E 340 -29.34 58.35 56.45
N PRO E 341 -29.22 58.43 57.80
CA PRO E 341 -29.12 57.18 58.58
C PRO E 341 -30.43 56.39 58.62
N THR E 342 -30.75 55.75 57.51
CA THR E 342 -31.97 54.96 57.36
C THR E 342 -31.61 53.72 56.57
N LEU E 343 -32.12 52.56 56.99
CA LEU E 343 -31.76 51.28 56.41
C LEU E 343 -32.99 50.62 55.78
N ALA E 344 -32.78 49.40 55.28
CA ALA E 344 -33.86 48.61 54.69
C ALA E 344 -33.43 47.15 54.75
N MET E 345 -34.10 46.37 55.60
CA MET E 345 -33.74 44.96 55.80
C MET E 345 -34.59 44.08 54.89
N TYR E 346 -33.93 43.29 54.05
CA TYR E 346 -34.57 42.28 53.23
C TYR E 346 -34.23 40.90 53.78
N ARG E 347 -35.10 39.94 53.48
CA ARG E 347 -34.95 38.57 53.92
C ARG E 347 -34.83 37.66 52.71
N ALA E 348 -33.83 36.79 52.72
CA ALA E 348 -33.62 35.80 51.66
C ALA E 348 -33.59 34.41 52.27
N LYS E 349 -33.90 33.42 51.44
CA LYS E 349 -33.97 32.04 51.88
C LYS E 349 -32.67 31.28 51.70
N ASP E 350 -31.70 31.83 50.96
CA ASP E 350 -30.44 31.16 50.72
C ASP E 350 -29.38 32.22 50.40
N PHE E 351 -28.13 31.77 50.30
CA PHE E 351 -27.06 32.67 49.90
C PHE E 351 -27.19 33.05 48.43
N GLU E 352 -27.48 32.07 47.56
CA GLU E 352 -27.62 32.33 46.14
C GLU E 352 -28.90 33.09 45.81
N ASP E 353 -29.85 33.16 46.73
CA ASP E 353 -31.00 34.05 46.58
C ASP E 353 -30.70 35.44 47.09
N ALA E 354 -29.77 35.57 48.04
CA ALA E 354 -29.39 36.88 48.57
C ALA E 354 -28.59 37.68 47.55
N VAL E 355 -27.77 37.01 46.73
CA VAL E 355 -27.06 37.71 45.67
C VAL E 355 -28.02 38.12 44.56
N GLU E 356 -29.10 37.35 44.37
CA GLU E 356 -30.09 37.68 43.36
C GLU E 356 -30.86 38.94 43.73
N LYS E 357 -31.21 39.09 45.01
CA LYS E 357 -31.85 40.32 45.46
C LYS E 357 -30.88 41.49 45.46
N ALA E 358 -29.58 41.22 45.67
CA ALA E 358 -28.59 42.28 45.62
C ALA E 358 -28.33 42.74 44.18
N GLU E 359 -28.53 41.85 43.21
CA GLU E 359 -28.38 42.23 41.81
C GLU E 359 -29.47 43.17 41.36
N LYS E 360 -30.66 43.07 41.96
CA LYS E 360 -31.75 43.99 41.65
C LYS E 360 -31.69 45.28 42.45
N LEU E 361 -30.85 45.33 43.49
CA LEU E 361 -30.69 46.54 44.29
C LEU E 361 -29.61 47.47 43.76
N VAL E 362 -28.77 47.00 42.85
CA VAL E 362 -27.83 47.86 42.14
C VAL E 362 -28.43 48.26 40.81
N ALA E 363 -29.72 47.96 40.62
CA ALA E 363 -30.40 48.35 39.39
C ALA E 363 -31.06 49.71 39.49
N MET E 364 -31.62 50.07 40.65
CA MET E 364 -32.35 51.32 40.77
C MET E 364 -31.41 52.52 40.89
N GLY E 365 -30.62 52.56 41.96
CA GLY E 365 -29.72 53.68 42.15
C GLY E 365 -28.26 53.31 42.07
N GLY E 366 -27.62 53.62 40.95
CA GLY E 366 -26.20 53.37 40.80
C GLY E 366 -25.96 51.99 40.25
N ILE E 367 -25.45 51.89 39.03
CA ILE E 367 -25.38 50.58 38.38
C ILE E 367 -24.10 49.85 38.74
N GLY E 368 -22.98 50.55 38.84
CA GLY E 368 -21.72 49.90 39.12
C GLY E 368 -20.91 50.53 40.25
N HIS E 369 -21.56 51.01 41.30
CA HIS E 369 -20.82 51.79 42.29
C HIS E 369 -20.10 50.91 43.31
N THR E 370 -20.85 50.19 44.14
CA THR E 370 -20.29 49.48 45.29
C THR E 370 -21.30 48.49 45.87
N SER E 371 -20.89 47.24 46.08
CA SER E 371 -21.64 46.30 46.88
C SER E 371 -20.79 45.86 48.06
N CYS E 372 -21.34 44.99 48.90
CA CYS E 372 -20.64 44.52 50.08
C CYS E 372 -21.12 43.12 50.45
N LEU E 373 -20.32 42.43 51.25
CA LEU E 373 -20.62 41.06 51.65
C LEU E 373 -19.90 40.77 52.95
N TYR E 374 -20.61 40.16 53.91
CA TYR E 374 -20.03 39.75 55.19
C TYR E 374 -20.04 38.24 55.27
N THR E 375 -18.86 37.64 55.29
CA THR E 375 -18.67 36.20 55.50
C THR E 375 -17.23 35.98 55.93
N ASP E 376 -16.94 34.76 56.39
CA ASP E 376 -15.58 34.40 56.74
C ASP E 376 -14.79 34.17 55.45
N GLN E 377 -13.84 35.05 55.17
CA GLN E 377 -13.16 35.08 53.87
C GLN E 377 -12.08 34.01 53.74
N ASP E 378 -11.82 33.23 54.78
CA ASP E 378 -10.82 32.17 54.73
C ASP E 378 -11.45 30.80 54.52
N ASN E 379 -12.51 30.49 55.26
CA ASN E 379 -13.15 29.18 55.15
C ASN E 379 -14.08 29.06 53.97
N GLN E 380 -14.50 30.19 53.37
CA GLN E 380 -15.42 30.19 52.23
C GLN E 380 -14.78 30.93 51.06
N PRO E 381 -13.90 30.28 50.30
CA PRO E 381 -13.35 30.92 49.11
C PRO E 381 -14.23 30.77 47.87
N ALA E 382 -15.21 29.88 47.89
CA ALA E 382 -16.12 29.71 46.77
C ALA E 382 -17.24 30.73 46.76
N ARG E 383 -17.60 31.28 47.92
CA ARG E 383 -18.64 32.30 47.98
C ARG E 383 -18.12 33.69 47.70
N VAL E 384 -16.83 33.95 47.96
CA VAL E 384 -16.24 35.25 47.65
C VAL E 384 -15.90 35.38 46.17
N SER E 385 -15.89 34.29 45.42
CA SER E 385 -15.71 34.33 43.98
C SER E 385 -17.02 34.30 43.21
N TYR E 386 -18.04 33.66 43.77
CA TYR E 386 -19.38 33.71 43.18
C TYR E 386 -20.01 35.09 43.38
N PHE E 387 -19.73 35.74 44.50
CA PHE E 387 -20.22 37.09 44.71
C PHE E 387 -19.48 38.11 43.87
N GLY E 388 -18.20 37.87 43.58
CA GLY E 388 -17.45 38.75 42.72
C GLY E 388 -17.76 38.61 41.25
N GLN E 389 -18.31 37.46 40.85
CA GLN E 389 -18.66 37.23 39.46
C GLN E 389 -20.07 37.72 39.12
N LYS E 390 -20.96 37.74 40.11
CA LYS E 390 -22.35 38.12 39.88
C LYS E 390 -22.58 39.62 39.99
N MET E 391 -22.02 40.27 41.01
CA MET E 391 -22.26 41.68 41.25
C MET E 391 -21.50 42.53 40.24
N LYS E 392 -22.22 43.39 39.54
CA LYS E 392 -21.65 44.24 38.49
C LYS E 392 -21.37 45.64 39.05
N THR E 393 -20.45 45.70 40.01
CA THR E 393 -20.00 46.95 40.59
C THR E 393 -18.54 47.19 40.24
N ALA E 394 -17.99 48.27 40.78
CA ALA E 394 -16.58 48.60 40.56
C ALA E 394 -15.66 48.09 41.66
N ARG E 395 -16.15 48.02 42.90
CA ARG E 395 -15.37 47.52 44.01
C ARG E 395 -16.24 46.60 44.85
N ILE E 396 -15.68 45.45 45.24
CA ILE E 396 -16.38 44.46 46.05
C ILE E 396 -15.71 44.45 47.42
N LEU E 397 -16.43 44.88 48.43
CA LEU E 397 -15.91 44.92 49.79
C LEU E 397 -16.36 43.69 50.57
N ILE E 398 -15.41 43.07 51.28
CA ILE E 398 -15.68 41.87 52.05
C ILE E 398 -15.29 42.13 53.50
N ASN E 399 -16.26 41.95 54.41
CA ASN E 399 -16.11 42.20 55.86
C ASN E 399 -15.64 43.62 56.15
N THR E 400 -16.20 44.58 55.44
CA THR E 400 -15.69 45.94 55.50
C THR E 400 -16.84 46.92 55.63
N PRO E 401 -16.73 47.90 56.54
CA PRO E 401 -17.69 49.01 56.53
C PRO E 401 -17.54 49.83 55.26
N ALA E 402 -18.65 50.06 54.57
CA ALA E 402 -18.59 50.57 53.21
C ALA E 402 -18.22 52.05 53.14
N SER E 403 -18.44 52.81 54.20
CA SER E 403 -18.04 54.22 54.18
C SER E 403 -16.53 54.37 54.30
N GLN E 404 -15.94 53.68 55.28
CA GLN E 404 -14.49 53.68 55.42
C GLN E 404 -13.80 52.75 54.44
N GLY E 405 -14.53 51.82 53.83
CA GLY E 405 -13.91 50.86 52.93
C GLY E 405 -14.11 51.17 51.46
N GLY E 406 -15.12 52.00 51.16
CA GLY E 406 -15.28 52.47 49.79
C GLY E 406 -14.13 53.37 49.37
N ILE E 407 -13.80 54.35 50.21
CA ILE E 407 -12.55 55.09 50.05
C ILE E 407 -11.38 54.17 50.38
N GLY E 408 -10.22 54.45 49.79
CA GLY E 408 -9.10 53.55 49.87
C GLY E 408 -8.26 53.73 51.12
N ASP E 409 -7.24 52.87 51.23
CA ASP E 409 -6.18 52.87 52.25
C ASP E 409 -6.69 52.66 53.68
N LEU E 410 -7.96 52.31 53.84
CA LEU E 410 -8.51 51.88 55.12
C LEU E 410 -9.08 50.48 54.92
N TYR E 411 -8.74 49.58 55.86
CA TYR E 411 -9.14 48.17 55.94
C TYR E 411 -8.59 47.29 54.82
N ASN E 412 -7.93 47.85 53.82
CA ASN E 412 -7.44 47.04 52.71
C ASN E 412 -5.98 47.30 52.36
N PHE E 413 -5.52 48.55 52.43
CA PHE E 413 -4.16 49.01 52.11
C PHE E 413 -3.75 48.71 50.66
N LYS E 414 -4.70 48.46 49.76
CA LYS E 414 -4.40 48.25 48.35
C LYS E 414 -5.30 49.04 47.41
N LEU E 415 -6.49 49.43 47.84
CA LEU E 415 -7.29 50.37 47.08
C LEU E 415 -6.63 51.74 47.08
N ALA E 416 -6.72 52.44 45.95
CA ALA E 416 -6.17 53.78 45.88
C ALA E 416 -7.07 54.74 46.64
N PRO E 417 -6.53 55.54 47.56
CA PRO E 417 -7.38 56.45 48.35
C PRO E 417 -7.87 57.61 47.51
N SER E 418 -9.19 57.78 47.45
CA SER E 418 -9.82 58.87 46.74
C SER E 418 -11.21 59.08 47.29
N LEU E 419 -11.76 60.27 47.06
CA LEU E 419 -13.11 60.59 47.49
C LEU E 419 -14.06 60.72 46.31
N THR E 420 -13.58 60.45 45.10
CA THR E 420 -14.41 60.41 43.89
C THR E 420 -14.35 58.98 43.37
N LEU E 421 -15.38 58.18 43.67
CA LEU E 421 -15.38 56.76 43.36
C LEU E 421 -16.09 56.52 42.03
N GLY E 422 -15.37 55.95 41.07
CA GLY E 422 -15.94 55.71 39.77
C GLY E 422 -16.86 54.50 39.75
N CYS E 423 -17.71 54.45 38.71
CA CYS E 423 -18.65 53.36 38.53
C CYS E 423 -18.54 52.67 37.19
N GLY E 424 -17.68 53.17 36.29
CA GLY E 424 -17.53 52.55 34.99
C GLY E 424 -18.67 52.87 34.05
N SER E 425 -18.66 52.19 32.89
CA SER E 425 -19.65 52.40 31.85
C SER E 425 -21.01 51.80 32.20
N TRP E 426 -21.13 51.07 33.32
CA TRP E 426 -22.45 50.68 33.81
C TRP E 426 -23.26 51.90 34.23
N GLY E 427 -22.65 52.79 35.00
CA GLY E 427 -23.26 54.03 35.42
C GLY E 427 -22.98 55.21 34.51
N GLY E 428 -22.39 54.98 33.34
CA GLY E 428 -22.10 56.07 32.43
C GLY E 428 -20.82 56.83 32.74
N ASN E 429 -19.78 56.14 33.19
CA ASN E 429 -18.50 56.73 33.48
C ASN E 429 -17.41 56.04 32.64
N SER E 430 -16.19 56.56 32.72
CA SER E 430 -15.11 56.07 31.87
C SER E 430 -13.85 55.77 32.68
N ILE E 431 -14.00 55.34 33.94
CA ILE E 431 -12.86 55.09 34.79
C ILE E 431 -12.89 53.69 35.37
N SER E 432 -14.01 53.34 36.04
CA SER E 432 -14.20 52.08 36.78
C SER E 432 -13.11 51.86 37.81
N GLU E 433 -12.70 52.93 38.48
CA GLU E 433 -11.60 52.88 39.45
C GLU E 433 -11.76 54.05 40.40
N ASN E 434 -10.79 54.20 41.30
CA ASN E 434 -10.68 55.39 42.13
C ASN E 434 -9.74 56.37 41.44
N VAL E 435 -10.18 57.61 41.30
CA VAL E 435 -9.43 58.60 40.52
C VAL E 435 -8.20 59.05 41.31
N GLY E 436 -7.04 58.90 40.70
CA GLY E 436 -5.80 59.37 41.28
C GLY E 436 -5.07 60.28 40.33
N PRO E 437 -3.79 60.56 40.62
CA PRO E 437 -3.00 61.41 39.72
C PRO E 437 -2.58 60.73 38.43
N LYS E 438 -2.83 59.42 38.28
CA LYS E 438 -2.46 58.71 37.07
C LYS E 438 -3.49 58.86 35.96
N HIS E 439 -4.62 59.53 36.22
CA HIS E 439 -5.65 59.76 35.22
C HIS E 439 -5.54 61.12 34.56
N LEU E 440 -4.60 61.96 34.99
CA LEU E 440 -4.44 63.33 34.51
C LEU E 440 -3.02 63.56 34.03
N ILE E 441 -2.52 62.66 33.18
CA ILE E 441 -1.10 62.61 32.84
C ILE E 441 -0.85 62.89 31.36
N ASN E 442 -1.62 62.23 30.47
CA ASN E 442 -1.41 62.25 29.01
C ASN E 442 0.00 61.79 28.66
N LYS E 443 0.23 60.50 28.89
CA LYS E 443 1.52 59.86 28.62
C LYS E 443 1.94 60.03 27.17
N LYS E 444 3.19 60.42 26.97
CA LYS E 444 3.76 60.67 25.65
C LYS E 444 4.97 59.76 25.48
N THR E 445 4.99 59.00 24.39
CA THR E 445 6.03 58.02 24.16
C THR E 445 6.97 58.48 23.04
N VAL E 446 8.22 58.07 23.14
CA VAL E 446 9.25 58.39 22.17
C VAL E 446 9.77 57.07 21.62
N ALA E 447 9.40 56.75 20.39
CA ALA E 447 9.70 55.45 19.79
C ALA E 447 10.85 55.62 18.80
N LYS E 448 11.98 54.99 19.11
CA LYS E 448 13.10 54.96 18.19
C LYS E 448 13.03 53.73 17.30
N ARG E 449 13.77 53.78 16.19
CA ARG E 449 13.73 52.71 15.20
C ARG E 449 14.52 51.50 15.68
N ALA E 450 13.93 50.32 15.53
CA ALA E 450 14.60 49.06 15.78
C ALA E 450 14.47 48.19 14.54
N GLU E 451 15.28 47.14 14.47
CA GLU E 451 15.33 46.28 13.30
C GLU E 451 14.74 44.91 13.63
N ASN E 452 14.13 44.29 12.62
CA ASN E 452 13.52 42.98 12.78
C ASN E 452 14.58 41.91 13.00
N MET E 453 14.32 41.01 13.93
CA MET E 453 15.26 39.93 14.25
C MET E 453 15.34 38.97 13.07
N LEU E 454 16.55 38.76 12.56
CA LEU E 454 16.80 37.80 11.51
C LEU E 454 17.33 36.51 12.12
N TRP E 455 17.63 35.54 11.25
CA TRP E 455 17.98 34.20 11.71
C TRP E 455 18.83 33.52 10.65
N HIS E 456 19.34 32.35 11.01
CA HIS E 456 20.04 31.46 10.07
C HIS E 456 19.73 30.04 10.52
N LYS E 457 18.68 29.46 9.95
CA LYS E 457 18.18 28.16 10.37
C LYS E 457 18.42 27.14 9.27
N LEU E 458 19.03 26.02 9.64
CA LEU E 458 19.44 24.96 8.74
C LEU E 458 19.05 23.63 9.35
N PRO E 459 19.14 22.53 8.60
CA PRO E 459 19.06 21.20 9.22
C PRO E 459 20.23 20.95 10.17
N LYS E 460 20.05 19.95 11.02
CA LYS E 460 21.04 19.66 12.06
C LYS E 460 22.29 19.04 11.47
N SER E 461 22.19 18.37 10.33
CA SER E 461 23.35 17.75 9.69
C SER E 461 23.14 17.74 8.18
N ILE E 462 24.09 18.32 7.46
CA ILE E 462 24.06 18.36 5.99
C ILE E 462 25.27 17.56 5.52
N TYR E 463 25.07 16.26 5.29
CA TYR E 463 26.14 15.39 4.85
C TYR E 463 26.27 15.42 3.34
N PHE E 464 27.50 15.52 2.86
CA PHE E 464 27.73 15.64 1.42
C PHE E 464 29.14 15.18 1.08
N ARG E 465 29.23 14.25 0.12
CA ARG E 465 30.40 14.01 -0.72
C ARG E 465 29.94 13.16 -1.90
N ARG E 466 30.91 12.56 -2.59
CA ARG E 466 30.63 11.80 -3.81
C ARG E 466 29.81 10.55 -3.54
N GLY E 467 30.14 9.81 -2.50
CA GLY E 467 29.46 8.56 -2.25
C GLY E 467 28.97 8.35 -0.83
N SER E 468 28.58 9.42 -0.15
CA SER E 468 28.20 9.31 1.26
C SER E 468 26.70 9.09 1.44
N LEU E 469 26.13 8.15 0.69
CA LEU E 469 24.78 7.68 1.03
C LEU E 469 24.76 6.59 2.10
N PRO E 470 25.53 5.48 2.04
CA PRO E 470 25.41 4.50 3.12
C PRO E 470 26.16 4.87 4.39
N ILE E 471 27.13 5.78 4.32
CA ILE E 471 27.83 6.20 5.52
C ILE E 471 26.95 7.15 6.34
N ALA E 472 26.07 7.89 5.69
CA ALA E 472 25.12 8.74 6.40
C ALA E 472 23.92 7.97 6.88
N LEU E 473 23.55 6.89 6.18
CA LEU E 473 22.44 6.04 6.60
C LEU E 473 22.80 5.14 7.79
N ASP E 474 24.08 5.00 8.12
CA ASP E 474 24.47 4.30 9.33
C ASP E 474 24.29 5.14 10.58
N GLU E 475 24.05 6.45 10.44
CA GLU E 475 23.78 7.28 11.60
C GLU E 475 22.34 7.08 12.08
N VAL E 476 21.39 6.95 11.16
CA VAL E 476 20.00 6.72 11.56
C VAL E 476 19.76 5.29 12.01
N ILE E 477 20.72 4.39 11.80
CA ILE E 477 20.64 3.05 12.36
C ILE E 477 21.00 3.08 13.83
N THR E 478 22.09 3.76 14.19
CA THR E 478 22.57 3.82 15.56
C THR E 478 21.77 4.76 16.45
N ASP E 479 20.80 5.49 15.90
CA ASP E 479 19.94 6.36 16.69
C ASP E 479 18.72 5.62 17.24
N GLY E 480 18.61 4.32 17.02
CA GLY E 480 17.51 3.55 17.55
C GLY E 480 16.26 3.52 16.70
N HIS E 481 16.33 3.98 15.45
CA HIS E 481 15.17 3.96 14.57
C HIS E 481 14.94 2.55 14.04
N LYS E 482 13.70 2.07 14.17
CA LYS E 482 13.37 0.70 13.81
C LYS E 482 12.33 0.56 12.71
N ARG E 483 11.55 1.61 12.43
CA ARG E 483 10.54 1.58 11.39
C ARG E 483 10.70 2.83 10.53
N ALA E 484 10.91 2.64 9.23
CA ALA E 484 11.17 3.74 8.32
C ALA E 484 10.20 3.72 7.16
N LEU E 485 9.82 4.91 6.69
CA LEU E 485 8.97 5.08 5.53
C LEU E 485 9.75 5.87 4.49
N ILE E 486 9.74 5.40 3.25
CA ILE E 486 10.53 5.99 2.17
C ILE E 486 9.55 6.48 1.10
N VAL E 487 9.55 7.79 0.87
CA VAL E 487 8.68 8.42 -0.13
C VAL E 487 9.53 8.71 -1.36
N THR E 488 9.22 8.03 -2.47
CA THR E 488 9.99 8.14 -3.71
C THR E 488 9.06 8.54 -4.85
N ASP E 489 9.68 8.78 -6.00
CA ASP E 489 8.96 8.96 -7.25
C ASP E 489 8.73 7.59 -7.90
N ARG E 490 7.90 7.57 -8.94
CA ARG E 490 7.61 6.31 -9.62
C ARG E 490 8.78 5.88 -10.50
N PHE E 491 9.56 6.83 -11.02
CA PHE E 491 10.73 6.48 -11.82
C PHE E 491 11.86 5.95 -10.95
N LEU E 492 12.06 6.53 -9.76
CA LEU E 492 13.17 6.15 -8.90
C LEU E 492 12.97 4.80 -8.26
N PHE E 493 11.73 4.32 -8.18
CA PHE E 493 11.49 2.99 -7.64
C PHE E 493 11.72 1.90 -8.68
N ASN E 494 11.46 2.20 -9.95
CA ASN E 494 11.63 1.25 -11.03
C ASN E 494 13.04 1.23 -11.60
N ASN E 495 13.97 2.03 -11.05
CA ASN E 495 15.33 2.09 -11.56
C ASN E 495 16.36 1.84 -10.47
N GLY E 496 15.97 1.22 -9.36
CA GLY E 496 16.92 0.82 -8.34
C GLY E 496 17.44 1.93 -7.46
N TYR E 497 16.90 3.16 -7.57
CA TYR E 497 17.34 4.24 -6.70
C TYR E 497 16.79 4.06 -5.29
N ALA E 498 15.57 3.53 -5.17
CA ALA E 498 15.00 3.26 -3.87
C ALA E 498 15.57 2.00 -3.24
N ASP E 499 16.22 1.14 -4.03
CA ASP E 499 16.84 -0.06 -3.50
C ASP E 499 18.21 0.19 -2.90
N GLN E 500 18.82 1.35 -3.16
CA GLN E 500 20.07 1.70 -2.51
C GLN E 500 19.87 2.09 -1.05
N ILE E 501 18.65 2.45 -0.65
CA ILE E 501 18.34 2.80 0.72
C ILE E 501 17.80 1.59 1.49
N THR E 502 16.94 0.80 0.85
CA THR E 502 16.34 -0.35 1.53
C THR E 502 17.35 -1.46 1.79
N SER E 503 18.39 -1.56 0.96
CA SER E 503 19.38 -2.61 1.16
C SER E 503 20.28 -2.31 2.36
N VAL E 504 20.56 -1.04 2.62
CA VAL E 504 21.35 -0.68 3.80
C VAL E 504 20.47 -0.72 5.05
N LEU E 505 19.19 -0.37 4.92
CA LEU E 505 18.31 -0.30 6.07
C LEU E 505 17.91 -1.69 6.56
N LYS E 506 17.50 -2.58 5.64
CA LYS E 506 17.02 -3.90 6.04
C LYS E 506 18.16 -4.84 6.42
N ALA E 507 19.41 -4.52 6.06
CA ALA E 507 20.52 -5.34 6.50
C ALA E 507 20.84 -5.12 7.97
N ALA E 508 20.44 -3.99 8.53
CA ALA E 508 20.65 -3.71 9.95
C ALA E 508 19.43 -4.06 10.81
N GLY E 509 18.31 -4.42 10.19
CA GLY E 509 17.17 -4.92 10.92
C GLY E 509 16.07 -3.91 11.22
N VAL E 510 15.68 -3.11 10.23
CA VAL E 510 14.56 -2.20 10.38
C VAL E 510 13.47 -2.62 9.38
N GLU E 511 12.26 -2.10 9.61
CA GLU E 511 11.10 -2.37 8.77
C GLU E 511 10.88 -1.18 7.83
N THR E 512 11.00 -1.43 6.53
CA THR E 512 10.87 -0.38 5.53
C THR E 512 9.55 -0.54 4.77
N GLU E 513 9.12 0.56 4.16
CA GLU E 513 7.93 0.60 3.34
C GLU E 513 8.06 1.76 2.36
N VAL E 514 7.82 1.50 1.09
CA VAL E 514 8.09 2.46 0.02
C VAL E 514 6.76 2.99 -0.52
N PHE E 515 6.60 4.31 -0.48
CA PHE E 515 5.48 5.00 -1.12
C PHE E 515 6.01 5.68 -2.37
N PHE E 516 5.66 5.14 -3.54
CA PHE E 516 6.26 5.54 -4.80
C PHE E 516 5.23 6.16 -5.76
N GLU E 517 4.16 6.72 -5.21
CA GLU E 517 3.02 7.18 -6.01
C GLU E 517 2.85 8.70 -5.96
N VAL E 518 3.94 9.44 -6.15
CA VAL E 518 3.88 10.88 -6.30
C VAL E 518 4.03 11.22 -7.78
N GLU E 519 3.72 12.46 -8.11
CA GLU E 519 3.73 12.93 -9.49
C GLU E 519 4.75 14.07 -9.65
N ALA E 520 4.72 14.71 -10.83
CA ALA E 520 5.61 15.83 -11.08
C ALA E 520 5.25 17.04 -10.22
N ASP E 521 3.97 17.21 -9.92
CA ASP E 521 3.50 18.21 -8.99
C ASP E 521 2.74 17.54 -7.86
N PRO E 522 3.09 17.77 -6.61
CA PRO E 522 2.48 17.02 -5.51
C PRO E 522 1.13 17.57 -5.08
N THR E 523 0.05 17.14 -5.73
CA THR E 523 -1.29 17.57 -5.38
C THR E 523 -1.68 17.05 -4.00
N LEU E 524 -2.73 17.65 -3.44
CA LEU E 524 -3.17 17.31 -2.09
C LEU E 524 -3.80 15.93 -2.00
N SER E 525 -4.27 15.39 -3.13
CA SER E 525 -4.93 14.09 -3.11
C SER E 525 -3.94 12.94 -2.90
N ILE E 526 -2.71 13.08 -3.37
CA ILE E 526 -1.71 12.02 -3.23
C ILE E 526 -0.88 12.24 -1.98
N VAL E 527 -1.20 13.28 -1.21
CA VAL E 527 -0.57 13.50 0.08
C VAL E 527 -1.33 12.76 1.18
N ARG E 528 -2.67 12.87 1.17
CA ARG E 528 -3.49 12.15 2.14
C ARG E 528 -3.52 10.65 1.88
N LYS E 529 -3.14 10.21 0.68
CA LYS E 529 -2.93 8.78 0.46
C LYS E 529 -1.69 8.29 1.20
N GLY E 530 -0.59 9.06 1.13
CA GLY E 530 0.60 8.69 1.86
C GLY E 530 0.48 8.90 3.35
N ALA E 531 -0.34 9.87 3.77
CA ALA E 531 -0.60 10.06 5.18
C ALA E 531 -1.47 8.94 5.75
N GLU E 532 -2.33 8.36 4.92
CA GLU E 532 -3.09 7.19 5.33
C GLU E 532 -2.18 5.96 5.45
N LEU E 533 -1.18 5.86 4.58
CA LEU E 533 -0.18 4.79 4.70
C LEU E 533 0.71 5.00 5.92
N ALA E 534 0.89 6.25 6.34
CA ALA E 534 1.82 6.55 7.42
C ALA E 534 1.28 6.07 8.77
N ASN E 535 0.07 6.47 9.13
CA ASN E 535 -0.49 6.09 10.43
C ASN E 535 -1.00 4.66 10.47
N SER E 536 -1.04 3.96 9.33
CA SER E 536 -1.30 2.53 9.33
C SER E 536 -0.02 1.71 9.45
N PHE E 537 1.13 2.32 9.16
CA PHE E 537 2.43 1.67 9.31
C PHE E 537 3.19 2.14 10.54
N LYS E 538 2.95 3.38 10.99
CA LYS E 538 3.56 4.06 12.13
C LYS E 538 5.09 4.04 12.09
N PRO E 539 5.71 4.80 11.19
CA PRO E 539 7.17 4.79 11.12
C PRO E 539 7.80 5.71 12.15
N ASP E 540 9.12 5.66 12.22
CA ASP E 540 9.90 6.55 13.08
C ASP E 540 10.78 7.50 12.31
N VAL E 541 11.00 7.26 11.02
CA VAL E 541 11.84 8.10 10.17
C VAL E 541 11.22 8.13 8.79
N ILE E 542 11.08 9.32 8.22
CA ILE E 542 10.54 9.50 6.88
C ILE E 542 11.69 9.94 5.98
N ILE E 543 12.07 9.07 5.05
CA ILE E 543 13.15 9.35 4.10
C ILE E 543 12.52 9.84 2.80
N ALA E 544 12.83 11.08 2.43
CA ALA E 544 12.26 11.72 1.24
C ALA E 544 13.26 11.63 0.10
N LEU E 545 13.34 10.46 -0.51
CA LEU E 545 14.21 10.26 -1.66
C LEU E 545 13.57 10.87 -2.90
N GLY E 546 14.28 11.77 -3.55
CA GLY E 546 13.76 12.46 -4.71
C GLY E 546 14.31 13.87 -4.77
N GLY E 547 14.07 14.51 -5.91
CA GLY E 547 14.62 15.83 -6.13
C GLY E 547 13.72 16.99 -5.74
N GLY E 548 12.50 17.00 -6.27
CA GLY E 548 11.56 18.06 -5.98
C GLY E 548 10.33 17.57 -5.25
N SER E 549 9.24 17.40 -6.02
CA SER E 549 7.93 16.93 -5.59
C SER E 549 7.89 15.66 -4.73
N PRO E 550 8.82 14.69 -4.82
CA PRO E 550 8.85 13.65 -3.76
C PRO E 550 9.23 14.18 -2.40
N MET E 551 9.94 15.29 -2.30
CA MET E 551 10.30 15.85 -0.99
C MET E 551 9.21 16.78 -0.45
N ASP E 552 8.51 17.49 -1.33
CA ASP E 552 7.45 18.38 -0.86
C ASP E 552 6.22 17.61 -0.41
N ALA E 553 5.94 16.47 -1.06
CA ALA E 553 4.84 15.63 -0.63
C ALA E 553 5.16 14.88 0.66
N ALA E 554 6.44 14.69 0.97
CA ALA E 554 6.81 14.00 2.20
C ALA E 554 6.80 14.95 3.40
N LYS E 555 7.04 16.24 3.18
CA LYS E 555 6.98 17.20 4.28
C LYS E 555 5.55 17.43 4.76
N ILE E 556 4.58 17.38 3.84
CA ILE E 556 3.20 17.65 4.23
C ILE E 556 2.56 16.40 4.83
N MET E 557 2.91 15.22 4.32
CA MET E 557 2.48 13.99 4.97
C MET E 557 3.24 13.72 6.26
N TRP E 558 4.32 14.46 6.52
CA TRP E 558 4.91 14.48 7.85
C TRP E 558 4.05 15.28 8.82
N VAL E 559 3.34 16.30 8.32
CA VAL E 559 2.46 17.09 9.18
C VAL E 559 1.20 16.30 9.51
N MET E 560 0.57 15.72 8.49
CA MET E 560 -0.70 15.01 8.68
C MET E 560 -0.54 13.66 9.34
N TYR E 561 0.69 13.16 9.47
CA TYR E 561 0.95 12.00 10.33
C TYR E 561 1.22 12.42 11.76
N GLU E 562 1.87 13.56 11.96
CA GLU E 562 2.16 14.04 13.31
C GLU E 562 0.91 14.63 13.96
N HIS E 563 0.18 15.47 13.24
CA HIS E 563 -1.06 16.09 13.72
C HIS E 563 -2.13 15.90 12.66
N PRO E 564 -2.97 14.86 12.79
CA PRO E 564 -3.87 14.49 11.70
C PRO E 564 -5.15 15.29 11.61
N GLU E 565 -5.27 16.38 12.37
CA GLU E 565 -6.48 17.21 12.33
C GLU E 565 -6.21 18.59 11.74
N THR E 566 -5.03 18.80 11.16
CA THR E 566 -4.71 20.09 10.58
C THR E 566 -5.42 20.29 9.24
N HIS E 567 -5.82 21.53 8.98
CA HIS E 567 -6.52 21.90 7.76
C HIS E 567 -5.52 22.49 6.77
N PHE E 568 -5.68 22.13 5.49
CA PHE E 568 -4.81 22.69 4.45
C PHE E 568 -5.15 24.15 4.18
N GLU E 569 -6.39 24.56 4.45
CA GLU E 569 -6.79 25.95 4.24
C GLU E 569 -6.17 26.92 5.23
N GLU E 570 -5.60 26.42 6.33
CA GLU E 570 -4.90 27.25 7.29
C GLU E 570 -3.39 27.20 7.12
N LEU E 571 -2.86 26.13 6.51
CA LEU E 571 -1.44 26.10 6.19
C LEU E 571 -1.11 27.06 5.05
N ALA E 572 -2.03 27.21 4.11
CA ALA E 572 -1.80 28.03 2.91
C ALA E 572 -2.19 29.48 3.10
N LEU E 573 -2.44 29.92 4.33
CA LEU E 573 -2.78 31.31 4.56
C LEU E 573 -1.53 32.17 4.46
N ARG E 574 -1.60 33.23 3.66
CA ARG E 574 -0.46 34.08 3.41
C ARG E 574 -0.23 35.00 4.59
N PHE E 575 0.96 34.94 5.19
CA PHE E 575 1.30 35.82 6.29
C PHE E 575 1.94 37.11 5.78
N MET E 576 2.08 38.07 6.70
CA MET E 576 2.87 39.26 6.44
C MET E 576 4.29 39.15 6.96
N ASP E 577 4.48 38.34 8.01
CA ASP E 577 5.79 38.12 8.61
C ASP E 577 5.72 36.85 9.44
N ILE E 578 6.72 35.98 9.31
CA ILE E 578 6.84 34.84 10.21
C ILE E 578 7.24 35.34 11.60
N ARG E 579 6.94 34.51 12.61
CA ARG E 579 6.91 34.77 14.06
C ARG E 579 5.81 35.75 14.45
N LYS E 580 4.95 36.15 13.52
CA LYS E 580 3.77 36.94 13.81
C LYS E 580 2.56 36.45 13.02
N ARG E 581 2.63 35.23 12.48
CA ARG E 581 1.53 34.68 11.70
C ARG E 581 0.42 34.17 12.63
N ILE E 582 -0.73 33.90 12.04
CA ILE E 582 -1.90 33.53 12.83
C ILE E 582 -1.87 32.04 13.18
N TYR E 583 -1.68 31.19 12.19
CA TYR E 583 -1.64 29.74 12.42
C TYR E 583 -0.20 29.34 12.70
N LYS E 584 0.12 29.13 13.97
CA LYS E 584 1.41 28.56 14.34
C LYS E 584 1.44 27.08 13.98
N PHE E 585 2.51 26.65 13.32
CA PHE E 585 2.71 25.23 13.09
C PHE E 585 3.01 24.53 14.41
N PRO E 586 2.43 23.37 14.66
CA PRO E 586 2.73 22.65 15.91
C PRO E 586 4.13 22.07 15.89
N LYS E 587 4.63 21.79 17.09
CA LYS E 587 5.99 21.26 17.23
C LYS E 587 6.03 19.82 16.74
N MET E 588 6.79 19.58 15.68
CA MET E 588 6.89 18.28 15.05
C MET E 588 8.18 17.60 15.44
N GLY E 589 8.32 16.35 15.02
CA GLY E 589 9.45 15.54 15.42
C GLY E 589 9.26 14.78 16.72
N VAL E 590 8.02 14.66 17.18
CA VAL E 590 7.76 13.96 18.44
C VAL E 590 7.61 12.46 18.25
N LYS E 591 7.35 11.99 17.01
CA LYS E 591 7.32 10.56 16.74
C LYS E 591 7.90 10.20 15.38
N ALA E 592 8.42 11.14 14.62
CA ALA E 592 8.94 10.85 13.29
C ALA E 592 9.97 11.89 12.91
N LYS E 593 11.18 11.45 12.61
CA LYS E 593 12.22 12.31 12.07
C LYS E 593 12.13 12.36 10.54
N MET E 594 12.82 13.32 9.95
CA MET E 594 12.79 13.53 8.50
C MET E 594 14.20 13.50 7.96
N ILE E 595 14.47 12.58 7.05
CA ILE E 595 15.73 12.50 6.31
C ILE E 595 15.45 12.91 4.87
N ALA E 596 16.35 13.67 4.28
CA ALA E 596 16.11 14.32 2.99
C ALA E 596 17.24 14.00 2.02
N VAL E 597 17.11 12.92 1.28
CA VAL E 597 18.08 12.54 0.26
C VAL E 597 17.64 13.12 -1.07
N THR E 598 18.50 13.93 -1.68
CA THR E 598 18.17 14.61 -2.93
C THR E 598 18.79 13.90 -4.12
N THR E 599 18.11 13.98 -5.25
CA THR E 599 18.57 13.36 -6.49
C THR E 599 18.80 14.36 -7.61
N THR E 600 17.91 15.31 -7.81
CA THR E 600 18.13 16.34 -8.82
C THR E 600 19.04 17.43 -8.28
N SER E 601 19.76 18.08 -9.20
CA SER E 601 20.74 19.10 -8.85
C SER E 601 20.22 20.51 -9.09
N GLY E 602 18.92 20.74 -8.91
CA GLY E 602 18.39 22.07 -9.09
C GLY E 602 17.68 22.68 -7.90
N THR E 603 17.04 21.85 -7.08
CA THR E 603 16.17 22.32 -6.01
C THR E 603 16.81 21.98 -4.67
N GLY E 604 17.04 22.99 -3.85
CA GLY E 604 17.55 22.78 -2.50
C GLY E 604 16.46 22.60 -1.47
N SER E 605 15.48 21.73 -1.76
CA SER E 605 14.37 21.50 -0.84
C SER E 605 14.75 20.69 0.38
N GLU E 606 15.98 20.17 0.44
CA GLU E 606 16.43 19.41 1.60
C GLU E 606 16.85 20.27 2.77
N VAL E 607 17.05 21.57 2.55
CA VAL E 607 17.46 22.49 3.62
C VAL E 607 16.48 23.63 3.82
N THR E 608 15.49 23.78 2.96
CA THR E 608 14.59 24.91 3.03
C THR E 608 13.27 24.53 3.70
N PRO E 609 12.62 25.45 4.42
CA PRO E 609 11.31 25.19 5.02
C PRO E 609 10.15 25.44 4.05
N PHE E 610 10.26 24.91 2.84
CA PHE E 610 9.24 25.10 1.82
C PHE E 610 8.65 23.76 1.41
N ALA E 611 7.39 23.81 0.96
CA ALA E 611 6.71 22.63 0.43
C ALA E 611 5.62 23.13 -0.51
N VAL E 612 5.88 23.08 -1.81
CA VAL E 612 4.94 23.59 -2.81
C VAL E 612 4.01 22.44 -3.20
N VAL E 613 2.76 22.51 -2.77
CA VAL E 613 1.78 21.47 -3.05
C VAL E 613 0.56 22.10 -3.70
N THR E 614 -0.08 21.32 -4.57
CA THR E 614 -1.24 21.79 -5.32
C THR E 614 -2.52 21.44 -4.56
N ASP E 615 -3.51 22.34 -4.63
CA ASP E 615 -4.74 22.17 -3.87
C ASP E 615 -5.61 21.05 -4.46
N ASP E 616 -5.52 20.83 -5.77
CA ASP E 616 -6.18 19.80 -6.58
C ASP E 616 -7.70 19.97 -6.70
N ALA E 617 -8.28 20.98 -6.06
CA ALA E 617 -9.69 21.31 -6.23
C ALA E 617 -9.91 22.57 -7.05
N THR E 618 -9.01 23.55 -6.95
CA THR E 618 -9.05 24.75 -7.77
C THR E 618 -7.85 24.89 -8.68
N GLY E 619 -6.81 24.07 -8.51
CA GLY E 619 -5.63 24.14 -9.35
C GLY E 619 -4.73 25.32 -9.01
N GLN E 620 -4.28 25.39 -7.77
CA GLN E 620 -3.43 26.48 -7.30
C GLN E 620 -2.21 25.91 -6.58
N LYS E 621 -1.04 26.48 -6.88
CA LYS E 621 0.19 26.11 -6.21
C LYS E 621 0.38 26.98 -4.97
N TYR E 622 0.55 26.35 -3.82
CA TYR E 622 0.65 27.06 -2.55
C TYR E 622 2.00 26.80 -1.90
N PRO E 623 2.90 27.78 -1.86
CA PRO E 623 4.17 27.57 -1.14
C PRO E 623 3.98 27.66 0.37
N LEU E 624 4.08 26.53 1.06
CA LEU E 624 3.86 26.49 2.49
C LEU E 624 5.19 26.69 3.19
N ALA E 625 5.29 27.73 4.02
CA ALA E 625 6.57 28.16 4.57
C ALA E 625 6.49 28.35 6.07
N ASP E 626 7.10 27.45 6.82
CA ASP E 626 7.39 27.63 8.23
C ASP E 626 8.53 26.71 8.60
N TYR E 627 9.34 27.14 9.57
CA TYR E 627 10.60 26.48 9.88
C TYR E 627 10.44 25.17 10.67
N ALA E 628 9.22 24.71 10.91
CA ALA E 628 9.01 23.35 11.42
C ALA E 628 9.11 22.31 10.31
N LEU E 629 9.11 22.73 9.04
CA LEU E 629 9.24 21.83 7.91
C LEU E 629 10.69 21.56 7.52
N THR E 630 11.64 22.08 8.28
CA THR E 630 13.04 21.81 7.97
C THR E 630 13.39 20.39 8.37
N PRO E 631 14.06 19.63 7.49
CA PRO E 631 14.43 18.26 7.82
C PRO E 631 15.50 18.18 8.88
N ASP E 632 15.60 17.01 9.50
CA ASP E 632 16.61 16.77 10.53
C ASP E 632 17.96 16.35 9.96
N MET E 633 18.01 15.94 8.70
CA MET E 633 19.25 15.52 8.06
C MET E 633 19.09 15.62 6.56
N ALA E 634 20.02 16.28 5.90
CA ALA E 634 20.02 16.42 4.45
C ALA E 634 21.23 15.69 3.89
N ILE E 635 21.00 14.75 2.98
CA ILE E 635 22.06 13.96 2.38
C ILE E 635 22.17 14.36 0.92
N VAL E 636 23.24 15.05 0.57
CA VAL E 636 23.46 15.49 -0.80
C VAL E 636 24.67 14.77 -1.39
N ASP E 637 24.43 13.64 -2.07
CA ASP E 637 25.50 12.90 -2.70
C ASP E 637 25.30 12.87 -4.20
N ALA E 638 26.41 12.88 -4.93
CA ALA E 638 26.40 13.01 -6.38
C ALA E 638 26.40 11.69 -7.11
N ASN E 639 26.23 10.57 -6.41
CA ASN E 639 26.11 9.29 -7.10
C ASN E 639 24.73 9.07 -7.68
N LEU E 640 23.73 9.81 -7.21
CA LEU E 640 22.37 9.72 -7.71
C LEU E 640 22.09 10.72 -8.83
N VAL E 641 23.06 11.57 -9.16
CA VAL E 641 22.88 12.65 -10.11
C VAL E 641 23.61 12.41 -11.43
N MET E 642 24.38 11.33 -11.53
CA MET E 642 25.21 11.12 -12.71
C MET E 642 24.38 10.76 -13.94
N ASP E 643 23.38 9.89 -13.77
CA ASP E 643 22.58 9.42 -14.90
C ASP E 643 21.36 10.29 -15.17
N MET E 644 21.42 11.57 -14.80
CA MET E 644 20.35 12.53 -15.05
C MET E 644 20.38 12.97 -16.51
N PRO E 645 19.22 13.05 -17.17
CA PRO E 645 19.20 13.45 -18.58
C PRO E 645 19.50 14.93 -18.76
N LYS E 646 19.67 15.32 -20.03
CA LYS E 646 20.09 16.68 -20.35
C LYS E 646 18.96 17.70 -20.17
N SER E 647 17.71 17.26 -20.30
CA SER E 647 16.61 18.21 -20.12
C SER E 647 16.40 18.54 -18.65
N LEU E 648 16.69 17.60 -17.75
CA LEU E 648 16.56 17.86 -16.32
C LEU E 648 17.76 18.59 -15.75
N CYS E 649 18.94 18.42 -16.35
CA CYS E 649 20.12 19.12 -15.87
C CYS E 649 20.09 20.60 -16.23
N ALA E 650 19.52 20.94 -17.38
CA ALA E 650 19.43 22.34 -17.79
C ALA E 650 18.29 23.05 -17.09
N PHE E 651 17.19 22.34 -16.81
CA PHE E 651 16.08 22.95 -16.09
C PHE E 651 16.42 23.18 -14.63
N GLY E 652 17.18 22.27 -14.03
CA GLY E 652 17.56 22.40 -12.65
C GLY E 652 18.64 23.42 -12.40
N GLY E 653 19.71 23.38 -13.20
CA GLY E 653 20.85 24.26 -12.98
C GLY E 653 20.54 25.73 -13.22
N LEU E 654 19.60 26.02 -14.12
CA LEU E 654 19.16 27.39 -14.29
C LEU E 654 18.13 27.81 -13.25
N ASP E 655 17.48 26.86 -12.60
CA ASP E 655 16.61 27.18 -11.49
C ASP E 655 17.41 27.58 -10.26
N ALA E 656 18.56 26.92 -10.03
CA ALA E 656 19.41 27.25 -8.90
C ALA E 656 20.19 28.54 -9.10
N VAL E 657 20.29 29.04 -10.33
CA VAL E 657 20.83 30.38 -10.55
C VAL E 657 19.85 31.42 -10.04
N THR E 658 18.56 31.24 -10.32
CA THR E 658 17.54 32.16 -9.84
C THR E 658 17.29 32.03 -8.35
N HIS E 659 17.67 30.91 -7.74
CA HIS E 659 17.57 30.78 -6.29
C HIS E 659 18.58 31.66 -5.57
N ALA E 660 19.83 31.68 -6.06
CA ALA E 660 20.86 32.48 -5.42
C ALA E 660 20.84 33.94 -5.86
N MET E 661 20.11 34.26 -6.92
CA MET E 661 20.04 35.64 -7.41
C MET E 661 18.91 36.42 -6.77
N GLU E 662 17.83 35.76 -6.37
CA GLU E 662 16.75 36.43 -5.65
C GLU E 662 16.98 36.48 -4.15
N ALA E 663 17.75 35.54 -3.61
CA ALA E 663 18.08 35.55 -2.19
C ALA E 663 19.19 36.52 -1.84
N TYR E 664 19.86 37.10 -2.85
CA TYR E 664 20.92 38.08 -2.60
C TYR E 664 20.41 39.51 -2.62
N VAL E 665 19.36 39.78 -3.38
CA VAL E 665 18.80 41.13 -3.49
C VAL E 665 17.59 41.34 -2.60
N SER E 666 17.13 40.30 -1.91
CA SER E 666 15.94 40.38 -1.08
C SER E 666 16.15 41.29 0.13
N VAL E 667 15.04 41.66 0.76
CA VAL E 667 15.12 42.54 1.92
C VAL E 667 15.53 41.79 3.18
N LEU E 668 15.33 40.48 3.22
CA LEU E 668 15.78 39.66 4.34
C LEU E 668 17.22 39.17 4.16
N ALA E 669 17.90 39.61 3.10
CA ALA E 669 19.27 39.19 2.85
C ALA E 669 20.22 39.90 3.82
N SER E 670 20.79 39.16 4.75
CA SER E 670 21.74 39.67 5.71
C SER E 670 23.15 39.28 5.30
N GLU E 671 24.12 39.52 6.18
CA GLU E 671 25.50 39.15 5.92
C GLU E 671 25.76 37.65 6.07
N PHE E 672 24.82 36.92 6.67
CA PHE E 672 25.00 35.48 6.86
C PHE E 672 24.69 34.70 5.59
N SER E 673 23.77 35.20 4.77
CA SER E 673 23.36 34.51 3.55
C SER E 673 23.78 35.26 2.28
N ASP E 674 24.76 36.16 2.39
CA ASP E 674 25.31 36.78 1.20
C ASP E 674 26.55 36.05 0.69
N GLY E 675 27.28 35.37 1.58
CA GLY E 675 28.39 34.56 1.13
C GLY E 675 27.94 33.30 0.42
N GLN E 676 26.88 32.67 0.92
CA GLN E 676 26.38 31.45 0.30
C GLN E 676 25.63 31.75 -0.99
N ALA E 677 25.06 32.96 -1.12
CA ALA E 677 24.38 33.31 -2.35
C ALA E 677 25.36 33.61 -3.47
N LEU E 678 26.56 34.10 -3.12
CA LEU E 678 27.59 34.38 -4.13
C LEU E 678 28.47 33.18 -4.42
N GLN E 679 28.63 32.27 -3.46
CA GLN E 679 29.38 31.05 -3.70
C GLN E 679 28.61 30.11 -4.63
N ALA E 680 27.29 30.08 -4.53
CA ALA E 680 26.48 29.25 -5.40
C ALA E 680 26.39 29.79 -6.81
N LEU E 681 26.68 31.07 -7.02
CA LEU E 681 26.74 31.64 -8.36
C LEU E 681 28.12 31.51 -8.99
N LYS E 682 29.17 31.41 -8.17
CA LYS E 682 30.51 31.18 -8.70
C LYS E 682 30.66 29.77 -9.24
N LEU E 683 30.09 28.79 -8.54
CA LEU E 683 30.19 27.39 -8.99
C LEU E 683 29.28 27.12 -10.18
N LEU E 684 28.11 27.77 -10.23
CA LEU E 684 27.18 27.58 -11.35
C LEU E 684 27.60 28.35 -12.59
N LYS E 685 28.60 29.22 -12.50
CA LYS E 685 29.13 29.89 -13.68
C LYS E 685 30.19 29.06 -14.38
N GLU E 686 31.02 28.36 -13.60
CA GLU E 686 32.17 27.64 -14.14
C GLU E 686 31.88 26.21 -14.53
N TYR E 687 30.88 25.57 -13.93
CA TYR E 687 30.67 24.14 -14.12
C TYR E 687 29.35 23.76 -14.78
N LEU E 688 28.36 24.65 -14.79
CA LEU E 688 27.07 24.33 -15.39
C LEU E 688 27.12 24.22 -16.92
N PRO E 689 27.90 25.03 -17.67
CA PRO E 689 28.13 24.64 -19.08
C PRO E 689 28.90 23.35 -19.24
N ALA E 690 29.82 23.04 -18.31
CA ALA E 690 30.58 21.80 -18.41
C ALA E 690 29.74 20.59 -18.04
N SER E 691 28.80 20.75 -17.10
CA SER E 691 27.97 19.63 -16.67
C SER E 691 26.84 19.31 -17.63
N TYR E 692 26.54 20.20 -18.57
CA TYR E 692 25.48 19.95 -19.53
C TYR E 692 25.99 19.27 -20.79
N HIS E 693 27.06 19.81 -21.35
CA HIS E 693 27.65 19.25 -22.54
C HIS E 693 28.15 17.86 -22.28
N GLU E 694 29.08 17.73 -21.34
CA GLU E 694 29.65 16.43 -21.00
C GLU E 694 28.65 15.51 -20.35
N GLY E 695 28.37 15.74 -19.07
CA GLY E 695 27.44 14.90 -18.35
C GLY E 695 28.13 14.02 -17.34
N SER E 696 28.22 12.73 -17.66
CA SER E 696 28.89 11.78 -16.79
C SER E 696 30.33 11.57 -17.24
N LYS E 697 30.77 12.34 -18.21
CA LYS E 697 32.12 12.26 -18.72
C LYS E 697 32.98 13.37 -18.14
N ASN E 698 32.48 13.99 -17.08
CA ASN E 698 33.15 15.07 -16.38
C ASN E 698 32.54 15.16 -15.02
N PRO E 699 32.45 14.01 -14.33
CA PRO E 699 31.86 13.85 -13.01
C PRO E 699 32.27 14.95 -12.05
N VAL E 700 33.52 15.41 -12.10
CA VAL E 700 33.89 16.47 -11.16
C VAL E 700 33.13 17.75 -11.43
N ALA E 701 32.48 17.86 -12.59
CA ALA E 701 31.61 19.00 -12.88
C ALA E 701 30.16 18.73 -12.54
N ARG E 702 29.73 17.46 -12.63
CA ARG E 702 28.39 17.08 -12.19
C ARG E 702 28.26 17.11 -10.67
N GLU E 703 29.39 17.01 -9.95
CA GLU E 703 29.35 17.04 -8.50
C GLU E 703 29.27 18.47 -7.96
N ARG E 704 29.93 19.41 -8.62
CA ARG E 704 29.94 20.79 -8.15
C ARG E 704 28.60 21.47 -8.39
N VAL E 705 27.90 21.10 -9.46
CA VAL E 705 26.56 21.66 -9.70
C VAL E 705 25.57 21.10 -8.67
N HIS E 706 25.72 19.82 -8.31
CA HIS E 706 24.86 19.23 -7.30
C HIS E 706 25.11 19.81 -5.91
N SER E 707 26.32 20.31 -5.67
CA SER E 707 26.59 21.00 -4.42
C SER E 707 26.15 22.46 -4.47
N ALA E 708 26.24 23.11 -5.63
CA ALA E 708 25.88 24.51 -5.75
C ALA E 708 24.38 24.74 -5.66
N ALA E 709 23.56 23.72 -5.93
CA ALA E 709 22.12 23.86 -5.74
C ALA E 709 21.77 23.86 -4.26
N THR E 710 22.51 23.11 -3.45
CA THR E 710 22.26 23.09 -2.02
C THR E 710 22.80 24.34 -1.33
N ILE E 711 23.91 24.88 -1.83
CA ILE E 711 24.47 26.12 -1.28
C ILE E 711 23.53 27.29 -1.57
N ALA E 712 22.90 27.29 -2.74
CA ALA E 712 21.82 28.24 -3.00
C ALA E 712 20.62 27.98 -2.11
N GLY E 713 20.42 26.72 -1.69
CA GLY E 713 19.35 26.42 -0.75
C GLY E 713 19.63 26.94 0.65
N ILE E 714 20.90 27.14 1.00
CA ILE E 714 21.22 27.81 2.26
C ILE E 714 20.84 29.29 2.18
N ALA E 715 20.88 29.86 0.97
CA ALA E 715 20.64 31.29 0.82
C ALA E 715 19.16 31.64 0.95
N PHE E 716 18.28 30.92 0.26
CA PHE E 716 16.87 31.28 0.25
C PHE E 716 16.05 30.53 1.29
N ALA E 717 16.70 29.76 2.16
CA ALA E 717 15.98 29.24 3.33
C ALA E 717 15.81 30.32 4.39
N ASN E 718 16.71 31.30 4.41
CA ASN E 718 16.68 32.36 5.42
C ASN E 718 16.36 33.73 4.85
N ALA E 719 16.49 33.92 3.54
CA ALA E 719 16.14 35.17 2.87
C ALA E 719 15.35 34.78 1.63
N PHE E 720 14.03 34.90 1.71
CA PHE E 720 13.13 34.24 0.78
C PHE E 720 13.19 34.88 -0.61
N LEU E 721 12.59 34.19 -1.57
CA LEU E 721 12.64 34.59 -2.97
C LEU E 721 11.76 35.82 -3.22
N GLY E 722 11.95 36.41 -4.39
CA GLY E 722 11.23 37.59 -4.79
C GLY E 722 10.03 37.29 -5.66
N VAL E 723 9.76 38.20 -6.61
CA VAL E 723 8.53 38.13 -7.39
C VAL E 723 8.64 37.19 -8.59
N CYS E 724 9.86 36.73 -8.92
CA CYS E 724 10.01 35.84 -10.07
C CYS E 724 9.45 34.46 -9.77
N HIS E 725 9.65 33.96 -8.55
CA HIS E 725 9.07 32.69 -8.17
C HIS E 725 7.58 32.80 -7.85
N SER E 726 7.08 34.01 -7.59
CA SER E 726 5.65 34.19 -7.38
C SER E 726 4.88 34.02 -8.68
N MET E 727 5.44 34.50 -9.78
CA MET E 727 4.82 34.31 -11.09
C MET E 727 5.11 32.93 -11.66
N ALA E 728 6.25 32.33 -11.31
CA ALA E 728 6.60 31.02 -11.83
C ALA E 728 5.78 29.90 -11.21
N HIS E 729 5.25 30.11 -10.01
CA HIS E 729 4.36 29.11 -9.43
C HIS E 729 2.98 29.12 -10.09
N LYS E 730 2.56 30.28 -10.59
CA LYS E 730 1.27 30.37 -11.27
C LYS E 730 1.40 30.02 -12.75
N LEU E 731 2.50 30.43 -13.38
CA LEU E 731 2.73 30.07 -14.77
C LEU E 731 2.98 28.57 -14.95
N GLY E 732 3.58 27.94 -13.95
CA GLY E 732 3.83 26.50 -14.03
C GLY E 732 2.64 25.63 -13.71
N SER E 733 1.70 26.13 -12.91
CA SER E 733 0.52 25.36 -12.55
C SER E 733 -0.65 25.55 -13.50
N GLN E 734 -0.59 26.55 -14.37
CA GLN E 734 -1.67 26.84 -15.31
C GLN E 734 -1.48 26.13 -16.65
N PHE E 735 -0.27 26.17 -17.20
CA PHE E 735 0.02 25.59 -18.50
C PHE E 735 0.94 24.38 -18.42
N HIS E 736 1.13 23.83 -17.22
CA HIS E 736 1.94 22.63 -16.95
C HIS E 736 3.39 22.78 -17.39
N ILE E 737 3.92 24.00 -17.34
CA ILE E 737 5.35 24.21 -17.57
C ILE E 737 6.12 23.73 -16.35
N PRO E 738 7.17 22.92 -16.53
CA PRO E 738 7.91 22.42 -15.36
C PRO E 738 8.68 23.51 -14.65
N HIS E 739 8.76 23.41 -13.32
CA HIS E 739 9.48 24.37 -12.52
C HIS E 739 10.98 24.26 -12.79
N GLY E 740 11.60 25.40 -13.11
CA GLY E 740 12.96 25.38 -13.61
C GLY E 740 12.99 25.93 -15.02
N LEU E 741 11.96 25.59 -15.80
CA LEU E 741 11.77 26.21 -17.11
C LEU E 741 10.99 27.51 -16.99
N ALA E 742 10.08 27.60 -16.02
CA ALA E 742 9.22 28.79 -15.90
C ALA E 742 10.01 30.00 -15.41
N ASN E 743 10.75 29.85 -14.32
CA ASN E 743 11.52 30.96 -13.78
C ASN E 743 12.79 31.24 -14.56
N ALA E 744 13.17 30.35 -15.49
CA ALA E 744 14.29 30.66 -16.38
C ALA E 744 13.89 31.63 -17.47
N LEU E 745 12.65 31.55 -17.96
CA LEU E 745 12.16 32.53 -18.93
C LEU E 745 11.95 33.89 -18.28
N LEU E 746 11.61 33.90 -17.00
CA LEU E 746 11.17 35.10 -16.32
C LEU E 746 12.30 35.92 -15.73
N ILE E 747 13.48 35.33 -15.53
CA ILE E 747 14.51 35.97 -14.71
C ILE E 747 15.14 37.16 -15.44
N CYS E 748 15.16 37.16 -16.76
CA CYS E 748 15.77 38.26 -17.50
C CYS E 748 14.92 39.52 -17.47
N ASN E 749 13.63 39.41 -17.17
CA ASN E 749 12.76 40.57 -17.06
C ASN E 749 12.61 41.08 -15.63
N VAL E 750 12.69 40.18 -14.64
CA VAL E 750 12.61 40.58 -13.24
C VAL E 750 13.88 41.35 -12.84
N ILE E 751 15.02 41.01 -13.44
CA ILE E 751 16.25 41.75 -13.18
C ILE E 751 16.14 43.17 -13.72
N ARG E 752 15.56 43.34 -14.92
CA ARG E 752 15.27 44.67 -15.42
C ARG E 752 14.14 45.34 -14.66
N TYR E 753 13.28 44.56 -14.01
CA TYR E 753 12.20 45.14 -13.22
C TYR E 753 12.70 45.65 -11.87
N ASN E 754 13.54 44.88 -11.19
CA ASN E 754 13.98 45.25 -9.85
C ASN E 754 15.07 46.31 -9.85
N ALA E 755 15.92 46.34 -10.89
CA ALA E 755 17.06 47.27 -10.92
C ALA E 755 16.58 48.65 -11.36
N ASN E 756 15.93 49.35 -10.43
CA ASN E 756 15.47 50.71 -10.65
C ASN E 756 15.97 51.60 -9.53
N ASP E 757 16.34 52.84 -9.88
CA ASP E 757 16.79 53.78 -8.87
C ASP E 757 15.62 54.30 -8.04
N ASN E 758 14.55 54.75 -8.70
CA ASN E 758 13.35 55.25 -8.04
C ASN E 758 12.17 54.40 -8.49
N PRO E 759 11.94 53.25 -7.86
CA PRO E 759 10.81 52.42 -8.25
C PRO E 759 9.51 52.89 -7.61
N THR E 760 8.41 52.58 -8.29
CA THR E 760 7.10 52.83 -7.73
C THR E 760 6.82 51.81 -6.65
N LYS E 761 6.50 52.29 -5.44
CA LYS E 761 6.09 51.50 -4.28
C LYS E 761 7.19 50.49 -3.87
N GLN E 762 8.29 51.04 -3.39
CA GLN E 762 9.30 50.21 -2.74
C GLN E 762 8.73 49.66 -1.43
N THR E 763 9.24 48.50 -1.02
CA THR E 763 8.64 47.77 0.08
C THR E 763 9.08 48.34 1.42
N ALA E 764 8.39 47.90 2.48
CA ALA E 764 8.58 48.42 3.83
C ALA E 764 9.33 47.39 4.65
N PHE E 765 10.53 47.75 5.11
CA PHE E 765 11.30 46.91 6.01
C PHE E 765 12.26 47.82 6.78
N SER E 766 12.48 47.49 8.06
CA SER E 766 13.33 48.31 8.90
C SER E 766 14.81 48.15 8.55
N GLN E 767 15.20 46.97 8.08
CA GLN E 767 16.59 46.75 7.68
C GLN E 767 16.89 47.40 6.33
N TYR E 768 15.90 47.42 5.43
CA TYR E 768 16.10 47.95 4.09
C TYR E 768 16.17 49.47 4.15
N ASP E 769 17.32 50.03 3.81
CA ASP E 769 17.53 51.47 3.95
C ASP E 769 16.80 52.24 2.86
N ARG E 770 17.11 51.94 1.61
CA ARG E 770 16.57 52.62 0.44
C ARG E 770 16.43 51.58 -0.66
N PRO E 771 15.74 51.87 -1.79
CA PRO E 771 15.83 50.95 -2.93
C PRO E 771 17.24 50.87 -3.48
N GLN E 772 17.90 49.74 -3.24
CA GLN E 772 19.29 49.53 -3.61
C GLN E 772 19.48 48.18 -4.26
N ALA E 773 18.48 47.73 -5.03
CA ALA E 773 18.62 46.46 -5.75
C ALA E 773 19.51 46.58 -6.98
N ARG E 774 19.73 47.80 -7.46
CA ARG E 774 20.62 47.98 -8.61
C ARG E 774 22.08 47.86 -8.22
N ARG E 775 22.42 48.22 -6.98
CA ARG E 775 23.80 48.10 -6.53
C ARG E 775 24.16 46.65 -6.26
N ARG E 776 23.23 45.88 -5.67
CA ARG E 776 23.50 44.49 -5.34
C ARG E 776 23.52 43.60 -6.59
N TYR E 777 22.83 44.01 -7.66
CA TYR E 777 22.97 43.31 -8.93
C TYR E 777 24.31 43.62 -9.60
N ALA E 778 24.91 44.76 -9.28
CA ALA E 778 26.25 45.07 -9.77
C ALA E 778 27.35 44.41 -8.93
N GLU E 779 27.04 44.04 -7.68
CA GLU E 779 27.99 43.29 -6.87
C GLU E 779 28.08 41.82 -7.29
N ILE E 780 27.08 41.33 -8.02
CA ILE E 780 27.16 39.99 -8.61
C ILE E 780 28.01 40.02 -9.88
N ALA E 781 27.88 41.09 -10.67
CA ALA E 781 28.51 41.16 -11.99
C ALA E 781 30.01 41.35 -11.94
N ASP E 782 30.59 41.64 -10.78
CA ASP E 782 32.04 41.69 -10.65
C ASP E 782 32.58 40.62 -9.72
N HIS E 783 31.73 39.98 -8.92
CA HIS E 783 32.14 38.81 -8.17
C HIS E 783 32.35 37.62 -9.10
N LEU E 784 31.55 37.53 -10.16
CA LEU E 784 31.72 36.50 -11.18
C LEU E 784 32.77 36.87 -12.21
N GLY E 785 33.36 38.06 -12.13
CA GLY E 785 34.35 38.47 -13.10
C GLY E 785 33.81 38.86 -14.45
N LEU E 786 32.52 39.17 -14.54
CA LEU E 786 31.87 39.50 -15.80
C LEU E 786 32.14 40.93 -16.26
N SER E 787 32.71 41.78 -15.41
CA SER E 787 32.86 43.19 -15.72
C SER E 787 34.32 43.56 -15.96
N ALA E 788 34.52 44.55 -16.81
CA ALA E 788 35.83 45.16 -17.00
C ALA E 788 36.19 45.97 -15.76
N PRO E 789 37.49 46.23 -15.53
CA PRO E 789 37.88 47.03 -14.34
C PRO E 789 37.40 48.48 -14.35
N GLY E 790 36.96 49.02 -15.47
CA GLY E 790 36.34 50.32 -15.47
C GLY E 790 34.92 50.30 -16.00
N ASP E 791 33.94 50.51 -15.11
CA ASP E 791 32.54 50.43 -15.48
C ASP E 791 31.70 51.28 -14.54
N ARG E 792 30.56 51.73 -15.03
CA ARG E 792 29.54 52.34 -14.20
C ARG E 792 28.62 51.26 -13.65
N THR E 793 27.64 51.67 -12.83
CA THR E 793 26.71 50.71 -12.27
C THR E 793 25.72 50.21 -13.32
N ALA E 794 25.27 51.10 -14.21
CA ALA E 794 24.29 50.74 -15.23
C ALA E 794 24.88 49.85 -16.32
N ALA E 795 26.20 49.86 -16.49
CA ALA E 795 26.83 49.00 -17.48
C ALA E 795 27.09 47.60 -16.96
N LYS E 796 27.19 47.43 -15.64
CA LYS E 796 27.42 46.10 -15.08
C LYS E 796 26.16 45.24 -15.14
N ILE E 797 24.98 45.87 -15.16
CA ILE E 797 23.74 45.10 -15.26
C ILE E 797 23.57 44.55 -16.67
N GLU E 798 24.12 45.26 -17.67
CA GLU E 798 24.05 44.77 -19.04
C GLU E 798 24.94 43.56 -19.25
N LYS E 799 26.11 43.54 -18.61
CA LYS E 799 26.99 42.38 -18.72
C LYS E 799 26.46 41.20 -17.92
N LEU E 800 25.70 41.46 -16.86
CA LEU E 800 25.03 40.38 -16.14
C LEU E 800 23.89 39.80 -16.96
N LEU E 801 23.13 40.66 -17.64
CA LEU E 801 22.03 40.19 -18.46
C LEU E 801 22.52 39.51 -19.73
N ALA E 802 23.68 39.92 -20.24
CA ALA E 802 24.26 39.25 -21.41
C ALA E 802 24.88 37.91 -21.06
N TRP E 803 25.19 37.67 -19.78
CA TRP E 803 25.78 36.40 -19.39
C TRP E 803 24.74 35.28 -19.39
N LEU E 804 23.62 35.49 -18.71
CA LEU E 804 22.57 34.49 -18.65
C LEU E 804 21.62 34.56 -19.85
N GLU E 805 21.92 35.40 -20.84
CA GLU E 805 21.26 35.28 -22.14
C GLU E 805 21.95 34.26 -23.03
N THR E 806 23.28 34.17 -22.91
CA THR E 806 24.03 33.13 -23.60
C THR E 806 24.02 31.82 -22.84
N LEU E 807 23.82 31.88 -21.52
CA LEU E 807 23.74 30.66 -20.72
C LEU E 807 22.45 29.89 -21.01
N LYS E 808 21.35 30.61 -21.25
CA LYS E 808 20.12 29.96 -21.69
C LYS E 808 20.17 29.57 -23.16
N ALA E 809 21.10 30.16 -23.93
CA ALA E 809 21.21 29.81 -25.34
C ALA E 809 21.85 28.43 -25.51
N GLU E 810 22.94 28.17 -24.80
CA GLU E 810 23.65 26.91 -24.90
C GLU E 810 23.10 25.82 -23.98
N LEU E 811 21.92 26.03 -23.40
CA LEU E 811 21.30 25.02 -22.56
C LEU E 811 19.95 24.55 -23.11
N GLY E 812 19.58 24.98 -24.31
CA GLY E 812 18.35 24.52 -24.93
C GLY E 812 17.09 25.12 -24.35
N ILE E 813 17.15 26.39 -23.96
CA ILE E 813 16.00 27.10 -23.41
C ILE E 813 15.40 27.97 -24.51
N PRO E 814 14.08 27.93 -24.73
CA PRO E 814 13.46 28.82 -25.72
C PRO E 814 13.50 30.28 -25.27
N LYS E 815 13.23 31.17 -26.22
CA LYS E 815 13.28 32.59 -25.97
C LYS E 815 12.03 33.15 -25.32
N SER E 816 10.88 32.50 -25.50
CA SER E 816 9.60 33.04 -25.05
C SER E 816 8.74 31.91 -24.49
N ILE E 817 7.66 32.31 -23.82
CA ILE E 817 6.65 31.35 -23.39
C ILE E 817 5.84 30.84 -24.58
N ARG E 818 5.77 31.63 -25.65
CA ARG E 818 5.09 31.18 -26.87
C ARG E 818 5.86 30.06 -27.55
N GLU E 819 7.19 30.13 -27.52
CA GLU E 819 8.03 29.07 -28.06
C GLU E 819 8.11 27.85 -27.14
N ALA E 820 7.61 27.97 -25.91
CA ALA E 820 7.54 26.83 -24.99
C ALA E 820 6.28 26.01 -25.13
N GLY E 821 5.38 26.40 -26.04
CA GLY E 821 4.16 25.63 -26.29
C GLY E 821 2.94 26.15 -25.59
N VAL E 822 2.73 27.47 -25.63
CA VAL E 822 1.56 28.11 -25.03
C VAL E 822 0.82 28.88 -26.10
N GLN E 823 -0.47 28.61 -26.26
CA GLN E 823 -1.28 29.26 -27.28
C GLN E 823 -1.67 30.67 -26.84
N GLU E 824 -1.74 31.57 -27.82
CA GLU E 824 -2.02 32.98 -27.52
C GLU E 824 -3.48 33.20 -27.12
N ALA E 825 -4.38 32.37 -27.65
CA ALA E 825 -5.79 32.47 -27.25
C ALA E 825 -6.02 31.96 -25.83
N ASP E 826 -5.13 31.14 -25.30
CA ASP E 826 -5.25 30.64 -23.94
C ASP E 826 -4.46 31.48 -22.94
N PHE E 827 -3.33 32.04 -23.35
CA PHE E 827 -2.52 32.84 -22.43
C PHE E 827 -3.14 34.21 -22.18
N LEU E 828 -3.66 34.86 -23.23
CA LEU E 828 -4.23 36.19 -23.07
C LEU E 828 -5.59 36.16 -22.39
N ALA E 829 -6.24 35.01 -22.32
CA ALA E 829 -7.50 34.87 -21.58
C ALA E 829 -7.27 34.60 -20.10
N ASN E 830 -6.03 34.30 -19.69
CA ASN E 830 -5.71 34.03 -18.30
C ASN E 830 -4.61 34.95 -17.76
N VAL E 831 -4.17 35.94 -18.55
CA VAL E 831 -3.09 36.82 -18.12
C VAL E 831 -3.54 37.82 -17.06
N ASP E 832 -4.85 37.99 -16.86
CA ASP E 832 -5.35 38.84 -15.79
C ASP E 832 -5.58 38.06 -14.50
N LYS E 833 -5.94 36.77 -14.62
CA LYS E 833 -6.09 35.95 -13.42
C LYS E 833 -4.73 35.59 -12.84
N LEU E 834 -3.76 35.26 -13.68
CA LEU E 834 -2.42 34.93 -13.22
C LEU E 834 -1.65 36.13 -12.69
N SER E 835 -2.03 37.35 -13.08
CA SER E 835 -1.38 38.54 -12.55
C SER E 835 -1.89 38.90 -11.17
N GLU E 836 -3.09 38.47 -10.81
CA GLU E 836 -3.61 38.71 -9.47
C GLU E 836 -3.28 37.56 -8.53
N ASP E 837 -3.14 36.34 -9.06
CA ASP E 837 -2.75 35.20 -8.23
C ASP E 837 -1.28 35.30 -7.82
N ALA E 838 -0.44 35.84 -8.70
CA ALA E 838 0.98 36.03 -8.39
C ALA E 838 1.23 37.20 -7.44
N PHE E 839 0.22 38.03 -7.19
CA PHE E 839 0.39 39.14 -6.26
C PHE E 839 0.39 38.68 -4.81
N ASP E 840 -0.26 37.56 -4.50
CA ASP E 840 -0.40 37.07 -3.14
C ASP E 840 0.06 35.62 -3.03
N ASP E 841 1.22 35.31 -3.60
CA ASP E 841 1.79 33.96 -3.52
C ASP E 841 2.94 33.87 -2.53
N GLN E 842 3.00 34.80 -1.56
CA GLN E 842 3.84 34.75 -0.37
C GLN E 842 5.34 34.90 -0.62
N CYS E 843 5.75 34.94 -1.89
CA CYS E 843 7.10 35.34 -2.26
C CYS E 843 7.16 36.79 -2.70
N THR E 844 6.00 37.44 -2.77
CA THR E 844 5.93 38.86 -3.12
C THR E 844 6.48 39.74 -2.00
N GLY E 845 6.32 39.31 -0.75
CA GLY E 845 6.72 40.10 0.40
C GLY E 845 8.20 40.20 0.66
N ALA E 846 9.04 39.56 -0.15
CA ALA E 846 10.49 39.65 0.00
C ALA E 846 11.16 40.33 -1.18
N ASN E 847 10.40 40.74 -2.18
CA ASN E 847 10.95 41.46 -3.32
C ASN E 847 11.39 42.86 -2.89
N PRO E 848 12.41 43.43 -3.55
CA PRO E 848 12.79 44.82 -3.22
C PRO E 848 11.74 45.85 -3.59
N ARG E 849 10.94 45.58 -4.62
CA ARG E 849 9.79 46.40 -4.97
C ARG E 849 8.52 45.70 -4.51
N TYR E 850 7.51 46.49 -4.15
CA TYR E 850 6.19 45.94 -3.94
C TYR E 850 5.41 46.10 -5.24
N PRO E 851 5.20 45.03 -5.99
CA PRO E 851 4.68 45.19 -7.37
C PRO E 851 3.18 45.44 -7.41
N LEU E 852 2.78 46.30 -8.33
CA LEU E 852 1.38 46.48 -8.63
C LEU E 852 0.90 45.36 -9.55
N ILE E 853 -0.42 45.16 -9.58
CA ILE E 853 -0.99 44.11 -10.42
C ILE E 853 -0.90 44.51 -11.89
N SER E 854 -0.92 45.82 -12.19
CA SER E 854 -0.74 46.26 -13.56
C SER E 854 0.69 46.07 -14.03
N GLU E 855 1.65 46.06 -13.11
CA GLU E 855 3.05 45.83 -13.47
C GLU E 855 3.37 44.35 -13.59
N LEU E 856 2.66 43.50 -12.86
CA LEU E 856 2.92 42.06 -12.94
C LEU E 856 2.37 41.43 -14.20
N LYS E 857 1.37 42.04 -14.84
CA LYS E 857 0.91 41.55 -16.14
C LYS E 857 1.73 42.12 -17.28
N GLN E 858 2.53 43.17 -17.03
CA GLN E 858 3.43 43.67 -18.06
C GLN E 858 4.64 42.77 -18.21
N ILE E 859 5.10 42.15 -17.12
CA ILE E 859 6.19 41.18 -17.22
C ILE E 859 5.72 39.92 -17.93
N LEU E 860 4.48 39.49 -17.67
CA LEU E 860 3.97 38.27 -18.28
C LEU E 860 3.68 38.46 -19.77
N LEU E 861 3.31 39.67 -20.18
CA LEU E 861 3.09 39.91 -21.60
C LEU E 861 4.39 40.07 -22.36
N ASP E 862 5.39 40.72 -21.75
CA ASP E 862 6.68 40.91 -22.43
C ASP E 862 7.51 39.63 -22.47
N THR E 863 7.22 38.67 -21.60
CA THR E 863 7.90 37.38 -21.65
C THR E 863 7.26 36.44 -22.65
N TYR E 864 5.96 36.60 -22.93
CA TYR E 864 5.32 35.77 -23.94
C TYR E 864 5.72 36.20 -25.35
N TYR E 865 5.80 37.50 -25.59
CA TYR E 865 6.16 38.03 -26.89
C TYR E 865 7.66 38.15 -27.09
N GLY E 866 8.46 37.78 -26.08
CA GLY E 866 9.90 37.78 -26.22
C GLY E 866 10.58 39.12 -26.10
N ARG E 867 9.84 40.17 -25.73
CA ARG E 867 10.44 41.49 -25.60
C ARG E 867 11.16 41.61 -24.26
N ASP E 868 11.81 42.76 -24.08
CA ASP E 868 12.48 43.11 -22.83
C ASP E 868 11.69 44.21 -22.14
N TYR E 869 11.59 44.10 -20.81
CA TYR E 869 10.73 44.99 -20.04
C TYR E 869 11.39 46.36 -19.90
N VAL E 870 10.68 47.40 -20.31
CA VAL E 870 11.14 48.79 -20.24
C VAL E 870 10.04 49.61 -19.59
N GLU E 871 10.37 50.30 -18.51
CA GLU E 871 9.42 51.20 -17.85
C GLU E 871 9.27 52.49 -18.62
N MET F 3 -33.61 42.71 8.52
CA MET F 3 -32.20 42.62 8.17
C MET F 3 -31.60 43.99 7.91
N ALA F 4 -32.14 44.67 6.90
CA ALA F 4 -31.65 46.00 6.54
C ALA F 4 -32.17 47.04 7.52
N VAL F 5 -31.42 48.13 7.65
CA VAL F 5 -31.77 49.24 8.53
C VAL F 5 -31.62 50.53 7.75
N THR F 6 -32.70 51.31 7.65
CA THR F 6 -32.69 52.52 6.84
C THR F 6 -33.22 53.72 7.62
N ASN F 7 -34.09 53.47 8.61
CA ASN F 7 -34.66 54.54 9.40
C ASN F 7 -34.68 54.12 10.87
N VAL F 8 -35.24 55.00 11.71
CA VAL F 8 -35.13 54.84 13.16
C VAL F 8 -36.08 53.77 13.71
N ALA F 9 -37.07 53.34 12.93
CA ALA F 9 -38.05 52.38 13.45
C ALA F 9 -37.46 50.98 13.54
N GLU F 10 -36.64 50.59 12.57
CA GLU F 10 -35.97 49.30 12.61
C GLU F 10 -34.56 49.38 13.17
N LEU F 11 -34.05 50.58 13.45
CA LEU F 11 -32.78 50.73 14.16
C LEU F 11 -32.91 50.23 15.59
N ASN F 12 -34.00 50.59 16.27
CA ASN F 12 -34.24 50.12 17.63
C ASN F 12 -34.55 48.63 17.68
N ALA F 13 -34.96 48.03 16.57
CA ALA F 13 -35.08 46.57 16.50
C ALA F 13 -33.73 45.91 16.28
N LEU F 14 -32.74 46.64 15.76
CA LEU F 14 -31.40 46.10 15.57
C LEU F 14 -30.63 46.08 16.88
N VAL F 15 -30.71 47.17 17.66
CA VAL F 15 -30.00 47.25 18.93
C VAL F 15 -30.61 46.29 19.95
N GLU F 16 -31.93 46.10 19.91
CA GLU F 16 -32.56 45.15 20.81
C GLU F 16 -32.25 43.70 20.44
N ARG F 17 -31.93 43.44 19.18
CA ARG F 17 -31.42 42.13 18.81
C ARG F 17 -29.99 41.93 19.29
N VAL F 18 -29.19 42.99 19.25
CA VAL F 18 -27.79 42.90 19.68
C VAL F 18 -27.69 42.82 21.20
N LYS F 19 -28.53 43.60 21.90
CA LYS F 19 -28.54 43.60 23.35
C LYS F 19 -28.96 42.25 23.93
N LYS F 20 -29.84 41.53 23.23
CA LYS F 20 -30.21 40.19 23.67
C LYS F 20 -29.09 39.18 23.45
N ALA F 21 -28.35 39.31 22.35
CA ALA F 21 -27.30 38.36 22.01
C ALA F 21 -25.95 38.70 22.63
N GLN F 22 -25.79 39.90 23.18
CA GLN F 22 -24.56 40.27 23.85
C GLN F 22 -24.52 39.77 25.29
N ARG F 23 -25.67 39.74 25.96
CA ARG F 23 -25.71 39.37 27.37
C ARG F 23 -25.52 37.87 27.60
N GLU F 24 -25.61 37.05 26.56
CA GLU F 24 -25.20 35.66 26.66
C GLU F 24 -23.79 35.42 26.14
N TYR F 25 -23.20 36.40 25.47
CA TYR F 25 -21.79 36.37 25.12
C TYR F 25 -20.92 36.91 26.24
N ALA F 26 -21.49 37.69 27.15
CA ALA F 26 -20.75 38.26 28.27
C ALA F 26 -20.46 37.27 29.38
N SER F 27 -20.99 36.04 29.29
CA SER F 27 -20.72 35.00 30.28
C SER F 27 -19.81 33.92 29.74
N PHE F 28 -19.12 34.18 28.63
CA PHE F 28 -18.21 33.21 28.06
C PHE F 28 -16.93 33.13 28.87
N THR F 29 -16.21 32.03 28.70
CA THR F 29 -14.94 31.83 29.39
C THR F 29 -13.79 32.39 28.56
N GLN F 30 -12.59 32.35 29.15
CA GLN F 30 -11.40 32.80 28.44
C GLN F 30 -11.04 31.85 27.31
N GLU F 31 -11.30 30.55 27.48
CA GLU F 31 -10.86 29.57 26.49
C GLU F 31 -11.71 29.62 25.22
N GLN F 32 -13.01 29.83 25.35
CA GLN F 32 -13.90 29.83 24.20
C GLN F 32 -14.09 31.20 23.59
N VAL F 33 -13.35 32.21 24.06
CA VAL F 33 -13.24 33.50 23.38
C VAL F 33 -12.02 33.54 22.47
N ASP F 34 -10.91 32.94 22.93
CA ASP F 34 -9.72 32.79 22.09
C ASP F 34 -9.97 31.86 20.90
N LYS F 35 -10.96 30.97 20.98
CA LYS F 35 -11.36 30.21 19.81
C LYS F 35 -12.10 31.09 18.81
N ILE F 36 -12.92 32.02 19.32
CA ILE F 36 -13.65 32.94 18.45
C ILE F 36 -12.72 34.02 17.90
N PHE F 37 -11.84 34.55 18.76
CA PHE F 37 -10.94 35.62 18.34
C PHE F 37 -9.90 35.15 17.33
N ARG F 38 -9.50 33.88 17.41
CA ARG F 38 -8.57 33.35 16.42
C ARG F 38 -9.27 33.09 15.09
N ALA F 39 -10.44 32.47 15.13
CA ALA F 39 -11.16 32.13 13.90
C ALA F 39 -11.73 33.36 13.20
N ALA F 40 -11.96 34.45 13.93
CA ALA F 40 -12.39 35.68 13.28
C ALA F 40 -11.23 36.35 12.55
N ALA F 41 -10.05 36.36 13.17
CA ALA F 41 -8.88 36.94 12.52
C ALA F 41 -8.35 36.03 11.41
N LEU F 42 -8.62 34.72 11.50
CA LEU F 42 -8.13 33.79 10.49
C LEU F 42 -8.86 33.96 9.17
N ALA F 43 -10.13 34.37 9.20
CA ALA F 43 -10.91 34.59 7.99
C ALA F 43 -10.99 36.07 7.61
N ALA F 44 -10.38 36.94 8.40
CA ALA F 44 -10.27 38.35 8.03
C ALA F 44 -8.98 38.64 7.28
N ALA F 45 -7.94 37.84 7.51
CA ALA F 45 -6.74 37.90 6.70
C ALA F 45 -6.85 37.06 5.44
N ASP F 46 -7.83 36.14 5.39
CA ASP F 46 -8.06 35.36 4.18
C ASP F 46 -8.73 36.19 3.10
N ALA F 47 -9.48 37.21 3.49
CA ALA F 47 -10.21 38.06 2.55
C ALA F 47 -9.59 39.44 2.47
N ARG F 48 -8.26 39.52 2.52
CA ARG F 48 -7.58 40.80 2.38
C ARG F 48 -7.59 41.28 0.93
N ILE F 49 -7.64 40.36 -0.02
CA ILE F 49 -7.67 40.70 -1.45
C ILE F 49 -9.04 41.20 -1.91
N PRO F 50 -10.18 40.52 -1.67
CA PRO F 50 -11.45 41.08 -2.19
C PRO F 50 -11.94 42.30 -1.44
N LEU F 51 -11.62 42.43 -0.15
CA LEU F 51 -12.02 43.62 0.59
C LEU F 51 -11.22 44.84 0.16
N ALA F 52 -10.01 44.65 -0.34
CA ALA F 52 -9.22 45.78 -0.81
C ALA F 52 -9.69 46.28 -2.18
N LYS F 53 -10.29 45.39 -2.98
CA LYS F 53 -10.77 45.81 -4.30
C LYS F 53 -12.14 46.47 -4.21
N MET F 54 -12.91 46.18 -3.16
CA MET F 54 -14.21 46.82 -2.99
C MET F 54 -14.08 48.24 -2.49
N ALA F 55 -13.05 48.53 -1.67
CA ALA F 55 -12.89 49.85 -1.10
C ALA F 55 -12.32 50.87 -2.09
N VAL F 56 -11.82 50.42 -3.23
CA VAL F 56 -11.34 51.32 -4.27
C VAL F 56 -12.44 51.44 -5.32
N ALA F 57 -13.24 50.39 -5.47
CA ALA F 57 -14.39 50.46 -6.37
C ALA F 57 -15.50 51.33 -5.80
N GLU F 58 -15.59 51.46 -4.48
CA GLU F 58 -16.62 52.25 -3.84
C GLU F 58 -16.23 53.72 -3.73
N SER F 59 -15.11 54.00 -3.06
CA SER F 59 -14.69 55.37 -2.79
C SER F 59 -13.85 55.95 -3.92
N GLY F 60 -12.89 55.19 -4.46
CA GLY F 60 -12.04 55.68 -5.52
C GLY F 60 -11.02 56.69 -5.06
N MET F 61 -10.35 56.41 -3.93
CA MET F 61 -9.39 57.34 -3.37
C MET F 61 -8.16 56.64 -2.82
N GLY F 62 -7.82 55.48 -3.37
CA GLY F 62 -6.65 54.78 -2.86
C GLY F 62 -6.05 53.83 -3.87
N ILE F 63 -4.90 53.28 -3.50
CA ILE F 63 -4.22 52.26 -4.28
C ILE F 63 -4.69 50.90 -3.77
N VAL F 64 -5.03 50.00 -4.70
CA VAL F 64 -5.57 48.70 -4.32
C VAL F 64 -4.49 47.83 -3.68
N GLU F 65 -3.23 48.05 -4.04
CA GLU F 65 -2.14 47.24 -3.48
C GLU F 65 -1.75 47.67 -2.08
N ASP F 66 -2.13 48.88 -1.65
CA ASP F 66 -1.82 49.35 -0.30
C ASP F 66 -2.91 49.01 0.70
N LYS F 67 -4.15 48.79 0.25
CA LYS F 67 -5.19 48.32 1.14
C LYS F 67 -5.09 46.82 1.40
N VAL F 68 -4.22 46.10 0.69
CA VAL F 68 -3.99 44.69 0.99
C VAL F 68 -3.18 44.56 2.27
N ILE F 69 -2.05 45.28 2.36
CA ILE F 69 -1.20 45.20 3.55
C ILE F 69 -1.71 46.06 4.69
N LYS F 70 -2.79 46.81 4.49
CA LYS F 70 -3.47 47.49 5.58
C LYS F 70 -4.58 46.63 6.17
N ASN F 71 -5.29 45.88 5.33
CA ASN F 71 -6.19 44.85 5.82
C ASN F 71 -5.44 43.65 6.40
N HIS F 72 -4.20 43.43 5.97
CA HIS F 72 -3.40 42.37 6.57
C HIS F 72 -2.81 42.79 7.90
N PHE F 73 -2.48 44.07 8.05
CA PHE F 73 -2.01 44.59 9.33
C PHE F 73 -3.12 44.57 10.38
N ALA F 74 -4.36 44.81 9.96
CA ALA F 74 -5.49 44.88 10.88
C ALA F 74 -6.04 43.51 11.26
N SER F 75 -5.44 42.42 10.79
CA SER F 75 -5.96 41.08 11.05
C SER F 75 -4.93 40.10 11.59
N GLU F 76 -3.64 40.32 11.39
CA GLU F 76 -2.63 39.43 11.94
C GLU F 76 -1.65 40.11 12.89
N TYR F 77 -1.53 41.44 12.84
CA TYR F 77 -0.76 42.15 13.86
C TYR F 77 -1.62 42.48 15.08
N ILE F 78 -2.92 42.68 14.87
CA ILE F 78 -3.83 42.85 15.99
C ILE F 78 -4.06 41.51 16.68
N TYR F 79 -3.98 40.41 15.93
CA TYR F 79 -4.06 39.10 16.56
C TYR F 79 -2.80 38.75 17.33
N ASN F 80 -1.64 39.18 16.84
CA ASN F 80 -0.37 38.73 17.42
C ASN F 80 -0.08 39.43 18.74
N ALA F 81 -0.41 40.71 18.87
CA ALA F 81 -0.11 41.43 20.10
C ALA F 81 -1.06 41.03 21.22
N TYR F 82 -2.32 40.81 20.89
CA TYR F 82 -3.35 40.43 21.87
C TYR F 82 -3.73 38.97 21.75
N LYS F 83 -2.75 38.11 21.49
CA LYS F 83 -2.99 36.68 21.33
C LYS F 83 -3.35 36.04 22.66
N ASP F 84 -2.51 36.23 23.67
CA ASP F 84 -2.74 35.71 25.02
C ASP F 84 -2.67 36.89 25.99
N GLU F 85 -3.81 37.56 26.15
CA GLU F 85 -3.97 38.65 27.09
C GLU F 85 -5.26 38.42 27.85
N LYS F 86 -5.17 38.38 29.17
CA LYS F 86 -6.33 38.09 30.01
C LYS F 86 -7.29 39.26 29.99
N THR F 87 -8.52 39.02 29.52
CA THR F 87 -9.53 40.06 29.42
C THR F 87 -10.91 39.60 29.86
N CYS F 88 -11.09 38.34 30.26
CA CYS F 88 -12.42 37.80 30.53
C CYS F 88 -12.61 37.44 32.01
N GLY F 89 -11.76 36.59 32.56
CA GLY F 89 -11.95 36.14 33.93
C GLY F 89 -11.18 36.93 34.96
N VAL F 90 -10.58 36.22 35.92
CA VAL F 90 -9.79 36.84 36.97
C VAL F 90 -8.43 37.23 36.40
N LEU F 91 -8.13 38.53 36.42
CA LEU F 91 -6.87 39.00 35.85
C LEU F 91 -5.70 38.76 36.80
N SER F 92 -5.75 39.35 37.99
CA SER F 92 -4.71 39.19 38.99
C SER F 92 -5.35 38.84 40.32
N GLU F 93 -4.50 38.41 41.26
CA GLU F 93 -4.98 38.02 42.59
C GLU F 93 -3.83 38.13 43.56
N ASP F 94 -4.07 38.78 44.70
CA ASP F 94 -3.08 38.94 45.75
C ASP F 94 -3.60 38.25 47.01
N ASP F 95 -2.74 37.45 47.63
CA ASP F 95 -3.10 36.75 48.86
C ASP F 95 -2.60 37.46 50.12
N THR F 96 -1.47 38.16 50.02
CA THR F 96 -0.98 38.91 51.18
C THR F 96 -1.79 40.17 51.42
N PHE F 97 -2.30 40.79 50.36
CA PHE F 97 -3.11 41.99 50.49
C PHE F 97 -4.62 41.72 50.34
N GLY F 98 -4.99 40.60 49.75
CA GLY F 98 -6.39 40.22 49.67
C GLY F 98 -7.20 40.95 48.62
N THR F 99 -6.68 41.03 47.40
CA THR F 99 -7.37 41.70 46.31
C THR F 99 -7.50 40.77 45.11
N ILE F 100 -8.68 40.76 44.51
CA ILE F 100 -8.95 40.03 43.28
C ILE F 100 -9.44 41.02 42.24
N THR F 101 -8.81 41.02 41.07
CA THR F 101 -9.15 41.94 40.00
C THR F 101 -9.84 41.16 38.88
N ILE F 102 -11.10 41.47 38.63
CA ILE F 102 -11.95 40.75 37.69
C ILE F 102 -12.28 41.68 36.53
N ALA F 103 -12.13 41.16 35.31
CA ALA F 103 -12.48 41.92 34.12
C ALA F 103 -13.92 41.68 33.71
N GLU F 104 -14.45 42.60 32.91
CA GLU F 104 -15.85 42.58 32.50
C GLU F 104 -15.96 42.99 31.03
N PRO F 105 -17.15 42.98 30.44
CA PRO F 105 -17.37 43.75 29.22
C PRO F 105 -17.91 45.13 29.55
N ILE F 106 -18.03 45.95 28.51
CA ILE F 106 -18.67 47.26 28.61
C ILE F 106 -20.10 47.21 28.10
N GLY F 107 -20.31 46.61 26.94
CA GLY F 107 -21.63 46.54 26.34
C GLY F 107 -21.63 46.87 24.87
N ILE F 108 -22.71 47.45 24.38
CA ILE F 108 -22.81 47.80 22.98
C ILE F 108 -21.98 49.06 22.73
N ILE F 109 -21.23 49.05 21.62
CA ILE F 109 -20.28 50.12 21.29
C ILE F 109 -20.69 50.71 19.95
N CYS F 110 -20.82 52.03 19.91
CA CYS F 110 -21.09 52.73 18.65
C CYS F 110 -19.79 52.87 17.87
N GLY F 111 -19.72 52.23 16.70
CA GLY F 111 -18.55 52.27 15.87
C GLY F 111 -18.73 53.22 14.71
N ILE F 112 -17.86 54.22 14.64
CA ILE F 112 -17.89 55.24 13.60
C ILE F 112 -16.58 55.14 12.82
N VAL F 113 -16.67 54.64 11.58
CA VAL F 113 -15.49 54.41 10.76
C VAL F 113 -15.30 55.60 9.82
N PRO F 114 -14.08 55.89 9.35
CA PRO F 114 -13.91 57.01 8.40
C PRO F 114 -14.04 56.55 6.96
N THR F 115 -13.84 57.47 6.02
CA THR F 115 -13.82 57.14 4.61
C THR F 115 -12.41 56.88 4.09
N THR F 116 -11.38 57.31 4.82
CA THR F 116 -10.01 57.08 4.39
C THR F 116 -9.60 55.63 4.61
N ASN F 117 -9.96 55.06 5.76
CA ASN F 117 -9.72 53.65 6.08
C ASN F 117 -11.05 52.96 6.29
N PRO F 118 -11.80 52.68 5.21
CA PRO F 118 -13.18 52.21 5.37
C PRO F 118 -13.31 50.75 5.77
N THR F 119 -12.33 49.94 5.39
CA THR F 119 -12.42 48.50 5.61
C THR F 119 -11.37 47.96 6.59
N SER F 120 -10.29 48.69 6.82
CA SER F 120 -9.27 48.21 7.75
C SER F 120 -9.64 48.47 9.20
N THR F 121 -10.28 49.61 9.48
CA THR F 121 -10.76 49.87 10.83
C THR F 121 -11.98 49.02 11.17
N ALA F 122 -12.71 48.53 10.17
CA ALA F 122 -13.81 47.63 10.43
C ALA F 122 -13.32 46.25 10.85
N ILE F 123 -12.15 45.83 10.34
CA ILE F 123 -11.53 44.61 10.83
C ILE F 123 -10.97 44.81 12.23
N PHE F 124 -10.36 45.97 12.48
CA PHE F 124 -9.69 46.22 13.75
C PHE F 124 -10.69 46.38 14.90
N LYS F 125 -11.74 47.18 14.69
CA LYS F 125 -12.72 47.41 15.75
C LYS F 125 -13.59 46.20 16.02
N SER F 126 -13.69 45.27 15.05
CA SER F 126 -14.45 44.05 15.30
C SER F 126 -13.65 43.03 16.08
N LEU F 127 -12.34 42.96 15.87
CA LEU F 127 -11.52 41.97 16.55
C LEU F 127 -11.33 42.32 18.02
N ILE F 128 -11.13 43.60 18.34
CA ILE F 128 -10.95 44.00 19.73
C ILE F 128 -12.26 44.10 20.50
N SER F 129 -13.40 43.96 19.82
CA SER F 129 -14.70 43.99 20.48
C SER F 129 -15.10 42.61 21.01
N LEU F 130 -14.99 41.57 20.18
CA LEU F 130 -15.28 40.22 20.62
C LEU F 130 -14.12 39.57 21.33
N LYS F 131 -13.00 40.28 21.49
CA LYS F 131 -11.95 39.82 22.40
C LYS F 131 -12.32 40.12 23.85
N THR F 132 -12.94 41.27 24.08
CA THR F 132 -13.35 41.70 25.41
C THR F 132 -14.82 41.37 25.70
N ARG F 133 -15.41 40.46 24.93
CA ARG F 133 -16.75 39.90 25.15
C ARG F 133 -17.85 40.95 25.09
N ASN F 134 -17.76 41.88 24.14
CA ASN F 134 -18.79 42.89 23.96
C ASN F 134 -19.09 43.06 22.49
N ALA F 135 -20.22 43.72 22.22
CA ALA F 135 -20.73 43.90 20.87
C ALA F 135 -20.42 45.29 20.34
N ILE F 136 -20.72 45.50 19.06
CA ILE F 136 -20.40 46.77 18.40
C ILE F 136 -21.41 46.98 17.27
N ILE F 137 -21.86 48.23 17.13
CA ILE F 137 -22.74 48.66 16.03
C ILE F 137 -21.97 49.64 15.16
N PHE F 138 -21.90 49.38 13.86
CA PHE F 138 -21.16 50.21 12.94
C PHE F 138 -22.06 51.22 12.26
N SER F 139 -21.50 52.41 12.00
CA SER F 139 -22.17 53.47 11.25
C SER F 139 -21.16 54.03 10.26
N PRO F 140 -21.13 53.49 9.04
CA PRO F 140 -20.06 53.84 8.11
C PRO F 140 -20.26 55.21 7.48
N HIS F 141 -19.19 55.69 6.83
CA HIS F 141 -19.26 56.91 6.05
C HIS F 141 -20.14 56.68 4.83
N PRO F 142 -20.94 57.67 4.41
CA PRO F 142 -21.83 57.46 3.25
C PRO F 142 -21.13 57.31 1.92
N ARG F 143 -19.87 57.75 1.81
CA ARG F 143 -19.12 57.57 0.57
C ARG F 143 -18.68 56.12 0.38
N ALA F 144 -18.35 55.42 1.46
CA ALA F 144 -17.83 54.06 1.42
C ALA F 144 -18.63 53.14 2.33
N LYS F 145 -19.95 53.18 2.19
CA LYS F 145 -20.83 52.41 3.06
C LYS F 145 -20.86 50.92 2.73
N ASP F 146 -20.59 50.54 1.49
CA ASP F 146 -20.69 49.13 1.11
C ASP F 146 -19.42 48.34 1.42
N ALA F 147 -18.27 49.00 1.49
CA ALA F 147 -17.04 48.29 1.82
C ALA F 147 -16.94 47.98 3.31
N THR F 148 -17.48 48.87 4.15
CA THR F 148 -17.42 48.64 5.59
C THR F 148 -18.39 47.56 6.03
N ASN F 149 -19.62 47.57 5.49
CA ASN F 149 -20.62 46.58 5.89
C ASN F 149 -20.27 45.19 5.38
N LYS F 150 -19.53 45.09 4.28
CA LYS F 150 -19.05 43.80 3.83
C LYS F 150 -17.87 43.31 4.69
N ALA F 151 -17.04 44.24 5.16
CA ALA F 151 -15.88 43.86 5.96
C ALA F 151 -16.29 43.37 7.35
N ALA F 152 -17.34 43.96 7.92
CA ALA F 152 -17.83 43.49 9.21
C ALA F 152 -18.62 42.20 9.08
N ASP F 153 -19.10 41.87 7.88
CA ASP F 153 -19.87 40.65 7.69
C ASP F 153 -19.00 39.42 7.64
N ILE F 154 -17.77 39.54 7.14
CA ILE F 154 -16.86 38.39 7.07
C ILE F 154 -16.39 38.00 8.47
N VAL F 155 -16.17 38.99 9.33
CA VAL F 155 -15.78 38.71 10.72
C VAL F 155 -16.95 38.13 11.49
N LEU F 156 -18.18 38.55 11.18
CA LEU F 156 -19.34 38.06 11.91
C LEU F 156 -19.66 36.61 11.56
N GLN F 157 -19.68 36.29 10.26
CA GLN F 157 -20.02 34.94 9.82
C GLN F 157 -18.93 33.93 10.16
N ALA F 158 -17.69 34.39 10.38
CA ALA F 158 -16.64 33.49 10.83
C ALA F 158 -16.71 33.26 12.34
N ALA F 159 -17.29 34.21 13.08
CA ALA F 159 -17.40 34.06 14.52
C ALA F 159 -18.55 33.14 14.91
N ILE F 160 -19.68 33.22 14.17
CA ILE F 160 -20.84 32.38 14.44
C ILE F 160 -20.52 30.91 14.18
N ALA F 161 -19.67 30.66 13.18
CA ALA F 161 -19.20 29.30 12.93
C ALA F 161 -18.24 28.81 14.02
N ALA F 162 -17.69 29.71 14.83
CA ALA F 162 -16.79 29.34 15.91
C ALA F 162 -17.48 29.23 17.26
N GLY F 163 -18.68 29.78 17.41
CA GLY F 163 -19.40 29.66 18.66
C GLY F 163 -20.01 30.94 19.20
N ALA F 164 -19.96 32.01 18.40
CA ALA F 164 -20.53 33.28 18.81
C ALA F 164 -22.06 33.21 18.77
N PRO F 165 -22.75 34.14 19.45
CA PRO F 165 -24.20 34.24 19.28
C PRO F 165 -24.62 34.65 17.87
N LYS F 166 -25.94 34.61 17.65
CA LYS F 166 -26.48 34.64 16.28
C LYS F 166 -26.35 36.02 15.64
N ASP F 167 -26.48 37.10 16.42
CA ASP F 167 -26.35 38.46 15.89
C ASP F 167 -25.54 39.27 16.89
N LEU F 168 -24.22 39.27 16.70
CA LEU F 168 -23.30 39.94 17.61
C LEU F 168 -22.79 41.26 17.07
N ILE F 169 -22.59 41.38 15.76
CA ILE F 169 -22.07 42.60 15.14
C ILE F 169 -23.15 43.11 14.19
N GLY F 170 -23.66 44.30 14.49
CA GLY F 170 -24.63 44.94 13.61
C GLY F 170 -24.05 46.15 12.93
N TRP F 171 -24.69 46.60 11.86
CA TRP F 171 -24.17 47.73 11.09
C TRP F 171 -25.34 48.46 10.45
N ILE F 172 -25.23 49.79 10.38
CA ILE F 172 -26.21 50.59 9.67
C ILE F 172 -26.01 50.39 8.17
N ASP F 173 -27.05 49.90 7.50
CA ASP F 173 -26.92 49.54 6.09
C ASP F 173 -26.93 50.77 5.19
N GLN F 174 -27.66 51.80 5.56
CA GLN F 174 -27.73 53.04 4.79
C GLN F 174 -27.63 54.23 5.74
N PRO F 175 -26.46 54.81 5.90
CA PRO F 175 -26.26 55.83 6.93
C PRO F 175 -26.89 57.17 6.55
N SER F 176 -27.01 58.03 7.56
CA SER F 176 -27.55 59.36 7.38
C SER F 176 -27.07 60.22 8.54
N VAL F 177 -27.26 61.54 8.41
CA VAL F 177 -26.88 62.47 9.48
C VAL F 177 -27.87 62.45 10.63
N GLU F 178 -29.05 61.86 10.43
CA GLU F 178 -30.06 61.72 11.48
C GLU F 178 -30.08 60.32 12.07
N LEU F 179 -29.81 59.30 11.25
CA LEU F 179 -29.81 57.92 11.74
C LEU F 179 -28.59 57.64 12.62
N SER F 180 -27.45 58.26 12.32
CA SER F 180 -26.27 58.09 13.16
C SER F 180 -26.41 58.86 14.47
N ASN F 181 -27.08 60.02 14.42
CA ASN F 181 -27.29 60.80 15.64
C ASN F 181 -28.31 60.14 16.54
N ALA F 182 -29.24 59.36 15.98
CA ALA F 182 -30.18 58.61 16.79
C ALA F 182 -29.54 57.38 17.42
N LEU F 183 -28.45 56.88 16.85
CA LEU F 183 -27.74 55.75 17.43
C LEU F 183 -26.88 56.18 18.62
N MET F 184 -26.26 57.36 18.53
CA MET F 184 -25.38 57.83 19.59
C MET F 184 -26.17 58.25 20.83
N HIS F 185 -27.43 58.65 20.67
CA HIS F 185 -28.28 59.01 21.78
C HIS F 185 -29.19 57.87 22.23
N HIS F 186 -28.86 56.64 21.84
CA HIS F 186 -29.64 55.49 22.29
C HIS F 186 -29.36 55.23 23.77
N PRO F 187 -30.38 54.86 24.55
CA PRO F 187 -30.18 54.71 26.00
C PRO F 187 -29.40 53.48 26.41
N ASP F 188 -29.34 52.43 25.59
CA ASP F 188 -28.70 51.18 25.98
C ASP F 188 -27.51 50.85 25.10
N ILE F 189 -26.71 51.87 24.76
CA ILE F 189 -25.34 51.68 24.33
C ILE F 189 -24.45 52.39 25.34
N ASN F 190 -23.21 51.92 25.48
CA ASN F 190 -22.36 52.36 26.58
C ASN F 190 -21.06 53.02 26.17
N LEU F 191 -20.65 52.93 24.91
CA LEU F 191 -19.37 53.50 24.51
C LEU F 191 -19.46 53.90 23.04
N ILE F 192 -18.70 54.93 22.68
CA ILE F 192 -18.63 55.42 21.30
C ILE F 192 -17.17 55.35 20.87
N LEU F 193 -16.83 54.36 20.04
CA LEU F 193 -15.53 54.31 19.38
C LEU F 193 -15.67 55.09 18.08
N ALA F 194 -15.14 56.30 18.06
CA ALA F 194 -15.41 57.25 16.98
C ALA F 194 -14.09 57.79 16.45
N THR F 195 -13.84 57.57 15.16
CA THR F 195 -12.64 58.06 14.48
C THR F 195 -13.05 58.99 13.36
N GLY F 196 -12.42 60.16 13.29
CA GLY F 196 -12.75 61.11 12.25
C GLY F 196 -12.07 62.44 12.49
N GLY F 197 -12.59 63.46 11.79
CA GLY F 197 -12.02 64.79 11.86
C GLY F 197 -12.45 65.54 13.09
N PRO F 198 -12.00 66.80 13.19
CA PRO F 198 -12.29 67.59 14.40
C PRO F 198 -13.73 67.99 14.56
N GLY F 199 -14.51 68.01 13.48
CA GLY F 199 -15.94 68.25 13.60
C GLY F 199 -16.71 67.07 14.15
N MET F 200 -16.11 65.88 14.12
CA MET F 200 -16.75 64.68 14.64
C MET F 200 -16.42 64.43 16.11
N VAL F 201 -15.22 64.81 16.55
CA VAL F 201 -14.85 64.66 17.96
C VAL F 201 -15.70 65.56 18.84
N LYS F 202 -16.05 66.75 18.34
CA LYS F 202 -16.94 67.64 19.06
C LYS F 202 -18.35 67.07 19.14
N ALA F 203 -18.76 66.27 18.14
CA ALA F 203 -20.07 65.65 18.16
C ALA F 203 -20.08 64.34 18.94
N ALA F 204 -18.95 63.63 18.98
CA ALA F 204 -18.90 62.37 19.70
C ALA F 204 -18.86 62.58 21.21
N TYR F 205 -18.29 63.69 21.67
CA TYR F 205 -18.30 64.04 23.08
C TYR F 205 -19.48 64.94 23.46
N SER F 206 -20.43 65.14 22.54
CA SER F 206 -21.59 65.98 22.82
C SER F 206 -22.80 65.19 23.29
N SER F 207 -22.93 63.94 22.86
CA SER F 207 -23.95 63.06 23.41
C SER F 207 -23.53 62.60 24.80
N GLY F 208 -24.50 62.42 25.69
CA GLY F 208 -24.13 62.12 27.05
C GLY F 208 -23.88 60.64 27.23
N LYS F 209 -22.60 60.28 27.13
CA LYS F 209 -22.09 58.91 27.09
C LYS F 209 -20.57 58.95 27.14
N PRO F 210 -19.92 57.96 27.73
CA PRO F 210 -18.45 57.89 27.65
C PRO F 210 -18.03 57.55 26.22
N ALA F 211 -17.16 58.39 25.65
CA ALA F 211 -16.76 58.25 24.26
C ALA F 211 -15.24 58.18 24.17
N ILE F 212 -14.76 57.29 23.30
CA ILE F 212 -13.33 57.21 22.99
C ILE F 212 -13.13 57.74 21.57
N GLY F 213 -12.82 59.02 21.45
CA GLY F 213 -12.62 59.65 20.18
C GLY F 213 -11.15 59.88 19.87
N VAL F 214 -10.84 59.91 18.57
CA VAL F 214 -9.52 60.31 18.10
C VAL F 214 -9.71 61.41 17.06
N GLY F 215 -8.68 62.22 16.90
CA GLY F 215 -8.72 63.37 16.00
C GLY F 215 -7.81 63.20 14.79
N ALA F 216 -7.66 64.31 14.07
CA ALA F 216 -6.78 64.37 12.93
C ALA F 216 -5.41 64.87 13.39
N GLY F 217 -4.52 65.12 12.43
CA GLY F 217 -3.22 65.63 12.81
C GLY F 217 -2.21 65.80 11.69
N ASN F 218 -1.41 66.86 11.78
CA ASN F 218 -0.24 67.02 10.94
C ASN F 218 0.91 66.17 11.48
N THR F 219 2.01 66.16 10.74
CA THR F 219 3.22 65.46 11.16
C THR F 219 4.42 66.27 10.71
N PRO F 220 4.86 67.24 11.51
CA PRO F 220 6.07 67.99 11.15
C PRO F 220 7.32 67.12 11.33
N VAL F 221 8.18 67.14 10.32
CA VAL F 221 9.38 66.32 10.29
C VAL F 221 10.59 67.24 10.42
N VAL F 222 11.51 66.89 11.31
CA VAL F 222 12.73 67.66 11.53
C VAL F 222 13.91 66.82 11.06
N ILE F 223 14.61 67.29 10.04
CA ILE F 223 15.79 66.62 9.50
C ILE F 223 16.99 67.52 9.74
N ASP F 224 17.72 67.28 10.83
CA ASP F 224 18.83 68.15 11.16
C ASP F 224 20.09 67.75 10.40
N GLU F 225 21.21 68.39 10.75
CA GLU F 225 22.42 68.29 9.93
C GLU F 225 23.17 66.98 10.11
N THR F 226 22.88 66.22 11.17
CA THR F 226 23.56 64.96 11.42
C THR F 226 22.70 63.75 11.07
N ALA F 227 21.67 63.95 10.25
CA ALA F 227 20.79 62.86 9.84
C ALA F 227 21.39 62.08 8.69
N ASP F 228 20.77 60.92 8.41
CA ASP F 228 21.08 60.16 7.21
C ASP F 228 20.18 60.67 6.10
N ILE F 229 20.77 61.39 5.14
CA ILE F 229 20.00 62.03 4.08
C ILE F 229 19.42 60.99 3.13
N LYS F 230 20.15 59.89 2.90
CA LYS F 230 19.63 58.84 2.03
C LYS F 230 18.51 58.05 2.70
N ARG F 231 18.48 58.02 4.03
CA ARG F 231 17.39 57.35 4.73
C ARG F 231 16.18 58.26 4.88
N ALA F 232 16.41 59.55 5.18
CA ALA F 232 15.31 60.45 5.50
C ALA F 232 14.47 60.77 4.28
N VAL F 233 15.09 60.88 3.11
CA VAL F 233 14.34 61.16 1.90
C VAL F 233 13.58 59.92 1.44
N ALA F 234 14.22 58.75 1.49
CA ALA F 234 13.60 57.53 0.99
C ALA F 234 12.49 57.01 1.91
N SER F 235 12.46 57.46 3.17
CA SER F 235 11.39 57.06 4.08
C SER F 235 10.19 57.99 4.00
N VAL F 236 10.41 59.27 3.65
CA VAL F 236 9.30 60.18 3.42
C VAL F 236 8.53 59.77 2.15
N LEU F 237 9.26 59.40 1.10
CA LEU F 237 8.62 58.98 -0.15
C LEU F 237 7.86 57.67 0.01
N MET F 238 8.30 56.80 0.92
CA MET F 238 7.61 55.54 1.12
C MET F 238 6.31 55.72 1.90
N SER F 239 6.34 56.57 2.94
CA SER F 239 5.18 56.70 3.82
C SER F 239 4.14 57.68 3.31
N LYS F 240 4.56 58.71 2.58
CA LYS F 240 3.58 59.67 2.06
C LYS F 240 2.85 59.12 0.85
N THR F 241 3.49 58.26 0.07
CA THR F 241 2.83 57.58 -1.04
C THR F 241 2.14 56.29 -0.62
N PHE F 242 2.17 55.96 0.67
CA PHE F 242 1.46 54.79 1.18
C PHE F 242 -0.04 55.09 1.18
N ASP F 243 -0.75 54.45 0.25
CA ASP F 243 -2.18 54.66 -0.03
C ASP F 243 -2.50 56.12 -0.35
N ASN F 244 -1.56 56.79 -1.02
CA ASN F 244 -1.66 58.21 -1.43
C ASN F 244 -1.92 59.13 -0.24
N GLY F 245 -1.34 58.79 0.91
CA GLY F 245 -1.39 59.67 2.07
C GLY F 245 -2.73 59.77 2.76
N VAL F 246 -3.61 58.78 2.60
CA VAL F 246 -4.89 58.82 3.32
C VAL F 246 -4.76 58.42 4.77
N ILE F 247 -3.61 57.89 5.18
CA ILE F 247 -3.42 57.43 6.55
C ILE F 247 -3.28 58.62 7.48
N CYS F 248 -3.83 58.50 8.68
CA CYS F 248 -3.51 59.44 9.74
C CYS F 248 -2.04 59.32 10.10
N ALA F 249 -1.48 60.44 10.59
CA ALA F 249 -0.06 60.59 10.91
C ALA F 249 0.83 60.30 9.70
N SER F 250 0.53 60.98 8.60
CA SER F 250 1.40 60.99 7.43
C SER F 250 2.13 62.32 7.37
N GLU F 251 3.31 62.31 6.76
CA GLU F 251 4.21 63.46 6.82
C GLU F 251 3.66 64.59 5.94
N GLN F 252 3.00 65.55 6.57
CA GLN F 252 2.38 66.65 5.83
C GLN F 252 3.37 67.78 5.53
N SER F 253 4.46 67.88 6.29
CA SER F 253 5.42 68.97 6.12
C SER F 253 6.73 68.57 6.77
N VAL F 254 7.84 68.90 6.11
CA VAL F 254 9.17 68.65 6.63
C VAL F 254 9.82 69.98 6.95
N VAL F 255 10.73 69.98 7.93
CA VAL F 255 11.50 71.15 8.33
C VAL F 255 12.97 70.75 8.30
N VAL F 256 13.71 71.27 7.33
CA VAL F 256 15.11 70.93 7.13
C VAL F 256 15.97 72.09 7.59
N VAL F 257 17.09 71.79 8.25
CA VAL F 257 18.03 72.84 8.63
C VAL F 257 18.77 73.35 7.39
N ASP F 258 19.38 74.53 7.53
CA ASP F 258 20.02 75.18 6.40
C ASP F 258 21.34 74.56 6.01
N SER F 259 21.91 73.70 6.86
CA SER F 259 23.21 73.08 6.54
C SER F 259 23.07 72.00 5.46
N VAL F 260 21.94 71.29 5.43
CA VAL F 260 21.75 70.22 4.46
C VAL F 260 20.44 70.42 3.69
N TYR F 261 20.00 71.68 3.57
CA TYR F 261 18.75 71.97 2.87
C TYR F 261 18.89 71.74 1.36
N ASP F 262 20.07 71.99 0.80
CA ASP F 262 20.26 71.83 -0.63
C ASP F 262 20.44 70.37 -1.02
N ALA F 263 21.09 69.58 -0.17
CA ALA F 263 21.29 68.16 -0.47
C ALA F 263 20.01 67.37 -0.35
N VAL F 264 19.09 67.79 0.52
CA VAL F 264 17.80 67.12 0.64
C VAL F 264 16.93 67.43 -0.58
N ARG F 265 17.01 68.67 -1.09
CA ARG F 265 16.24 69.05 -2.28
C ARG F 265 16.73 68.31 -3.52
N GLU F 266 18.04 68.11 -3.64
CA GLU F 266 18.56 67.35 -4.78
C GLU F 266 18.25 65.87 -4.66
N ARG F 267 18.17 65.34 -3.44
CA ARG F 267 17.78 63.95 -3.25
C ARG F 267 16.31 63.73 -3.53
N PHE F 268 15.49 64.76 -3.29
CA PHE F 268 14.07 64.69 -3.64
C PHE F 268 13.84 64.87 -5.14
N ALA F 269 14.67 65.69 -5.80
CA ALA F 269 14.43 66.01 -7.20
C ALA F 269 14.82 64.89 -8.13
N THR F 270 15.93 64.19 -7.84
CA THR F 270 16.36 63.09 -8.69
C THR F 270 15.44 61.88 -8.55
N HIS F 271 14.80 61.73 -7.39
CA HIS F 271 13.81 60.68 -7.17
C HIS F 271 12.43 61.23 -7.52
N GLY F 272 11.37 60.53 -7.10
CA GLY F 272 10.01 60.81 -7.54
C GLY F 272 9.39 62.11 -7.08
N GLY F 273 10.12 62.97 -6.36
CA GLY F 273 9.58 64.25 -5.98
C GLY F 273 9.63 65.26 -7.11
N TYR F 274 8.70 66.22 -7.07
CA TYR F 274 8.58 67.26 -8.09
C TYR F 274 8.51 68.62 -7.38
N LEU F 275 9.60 69.37 -7.42
CA LEU F 275 9.65 70.68 -6.78
C LEU F 275 8.83 71.69 -7.58
N LEU F 276 7.80 72.25 -6.96
CA LEU F 276 6.98 73.26 -7.61
C LEU F 276 7.68 74.61 -7.57
N GLN F 277 7.68 75.30 -8.70
CA GLN F 277 8.41 76.56 -8.86
C GLN F 277 7.52 77.60 -9.51
N GLY F 278 7.45 78.78 -8.89
CA GLY F 278 6.80 79.94 -9.49
C GLY F 278 5.31 79.86 -9.65
N LYS F 279 4.85 79.73 -10.90
CA LYS F 279 3.42 79.72 -11.19
C LYS F 279 2.74 78.46 -10.69
N GLU F 280 3.46 77.33 -10.69
CA GLU F 280 2.87 76.06 -10.26
C GLU F 280 2.65 75.99 -8.76
N LEU F 281 3.39 76.79 -7.98
CA LEU F 281 3.18 76.80 -6.53
C LEU F 281 1.86 77.44 -6.16
N LYS F 282 1.53 78.57 -6.77
CA LYS F 282 0.25 79.21 -6.51
C LYS F 282 -0.91 78.51 -7.21
N ALA F 283 -0.63 77.74 -8.27
CA ALA F 283 -1.68 77.04 -8.99
C ALA F 283 -2.22 75.85 -8.21
N VAL F 284 -1.50 75.38 -7.20
CA VAL F 284 -1.97 74.27 -6.37
C VAL F 284 -2.44 74.71 -5.00
N GLN F 285 -2.14 75.94 -4.58
CA GLN F 285 -2.59 76.41 -3.28
C GLN F 285 -4.05 76.80 -3.26
N ASP F 286 -4.65 77.05 -4.42
CA ASP F 286 -6.07 77.36 -4.52
C ASP F 286 -6.91 76.16 -4.91
N VAL F 287 -6.30 74.97 -4.98
CA VAL F 287 -7.04 73.74 -5.25
C VAL F 287 -7.14 72.86 -4.00
N ILE F 288 -6.37 73.13 -2.95
CA ILE F 288 -6.43 72.32 -1.74
C ILE F 288 -7.48 72.85 -0.76
N LEU F 289 -7.47 74.15 -0.50
CA LEU F 289 -8.49 74.78 0.34
C LEU F 289 -9.61 75.29 -0.54
N LYS F 290 -10.79 74.66 -0.44
CA LYS F 290 -11.91 75.04 -1.29
C LYS F 290 -12.65 76.25 -0.71
N ASN F 291 -13.22 76.09 0.49
CA ASN F 291 -13.94 77.14 1.18
C ASN F 291 -13.41 77.29 2.60
N GLY F 292 -12.09 77.34 2.72
CA GLY F 292 -11.44 77.29 4.01
C GLY F 292 -11.29 75.89 4.59
N ALA F 293 -11.65 74.86 3.83
CA ALA F 293 -11.53 73.48 4.26
C ALA F 293 -10.94 72.66 3.12
N LEU F 294 -10.46 71.47 3.47
CA LEU F 294 -9.85 70.56 2.51
C LEU F 294 -10.94 69.96 1.61
N ASN F 295 -10.79 70.13 0.30
CA ASN F 295 -11.77 69.62 -0.65
C ASN F 295 -11.61 68.11 -0.82
N ALA F 296 -12.72 67.43 -1.03
CA ALA F 296 -12.74 65.98 -1.17
C ALA F 296 -12.42 65.49 -2.59
N ALA F 297 -11.94 66.37 -3.46
CA ALA F 297 -11.60 65.97 -4.82
C ALA F 297 -10.13 65.57 -4.98
N ILE F 298 -9.28 65.94 -4.03
CA ILE F 298 -7.86 65.59 -4.08
C ILE F 298 -7.47 64.61 -3.00
N VAL F 299 -8.41 64.22 -2.13
CA VAL F 299 -8.10 63.32 -1.01
C VAL F 299 -7.86 61.92 -1.56
N GLY F 300 -6.60 61.49 -1.53
CA GLY F 300 -6.24 60.15 -1.95
C GLY F 300 -5.99 59.97 -3.43
N GLN F 301 -6.08 61.03 -4.22
CA GLN F 301 -5.79 60.92 -5.63
C GLN F 301 -4.28 60.86 -5.86
N PRO F 302 -3.83 60.28 -6.97
CA PRO F 302 -2.39 60.26 -7.27
C PRO F 302 -1.85 61.66 -7.57
N ALA F 303 -0.52 61.74 -7.63
CA ALA F 303 0.16 63.03 -7.74
C ALA F 303 0.00 63.67 -9.12
N TYR F 304 -0.31 62.89 -10.15
CA TYR F 304 -0.51 63.45 -11.48
C TYR F 304 -1.95 63.92 -11.71
N LYS F 305 -2.90 63.48 -10.89
CA LYS F 305 -4.27 63.97 -10.98
C LYS F 305 -4.50 65.24 -10.18
N ILE F 306 -3.68 65.50 -9.15
CA ILE F 306 -3.76 66.77 -8.43
C ILE F 306 -3.21 67.89 -9.31
N ALA F 307 -2.11 67.63 -10.02
CA ALA F 307 -1.57 68.62 -10.94
C ALA F 307 -2.47 68.82 -12.15
N GLU F 308 -3.15 67.77 -12.59
CA GLU F 308 -4.12 67.90 -13.68
C GLU F 308 -5.33 68.71 -13.24
N LEU F 309 -5.73 68.58 -11.97
CA LEU F 309 -6.80 69.40 -11.42
C LEU F 309 -6.35 70.83 -11.17
N ALA F 310 -5.04 71.07 -11.08
CA ALA F 310 -4.52 72.41 -10.84
C ALA F 310 -4.36 73.23 -12.11
N GLY F 311 -4.07 72.59 -13.24
CA GLY F 311 -3.97 73.30 -14.50
C GLY F 311 -2.66 73.16 -15.23
N PHE F 312 -1.91 72.10 -14.95
CA PHE F 312 -0.69 71.79 -15.70
C PHE F 312 -0.51 70.27 -15.69
N SER F 313 0.67 69.81 -16.09
CA SER F 313 0.92 68.38 -16.21
C SER F 313 2.33 68.05 -15.74
N VAL F 314 2.42 67.18 -14.75
CA VAL F 314 3.68 66.61 -14.29
C VAL F 314 3.88 65.30 -15.05
N PRO F 315 5.07 64.68 -15.02
CA PRO F 315 5.19 63.32 -15.56
C PRO F 315 4.34 62.33 -14.78
N GLU F 316 3.97 61.23 -15.45
CA GLU F 316 3.00 60.30 -14.91
C GLU F 316 3.56 59.45 -13.77
N ASN F 317 4.89 59.36 -13.64
CA ASN F 317 5.50 58.53 -12.61
C ASN F 317 6.00 59.35 -11.43
N THR F 318 5.73 60.65 -11.39
CA THR F 318 6.05 61.45 -10.22
C THR F 318 5.09 61.12 -9.09
N LYS F 319 5.58 61.21 -7.86
CA LYS F 319 4.84 60.71 -6.71
C LYS F 319 4.56 61.75 -5.63
N ILE F 320 5.39 62.77 -5.49
CA ILE F 320 5.25 63.75 -4.41
C ILE F 320 5.34 65.15 -5.00
N LEU F 321 4.34 65.98 -4.72
CA LEU F 321 4.34 67.39 -5.10
C LEU F 321 4.91 68.20 -3.94
N ILE F 322 6.07 68.80 -4.16
CA ILE F 322 6.78 69.54 -3.12
C ILE F 322 6.62 71.04 -3.37
N GLY F 323 6.11 71.75 -2.38
CA GLY F 323 6.05 73.20 -2.43
C GLY F 323 6.86 73.86 -1.34
N GLU F 324 7.88 74.61 -1.72
CA GLU F 324 8.77 75.26 -0.75
C GLU F 324 8.11 76.56 -0.29
N VAL F 325 7.58 76.55 0.92
CA VAL F 325 6.87 77.69 1.47
C VAL F 325 7.68 78.28 2.63
N THR F 326 7.22 79.43 3.12
CA THR F 326 7.96 80.19 4.13
C THR F 326 7.16 80.45 5.40
N VAL F 327 5.88 80.77 5.30
CA VAL F 327 5.09 81.20 6.44
C VAL F 327 4.47 80.00 7.13
N VAL F 328 4.36 80.08 8.46
CA VAL F 328 3.68 79.08 9.26
C VAL F 328 2.43 79.72 9.85
N ASP F 329 1.31 79.58 9.16
CA ASP F 329 0.09 80.31 9.51
C ASP F 329 -1.10 79.59 8.88
N GLU F 330 -2.29 80.07 9.23
CA GLU F 330 -3.51 79.58 8.60
C GLU F 330 -3.74 80.17 7.21
N SER F 331 -2.99 81.22 6.85
CA SER F 331 -3.11 81.79 5.51
C SER F 331 -2.46 80.89 4.46
N GLU F 332 -1.42 80.17 4.83
CA GLU F 332 -0.75 79.26 3.89
C GLU F 332 -1.51 77.94 3.83
N PRO F 333 -1.98 77.52 2.65
CA PRO F 333 -2.72 76.26 2.57
C PRO F 333 -1.85 75.03 2.70
N PHE F 334 -0.53 75.15 2.54
CA PHE F 334 0.36 74.00 2.63
C PHE F 334 0.72 73.64 4.06
N ALA F 335 0.29 74.42 5.05
CA ALA F 335 0.51 74.11 6.44
C ALA F 335 -0.66 73.35 7.07
N HIS F 336 -1.56 72.83 6.25
CA HIS F 336 -2.73 72.10 6.74
C HIS F 336 -2.58 70.61 6.46
N GLU F 337 -3.53 69.84 6.98
CA GLU F 337 -3.62 68.42 6.64
C GLU F 337 -4.20 68.27 5.25
N LYS F 338 -3.52 67.48 4.42
CA LYS F 338 -3.86 67.40 3.00
C LYS F 338 -4.49 66.08 2.59
N LEU F 339 -4.11 64.98 3.24
CA LEU F 339 -4.57 63.61 2.93
C LEU F 339 -4.31 63.25 1.46
N SER F 340 -3.16 63.68 0.96
CA SER F 340 -2.82 63.54 -0.46
C SER F 340 -1.31 63.61 -0.57
N PRO F 341 -0.71 62.99 -1.62
CA PRO F 341 0.75 63.03 -1.73
C PRO F 341 1.28 64.41 -2.10
N THR F 342 1.27 65.31 -1.13
CA THR F 342 1.73 66.68 -1.30
C THR F 342 2.48 67.08 -0.04
N LEU F 343 3.61 67.75 -0.21
CA LEU F 343 4.50 68.07 0.91
C LEU F 343 4.61 69.58 1.08
N ALA F 344 5.47 69.99 2.01
CA ALA F 344 5.73 71.41 2.27
C ALA F 344 7.08 71.50 2.95
N MET F 345 8.08 72.04 2.25
CA MET F 345 9.44 72.11 2.77
C MET F 345 9.66 73.47 3.42
N TYR F 346 10.03 73.46 4.69
CA TYR F 346 10.44 74.66 5.41
C TYR F 346 11.95 74.62 5.65
N ARG F 347 12.52 75.81 5.83
CA ARG F 347 13.95 75.97 6.04
C ARG F 347 14.17 76.61 7.41
N ALA F 348 15.07 76.03 8.19
CA ALA F 348 15.44 76.56 9.49
C ALA F 348 16.95 76.78 9.54
N LYS F 349 17.37 77.67 10.42
CA LYS F 349 18.78 78.03 10.54
C LYS F 349 19.52 77.21 11.58
N ASP F 350 18.82 76.47 12.43
CA ASP F 350 19.45 75.67 13.47
C ASP F 350 18.52 74.52 13.83
N PHE F 351 19.03 73.62 14.68
CA PHE F 351 18.18 72.53 15.18
C PHE F 351 17.14 73.06 16.16
N GLU F 352 17.54 73.95 17.07
CA GLU F 352 16.62 74.51 18.04
C GLU F 352 15.63 75.49 17.42
N ASP F 353 15.89 75.97 16.21
CA ASP F 353 14.90 76.72 15.45
C ASP F 353 13.96 75.81 14.67
N ALA F 354 14.42 74.61 14.30
CA ALA F 354 13.59 73.66 13.59
C ALA F 354 12.51 73.07 14.49
N VAL F 355 12.81 72.87 15.77
CA VAL F 355 11.79 72.41 16.71
C VAL F 355 10.78 73.52 16.99
N GLU F 356 11.22 74.78 16.91
CA GLU F 356 10.32 75.91 17.12
C GLU F 356 9.30 76.02 15.99
N LYS F 357 9.74 75.81 14.75
CA LYS F 357 8.80 75.79 13.64
C LYS F 357 7.90 74.56 13.67
N ALA F 358 8.41 73.44 14.21
CA ALA F 358 7.58 72.25 14.33
C ALA F 358 6.54 72.39 15.44
N GLU F 359 6.83 73.22 16.46
CA GLU F 359 5.85 73.47 17.51
C GLU F 359 4.67 74.28 17.00
N LYS F 360 4.88 75.12 15.99
CA LYS F 360 3.79 75.88 15.39
C LYS F 360 3.08 75.11 14.30
N LEU F 361 3.63 73.98 13.85
CA LEU F 361 2.98 73.15 12.84
C LEU F 361 2.06 72.09 13.43
N VAL F 362 2.15 71.85 14.75
CA VAL F 362 1.19 71.00 15.44
C VAL F 362 0.12 71.89 16.07
N ALA F 363 0.12 73.17 15.72
CA ALA F 363 -0.88 74.08 16.23
C ALA F 363 -2.11 74.17 15.34
N MET F 364 -1.94 74.11 14.01
CA MET F 364 -3.07 74.29 13.11
C MET F 364 -3.93 73.03 13.02
N GLY F 365 -3.35 71.94 12.53
CA GLY F 365 -4.13 70.71 12.39
C GLY F 365 -3.64 69.59 13.28
N GLY F 366 -4.37 69.36 14.38
CA GLY F 366 -4.03 68.26 15.27
C GLY F 366 -3.06 68.70 16.32
N ILE F 367 -3.49 68.75 17.58
CA ILE F 367 -2.67 69.35 18.61
C ILE F 367 -1.68 68.35 19.20
N GLY F 368 -2.11 67.10 19.40
CA GLY F 368 -1.24 66.12 20.00
C GLY F 368 -1.14 64.80 19.27
N HIS F 369 -1.15 64.82 17.94
CA HIS F 369 -1.25 63.56 17.21
C HIS F 369 0.09 62.84 17.06
N THR F 370 1.03 63.43 16.31
CA THR F 370 2.26 62.76 15.91
C THR F 370 3.26 63.76 15.34
N SER F 371 4.50 63.73 15.82
CA SER F 371 5.61 64.41 15.17
C SER F 371 6.66 63.38 14.79
N CYS F 372 7.75 63.84 14.18
CA CYS F 372 8.81 62.96 13.75
C CYS F 372 10.13 63.71 13.73
N LEU F 373 11.23 62.94 13.72
CA LEU F 373 12.57 63.51 13.77
C LEU F 373 13.55 62.50 13.17
N TYR F 374 14.43 62.98 12.30
CA TYR F 374 15.47 62.14 11.70
C TYR F 374 16.83 62.62 12.19
N THR F 375 17.51 61.78 12.95
CA THR F 375 18.87 62.01 13.41
C THR F 375 19.47 60.68 13.82
N ASP F 376 20.78 60.67 14.05
CA ASP F 376 21.45 59.47 14.55
C ASP F 376 21.14 59.35 16.04
N GLN F 377 20.36 58.32 16.39
CA GLN F 377 19.81 58.19 17.74
C GLN F 377 20.81 57.66 18.74
N ASP F 378 22.02 57.31 18.33
CA ASP F 378 23.06 56.81 19.23
C ASP F 378 24.05 57.89 19.60
N ASN F 379 24.54 58.64 18.62
CA ASN F 379 25.55 59.67 18.87
C ASN F 379 24.95 60.96 19.44
N GLN F 380 23.64 61.17 19.29
CA GLN F 380 22.98 62.39 19.77
C GLN F 380 21.86 62.01 20.73
N PRO F 381 22.17 61.73 22.00
CA PRO F 381 21.11 61.48 22.98
C PRO F 381 20.55 62.75 23.61
N ALA F 382 21.21 63.90 23.44
CA ALA F 382 20.70 65.15 23.98
C ALA F 382 19.66 65.79 23.07
N ARG F 383 19.68 65.49 21.78
CA ARG F 383 18.71 66.04 20.86
C ARG F 383 17.42 65.23 20.82
N VAL F 384 17.49 63.93 21.12
CA VAL F 384 16.29 63.10 21.19
C VAL F 384 15.51 63.29 22.48
N SER F 385 16.10 63.93 23.48
CA SER F 385 15.40 64.27 24.71
C SER F 385 14.89 65.71 24.70
N TYR F 386 15.58 66.62 24.01
CA TYR F 386 15.08 67.97 23.82
C TYR F 386 13.89 67.98 22.87
N PHE F 387 13.90 67.10 21.86
CA PHE F 387 12.77 67.02 20.95
C PHE F 387 11.57 66.35 21.61
N GLY F 388 11.81 65.41 22.53
CA GLY F 388 10.73 64.78 23.26
C GLY F 388 10.11 65.64 24.34
N GLN F 389 10.85 66.65 24.82
CA GLN F 389 10.35 67.55 25.85
C GLN F 389 9.57 68.72 25.26
N LYS F 390 9.91 69.13 24.05
CA LYS F 390 9.28 70.30 23.42
C LYS F 390 8.01 69.96 22.68
N MET F 391 8.01 68.88 21.90
CA MET F 391 6.85 68.53 21.07
C MET F 391 5.73 67.96 21.92
N LYS F 392 4.55 68.56 21.82
CA LYS F 392 3.40 68.16 22.62
C LYS F 392 2.48 67.26 21.80
N THR F 393 3.00 66.08 21.45
CA THR F 393 2.25 65.07 20.74
C THR F 393 2.07 63.84 21.63
N ALA F 394 1.46 62.81 21.06
CA ALA F 394 1.26 61.56 21.79
C ALA F 394 2.35 60.52 21.53
N ARG F 395 2.92 60.52 20.33
CA ARG F 395 4.00 59.60 19.99
C ARG F 395 5.08 60.35 19.25
N ILE F 396 6.34 60.11 19.63
CA ILE F 396 7.50 60.74 19.02
C ILE F 396 8.25 59.67 18.24
N LEU F 397 8.27 59.78 16.93
CA LEU F 397 8.94 58.82 16.07
C LEU F 397 10.33 59.33 15.71
N ILE F 398 11.32 58.45 15.80
CA ILE F 398 12.71 58.80 15.50
C ILE F 398 13.22 57.84 14.43
N ASN F 399 13.68 58.41 13.31
CA ASN F 399 14.17 57.67 12.13
C ASN F 399 13.15 56.68 11.60
N THR F 400 11.88 57.12 11.55
CA THR F 400 10.81 56.20 11.25
C THR F 400 9.86 56.83 10.23
N PRO F 401 9.47 56.08 9.20
CA PRO F 401 8.37 56.55 8.33
C PRO F 401 7.07 56.60 9.12
N ALA F 402 6.40 57.75 9.07
CA ALA F 402 5.32 58.03 9.99
C ALA F 402 4.05 57.24 9.69
N SER F 403 3.86 56.78 8.46
CA SER F 403 2.68 55.98 8.15
C SER F 403 2.81 54.57 8.71
N GLN F 404 3.94 53.93 8.46
CA GLN F 404 4.20 52.62 9.04
C GLN F 404 4.64 52.69 10.49
N GLY F 405 5.04 53.86 10.98
CA GLY F 405 5.54 53.96 12.34
C GLY F 405 4.54 54.57 13.30
N GLY F 406 3.55 55.28 12.77
CA GLY F 406 2.46 55.77 13.61
C GLY F 406 1.63 54.62 14.16
N ILE F 407 1.22 53.70 13.29
CA ILE F 407 0.67 52.43 13.74
C ILE F 407 1.78 51.60 14.36
N GLY F 408 1.40 50.72 15.29
CA GLY F 408 2.37 50.01 16.09
C GLY F 408 2.92 48.75 15.43
N ASP F 409 3.85 48.12 16.14
CA ASP F 409 4.47 46.83 15.83
C ASP F 409 5.27 46.81 14.53
N LEU F 410 5.48 47.97 13.92
CA LEU F 410 6.40 48.13 12.80
C LEU F 410 7.45 49.16 13.19
N TYR F 411 8.73 48.81 12.94
CA TYR F 411 9.94 49.61 13.19
C TYR F 411 10.24 49.84 14.67
N ASN F 412 9.36 49.43 15.58
CA ASN F 412 9.60 49.67 17.00
C ASN F 412 9.39 48.46 17.88
N PHE F 413 8.40 47.62 17.57
CA PHE F 413 8.03 46.40 18.32
C PHE F 413 7.66 46.66 19.78
N LYS F 414 7.31 47.91 20.13
CA LYS F 414 6.86 48.23 21.48
C LYS F 414 5.62 49.09 21.52
N LEU F 415 5.33 49.85 20.46
CA LEU F 415 4.04 50.51 20.35
C LEU F 415 2.94 49.48 20.16
N ALA F 416 1.78 49.74 20.76
CA ALA F 416 0.65 48.83 20.59
C ALA F 416 0.06 49.03 19.20
N PRO F 417 -0.12 47.96 18.43
CA PRO F 417 -0.65 48.11 17.06
C PRO F 417 -2.14 48.45 17.07
N SER F 418 -2.47 49.56 16.42
CA SER F 418 -3.85 50.01 16.30
C SER F 418 -3.94 50.96 15.12
N LEU F 419 -5.15 51.12 14.60
CA LEU F 419 -5.41 52.04 13.50
C LEU F 419 -6.21 53.25 13.95
N THR F 420 -6.49 53.37 15.24
CA THR F 420 -7.14 54.54 15.83
C THR F 420 -6.14 55.15 16.80
N LEU F 421 -5.44 56.20 16.36
CA LEU F 421 -4.34 56.79 17.12
C LEU F 421 -4.86 57.97 17.93
N GLY F 422 -4.74 57.88 19.25
CA GLY F 422 -5.22 58.94 20.12
C GLY F 422 -4.30 60.15 20.13
N CYS F 423 -4.86 61.27 20.57
CA CYS F 423 -4.12 62.52 20.67
C CYS F 423 -4.16 63.15 22.06
N GLY F 424 -4.90 62.57 22.99
CA GLY F 424 -4.96 63.11 24.34
C GLY F 424 -5.84 64.34 24.43
N SER F 425 -5.79 64.97 25.60
CA SER F 425 -6.60 66.16 25.88
C SER F 425 -6.10 67.41 25.18
N TRP F 426 -4.95 67.35 24.50
CA TRP F 426 -4.54 68.43 23.63
C TRP F 426 -5.51 68.59 22.45
N GLY F 427 -5.83 67.48 21.81
CA GLY F 427 -6.79 67.44 20.72
C GLY F 427 -8.22 67.14 21.14
N GLY F 428 -8.49 67.13 22.44
CA GLY F 428 -9.84 66.86 22.91
C GLY F 428 -10.19 65.38 23.00
N ASN F 429 -9.23 64.54 23.38
CA ASN F 429 -9.44 63.11 23.55
C ASN F 429 -9.09 62.71 24.98
N SER F 430 -9.36 61.45 25.31
CA SER F 430 -9.19 60.99 26.68
C SER F 430 -8.38 59.69 26.75
N ILE F 431 -7.43 59.51 25.83
CA ILE F 431 -6.65 58.27 25.78
C ILE F 431 -5.15 58.57 25.82
N SER F 432 -4.69 59.40 24.88
CA SER F 432 -3.27 59.72 24.66
C SER F 432 -2.44 58.46 24.45
N GLU F 433 -2.99 57.51 23.71
CA GLU F 433 -2.35 56.22 23.47
C GLU F 433 -2.94 55.61 22.21
N ASN F 434 -2.50 54.40 21.90
CA ASN F 434 -3.12 53.60 20.86
C ASN F 434 -4.18 52.71 21.49
N VAL F 435 -5.39 52.73 20.94
CA VAL F 435 -6.52 52.04 21.55
C VAL F 435 -6.38 50.54 21.34
N GLY F 436 -6.39 49.79 22.44
CA GLY F 436 -6.36 48.36 22.38
C GLY F 436 -7.51 47.75 23.16
N PRO F 437 -7.44 46.44 23.44
CA PRO F 437 -8.51 45.81 24.22
C PRO F 437 -8.47 46.14 25.70
N LYS F 438 -7.45 46.84 26.19
CA LYS F 438 -7.36 47.20 27.59
C LYS F 438 -8.16 48.46 27.93
N HIS F 439 -8.75 49.12 26.94
CA HIS F 439 -9.57 50.31 27.17
C HIS F 439 -11.05 50.01 27.24
N LEU F 440 -11.44 48.75 27.04
CA LEU F 440 -12.84 48.33 26.99
C LEU F 440 -13.09 47.20 27.97
N ILE F 441 -12.65 47.37 29.22
CA ILE F 441 -12.58 46.27 30.18
C ILE F 441 -13.50 46.52 31.38
N ASN F 442 -13.45 47.71 31.97
CA ASN F 442 -14.14 48.06 33.22
C ASN F 442 -13.72 47.11 34.35
N LYS F 443 -12.46 47.27 34.75
CA LYS F 443 -11.87 46.45 35.81
C LYS F 443 -12.64 46.56 37.10
N LYS F 444 -12.92 45.42 37.72
CA LYS F 444 -13.68 45.33 38.95
C LYS F 444 -12.83 44.63 40.00
N THR F 445 -12.69 45.26 41.16
CA THR F 445 -11.80 44.77 42.20
C THR F 445 -12.61 44.22 43.36
N VAL F 446 -12.04 43.22 44.03
CA VAL F 446 -12.66 42.57 45.19
C VAL F 446 -11.70 42.76 46.35
N ALA F 447 -12.06 43.65 47.28
CA ALA F 447 -11.18 44.03 48.38
C ALA F 447 -11.64 43.34 49.65
N LYS F 448 -10.80 42.45 50.18
CA LYS F 448 -11.06 41.82 51.46
C LYS F 448 -10.42 42.62 52.59
N ARG F 449 -10.90 42.37 53.80
CA ARG F 449 -10.46 43.11 54.97
C ARG F 449 -9.07 42.65 55.41
N ALA F 450 -8.19 43.61 55.67
CA ALA F 450 -6.89 43.35 56.27
C ALA F 450 -6.75 44.21 57.51
N GLU F 451 -5.77 43.87 58.34
CA GLU F 451 -5.56 44.55 59.61
C GLU F 451 -4.29 45.40 59.57
N ASN F 452 -4.32 46.50 60.31
CA ASN F 452 -3.18 47.41 60.38
C ASN F 452 -2.01 46.76 61.10
N MET F 453 -0.82 46.94 60.56
CA MET F 453 0.39 46.37 61.15
C MET F 453 0.68 47.04 62.49
N LEU F 454 0.78 46.25 63.54
CA LEU F 454 1.14 46.74 64.85
C LEU F 454 2.62 46.48 65.10
N TRP F 455 3.09 46.87 66.29
CA TRP F 455 4.51 46.82 66.58
C TRP F 455 4.72 46.71 68.08
N HIS F 456 5.98 46.52 68.47
CA HIS F 456 6.38 46.55 69.87
C HIS F 456 7.80 47.12 69.89
N LYS F 457 7.90 48.44 70.06
CA LYS F 457 9.16 49.16 69.96
C LYS F 457 9.56 49.69 71.33
N LEU F 458 10.78 49.38 71.74
CA LEU F 458 11.33 49.71 73.05
C LEU F 458 12.73 50.27 72.85
N PRO F 459 13.33 50.83 73.90
CA PRO F 459 14.77 51.11 73.86
C PRO F 459 15.59 49.83 73.75
N LYS F 460 16.85 50.01 73.35
CA LYS F 460 17.73 48.87 73.09
C LYS F 460 18.15 48.19 74.40
N SER F 461 18.18 48.93 75.50
CA SER F 461 18.56 48.36 76.78
C SER F 461 17.83 49.08 77.90
N ILE F 462 17.09 48.33 78.72
CA ILE F 462 16.36 48.88 79.86
C ILE F 462 16.98 48.28 81.10
N TYR F 463 17.98 48.96 81.67
CA TYR F 463 18.67 48.48 82.85
C TYR F 463 17.93 48.92 84.11
N PHE F 464 17.77 47.98 85.05
CA PHE F 464 17.02 48.27 86.25
C PHE F 464 17.44 47.32 87.37
N ARG F 465 17.80 47.91 88.51
CA ARG F 465 17.77 47.28 89.83
C ARG F 465 17.88 48.39 90.88
N ARG F 466 18.20 47.99 92.11
CA ARG F 466 18.23 48.94 93.23
C ARG F 466 19.35 49.96 93.08
N GLY F 467 20.53 49.54 92.67
CA GLY F 467 21.65 50.46 92.60
C GLY F 467 22.45 50.43 91.32
N SER F 468 21.78 50.17 90.20
CA SER F 468 22.51 50.02 88.93
C SER F 468 22.59 51.33 88.15
N LEU F 469 22.98 52.41 88.82
CA LEU F 469 23.36 53.61 88.09
C LEU F 469 24.82 53.60 87.61
N PRO F 470 25.85 53.32 88.44
CA PRO F 470 27.21 53.35 87.88
C PRO F 470 27.59 52.12 87.09
N ILE F 471 26.90 51.00 87.28
CA ILE F 471 27.19 49.80 86.48
C ILE F 471 26.65 49.96 85.07
N ALA F 472 25.57 50.72 84.90
CA ALA F 472 25.05 50.99 83.57
C ALA F 472 25.80 52.13 82.89
N LEU F 473 26.36 53.06 83.67
CA LEU F 473 27.15 54.15 83.12
C LEU F 473 28.53 53.71 82.67
N ASP F 474 28.98 52.52 83.07
CA ASP F 474 30.22 51.97 82.55
C ASP F 474 30.06 51.39 81.15
N GLU F 475 28.84 51.21 80.68
CA GLU F 475 28.62 50.75 79.31
C GLU F 475 28.84 51.88 78.31
N VAL F 476 28.39 53.10 78.64
CA VAL F 476 28.60 54.24 77.75
C VAL F 476 30.03 54.76 77.79
N ILE F 477 30.83 54.30 78.76
CA ILE F 477 32.26 54.61 78.76
C ILE F 477 32.99 53.74 77.74
N THR F 478 32.70 52.44 77.73
CA THR F 478 33.36 51.50 76.84
C THR F 478 32.87 51.57 75.40
N ASP F 479 31.84 52.36 75.11
CA ASP F 479 31.37 52.54 73.75
C ASP F 479 32.09 53.64 73.00
N GLY F 480 33.11 54.25 73.60
CA GLY F 480 33.89 55.27 72.94
C GLY F 480 33.35 56.68 73.04
N HIS F 481 32.36 56.91 73.90
CA HIS F 481 31.80 58.25 74.05
C HIS F 481 32.75 59.11 74.88
N LYS F 482 33.07 60.30 74.37
CA LYS F 482 34.05 61.17 75.00
C LYS F 482 33.50 62.52 75.43
N ARG F 483 32.35 62.96 74.90
CA ARG F 483 31.75 64.23 75.28
C ARG F 483 30.28 63.99 75.57
N ALA F 484 29.85 64.35 76.78
CA ALA F 484 28.49 64.08 77.23
C ALA F 484 27.83 65.37 77.70
N LEU F 485 26.53 65.47 77.45
CA LEU F 485 25.70 66.57 77.92
C LEU F 485 24.63 66.02 78.84
N ILE F 486 24.44 66.64 79.99
CA ILE F 486 23.52 66.16 81.01
C ILE F 486 22.45 67.23 81.22
N VAL F 487 21.21 66.88 80.92
CA VAL F 487 20.08 67.79 81.07
C VAL F 487 19.34 67.42 82.36
N THR F 488 19.37 68.30 83.34
CA THR F 488 18.78 68.06 84.65
C THR F 488 17.76 69.14 84.98
N ASP F 489 17.08 68.96 86.11
CA ASP F 489 16.23 69.98 86.70
C ASP F 489 17.09 70.87 87.61
N ARG F 490 16.50 71.98 88.05
CA ARG F 490 17.23 72.89 88.93
C ARG F 490 17.34 72.34 90.34
N PHE F 491 16.37 71.54 90.78
CA PHE F 491 16.44 70.94 92.10
C PHE F 491 17.46 69.80 92.15
N LEU F 492 17.55 69.00 91.07
CA LEU F 492 18.43 67.85 91.06
C LEU F 492 19.90 68.23 90.94
N PHE F 493 20.20 69.45 90.47
CA PHE F 493 21.58 69.90 90.41
C PHE F 493 22.05 70.44 91.75
N ASN F 494 21.15 71.03 92.53
CA ASN F 494 21.48 71.59 93.83
C ASN F 494 21.41 70.58 94.96
N ASN F 495 21.10 69.31 94.67
CA ASN F 495 20.98 68.29 95.70
C ASN F 495 21.86 67.08 95.41
N GLY F 496 22.88 67.22 94.57
CA GLY F 496 23.83 66.16 94.34
C GLY F 496 23.35 65.00 93.48
N TYR F 497 22.16 65.11 92.87
CA TYR F 497 21.70 64.05 91.98
C TYR F 497 22.46 64.07 90.66
N ALA F 498 22.80 65.27 90.18
CA ALA F 498 23.60 65.38 88.96
C ALA F 498 25.07 65.07 89.20
N ASP F 499 25.52 65.07 90.45
CA ASP F 499 26.90 64.75 90.76
C ASP F 499 27.14 63.25 90.85
N GLN F 500 26.08 62.43 90.91
CA GLN F 500 26.26 60.99 90.87
C GLN F 500 26.59 60.49 89.46
N ILE F 501 26.30 61.30 88.44
CA ILE F 501 26.62 60.95 87.06
C ILE F 501 27.96 61.53 86.63
N THR F 502 28.24 62.78 87.02
CA THR F 502 29.48 63.43 86.61
C THR F 502 30.70 62.83 87.30
N SER F 503 30.53 62.26 88.48
CA SER F 503 31.67 61.66 89.19
C SER F 503 32.10 60.35 88.54
N VAL F 504 31.15 59.59 88.00
CA VAL F 504 31.51 58.36 87.30
C VAL F 504 32.03 58.68 85.90
N LEU F 505 31.49 59.71 85.27
CA LEU F 505 31.86 60.05 83.91
C LEU F 505 33.25 60.69 83.83
N LYS F 506 33.53 61.66 84.69
CA LYS F 506 34.80 62.36 84.63
C LYS F 506 35.95 61.55 85.22
N ALA F 507 35.66 60.50 85.99
CA ALA F 507 36.73 59.64 86.47
C ALA F 507 37.28 58.75 85.37
N ALA F 508 36.52 58.51 84.30
CA ALA F 508 36.98 57.73 83.17
C ALA F 508 37.54 58.58 82.03
N GLY F 509 37.40 59.91 82.13
CA GLY F 509 38.04 60.80 81.18
C GLY F 509 37.16 61.29 80.05
N VAL F 510 35.95 61.74 80.37
CA VAL F 510 35.07 62.37 79.38
C VAL F 510 34.82 63.81 79.80
N GLU F 511 34.32 64.60 78.85
CA GLU F 511 34.00 66.01 79.08
C GLU F 511 32.50 66.15 79.28
N THR F 512 32.11 66.60 80.47
CA THR F 512 30.70 66.75 80.82
C THR F 512 30.31 68.21 80.85
N GLU F 513 29.00 68.44 80.74
CA GLU F 513 28.41 69.77 80.81
C GLU F 513 26.96 69.63 81.23
N VAL F 514 26.55 70.39 82.23
CA VAL F 514 25.24 70.24 82.86
C VAL F 514 24.35 71.40 82.47
N PHE F 515 23.20 71.09 81.87
CA PHE F 515 22.15 72.07 81.60
C PHE F 515 21.03 71.85 82.61
N PHE F 516 20.90 72.75 83.56
CA PHE F 516 20.02 72.57 84.72
C PHE F 516 18.90 73.61 84.76
N GLU F 517 18.53 74.14 83.60
CA GLU F 517 17.60 75.28 83.53
C GLU F 517 16.28 74.91 82.86
N VAL F 518 15.69 73.79 83.26
CA VAL F 518 14.37 73.41 82.82
C VAL F 518 13.38 73.71 83.94
N GLU F 519 12.09 73.69 83.61
CA GLU F 519 11.03 74.03 84.55
C GLU F 519 10.10 72.83 84.74
N ALA F 520 8.99 73.07 85.43
CA ALA F 520 8.00 72.01 85.64
C ALA F 520 7.32 71.62 84.35
N ASP F 521 7.13 72.57 83.43
CA ASP F 521 6.66 72.28 82.10
C ASP F 521 7.68 72.78 81.07
N PRO F 522 8.12 71.93 80.16
CA PRO F 522 9.22 72.31 79.27
C PRO F 522 8.77 73.13 78.07
N THR F 523 8.69 74.45 78.25
CA THR F 523 8.30 75.35 77.17
C THR F 523 9.37 75.36 76.07
N LEU F 524 8.97 75.86 74.90
CA LEU F 524 9.86 75.87 73.73
C LEU F 524 11.02 76.84 73.87
N SER F 525 10.90 77.84 74.75
CA SER F 525 11.94 78.84 74.90
C SER F 525 13.17 78.28 75.62
N ILE F 526 12.98 77.33 76.53
CA ILE F 526 14.10 76.77 77.29
C ILE F 526 14.62 75.52 76.59
N VAL F 527 14.04 75.17 75.46
CA VAL F 527 14.54 74.08 74.63
C VAL F 527 15.61 74.58 73.67
N ARG F 528 15.34 75.71 73.01
CA ARG F 528 16.32 76.32 72.10
C ARG F 528 17.50 76.94 72.84
N LYS F 529 17.36 77.19 74.15
CA LYS F 529 18.52 77.55 74.94
C LYS F 529 19.46 76.37 75.12
N GLY F 530 18.91 75.19 75.42
CA GLY F 530 19.73 74.00 75.54
C GLY F 530 20.24 73.50 74.22
N ALA F 531 19.48 73.73 73.14
CA ALA F 531 19.97 73.37 71.81
C ALA F 531 21.09 74.29 71.35
N GLU F 532 21.09 75.55 71.83
CA GLU F 532 22.21 76.44 71.57
C GLU F 532 23.44 76.01 72.35
N LEU F 533 23.25 75.48 73.56
CA LEU F 533 24.37 74.94 74.32
C LEU F 533 24.88 73.65 73.71
N ALA F 534 24.02 72.92 73.00
CA ALA F 534 24.40 71.61 72.45
C ALA F 534 25.39 71.76 71.30
N ASN F 535 25.05 72.55 70.29
CA ASN F 535 25.92 72.68 69.12
C ASN F 535 27.12 73.58 69.38
N SER F 536 27.18 74.26 70.52
CA SER F 536 28.39 74.96 70.93
C SER F 536 29.33 74.08 71.74
N PHE F 537 28.82 72.98 72.30
CA PHE F 537 29.61 72.02 73.04
C PHE F 537 29.91 70.75 72.24
N LYS F 538 29.00 70.38 71.32
CA LYS F 538 29.04 69.21 70.44
C LYS F 538 29.24 67.90 71.21
N PRO F 539 28.24 67.44 71.94
CA PRO F 539 28.39 66.20 72.70
C PRO F 539 28.16 64.97 71.84
N ASP F 540 28.42 63.81 72.42
CA ASP F 540 28.16 62.53 71.78
C ASP F 540 27.07 61.72 72.47
N VAL F 541 26.70 62.08 73.69
CA VAL F 541 25.68 61.37 74.46
C VAL F 541 24.90 62.42 75.27
N ILE F 542 23.58 62.35 75.22
CA ILE F 542 22.72 63.25 75.96
C ILE F 542 22.05 62.44 77.07
N ILE F 543 22.41 62.74 78.31
CA ILE F 543 21.85 62.05 79.48
C ILE F 543 20.73 62.92 80.03
N ALA F 544 19.52 62.37 80.02
CA ALA F 544 18.32 63.08 80.47
C ALA F 544 17.99 62.66 81.89
N LEU F 545 18.72 63.21 82.85
CA LEU F 545 18.47 62.94 84.26
C LEU F 545 17.26 63.74 84.72
N GLY F 546 16.25 63.06 85.24
CA GLY F 546 15.03 63.71 85.66
C GLY F 546 13.85 62.79 85.46
N GLY F 547 12.72 63.20 86.02
CA GLY F 547 11.54 62.36 85.97
C GLY F 547 10.60 62.62 84.82
N GLY F 548 10.18 63.87 84.66
CA GLY F 548 9.27 64.24 83.58
C GLY F 548 9.88 65.21 82.59
N SER F 549 9.53 66.48 82.75
CA SER F 549 9.98 67.63 81.97
C SER F 549 11.48 67.76 81.71
N PRO F 550 12.40 67.32 82.58
CA PRO F 550 13.80 67.24 82.14
C PRO F 550 14.06 66.24 81.03
N MET F 551 13.22 65.22 80.89
CA MET F 551 13.41 64.25 79.81
C MET F 551 12.72 64.68 78.52
N ASP F 552 11.59 65.38 78.61
CA ASP F 552 10.90 65.83 77.42
C ASP F 552 11.63 66.99 76.76
N ALA F 553 12.27 67.84 77.56
CA ALA F 553 13.07 68.93 76.99
C ALA F 553 14.36 68.42 76.39
N ALA F 554 14.85 67.26 76.83
CA ALA F 554 16.08 66.72 76.28
C ALA F 554 15.84 65.98 74.97
N LYS F 555 14.64 65.43 74.78
CA LYS F 555 14.31 64.75 73.52
C LYS F 555 14.16 65.74 72.37
N ILE F 556 13.64 66.93 72.66
CA ILE F 556 13.41 67.91 71.60
C ILE F 556 14.70 68.66 71.27
N MET F 557 15.53 68.94 72.28
CA MET F 557 16.84 69.48 72.00
C MET F 557 17.80 68.42 71.43
N TRP F 558 17.42 67.15 71.47
CA TRP F 558 18.12 66.14 70.67
C TRP F 558 17.77 66.27 69.20
N VAL F 559 16.56 66.74 68.89
CA VAL F 559 16.16 66.93 67.50
C VAL F 559 16.85 68.16 66.92
N MET F 560 16.78 69.29 67.64
CA MET F 560 17.31 70.54 67.15
C MET F 560 18.83 70.61 67.20
N TYR F 561 19.49 69.67 67.85
CA TYR F 561 20.93 69.51 67.72
C TYR F 561 21.29 68.61 66.55
N GLU F 562 20.47 67.59 66.28
CA GLU F 562 20.73 66.68 65.16
C GLU F 562 20.38 67.33 63.83
N HIS F 563 19.21 67.96 63.75
CA HIS F 563 18.73 68.65 62.55
C HIS F 563 18.25 70.03 62.96
N PRO F 564 19.11 71.05 62.84
CA PRO F 564 18.80 72.38 63.42
C PRO F 564 17.89 73.25 62.58
N GLU F 565 17.28 72.72 61.53
CA GLU F 565 16.39 73.49 60.68
C GLU F 565 14.95 73.03 60.76
N THR F 566 14.64 72.15 61.72
CA THR F 566 13.28 71.64 61.86
C THR F 566 12.37 72.69 62.51
N HIS F 567 11.12 72.73 62.07
CA HIS F 567 10.13 73.66 62.59
C HIS F 567 9.27 72.96 63.64
N PHE F 568 8.95 73.68 64.71
CA PHE F 568 8.09 73.12 65.75
C PHE F 568 6.64 73.02 65.28
N GLU F 569 6.25 73.87 64.31
CA GLU F 569 4.89 73.85 63.78
C GLU F 569 4.61 72.61 62.94
N GLU F 570 5.64 71.89 62.50
CA GLU F 570 5.48 70.65 61.77
C GLU F 570 5.63 69.41 62.64
N LEU F 571 6.33 69.53 63.77
CA LEU F 571 6.40 68.42 64.72
C LEU F 571 5.06 68.24 65.43
N ALA F 572 4.36 69.33 65.70
CA ALA F 572 3.11 69.30 66.46
C ALA F 572 1.89 69.09 65.59
N LEU F 573 2.06 68.71 64.33
CA LEU F 573 0.91 68.45 63.47
C LEU F 573 0.28 67.12 63.83
N ARG F 574 -1.03 67.13 64.04
CA ARG F 574 -1.74 65.94 64.48
C ARG F 574 -1.94 65.00 63.30
N PHE F 575 -1.46 63.77 63.41
CA PHE F 575 -1.65 62.78 62.38
C PHE F 575 -2.93 61.99 62.61
N MET F 576 -3.31 61.21 61.60
CA MET F 576 -4.37 60.23 61.74
C MET F 576 -3.83 58.84 62.04
N ASP F 577 -2.61 58.55 61.59
CA ASP F 577 -1.95 57.26 61.81
C ASP F 577 -0.46 57.44 61.58
N ILE F 578 0.35 56.91 62.49
CA ILE F 578 1.79 56.86 62.23
C ILE F 578 2.08 55.84 61.14
N ARG F 579 3.24 55.99 60.49
CA ARG F 579 3.70 55.41 59.23
C ARG F 579 2.90 55.89 58.03
N LYS F 580 1.99 56.85 58.21
CA LYS F 580 1.28 57.52 57.12
C LYS F 580 1.18 59.02 57.37
N ARG F 581 1.99 59.56 58.28
CA ARG F 581 1.96 60.98 58.58
C ARG F 581 2.69 61.76 57.50
N ILE F 582 2.49 63.08 57.52
CA ILE F 582 3.04 63.94 56.47
C ILE F 582 4.51 64.27 56.74
N TYR F 583 4.81 64.75 57.94
CA TYR F 583 6.17 65.11 58.31
C TYR F 583 6.85 63.89 58.92
N LYS F 584 7.68 63.22 58.14
CA LYS F 584 8.51 62.15 58.66
C LYS F 584 9.64 62.74 59.50
N PHE F 585 9.83 62.18 60.70
CA PHE F 585 10.98 62.58 61.51
C PHE F 585 12.26 62.06 60.84
N PRO F 586 13.31 62.87 60.79
CA PRO F 586 14.57 62.39 60.20
C PRO F 586 15.25 61.36 61.10
N LYS F 587 16.13 60.59 60.48
CA LYS F 587 16.83 59.53 61.20
C LYS F 587 17.86 60.15 62.15
N MET F 588 17.65 59.95 63.45
CA MET F 588 18.51 60.53 64.47
C MET F 588 19.45 59.48 65.03
N GLY F 589 20.36 59.94 65.88
CA GLY F 589 21.40 59.08 66.41
C GLY F 589 22.64 59.02 65.56
N VAL F 590 22.82 59.97 64.65
CA VAL F 590 23.98 59.97 63.76
C VAL F 590 25.19 60.66 64.40
N LYS F 591 24.97 61.49 65.42
CA LYS F 591 26.07 62.10 66.16
C LYS F 591 25.82 62.21 67.66
N ALA F 592 24.70 61.71 68.17
CA ALA F 592 24.38 61.86 69.58
C ALA F 592 23.44 60.74 70.00
N LYS F 593 23.84 59.95 70.99
CA LYS F 593 22.97 58.96 71.59
C LYS F 593 22.18 59.59 72.74
N MET F 594 21.15 58.88 73.19
CA MET F 594 20.28 59.37 74.25
C MET F 594 20.23 58.35 75.37
N ILE F 595 20.63 58.75 76.57
CA ILE F 595 20.51 57.95 77.78
C ILE F 595 19.44 58.59 78.65
N ALA F 596 18.60 57.77 79.27
CA ALA F 596 17.39 58.24 79.95
C ALA F 596 17.36 57.70 81.38
N VAL F 597 17.94 58.45 82.31
CA VAL F 597 17.91 58.11 83.73
C VAL F 597 16.71 58.78 84.36
N THR F 598 15.82 58.00 84.97
CA THR F 598 14.59 58.52 85.55
C THR F 598 14.72 58.64 87.06
N THR F 599 14.03 59.63 87.62
CA THR F 599 14.02 59.89 89.05
C THR F 599 12.65 59.76 89.69
N THR F 600 11.61 60.30 89.07
CA THR F 600 10.27 60.14 89.61
C THR F 600 9.71 58.78 89.22
N SER F 601 8.79 58.28 90.05
CA SER F 601 8.20 56.97 89.87
C SER F 601 6.79 57.02 89.28
N GLY F 602 6.52 58.02 88.45
CA GLY F 602 5.20 58.10 87.84
C GLY F 602 5.13 58.09 86.33
N THR F 603 6.17 58.62 85.68
CA THR F 603 6.16 58.82 84.24
C THR F 603 7.19 57.89 83.60
N GLY F 604 6.72 57.06 82.68
CA GLY F 604 7.61 56.19 81.93
C GLY F 604 8.13 56.82 80.65
N SER F 605 8.61 58.06 80.73
CA SER F 605 9.09 58.77 79.55
C SER F 605 10.44 58.26 79.05
N GLU F 606 11.09 57.35 79.78
CA GLU F 606 12.36 56.79 79.35
C GLU F 606 12.21 55.70 78.29
N VAL F 607 11.01 55.17 78.09
CA VAL F 607 10.78 54.13 77.10
C VAL F 607 9.75 54.52 76.05
N THR F 608 9.08 55.64 76.21
CA THR F 608 8.02 56.03 75.30
C THR F 608 8.50 57.06 74.28
N PRO F 609 7.95 57.05 73.06
CA PRO F 609 8.29 58.07 72.06
C PRO F 609 7.45 59.34 72.18
N PHE F 610 7.35 59.87 73.40
CA PHE F 610 6.57 61.07 73.66
C PHE F 610 7.46 62.18 74.20
N ALA F 611 7.04 63.41 73.95
CA ALA F 611 7.73 64.60 74.48
C ALA F 611 6.70 65.73 74.52
N VAL F 612 6.16 65.99 75.70
CA VAL F 612 5.12 67.00 75.87
C VAL F 612 5.80 68.33 76.17
N VAL F 613 5.79 69.24 75.20
CA VAL F 613 6.43 70.53 75.33
C VAL F 613 5.41 71.63 75.05
N THR F 614 5.58 72.76 75.72
CA THR F 614 4.68 73.90 75.59
C THR F 614 5.17 74.84 74.51
N ASP F 615 4.23 75.43 73.77
CA ASP F 615 4.59 76.28 72.64
C ASP F 615 5.15 77.62 73.08
N ASP F 616 4.74 78.10 74.26
CA ASP F 616 5.17 79.31 74.98
C ASP F 616 4.76 80.61 74.29
N ALA F 617 4.11 80.55 73.12
CA ALA F 617 3.55 81.73 72.48
C ALA F 617 2.04 81.81 72.57
N THR F 618 1.35 80.66 72.55
CA THR F 618 -0.08 80.60 72.74
C THR F 618 -0.49 79.83 73.99
N GLY F 619 0.44 79.15 74.65
CA GLY F 619 0.13 78.39 75.85
C GLY F 619 -0.61 77.11 75.59
N GLN F 620 -0.02 76.23 74.78
CA GLN F 620 -0.63 74.96 74.41
C GLN F 620 0.36 73.83 74.63
N LYS F 621 -0.12 72.73 75.21
CA LYS F 621 0.69 71.54 75.40
C LYS F 621 0.54 70.64 74.19
N TYR F 622 1.66 70.27 73.57
CA TYR F 622 1.66 69.48 72.34
C TYR F 622 2.38 68.16 72.56
N PRO F 623 1.66 67.03 72.60
CA PRO F 623 2.35 65.73 72.71
C PRO F 623 2.97 65.32 71.38
N LEU F 624 4.29 65.37 71.28
CA LEU F 624 4.98 65.04 70.05
C LEU F 624 5.32 63.56 70.06
N ALA F 625 4.82 62.82 69.06
CA ALA F 625 4.87 61.37 69.08
C ALA F 625 5.42 60.84 67.76
N ASP F 626 6.64 60.32 67.79
CA ASP F 626 7.19 59.49 66.72
C ASP F 626 8.32 58.66 67.31
N TYR F 627 8.51 57.47 66.77
CA TYR F 627 9.40 56.47 67.36
C TYR F 627 10.88 56.76 67.13
N ALA F 628 11.25 57.89 66.53
CA ALA F 628 12.64 58.33 66.52
C ALA F 628 13.03 59.00 67.84
N LEU F 629 12.06 59.31 68.69
CA LEU F 629 12.32 59.93 69.99
C LEU F 629 12.55 58.90 71.08
N THR F 630 12.59 57.61 70.76
CA THR F 630 12.86 56.60 71.75
C THR F 630 14.34 56.63 72.14
N PRO F 631 14.65 56.61 73.43
CA PRO F 631 16.06 56.63 73.85
C PRO F 631 16.77 55.33 73.54
N ASP F 632 18.10 55.39 73.53
CA ASP F 632 18.93 54.23 73.27
C ASP F 632 19.20 53.41 74.52
N MET F 633 18.96 53.96 75.70
CA MET F 633 19.19 53.25 76.96
C MET F 633 18.36 53.92 78.05
N ALA F 634 17.59 53.12 78.76
CA ALA F 634 16.78 53.61 79.87
C ALA F 634 17.31 53.00 81.17
N ILE F 635 17.66 53.84 82.13
CA ILE F 635 18.20 53.42 83.41
C ILE F 635 17.17 53.72 84.48
N VAL F 636 16.54 52.68 85.02
CA VAL F 636 15.53 52.84 86.05
C VAL F 636 16.03 52.25 87.36
N ASP F 637 16.66 53.08 88.19
CA ASP F 637 17.15 52.63 89.49
C ASP F 637 16.43 53.36 90.61
N ALA F 638 16.22 52.65 91.72
CA ALA F 638 15.41 53.14 92.81
C ALA F 638 16.21 53.85 93.89
N ASN F 639 17.49 54.11 93.66
CA ASN F 639 18.27 54.90 94.63
C ASN F 639 17.99 56.39 94.51
N LEU F 640 17.46 56.84 93.38
CA LEU F 640 17.11 58.24 93.17
C LEU F 640 15.68 58.55 93.56
N VAL F 641 14.90 57.56 93.99
CA VAL F 641 13.48 57.69 94.25
C VAL F 641 13.15 57.62 95.74
N MET F 642 14.15 57.35 96.59
CA MET F 642 13.87 57.13 98.02
C MET F 642 13.51 58.42 98.73
N ASP F 643 14.20 59.52 98.44
CA ASP F 643 13.97 60.78 99.14
C ASP F 643 12.92 61.64 98.45
N MET F 644 12.00 61.04 97.70
CA MET F 644 10.91 61.73 97.04
C MET F 644 9.82 62.10 98.07
N PRO F 645 9.29 63.32 98.01
CA PRO F 645 8.26 63.73 98.98
C PRO F 645 6.93 63.04 98.73
N LYS F 646 6.01 63.23 99.68
CA LYS F 646 4.73 62.53 99.63
C LYS F 646 3.79 63.11 98.58
N SER F 647 3.94 64.39 98.24
CA SER F 647 3.07 64.97 97.22
C SER F 647 3.44 64.50 95.83
N LEU F 648 4.73 64.23 95.59
CA LEU F 648 5.17 63.74 94.30
C LEU F 648 4.96 62.24 94.14
N CYS F 649 4.99 61.49 95.25
CA CYS F 649 4.76 60.05 95.18
C CYS F 649 3.29 59.72 94.90
N ALA F 650 2.38 60.53 95.43
CA ALA F 650 0.95 60.29 95.20
C ALA F 650 0.51 60.80 93.83
N PHE F 651 1.12 61.88 93.34
CA PHE F 651 0.78 62.39 92.02
C PHE F 651 1.33 61.47 90.93
N GLY F 652 2.51 60.90 91.16
CA GLY F 652 3.11 60.02 90.18
C GLY F 652 2.48 58.65 90.12
N GLY F 653 2.27 58.03 91.29
CA GLY F 653 1.76 56.66 91.32
C GLY F 653 0.33 56.53 90.84
N LEU F 654 -0.47 57.58 90.99
CA LEU F 654 -1.81 57.57 90.42
C LEU F 654 -1.82 57.94 88.95
N ASP F 655 -0.75 58.59 88.46
CA ASP F 655 -0.62 58.84 87.03
C ASP F 655 -0.28 57.55 86.30
N ALA F 656 0.55 56.70 86.90
CA ALA F 656 0.93 55.43 86.28
C ALA F 656 -0.19 54.40 86.33
N VAL F 657 -1.21 54.60 87.18
CA VAL F 657 -2.40 53.76 87.13
C VAL F 657 -3.19 54.08 85.86
N THR F 658 -3.34 55.37 85.54
CA THR F 658 -4.04 55.78 84.34
C THR F 658 -3.25 55.49 83.08
N HIS F 659 -1.93 55.30 83.18
CA HIS F 659 -1.14 54.91 82.02
C HIS F 659 -1.44 53.47 81.61
N ALA F 660 -1.52 52.56 82.58
CA ALA F 660 -1.78 51.16 82.27
C ALA F 660 -3.25 50.87 82.07
N MET F 661 -4.14 51.78 82.47
CA MET F 661 -5.58 51.56 82.32
C MET F 661 -6.11 52.05 80.97
N GLU F 662 -5.47 53.05 80.38
CA GLU F 662 -5.86 53.51 79.06
C GLU F 662 -5.16 52.75 77.94
N ALA F 663 -3.98 52.19 78.22
CA ALA F 663 -3.27 51.38 77.25
C ALA F 663 -3.81 49.96 77.13
N TYR F 664 -4.70 49.55 78.04
CA TYR F 664 -5.29 48.22 77.99
C TYR F 664 -6.61 48.20 77.24
N VAL F 665 -7.35 49.30 77.25
CA VAL F 665 -8.64 49.38 76.57
C VAL F 665 -8.56 50.04 75.21
N SER F 666 -7.38 50.52 74.82
CA SER F 666 -7.21 51.23 73.56
C SER F 666 -7.39 50.31 72.37
N VAL F 667 -7.57 50.91 71.19
CA VAL F 667 -7.77 50.13 69.98
C VAL F 667 -6.46 49.56 69.44
N LEU F 668 -5.33 50.15 69.80
CA LEU F 668 -4.03 49.62 69.42
C LEU F 668 -3.50 48.61 70.43
N ALA F 669 -4.29 48.25 71.43
CA ALA F 669 -3.87 47.29 72.44
C ALA F 669 -3.91 45.88 71.86
N SER F 670 -2.74 45.29 71.66
CA SER F 670 -2.60 43.94 71.15
C SER F 670 -2.28 43.00 72.30
N GLU F 671 -1.93 41.76 71.96
CA GLU F 671 -1.56 40.77 72.98
C GLU F 671 -0.15 40.98 73.51
N PHE F 672 0.65 41.82 72.87
CA PHE F 672 2.01 42.08 73.32
C PHE F 672 2.04 43.06 74.49
N SER F 673 1.09 44.01 74.52
CA SER F 673 1.07 45.04 75.55
C SER F 673 -0.13 44.89 76.49
N ASP F 674 -0.73 43.70 76.54
CA ASP F 674 -1.77 43.43 77.53
C ASP F 674 -1.23 42.79 78.78
N GLY F 675 -0.11 42.06 78.68
CA GLY F 675 0.52 41.52 79.86
C GLY F 675 1.22 42.60 80.67
N GLN F 676 1.87 43.55 79.99
CA GLN F 676 2.57 44.61 80.70
C GLN F 676 1.60 45.64 81.27
N ALA F 677 0.41 45.77 80.67
CA ALA F 677 -0.58 46.71 81.19
C ALA F 677 -1.25 46.15 82.45
N LEU F 678 -1.34 44.83 82.56
CA LEU F 678 -1.93 44.21 83.74
C LEU F 678 -0.91 43.95 84.84
N GLN F 679 0.36 43.76 84.48
CA GLN F 679 1.41 43.61 85.48
C GLN F 679 1.66 44.92 86.21
N ALA F 680 1.58 46.04 85.49
CA ALA F 680 1.78 47.34 86.11
C ALA F 680 0.62 47.76 87.01
N LEU F 681 -0.55 47.15 86.83
CA LEU F 681 -1.68 47.40 87.73
C LEU F 681 -1.69 46.47 88.94
N LYS F 682 -1.07 45.30 88.82
CA LYS F 682 -0.95 44.40 89.96
C LYS F 682 0.04 44.95 90.98
N LEU F 683 1.16 45.50 90.51
CA LEU F 683 2.16 46.04 91.43
C LEU F 683 1.72 47.36 92.04
N LEU F 684 0.97 48.17 91.30
CA LEU F 684 0.48 49.45 91.82
C LEU F 684 -0.73 49.28 92.73
N LYS F 685 -1.31 48.10 92.81
CA LYS F 685 -2.39 47.86 93.76
C LYS F 685 -1.85 47.46 95.13
N GLU F 686 -0.77 46.69 95.16
CA GLU F 686 -0.26 46.12 96.40
C GLU F 686 0.76 46.99 97.10
N TYR F 687 1.48 47.86 96.38
CA TYR F 687 2.60 48.58 96.95
C TYR F 687 2.45 50.09 96.99
N LEU F 688 1.53 50.66 96.20
CA LEU F 688 1.36 52.11 96.19
C LEU F 688 0.73 52.67 97.47
N PRO F 689 -0.23 51.99 98.15
CA PRO F 689 -0.53 52.42 99.52
C PRO F 689 0.62 52.26 100.49
N ALA F 690 1.45 51.22 100.31
CA ALA F 690 2.57 51.01 101.20
C ALA F 690 3.69 52.00 100.94
N SER F 691 3.89 52.41 99.69
CA SER F 691 4.96 53.34 99.36
C SER F 691 4.63 54.79 99.71
N TYR F 692 3.37 55.11 100.00
CA TYR F 692 2.98 56.47 100.34
C TYR F 692 3.04 56.71 101.85
N HIS F 693 2.42 55.83 102.62
CA HIS F 693 2.39 56.03 104.06
C HIS F 693 3.75 55.97 104.72
N GLU F 694 4.34 54.78 104.78
CA GLU F 694 5.66 54.65 105.39
C GLU F 694 6.72 55.19 104.44
N GLY F 695 6.58 54.86 103.16
CA GLY F 695 7.51 55.32 102.15
C GLY F 695 8.95 55.04 102.51
N SER F 696 9.68 56.08 102.91
CA SER F 696 11.14 56.08 102.90
C SER F 696 11.76 54.91 103.65
N LYS F 697 11.19 54.61 104.81
CA LYS F 697 11.67 53.49 105.63
C LYS F 697 11.67 52.21 104.81
N ASN F 698 10.54 51.93 104.15
CA ASN F 698 10.40 50.74 103.32
C ASN F 698 11.29 50.80 102.09
N PRO F 699 12.22 49.86 101.97
CA PRO F 699 13.14 49.82 100.84
C PRO F 699 12.75 48.79 99.80
N VAL F 700 11.53 48.26 99.90
CA VAL F 700 11.11 47.24 98.93
C VAL F 700 9.75 47.58 98.32
N ALA F 701 9.02 48.54 98.89
CA ALA F 701 7.78 49.01 98.30
C ALA F 701 8.00 50.25 97.44
N ARG F 702 9.00 51.06 97.76
CA ARG F 702 9.36 52.20 96.92
C ARG F 702 10.05 51.74 95.64
N GLU F 703 10.62 50.54 95.63
CA GLU F 703 11.29 50.03 94.43
C GLU F 703 10.29 49.43 93.45
N ARG F 704 9.24 48.77 93.95
CA ARG F 704 8.27 48.14 93.06
C ARG F 704 7.37 49.16 92.37
N VAL F 705 7.10 50.30 93.03
CA VAL F 705 6.35 51.36 92.38
C VAL F 705 7.18 52.03 91.30
N HIS F 706 8.49 52.18 91.54
CA HIS F 706 9.37 52.77 90.54
C HIS F 706 9.55 51.85 89.34
N SER F 707 9.39 50.54 89.54
CA SER F 707 9.42 49.62 88.40
C SER F 707 8.07 49.55 87.71
N ALA F 708 6.97 49.67 88.45
CA ALA F 708 5.64 49.56 87.85
C ALA F 708 5.29 50.76 86.98
N ALA F 709 5.95 51.91 87.19
CA ALA F 709 5.73 53.04 86.30
C ALA F 709 6.39 52.81 84.94
N THR F 710 7.52 52.11 84.92
CA THR F 710 8.19 51.82 83.66
C THR F 710 7.50 50.67 82.92
N ILE F 711 6.94 49.70 83.64
CA ILE F 711 6.20 48.61 83.02
C ILE F 711 4.92 49.15 82.37
N ALA F 712 4.29 50.14 83.01
CA ALA F 712 3.19 50.84 82.35
C ALA F 712 3.68 51.66 81.16
N GLY F 713 4.94 52.09 81.20
CA GLY F 713 5.52 52.77 80.04
C GLY F 713 5.77 51.85 78.87
N ILE F 714 5.92 50.55 79.12
CA ILE F 714 5.99 49.59 78.02
C ILE F 714 4.62 49.46 77.36
N ALA F 715 3.55 49.67 78.14
CA ALA F 715 2.20 49.47 77.62
C ALA F 715 1.77 50.59 76.67
N PHE F 716 1.95 51.84 77.09
CA PHE F 716 1.45 52.95 76.28
C PHE F 716 2.49 53.54 75.34
N ALA F 717 3.67 52.92 75.22
CA ALA F 717 4.58 53.27 74.14
C ALA F 717 4.12 52.68 72.82
N ASN F 718 3.39 51.56 72.87
CA ASN F 718 2.95 50.87 71.66
C ASN F 718 1.45 50.90 71.46
N ALA F 719 0.68 51.20 72.50
CA ALA F 719 -0.78 51.34 72.41
C ALA F 719 -1.14 52.61 73.17
N PHE F 720 -1.37 53.69 72.43
CA PHE F 720 -1.36 55.04 72.99
C PHE F 720 -2.57 55.28 73.89
N LEU F 721 -2.51 56.39 74.63
CA LEU F 721 -3.52 56.72 75.63
C LEU F 721 -4.82 57.17 74.96
N GLY F 722 -5.86 57.24 75.76
CA GLY F 722 -7.18 57.61 75.31
C GLY F 722 -7.49 59.07 75.54
N VAL F 723 -8.77 59.35 75.83
CA VAL F 723 -9.24 60.74 75.91
C VAL F 723 -8.98 61.38 77.26
N CYS F 724 -8.59 60.61 78.27
CA CYS F 724 -8.33 61.18 79.59
C CYS F 724 -7.06 62.02 79.59
N HIS F 725 -6.02 61.57 78.90
CA HIS F 725 -4.80 62.36 78.78
C HIS F 725 -4.94 63.49 77.78
N SER F 726 -5.94 63.43 76.89
CA SER F 726 -6.18 64.54 75.96
C SER F 726 -6.76 65.74 76.70
N MET F 727 -7.63 65.50 77.68
CA MET F 727 -8.16 66.58 78.49
C MET F 727 -7.19 67.00 79.59
N ALA F 728 -6.37 66.06 80.08
CA ALA F 728 -5.42 66.39 81.14
C ALA F 728 -4.27 67.25 80.67
N HIS F 729 -3.94 67.21 79.38
CA HIS F 729 -2.91 68.10 78.85
C HIS F 729 -3.42 69.53 78.73
N LYS F 730 -4.72 69.70 78.50
CA LYS F 730 -5.30 71.04 78.40
C LYS F 730 -5.68 71.59 79.77
N LEU F 731 -6.19 70.72 80.65
CA LEU F 731 -6.51 71.15 82.00
C LEU F 731 -5.27 71.49 82.80
N GLY F 732 -4.15 70.82 82.52
CA GLY F 732 -2.92 71.10 83.24
C GLY F 732 -2.16 72.31 82.74
N SER F 733 -2.34 72.67 81.47
CA SER F 733 -1.64 73.82 80.89
C SER F 733 -2.42 75.12 81.03
N GLN F 734 -3.70 75.05 81.39
CA GLN F 734 -4.53 76.25 81.51
C GLN F 734 -4.53 76.80 82.93
N PHE F 735 -4.67 75.94 83.94
CA PHE F 735 -4.75 76.35 85.33
C PHE F 735 -3.54 75.93 86.14
N HIS F 736 -2.46 75.50 85.48
CA HIS F 736 -1.19 75.10 86.08
C HIS F 736 -1.34 73.95 87.08
N ILE F 737 -2.30 73.07 86.84
CA ILE F 737 -2.41 71.83 87.63
C ILE F 737 -1.30 70.88 87.20
N PRO F 738 -0.56 70.29 88.14
CA PRO F 738 0.54 69.39 87.74
C PRO F 738 0.02 68.10 87.14
N HIS F 739 0.76 67.59 86.15
CA HIS F 739 0.40 66.34 85.50
C HIS F 739 0.56 65.17 86.47
N GLY F 740 -0.50 64.38 86.61
CA GLY F 740 -0.55 63.39 87.66
C GLY F 740 -1.69 63.69 88.60
N LEU F 741 -1.90 64.98 88.86
CA LEU F 741 -3.09 65.42 89.58
C LEU F 741 -4.27 65.63 88.64
N ALA F 742 -4.00 66.03 87.40
CA ALA F 742 -5.08 66.34 86.46
C ALA F 742 -5.80 65.08 85.99
N ASN F 743 -5.05 64.09 85.53
CA ASN F 743 -5.67 62.85 85.06
C ASN F 743 -6.11 61.94 86.19
N ALA F 744 -5.74 62.24 87.44
CA ALA F 744 -6.27 61.50 88.58
C ALA F 744 -7.71 61.91 88.89
N LEU F 745 -8.03 63.20 88.73
CA LEU F 745 -9.39 63.64 88.91
C LEU F 745 -10.29 63.15 87.79
N LEU F 746 -9.74 62.97 86.60
CA LEU F 746 -10.52 62.71 85.40
C LEU F 746 -10.81 61.23 85.16
N ILE F 747 -10.04 60.33 85.78
CA ILE F 747 -10.07 58.93 85.40
C ILE F 747 -11.36 58.25 85.83
N CYS F 748 -12.00 58.72 86.91
CA CYS F 748 -13.23 58.09 87.37
C CYS F 748 -14.43 58.40 86.49
N ASN F 749 -14.35 59.45 85.68
CA ASN F 749 -15.43 59.78 84.75
C ASN F 749 -15.20 59.21 83.35
N VAL F 750 -13.94 59.09 82.93
CA VAL F 750 -13.62 58.51 81.62
C VAL F 750 -13.93 57.01 81.61
N ILE F 751 -13.78 56.35 82.77
CA ILE F 751 -14.15 54.93 82.87
C ILE F 751 -15.65 54.75 82.73
N ARG F 752 -16.43 55.64 83.35
CA ARG F 752 -17.88 55.63 83.13
C ARG F 752 -18.24 56.12 81.74
N TYR F 753 -17.36 56.89 81.09
CA TYR F 753 -17.63 57.35 79.73
C TYR F 753 -17.37 56.25 78.71
N ASN F 754 -16.26 55.52 78.85
CA ASN F 754 -15.88 54.54 77.85
C ASN F 754 -16.66 53.23 77.98
N ALA F 755 -17.09 52.87 79.20
CA ALA F 755 -17.75 51.58 79.43
C ALA F 755 -19.22 51.71 79.05
N ASN F 756 -19.48 51.69 77.74
CA ASN F 756 -20.82 51.72 77.20
C ASN F 756 -20.99 50.57 76.20
N ASP F 757 -22.19 49.98 76.20
CA ASP F 757 -22.47 48.90 75.27
C ASP F 757 -22.68 49.44 73.86
N ASN F 758 -23.52 50.46 73.72
CA ASN F 758 -23.79 51.10 72.43
C ASN F 758 -23.43 52.58 72.53
N PRO F 759 -22.16 52.93 72.34
CA PRO F 759 -21.77 54.34 72.43
C PRO F 759 -22.05 55.07 71.13
N THR F 760 -22.25 56.38 71.27
CA THR F 760 -22.37 57.22 70.09
C THR F 760 -20.99 57.41 69.47
N LYS F 761 -20.88 57.09 68.18
CA LYS F 761 -19.69 57.28 67.35
C LYS F 761 -18.48 56.52 67.91
N GLN F 762 -18.59 55.19 67.85
CA GLN F 762 -17.42 54.36 68.11
C GLN F 762 -16.38 54.55 67.00
N THR F 763 -15.12 54.34 67.35
CA THR F 763 -14.05 54.71 66.44
C THR F 763 -13.84 53.65 65.37
N ALA F 764 -13.05 54.00 64.36
CA ALA F 764 -12.83 53.18 63.18
C ALA F 764 -11.43 52.56 63.25
N PHE F 765 -11.38 51.24 63.34
CA PHE F 765 -10.12 50.50 63.29
C PHE F 765 -10.41 49.10 62.80
N SER F 766 -9.48 48.55 62.00
CA SER F 766 -9.69 47.22 61.44
C SER F 766 -9.52 46.13 62.47
N GLN F 767 -8.67 46.34 63.48
CA GLN F 767 -8.48 45.35 64.53
C GLN F 767 -9.65 45.37 65.51
N TYR F 768 -10.23 46.54 65.76
CA TYR F 768 -11.31 46.69 66.73
C TYR F 768 -12.60 46.11 66.15
N ASP F 769 -13.08 45.04 66.77
CA ASP F 769 -14.25 44.34 66.24
C ASP F 769 -15.53 45.12 66.47
N ARG F 770 -15.84 45.40 67.73
CA ARG F 770 -17.05 46.07 68.15
C ARG F 770 -16.69 46.95 69.34
N PRO F 771 -17.56 47.86 69.81
CA PRO F 771 -17.29 48.51 71.10
C PRO F 771 -17.31 47.50 72.25
N GLN F 772 -16.12 47.22 72.78
CA GLN F 772 -15.94 46.21 73.81
C GLN F 772 -15.04 46.74 74.93
N ALA F 773 -15.15 48.03 75.23
CA ALA F 773 -14.38 48.60 76.33
C ALA F 773 -14.95 48.23 77.69
N ARG F 774 -16.21 47.81 77.75
CA ARG F 774 -16.80 47.40 79.02
C ARG F 774 -16.32 46.03 79.44
N ARG F 775 -16.00 45.16 78.48
CA ARG F 775 -15.49 43.83 78.82
C ARG F 775 -14.05 43.90 79.30
N ARG F 776 -13.23 44.75 78.67
CA ARG F 776 -11.83 44.86 79.06
C ARG F 776 -11.65 45.59 80.39
N TYR F 777 -12.60 46.45 80.77
CA TYR F 777 -12.59 47.02 82.10
C TYR F 777 -12.99 46.00 83.16
N ALA F 778 -13.75 44.98 82.78
CA ALA F 778 -14.09 43.89 83.68
C ALA F 778 -12.98 42.86 83.78
N GLU F 779 -12.09 42.78 82.78
CA GLU F 779 -10.93 41.92 82.86
C GLU F 779 -9.85 42.48 83.77
N ILE F 780 -9.89 43.78 84.07
CA ILE F 780 -9.00 44.36 85.06
C ILE F 780 -9.52 44.07 86.47
N ALA F 781 -10.84 44.14 86.65
CA ALA F 781 -11.45 44.05 87.98
C ALA F 781 -11.40 42.64 88.58
N ASP F 782 -11.03 41.61 87.82
CA ASP F 782 -10.81 40.29 88.39
C ASP F 782 -9.36 39.84 88.30
N HIS F 783 -8.55 40.51 87.48
CA HIS F 783 -7.12 40.26 87.51
C HIS F 783 -6.50 40.81 88.79
N LEU F 784 -7.02 41.93 89.30
CA LEU F 784 -6.60 42.49 90.57
C LEU F 784 -7.28 41.83 91.76
N GLY F 785 -8.19 40.89 91.53
CA GLY F 785 -8.88 40.25 92.64
C GLY F 785 -9.94 41.09 93.30
N LEU F 786 -10.41 42.14 92.65
CA LEU F 786 -11.39 43.05 93.23
C LEU F 786 -12.82 42.52 93.21
N SER F 787 -13.08 41.43 92.48
CA SER F 787 -14.43 40.94 92.28
C SER F 787 -14.67 39.64 93.03
N ALA F 788 -15.92 39.45 93.45
CA ALA F 788 -16.36 38.18 93.99
C ALA F 788 -16.44 37.14 92.88
N PRO F 789 -16.38 35.84 93.22
CA PRO F 789 -16.44 34.81 92.17
C PRO F 789 -17.77 34.74 91.41
N GLY F 790 -18.85 35.36 91.90
CA GLY F 790 -20.05 35.46 91.12
C GLY F 790 -20.47 36.90 90.88
N ASP F 791 -20.36 37.35 89.63
CA ASP F 791 -20.65 38.74 89.29
C ASP F 791 -21.05 38.83 87.82
N ARG F 792 -21.83 39.86 87.50
CA ARG F 792 -22.10 40.24 86.13
C ARG F 792 -21.01 41.19 85.64
N THR F 793 -21.10 41.62 84.38
CA THR F 793 -20.12 42.54 83.84
C THR F 793 -20.33 43.95 84.38
N ALA F 794 -21.58 44.36 84.56
CA ALA F 794 -21.87 45.72 85.03
C ALA F 794 -21.55 45.90 86.51
N ALA F 795 -21.47 44.81 87.28
CA ALA F 795 -21.12 44.90 88.69
C ALA F 795 -19.61 44.95 88.91
N LYS F 796 -18.82 44.44 87.96
CA LYS F 796 -17.37 44.49 88.12
C LYS F 796 -16.82 45.89 87.87
N ILE F 797 -17.52 46.70 87.10
CA ILE F 797 -17.06 48.07 86.87
C ILE F 797 -17.28 48.91 88.12
N GLU F 798 -18.30 48.58 88.92
CA GLU F 798 -18.54 49.30 90.16
C GLU F 798 -17.47 49.00 91.20
N LYS F 799 -16.99 47.76 91.25
CA LYS F 799 -15.92 47.42 92.19
C LYS F 799 -14.58 47.98 91.73
N LEU F 800 -14.41 48.16 90.42
CA LEU F 800 -13.22 48.83 89.93
C LEU F 800 -13.25 50.32 90.24
N LEU F 801 -14.42 50.95 90.11
CA LEU F 801 -14.55 52.36 90.42
C LEU F 801 -14.50 52.63 91.92
N ALA F 802 -14.95 51.66 92.74
CA ALA F 802 -14.85 51.81 94.18
C ALA F 802 -13.42 51.59 94.69
N TRP F 803 -12.58 50.93 93.90
CA TRP F 803 -11.20 50.70 94.33
C TRP F 803 -10.38 51.98 94.26
N LEU F 804 -10.37 52.62 93.10
CA LEU F 804 -9.62 53.85 92.92
C LEU F 804 -10.37 55.09 93.40
N GLU F 805 -11.53 54.92 94.02
CA GLU F 805 -12.13 56.00 94.80
C GLU F 805 -11.58 56.06 96.21
N THR F 806 -11.27 54.90 96.79
CA THR F 806 -10.60 54.84 98.07
C THR F 806 -9.09 55.01 97.94
N LEU F 807 -8.55 54.68 96.76
CA LEU F 807 -7.11 54.86 96.53
C LEU F 807 -6.76 56.35 96.44
N LYS F 808 -7.63 57.15 95.84
CA LYS F 808 -7.44 58.59 95.85
C LYS F 808 -7.80 59.22 97.19
N ALA F 809 -8.56 58.50 98.02
CA ALA F 809 -8.92 59.02 99.33
C ALA F 809 -7.72 59.00 100.28
N GLU F 810 -7.00 57.87 100.33
CA GLU F 810 -5.86 57.71 101.22
C GLU F 810 -4.55 58.22 100.61
N LEU F 811 -4.60 58.96 99.51
CA LEU F 811 -3.41 59.54 98.91
C LEU F 811 -3.44 61.06 98.89
N GLY F 812 -4.43 61.67 99.52
CA GLY F 812 -4.49 63.12 99.59
C GLY F 812 -4.90 63.80 98.30
N ILE F 813 -5.81 63.20 97.56
CA ILE F 813 -6.32 63.75 96.30
C ILE F 813 -7.68 64.39 96.58
N PRO F 814 -7.92 65.63 96.14
CA PRO F 814 -9.25 66.23 96.31
C PRO F 814 -10.29 65.56 95.43
N LYS F 815 -11.55 65.85 95.74
CA LYS F 815 -12.68 65.23 95.04
C LYS F 815 -13.01 65.91 93.73
N SER F 816 -12.67 67.19 93.56
CA SER F 816 -13.10 67.95 92.40
C SER F 816 -11.96 68.86 91.96
N ILE F 817 -12.13 69.43 90.76
CA ILE F 817 -11.22 70.47 90.29
C ILE F 817 -11.46 71.77 91.04
N ARG F 818 -12.66 71.97 91.57
CA ARG F 818 -12.94 73.15 92.38
C ARG F 818 -12.18 73.11 93.71
N GLU F 819 -12.07 71.92 94.29
CA GLU F 819 -11.28 71.74 95.50
C GLU F 819 -9.79 71.73 95.26
N ALA F 820 -9.35 71.68 94.00
CA ALA F 820 -7.94 71.77 93.65
C ALA F 820 -7.47 73.20 93.46
N GLY F 821 -8.35 74.19 93.61
CA GLY F 821 -7.95 75.58 93.52
C GLY F 821 -8.24 76.22 92.17
N VAL F 822 -9.43 75.98 91.63
CA VAL F 822 -9.86 76.56 90.36
C VAL F 822 -11.14 77.35 90.58
N GLN F 823 -11.14 78.62 90.19
CA GLN F 823 -12.30 79.48 90.38
C GLN F 823 -13.36 79.19 89.34
N GLU F 824 -14.63 79.31 89.75
CA GLU F 824 -15.74 78.97 88.85
C GLU F 824 -15.93 80.03 87.77
N ALA F 825 -15.58 81.29 88.06
CA ALA F 825 -15.66 82.33 87.04
C ALA F 825 -14.57 82.17 85.97
N ASP F 826 -13.48 81.49 86.29
CA ASP F 826 -12.42 81.25 85.33
C ASP F 826 -12.57 79.93 84.58
N PHE F 827 -13.11 78.90 85.24
CA PHE F 827 -13.27 77.60 84.60
C PHE F 827 -14.42 77.59 83.60
N LEU F 828 -15.54 78.21 83.95
CA LEU F 828 -16.70 78.22 83.08
C LEU F 828 -16.53 79.15 81.88
N ALA F 829 -15.57 80.08 81.95
CA ALA F 829 -15.27 80.94 80.81
C ALA F 829 -14.30 80.29 79.83
N ASN F 830 -13.68 79.17 80.20
CA ASN F 830 -12.74 78.46 79.34
C ASN F 830 -13.14 77.01 79.10
N VAL F 831 -14.32 76.59 79.58
CA VAL F 831 -14.73 75.20 79.41
C VAL F 831 -15.16 74.87 77.99
N ASP F 832 -15.39 75.89 77.15
CA ASP F 832 -15.68 75.64 75.75
C ASP F 832 -14.41 75.63 74.90
N LYS F 833 -13.40 76.41 75.28
CA LYS F 833 -12.13 76.38 74.57
C LYS F 833 -11.36 75.11 74.87
N LEU F 834 -11.36 74.67 76.13
CA LEU F 834 -10.66 73.45 76.52
C LEU F 834 -11.36 72.19 76.02
N SER F 835 -12.66 72.25 75.71
CA SER F 835 -13.36 71.11 75.16
C SER F 835 -13.07 70.91 73.68
N GLU F 836 -12.67 71.98 72.99
CA GLU F 836 -12.32 71.86 71.57
C GLU F 836 -10.82 71.61 71.40
N ASP F 837 -10.00 72.09 72.34
CA ASP F 837 -8.57 71.81 72.28
C ASP F 837 -8.27 70.36 72.62
N ALA F 838 -9.04 69.77 73.52
CA ALA F 838 -8.88 68.36 73.87
C ALA F 838 -9.41 67.41 72.80
N PHE F 839 -10.14 67.91 71.82
CA PHE F 839 -10.64 67.06 70.75
C PHE F 839 -9.54 66.68 69.76
N ASP F 840 -8.51 67.51 69.62
CA ASP F 840 -7.45 67.29 68.64
C ASP F 840 -6.08 67.34 69.31
N ASP F 841 -5.93 66.63 70.43
CA ASP F 841 -4.65 66.57 71.13
C ASP F 841 -3.95 65.22 70.93
N GLN F 842 -4.29 64.51 69.83
CA GLN F 842 -3.57 63.35 69.29
C GLN F 842 -3.63 62.10 70.16
N CYS F 843 -4.21 62.19 71.35
CA CYS F 843 -4.55 61.03 72.15
C CYS F 843 -6.01 60.66 71.99
N THR F 844 -6.77 61.47 71.25
CA THR F 844 -8.17 61.20 70.98
C THR F 844 -8.33 60.02 70.02
N GLY F 845 -7.38 59.83 69.10
CA GLY F 845 -7.47 58.80 68.09
C GLY F 845 -7.25 57.39 68.55
N ALA F 846 -6.96 57.16 69.83
CA ALA F 846 -6.77 55.83 70.37
C ALA F 846 -7.85 55.44 71.38
N ASN F 847 -8.79 56.33 71.67
CA ASN F 847 -9.87 56.03 72.58
C ASN F 847 -10.84 55.03 71.93
N PRO F 848 -11.51 54.20 72.73
CA PRO F 848 -12.50 53.28 72.14
C PRO F 848 -13.71 54.00 71.57
N ARG F 849 -14.08 55.15 72.11
CA ARG F 849 -15.10 56.01 71.53
C ARG F 849 -14.45 57.17 70.82
N TYR F 850 -15.09 57.65 69.76
CA TYR F 850 -14.69 58.91 69.16
C TYR F 850 -15.54 60.01 69.77
N PRO F 851 -15.01 60.84 70.66
CA PRO F 851 -15.86 61.73 71.45
C PRO F 851 -16.29 62.97 70.68
N LEU F 852 -17.54 63.37 70.90
CA LEU F 852 -18.03 64.64 70.42
C LEU F 852 -17.54 65.76 71.33
N ILE F 853 -17.57 66.98 70.80
CA ILE F 853 -17.14 68.13 71.59
C ILE F 853 -18.16 68.47 72.66
N SER F 854 -19.43 68.16 72.41
CA SER F 854 -20.46 68.35 73.43
C SER F 854 -20.32 67.35 74.56
N GLU F 855 -19.75 66.17 74.28
CA GLU F 855 -19.55 65.18 75.33
C GLU F 855 -18.28 65.42 76.11
N LEU F 856 -17.28 66.06 75.52
CA LEU F 856 -16.03 66.34 76.22
C LEU F 856 -16.16 67.49 77.20
N LYS F 857 -17.13 68.38 77.01
CA LYS F 857 -17.38 69.42 78.01
C LYS F 857 -18.31 68.93 79.10
N GLN F 858 -19.00 67.81 78.90
CA GLN F 858 -19.81 67.23 79.96
C GLN F 858 -18.93 66.53 81.00
N ILE F 859 -17.81 65.94 80.56
CA ILE F 859 -16.88 65.35 81.51
C ILE F 859 -16.19 66.44 82.33
N LEU F 860 -15.86 67.56 81.68
CA LEU F 860 -15.15 68.64 82.38
C LEU F 860 -16.06 69.37 83.37
N LEU F 861 -17.36 69.43 83.07
CA LEU F 861 -18.27 70.07 84.01
C LEU F 861 -18.60 69.16 85.19
N ASP F 862 -18.75 67.86 84.93
CA ASP F 862 -19.07 66.92 86.01
C ASP F 862 -17.87 66.64 86.91
N THR F 863 -16.65 66.89 86.43
CA THR F 863 -15.47 66.75 87.28
C THR F 863 -15.21 67.98 88.12
N TYR F 864 -15.65 69.15 87.66
CA TYR F 864 -15.51 70.36 88.46
C TYR F 864 -16.49 70.39 89.62
N TYR F 865 -17.73 69.98 89.37
CA TYR F 865 -18.77 69.96 90.39
C TYR F 865 -18.76 68.69 91.23
N GLY F 866 -17.87 67.75 90.93
CA GLY F 866 -17.73 66.55 91.73
C GLY F 866 -18.75 65.46 91.46
N ARG F 867 -19.59 65.62 90.45
CA ARG F 867 -20.59 64.62 90.14
C ARG F 867 -19.97 63.46 89.35
N ASP F 868 -20.79 62.44 89.10
CA ASP F 868 -20.42 61.29 88.30
C ASP F 868 -21.14 61.36 86.95
N TYR F 869 -20.42 61.01 85.90
CA TYR F 869 -20.95 61.16 84.54
C TYR F 869 -21.98 60.10 84.24
N VAL F 870 -23.18 60.52 83.85
CA VAL F 870 -24.28 59.64 83.49
C VAL F 870 -24.83 60.08 82.16
N GLU F 871 -24.88 59.17 81.19
CA GLU F 871 -25.47 59.46 79.88
C GLU F 871 -26.99 59.43 79.96
PA NAD G . -54.97 -30.66 -18.76
O1A NAD G . -55.99 -30.79 -17.66
O2A NAD G . -55.19 -31.35 -20.08
O5B NAD G . -54.74 -29.09 -19.05
C5B NAD G . -53.42 -28.53 -19.05
C4B NAD G . -53.36 -27.35 -20.01
O4B NAD G . -53.94 -27.71 -21.27
C3B NAD G . -54.13 -26.16 -19.47
O3B NAD G . -53.22 -25.12 -19.12
C2B NAD G . -55.10 -25.75 -20.58
O2B NAD G . -54.87 -24.41 -21.05
C1B NAD G . -54.88 -26.74 -21.71
N9A NAD G . -56.18 -27.40 -22.04
C8A NAD G . -56.69 -28.48 -21.41
N7A NAD G . -57.89 -28.84 -21.96
C5A NAD G . -58.14 -27.97 -22.96
C6A NAD G . -59.24 -27.77 -23.94
N6A NAD G . -60.31 -28.59 -23.97
N1A NAD G . -59.12 -26.75 -24.81
C2A NAD G . -58.06 -25.92 -24.80
N3A NAD G . -57.03 -26.04 -23.93
C4A NAD G . -57.02 -27.02 -23.01
O3 NAD G . -53.53 -31.12 -18.19
PN NAD G . -53.00 -30.57 -16.77
O1N NAD G . -54.19 -30.21 -15.92
O2N NAD G . -51.92 -29.55 -17.04
O5D NAD G . -52.30 -31.87 -16.13
C5D NAD G . -51.01 -32.30 -16.57
C4D NAD G . -51.17 -33.44 -17.57
O4D NAD G . -50.36 -33.18 -18.72
C3D NAD G . -50.70 -34.76 -16.96
O3D NAD G . -51.82 -35.64 -16.81
C2D NAD G . -49.65 -35.31 -17.91
O2D NAD G . -50.01 -36.58 -18.48
C1D NAD G . -49.51 -34.29 -19.03
N1N NAD G . -48.12 -33.82 -19.11
C2N NAD G . -47.30 -34.33 -20.05
C3N NAD G . -45.98 -33.92 -20.15
C7N NAD G . -45.09 -34.50 -21.20
O7N NAD G . -44.25 -33.79 -21.73
N7N NAD G . -45.24 -35.77 -21.54
C4N NAD G . -45.50 -32.97 -19.26
C5N NAD G . -46.35 -32.45 -18.30
C6N NAD G . -47.67 -32.90 -18.25
PA NAD H . -25.92 -58.95 -89.49
O1A NAD H . -25.39 -59.25 -88.11
O2A NAD H . -27.42 -58.91 -89.73
O5B NAD H . -25.28 -60.01 -90.52
C5B NAD H . -25.79 -60.13 -91.85
C4B NAD H . -25.39 -61.47 -92.45
O4B NAD H . -24.23 -61.31 -93.28
C3B NAD H . -25.05 -62.49 -91.38
O3B NAD H . -26.02 -63.55 -91.39
C2B NAD H . -23.64 -62.97 -91.68
O2B NAD H . -23.57 -64.39 -91.92
C1B NAD H . -23.20 -62.23 -92.93
N9A NAD H . -21.94 -61.49 -92.66
C8A NAD H . -21.75 -60.58 -91.69
N7A NAD H . -20.48 -60.10 -91.71
C5A NAD H . -19.84 -60.69 -92.72
C6A NAD H . -18.47 -60.64 -93.30
N6A NAD H . -17.53 -59.82 -92.78
N1A NAD H . -18.21 -61.42 -94.36
C2A NAD H . -19.14 -62.24 -94.89
N3A NAD H . -20.40 -62.35 -94.41
C4A NAD H . -20.80 -61.61 -93.35
O3 NAD H . -25.30 -57.56 -89.98
PN NAD H . -25.86 -56.16 -89.39
O1N NAD H . -26.97 -55.68 -90.30
O2N NAD H . -24.68 -55.27 -89.09
O5D NAD H . -26.52 -56.61 -87.99
C5D NAD H . -27.76 -56.07 -87.57
C4D NAD H . -28.17 -56.68 -86.23
O4D NAD H . -27.11 -56.49 -85.28
C3D NAD H . -29.42 -56.03 -85.68
O3D NAD H . -30.48 -57.00 -85.62
C2D NAD H . -29.05 -55.49 -84.30
O2D NAD H . -29.76 -56.12 -83.24
C1D NAD H . -27.55 -55.74 -84.15
N1N NAD H . -26.83 -54.47 -84.08
C2N NAD H . -26.48 -53.97 -82.89
C3N NAD H . -25.80 -52.75 -82.81
C7N NAD H . -25.42 -52.20 -81.47
O7N NAD H . -25.60 -51.02 -81.23
N7N NAD H . -24.87 -53.02 -80.56
C4N NAD H . -25.49 -52.07 -83.97
C5N NAD H . -25.87 -52.61 -85.19
C6N NAD H . -26.55 -53.82 -85.21
ZN ZN I . -26.71 -48.66 -85.92
PA NAD J . -56.33 -28.69 -54.20
O1A NAD J . -57.68 -28.20 -54.67
O2A NAD J . -55.77 -28.19 -52.89
O5B NAD J . -56.35 -30.29 -54.17
C5B NAD J . -57.48 -31.00 -54.69
C4B NAD J . -57.62 -32.33 -53.95
O4B NAD J . -57.41 -32.14 -52.55
C3B NAD J . -59.01 -32.93 -54.14
O3B NAD J . -58.91 -34.19 -54.82
C2B NAD J . -59.61 -33.06 -52.75
O2B NAD J . -59.97 -34.41 -52.42
C1B NAD J . -58.54 -32.56 -51.78
N9A NAD J . -59.07 -31.42 -50.99
C8A NAD J . -58.73 -30.13 -51.15
N7A NAD J . -59.39 -29.33 -50.28
C5A NAD J . -60.18 -30.13 -49.53
C6A NAD J . -61.14 -29.93 -48.43
N6A NAD J . -61.41 -28.70 -47.93
N1A NAD J . -61.77 -31.03 -47.93
C2A NAD J . -61.52 -32.26 -48.41
N3A NAD J . -60.65 -32.50 -49.42
C4A NAD J . -59.97 -31.50 -50.01
O3 NAD J . -55.25 -28.37 -55.35
PN NAD J . -55.33 -29.13 -56.77
O1N NAD J . -56.69 -28.89 -57.36
O2N NAD J . -54.83 -30.54 -56.58
O5D NAD J . -54.24 -28.34 -57.66
C5D NAD J . -52.85 -28.42 -57.35
C4D NAD J . -52.47 -27.31 -56.38
O4D NAD J . -51.77 -27.86 -55.26
C3D NAD J . -51.58 -26.27 -57.05
O3D NAD J . -52.26 -25.02 -57.11
C2D NAD J . -50.31 -26.21 -56.21
O2D NAD J . -50.08 -24.91 -55.65
C1D NAD J . -50.50 -27.23 -55.08
N1N NAD J . -49.43 -28.22 -55.14
C2N NAD J . -48.39 -28.12 -54.31
C3N NAD J . -47.36 -29.06 -54.33
C7N NAD J . -46.20 -28.94 -53.39
O7N NAD J . -45.07 -29.11 -53.81
N7N NAD J . -46.43 -28.65 -52.12
C4N NAD J . -47.42 -30.11 -55.24
C5N NAD J . -48.51 -30.19 -56.09
C6N NAD J . -49.51 -29.23 -56.02
PA NAD K . -8.25 -17.85 10.16
O1A NAD K . -7.77 -17.24 8.87
O2A NAD K . -9.68 -17.65 10.61
O5B NAD K . -7.29 -17.34 11.35
C5B NAD K . -7.77 -17.24 12.69
C4B NAD K . -7.03 -16.15 13.43
O4B NAD K . -5.94 -16.70 14.18
C3B NAD K . -6.44 -15.11 12.48
O3B NAD K . -7.10 -13.85 12.67
C2B NAD K . -4.95 -15.05 12.79
O2B NAD K . -4.52 -13.74 13.18
C1B NAD K . -4.71 -16.04 13.92
N9A NAD K . -3.67 -17.01 13.52
C8A NAD K . -3.69 -17.77 12.41
N7A NAD K . -2.58 -18.56 12.34
C5A NAD K . -1.84 -18.31 13.43
C6A NAD K . -0.55 -18.80 13.98
N6A NAD K . 0.18 -19.74 13.33
N1A NAD K . -0.13 -18.27 15.16
C2A NAD K . -0.84 -17.33 15.81
N3A NAD K . -2.01 -16.85 15.36
C4A NAD K . -2.56 -17.29 14.21
O3 NAD K . -7.95 -19.44 10.12
PN NAD K . -9.15 -20.50 10.27
O1N NAD K . -10.02 -20.08 11.44
O2N NAD K . -8.56 -21.88 10.24
O5D NAD K . -9.99 -20.27 8.91
C5D NAD K . -11.42 -20.27 8.94
C4D NAD K . -11.95 -19.45 7.77
O4D NAD K . -11.54 -20.04 6.53
C3D NAD K . -13.47 -19.40 7.78
O3D NAD K . -13.89 -18.03 7.96
C2D NAD K . -13.92 -19.99 6.46
O2D NAD K . -14.71 -19.08 5.68
C1D NAD K . -12.66 -20.36 5.70
N1N NAD K . -12.66 -21.79 5.40
C2N NAD K . -12.34 -22.20 4.16
C3N NAD K . -12.33 -23.55 3.84
C7N NAD K . -11.96 -24.00 2.46
O7N NAD K . -12.29 -25.10 2.08
N7N NAD K . -11.28 -23.16 1.68
C4N NAD K . -12.67 -24.48 4.81
C5N NAD K . -13.01 -24.03 6.07
C6N NAD K . -13.00 -22.67 6.34
ZN ZN L . -14.69 -26.42 7.66
PA NAD M . 63.27 -9.79 7.78
O1A NAD M . 64.70 -9.57 8.23
O2A NAD M . 62.96 -10.89 6.79
O5B NAD M . 62.38 -10.02 9.09
C5B NAD M . 62.90 -9.72 10.39
C4B NAD M . 62.14 -10.51 11.44
O4B NAD M . 61.89 -11.84 10.98
C3B NAD M . 62.94 -10.61 12.74
O3B NAD M . 62.25 -9.93 13.79
C2B NAD M . 63.11 -12.10 13.01
O2B NAD M . 62.59 -12.49 14.28
C1B NAD M . 62.35 -12.82 11.90
N9A NAD M . 63.25 -13.78 11.21
C8A NAD M . 64.15 -13.47 10.26
N7A NAD M . 64.81 -14.57 9.83
C5A NAD M . 64.32 -15.63 10.51
C6A NAD M . 64.57 -17.09 10.56
N6A NAD M . 65.51 -17.66 9.75
N1A NAD M . 63.84 -17.83 11.42
C2A NAD M . 62.91 -17.27 12.22
N3A NAD M . 62.63 -15.95 12.23
C4A NAD M . 63.30 -15.10 11.42
O3 NAD M . 62.70 -8.40 7.21
PN NAD M . 62.76 -7.07 8.09
O1N NAD M . 64.21 -6.80 8.45
O2N NAD M . 61.72 -7.17 9.17
O5D NAD M . 62.30 -5.93 7.06
C5D NAD M . 60.92 -5.80 6.69
C4D NAD M . 60.61 -6.75 5.55
O4D NAD M . 59.38 -7.44 5.81
C3D NAD M . 60.44 -6.00 4.23
O3D NAD M . 61.49 -6.36 3.33
C2D NAD M . 59.06 -6.36 3.71
O2D NAD M . 59.09 -7.03 2.44
C1D NAD M . 58.43 -7.27 4.75
N1N NAD M . 57.21 -6.67 5.28
C2N NAD M . 56.02 -7.14 4.90
C3N NAD M . 54.85 -6.58 5.39
C7N NAD M . 53.52 -7.12 4.96
O7N NAD M . 52.51 -6.48 5.21
N7N NAD M . 53.47 -8.29 4.32
C4N NAD M . 54.92 -5.50 6.27
C5N NAD M . 56.16 -5.03 6.65
C6N NAD M . 57.30 -5.62 6.13
PA NAD N . 2.09 -54.68 -21.51
O1A NAD N . 2.59 -53.40 -22.14
O2A NAD N . 3.08 -55.75 -21.09
O5B NAD N . 1.02 -55.35 -22.51
C5B NAD N . 0.86 -56.76 -22.56
C4B NAD N . 0.32 -57.19 -23.93
O4B NAD N . -1.08 -57.43 -23.84
C3B NAD N . 0.55 -56.13 -24.99
O3B NAD N . 1.51 -56.61 -25.95
C2B NAD N . -0.81 -55.85 -25.61
O2B NAD N . -0.85 -56.12 -27.02
C1B NAD N . -1.79 -56.76 -24.88
N9A NAD N . -2.89 -55.95 -24.31
C8A NAD N . -2.78 -54.72 -23.79
N7A NAD N . -3.98 -54.25 -23.35
C5A NAD N . -4.89 -55.20 -23.59
C6A NAD N . -6.35 -55.36 -23.37
N6A NAD N . -7.08 -54.38 -22.79
N1A NAD N . -6.92 -56.52 -23.76
C2A NAD N . -6.20 -57.50 -24.34
N3A NAD N . -4.88 -57.43 -24.57
C4A NAD N . -4.18 -56.32 -24.22
O3 NAD N . 1.18 -54.29 -20.24
PN NAD N . 1.75 -54.48 -18.74
O1N NAD N . 2.29 -55.88 -18.61
O2N NAD N . 0.70 -53.98 -17.77
O5D NAD N . 2.99 -53.45 -18.71
C5D NAD N . 4.17 -53.76 -17.97
C4D NAD N . 5.37 -53.09 -18.61
O4D NAD N . 5.34 -51.68 -18.33
C3D NAD N . 6.67 -53.64 -18.07
O3D NAD N . 7.40 -54.29 -19.11
C2D NAD N . 7.43 -52.45 -17.47
O2D NAD N . 8.70 -52.23 -18.11
C1D NAD N . 6.53 -51.24 -17.68
N1N NAD N . 6.20 -50.63 -16.40
C2N NAD N . 6.20 -49.30 -16.27
C3N NAD N . 5.90 -48.70 -15.06
C7N NAD N . 5.91 -47.21 -14.93
O7N NAD N . 5.87 -46.70 -13.83
N7N NAD N . 5.95 -46.47 -16.04
C4N NAD N . 5.58 -49.49 -13.96
C5N NAD N . 5.58 -50.87 -14.11
C6N NAD N . 5.90 -51.42 -15.35
ZN ZN O . 5.46 -53.48 -11.35
PA NAD P . 47.83 -42.14 7.59
O1A NAD P . 48.50 -43.49 7.69
O2A NAD P . 48.31 -40.99 8.44
O5B NAD P . 47.86 -41.68 6.04
C5B NAD P . 48.57 -42.45 5.08
C4B NAD P . 48.85 -41.58 3.86
O4B NAD P . 49.38 -40.32 4.27
C3B NAD P . 49.86 -42.23 2.93
O3B NAD P . 49.25 -42.54 1.67
C2B NAD P . 51.01 -41.24 2.79
O2B NAD P . 51.18 -40.76 1.46
C1B NAD P . 50.68 -40.08 3.72
N9A NAD P . 51.69 -40.01 4.81
C8A NAD P . 51.65 -40.73 5.95
N7A NAD P . 52.71 -40.43 6.75
C5A NAD P . 53.45 -39.50 6.10
C6A NAD P . 54.70 -38.75 6.38
N6A NAD P . 55.39 -38.95 7.53
N1A NAD P . 55.13 -37.87 5.45
C2A NAD P . 54.45 -37.68 4.31
N3A NAD P . 53.31 -38.32 3.99
C4A NAD P . 52.77 -39.22 4.83
O3 NAD P . 46.25 -42.34 7.86
PN NAD P . 45.41 -43.42 7.00
O1N NAD P . 46.32 -44.55 6.63
O2N NAD P . 44.66 -42.67 5.93
O5D NAD P . 44.34 -43.97 8.07
C5D NAD P . 43.16 -43.22 8.37
C4D NAD P . 43.50 -42.07 9.31
O4D NAD P . 43.35 -40.82 8.63
C3D NAD P . 42.56 -42.06 10.52
O3D NAD P . 43.31 -42.38 11.71
C2D NAD P . 41.95 -40.67 10.56
O2D NAD P . 42.28 -39.96 11.76
C1D NAD P . 42.51 -39.92 9.36
N1N NAD P . 41.42 -39.47 8.51
C2N NAD P . 40.96 -38.21 8.62
C3N NAD P . 39.92 -37.75 7.83
C7N NAD P . 39.42 -36.35 7.96
O7N NAD P . 39.55 -35.58 7.02
N7N NAD P . 38.87 -35.97 9.11
C4N NAD P . 39.34 -38.62 6.90
C5N NAD P . 39.82 -39.91 6.80
C6N NAD P . 40.87 -40.31 7.62
PA NAD Q . 37.32 36.31 27.28
O1A NAD Q . 36.41 35.43 28.08
O2A NAD Q . 38.81 36.06 27.26
O5B NAD Q . 37.08 37.84 27.75
C5B NAD Q . 38.19 38.70 28.00
C4B NAD Q . 37.90 39.54 29.24
O4B NAD Q . 37.18 40.71 28.87
C3B NAD Q . 37.08 38.77 30.26
O3B NAD Q . 37.83 38.57 31.46
C2B NAD Q . 35.82 39.60 30.48
O2B NAD Q . 35.63 39.97 31.86
C1B NAD Q . 35.98 40.85 29.64
N9A NAD Q . 34.82 41.00 28.72
C8A NAD Q . 34.22 40.00 28.05
N7A NAD Q . 33.19 40.45 27.29
C5A NAD Q . 33.12 41.79 27.48
C6A NAD Q . 32.26 42.89 26.99
N6A NAD Q . 31.25 42.66 26.12
N1A NAD Q . 32.52 44.14 27.44
C2A NAD Q . 33.52 44.38 28.30
N3A NAD Q . 34.35 43.44 28.78
C4A NAD Q . 34.19 42.14 28.42
O3 NAD Q . 36.80 36.33 25.76
PN NAD Q . 37.78 35.95 24.55
O1N NAD Q . 39.12 36.61 24.79
O2N NAD Q . 37.05 36.20 23.25
O5D NAD Q . 37.96 34.36 24.72
C5D NAD Q . 39.14 33.71 24.27
C4D NAD Q . 39.26 32.35 24.95
O4D NAD Q . 38.31 31.44 24.40
C3D NAD Q . 40.65 31.75 24.74
O3D NAD Q . 41.33 31.66 26.01
C2D NAD Q . 40.43 30.39 24.09
O2D NAD Q . 40.95 29.31 24.88
C1D NAD Q . 38.92 30.23 23.94
N1N NAD Q . 38.59 29.99 22.53
C2N NAD Q . 37.55 29.21 22.22
C3N NAD Q . 37.21 28.98 20.90
C7N NAD Q . 36.05 28.10 20.55
O7N NAD Q . 36.09 27.41 19.54
N7N NAD Q . 34.98 28.10 21.37
C4N NAD Q . 37.97 29.55 19.88
C5N NAD Q . 39.04 30.37 20.23
C6N NAD Q . 39.34 30.57 21.58
ZN ZN R . 41.24 31.77 17.92
PA NAD S . -25.80 67.03 42.88
O1A NAD S . -27.11 67.49 42.30
O2A NAD S . -25.31 65.63 42.60
O5B NAD S . -24.65 68.06 42.41
C5B NAD S . -24.88 69.47 42.47
C4B NAD S . -23.61 70.19 42.02
O4B NAD S . -23.25 69.77 40.71
C3B NAD S . -23.82 71.71 41.98
O3B NAD S . -22.98 72.34 42.96
C2B NAD S . -23.50 72.14 40.56
O2B NAD S . -22.35 72.99 40.49
C1B NAD S . -23.24 70.86 39.78
N9A NAD S . -24.31 70.66 38.77
C8A NAD S . -25.44 69.96 38.95
N7A NAD S . -26.21 69.97 37.84
C5A NAD S . -25.56 70.69 36.90
C6A NAD S . -25.81 71.10 35.50
N6A NAD S . -26.95 70.73 34.86
N1A NAD S . -24.88 71.86 34.89
C2A NAD S . -23.74 72.23 35.52
N3A NAD S . -23.46 71.90 36.80
C4A NAD S . -24.30 71.15 37.52
O3 NAD S . -25.84 67.25 44.47
PN NAD S . -26.48 66.13 45.43
O1N NAD S . -27.17 65.10 44.57
O2N NAD S . -27.25 66.83 46.52
O5D NAD S . -25.18 65.44 46.09
C5D NAD S . -24.26 64.72 45.29
C4D NAD S . -24.86 63.37 44.93
O4D NAD S . -23.88 62.55 44.29
C3D NAD S . -25.36 62.63 46.17
O3D NAD S . -26.77 62.38 46.05
C2D NAD S . -24.53 61.35 46.24
O2D NAD S . -25.34 60.16 46.20
C1D NAD S . -23.60 61.37 45.05
N1N NAD S . -22.20 61.41 45.50
C2N NAD S . -21.24 60.84 44.77
C3N NAD S . -19.92 60.87 45.19
C7N NAD S . -18.85 60.23 44.35
O7N NAD S . -17.76 60.78 44.27
N7N NAD S . -19.13 59.09 43.71
C4N NAD S . -19.59 61.49 46.38
C5N NAD S . -20.61 62.07 47.13
C6N NAD S . -21.92 62.01 46.66
PA NAD T . 10.90 16.50 -10.19
O1A NAD T . 10.21 15.79 -9.05
O2A NAD T . 10.09 17.38 -11.12
O5B NAD T . 11.66 15.39 -11.07
C5B NAD T . 11.46 15.33 -12.49
C4B NAD T . 11.16 13.89 -12.90
O4B NAD T . 12.36 13.25 -13.32
C3B NAD T . 10.58 13.09 -11.76
O3B NAD T . 9.26 12.64 -12.09
C2B NAD T . 11.55 11.93 -11.51
O2B NAD T . 10.93 10.65 -11.63
C1B NAD T . 12.64 12.07 -12.56
N9A NAD T . 13.96 12.19 -11.90
C8A NAD T . 14.28 13.08 -10.94
N7A NAD T . 15.57 12.93 -10.55
C5A NAD T . 16.10 11.92 -11.26
C6A NAD T . 17.42 11.25 -11.35
N6A NAD T . 18.46 11.63 -10.57
N1A NAD T . 17.55 10.24 -12.25
C2A NAD T . 16.52 9.86 -13.03
N3A NAD T . 15.31 10.42 -13.01
C4A NAD T . 15.04 11.44 -12.16
O3 NAD T . 12.10 17.37 -9.59
PN NAD T . 12.04 18.98 -9.60
O1N NAD T . 11.96 19.44 -11.04
O2N NAD T . 13.13 19.51 -8.69
O5D NAD T . 10.62 19.29 -8.89
C5D NAD T . 10.56 19.96 -7.64
C4D NAD T . 9.19 20.61 -7.47
O4D NAD T . 9.08 21.15 -6.15
C3D NAD T . 9.00 21.76 -8.46
O3D NAD T . 7.87 21.48 -9.30
C2D NAD T . 8.80 23.01 -7.62
O2D NAD T . 7.56 23.69 -7.90
C1D NAD T . 8.83 22.56 -6.17
N1N NAD T . 9.89 23.26 -5.44
C2N NAD T . 10.02 23.09 -4.12
C3N NAD T . 11.02 23.75 -3.42
C7N NAD T . 11.15 23.55 -1.94
O7N NAD T . 12.01 24.17 -1.33
N7N NAD T . 10.33 22.70 -1.33
C4N NAD T . 11.89 24.59 -4.10
C5N NAD T . 11.74 24.75 -5.47
C6N NAD T . 10.72 24.06 -6.12
ZN ZN U . 12.76 27.39 -7.93
PA NAD V . -15.16 62.47 9.38
O1A NAD V . -16.12 63.09 8.39
O2A NAD V . -15.10 62.99 10.80
O5B NAD V . -15.44 60.89 9.43
C5B NAD V . -16.45 60.31 8.61
C4B NAD V . -17.37 59.44 9.47
O4B NAD V . -17.59 60.07 10.73
C3B NAD V . -18.72 59.24 8.81
O3B NAD V . -18.91 57.85 8.51
C2B NAD V . -19.76 59.79 9.77
O2B NAD V . -20.70 58.80 10.19
C1B NAD V . -18.98 60.30 10.98
N9A NAD V . -19.23 61.75 11.16
C8A NAD V . -18.52 62.74 10.61
N7A NAD V . -19.01 63.96 10.98
C5A NAD V . -20.06 63.74 11.79
C6A NAD V . -21.03 64.58 12.53
N6A NAD V . -20.96 65.94 12.48
N1A NAD V . -21.97 63.96 13.27
C2A NAD V . -22.04 62.61 13.34
N3A NAD V . -21.19 61.79 12.68
C4A NAD V . -20.20 62.28 11.91
O3 NAD V . -13.68 62.55 8.76
PN NAD V . -13.30 61.74 7.43
O1N NAD V . -13.76 62.56 6.24
O2N NAD V . -13.77 60.32 7.58
O5D NAD V . -11.69 61.75 7.45
C5D NAD V . -10.98 61.09 8.50
C4D NAD V . -10.11 62.11 9.23
O4D NAD V . -9.87 61.67 10.56
C3D NAD V . -8.76 62.27 8.54
O3D NAD V . -8.60 63.63 8.12
C2D NAD V . -7.71 61.85 9.56
O2D NAD V . -6.73 62.87 9.80
C1D NAD V . -8.47 61.55 10.84
N1N NAD V . -8.16 60.19 11.28
C2N NAD V . -7.59 59.99 12.49
C3N NAD V . -7.29 58.72 12.93
C7N NAD V . -6.65 58.52 14.26
O7N NAD V . -6.01 57.49 14.48
N7N NAD V . -6.79 59.46 15.20
C4N NAD V . -7.59 57.63 12.13
C5N NAD V . -8.18 57.85 10.90
C6N NAD V . -8.46 59.15 10.50
PA NAD W . 9.02 66.78 86.88
O1A NAD W . 10.15 66.78 85.87
O2A NAD W . 7.84 67.70 86.69
O5B NAD W . 9.65 67.08 88.34
C5B NAD W . 8.92 67.82 89.31
C4B NAD W . 9.84 68.27 90.44
O4B NAD W . 9.75 67.36 91.54
C3B NAD W . 11.30 68.31 89.99
O3B NAD W . 11.76 69.67 89.97
C2B NAD W . 12.06 67.45 90.99
O2B NAD W . 13.08 68.17 91.68
C1B NAD W . 11.04 66.93 91.98
N9A NAD W . 11.09 65.45 92.01
C8A NAD W . 10.75 64.62 91.01
N7A NAD W . 10.90 63.32 91.37
C5A NAD W . 11.35 63.30 92.64
C6A NAD W . 11.72 62.26 93.62
N6A NAD W . 11.65 60.94 93.32
N1A NAD W . 12.14 62.67 94.84
C2A NAD W . 12.22 63.98 95.16
N3A NAD W . 11.91 64.98 94.31
C4A NAD W . 11.46 64.71 93.06
O3 NAD W . 8.47 65.27 87.04
PN NAD W . 7.03 64.86 86.44
O1N NAD W . 5.97 65.29 87.44
O2N NAD W . 7.10 63.43 85.99
O5D NAD W . 6.91 65.80 85.14
C5D NAD W . 5.78 65.70 84.29
C4D NAD W . 6.05 66.47 82.99
O4D NAD W . 6.34 65.54 81.94
C3D NAD W . 4.82 67.27 82.56
O3D NAD W . 5.14 68.67 82.56
C2D NAD W . 4.44 66.75 81.19
O2D NAD W . 4.51 67.77 80.17
C1D NAD W . 5.43 65.64 80.85
N1N NAD W . 4.71 64.37 80.68
C2N NAD W . 5.22 63.44 79.88
C3N NAD W . 4.55 62.23 79.70
C7N NAD W . 5.13 61.17 78.80
O7N NAD W . 4.37 60.41 78.22
N7N NAD W . 6.45 61.10 78.66
C4N NAD W . 3.36 62.00 80.37
C5N NAD W . 2.86 62.99 81.20
C6N NAD W . 3.56 64.18 81.34
ZN ZN X . 0.40 60.81 82.30
#